data_7XQF
#
_entry.id   7XQF
#
_cell.length_a   1.00
_cell.length_b   1.00
_cell.length_c   1.00
_cell.angle_alpha   90.00
_cell.angle_beta   90.00
_cell.angle_gamma   90.00
#
_symmetry.space_group_name_H-M   'P 1'
#
loop_
_entity.id
_entity.type
_entity.pdbx_description
1 polymer 'Gap junction alpha-1 protein'
2 non-polymer TETRADECANE
3 non-polymer PHOSPHATIDYLETHANOLAMINE
4 non-polymer 'CHOLESTEROL HEMISUCCINATE'
5 water water
#
_entity_poly.entity_id   1
_entity_poly.type   'polypeptide(L)'
_entity_poly.pdbx_seq_one_letter_code
;MGDWSALGKLLDKVQAYSTAGGKVWLSVLFIFRILLLGTAVESAWGDEQSAFRCNTQQPGCENVCYDKSFPISHVRFWVL
QIIFVSVPTLLYLAHVFYVMRKEEKLNKKEEELKVAQTDGVNVDMHLKQIEIKKFKYGIEEHGKVKMRGGLLRTYIISIL
FKSIFEVAFLLIQWYIYGFSLSAVYTCKRDPCPHQVDCFLSRPTEKTIFIIFMLVVSLVSLALNIIELFYVFFKGVKDRV
KGKSDPYHATSGALSPA
;
_entity_poly.pdbx_strand_id   A,B,C,D,E,F,G,H,I,J,K,L
#
loop_
_chem_comp.id
_chem_comp.type
_chem_comp.name
_chem_comp.formula
C14 non-polymer TETRADECANE 'C14 H30'
PTY non-polymer PHOSPHATIDYLETHANOLAMINE 'C40 H80 N O8 P'
Y01 non-polymer 'CHOLESTEROL HEMISUCCINATE' 'C31 H50 O4'
#
# COMPACT_ATOMS: atom_id res chain seq x y z
N GLY A 2 -68.28 -14.74 -1.24
CA GLY A 2 -68.01 -14.89 0.17
C GLY A 2 -67.77 -16.33 0.57
N ASP A 3 -66.52 -16.67 0.88
CA ASP A 3 -66.13 -18.04 1.20
C ASP A 3 -65.17 -18.06 2.39
N TRP A 4 -65.43 -17.25 3.41
CA TRP A 4 -64.56 -17.17 4.58
C TRP A 4 -65.18 -17.80 5.82
N SER A 5 -66.27 -18.54 5.67
CA SER A 5 -66.98 -19.08 6.84
C SER A 5 -66.23 -20.25 7.46
N ALA A 6 -65.80 -21.21 6.63
CA ALA A 6 -65.10 -22.38 7.16
C ALA A 6 -63.84 -21.96 7.89
N LEU A 7 -63.22 -20.85 7.49
CA LEU A 7 -62.07 -20.34 8.23
C LEU A 7 -62.46 -19.94 9.64
N GLY A 8 -63.62 -19.29 9.79
CA GLY A 8 -64.10 -18.97 11.12
C GLY A 8 -64.35 -20.22 11.96
N LYS A 9 -64.96 -21.24 11.35
CA LYS A 9 -65.18 -22.48 12.08
C LYS A 9 -63.85 -23.11 12.52
N LEU A 10 -62.87 -23.12 11.63
CA LEU A 10 -61.56 -23.66 11.95
C LEU A 10 -60.92 -22.90 13.11
N LEU A 11 -60.98 -21.57 13.05
CA LEU A 11 -60.42 -20.77 14.13
C LEU A 11 -61.10 -21.06 15.46
N ASP A 12 -62.43 -21.16 15.44
CA ASP A 12 -63.15 -21.46 16.68
C ASP A 12 -62.74 -22.81 17.25
N LYS A 13 -62.63 -23.83 16.39
CA LYS A 13 -62.31 -25.15 16.90
C LYS A 13 -60.86 -25.26 17.36
N VAL A 14 -59.96 -24.48 16.76
CA VAL A 14 -58.56 -24.54 17.19
C VAL A 14 -58.40 -23.99 18.61
N GLN A 15 -59.09 -22.91 18.92
CA GLN A 15 -58.92 -22.21 20.20
C GLN A 15 -60.01 -22.58 21.21
N ALA A 16 -60.44 -23.84 21.22
CA ALA A 16 -61.52 -24.25 22.11
C ALA A 16 -61.11 -24.11 23.58
N TYR A 17 -59.89 -24.53 23.92
CA TYR A 17 -59.47 -24.66 25.30
C TYR A 17 -58.60 -23.50 25.79
N SER A 18 -58.45 -22.46 25.00
CA SER A 18 -57.59 -21.34 25.37
C SER A 18 -58.38 -20.26 26.11
N THR A 19 -57.66 -19.46 26.90
CA THR A 19 -58.27 -18.37 27.64
C THR A 19 -58.59 -17.20 26.72
N ALA A 20 -59.41 -16.29 27.23
CA ALA A 20 -59.83 -15.14 26.43
C ALA A 20 -58.67 -14.22 26.11
N GLY A 21 -57.81 -13.93 27.10
CA GLY A 21 -56.74 -12.98 26.90
C GLY A 21 -55.52 -13.57 26.22
N GLY A 22 -55.31 -14.87 26.38
CA GLY A 22 -54.11 -15.50 25.81
C GLY A 22 -54.05 -15.34 24.31
N LYS A 23 -55.18 -15.49 23.63
CA LYS A 23 -55.22 -15.33 22.19
C LYS A 23 -54.56 -14.02 21.77
N VAL A 24 -55.13 -12.91 22.24
CA VAL A 24 -54.68 -11.60 21.81
C VAL A 24 -53.22 -11.39 22.19
N TRP A 25 -52.89 -11.62 23.45
CA TRP A 25 -51.54 -11.30 23.90
C TRP A 25 -50.50 -12.12 23.16
N LEU A 26 -50.75 -13.43 23.01
CA LEU A 26 -49.77 -14.30 22.38
C LEU A 26 -49.62 -13.99 20.88
N SER A 27 -50.74 -13.76 20.19
CA SER A 27 -50.65 -13.45 18.76
C SER A 27 -49.92 -12.14 18.53
N VAL A 28 -50.23 -11.11 19.32
CA VAL A 28 -49.55 -9.83 19.15
C VAL A 28 -48.08 -9.97 19.51
N LEU A 29 -47.76 -10.80 20.49
CA LEU A 29 -46.35 -11.03 20.82
C LEU A 29 -45.63 -11.70 19.67
N PHE A 30 -46.26 -12.66 19.00
CA PHE A 30 -45.66 -13.30 17.85
C PHE A 30 -45.39 -12.29 16.74
N ILE A 31 -46.37 -11.44 16.46
CA ILE A 31 -46.20 -10.44 15.41
C ILE A 31 -45.06 -9.48 15.78
N PHE A 32 -45.03 -9.04 17.03
CA PHE A 32 -43.96 -8.16 17.50
C PHE A 32 -42.61 -8.82 17.34
N ARG A 33 -42.51 -10.10 17.72
CA ARG A 33 -41.25 -10.83 17.61
C ARG A 33 -40.77 -10.87 16.17
N ILE A 34 -41.64 -11.27 15.24
CA ILE A 34 -41.21 -11.39 13.86
C ILE A 34 -40.82 -10.03 13.28
N LEU A 35 -41.61 -8.99 13.56
CA LEU A 35 -41.29 -7.67 13.03
C LEU A 35 -39.96 -7.17 13.56
N LEU A 36 -39.74 -7.31 14.88
CA LEU A 36 -38.49 -6.85 15.47
C LEU A 36 -37.31 -7.60 14.89
N LEU A 37 -37.44 -8.92 14.73
CA LEU A 37 -36.33 -9.70 14.19
C LEU A 37 -36.05 -9.33 12.74
N GLY A 38 -37.11 -9.04 11.96
CA GLY A 38 -36.92 -8.82 10.54
C GLY A 38 -36.48 -7.43 10.15
N THR A 39 -36.93 -6.40 10.88
CA THR A 39 -36.67 -5.03 10.46
C THR A 39 -35.37 -4.47 11.03
N ALA A 40 -35.26 -4.41 12.36
CA ALA A 40 -34.15 -3.73 13.02
C ALA A 40 -33.01 -4.65 13.39
N VAL A 41 -33.32 -5.81 13.97
CA VAL A 41 -32.28 -6.68 14.51
C VAL A 41 -31.36 -7.19 13.41
N GLU A 42 -31.95 -7.64 12.29
CA GLU A 42 -31.16 -8.31 11.27
C GLU A 42 -30.12 -7.38 10.66
N SER A 43 -30.46 -6.10 10.47
CA SER A 43 -29.54 -5.18 9.82
C SER A 43 -28.35 -4.83 10.70
N ALA A 44 -28.52 -4.88 12.01
CA ALA A 44 -27.43 -4.50 12.92
C ALA A 44 -26.29 -5.50 12.94
N TRP A 45 -26.53 -6.74 12.50
CA TRP A 45 -25.51 -7.77 12.46
C TRP A 45 -24.90 -7.93 11.06
N GLY A 46 -25.19 -7.02 10.14
CA GLY A 46 -24.72 -7.19 8.77
C GLY A 46 -23.22 -7.25 8.66
N ASP A 47 -22.52 -6.27 9.23
CA ASP A 47 -21.06 -6.24 9.18
C ASP A 47 -20.44 -6.86 10.42
N GLU A 48 -20.87 -8.08 10.75
CA GLU A 48 -20.38 -8.72 11.96
C GLU A 48 -18.96 -9.22 11.80
N GLN A 49 -18.60 -9.70 10.61
CA GLN A 49 -17.27 -10.20 10.34
C GLN A 49 -16.40 -9.24 9.55
N SER A 50 -17.01 -8.44 8.67
CA SER A 50 -16.22 -7.50 7.87
C SER A 50 -15.60 -6.41 8.72
N ALA A 51 -16.28 -5.96 9.76
CA ALA A 51 -15.77 -4.93 10.66
C ALA A 51 -15.01 -5.50 11.86
N PHE A 52 -14.92 -6.82 11.96
CA PHE A 52 -14.15 -7.46 13.02
C PHE A 52 -12.65 -7.31 12.72
N ARG A 53 -11.89 -6.84 13.70
CA ARG A 53 -10.48 -6.56 13.50
C ARG A 53 -9.66 -7.06 14.69
N CYS A 54 -8.42 -7.41 14.41
CA CYS A 54 -7.47 -7.87 15.43
C CYS A 54 -6.13 -7.18 15.20
N ASN A 55 -5.37 -7.06 16.28
CA ASN A 55 -4.06 -6.40 16.23
C ASN A 55 -3.00 -7.46 16.04
N THR A 56 -2.64 -7.71 14.77
CA THR A 56 -1.63 -8.71 14.45
C THR A 56 -1.34 -8.65 12.95
N GLN A 57 -0.18 -9.19 12.59
CA GLN A 57 0.21 -9.36 11.20
C GLN A 57 0.15 -10.82 10.75
N GLN A 58 -0.31 -11.72 11.60
CA GLN A 58 -0.31 -13.14 11.27
C GLN A 58 -1.48 -13.45 10.33
N PRO A 59 -1.22 -13.96 9.12
CA PRO A 59 -2.33 -14.33 8.25
C PRO A 59 -3.11 -15.51 8.81
N GLY A 60 -4.44 -15.41 8.72
CA GLY A 60 -5.33 -16.44 9.21
C GLY A 60 -5.77 -16.27 10.65
N CYS A 61 -5.16 -15.36 11.40
CA CYS A 61 -5.51 -15.22 12.82
C CYS A 61 -6.90 -14.63 12.99
N GLU A 62 -7.26 -13.64 12.17
CA GLU A 62 -8.58 -13.03 12.28
C GLU A 62 -9.68 -14.06 12.06
N ASN A 63 -9.52 -14.92 11.06
CA ASN A 63 -10.53 -15.93 10.78
C ASN A 63 -10.79 -16.81 11.99
N VAL A 64 -9.73 -17.38 12.55
CA VAL A 64 -9.89 -18.33 13.65
C VAL A 64 -10.39 -17.62 14.90
N CYS A 65 -9.91 -16.40 15.15
CA CYS A 65 -10.36 -15.67 16.33
C CYS A 65 -11.83 -15.31 16.24
N TYR A 66 -12.29 -14.88 15.06
CA TYR A 66 -13.72 -14.63 14.89
C TYR A 66 -14.53 -15.90 15.06
N ASP A 67 -14.04 -17.02 14.50
CA ASP A 67 -14.76 -18.27 14.64
C ASP A 67 -14.87 -18.68 16.11
N LYS A 68 -13.79 -18.50 16.88
CA LYS A 68 -13.82 -18.85 18.30
C LYS A 68 -14.74 -17.93 19.08
N SER A 69 -14.71 -16.64 18.77
CA SER A 69 -15.56 -15.69 19.51
C SER A 69 -17.04 -15.96 19.29
N PHE A 70 -17.43 -16.29 18.06
CA PHE A 70 -18.84 -16.44 17.68
C PHE A 70 -19.04 -17.79 17.01
N PRO A 71 -19.25 -18.85 17.80
CA PRO A 71 -19.57 -20.15 17.18
C PRO A 71 -20.83 -20.11 16.34
N ILE A 72 -21.81 -19.32 16.71
CA ILE A 72 -23.02 -19.12 15.91
C ILE A 72 -23.54 -17.72 16.14
N SER A 73 -24.06 -17.10 15.08
CA SER A 73 -24.57 -15.75 15.18
C SER A 73 -25.87 -15.71 15.99
N HIS A 74 -26.07 -14.59 16.68
CA HIS A 74 -27.27 -14.42 17.50
C HIS A 74 -28.53 -14.46 16.66
N VAL A 75 -28.51 -13.80 15.50
CA VAL A 75 -29.72 -13.69 14.69
C VAL A 75 -30.17 -15.06 14.18
N ARG A 76 -29.23 -15.88 13.72
CA ARG A 76 -29.59 -17.21 13.23
C ARG A 76 -30.03 -18.12 14.37
N PHE A 77 -29.41 -17.96 15.54
CA PHE A 77 -29.87 -18.68 16.72
C PHE A 77 -31.31 -18.32 17.05
N TRP A 78 -31.66 -17.04 16.97
CA TRP A 78 -33.03 -16.62 17.27
C TRP A 78 -34.01 -17.12 16.20
N VAL A 79 -33.57 -17.15 14.95
CA VAL A 79 -34.42 -17.70 13.89
C VAL A 79 -34.73 -19.17 14.17
N LEU A 80 -33.70 -19.94 14.52
CA LEU A 80 -33.92 -21.33 14.89
C LEU A 80 -34.88 -21.44 16.07
N GLN A 81 -34.69 -20.58 17.08
CA GLN A 81 -35.54 -20.61 18.26
C GLN A 81 -37.00 -20.38 17.89
N ILE A 82 -37.27 -19.37 17.07
CA ILE A 82 -38.65 -19.04 16.75
C ILE A 82 -39.28 -20.13 15.90
N ILE A 83 -38.51 -20.70 14.96
CA ILE A 83 -39.05 -21.79 14.15
C ILE A 83 -39.42 -22.98 15.02
N PHE A 84 -38.53 -23.35 15.95
CA PHE A 84 -38.80 -24.48 16.84
C PHE A 84 -39.99 -24.20 17.74
N VAL A 85 -40.13 -22.97 18.23
CA VAL A 85 -41.26 -22.62 19.07
C VAL A 85 -42.57 -22.59 18.27
N SER A 86 -42.50 -22.36 16.96
CA SER A 86 -43.70 -22.23 16.16
C SER A 86 -44.19 -23.54 15.55
N VAL A 87 -43.30 -24.50 15.30
CA VAL A 87 -43.71 -25.72 14.59
C VAL A 87 -44.87 -26.44 15.26
N PRO A 88 -44.92 -26.59 16.60
CA PRO A 88 -45.99 -27.41 17.18
C PRO A 88 -47.38 -26.90 16.88
N THR A 89 -47.57 -25.57 16.86
CA THR A 89 -48.88 -25.02 16.55
C THR A 89 -49.29 -25.35 15.13
N LEU A 90 -48.34 -25.29 14.19
CA LEU A 90 -48.65 -25.67 12.81
C LEU A 90 -49.07 -27.13 12.73
N LEU A 91 -48.36 -28.01 13.45
CA LEU A 91 -48.74 -29.41 13.47
C LEU A 91 -50.17 -29.57 14.01
N TYR A 92 -50.48 -28.88 15.11
CA TYR A 92 -51.81 -28.98 15.70
C TYR A 92 -52.89 -28.47 14.73
N LEU A 93 -52.61 -27.38 14.03
CA LEU A 93 -53.56 -26.85 13.06
C LEU A 93 -53.83 -27.87 11.96
N ALA A 94 -52.77 -28.48 11.42
CA ALA A 94 -52.95 -29.48 10.37
C ALA A 94 -53.78 -30.66 10.88
N HIS A 95 -53.48 -31.13 12.09
CA HIS A 95 -54.24 -32.24 12.65
C HIS A 95 -55.71 -31.89 12.79
N VAL A 96 -56.00 -30.68 13.29
CA VAL A 96 -57.39 -30.27 13.47
C VAL A 96 -58.10 -30.17 12.12
N PHE A 97 -57.41 -29.64 11.11
CA PHE A 97 -58.01 -29.53 9.78
C PHE A 97 -58.42 -30.90 9.25
N TYR A 98 -57.49 -31.87 9.31
CA TYR A 98 -57.82 -33.20 8.81
C TYR A 98 -58.91 -33.88 9.63
N VAL A 99 -58.90 -33.69 10.96
CA VAL A 99 -59.96 -34.25 11.79
C VAL A 99 -61.31 -33.66 11.41
N MET A 100 -61.36 -32.35 11.18
CA MET A 100 -62.62 -31.72 10.81
C MET A 100 -63.13 -32.25 9.47
N ARG A 101 -62.23 -32.45 8.51
CA ARG A 101 -62.67 -33.03 7.24
C ARG A 101 -63.25 -34.42 7.44
N LYS A 102 -62.58 -35.25 8.25
CA LYS A 102 -63.09 -36.60 8.49
C LYS A 102 -64.46 -36.55 9.18
N GLU A 103 -64.62 -35.65 10.14
CA GLU A 103 -65.91 -35.54 10.83
C GLU A 103 -67.01 -35.07 9.89
N GLU A 104 -66.67 -34.15 8.98
CA GLU A 104 -67.66 -33.73 7.98
C GLU A 104 -68.08 -34.92 7.13
N LYS A 105 -67.12 -35.73 6.68
CA LYS A 105 -67.47 -36.93 5.93
C LYS A 105 -68.42 -37.81 6.73
N LEU A 106 -68.06 -38.11 7.98
CA LEU A 106 -68.89 -38.99 8.80
C LEU A 106 -70.30 -38.45 8.95
N ASN A 107 -70.44 -37.20 9.38
CA ASN A 107 -71.75 -36.64 9.70
C ASN A 107 -72.54 -36.26 8.46
N LYS A 108 -71.92 -36.26 7.27
CA LYS A 108 -72.67 -36.00 6.05
C LYS A 108 -73.17 -37.31 5.43
N LYS A 109 -72.30 -38.31 5.32
CA LYS A 109 -72.72 -39.54 4.65
C LYS A 109 -73.74 -40.33 5.47
N GLU A 110 -73.78 -40.11 6.78
CA GLU A 110 -74.64 -40.85 7.69
C GLU A 110 -75.75 -39.98 8.26
N GLU A 111 -76.31 -39.10 7.42
CA GLU A 111 -77.43 -38.25 7.83
C GLU A 111 -78.61 -39.11 8.29
N ARG A 148 -64.14 -35.98 26.24
CA ARG A 148 -62.93 -35.23 25.91
C ARG A 148 -61.70 -36.10 26.05
N GLY A 149 -60.62 -35.71 25.36
CA GLY A 149 -59.37 -36.43 25.41
C GLY A 149 -58.70 -36.59 24.06
N GLY A 150 -59.51 -36.65 23.00
CA GLY A 150 -58.93 -36.85 21.67
C GLY A 150 -58.06 -35.69 21.23
N LEU A 151 -58.59 -34.47 21.35
CA LEU A 151 -57.86 -33.27 20.93
C LEU A 151 -57.23 -32.52 22.10
N LEU A 152 -57.76 -32.68 23.31
CA LEU A 152 -57.19 -32.00 24.47
C LEU A 152 -55.77 -32.45 24.73
N ARG A 153 -55.52 -33.76 24.63
CA ARG A 153 -54.20 -34.30 24.93
C ARG A 153 -53.14 -33.73 24.00
N THR A 154 -53.45 -33.67 22.70
CA THR A 154 -52.49 -33.13 21.73
C THR A 154 -52.22 -31.65 21.99
N TYR A 155 -53.26 -30.89 22.33
CA TYR A 155 -53.09 -29.48 22.64
C TYR A 155 -52.17 -29.29 23.84
N ILE A 156 -52.39 -30.09 24.90
CA ILE A 156 -51.54 -30.00 26.08
C ILE A 156 -50.10 -30.34 25.72
N ILE A 157 -49.91 -31.39 24.93
CA ILE A 157 -48.55 -31.78 24.54
C ILE A 157 -47.87 -30.66 23.75
N SER A 158 -48.60 -30.03 22.83
CA SER A 158 -48.02 -28.96 22.03
C SER A 158 -47.60 -27.78 22.91
N ILE A 159 -48.45 -27.39 23.86
CA ILE A 159 -48.10 -26.29 24.75
C ILE A 159 -46.86 -26.64 25.57
N LEU A 160 -46.83 -27.87 26.11
CA LEU A 160 -45.68 -28.30 26.89
C LEU A 160 -44.40 -28.23 26.08
N PHE A 161 -44.45 -28.69 24.82
CA PHE A 161 -43.25 -28.68 23.99
C PHE A 161 -42.82 -27.26 23.64
N LYS A 162 -43.77 -26.35 23.41
CA LYS A 162 -43.41 -24.95 23.22
C LYS A 162 -42.59 -24.44 24.39
N SER A 163 -43.10 -24.64 25.61
CA SER A 163 -42.40 -24.16 26.79
C SER A 163 -41.03 -24.83 26.93
N ILE A 164 -40.97 -26.13 26.65
CA ILE A 164 -39.71 -26.87 26.79
C ILE A 164 -38.66 -26.31 25.84
N PHE A 165 -39.04 -26.08 24.58
CA PHE A 165 -38.09 -25.52 23.62
C PHE A 165 -37.62 -24.14 24.05
N GLU A 166 -38.55 -23.31 24.52
CA GLU A 166 -38.16 -21.97 24.95
C GLU A 166 -37.11 -22.04 26.06
N VAL A 167 -37.38 -22.87 27.08
CA VAL A 167 -36.45 -22.97 28.20
C VAL A 167 -35.11 -23.52 27.74
N ALA A 168 -35.12 -24.53 26.87
CA ALA A 168 -33.87 -25.12 26.40
C ALA A 168 -33.03 -24.10 25.65
N PHE A 169 -33.65 -23.31 24.76
CA PHE A 169 -32.90 -22.30 24.03
C PHE A 169 -32.34 -21.24 24.97
N LEU A 170 -33.13 -20.82 25.97
CA LEU A 170 -32.62 -19.84 26.91
C LEU A 170 -31.41 -20.38 27.67
N LEU A 171 -31.48 -21.64 28.13
CA LEU A 171 -30.37 -22.22 28.86
C LEU A 171 -29.13 -22.32 27.99
N ILE A 172 -29.29 -22.75 26.73
CA ILE A 172 -28.15 -22.88 25.85
C ILE A 172 -27.49 -21.51 25.63
N GLN A 173 -28.31 -20.48 25.39
CA GLN A 173 -27.75 -19.15 25.18
C GLN A 173 -27.03 -18.66 26.43
N TRP A 174 -27.61 -18.89 27.61
CA TRP A 174 -26.94 -18.49 28.84
C TRP A 174 -25.59 -19.17 29.00
N TYR A 175 -25.54 -20.48 28.70
CA TYR A 175 -24.28 -21.21 28.84
C TYR A 175 -23.23 -20.73 27.85
N ILE A 176 -23.62 -20.45 26.62
CA ILE A 176 -22.64 -20.14 25.58
C ILE A 176 -22.16 -18.70 25.68
N TYR A 177 -23.08 -17.75 25.67
CA TYR A 177 -22.74 -16.33 25.55
C TYR A 177 -22.98 -15.52 26.80
N GLY A 178 -24.00 -15.85 27.59
CA GLY A 178 -24.47 -14.95 28.60
C GLY A 178 -25.49 -13.99 28.02
N PHE A 179 -25.56 -12.77 28.53
CA PHE A 179 -26.51 -11.78 28.04
C PHE A 179 -25.86 -10.41 27.92
N SER A 180 -24.63 -10.37 27.44
CA SER A 180 -23.95 -9.12 27.16
C SER A 180 -22.72 -9.42 26.32
N LEU A 181 -22.19 -8.37 25.68
CA LEU A 181 -21.00 -8.47 24.85
C LEU A 181 -20.02 -7.37 25.22
N SER A 182 -18.75 -7.73 25.31
CA SER A 182 -17.68 -6.80 25.62
C SER A 182 -16.99 -6.31 24.36
N ALA A 183 -16.39 -5.13 24.46
CA ALA A 183 -15.77 -4.50 23.29
C ALA A 183 -14.48 -5.20 22.87
N VAL A 184 -13.71 -5.72 23.83
CA VAL A 184 -12.40 -6.30 23.57
C VAL A 184 -12.46 -7.79 23.87
N TYR A 185 -11.88 -8.59 22.97
CA TYR A 185 -11.83 -10.03 23.11
C TYR A 185 -10.37 -10.49 23.04
N THR A 186 -10.04 -11.45 23.89
CA THR A 186 -8.69 -12.01 23.95
C THR A 186 -8.69 -13.38 23.27
N CYS A 187 -7.80 -13.55 22.30
CA CYS A 187 -7.76 -14.74 21.46
C CYS A 187 -6.44 -15.47 21.68
N LYS A 188 -6.54 -16.79 21.90
CA LYS A 188 -5.40 -17.66 22.18
C LYS A 188 -5.50 -18.94 21.36
N ARG A 189 -5.73 -18.80 20.05
CA ARG A 189 -5.89 -19.93 19.15
C ARG A 189 -4.84 -19.87 18.04
N ASP A 190 -4.35 -21.03 17.65
CA ASP A 190 -3.39 -21.10 16.56
C ASP A 190 -4.07 -20.66 15.25
N PRO A 191 -3.30 -20.07 14.32
CA PRO A 191 -1.85 -19.87 14.36
C PRO A 191 -1.41 -18.57 15.03
N CYS A 192 -2.32 -17.91 15.72
CA CYS A 192 -1.97 -16.66 16.38
C CYS A 192 -0.88 -16.92 17.42
N PRO A 193 0.17 -16.10 17.46
CA PRO A 193 1.20 -16.30 18.49
C PRO A 193 0.81 -15.67 19.81
N HIS A 194 1.05 -16.41 20.89
CA HIS A 194 0.74 -15.97 22.26
C HIS A 194 -0.74 -15.61 22.30
N GLN A 195 -1.11 -14.44 22.82
CA GLN A 195 -2.49 -13.97 22.84
C GLN A 195 -2.57 -12.67 22.06
N VAL A 196 -3.74 -12.43 21.45
CA VAL A 196 -3.96 -11.22 20.68
C VAL A 196 -5.27 -10.59 21.11
N ASP A 197 -5.39 -9.29 20.85
CA ASP A 197 -6.58 -8.51 21.15
C ASP A 197 -7.37 -8.26 19.88
N CYS A 198 -8.69 -8.46 19.96
CA CYS A 198 -9.59 -8.22 18.85
C CYS A 198 -10.74 -7.35 19.32
N PHE A 199 -11.38 -6.66 18.36
CA PHE A 199 -12.38 -5.66 18.67
C PHE A 199 -13.66 -5.96 17.89
N LEU A 200 -14.79 -5.95 18.60
CA LEU A 200 -16.08 -6.28 18.03
C LEU A 200 -16.69 -5.05 17.34
N SER A 201 -17.83 -5.29 16.69
CA SER A 201 -18.59 -4.26 16.01
C SER A 201 -19.93 -4.06 16.71
N ARG A 202 -20.22 -2.82 17.10
CA ARG A 202 -21.49 -2.43 17.68
C ARG A 202 -21.84 -3.25 18.92
N PRO A 203 -20.96 -3.35 19.91
CA PRO A 203 -21.28 -4.17 21.09
C PRO A 203 -22.46 -3.65 21.91
N THR A 204 -22.59 -2.34 22.09
CA THR A 204 -23.62 -1.79 22.95
C THR A 204 -25.02 -2.00 22.36
N GLU A 205 -25.16 -1.72 21.06
CA GLU A 205 -26.45 -1.92 20.39
C GLU A 205 -26.88 -3.38 20.44
N LYS A 206 -25.93 -4.28 20.20
CA LYS A 206 -26.24 -5.71 20.27
C LYS A 206 -26.62 -6.13 21.67
N THR A 207 -25.97 -5.56 22.69
CA THR A 207 -26.37 -5.85 24.07
C THR A 207 -27.80 -5.41 24.32
N ILE A 208 -28.16 -4.22 23.86
CA ILE A 208 -29.52 -3.72 24.04
C ILE A 208 -30.53 -4.68 23.40
N PHE A 209 -30.26 -5.08 22.17
CA PHE A 209 -31.19 -5.97 21.49
C PHE A 209 -31.24 -7.35 22.13
N ILE A 210 -30.11 -7.83 22.66
CA ILE A 210 -30.10 -9.10 23.38
C ILE A 210 -31.02 -9.03 24.59
N ILE A 211 -30.94 -7.93 25.34
CA ILE A 211 -31.83 -7.78 26.49
C ILE A 211 -33.28 -7.76 26.06
N PHE A 212 -33.59 -7.04 24.97
CA PHE A 212 -34.96 -7.02 24.46
C PHE A 212 -35.46 -8.43 24.15
N MET A 213 -34.64 -9.22 23.45
CA MET A 213 -35.07 -10.56 23.07
C MET A 213 -35.25 -11.44 24.30
N LEU A 214 -34.38 -11.29 25.30
CA LEU A 214 -34.54 -12.04 26.54
C LEU A 214 -35.89 -11.73 27.19
N VAL A 215 -36.24 -10.45 27.25
CA VAL A 215 -37.51 -10.07 27.86
C VAL A 215 -38.67 -10.67 27.10
N VAL A 216 -38.62 -10.62 25.77
CA VAL A 216 -39.70 -11.19 24.95
C VAL A 216 -39.86 -12.68 25.23
N SER A 217 -38.73 -13.40 25.27
CA SER A 217 -38.79 -14.84 25.51
C SER A 217 -39.39 -15.14 26.88
N LEU A 218 -38.99 -14.39 27.90
CA LEU A 218 -39.53 -14.61 29.23
C LEU A 218 -41.05 -14.39 29.25
N VAL A 219 -41.51 -13.33 28.59
CA VAL A 219 -42.95 -13.06 28.55
C VAL A 219 -43.69 -14.21 27.88
N SER A 220 -43.16 -14.72 26.75
CA SER A 220 -43.82 -15.82 26.07
C SER A 220 -43.89 -17.05 26.95
N LEU A 221 -42.79 -17.37 27.64
CA LEU A 221 -42.79 -18.53 28.53
C LEU A 221 -43.83 -18.37 29.63
N ALA A 222 -43.91 -17.17 30.22
CA ALA A 222 -44.88 -16.95 31.28
C ALA A 222 -46.30 -17.16 30.77
N LEU A 223 -46.61 -16.64 29.58
CA LEU A 223 -47.96 -16.80 29.04
C LEU A 223 -48.29 -18.27 28.82
N ASN A 224 -47.34 -19.04 28.26
CA ASN A 224 -47.60 -20.45 28.04
C ASN A 224 -47.82 -21.20 29.34
N ILE A 225 -47.03 -20.88 30.38
CA ILE A 225 -47.22 -21.52 31.67
C ILE A 225 -48.59 -21.17 32.23
N ILE A 226 -49.02 -19.93 32.06
CA ILE A 226 -50.34 -19.52 32.53
C ILE A 226 -51.43 -20.33 31.84
N GLU A 227 -51.29 -20.53 30.52
CA GLU A 227 -52.27 -21.33 29.80
C GLU A 227 -52.33 -22.76 30.33
N LEU A 228 -51.16 -23.35 30.58
CA LEU A 228 -51.11 -24.71 31.13
C LEU A 228 -51.82 -24.78 32.47
N PHE A 229 -51.53 -23.83 33.35
CA PHE A 229 -52.17 -23.82 34.66
C PHE A 229 -53.67 -23.65 34.53
N TYR A 230 -54.13 -22.80 33.62
CA TYR A 230 -55.57 -22.59 33.44
C TYR A 230 -56.25 -23.88 33.01
N VAL A 231 -55.68 -24.57 32.01
CA VAL A 231 -56.32 -25.79 31.54
C VAL A 231 -56.35 -26.84 32.64
N PHE A 232 -55.25 -27.00 33.38
CA PHE A 232 -55.23 -28.01 34.42
C PHE A 232 -56.14 -27.65 35.58
N PHE A 233 -56.29 -26.37 35.90
CA PHE A 233 -57.18 -25.95 36.97
C PHE A 233 -58.65 -26.02 36.58
N LYS A 234 -58.96 -25.91 35.29
CA LYS A 234 -60.34 -26.15 34.88
C LYS A 234 -60.64 -27.63 34.72
N GLY A 235 -59.62 -28.46 34.52
CA GLY A 235 -59.83 -29.90 34.46
C GLY A 235 -60.02 -30.55 35.82
N VAL A 236 -59.54 -29.91 36.89
CA VAL A 236 -59.64 -30.53 38.22
C VAL A 236 -61.09 -30.55 38.70
N LYS A 237 -61.83 -29.47 38.45
CA LYS A 237 -63.20 -29.37 38.93
C LYS A 237 -64.16 -30.31 38.20
N ASP A 238 -63.71 -30.92 37.10
CA ASP A 238 -64.55 -31.87 36.36
C ASP A 238 -65.82 -31.18 35.86
N GLY B 2 -67.39 -18.21 -3.97
CA GLY B 2 -66.82 -19.42 -3.42
C GLY B 2 -66.55 -20.47 -4.48
N ASP B 3 -65.27 -20.70 -4.78
CA ASP B 3 -64.86 -21.62 -5.83
C ASP B 3 -63.67 -22.46 -5.38
N TRP B 4 -63.68 -22.93 -4.14
CA TRP B 4 -62.58 -23.72 -3.59
C TRP B 4 -62.92 -25.18 -3.42
N SER B 5 -64.05 -25.63 -3.98
CA SER B 5 -64.50 -27.01 -3.75
C SER B 5 -63.67 -28.02 -4.53
N ALA B 6 -63.46 -27.76 -5.82
CA ALA B 6 -62.69 -28.69 -6.64
C ALA B 6 -61.30 -28.88 -6.10
N LEU B 7 -60.75 -27.85 -5.44
CA LEU B 7 -59.45 -28.00 -4.78
C LEU B 7 -59.52 -29.04 -3.67
N GLY B 8 -60.60 -29.02 -2.89
CA GLY B 8 -60.77 -30.05 -1.87
C GLY B 8 -60.86 -31.44 -2.48
N LYS B 9 -61.62 -31.57 -3.57
CA LYS B 9 -61.71 -32.87 -4.22
C LYS B 9 -60.35 -33.34 -4.70
N LEU B 10 -59.57 -32.43 -5.32
CA LEU B 10 -58.23 -32.77 -5.79
C LEU B 10 -57.35 -33.23 -4.65
N LEU B 11 -57.38 -32.49 -3.53
CA LEU B 11 -56.58 -32.87 -2.38
C LEU B 11 -56.97 -34.25 -1.86
N ASP B 12 -58.27 -34.52 -1.78
CA ASP B 12 -58.71 -35.83 -1.29
C ASP B 12 -58.23 -36.94 -2.21
N LYS B 13 -58.33 -36.74 -3.53
CA LYS B 13 -57.95 -37.80 -4.45
C LYS B 13 -56.45 -38.01 -4.50
N VAL B 14 -55.67 -36.94 -4.26
CA VAL B 14 -54.22 -37.09 -4.28
C VAL B 14 -53.73 -37.96 -3.13
N GLN B 15 -54.32 -37.78 -1.95
CA GLN B 15 -53.85 -38.44 -0.72
C GLN B 15 -54.70 -39.66 -0.38
N ALA B 16 -55.16 -40.40 -1.39
CA ALA B 16 -56.03 -41.54 -1.13
C ALA B 16 -55.31 -42.63 -0.33
N TYR B 17 -54.06 -42.93 -0.68
CA TYR B 17 -53.35 -44.08 -0.14
C TYR B 17 -52.37 -43.73 0.97
N SER B 18 -52.37 -42.49 1.45
CA SER B 18 -51.41 -42.07 2.46
C SER B 18 -52.00 -42.25 3.86
N THR B 19 -51.10 -42.37 4.83
CA THR B 19 -51.50 -42.52 6.22
C THR B 19 -51.97 -41.19 6.80
N ALA B 20 -52.64 -41.27 7.95
CA ALA B 20 -53.20 -40.08 8.58
C ALA B 20 -52.09 -39.13 9.04
N GLY B 21 -51.05 -39.66 9.67
CA GLY B 21 -50.01 -38.81 10.22
C GLY B 21 -48.98 -38.34 9.21
N GLY B 22 -48.77 -39.14 8.15
CA GLY B 22 -47.76 -38.78 7.17
C GLY B 22 -48.01 -37.44 6.53
N LYS B 23 -49.27 -37.15 6.22
CA LYS B 23 -49.61 -35.86 5.63
C LYS B 23 -49.03 -34.72 6.43
N VAL B 24 -49.44 -34.62 7.70
CA VAL B 24 -49.06 -33.49 8.53
C VAL B 24 -47.54 -33.45 8.71
N TRP B 25 -46.96 -34.58 9.10
CA TRP B 25 -45.53 -34.57 9.42
C TRP B 25 -44.70 -34.20 8.20
N LEU B 26 -45.01 -34.79 7.05
CA LEU B 26 -44.22 -34.56 5.84
C LEU B 26 -44.39 -33.13 5.34
N SER B 27 -45.62 -32.62 5.33
CA SER B 27 -45.84 -31.25 4.86
C SER B 27 -45.13 -30.23 5.76
N VAL B 28 -45.24 -30.41 7.07
CA VAL B 28 -44.58 -29.49 7.98
C VAL B 28 -43.07 -29.61 7.85
N LEU B 29 -42.56 -30.82 7.60
CA LEU B 29 -41.12 -30.97 7.38
C LEU B 29 -40.68 -30.23 6.12
N PHE B 30 -41.48 -30.30 5.05
CA PHE B 30 -41.15 -29.56 3.83
C PHE B 30 -41.10 -28.07 4.09
N ILE B 31 -42.10 -27.55 4.82
CA ILE B 31 -42.12 -26.11 5.11
C ILE B 31 -40.91 -25.73 5.95
N PHE B 32 -40.60 -26.54 6.97
CA PHE B 32 -39.43 -26.29 7.80
C PHE B 32 -38.15 -26.27 6.97
N ARG B 33 -38.02 -27.24 6.07
CA ARG B 33 -36.84 -27.33 5.21
C ARG B 33 -36.67 -26.06 4.39
N ILE B 34 -37.74 -25.64 3.70
CA ILE B 34 -37.61 -24.48 2.82
C ILE B 34 -37.33 -23.22 3.64
N LEU B 35 -38.00 -23.05 4.78
CA LEU B 35 -37.77 -21.85 5.58
C LEU B 35 -36.34 -21.81 6.10
N LEU B 36 -35.85 -22.94 6.61
CA LEU B 36 -34.49 -22.98 7.13
C LEU B 36 -33.47 -22.71 6.04
N LEU B 37 -33.68 -23.28 4.85
CA LEU B 37 -32.73 -23.04 3.76
C LEU B 37 -32.77 -21.60 3.30
N GLY B 38 -33.95 -20.98 3.31
CA GLY B 38 -34.07 -19.65 2.74
C GLY B 38 -33.69 -18.51 3.66
N THR B 39 -33.93 -18.66 4.97
CA THR B 39 -33.74 -17.54 5.89
C THR B 39 -32.33 -17.51 6.48
N ALA B 40 -31.93 -18.56 7.19
CA ALA B 40 -30.69 -18.56 7.95
C ALA B 40 -29.52 -19.17 7.19
N VAL B 41 -29.73 -20.32 6.55
CA VAL B 41 -28.62 -21.06 5.94
C VAL B 41 -27.98 -20.24 4.82
N GLU B 42 -28.80 -19.64 3.95
CA GLU B 42 -28.28 -19.00 2.75
C GLU B 42 -27.36 -17.83 3.10
N SER B 43 -27.70 -17.07 4.13
CA SER B 43 -26.92 -15.88 4.45
C SER B 43 -25.56 -16.23 5.03
N ALA B 44 -25.43 -17.38 5.68
CA ALA B 44 -24.18 -17.76 6.32
C ALA B 44 -23.09 -18.11 5.32
N TRP B 45 -23.45 -18.43 4.08
CA TRP B 45 -22.50 -18.77 3.04
C TRP B 45 -22.19 -17.59 2.11
N GLY B 46 -22.65 -16.38 2.47
CA GLY B 46 -22.50 -15.26 1.55
C GLY B 46 -21.05 -14.94 1.23
N ASP B 47 -20.23 -14.78 2.26
CA ASP B 47 -18.81 -14.47 2.07
C ASP B 47 -17.96 -15.74 2.08
N GLU B 48 -18.34 -16.73 1.27
CA GLU B 48 -17.61 -17.99 1.27
C GLU B 48 -16.27 -17.87 0.57
N GLN B 49 -16.20 -17.08 -0.49
CA GLN B 49 -14.96 -16.89 -1.24
C GLN B 49 -14.27 -15.58 -0.93
N SER B 50 -15.03 -14.52 -0.62
CA SER B 50 -14.41 -13.23 -0.34
C SER B 50 -13.58 -13.26 0.94
N ALA B 51 -14.01 -14.02 1.95
CA ALA B 51 -13.28 -14.13 3.21
C ALA B 51 -12.31 -15.30 3.22
N PHE B 52 -12.23 -16.07 2.14
CA PHE B 52 -11.26 -17.15 2.03
C PHE B 52 -9.88 -16.58 1.79
N ARG B 53 -8.90 -17.02 2.59
CA ARG B 53 -7.55 -16.46 2.55
C ARG B 53 -6.53 -17.58 2.61
N CYS B 54 -5.37 -17.32 1.99
CA CYS B 54 -4.26 -18.25 1.99
C CYS B 54 -2.97 -17.48 2.27
N ASN B 55 -1.98 -18.18 2.83
CA ASN B 55 -0.70 -17.58 3.18
C ASN B 55 0.27 -17.80 2.03
N THR B 56 0.34 -16.81 1.14
CA THR B 56 1.21 -16.90 -0.02
C THR B 56 1.18 -15.57 -0.77
N GLN B 57 2.23 -15.34 -1.57
CA GLN B 57 2.29 -14.22 -2.48
C GLN B 57 2.10 -14.62 -3.94
N GLN B 58 1.80 -15.88 -4.21
CA GLN B 58 1.69 -16.36 -5.58
C GLN B 58 0.35 -15.92 -6.17
N PRO B 59 0.32 -15.15 -7.25
CA PRO B 59 -0.96 -14.79 -7.86
C PRO B 59 -1.64 -16.01 -8.46
N GLY B 60 -2.95 -16.11 -8.25
CA GLY B 60 -3.74 -17.20 -8.75
C GLY B 60 -3.86 -18.39 -7.82
N CYS B 61 -3.07 -18.44 -6.74
CA CYS B 61 -3.10 -19.61 -5.87
C CYS B 61 -4.40 -19.67 -5.07
N GLU B 62 -4.91 -18.53 -4.61
CA GLU B 62 -6.15 -18.52 -3.85
C GLU B 62 -7.31 -19.06 -4.68
N ASN B 63 -7.39 -18.66 -5.95
CA ASN B 63 -8.48 -19.12 -6.81
C ASN B 63 -8.49 -20.64 -6.90
N VAL B 64 -7.34 -21.24 -7.26
CA VAL B 64 -7.29 -22.68 -7.48
C VAL B 64 -7.49 -23.43 -6.17
N CYS B 65 -6.93 -22.91 -5.07
CA CYS B 65 -7.09 -23.59 -3.79
C CYS B 65 -8.54 -23.57 -3.33
N TYR B 66 -9.23 -22.45 -3.50
CA TYR B 66 -10.65 -22.40 -3.17
C TYR B 66 -11.44 -23.35 -4.06
N ASP B 67 -11.12 -23.40 -5.35
CA ASP B 67 -11.83 -24.30 -6.26
C ASP B 67 -11.63 -25.75 -5.84
N LYS B 68 -10.41 -26.11 -5.45
CA LYS B 68 -10.14 -27.49 -5.03
C LYS B 68 -10.85 -27.81 -3.72
N SER B 69 -10.85 -26.87 -2.77
CA SER B 69 -11.49 -27.13 -1.48
C SER B 69 -12.98 -27.33 -1.62
N PHE B 70 -13.64 -26.54 -2.47
CA PHE B 70 -15.10 -26.55 -2.59
C PHE B 70 -15.49 -26.74 -4.05
N PRO B 71 -15.55 -27.98 -4.53
CA PRO B 71 -16.02 -28.20 -5.90
C PRO B 71 -17.43 -27.70 -6.14
N ILE B 72 -18.30 -27.75 -5.13
CA ILE B 72 -19.64 -27.19 -5.21
C ILE B 72 -20.05 -26.73 -3.82
N SER B 73 -20.78 -25.62 -3.76
CA SER B 73 -21.22 -25.07 -2.49
C SER B 73 -22.30 -25.95 -1.87
N HIS B 74 -22.32 -25.97 -0.54
CA HIS B 74 -23.31 -26.76 0.18
C HIS B 74 -24.73 -26.29 -0.11
N VAL B 75 -24.94 -24.97 -0.14
CA VAL B 75 -26.30 -24.44 -0.29
C VAL B 75 -26.87 -24.83 -1.64
N ARG B 76 -26.09 -24.70 -2.70
CA ARG B 76 -26.58 -25.05 -4.04
C ARG B 76 -26.79 -26.56 -4.17
N PHE B 77 -25.93 -27.35 -3.53
CA PHE B 77 -26.13 -28.79 -3.47
C PHE B 77 -27.47 -29.12 -2.80
N TRP B 78 -27.79 -28.44 -1.71
CA TRP B 78 -29.05 -28.70 -1.01
C TRP B 78 -30.24 -28.23 -1.84
N VAL B 79 -30.09 -27.13 -2.57
CA VAL B 79 -31.17 -26.67 -3.46
C VAL B 79 -31.44 -27.73 -4.52
N LEU B 80 -30.39 -28.27 -5.14
CA LEU B 80 -30.57 -29.34 -6.10
C LEU B 80 -31.24 -30.54 -5.47
N GLN B 81 -30.82 -30.90 -4.25
CA GLN B 81 -31.40 -32.04 -3.56
C GLN B 81 -32.89 -31.86 -3.35
N ILE B 82 -33.30 -30.68 -2.87
CA ILE B 82 -34.71 -30.49 -2.56
C ILE B 82 -35.54 -30.45 -3.84
N ILE B 83 -35.01 -29.84 -4.90
CA ILE B 83 -35.75 -29.82 -6.17
C ILE B 83 -35.95 -31.24 -6.69
N PHE B 84 -34.89 -32.06 -6.65
CA PHE B 84 -35.00 -33.43 -7.12
C PHE B 84 -35.97 -34.24 -6.27
N VAL B 85 -35.95 -34.02 -4.95
CA VAL B 85 -36.87 -34.73 -4.07
C VAL B 85 -38.31 -34.28 -4.27
N SER B 86 -38.51 -33.05 -4.75
CA SER B 86 -39.87 -32.51 -4.88
C SER B 86 -40.51 -32.78 -6.24
N VAL B 87 -39.73 -32.92 -7.30
CA VAL B 87 -40.31 -33.04 -8.65
C VAL B 87 -41.32 -34.18 -8.75
N PRO B 88 -41.09 -35.38 -8.20
CA PRO B 88 -42.02 -36.48 -8.46
C PRO B 88 -43.44 -36.19 -7.98
N THR B 89 -43.58 -35.51 -6.84
CA THR B 89 -44.91 -35.18 -6.35
C THR B 89 -45.63 -34.23 -7.29
N LEU B 90 -44.91 -33.27 -7.86
CA LEU B 90 -45.52 -32.37 -8.83
C LEU B 90 -45.98 -33.14 -10.06
N LEU B 91 -45.15 -34.08 -10.54
CA LEU B 91 -45.58 -34.90 -11.66
C LEU B 91 -46.84 -35.67 -11.33
N TYR B 92 -46.90 -36.27 -10.14
CA TYR B 92 -48.08 -37.03 -9.74
C TYR B 92 -49.31 -36.15 -9.66
N LEU B 93 -49.16 -34.95 -9.12
CA LEU B 93 -50.29 -34.02 -9.04
C LEU B 93 -50.81 -33.67 -10.43
N ALA B 94 -49.91 -33.38 -11.36
CA ALA B 94 -50.35 -33.06 -12.72
C ALA B 94 -51.09 -34.24 -13.35
N HIS B 95 -50.54 -35.45 -13.18
CA HIS B 95 -51.19 -36.63 -13.73
C HIS B 95 -52.59 -36.80 -13.16
N VAL B 96 -52.73 -36.63 -11.84
CA VAL B 96 -54.03 -36.80 -11.21
C VAL B 96 -55.01 -35.75 -11.72
N PHE B 97 -54.54 -34.51 -11.87
CA PHE B 97 -55.41 -33.45 -12.37
C PHE B 97 -55.97 -33.79 -13.74
N TYR B 98 -55.08 -34.20 -14.66
CA TYR B 98 -55.54 -34.54 -16.01
C TYR B 98 -56.46 -35.75 -16.01
N VAL B 99 -56.15 -36.76 -15.19
CA VAL B 99 -57.02 -37.93 -15.10
C VAL B 99 -58.40 -37.53 -14.60
N MET B 100 -58.46 -36.65 -13.60
CA MET B 100 -59.75 -36.22 -13.08
C MET B 100 -60.56 -35.49 -14.14
N ARG B 101 -59.89 -34.63 -14.92
CA ARG B 101 -60.60 -33.94 -15.99
C ARG B 101 -61.17 -34.95 -17.00
N LYS B 102 -60.37 -35.94 -17.38
CA LYS B 102 -60.85 -36.94 -18.33
C LYS B 102 -62.04 -37.71 -17.76
N GLU B 103 -61.97 -38.08 -16.48
CA GLU B 103 -63.07 -38.81 -15.87
C GLU B 103 -64.34 -37.96 -15.79
N GLU B 104 -64.18 -36.66 -15.51
CA GLU B 104 -65.34 -35.78 -15.54
C GLU B 104 -65.97 -35.76 -16.91
N LYS B 105 -65.15 -35.65 -17.97
CA LYS B 105 -65.69 -35.72 -19.31
C LYS B 105 -66.47 -37.00 -19.53
N LEU B 106 -65.86 -38.14 -19.19
CA LEU B 106 -66.51 -39.43 -19.41
C LEU B 106 -67.85 -39.51 -18.69
N ASN B 107 -67.85 -39.23 -17.38
CA ASN B 107 -69.04 -39.41 -16.58
C ASN B 107 -70.08 -38.32 -16.77
N LYS B 108 -69.73 -37.23 -17.45
CA LYS B 108 -70.71 -36.20 -17.76
C LYS B 108 -71.37 -36.46 -19.11
N LYS B 109 -70.57 -36.75 -20.14
CA LYS B 109 -71.16 -36.91 -21.47
C LYS B 109 -72.00 -38.18 -21.58
N GLU B 110 -71.74 -39.16 -20.73
CA GLU B 110 -72.42 -40.45 -20.78
C GLU B 110 -73.36 -40.64 -19.59
N GLU B 111 -74.06 -39.59 -19.21
CA GLU B 111 -75.04 -39.67 -18.12
C GLU B 111 -76.12 -40.70 -18.44
N ARG B 148 -58.04 -51.60 -8.65
CA ARG B 148 -56.92 -50.72 -8.35
C ARG B 148 -55.69 -51.08 -9.19
N GLY B 149 -54.79 -50.12 -9.35
CA GLY B 149 -53.57 -50.33 -10.11
C GLY B 149 -53.22 -49.17 -11.02
N GLY B 150 -54.24 -48.46 -11.51
CA GLY B 150 -53.97 -47.36 -12.43
C GLY B 150 -53.18 -46.24 -11.78
N LEU B 151 -53.62 -45.78 -10.61
CA LEU B 151 -52.97 -44.69 -9.91
C LEU B 151 -52.09 -45.16 -8.76
N LEU B 152 -52.35 -46.34 -8.21
CA LEU B 152 -51.52 -46.85 -7.12
C LEU B 152 -50.09 -47.07 -7.56
N ARG B 153 -49.90 -47.63 -8.76
CA ARG B 153 -48.57 -47.94 -9.25
C ARG B 153 -47.72 -46.68 -9.38
N THR B 154 -48.30 -45.63 -9.95
CA THR B 154 -47.56 -44.37 -10.12
C THR B 154 -47.19 -43.76 -8.77
N TYR B 155 -48.12 -43.82 -7.80
CA TYR B 155 -47.84 -43.31 -6.47
C TYR B 155 -46.68 -44.06 -5.83
N ILE B 156 -46.69 -45.39 -5.94
CA ILE B 156 -45.60 -46.19 -5.37
C ILE B 156 -44.28 -45.84 -6.04
N ILE B 157 -44.29 -45.69 -7.37
CA ILE B 157 -43.08 -45.34 -8.09
C ILE B 157 -42.55 -43.99 -7.63
N SER B 158 -43.44 -43.01 -7.46
CA SER B 158 -43.02 -41.67 -7.03
C SER B 158 -42.38 -41.72 -5.64
N ILE B 159 -42.99 -42.46 -4.71
CA ILE B 159 -42.43 -42.55 -3.37
C ILE B 159 -41.05 -43.22 -3.42
N LEU B 160 -40.94 -44.30 -4.20
CA LEU B 160 -39.66 -44.99 -4.33
C LEU B 160 -38.58 -44.05 -4.86
N PHE B 161 -38.92 -43.26 -5.88
CA PHE B 161 -37.92 -42.36 -6.45
C PHE B 161 -37.53 -41.25 -5.48
N LYS B 162 -38.49 -40.74 -4.69
CA LYS B 162 -38.13 -39.78 -3.66
C LYS B 162 -37.07 -40.36 -2.73
N SER B 163 -37.32 -41.57 -2.22
CA SER B 163 -36.35 -42.17 -1.31
C SER B 163 -35.01 -42.41 -1.99
N ILE B 164 -35.05 -42.86 -3.25
CA ILE B 164 -33.82 -43.15 -3.98
C ILE B 164 -32.97 -41.89 -4.12
N PHE B 165 -33.61 -40.78 -4.52
CA PHE B 165 -32.88 -39.52 -4.67
C PHE B 165 -32.29 -39.07 -3.34
N GLU B 166 -33.07 -39.18 -2.26
CA GLU B 166 -32.55 -38.77 -0.95
C GLU B 166 -31.30 -39.56 -0.60
N VAL B 167 -31.36 -40.89 -0.75
CA VAL B 167 -30.21 -41.72 -0.40
C VAL B 167 -29.01 -41.40 -1.28
N ALA B 168 -29.24 -41.21 -2.58
CA ALA B 168 -28.14 -40.92 -3.49
C ALA B 168 -27.45 -39.62 -3.11
N PHE B 169 -28.23 -38.57 -2.81
CA PHE B 169 -27.62 -37.30 -2.43
C PHE B 169 -26.84 -37.43 -1.13
N LEU B 170 -27.39 -38.16 -0.16
CA LEU B 170 -26.66 -38.36 1.09
C LEU B 170 -25.33 -39.08 0.85
N LEU B 171 -25.35 -40.13 0.03
CA LEU B 171 -24.12 -40.85 -0.25
C LEU B 171 -23.09 -39.97 -0.96
N ILE B 172 -23.53 -39.18 -1.93
CA ILE B 172 -22.61 -38.31 -2.64
C ILE B 172 -21.98 -37.31 -1.68
N GLN B 173 -22.80 -36.70 -0.82
CA GLN B 173 -22.27 -35.74 0.13
C GLN B 173 -21.28 -36.39 1.09
N TRP B 174 -21.59 -37.60 1.56
CA TRP B 174 -20.66 -38.31 2.44
C TRP B 174 -19.34 -38.56 1.75
N TYR B 175 -19.38 -38.99 0.49
CA TYR B 175 -18.15 -39.29 -0.24
C TYR B 175 -17.32 -38.03 -0.47
N ILE B 176 -17.97 -36.92 -0.81
CA ILE B 176 -17.22 -35.73 -1.21
C ILE B 176 -16.69 -34.97 0.00
N TYR B 177 -17.57 -34.61 0.93
CA TYR B 177 -17.21 -33.71 2.02
C TYR B 177 -17.16 -34.38 3.39
N GLY B 178 -17.99 -35.38 3.64
CA GLY B 178 -18.21 -35.83 5.00
C GLY B 178 -19.31 -35.01 5.65
N PHE B 179 -19.21 -34.80 6.96
CA PHE B 179 -20.23 -34.04 7.68
C PHE B 179 -19.58 -33.11 8.70
N SER B 180 -18.47 -32.49 8.32
CA SER B 180 -17.84 -31.47 9.14
C SER B 180 -16.83 -30.72 8.29
N LEU B 181 -16.42 -29.56 8.79
CA LEU B 181 -15.44 -28.71 8.12
C LEU B 181 -14.37 -28.28 9.11
N SER B 182 -13.12 -28.32 8.67
CA SER B 182 -11.98 -27.92 9.48
C SER B 182 -11.57 -26.49 9.16
N ALA B 183 -10.93 -25.84 10.13
CA ALA B 183 -10.55 -24.44 9.98
C ALA B 183 -9.41 -24.25 9.01
N VAL B 184 -8.48 -25.19 8.95
CA VAL B 184 -7.27 -25.05 8.14
C VAL B 184 -7.29 -26.09 7.04
N TYR B 185 -6.95 -25.67 5.82
CA TYR B 185 -6.90 -26.52 4.65
C TYR B 185 -5.52 -26.47 4.03
N THR B 186 -5.03 -27.63 3.59
CA THR B 186 -3.72 -27.75 2.96
C THR B 186 -3.90 -27.90 1.45
N CYS B 187 -3.24 -27.03 0.70
CA CYS B 187 -3.42 -26.95 -0.75
C CYS B 187 -2.11 -27.30 -1.44
N LYS B 188 -2.19 -28.18 -2.43
CA LYS B 188 -1.05 -28.68 -3.20
C LYS B 188 -1.36 -28.68 -4.69
N ARG B 189 -1.86 -27.55 -5.19
CA ARG B 189 -2.24 -27.42 -6.59
C ARG B 189 -1.46 -26.29 -7.24
N ASP B 190 -1.09 -26.49 -8.51
CA ASP B 190 -0.41 -25.45 -9.26
C ASP B 190 -1.33 -24.25 -9.44
N PRO B 191 -0.77 -23.03 -9.52
CA PRO B 191 0.66 -22.71 -9.53
C PRO B 191 1.28 -22.52 -8.15
N CYS B 192 0.56 -22.90 -7.10
CA CYS B 192 1.08 -22.73 -5.75
C CYS B 192 2.36 -23.55 -5.60
N PRO B 193 3.42 -22.99 -5.03
CA PRO B 193 4.64 -23.77 -4.81
C PRO B 193 4.56 -24.61 -3.55
N HIS B 194 5.01 -25.86 -3.67
CA HIS B 194 5.02 -26.82 -2.56
C HIS B 194 3.59 -26.92 -2.02
N GLN B 195 3.37 -26.79 -0.72
CA GLN B 195 2.05 -26.81 -0.12
C GLN B 195 1.82 -25.48 0.61
N VAL B 196 0.57 -25.04 0.64
CA VAL B 196 0.21 -23.80 1.32
C VAL B 196 -0.96 -24.05 2.26
N ASP B 197 -1.08 -23.16 3.25
CA ASP B 197 -2.17 -23.21 4.23
C ASP B 197 -3.20 -22.15 3.91
N CYS B 198 -4.47 -22.54 3.96
CA CYS B 198 -5.59 -21.65 3.72
C CYS B 198 -6.59 -21.77 4.86
N PHE B 199 -7.39 -20.73 5.04
CA PHE B 199 -8.28 -20.62 6.18
C PHE B 199 -9.70 -20.35 5.71
N LEU B 200 -10.65 -21.12 6.24
CA LEU B 200 -12.05 -21.04 5.85
C LEU B 200 -12.75 -19.92 6.62
N SER B 201 -14.01 -19.70 6.24
CA SER B 201 -14.87 -18.71 6.87
C SER B 201 -16.02 -19.43 7.58
N ARG B 202 -16.19 -19.14 8.88
CA ARG B 202 -17.28 -19.65 9.68
C ARG B 202 -17.39 -21.17 9.66
N PRO B 203 -16.32 -21.90 9.96
CA PRO B 203 -16.40 -23.37 9.90
C PRO B 203 -17.37 -23.97 10.92
N THR B 204 -17.40 -23.45 12.14
CA THR B 204 -18.22 -24.06 13.20
C THR B 204 -19.71 -23.91 12.90
N GLU B 205 -20.13 -22.71 12.50
CA GLU B 205 -21.52 -22.47 12.18
C GLU B 205 -21.97 -23.35 11.02
N LYS B 206 -21.14 -23.47 9.99
CA LYS B 206 -21.46 -24.31 8.86
C LYS B 206 -21.54 -25.78 9.27
N THR B 207 -20.67 -26.22 10.18
CA THR B 207 -20.76 -27.59 10.69
C THR B 207 -22.10 -27.81 11.38
N ILE B 208 -22.52 -26.86 12.21
CA ILE B 208 -23.79 -26.98 12.92
C ILE B 208 -24.94 -27.12 11.92
N PHE B 209 -24.96 -26.24 10.91
CA PHE B 209 -26.04 -26.30 9.93
C PHE B 209 -25.98 -27.59 9.10
N ILE B 210 -24.78 -28.08 8.80
CA ILE B 210 -24.65 -29.34 8.09
C ILE B 210 -25.29 -30.48 8.89
N ILE B 211 -25.02 -30.52 10.19
CA ILE B 211 -25.63 -31.54 11.04
C ILE B 211 -27.15 -31.41 11.02
N PHE B 212 -27.66 -30.18 11.12
CA PHE B 212 -29.10 -29.98 11.07
C PHE B 212 -29.70 -30.54 9.78
N MET B 213 -29.07 -30.22 8.64
CA MET B 213 -29.61 -30.70 7.37
C MET B 213 -29.55 -32.22 7.27
N LEU B 214 -28.48 -32.82 7.79
CA LEU B 214 -28.40 -34.28 7.80
C LEU B 214 -29.55 -34.88 8.58
N VAL B 215 -29.85 -34.33 9.75
CA VAL B 215 -30.95 -34.85 10.56
C VAL B 215 -32.27 -34.72 9.81
N VAL B 216 -32.50 -33.58 9.16
CA VAL B 216 -33.75 -33.38 8.43
C VAL B 216 -33.88 -34.42 7.32
N SER B 217 -32.80 -34.64 6.57
CA SER B 217 -32.84 -35.61 5.47
C SER B 217 -33.14 -37.01 5.99
N LEU B 218 -32.50 -37.40 7.10
CA LEU B 218 -32.77 -38.72 7.67
C LEU B 218 -34.23 -38.87 8.07
N VAL B 219 -34.80 -37.83 8.69
CA VAL B 219 -36.20 -37.91 9.10
C VAL B 219 -37.10 -38.08 7.88
N SER B 220 -36.83 -37.32 6.83
CA SER B 220 -37.65 -37.43 5.62
C SER B 220 -37.57 -38.83 5.03
N LEU B 221 -36.36 -39.38 4.95
CA LEU B 221 -36.20 -40.73 4.42
C LEU B 221 -36.97 -41.75 5.26
N ALA B 222 -36.89 -41.63 6.58
CA ALA B 222 -37.61 -42.56 7.45
C ALA B 222 -39.11 -42.48 7.21
N LEU B 223 -39.65 -41.26 7.09
CA LEU B 223 -41.08 -41.13 6.86
C LEU B 223 -41.50 -41.77 5.54
N ASN B 224 -40.72 -41.55 4.49
CA ASN B 224 -41.05 -42.14 3.19
C ASN B 224 -41.02 -43.67 3.26
N ILE B 225 -40.02 -44.22 3.94
CA ILE B 225 -39.94 -45.68 4.08
C ILE B 225 -41.14 -46.20 4.85
N ILE B 226 -41.57 -45.46 5.88
CA ILE B 226 -42.74 -45.87 6.65
C ILE B 226 -43.98 -45.90 5.75
N GLU B 227 -44.13 -44.88 4.90
CA GLU B 227 -45.26 -44.87 3.99
C GLU B 227 -45.24 -46.07 3.05
N LEU B 228 -44.06 -46.39 2.51
CA LEU B 228 -43.95 -47.55 1.63
C LEU B 228 -44.36 -48.83 2.36
N PHE B 229 -43.84 -49.02 3.57
CA PHE B 229 -44.19 -50.22 4.33
C PHE B 229 -45.69 -50.27 4.61
N TYR B 230 -46.30 -49.13 4.93
CA TYR B 230 -47.73 -49.12 5.21
C TYR B 230 -48.53 -49.55 3.98
N VAL B 231 -48.21 -48.98 2.82
CA VAL B 231 -48.98 -49.34 1.63
C VAL B 231 -48.80 -50.82 1.31
N PHE B 232 -47.56 -51.33 1.40
CA PHE B 232 -47.34 -52.73 1.06
C PHE B 232 -47.98 -53.66 2.07
N PHE B 233 -48.02 -53.27 3.35
CA PHE B 233 -48.64 -54.11 4.37
C PHE B 233 -50.16 -54.06 4.32
N LYS B 234 -50.75 -52.99 3.79
CA LYS B 234 -52.19 -52.99 3.56
C LYS B 234 -52.55 -53.69 2.27
N GLY B 235 -51.62 -53.79 1.32
CA GLY B 235 -51.89 -54.53 0.10
C GLY B 235 -51.79 -56.04 0.26
N VAL B 236 -51.08 -56.52 1.28
CA VAL B 236 -50.92 -57.96 1.45
C VAL B 236 -52.22 -58.60 1.87
N LYS B 237 -52.97 -57.96 2.77
CA LYS B 237 -54.20 -58.54 3.29
C LYS B 237 -55.31 -58.59 2.24
N ASP B 238 -55.14 -57.92 1.10
CA ASP B 238 -56.14 -57.94 0.04
C ASP B 238 -57.47 -57.39 0.54
N GLY C 2 -67.20 -17.91 -8.31
CA GLY C 2 -66.56 -18.90 -9.16
C GLY C 2 -66.56 -18.49 -10.62
N ASP C 3 -65.39 -18.13 -11.13
CA ASP C 3 -65.24 -17.65 -12.50
C ASP C 3 -64.00 -18.24 -13.16
N TRP C 4 -63.76 -19.53 -12.95
CA TRP C 4 -62.59 -20.20 -13.50
C TRP C 4 -62.93 -21.16 -14.64
N SER C 5 -64.16 -21.12 -15.15
CA SER C 5 -64.59 -22.08 -16.15
C SER C 5 -63.97 -21.80 -17.52
N ALA C 6 -64.05 -20.53 -17.97
CA ALA C 6 -63.51 -20.19 -19.27
C ALA C 6 -62.03 -20.49 -19.36
N LEU C 7 -61.32 -20.43 -18.22
CA LEU C 7 -59.92 -20.83 -18.21
C LEU C 7 -59.77 -22.31 -18.54
N GLY C 8 -60.65 -23.15 -18.00
CA GLY C 8 -60.63 -24.55 -18.35
C GLY C 8 -60.89 -24.78 -19.82
N LYS C 9 -61.87 -24.05 -20.38
CA LYS C 9 -62.14 -24.18 -21.81
C LYS C 9 -60.93 -23.77 -22.64
N LEU C 10 -60.29 -22.67 -22.26
CA LEU C 10 -59.10 -22.20 -22.96
C LEU C 10 -57.99 -23.25 -22.92
N LEU C 11 -57.76 -23.83 -21.74
CA LEU C 11 -56.72 -24.84 -21.60
C LEU C 11 -57.03 -26.05 -22.47
N ASP C 12 -58.29 -26.49 -22.49
CA ASP C 12 -58.65 -27.63 -23.32
C ASP C 12 -58.43 -27.35 -24.79
N LYS C 13 -58.80 -26.15 -25.24
CA LYS C 13 -58.68 -25.86 -26.67
C LYS C 13 -57.22 -25.65 -27.08
N VAL C 14 -56.37 -25.17 -26.15
CA VAL C 14 -54.97 -24.98 -26.48
C VAL C 14 -54.27 -26.31 -26.73
N GLN C 15 -54.57 -27.32 -25.91
CA GLN C 15 -53.87 -28.61 -25.95
C GLN C 15 -54.65 -29.66 -26.72
N ALA C 16 -55.34 -29.27 -27.78
CA ALA C 16 -56.17 -30.22 -28.52
C ALA C 16 -55.33 -31.32 -29.16
N TYR C 17 -54.19 -30.97 -29.75
CA TYR C 17 -53.42 -31.88 -30.58
C TYR C 17 -52.20 -32.46 -29.87
N SER C 18 -52.06 -32.23 -28.56
CA SER C 18 -50.89 -32.71 -27.83
C SER C 18 -51.16 -34.08 -27.22
N THR C 19 -50.08 -34.81 -26.97
CA THR C 19 -50.17 -36.13 -26.35
C THR C 19 -50.47 -36.01 -24.86
N ALA C 20 -50.88 -37.14 -24.28
CA ALA C 20 -51.23 -37.16 -22.86
C ALA C 20 -50.04 -36.86 -21.97
N GLY C 21 -48.89 -37.49 -22.26
CA GLY C 21 -47.73 -37.33 -21.40
C GLY C 21 -46.94 -36.07 -21.64
N GLY C 22 -46.99 -35.55 -22.86
CA GLY C 22 -46.20 -34.37 -23.18
C GLY C 22 -46.55 -33.19 -22.31
N LYS C 23 -47.84 -32.99 -22.04
CA LYS C 23 -48.27 -31.90 -21.18
C LYS C 23 -47.48 -31.89 -19.88
N VAL C 24 -47.61 -32.98 -19.12
CA VAL C 24 -47.02 -33.04 -17.78
C VAL C 24 -45.50 -32.89 -17.88
N TRP C 25 -44.87 -33.70 -18.72
CA TRP C 25 -43.41 -33.72 -18.76
C TRP C 25 -42.86 -32.36 -19.15
N LEU C 26 -43.44 -31.74 -20.19
CA LEU C 26 -42.92 -30.47 -20.68
C LEU C 26 -43.16 -29.34 -19.69
N SER C 27 -44.35 -29.29 -19.07
CA SER C 27 -44.62 -28.24 -18.11
C SER C 27 -43.70 -28.36 -16.89
N VAL C 28 -43.53 -29.57 -16.38
CA VAL C 28 -42.66 -29.75 -15.23
C VAL C 28 -41.22 -29.43 -15.60
N LEU C 29 -40.81 -29.75 -16.83
CA LEU C 29 -39.47 -29.39 -17.27
C LEU C 29 -39.29 -27.88 -17.32
N PHE C 30 -40.30 -27.16 -17.79
CA PHE C 30 -40.22 -25.70 -17.81
C PHE C 30 -40.08 -25.14 -16.39
N ILE C 31 -40.88 -25.65 -15.45
CA ILE C 31 -40.79 -25.18 -14.08
C ILE C 31 -39.41 -25.48 -13.50
N PHE C 32 -38.92 -26.70 -13.73
CA PHE C 32 -37.59 -27.07 -13.27
C PHE C 32 -36.52 -26.14 -13.83
N ARG C 33 -36.62 -25.84 -15.13
CA ARG C 33 -35.65 -24.97 -15.78
C ARG C 33 -35.64 -23.60 -15.13
N ILE C 34 -36.81 -22.99 -14.96
CA ILE C 34 -36.85 -21.64 -14.41
C ILE C 34 -36.35 -21.63 -12.97
N LEU C 35 -36.76 -22.62 -12.16
CA LEU C 35 -36.32 -22.65 -10.77
C LEU C 35 -34.81 -22.81 -10.68
N LEU C 36 -34.25 -23.73 -11.46
CA LEU C 36 -32.81 -23.96 -11.42
C LEU C 36 -32.05 -22.71 -11.86
N LEU C 37 -32.53 -22.04 -12.91
CA LEU C 37 -31.84 -20.85 -13.39
C LEU C 37 -31.94 -19.72 -12.35
N GLY C 38 -33.07 -19.62 -11.66
CA GLY C 38 -33.28 -18.48 -10.78
C GLY C 38 -32.67 -18.62 -9.40
N THR C 39 -32.62 -19.83 -8.85
CA THR C 39 -32.20 -20.01 -7.46
C THR C 39 -30.70 -20.23 -7.33
N ALA C 40 -30.19 -21.30 -7.95
CA ALA C 40 -28.80 -21.73 -7.74
C ALA C 40 -27.84 -21.19 -8.80
N VAL C 41 -28.22 -21.27 -10.07
CA VAL C 41 -27.30 -20.94 -11.15
C VAL C 41 -26.90 -19.47 -11.09
N GLU C 42 -27.88 -18.58 -10.90
CA GLU C 42 -27.61 -17.16 -11.01
C GLU C 42 -26.61 -16.69 -9.96
N SER C 43 -26.69 -17.23 -8.74
CA SER C 43 -25.82 -16.76 -7.67
C SER C 43 -24.37 -17.18 -7.87
N ALA C 44 -24.14 -18.31 -8.57
CA ALA C 44 -22.78 -18.81 -8.74
C ALA C 44 -21.95 -17.96 -9.68
N TRP C 45 -22.59 -17.14 -10.52
CA TRP C 45 -21.90 -16.26 -11.45
C TRP C 45 -21.78 -14.83 -10.93
N GLY C 46 -22.11 -14.59 -9.66
CA GLY C 46 -22.14 -13.23 -9.16
C GLY C 46 -20.79 -12.54 -9.25
N ASP C 47 -19.74 -13.18 -8.72
CA ASP C 47 -18.39 -12.62 -8.73
C ASP C 47 -17.60 -13.12 -9.94
N GLU C 48 -18.17 -13.01 -11.13
CA GLU C 48 -17.51 -13.53 -12.32
C GLU C 48 -16.35 -12.64 -12.75
N GLN C 49 -16.49 -11.33 -12.60
CA GLN C 49 -15.43 -10.39 -12.98
C GLN C 49 -14.65 -9.86 -11.78
N SER C 50 -15.29 -9.72 -10.62
CA SER C 50 -14.59 -9.19 -9.46
C SER C 50 -13.50 -10.14 -8.97
N ALA C 51 -13.72 -11.44 -9.06
CA ALA C 51 -12.74 -12.44 -8.63
C ALA C 51 -11.82 -12.87 -9.77
N PHE C 52 -12.01 -12.34 -10.97
CA PHE C 52 -11.12 -12.64 -12.08
C PHE C 52 -9.80 -11.90 -11.90
N ARG C 53 -8.69 -12.62 -12.02
CA ARG C 53 -7.38 -12.06 -11.76
C ARG C 53 -6.39 -12.52 -12.82
N CYS C 54 -5.39 -11.66 -13.06
CA CYS C 54 -4.32 -11.93 -14.01
C CYS C 54 -2.99 -11.56 -13.38
N ASN C 55 -1.93 -12.21 -13.85
CA ASN C 55 -0.57 -11.98 -13.33
C ASN C 55 0.10 -10.94 -14.21
N THR C 56 0.01 -9.68 -13.81
CA THR C 56 0.61 -8.59 -14.58
C THR C 56 0.45 -7.29 -13.81
N GLN C 57 1.30 -6.32 -14.15
CA GLN C 57 1.20 -4.97 -13.64
C GLN C 57 0.68 -3.98 -14.67
N GLN C 58 0.30 -4.44 -15.85
CA GLN C 58 -0.13 -3.55 -16.91
C GLN C 58 -1.55 -3.07 -16.65
N PRO C 59 -1.80 -1.77 -16.51
CA PRO C 59 -3.18 -1.30 -16.33
C PRO C 59 -4.00 -1.53 -17.58
N GLY C 60 -5.23 -1.99 -17.38
CA GLY C 60 -6.15 -2.27 -18.46
C GLY C 60 -6.10 -3.67 -19.01
N CYS C 61 -5.09 -4.47 -18.64
CA CYS C 61 -4.96 -5.81 -19.19
C CYS C 61 -6.06 -6.73 -18.70
N GLU C 62 -6.41 -6.64 -17.41
CA GLU C 62 -7.46 -7.49 -16.86
C GLU C 62 -8.79 -7.26 -17.58
N ASN C 63 -9.14 -6.00 -17.83
CA ASN C 63 -10.39 -5.70 -18.52
C ASN C 63 -10.47 -6.40 -19.87
N VAL C 64 -9.45 -6.21 -20.71
CA VAL C 64 -9.49 -6.74 -22.06
C VAL C 64 -9.42 -8.26 -22.04
N CYS C 65 -8.62 -8.83 -21.13
CA CYS C 65 -8.51 -10.28 -21.06
C CYS C 65 -9.83 -10.92 -20.62
N TYR C 66 -10.51 -10.32 -19.64
CA TYR C 66 -11.82 -10.82 -19.25
C TYR C 66 -12.81 -10.70 -20.40
N ASP C 67 -12.79 -9.57 -21.11
CA ASP C 67 -13.69 -9.39 -22.24
C ASP C 67 -13.46 -10.45 -23.31
N LYS C 68 -12.19 -10.76 -23.59
CA LYS C 68 -11.88 -11.76 -24.60
C LYS C 68 -12.28 -13.16 -24.14
N SER C 69 -12.05 -13.48 -22.87
CA SER C 69 -12.39 -14.80 -22.36
C SER C 69 -13.89 -15.05 -22.41
N PHE C 70 -14.69 -14.05 -22.06
CA PHE C 70 -16.15 -14.20 -21.93
C PHE C 70 -16.85 -13.13 -22.75
N PRO C 71 -17.05 -13.38 -24.04
CA PRO C 71 -17.83 -12.42 -24.85
C PRO C 71 -19.24 -12.21 -24.33
N ILE C 72 -19.86 -13.24 -23.76
CA ILE C 72 -21.17 -13.11 -23.14
C ILE C 72 -21.25 -14.12 -22.01
N SER C 73 -21.92 -13.72 -20.93
CA SER C 73 -22.06 -14.59 -19.77
C SER C 73 -23.00 -15.76 -20.07
N HIS C 74 -22.72 -16.89 -19.42
CA HIS C 74 -23.54 -18.08 -19.63
C HIS C 74 -24.98 -17.85 -19.15
N VAL C 75 -25.15 -17.18 -18.01
CA VAL C 75 -26.50 -17.02 -17.45
C VAL C 75 -27.36 -16.17 -18.37
N ARG C 76 -26.83 -15.07 -18.89
CA ARG C 76 -27.61 -14.22 -19.78
C ARG C 76 -27.89 -14.91 -21.11
N PHE C 77 -26.94 -15.71 -21.60
CA PHE C 77 -27.16 -16.53 -22.77
C PHE C 77 -28.33 -17.50 -22.56
N TRP C 78 -28.38 -18.12 -21.38
CA TRP C 78 -29.46 -19.06 -21.09
C TRP C 78 -30.79 -18.34 -20.93
N VAL C 79 -30.78 -17.13 -20.37
CA VAL C 79 -32.01 -16.34 -20.27
C VAL C 79 -32.55 -16.03 -21.66
N LEU C 80 -31.66 -15.60 -22.56
CA LEU C 80 -32.08 -15.36 -23.94
C LEU C 80 -32.63 -16.63 -24.57
N GLN C 81 -31.96 -17.77 -24.33
CA GLN C 81 -32.41 -19.03 -24.90
C GLN C 81 -33.82 -19.37 -24.44
N ILE C 82 -34.08 -19.25 -23.14
CA ILE C 82 -35.38 -19.66 -22.61
C ILE C 82 -36.46 -18.70 -23.10
N ILE C 83 -36.16 -17.40 -23.17
CA ILE C 83 -37.17 -16.46 -23.68
C ILE C 83 -37.51 -16.78 -25.13
N PHE C 84 -36.49 -17.04 -25.95
CA PHE C 84 -36.75 -17.37 -27.35
C PHE C 84 -37.52 -18.67 -27.50
N VAL C 85 -37.21 -19.66 -26.67
CA VAL C 85 -37.93 -20.93 -26.72
C VAL C 85 -39.37 -20.77 -26.24
N SER C 86 -39.64 -19.79 -25.39
CA SER C 86 -40.97 -19.63 -24.80
C SER C 86 -41.90 -18.74 -25.61
N VAL C 87 -41.38 -17.77 -26.37
CA VAL C 87 -42.25 -16.81 -27.04
C VAL C 87 -43.29 -17.47 -27.94
N PRO C 88 -42.98 -18.51 -28.74
CA PRO C 88 -43.98 -19.02 -29.68
C PRO C 88 -45.24 -19.53 -29.00
N THR C 89 -45.11 -20.16 -27.84
CA THR C 89 -46.29 -20.65 -27.13
C THR C 89 -47.17 -19.49 -26.68
N LEU C 90 -46.56 -18.39 -26.22
CA LEU C 90 -47.33 -17.22 -25.85
C LEU C 90 -48.09 -16.66 -27.05
N LEU C 91 -47.42 -16.59 -28.20
CA LEU C 91 -48.10 -16.14 -29.41
C LEU C 91 -49.29 -17.03 -29.75
N TYR C 92 -49.09 -18.35 -29.66
CA TYR C 92 -50.17 -19.28 -29.97
C TYR C 92 -51.34 -19.11 -28.99
N LEU C 93 -51.04 -18.92 -27.71
CA LEU C 93 -52.09 -18.72 -26.72
C LEU C 93 -52.90 -17.47 -27.04
N ALA C 94 -52.21 -16.37 -27.37
CA ALA C 94 -52.93 -15.14 -27.70
C ALA C 94 -53.83 -15.34 -28.93
N HIS C 95 -53.29 -16.01 -29.95
CA HIS C 95 -54.08 -16.25 -31.15
C HIS C 95 -55.32 -17.07 -30.83
N VAL C 96 -55.17 -18.12 -30.02
CA VAL C 96 -56.30 -18.97 -29.67
C VAL C 96 -57.33 -18.17 -28.88
N PHE C 97 -56.87 -17.33 -27.96
CA PHE C 97 -57.81 -16.52 -27.16
C PHE C 97 -58.65 -15.63 -28.07
N TYR C 98 -58.00 -14.91 -28.99
CA TYR C 98 -58.76 -14.03 -29.87
C TYR C 98 -59.69 -14.80 -30.81
N VAL C 99 -59.24 -15.97 -31.30
CA VAL C 99 -60.10 -16.78 -32.15
C VAL C 99 -61.33 -17.24 -31.38
N MET C 100 -61.14 -17.64 -30.12
CA MET C 100 -62.27 -18.09 -29.32
C MET C 100 -63.26 -16.96 -29.09
N ARG C 101 -62.77 -15.75 -28.83
CA ARG C 101 -63.68 -14.63 -28.67
C ARG C 101 -64.49 -14.39 -29.95
N LYS C 102 -63.82 -14.43 -31.11
CA LYS C 102 -64.53 -14.22 -32.37
C LYS C 102 -65.58 -15.31 -32.59
N GLU C 103 -65.24 -16.56 -32.28
CA GLU C 103 -66.19 -17.65 -32.46
C GLU C 103 -67.38 -17.49 -31.52
N GLU C 104 -67.14 -17.04 -30.29
CA GLU C 104 -68.25 -16.77 -29.39
C GLU C 104 -69.17 -15.71 -29.96
N LYS C 105 -68.59 -14.63 -30.49
CA LYS C 105 -69.42 -13.61 -31.15
C LYS C 105 -70.26 -14.23 -32.24
N LEU C 106 -69.62 -14.99 -33.15
CA LEU C 106 -70.35 -15.58 -34.27
C LEU C 106 -71.50 -16.45 -33.79
N ASN C 107 -71.20 -17.41 -32.91
CA ASN C 107 -72.19 -18.40 -32.52
C ASN C 107 -73.22 -17.86 -31.53
N LYS C 108 -72.99 -16.66 -30.98
CA LYS C 108 -73.99 -16.05 -30.11
C LYS C 108 -74.94 -15.16 -30.89
N LYS C 109 -74.40 -14.29 -31.76
CA LYS C 109 -75.26 -13.36 -32.48
C LYS C 109 -76.14 -14.06 -33.50
N GLU C 110 -75.73 -15.24 -33.97
CA GLU C 110 -76.44 -15.97 -35.01
C GLU C 110 -77.10 -17.24 -34.47
N GLU C 111 -77.68 -17.15 -33.27
CA GLU C 111 -78.38 -18.28 -32.68
C GLU C 111 -79.54 -18.71 -33.57
N ARG C 148 -60.07 -29.36 -40.59
CA ARG C 148 -58.88 -28.97 -39.84
C ARG C 148 -57.89 -28.24 -40.72
N GLY C 149 -57.02 -27.45 -40.10
CA GLY C 149 -56.00 -26.71 -40.83
C GLY C 149 -55.83 -25.29 -40.33
N GLY C 150 -56.90 -24.69 -39.82
CA GLY C 150 -56.81 -23.31 -39.36
C GLY C 150 -55.87 -23.15 -38.19
N LEU C 151 -56.04 -23.97 -37.15
CA LEU C 151 -55.21 -23.90 -35.96
C LEU C 151 -54.11 -24.95 -35.92
N LEU C 152 -54.27 -26.06 -36.63
CA LEU C 152 -53.25 -27.10 -36.65
C LEU C 152 -51.95 -26.58 -37.24
N ARG C 153 -52.05 -25.82 -38.34
CA ARG C 153 -50.86 -25.33 -39.03
C ARG C 153 -50.03 -24.44 -38.13
N THR C 154 -50.69 -23.52 -37.42
CA THR C 154 -49.97 -22.61 -36.52
C THR C 154 -49.31 -23.38 -35.39
N TYR C 155 -49.99 -24.38 -34.84
CA TYR C 155 -49.41 -25.20 -33.78
C TYR C 155 -48.16 -25.92 -34.27
N ILE C 156 -48.23 -26.51 -35.46
CA ILE C 156 -47.07 -27.20 -36.03
C ILE C 156 -45.92 -26.22 -36.22
N ILE C 157 -46.22 -25.03 -36.74
CA ILE C 157 -45.18 -24.03 -36.97
C ILE C 157 -44.52 -23.64 -35.65
N SER C 158 -45.33 -23.43 -34.60
CA SER C 158 -44.78 -23.04 -33.30
C SER C 158 -43.85 -24.13 -32.75
N ILE C 159 -44.27 -25.40 -32.85
CA ILE C 159 -43.43 -26.48 -32.34
C ILE C 159 -42.12 -26.53 -33.13
N LEU C 160 -42.21 -26.41 -34.45
CA LEU C 160 -41.01 -26.43 -35.28
C LEU C 160 -40.05 -25.32 -34.88
N PHE C 161 -40.57 -24.11 -34.66
CA PHE C 161 -39.71 -22.99 -34.31
C PHE C 161 -39.09 -23.18 -32.93
N LYS C 162 -39.83 -23.74 -31.97
CA LYS C 162 -39.23 -24.07 -30.68
C LYS C 162 -38.00 -24.96 -30.87
N SER C 163 -38.16 -26.05 -31.62
CA SER C 163 -37.04 -26.96 -31.83
C SER C 163 -35.89 -26.27 -32.55
N ILE C 164 -36.21 -25.45 -33.55
CA ILE C 164 -35.18 -24.76 -34.32
C ILE C 164 -34.36 -23.85 -33.42
N PHE C 165 -35.03 -23.06 -32.58
CA PHE C 165 -34.32 -22.17 -31.68
C PHE C 165 -33.44 -22.96 -30.71
N GLU C 166 -33.96 -24.06 -30.17
CA GLU C 166 -33.15 -24.86 -29.25
C GLU C 166 -31.88 -25.34 -29.93
N VAL C 167 -32.01 -25.90 -31.12
CA VAL C 167 -30.84 -26.43 -31.83
C VAL C 167 -29.85 -25.30 -32.15
N ALA C 168 -30.36 -24.16 -32.59
CA ALA C 168 -29.48 -23.04 -32.94
C ALA C 168 -28.68 -22.58 -31.73
N PHE C 169 -29.35 -22.43 -30.58
CA PHE C 169 -28.64 -22.01 -29.37
C PHE C 169 -27.59 -23.03 -28.96
N LEU C 170 -27.94 -24.32 -29.03
CA LEU C 170 -26.95 -25.34 -28.69
C LEU C 170 -25.73 -25.27 -29.60
N LEU C 171 -25.96 -25.12 -30.90
CA LEU C 171 -24.84 -25.04 -31.84
C LEU C 171 -23.97 -23.82 -31.57
N ILE C 172 -24.59 -22.67 -31.31
CA ILE C 172 -23.82 -21.46 -31.04
C ILE C 172 -22.97 -21.66 -29.78
N GLN C 173 -23.56 -22.22 -28.73
CA GLN C 173 -22.80 -22.44 -27.50
C GLN C 173 -21.65 -23.39 -27.73
N TRP C 174 -21.87 -24.46 -28.49
CA TRP C 174 -20.80 -25.40 -28.79
C TRP C 174 -19.67 -24.72 -29.54
N TYR C 175 -20.01 -23.88 -30.52
CA TYR C 175 -18.97 -23.21 -31.30
C TYR C 175 -18.18 -22.23 -30.45
N ILE C 176 -18.85 -21.48 -29.57
CA ILE C 176 -18.17 -20.41 -28.84
C ILE C 176 -17.36 -20.96 -27.67
N TYR C 177 -18.01 -21.71 -26.79
CA TYR C 177 -17.40 -22.10 -25.52
C TYR C 177 -17.06 -23.58 -25.43
N GLY C 178 -17.86 -24.45 -26.04
CA GLY C 178 -17.78 -25.86 -25.74
C GLY C 178 -18.68 -26.19 -24.56
N PHE C 179 -18.31 -27.17 -23.76
CA PHE C 179 -19.11 -27.57 -22.61
C PHE C 179 -18.23 -27.84 -21.40
N SER C 180 -17.21 -27.00 -21.20
CA SER C 180 -16.38 -27.07 -20.01
C SER C 180 -15.56 -25.79 -19.92
N LEU C 181 -15.02 -25.55 -18.72
CA LEU C 181 -14.19 -24.39 -18.46
C LEU C 181 -12.92 -24.81 -17.75
N SER C 182 -11.79 -24.24 -18.17
CA SER C 182 -10.49 -24.53 -17.58
C SER C 182 -10.12 -23.44 -16.57
N ALA C 183 -9.26 -23.83 -15.63
CA ALA C 183 -8.89 -22.92 -14.54
C ALA C 183 -7.99 -21.80 -15.01
N VAL C 184 -7.11 -22.06 -15.97
CA VAL C 184 -6.10 -21.10 -16.42
C VAL C 184 -6.41 -20.71 -17.86
N TYR C 185 -6.33 -19.41 -18.13
CA TYR C 185 -6.56 -18.85 -19.46
C TYR C 185 -5.34 -18.06 -19.91
N THR C 186 -5.00 -18.20 -21.18
CA THR C 186 -3.86 -17.50 -21.77
C THR C 186 -4.37 -16.34 -22.62
N CYS C 187 -3.88 -15.14 -22.33
CA CYS C 187 -4.36 -13.91 -22.95
C CYS C 187 -3.25 -13.28 -23.77
N LYS C 188 -3.57 -12.91 -25.01
CA LYS C 188 -2.64 -12.33 -25.96
C LYS C 188 -3.27 -11.12 -26.66
N ARG C 189 -3.84 -10.21 -25.87
CA ARG C 189 -4.51 -9.03 -26.39
C ARG C 189 -3.87 -7.77 -25.85
N ASP C 190 -3.79 -6.74 -26.69
CA ASP C 190 -3.25 -5.46 -26.26
C ASP C 190 -4.15 -4.85 -25.19
N PRO C 191 -3.59 -4.07 -24.26
CA PRO C 191 -2.19 -3.65 -24.19
C PRO C 191 -1.28 -4.61 -23.42
N CYS C 192 -1.76 -5.80 -23.13
CA CYS C 192 -0.96 -6.77 -22.40
C CYS C 192 0.31 -7.10 -23.20
N PRO C 193 1.48 -7.09 -22.59
CA PRO C 193 2.70 -7.47 -23.32
C PRO C 193 2.87 -8.98 -23.41
N HIS C 194 3.24 -9.43 -24.61
CA HIS C 194 3.47 -10.86 -24.88
C HIS C 194 2.19 -11.60 -24.50
N GLN C 195 2.27 -12.68 -23.73
CA GLN C 195 1.12 -13.42 -23.26
C GLN C 195 1.09 -13.40 -21.74
N VAL C 196 -0.11 -13.43 -21.16
CA VAL C 196 -0.27 -13.43 -19.71
C VAL C 196 -1.22 -14.55 -19.31
N ASP C 197 -1.09 -14.95 -18.05
CA ASP C 197 -1.93 -15.99 -17.46
C ASP C 197 -2.99 -15.35 -16.56
N CYS C 198 -4.23 -15.82 -16.70
CA CYS C 198 -5.35 -15.36 -15.90
C CYS C 198 -6.07 -16.56 -15.31
N PHE C 199 -6.78 -16.32 -14.21
CA PHE C 199 -7.39 -17.38 -13.43
C PHE C 199 -8.88 -17.09 -13.24
N LEU C 200 -9.71 -18.10 -13.52
CA LEU C 200 -11.15 -17.96 -13.44
C LEU C 200 -11.65 -18.17 -12.01
N SER C 201 -12.95 -17.95 -11.83
CA SER C 201 -13.62 -18.14 -10.56
C SER C 201 -14.61 -19.31 -10.67
N ARG C 202 -14.47 -20.27 -9.76
CA ARG C 202 -15.38 -21.40 -9.64
C ARG C 202 -15.53 -22.17 -10.95
N PRO C 203 -14.44 -22.61 -11.58
CA PRO C 203 -14.58 -23.34 -12.86
C PRO C 203 -15.32 -24.67 -12.74
N THR C 204 -15.07 -25.44 -11.69
CA THR C 204 -15.65 -26.77 -11.59
C THR C 204 -17.16 -26.71 -11.40
N GLU C 205 -17.62 -25.83 -10.51
CA GLU C 205 -19.05 -25.68 -10.27
C GLU C 205 -19.77 -25.23 -11.53
N LYS C 206 -19.18 -24.29 -12.25
CA LYS C 206 -19.77 -23.81 -13.49
C LYS C 206 -19.80 -24.92 -14.55
N THR C 207 -18.76 -25.76 -14.60
CA THR C 207 -18.79 -26.90 -15.50
C THR C 207 -19.94 -27.84 -15.18
N ILE C 208 -20.14 -28.12 -13.89
CA ILE C 208 -21.23 -29.00 -13.47
C ILE C 208 -22.57 -28.43 -13.92
N PHE C 209 -22.79 -27.14 -13.67
CA PHE C 209 -24.05 -26.53 -14.05
C PHE C 209 -24.22 -26.47 -15.57
N ILE C 210 -23.13 -26.27 -16.31
CA ILE C 210 -23.19 -26.29 -17.77
C ILE C 210 -23.68 -27.65 -18.26
N ILE C 211 -23.13 -28.72 -17.69
CA ILE C 211 -23.57 -30.06 -18.07
C ILE C 211 -25.04 -30.25 -17.76
N PHE C 212 -25.48 -29.79 -16.59
CA PHE C 212 -26.90 -29.90 -16.23
C PHE C 212 -27.78 -29.21 -17.27
N MET C 213 -27.41 -27.98 -17.65
CA MET C 213 -28.23 -27.23 -18.61
C MET C 213 -28.24 -27.91 -19.97
N LEU C 214 -27.10 -28.48 -20.38
CA LEU C 214 -27.05 -29.21 -21.64
C LEU C 214 -28.03 -30.39 -21.62
N VAL C 215 -28.05 -31.14 -20.52
CA VAL C 215 -28.95 -32.27 -20.42
C VAL C 215 -30.41 -31.81 -20.51
N VAL C 216 -30.73 -30.72 -19.80
CA VAL C 216 -32.11 -30.22 -19.83
C VAL C 216 -32.51 -29.83 -21.25
N SER C 217 -31.62 -29.13 -21.96
CA SER C 217 -31.94 -28.71 -23.32
C SER C 217 -32.15 -29.92 -24.23
N LEU C 218 -31.31 -30.93 -24.11
CA LEU C 218 -31.47 -32.12 -24.93
C LEU C 218 -32.81 -32.81 -24.66
N VAL C 219 -33.20 -32.90 -23.39
CA VAL C 219 -34.48 -33.52 -23.06
C VAL C 219 -35.63 -32.74 -23.68
N SER C 220 -35.59 -31.41 -23.58
CA SER C 220 -36.66 -30.61 -24.16
C SER C 220 -36.75 -30.80 -25.67
N LEU C 221 -35.60 -30.81 -26.35
CA LEU C 221 -35.59 -31.02 -27.79
C LEU C 221 -36.19 -32.38 -28.15
N ALA C 222 -35.82 -33.41 -27.40
CA ALA C 222 -36.36 -34.74 -27.67
C ALA C 222 -37.87 -34.77 -27.52
N LEU C 223 -38.39 -34.14 -26.46
CA LEU C 223 -39.83 -34.13 -26.26
C LEU C 223 -40.54 -33.42 -27.40
N ASN C 224 -40.01 -32.28 -27.85
CA ASN C 224 -40.64 -31.56 -28.95
C ASN C 224 -40.63 -32.39 -30.22
N ILE C 225 -39.52 -33.06 -30.51
CA ILE C 225 -39.45 -33.91 -31.70
C ILE C 225 -40.47 -35.03 -31.60
N ILE C 226 -40.64 -35.60 -30.41
CA ILE C 226 -41.63 -36.66 -30.22
C ILE C 226 -43.03 -36.13 -30.51
N GLU C 227 -43.34 -34.92 -30.04
CA GLU C 227 -44.65 -34.35 -30.33
C GLU C 227 -44.86 -34.16 -31.82
N LEU C 228 -43.84 -33.66 -32.52
CA LEU C 228 -43.96 -33.50 -33.98
C LEU C 228 -44.23 -34.83 -34.66
N PHE C 229 -43.47 -35.87 -34.29
CA PHE C 229 -43.68 -37.17 -34.90
C PHE C 229 -45.07 -37.70 -34.60
N TYR C 230 -45.57 -37.49 -33.38
CA TYR C 230 -46.91 -37.98 -33.04
C TYR C 230 -47.97 -37.31 -33.90
N VAL C 231 -47.90 -35.98 -34.03
CA VAL C 231 -48.91 -35.29 -34.82
C VAL C 231 -48.85 -35.74 -36.27
N PHE C 232 -47.64 -35.86 -36.84
CA PHE C 232 -47.55 -36.25 -38.24
C PHE C 232 -47.98 -37.69 -38.45
N PHE C 233 -47.72 -38.58 -37.49
CA PHE C 233 -48.12 -39.97 -37.62
C PHE C 233 -49.62 -40.17 -37.39
N LYS C 234 -50.27 -39.28 -36.65
CA LYS C 234 -51.72 -39.35 -36.57
C LYS C 234 -52.39 -38.67 -37.76
N GLY C 235 -51.69 -37.75 -38.44
CA GLY C 235 -52.23 -37.15 -39.65
C GLY C 235 -52.15 -38.04 -40.87
N VAL C 236 -51.25 -39.02 -40.88
CA VAL C 236 -51.09 -39.87 -42.05
C VAL C 236 -52.30 -40.79 -42.23
N LYS C 237 -52.81 -41.34 -41.13
CA LYS C 237 -53.91 -42.28 -41.21
C LYS C 237 -55.22 -41.63 -41.61
N ASP C 238 -55.29 -40.30 -41.62
CA ASP C 238 -56.49 -39.58 -42.02
C ASP C 238 -57.67 -39.96 -41.11
N GLY D 2 -67.76 -14.09 -9.97
CA GLY D 2 -67.36 -13.77 -11.32
C GLY D 2 -67.66 -12.35 -11.70
N ASP D 3 -66.63 -11.52 -11.82
CA ASP D 3 -66.78 -10.10 -12.10
C ASP D 3 -65.73 -9.63 -13.11
N TRP D 4 -65.49 -10.43 -14.15
CA TRP D 4 -64.49 -10.11 -15.16
C TRP D 4 -65.11 -9.70 -16.51
N SER D 5 -66.43 -9.48 -16.54
CA SER D 5 -67.10 -9.20 -17.81
C SER D 5 -66.81 -7.79 -18.32
N ALA D 6 -66.92 -6.79 -17.45
CA ALA D 6 -66.68 -5.42 -17.88
C ALA D 6 -65.27 -5.25 -18.41
N LEU D 7 -64.33 -6.04 -17.89
CA LEU D 7 -62.97 -6.02 -18.42
C LEU D 7 -62.95 -6.48 -19.87
N GLY D 8 -63.71 -7.52 -20.20
CA GLY D 8 -63.81 -7.94 -21.59
C GLY D 8 -64.41 -6.86 -22.47
N LYS D 9 -65.46 -6.19 -21.98
CA LYS D 9 -66.05 -5.11 -22.76
C LYS D 9 -65.03 -4.00 -22.99
N LEU D 10 -64.29 -3.64 -21.95
CA LEU D 10 -63.27 -2.58 -22.07
C LEU D 10 -62.22 -2.98 -23.10
N LEU D 11 -61.75 -4.23 -23.04
CA LEU D 11 -60.75 -4.68 -24.00
C LEU D 11 -61.28 -4.62 -25.42
N ASP D 12 -62.53 -5.06 -25.62
CA ASP D 12 -63.10 -5.01 -26.96
C ASP D 12 -63.20 -3.59 -27.48
N LYS D 13 -63.63 -2.66 -26.62
CA LYS D 13 -63.80 -1.29 -27.10
C LYS D 13 -62.47 -0.60 -27.34
N VAL D 14 -61.43 -0.97 -26.59
CA VAL D 14 -60.12 -0.34 -26.79
C VAL D 14 -59.55 -0.70 -28.15
N GLN D 15 -59.69 -1.96 -28.56
CA GLN D 15 -59.06 -2.47 -29.79
C GLN D 15 -60.03 -2.51 -30.95
N ALA D 16 -60.93 -1.54 -31.05
CA ALA D 16 -61.93 -1.55 -32.11
C ALA D 16 -61.29 -1.43 -33.49
N TYR D 17 -60.30 -0.55 -33.64
CA TYR D 17 -59.76 -0.19 -34.95
C TYR D 17 -58.44 -0.88 -35.27
N SER D 18 -58.00 -1.83 -34.44
CA SER D 18 -56.72 -2.49 -34.66
C SER D 18 -56.89 -3.75 -35.49
N THR D 19 -55.80 -4.16 -36.14
CA THR D 19 -55.80 -5.36 -36.96
C THR D 19 -55.76 -6.61 -36.07
N ALA D 20 -56.05 -7.75 -36.70
CA ALA D 20 -56.10 -9.00 -35.96
C ALA D 20 -54.71 -9.40 -35.44
N GLY D 21 -53.69 -9.28 -36.28
CA GLY D 21 -52.37 -9.72 -35.89
C GLY D 21 -51.60 -8.73 -35.03
N GLY D 22 -51.90 -7.45 -35.19
CA GLY D 22 -51.16 -6.43 -34.45
C GLY D 22 -51.27 -6.62 -32.95
N LYS D 23 -52.46 -6.96 -32.47
CA LYS D 23 -52.65 -7.19 -31.04
C LYS D 23 -51.60 -8.15 -30.51
N VAL D 24 -51.59 -9.38 -31.04
CA VAL D 24 -50.72 -10.42 -30.51
C VAL D 24 -49.25 -10.00 -30.65
N TRP D 25 -48.86 -9.59 -31.86
CA TRP D 25 -47.44 -9.32 -32.09
C TRP D 25 -46.95 -8.19 -31.21
N LEU D 26 -47.72 -7.11 -31.11
CA LEU D 26 -47.28 -5.95 -30.34
C LEU D 26 -47.26 -6.24 -28.85
N SER D 27 -48.28 -6.94 -28.33
CA SER D 27 -48.29 -7.26 -26.90
C SER D 27 -47.14 -8.17 -26.53
N VAL D 28 -46.88 -9.20 -27.35
CA VAL D 28 -45.79 -10.11 -27.05
C VAL D 28 -44.45 -9.38 -27.17
N LEU D 29 -44.35 -8.44 -28.12
CA LEU D 29 -43.12 -7.65 -28.22
C LEU D 29 -42.91 -6.81 -26.98
N PHE D 30 -43.97 -6.22 -26.44
CA PHE D 30 -43.85 -5.44 -25.21
C PHE D 30 -43.37 -6.31 -24.05
N ILE D 31 -43.96 -7.50 -23.92
CA ILE D 31 -43.56 -8.40 -22.84
C ILE D 31 -42.10 -8.80 -23.00
N PHE D 32 -41.70 -9.14 -24.23
CA PHE D 32 -40.31 -9.49 -24.51
C PHE D 32 -39.38 -8.36 -24.15
N ARG D 33 -39.75 -7.13 -24.52
CA ARG D 33 -38.92 -5.96 -24.23
C ARG D 33 -38.72 -5.80 -22.74
N ILE D 34 -39.81 -5.83 -21.97
CA ILE D 34 -39.68 -5.61 -20.53
C ILE D 34 -38.86 -6.73 -19.89
N LEU D 35 -39.12 -7.99 -20.26
CA LEU D 35 -38.38 -9.09 -19.66
C LEU D 35 -36.90 -8.99 -19.98
N LEU D 36 -36.56 -8.71 -21.23
CA LEU D 36 -35.15 -8.61 -21.61
C LEU D 36 -34.47 -7.46 -20.87
N LEU D 37 -35.14 -6.33 -20.76
CA LEU D 37 -34.54 -5.20 -20.06
C LEU D 37 -34.36 -5.49 -18.58
N GLY D 38 -35.30 -6.22 -17.97
CA GLY D 38 -35.28 -6.42 -16.53
C GLY D 38 -34.38 -7.53 -16.06
N THR D 39 -34.25 -8.62 -16.84
CA THR D 39 -33.53 -9.79 -16.36
C THR D 39 -32.05 -9.76 -16.70
N ALA D 40 -31.73 -9.70 -17.99
CA ALA D 40 -30.35 -9.85 -18.45
C ALA D 40 -29.63 -8.52 -18.65
N VAL D 41 -30.29 -7.56 -19.30
CA VAL D 41 -29.62 -6.32 -19.69
C VAL D 41 -29.16 -5.54 -18.45
N GLU D 42 -30.04 -5.43 -17.46
CA GLU D 42 -29.76 -4.55 -16.33
C GLU D 42 -28.53 -5.02 -15.54
N SER D 43 -28.36 -6.32 -15.40
CA SER D 43 -27.26 -6.83 -14.59
C SER D 43 -25.91 -6.64 -15.26
N ALA D 44 -25.87 -6.59 -16.59
CA ALA D 44 -24.61 -6.47 -17.31
C ALA D 44 -23.98 -5.09 -17.16
N TRP D 45 -24.76 -4.08 -16.78
CA TRP D 45 -24.26 -2.72 -16.59
C TRP D 45 -23.98 -2.40 -15.14
N GLY D 46 -24.01 -3.40 -14.25
CA GLY D 46 -23.88 -3.12 -12.83
C GLY D 46 -22.56 -2.47 -12.48
N ASP D 47 -21.46 -3.05 -12.91
CA ASP D 47 -20.13 -2.52 -12.64
C ASP D 47 -19.62 -1.63 -13.77
N GLU D 48 -20.46 -0.67 -14.19
CA GLU D 48 -20.09 0.17 -15.33
C GLU D 48 -19.02 1.19 -14.94
N GLN D 49 -19.08 1.71 -13.71
CA GLN D 49 -18.11 2.69 -13.25
C GLN D 49 -17.06 2.11 -12.32
N SER D 50 -17.41 1.09 -11.52
CA SER D 50 -16.46 0.51 -10.59
C SER D 50 -15.32 -0.19 -11.32
N ALA D 51 -15.61 -0.83 -12.45
CA ALA D 51 -14.59 -1.52 -13.23
C ALA D 51 -13.95 -0.64 -14.31
N PHE D 52 -14.38 0.61 -14.42
CA PHE D 52 -13.78 1.56 -15.35
C PHE D 52 -12.43 2.00 -14.82
N ARG D 53 -11.40 1.92 -15.66
CA ARG D 53 -10.04 2.21 -15.23
C ARG D 53 -9.32 3.05 -16.29
N CYS D 54 -8.38 3.87 -15.82
CA CYS D 54 -7.56 4.71 -16.68
C CYS D 54 -6.11 4.60 -16.23
N ASN D 55 -5.20 4.85 -17.17
CA ASN D 55 -3.76 4.77 -16.91
C ASN D 55 -3.26 6.17 -16.56
N THR D 56 -3.22 6.46 -15.26
CA THR D 56 -2.77 7.76 -14.80
C THR D 56 -2.71 7.75 -13.28
N GLN D 57 -1.93 8.69 -12.74
CA GLN D 57 -1.86 8.95 -11.31
C GLN D 57 -2.57 10.22 -10.91
N GLN D 58 -3.21 10.91 -11.83
CA GLN D 58 -3.84 12.20 -11.53
C GLN D 58 -5.16 11.96 -10.79
N PRO D 59 -5.32 12.48 -9.57
CA PRO D 59 -6.60 12.33 -8.88
C PRO D 59 -7.70 13.12 -9.58
N GLY D 60 -8.86 12.50 -9.69
CA GLY D 60 -10.00 13.11 -10.35
C GLY D 60 -10.12 12.85 -11.83
N CYS D 61 -9.09 12.30 -12.46
CA CYS D 61 -9.13 12.10 -13.91
C CYS D 61 -10.12 11.02 -14.29
N GLU D 62 -10.18 9.93 -13.52
CA GLU D 62 -11.10 8.85 -13.84
C GLU D 62 -12.55 9.33 -13.81
N ASN D 63 -12.90 10.14 -12.80
CA ASN D 63 -14.27 10.64 -12.71
C ASN D 63 -14.67 11.40 -13.96
N VAL D 64 -13.86 12.39 -14.36
CA VAL D 64 -14.22 13.24 -15.48
C VAL D 64 -14.18 12.45 -16.78
N CYS D 65 -13.23 11.53 -16.92
CA CYS D 65 -13.15 10.75 -18.15
C CYS D 65 -14.36 9.82 -18.29
N TYR D 66 -14.78 9.19 -17.20
CA TYR D 66 -15.99 8.38 -17.25
C TYR D 66 -17.21 9.24 -17.57
N ASP D 67 -17.30 10.42 -16.96
CA ASP D 67 -18.44 11.29 -17.24
C ASP D 67 -18.48 11.69 -18.71
N LYS D 68 -17.32 12.00 -19.29
CA LYS D 68 -17.27 12.38 -20.70
C LYS D 68 -17.62 11.20 -21.60
N SER D 69 -17.12 10.01 -21.28
CA SER D 69 -17.38 8.84 -22.12
C SER D 69 -18.86 8.48 -22.14
N PHE D 70 -19.53 8.57 -20.99
CA PHE D 70 -20.92 8.12 -20.85
C PHE D 70 -21.75 9.25 -20.24
N PRO D 71 -22.24 10.18 -21.07
CA PRO D 71 -23.15 11.21 -20.53
C PRO D 71 -24.40 10.64 -19.89
N ILE D 72 -24.92 9.52 -20.40
CA ILE D 72 -26.04 8.84 -19.80
C ILE D 72 -25.90 7.35 -20.09
N SER D 73 -26.31 6.53 -19.12
CA SER D 73 -26.21 5.09 -19.27
C SER D 73 -27.23 4.58 -20.28
N HIS D 74 -26.87 3.50 -20.97
CA HIS D 74 -27.75 2.91 -21.96
C HIS D 74 -29.03 2.39 -21.34
N VAL D 75 -28.93 1.75 -20.18
CA VAL D 75 -30.10 1.12 -19.57
C VAL D 75 -31.13 2.18 -19.17
N ARG D 76 -30.68 3.28 -18.57
CA ARG D 76 -31.61 4.32 -18.16
C ARG D 76 -32.21 5.03 -19.37
N PHE D 77 -31.41 5.20 -20.43
CA PHE D 77 -31.93 5.72 -21.69
C PHE D 77 -33.05 4.85 -22.24
N TRP D 78 -32.86 3.52 -22.20
CA TRP D 78 -33.87 2.61 -22.70
C TRP D 78 -35.11 2.61 -21.80
N VAL D 79 -34.93 2.77 -20.49
CA VAL D 79 -36.08 2.87 -19.59
C VAL D 79 -36.90 4.11 -19.94
N LEU D 80 -36.23 5.24 -20.14
CA LEU D 80 -36.93 6.45 -20.56
C LEU D 80 -37.66 6.22 -21.89
N GLN D 81 -36.99 5.57 -22.83
CA GLN D 81 -37.60 5.32 -24.13
C GLN D 81 -38.88 4.50 -23.99
N ILE D 82 -38.83 3.43 -23.21
CA ILE D 82 -40.00 2.56 -23.11
C ILE D 82 -41.13 3.26 -22.38
N ILE D 83 -40.81 4.04 -21.34
CA ILE D 83 -41.87 4.79 -20.65
C ILE D 83 -42.54 5.78 -21.59
N PHE D 84 -41.74 6.50 -22.37
CA PHE D 84 -42.31 7.48 -23.30
C PHE D 84 -43.14 6.78 -24.38
N VAL D 85 -42.69 5.63 -24.86
CA VAL D 85 -43.45 4.90 -25.87
C VAL D 85 -44.73 4.32 -25.29
N SER D 86 -44.77 4.07 -23.98
CA SER D 86 -45.93 3.43 -23.38
C SER D 86 -46.99 4.41 -22.88
N VAL D 87 -46.61 5.63 -22.50
CA VAL D 87 -47.58 6.55 -21.88
C VAL D 87 -48.82 6.77 -22.75
N PRO D 88 -48.72 6.96 -24.07
CA PRO D 88 -49.93 7.31 -24.84
C PRO D 88 -51.03 6.27 -24.75
N THR D 89 -50.66 4.98 -24.74
CA THR D 89 -51.67 3.94 -24.63
C THR D 89 -52.39 4.00 -23.29
N LEU D 90 -51.65 4.29 -22.22
CA LEU D 90 -52.29 4.44 -20.92
C LEU D 90 -53.27 5.61 -20.92
N LEU D 91 -52.87 6.73 -21.54
CA LEU D 91 -53.79 7.86 -21.65
C LEU D 91 -55.05 7.47 -22.40
N TYR D 92 -54.89 6.75 -23.52
CA TYR D 92 -56.04 6.34 -24.31
C TYR D 92 -56.95 5.41 -23.53
N LEU D 93 -56.36 4.48 -22.77
CA LEU D 93 -57.16 3.57 -21.95
C LEU D 93 -57.98 4.34 -20.93
N ALA D 94 -57.36 5.31 -20.25
CA ALA D 94 -58.08 6.09 -19.26
C ALA D 94 -59.23 6.86 -19.90
N HIS D 95 -58.96 7.48 -21.06
CA HIS D 95 -60.00 8.22 -21.76
C HIS D 95 -61.17 7.32 -22.12
N VAL D 96 -60.87 6.12 -22.63
CA VAL D 96 -61.93 5.19 -23.02
C VAL D 96 -62.73 4.76 -21.81
N PHE D 97 -62.05 4.50 -20.69
CA PHE D 97 -62.75 4.09 -19.48
C PHE D 97 -63.75 5.16 -19.04
N TYR D 98 -63.30 6.42 -18.97
CA TYR D 98 -64.20 7.48 -18.55
C TYR D 98 -65.34 7.70 -19.54
N VAL D 99 -65.05 7.60 -20.84
CA VAL D 99 -66.11 7.73 -21.83
C VAL D 99 -67.15 6.64 -21.67
N MET D 100 -66.70 5.40 -21.42
CA MET D 100 -67.64 4.30 -21.24
C MET D 100 -68.52 4.53 -20.02
N ARG D 101 -67.94 5.01 -18.93
CA ARG D 101 -68.75 5.31 -17.75
C ARG D 101 -69.81 6.36 -18.07
N LYS D 102 -69.42 7.42 -18.77
CA LYS D 102 -70.39 8.46 -19.12
C LYS D 102 -71.49 7.92 -20.02
N GLU D 103 -71.13 7.07 -20.98
CA GLU D 103 -72.15 6.50 -21.86
C GLU D 103 -73.09 5.57 -21.09
N GLU D 104 -72.56 4.82 -20.12
CA GLU D 104 -73.43 4.00 -19.29
C GLU D 104 -74.42 4.87 -18.53
N LYS D 105 -73.95 5.97 -17.95
CA LYS D 105 -74.85 6.90 -17.29
C LYS D 105 -75.95 7.36 -18.25
N LEU D 106 -75.55 7.84 -19.43
CA LEU D 106 -76.52 8.36 -20.39
C LEU D 106 -77.56 7.31 -20.74
N ASN D 107 -77.12 6.13 -21.16
CA ASN D 107 -78.03 5.11 -21.68
C ASN D 107 -78.78 4.38 -20.58
N LYS D 108 -78.40 4.57 -19.32
CA LYS D 108 -79.16 3.98 -18.22
C LYS D 108 -80.23 4.95 -17.70
N LYS D 109 -79.87 6.21 -17.47
CA LYS D 109 -80.84 7.14 -16.90
C LYS D 109 -81.94 7.48 -17.89
N GLU D 110 -81.69 7.33 -19.19
CA GLU D 110 -82.64 7.71 -20.23
C GLU D 110 -83.21 6.49 -20.95
N GLU D 111 -83.49 5.43 -20.19
CA GLU D 111 -84.10 4.24 -20.76
C GLU D 111 -85.43 4.55 -21.42
N ARG D 148 -68.39 8.35 -36.80
CA ARG D 148 -67.05 8.12 -36.27
C ARG D 148 -66.25 9.42 -36.22
N GLY D 149 -65.24 9.46 -35.36
CA GLY D 149 -64.39 10.62 -35.23
C GLY D 149 -64.05 10.97 -33.80
N GLY D 150 -64.97 10.66 -32.87
CA GLY D 150 -64.73 11.00 -31.48
C GLY D 150 -63.54 10.27 -30.88
N LEU D 151 -63.51 8.94 -31.06
CA LEU D 151 -62.43 8.12 -30.52
C LEU D 151 -61.38 7.74 -31.56
N LEU D 152 -61.75 7.73 -32.84
CA LEU D 152 -60.79 7.39 -33.89
C LEU D 152 -59.63 8.39 -33.93
N ARG D 153 -59.95 9.67 -33.81
CA ARG D 153 -58.93 10.72 -33.90
C ARG D 153 -57.89 10.56 -32.80
N THR D 154 -58.34 10.33 -31.57
CA THR D 154 -57.41 10.17 -30.45
C THR D 154 -56.53 8.94 -30.64
N TYR D 155 -57.11 7.84 -31.13
CA TYR D 155 -56.34 6.63 -31.39
C TYR D 155 -55.25 6.89 -32.43
N ILE D 156 -55.61 7.57 -33.51
CA ILE D 156 -54.63 7.89 -34.55
C ILE D 156 -53.52 8.76 -33.97
N ILE D 157 -53.88 9.76 -33.17
CA ILE D 157 -52.89 10.65 -32.57
C ILE D 157 -51.95 9.85 -31.67
N SER D 158 -52.49 8.94 -30.87
CA SER D 158 -51.66 8.14 -29.98
C SER D 158 -50.67 7.29 -30.76
N ILE D 159 -51.13 6.63 -31.82
CA ILE D 159 -50.23 5.81 -32.63
C ILE D 159 -49.13 6.67 -33.25
N LEU D 160 -49.51 7.82 -33.79
CA LEU D 160 -48.53 8.72 -34.38
C LEU D 160 -47.47 9.13 -33.37
N PHE D 161 -47.89 9.47 -32.16
CA PHE D 161 -46.93 9.89 -31.14
C PHE D 161 -46.02 8.75 -30.71
N LYS D 162 -46.56 7.52 -30.62
CA LYS D 162 -45.69 6.38 -30.34
C LYS D 162 -44.57 6.30 -31.37
N SER D 163 -44.93 6.34 -32.65
CA SER D 163 -43.91 6.24 -33.70
C SER D 163 -42.93 7.40 -33.63
N ILE D 164 -43.44 8.60 -33.37
CA ILE D 164 -42.58 9.79 -33.32
C ILE D 164 -41.55 9.65 -32.21
N PHE D 165 -42.00 9.22 -31.02
CA PHE D 165 -41.06 9.05 -29.91
C PHE D 165 -40.02 7.98 -30.23
N GLU D 166 -40.45 6.88 -30.83
CA GLU D 166 -39.49 5.83 -31.18
C GLU D 166 -38.40 6.37 -32.11
N VAL D 167 -38.82 7.07 -33.16
CA VAL D 167 -37.86 7.59 -34.13
C VAL D 167 -36.94 8.61 -33.47
N ALA D 168 -37.49 9.49 -32.63
CA ALA D 168 -36.66 10.50 -31.98
C ALA D 168 -35.61 9.86 -31.10
N PHE D 169 -35.99 8.85 -30.30
CA PHE D 169 -35.02 8.19 -29.44
C PHE D 169 -33.94 7.50 -30.26
N LEU D 170 -34.33 6.84 -31.36
CA LEU D 170 -33.33 6.19 -32.20
C LEU D 170 -32.35 7.21 -32.77
N LEU D 171 -32.85 8.34 -33.25
CA LEU D 171 -31.96 9.36 -33.80
C LEU D 171 -31.01 9.91 -32.75
N ILE D 172 -31.53 10.18 -31.55
CA ILE D 172 -30.68 10.70 -30.48
C ILE D 172 -29.58 9.70 -30.15
N GLN D 173 -29.93 8.42 -30.02
CA GLN D 173 -28.92 7.41 -29.71
C GLN D 173 -27.89 7.31 -30.82
N TRP D 174 -28.32 7.37 -32.08
CA TRP D 174 -27.36 7.31 -33.18
C TRP D 174 -26.40 8.49 -33.13
N TYR D 175 -26.92 9.69 -32.85
CA TYR D 175 -26.07 10.87 -32.80
C TYR D 175 -25.07 10.80 -31.65
N ILE D 176 -25.51 10.32 -30.49
CA ILE D 176 -24.64 10.39 -29.31
C ILE D 176 -23.62 9.26 -29.31
N TYR D 177 -24.08 8.01 -29.42
CA TYR D 177 -23.21 6.86 -29.22
C TYR D 177 -22.92 6.07 -30.49
N GLY D 178 -23.85 6.02 -31.43
CA GLY D 178 -23.76 5.04 -32.50
C GLY D 178 -24.38 3.74 -32.07
N PHE D 179 -23.87 2.61 -32.56
CA PHE D 179 -24.41 1.31 -32.21
C PHE D 179 -23.30 0.31 -31.97
N SER D 180 -22.23 0.74 -31.30
CA SER D 180 -21.16 -0.15 -30.89
C SER D 180 -20.30 0.57 -29.87
N LEU D 181 -19.50 -0.20 -29.14
CA LEU D 181 -18.58 0.32 -28.14
C LEU D 181 -17.20 -0.28 -28.33
N SER D 182 -16.18 0.57 -28.21
CA SER D 182 -14.80 0.15 -28.35
C SER D 182 -14.17 -0.09 -26.97
N ALA D 183 -13.13 -0.92 -26.95
CA ALA D 183 -12.50 -1.30 -25.70
C ALA D 183 -11.69 -0.17 -25.10
N VAL D 184 -11.06 0.65 -25.92
CA VAL D 184 -10.14 1.70 -25.47
C VAL D 184 -10.75 3.06 -25.80
N TYR D 185 -10.68 3.98 -24.84
CA TYR D 185 -11.20 5.33 -24.98
C TYR D 185 -10.07 6.32 -24.70
N THR D 186 -10.03 7.39 -25.50
CA THR D 186 -9.04 8.44 -25.36
C THR D 186 -9.68 9.66 -24.71
N CYS D 187 -9.09 10.13 -23.61
CA CYS D 187 -9.66 11.18 -22.79
C CYS D 187 -8.74 12.40 -22.82
N LYS D 188 -9.32 13.56 -23.07
CA LYS D 188 -8.60 14.83 -23.18
C LYS D 188 -9.32 15.92 -22.39
N ARG D 189 -9.67 15.63 -21.14
CA ARG D 189 -10.41 16.56 -20.30
C ARG D 189 -9.61 16.87 -19.04
N ASP D 190 -9.68 18.12 -18.60
CA ASP D 190 -9.03 18.51 -17.36
C ASP D 190 -9.65 17.77 -16.18
N PRO D 191 -8.86 17.49 -15.13
CA PRO D 191 -7.47 17.89 -14.92
C PRO D 191 -6.45 16.91 -15.49
N CYS D 192 -6.89 15.97 -16.32
CA CYS D 192 -5.97 15.00 -16.90
C CYS D 192 -4.94 15.72 -17.75
N PRO D 193 -3.65 15.41 -17.61
CA PRO D 193 -2.65 16.05 -18.46
C PRO D 193 -2.54 15.38 -19.83
N HIS D 194 -2.46 16.21 -20.86
CA HIS D 194 -2.35 15.75 -22.26
C HIS D 194 -3.54 14.82 -22.53
N GLN D 195 -3.33 13.63 -23.09
CA GLN D 195 -4.37 12.65 -23.31
C GLN D 195 -4.06 11.38 -22.53
N VAL D 196 -5.11 10.68 -22.10
CA VAL D 196 -4.94 9.44 -21.36
C VAL D 196 -5.80 8.35 -21.98
N ASP D 197 -5.42 7.11 -21.72
CA ASP D 197 -6.14 5.93 -22.20
C ASP D 197 -6.95 5.32 -21.06
N CYS D 198 -8.20 4.98 -21.36
CA CYS D 198 -9.10 4.35 -20.39
C CYS D 198 -9.71 3.12 -21.03
N PHE D 199 -10.15 2.20 -20.18
CA PHE D 199 -10.61 0.88 -20.62
C PHE D 199 -12.00 0.61 -20.06
N LEU D 200 -12.91 0.19 -20.93
CA LEU D 200 -14.30 -0.06 -20.58
C LEU D 200 -14.47 -1.45 -19.98
N SER D 201 -15.68 -1.72 -19.51
CA SER D 201 -16.06 -3.01 -18.95
C SER D 201 -17.09 -3.68 -19.86
N ARG D 202 -16.79 -4.91 -20.26
CA ARG D 202 -17.69 -5.75 -21.04
C ARG D 202 -18.15 -5.08 -22.32
N PRO D 203 -17.24 -4.59 -23.17
CA PRO D 203 -17.68 -3.91 -24.40
C PRO D 203 -18.41 -4.82 -25.38
N THR D 204 -17.97 -6.07 -25.56
CA THR D 204 -18.56 -6.93 -26.57
C THR D 204 -19.99 -7.32 -26.20
N GLU D 205 -20.21 -7.71 -24.94
CA GLU D 205 -21.54 -8.07 -24.49
C GLU D 205 -22.51 -6.90 -24.63
N LYS D 206 -22.06 -5.71 -24.25
CA LYS D 206 -22.90 -4.52 -24.38
C LYS D 206 -23.20 -4.22 -25.85
N THR D 207 -22.23 -4.43 -26.74
CA THR D 207 -22.49 -4.26 -28.17
C THR D 207 -23.58 -5.22 -28.64
N ILE D 208 -23.49 -6.48 -28.22
CA ILE D 208 -24.49 -7.47 -28.61
C ILE D 208 -25.88 -7.03 -28.16
N PHE D 209 -25.99 -6.62 -26.90
CA PHE D 209 -27.30 -6.21 -26.37
C PHE D 209 -27.80 -4.92 -27.05
N ILE D 210 -26.88 -4.01 -27.41
CA ILE D 210 -27.28 -2.81 -28.13
C ILE D 210 -27.90 -3.18 -29.47
N ILE D 211 -27.28 -4.12 -30.18
CA ILE D 211 -27.83 -4.56 -31.46
C ILE D 211 -29.21 -5.18 -31.26
N PHE D 212 -29.36 -6.01 -30.22
CA PHE D 212 -30.66 -6.60 -29.94
C PHE D 212 -31.72 -5.53 -29.74
N MET D 213 -31.42 -4.52 -28.92
CA MET D 213 -32.40 -3.47 -28.64
C MET D 213 -32.73 -2.68 -29.90
N LEU D 214 -31.73 -2.42 -30.75
CA LEU D 214 -32.00 -1.74 -32.01
C LEU D 214 -32.98 -2.53 -32.86
N VAL D 215 -32.77 -3.84 -32.95
CA VAL D 215 -33.68 -4.67 -33.75
C VAL D 215 -35.10 -4.61 -33.19
N VAL D 216 -35.22 -4.69 -31.86
CA VAL D 216 -36.55 -4.65 -31.25
C VAL D 216 -37.25 -3.34 -31.57
N SER D 217 -36.52 -2.22 -31.44
CA SER D 217 -37.11 -0.92 -31.72
C SER D 217 -37.57 -0.82 -33.16
N LEU D 218 -36.75 -1.29 -34.09
CA LEU D 218 -37.13 -1.25 -35.50
C LEU D 218 -38.40 -2.06 -35.75
N VAL D 219 -38.50 -3.24 -35.15
CA VAL D 219 -39.70 -4.06 -35.34
C VAL D 219 -40.93 -3.33 -34.81
N SER D 220 -40.81 -2.73 -33.62
CA SER D 220 -41.96 -2.00 -33.07
C SER D 220 -42.39 -0.86 -33.98
N LEU D 221 -41.42 -0.10 -34.49
CA LEU D 221 -41.74 1.01 -35.38
C LEU D 221 -42.45 0.51 -36.64
N ALA D 222 -41.96 -0.59 -37.21
CA ALA D 222 -42.58 -1.14 -38.41
C ALA D 222 -44.03 -1.54 -38.13
N LEU D 223 -44.28 -2.20 -36.99
CA LEU D 223 -45.65 -2.62 -36.69
C LEU D 223 -46.57 -1.41 -36.53
N ASN D 224 -46.10 -0.36 -35.85
CA ASN D 224 -46.94 0.82 -35.69
C ASN D 224 -47.24 1.48 -37.04
N ILE D 225 -46.24 1.56 -37.92
CA ILE D 225 -46.48 2.13 -39.24
C ILE D 225 -47.49 1.29 -40.01
N ILE D 226 -47.40 -0.04 -39.87
CA ILE D 226 -48.36 -0.90 -40.56
C ILE D 226 -49.77 -0.62 -40.05
N GLU D 227 -49.92 -0.46 -38.74
CA GLU D 227 -51.24 -0.15 -38.19
C GLU D 227 -51.79 1.17 -38.75
N LEU D 228 -50.93 2.18 -38.81
CA LEU D 228 -51.36 3.46 -39.37
C LEU D 228 -51.82 3.31 -40.81
N PHE D 229 -51.04 2.59 -41.63
CA PHE D 229 -51.42 2.40 -43.02
C PHE D 229 -52.73 1.64 -43.12
N TYR D 230 -52.93 0.63 -42.27
CA TYR D 230 -54.17 -0.13 -42.33
C TYR D 230 -55.38 0.75 -42.02
N VAL D 231 -55.28 1.56 -40.96
CA VAL D 231 -56.43 2.40 -40.61
C VAL D 231 -56.71 3.39 -41.74
N PHE D 232 -55.66 4.02 -42.28
CA PHE D 232 -55.89 5.01 -43.33
C PHE D 232 -56.41 4.37 -44.62
N PHE D 233 -55.98 3.15 -44.93
CA PHE D 233 -56.44 2.47 -46.12
C PHE D 233 -57.86 1.92 -45.98
N LYS D 234 -58.30 1.64 -44.75
CA LYS D 234 -59.70 1.29 -44.55
C LYS D 234 -60.59 2.51 -44.47
N GLY D 235 -60.03 3.68 -44.12
CA GLY D 235 -60.80 4.90 -44.14
C GLY D 235 -61.03 5.49 -45.51
N VAL D 236 -60.18 5.15 -46.48
CA VAL D 236 -60.32 5.73 -47.81
C VAL D 236 -61.56 5.19 -48.52
N LYS D 237 -61.83 3.90 -48.37
CA LYS D 237 -62.96 3.29 -49.06
C LYS D 237 -64.31 3.74 -48.51
N ASP D 238 -64.32 4.42 -47.37
CA ASP D 238 -65.57 4.90 -46.78
C ASP D 238 -66.52 3.75 -46.49
N GLY E 2 -68.83 -10.20 -7.58
CA GLY E 2 -68.70 -8.84 -8.06
C GLY E 2 -69.06 -7.81 -7.00
N ASP E 3 -68.03 -7.11 -6.50
CA ASP E 3 -68.19 -6.15 -5.42
C ASP E 3 -67.38 -4.89 -5.68
N TRP E 4 -67.38 -4.41 -6.92
CA TRP E 4 -66.61 -3.23 -7.30
C TRP E 4 -67.49 -2.01 -7.56
N SER E 5 -68.77 -2.07 -7.20
CA SER E 5 -69.69 -0.98 -7.52
C SER E 5 -69.46 0.24 -6.64
N ALA E 6 -69.37 0.03 -5.32
CA ALA E 6 -69.18 1.15 -4.42
C ALA E 6 -67.90 1.90 -4.73
N LEU E 7 -66.90 1.21 -5.28
CA LEU E 7 -65.68 1.89 -5.70
C LEU E 7 -65.98 2.87 -6.84
N GLY E 8 -66.83 2.46 -7.78
CA GLY E 8 -67.24 3.37 -8.83
C GLY E 8 -67.97 4.58 -8.29
N LYS E 9 -68.87 4.36 -7.33
CA LYS E 9 -69.58 5.48 -6.72
C LYS E 9 -68.61 6.43 -6.04
N LEU E 10 -67.64 5.89 -5.30
CA LEU E 10 -66.65 6.69 -4.62
C LEU E 10 -65.85 7.52 -5.62
N LEU E 11 -65.41 6.89 -6.71
CA LEU E 11 -64.65 7.61 -7.72
C LEU E 11 -65.47 8.73 -8.33
N ASP E 12 -66.74 8.47 -8.63
CA ASP E 12 -67.59 9.51 -9.20
C ASP E 12 -67.75 10.68 -8.24
N LYS E 13 -67.97 10.40 -6.95
CA LYS E 13 -68.19 11.48 -6.01
C LYS E 13 -66.91 12.26 -5.72
N VAL E 14 -65.75 11.62 -5.81
CA VAL E 14 -64.50 12.32 -5.56
C VAL E 14 -64.24 13.36 -6.63
N GLN E 15 -64.50 13.02 -7.90
CA GLN E 15 -64.15 13.87 -9.04
C GLN E 15 -65.35 14.67 -9.54
N ALA E 16 -66.22 15.12 -8.63
CA ALA E 16 -67.42 15.83 -9.06
C ALA E 16 -67.08 17.15 -9.75
N TYR E 17 -66.13 17.90 -9.21
CA TYR E 17 -65.86 19.26 -9.65
C TYR E 17 -64.66 19.38 -10.58
N SER E 18 -64.09 18.27 -11.02
CA SER E 18 -62.90 18.30 -11.86
C SER E 18 -63.28 18.30 -13.34
N THR E 19 -62.36 18.81 -14.16
CA THR E 19 -62.57 18.85 -15.60
C THR E 19 -62.38 17.48 -16.22
N ALA E 20 -62.84 17.33 -17.46
CA ALA E 20 -62.76 16.05 -18.14
C ALA E 20 -61.32 15.63 -18.40
N GLY E 21 -60.48 16.56 -18.87
CA GLY E 21 -59.12 16.22 -19.23
C GLY E 21 -58.17 16.15 -18.06
N GLY E 22 -58.46 16.91 -17.00
CA GLY E 22 -57.55 16.95 -15.86
C GLY E 22 -57.34 15.60 -15.24
N LYS E 23 -58.42 14.81 -15.12
CA LYS E 23 -58.31 13.47 -14.56
C LYS E 23 -57.19 12.70 -15.25
N VAL E 24 -57.34 12.49 -16.56
CA VAL E 24 -56.40 11.64 -17.30
C VAL E 24 -54.99 12.21 -17.22
N TRP E 25 -54.85 13.50 -17.54
CA TRP E 25 -53.51 14.07 -17.63
C TRP E 25 -52.80 14.01 -16.28
N LEU E 26 -53.49 14.38 -15.21
CA LEU E 26 -52.87 14.42 -13.89
C LEU E 26 -52.54 13.02 -13.37
N SER E 27 -53.45 12.06 -13.57
CA SER E 27 -53.17 10.71 -13.11
C SER E 27 -51.99 10.09 -13.85
N VAL E 28 -51.96 10.27 -15.17
CA VAL E 28 -50.85 9.73 -15.94
C VAL E 28 -49.55 10.43 -15.57
N LEU E 29 -49.61 11.73 -15.27
CA LEU E 29 -48.42 12.43 -14.83
C LEU E 29 -47.92 11.88 -13.50
N PHE E 30 -48.82 11.57 -12.58
CA PHE E 30 -48.42 10.97 -11.31
C PHE E 30 -47.75 9.63 -11.52
N ILE E 31 -48.32 8.79 -12.38
CA ILE E 31 -47.73 7.48 -12.65
C ILE E 31 -46.35 7.64 -13.27
N PHE E 32 -46.23 8.56 -14.24
CA PHE E 32 -44.95 8.83 -14.87
C PHE E 32 -43.91 9.28 -13.85
N ARG E 33 -44.32 10.18 -12.95
CA ARG E 33 -43.42 10.69 -11.93
C ARG E 33 -42.89 9.56 -11.05
N ILE E 34 -43.80 8.73 -10.54
CA ILE E 34 -43.36 7.66 -9.64
C ILE E 34 -42.47 6.67 -10.36
N LEU E 35 -42.84 6.29 -11.59
CA LEU E 35 -42.02 5.32 -12.33
C LEU E 35 -40.63 5.88 -12.60
N LEU E 36 -40.56 7.13 -13.05
CA LEU E 36 -39.27 7.73 -13.35
C LEU E 36 -38.40 7.82 -12.10
N LEU E 37 -39.00 8.22 -10.97
CA LEU E 37 -38.23 8.33 -9.74
C LEU E 37 -37.75 6.97 -9.26
N GLY E 38 -38.57 5.92 -9.44
CA GLY E 38 -38.24 4.63 -8.88
C GLY E 38 -37.30 3.79 -9.70
N THR E 39 -37.38 3.89 -11.03
CA THR E 39 -36.61 2.98 -11.88
C THR E 39 -35.24 3.54 -12.23
N ALA E 40 -35.19 4.69 -12.90
CA ALA E 40 -33.94 5.21 -13.45
C ALA E 40 -33.25 6.21 -12.53
N VAL E 41 -33.99 7.15 -11.95
CA VAL E 41 -33.38 8.23 -11.19
C VAL E 41 -32.65 7.68 -9.96
N GLU E 42 -33.29 6.78 -9.22
CA GLU E 42 -32.75 6.35 -7.94
C GLU E 42 -31.41 5.66 -8.10
N SER E 43 -31.24 4.86 -9.17
CA SER E 43 -30.02 4.10 -9.33
C SER E 43 -28.83 4.99 -9.69
N ALA E 44 -29.07 6.13 -10.35
CA ALA E 44 -27.99 6.99 -10.78
C ALA E 44 -27.30 7.70 -9.62
N TRP E 45 -27.95 7.80 -8.47
CA TRP E 45 -27.38 8.43 -7.28
C TRP E 45 -26.79 7.43 -6.30
N GLY E 46 -26.67 6.16 -6.69
CA GLY E 46 -26.22 5.14 -5.76
C GLY E 46 -24.84 5.42 -5.19
N ASP E 47 -23.87 5.64 -6.07
CA ASP E 47 -22.50 5.91 -5.65
C ASP E 47 -22.23 7.41 -5.55
N GLU E 48 -23.09 8.14 -4.84
CA GLU E 48 -22.94 9.58 -4.75
C GLU E 48 -21.78 9.98 -3.83
N GLN E 49 -21.57 9.23 -2.76
CA GLN E 49 -20.50 9.51 -1.82
C GLN E 49 -19.29 8.59 -1.98
N SER E 50 -19.51 7.34 -2.39
CA SER E 50 -18.39 6.41 -2.54
C SER E 50 -17.45 6.83 -3.67
N ALA E 51 -17.99 7.40 -4.75
CA ALA E 51 -17.19 7.84 -5.87
C ALA E 51 -16.77 9.30 -5.75
N PHE E 52 -17.17 9.99 -4.70
CA PHE E 52 -16.74 11.36 -4.46
C PHE E 52 -15.30 11.38 -3.99
N ARG E 53 -14.48 12.21 -4.62
CA ARG E 53 -13.04 12.23 -4.34
C ARG E 53 -12.55 13.66 -4.27
N CYS E 54 -11.49 13.86 -3.47
CA CYS E 54 -10.85 15.15 -3.31
C CYS E 54 -9.35 14.97 -3.37
N ASN E 55 -8.64 16.02 -3.76
CA ASN E 55 -7.19 16.01 -3.90
C ASN E 55 -6.59 16.53 -2.60
N THR E 56 -6.27 15.61 -1.70
CA THR E 56 -5.69 15.99 -0.41
C THR E 56 -5.31 14.73 0.35
N GLN E 57 -4.40 14.90 1.31
CA GLN E 57 -4.03 13.85 2.25
C GLN E 57 -4.59 14.07 3.64
N GLN E 58 -5.40 15.10 3.83
CA GLN E 58 -5.91 15.43 5.16
C GLN E 58 -7.03 14.47 5.53
N PRO E 59 -6.92 13.70 6.61
CA PRO E 59 -8.03 12.84 7.02
C PRO E 59 -9.23 13.66 7.48
N GLY E 60 -10.42 13.24 7.05
CA GLY E 60 -11.65 13.91 7.39
C GLY E 60 -12.08 14.99 6.43
N CYS E 61 -11.22 15.40 5.50
CA CYS E 61 -11.58 16.49 4.60
C CYS E 61 -12.66 16.08 3.61
N GLU E 62 -12.59 14.85 3.09
CA GLU E 62 -13.59 14.39 2.14
C GLU E 62 -14.98 14.39 2.77
N ASN E 63 -15.09 13.92 4.01
CA ASN E 63 -16.39 13.89 4.68
C ASN E 63 -17.02 15.27 4.73
N VAL E 64 -16.28 16.25 5.25
CA VAL E 64 -16.85 17.58 5.46
C VAL E 64 -17.11 18.25 4.12
N CYS E 65 -16.24 18.04 3.13
CA CYS E 65 -16.45 18.67 1.83
C CYS E 65 -17.68 18.09 1.14
N TYR E 66 -17.88 16.77 1.22
CA TYR E 66 -19.10 16.19 0.67
C TYR E 66 -20.33 16.70 1.40
N ASP E 67 -20.25 16.82 2.73
CA ASP E 67 -21.39 17.32 3.48
C ASP E 67 -21.73 18.75 3.08
N LYS E 68 -20.71 19.58 2.87
CA LYS E 68 -20.96 20.97 2.47
C LYS E 68 -21.52 21.04 1.05
N SER E 69 -21.00 20.22 0.14
CA SER E 69 -21.47 20.26 -1.23
C SER E 69 -22.93 19.85 -1.35
N PHE E 70 -23.34 18.84 -0.60
CA PHE E 70 -24.68 18.25 -0.71
C PHE E 70 -25.33 18.20 0.66
N PRO E 71 -25.96 19.30 1.11
CA PRO E 71 -26.70 19.26 2.38
C PRO E 71 -27.80 18.22 2.39
N ILE E 72 -28.45 17.97 1.25
CA ILE E 72 -29.45 16.92 1.14
C ILE E 72 -29.42 16.39 -0.30
N SER E 73 -29.62 15.09 -0.45
CA SER E 73 -29.61 14.47 -1.76
C SER E 73 -30.83 14.87 -2.56
N HIS E 74 -30.65 14.94 -3.89
CA HIS E 74 -31.76 15.32 -4.77
C HIS E 74 -32.89 14.31 -4.71
N VAL E 75 -32.57 13.02 -4.68
CA VAL E 75 -33.59 11.98 -4.74
C VAL E 75 -34.49 12.04 -3.50
N ARG E 76 -33.89 12.19 -2.32
CA ARG E 76 -34.68 12.26 -1.09
C ARG E 76 -35.50 13.55 -1.04
N PHE E 77 -34.94 14.65 -1.54
CA PHE E 77 -35.69 15.89 -1.67
C PHE E 77 -36.92 15.70 -2.55
N TRP E 78 -36.76 14.99 -3.67
CA TRP E 78 -37.90 14.76 -4.56
C TRP E 78 -38.92 13.82 -3.92
N VAL E 79 -38.45 12.84 -3.15
CA VAL E 79 -39.38 11.95 -2.44
C VAL E 79 -40.23 12.76 -1.46
N LEU E 80 -39.57 13.64 -0.69
CA LEU E 80 -40.32 14.51 0.21
C LEU E 80 -41.31 15.38 -0.55
N GLN E 81 -40.88 15.92 -1.69
CA GLN E 81 -41.75 16.78 -2.49
C GLN E 81 -43.00 16.03 -2.93
N ILE E 82 -42.83 14.81 -3.45
CA ILE E 82 -43.97 14.08 -3.98
C ILE E 82 -44.90 13.66 -2.84
N ILE E 83 -44.35 13.27 -1.70
CA ILE E 83 -45.21 12.90 -0.58
C ILE E 83 -46.03 14.10 -0.12
N PHE E 84 -45.39 15.27 -0.01
CA PHE E 84 -46.11 16.46 0.41
C PHE E 84 -47.18 16.85 -0.60
N VAL E 85 -46.87 16.72 -1.90
CA VAL E 85 -47.85 17.05 -2.91
C VAL E 85 -49.00 16.05 -2.94
N SER E 86 -48.77 14.83 -2.48
CA SER E 86 -49.80 13.79 -2.56
C SER E 86 -50.70 13.72 -1.33
N VAL E 87 -50.21 14.12 -0.15
CA VAL E 87 -51.00 13.92 1.08
C VAL E 87 -52.38 14.56 0.99
N PRO E 88 -52.55 15.78 0.47
CA PRO E 88 -53.89 16.41 0.54
C PRO E 88 -54.98 15.61 -0.15
N THR E 89 -54.65 14.97 -1.29
CA THR E 89 -55.65 14.17 -1.98
C THR E 89 -56.07 12.97 -1.14
N LEU E 90 -55.11 12.35 -0.45
CA LEU E 90 -55.46 11.24 0.43
C LEU E 90 -56.37 11.70 1.55
N LEU E 91 -56.08 12.87 2.14
CA LEU E 91 -56.97 13.41 3.17
C LEU E 91 -58.38 13.63 2.62
N TYR E 92 -58.47 14.21 1.42
CA TYR E 92 -59.78 14.46 0.82
C TYR E 92 -60.53 13.16 0.56
N LEU E 93 -59.83 12.14 0.08
CA LEU E 93 -60.46 10.85 -0.17
C LEU E 93 -61.02 10.26 1.13
N ALA E 94 -60.24 10.31 2.20
CA ALA E 94 -60.71 9.77 3.47
C ALA E 94 -61.95 10.54 3.96
N HIS E 95 -61.91 11.88 3.85
CA HIS E 95 -63.05 12.67 4.26
C HIS E 95 -64.30 12.30 3.47
N VAL E 96 -64.15 12.14 2.15
CA VAL E 96 -65.29 11.82 1.31
C VAL E 96 -65.84 10.44 1.67
N PHE E 97 -64.95 9.49 1.93
CA PHE E 97 -65.39 8.14 2.30
C PHE E 97 -66.24 8.17 3.57
N TYR E 98 -65.75 8.86 4.61
CA TYR E 98 -66.50 8.92 5.86
C TYR E 98 -67.81 9.68 5.68
N VAL E 99 -67.82 10.76 4.89
CA VAL E 99 -69.05 11.49 4.65
C VAL E 99 -70.06 10.60 3.94
N MET E 100 -69.61 9.81 2.96
CA MET E 100 -70.53 8.93 2.25
C MET E 100 -71.13 7.89 3.18
N ARG E 101 -70.30 7.33 4.08
CA ARG E 101 -70.85 6.38 5.04
C ARG E 101 -71.92 7.02 5.92
N LYS E 102 -71.65 8.23 6.40
CA LYS E 102 -72.63 8.91 7.24
C LYS E 102 -73.92 9.19 6.47
N GLU E 103 -73.80 9.60 5.21
CA GLU E 103 -74.99 9.86 4.41
C GLU E 103 -75.78 8.59 4.16
N GLU E 104 -75.09 7.47 3.93
CA GLU E 104 -75.78 6.20 3.79
C GLU E 104 -76.57 5.87 5.04
N LYS E 105 -75.94 6.04 6.22
CA LYS E 105 -76.67 5.84 7.47
C LYS E 105 -77.93 6.70 7.52
N LEU E 106 -77.77 8.00 7.26
CA LEU E 106 -78.91 8.91 7.35
C LEU E 106 -80.03 8.48 6.42
N ASN E 107 -79.71 8.28 5.14
CA ASN E 107 -80.74 8.02 4.14
C ASN E 107 -81.27 6.60 4.19
N LYS E 108 -80.63 5.70 4.94
CA LYS E 108 -81.15 4.36 5.11
C LYS E 108 -82.07 4.26 6.33
N LYS E 109 -81.63 4.80 7.46
CA LYS E 109 -82.42 4.65 8.69
C LYS E 109 -83.70 5.48 8.63
N GLU E 110 -83.73 6.52 7.80
CA GLU E 110 -84.86 7.45 7.72
C GLU E 110 -85.60 7.30 6.39
N GLU E 111 -85.76 6.07 5.92
CA GLU E 111 -86.51 5.81 4.70
C GLU E 111 -87.94 6.31 4.81
N ARG E 148 -74.41 23.91 -2.16
CA ARG E 148 -73.00 23.57 -2.27
C ARG E 148 -72.17 24.34 -1.25
N GLY E 149 -71.00 23.80 -0.92
CA GLY E 149 -70.11 24.45 0.02
C GLY E 149 -69.46 23.49 1.00
N GLY E 150 -70.17 22.41 1.33
CA GLY E 150 -69.64 21.47 2.30
C GLY E 150 -68.38 20.78 1.83
N LEU E 151 -68.42 20.24 0.60
CA LEU E 151 -67.28 19.53 0.04
C LEU E 151 -66.49 20.36 -0.96
N LEU E 152 -67.11 21.37 -1.57
CA LEU E 152 -66.41 22.22 -2.53
C LEU E 152 -65.26 22.96 -1.86
N ARG E 153 -65.51 23.49 -0.67
CA ARG E 153 -64.50 24.29 0.03
C ARG E 153 -63.24 23.47 0.33
N THR E 154 -63.44 22.24 0.81
CA THR E 154 -62.30 21.38 1.12
C THR E 154 -61.52 21.03 -0.15
N TYR E 155 -62.22 20.76 -1.24
CA TYR E 155 -61.56 20.46 -2.51
C TYR E 155 -60.71 21.63 -2.96
N ILE E 156 -61.26 22.84 -2.89
CA ILE E 156 -60.52 24.04 -3.28
C ILE E 156 -59.28 24.20 -2.40
N ILE E 157 -59.44 24.00 -1.10
CA ILE E 157 -58.31 24.13 -0.19
C ILE E 157 -57.22 23.12 -0.52
N SER E 158 -57.61 21.87 -0.81
CA SER E 158 -56.63 20.85 -1.15
C SER E 158 -55.86 21.21 -2.41
N ILE E 159 -56.57 21.68 -3.44
CA ILE E 159 -55.88 22.06 -4.68
C ILE E 159 -54.91 23.20 -4.41
N LEU E 160 -55.36 24.20 -3.66
CA LEU E 160 -54.50 25.33 -3.34
C LEU E 160 -53.23 24.88 -2.62
N PHE E 161 -53.38 23.98 -1.65
CA PHE E 161 -52.21 23.52 -0.90
C PHE E 161 -51.27 22.70 -1.78
N LYS E 162 -51.81 21.89 -2.69
CA LYS E 162 -50.95 21.19 -3.64
C LYS E 162 -50.07 22.19 -4.39
N SER E 163 -50.69 23.22 -4.97
CA SER E 163 -49.92 24.20 -5.72
C SER E 163 -48.91 24.92 -4.84
N ILE E 164 -49.31 25.26 -3.62
CA ILE E 164 -48.43 25.98 -2.70
C ILE E 164 -47.19 25.14 -2.40
N PHE E 165 -47.38 23.87 -2.08
CA PHE E 165 -46.25 23.00 -1.80
C PHE E 165 -45.33 22.88 -3.00
N GLU E 166 -45.91 22.72 -4.19
CA GLU E 166 -45.07 22.61 -5.39
C GLU E 166 -44.20 23.85 -5.55
N VAL E 167 -44.80 25.03 -5.44
CA VAL E 167 -44.05 26.27 -5.63
C VAL E 167 -42.97 26.41 -4.55
N ALA E 168 -43.31 26.08 -3.30
CA ALA E 168 -42.34 26.21 -2.23
C ALA E 168 -41.13 25.31 -2.46
N PHE E 169 -41.38 24.05 -2.85
CA PHE E 169 -40.26 23.15 -3.11
C PHE E 169 -39.40 23.64 -4.27
N LEU E 170 -40.05 24.14 -5.33
CA LEU E 170 -39.26 24.66 -6.45
C LEU E 170 -38.39 25.84 -6.02
N LEU E 171 -38.95 26.75 -5.23
CA LEU E 171 -38.17 27.90 -4.77
C LEU E 171 -37.00 27.46 -3.90
N ILE E 172 -37.24 26.52 -2.99
CA ILE E 172 -36.17 26.05 -2.12
C ILE E 172 -35.05 25.43 -2.94
N GLN E 173 -35.41 24.58 -3.91
CA GLN E 173 -34.39 23.95 -4.74
C GLN E 173 -33.61 25.00 -5.54
N TRP E 174 -34.31 26.00 -6.08
CA TRP E 174 -33.61 27.04 -6.82
C TRP E 174 -32.62 27.79 -5.92
N TYR E 175 -33.03 28.10 -4.70
CA TYR E 175 -32.15 28.82 -3.79
C TYR E 175 -30.93 27.99 -3.40
N ILE E 176 -31.13 26.70 -3.14
CA ILE E 176 -30.04 25.89 -2.60
C ILE E 176 -29.07 25.47 -3.70
N TYR E 177 -29.58 24.82 -4.76
CA TYR E 177 -28.73 24.19 -5.75
C TYR E 177 -28.73 24.88 -7.10
N GLY E 178 -29.84 25.48 -7.50
CA GLY E 178 -30.01 25.86 -8.89
C GLY E 178 -30.56 24.72 -9.69
N PHE E 179 -30.20 24.62 -10.97
CA PHE E 179 -30.70 23.55 -11.83
C PHE E 179 -29.59 23.00 -12.70
N SER E 180 -28.40 22.85 -12.14
CA SER E 180 -27.28 22.21 -12.83
C SER E 180 -26.21 21.88 -11.81
N LEU E 181 -25.30 20.99 -12.21
CA LEU E 181 -24.18 20.58 -11.37
C LEU E 181 -22.88 20.66 -12.18
N SER E 182 -21.84 21.16 -11.54
CA SER E 182 -20.53 21.28 -12.15
C SER E 182 -19.63 20.12 -11.72
N ALA E 183 -18.64 19.83 -12.58
CA ALA E 183 -17.78 18.68 -12.34
C ALA E 183 -16.81 18.91 -11.18
N VAL E 184 -16.35 20.15 -10.99
CA VAL E 184 -15.33 20.46 -10.00
C VAL E 184 -15.94 21.36 -8.93
N TYR E 185 -15.65 21.05 -7.68
CA TYR E 185 -16.14 21.81 -6.53
C TYR E 185 -14.95 22.28 -5.69
N THR E 186 -15.04 23.51 -5.21
CA THR E 186 -14.01 24.12 -4.38
C THR E 186 -14.46 24.11 -2.93
N CYS E 187 -13.65 23.54 -2.05
CA CYS E 187 -14.00 23.33 -0.65
C CYS E 187 -13.06 24.14 0.24
N LYS E 188 -13.64 24.88 1.18
CA LYS E 188 -12.92 25.75 2.10
C LYS E 188 -13.44 25.55 3.52
N ARG E 189 -13.53 24.31 3.97
CA ARG E 189 -14.04 23.97 5.29
C ARG E 189 -12.98 23.22 6.08
N ASP E 190 -12.93 23.48 7.38
CA ASP E 190 -12.00 22.77 8.25
C ASP E 190 -12.38 21.30 8.32
N PRO E 191 -11.40 20.40 8.51
CA PRO E 191 -9.99 20.68 8.76
C PRO E 191 -9.14 20.80 7.49
N CYS E 192 -9.77 20.91 6.34
CA CYS E 192 -9.03 21.03 5.10
C CYS E 192 -8.18 22.29 5.13
N PRO E 193 -6.90 22.22 4.75
CA PRO E 193 -6.08 23.44 4.73
C PRO E 193 -6.29 24.23 3.44
N HIS E 194 -6.41 25.55 3.61
CA HIS E 194 -6.60 26.49 2.49
C HIS E 194 -7.85 26.03 1.73
N GLN E 195 -7.79 25.89 0.41
CA GLN E 195 -8.90 25.39 -0.40
C GLN E 195 -8.46 24.14 -1.12
N VAL E 196 -9.41 23.22 -1.35
CA VAL E 196 -9.13 21.99 -2.05
C VAL E 196 -10.15 21.79 -3.17
N ASP E 197 -9.76 20.98 -4.15
CA ASP E 197 -10.60 20.64 -5.28
C ASP E 197 -11.16 19.23 -5.11
N CYS E 198 -12.46 19.09 -5.38
CA CYS E 198 -13.14 17.82 -5.30
C CYS E 198 -13.92 17.59 -6.59
N PHE E 199 -14.21 16.32 -6.87
CA PHE E 199 -14.79 15.92 -8.14
C PHE E 199 -16.04 15.08 -7.90
N LEU E 200 -17.11 15.44 -8.59
CA LEU E 200 -18.40 14.79 -8.43
C LEU E 200 -18.49 13.52 -9.28
N SER E 201 -19.58 12.79 -9.10
CA SER E 201 -19.88 11.59 -9.85
C SER E 201 -21.09 11.82 -10.75
N ARG E 202 -20.91 11.55 -12.04
CA ARG E 202 -21.99 11.60 -13.03
C ARG E 202 -22.69 12.96 -13.04
N PRO E 203 -21.96 14.07 -13.19
CA PRO E 203 -22.63 15.38 -13.18
C PRO E 203 -23.60 15.59 -14.35
N THR E 204 -23.23 15.16 -15.56
CA THR E 204 -24.05 15.45 -16.73
C THR E 204 -25.38 14.70 -16.69
N GLU E 205 -25.34 13.42 -16.33
CA GLU E 205 -26.56 12.63 -16.23
C GLU E 205 -27.50 13.20 -15.18
N LYS E 206 -26.94 13.60 -14.03
CA LYS E 206 -27.75 14.19 -12.98
C LYS E 206 -28.34 15.53 -13.43
N THR E 207 -27.59 16.31 -14.19
CA THR E 207 -28.14 17.55 -14.75
C THR E 207 -29.33 17.26 -15.65
N ILE E 208 -29.20 16.25 -16.51
CA ILE E 208 -30.29 15.90 -17.41
C ILE E 208 -31.54 15.52 -16.62
N PHE E 209 -31.37 14.67 -15.61
CA PHE E 209 -32.51 14.25 -14.82
C PHE E 209 -33.10 15.40 -14.02
N ILE E 210 -32.27 16.33 -13.54
CA ILE E 210 -32.77 17.50 -12.84
C ILE E 210 -33.66 18.33 -13.75
N ILE E 211 -33.24 18.53 -15.00
CA ILE E 211 -34.06 19.27 -15.95
C ILE E 211 -35.39 18.55 -16.18
N PHE E 212 -35.34 17.22 -16.33
CA PHE E 212 -36.57 16.45 -16.51
C PHE E 212 -37.54 16.68 -15.36
N MET E 213 -37.03 16.58 -14.13
CA MET E 213 -37.89 16.75 -12.95
C MET E 213 -38.47 18.16 -12.88
N LEU E 214 -37.66 19.16 -13.23
CA LEU E 214 -38.16 20.54 -13.27
C LEU E 214 -39.33 20.67 -14.23
N VAL E 215 -39.19 20.08 -15.42
CA VAL E 215 -40.26 20.17 -16.41
C VAL E 215 -41.52 19.49 -15.88
N VAL E 216 -41.37 18.32 -15.25
CA VAL E 216 -42.54 17.61 -14.73
C VAL E 216 -43.24 18.47 -13.67
N SER E 217 -42.48 19.06 -12.76
CA SER E 217 -43.07 19.88 -11.71
C SER E 217 -43.81 21.07 -12.30
N LEU E 218 -43.22 21.73 -13.30
CA LEU E 218 -43.90 22.86 -13.92
C LEU E 218 -45.21 22.44 -14.57
N VAL E 219 -45.22 21.29 -15.25
CA VAL E 219 -46.45 20.83 -15.88
C VAL E 219 -47.53 20.57 -14.83
N SER E 220 -47.15 19.92 -13.72
CA SER E 220 -48.13 19.64 -12.67
C SER E 220 -48.70 20.94 -12.10
N LEU E 221 -47.84 21.92 -11.85
CA LEU E 221 -48.32 23.20 -11.32
C LEU E 221 -49.28 23.87 -12.29
N ALA E 222 -48.96 23.84 -13.59
CA ALA E 222 -49.83 24.45 -14.57
C ALA E 222 -51.20 23.78 -14.58
N LEU E 223 -51.22 22.44 -14.52
CA LEU E 223 -52.51 21.73 -14.53
C LEU E 223 -53.34 22.10 -13.30
N ASN E 224 -52.70 22.16 -12.12
CA ASN E 224 -53.46 22.51 -10.92
C ASN E 224 -54.02 23.93 -11.02
N ILE E 225 -53.23 24.87 -11.54
CA ILE E 225 -53.71 26.23 -11.69
C ILE E 225 -54.89 26.27 -12.65
N ILE E 226 -54.82 25.48 -13.73
CA ILE E 226 -55.92 25.42 -14.68
C ILE E 226 -57.18 24.92 -13.99
N GLU E 227 -57.06 23.89 -13.16
CA GLU E 227 -58.22 23.38 -12.44
C GLU E 227 -58.83 24.45 -11.54
N LEU E 228 -57.97 25.18 -10.81
CA LEU E 228 -58.47 26.26 -9.95
C LEU E 228 -59.23 27.30 -10.77
N PHE E 229 -58.66 27.72 -11.88
CA PHE E 229 -59.33 28.72 -12.71
C PHE E 229 -60.65 28.19 -13.24
N TYR E 230 -60.71 26.92 -13.63
CA TYR E 230 -61.95 26.36 -14.14
C TYR E 230 -63.04 26.37 -13.06
N VAL E 231 -62.71 25.94 -11.85
CA VAL E 231 -63.72 25.90 -10.80
C VAL E 231 -64.20 27.31 -10.48
N PHE E 232 -63.27 28.27 -10.39
CA PHE E 232 -63.69 29.62 -10.04
C PHE E 232 -64.48 30.28 -11.18
N PHE E 233 -64.16 29.96 -12.43
CA PHE E 233 -64.90 30.52 -13.56
C PHE E 233 -66.26 29.87 -13.75
N LYS E 234 -66.44 28.63 -13.31
CA LYS E 234 -67.77 28.06 -13.32
C LYS E 234 -68.59 28.49 -12.10
N GLY E 235 -67.93 28.91 -11.02
CA GLY E 235 -68.66 29.44 -9.88
C GLY E 235 -69.16 30.86 -10.05
N VAL E 236 -68.55 31.63 -10.95
CA VAL E 236 -68.94 33.02 -11.12
C VAL E 236 -70.32 33.11 -11.76
N LYS E 237 -70.59 32.27 -12.76
CA LYS E 237 -71.86 32.33 -13.47
C LYS E 237 -73.04 31.90 -12.62
N ASP E 238 -72.79 31.31 -11.46
CA ASP E 238 -73.87 30.87 -10.57
C ASP E 238 -74.78 29.86 -11.27
N GLY F 2 -69.07 -10.59 -3.05
CA GLY F 2 -69.01 -9.45 -2.16
C GLY F 2 -69.09 -9.86 -0.69
N ASP F 3 -67.96 -9.73 0.01
CA ASP F 3 -67.86 -10.16 1.40
C ASP F 3 -67.08 -9.14 2.23
N TRP F 4 -67.34 -7.86 2.01
CA TRP F 4 -66.64 -6.79 2.72
C TRP F 4 -67.51 -6.08 3.74
N SER F 5 -68.68 -6.63 4.05
CA SER F 5 -69.63 -5.93 4.94
C SER F 5 -69.17 -6.00 6.40
N ALA F 6 -68.81 -7.19 6.86
CA ALA F 6 -68.39 -7.32 8.26
C ALA F 6 -67.19 -6.45 8.56
N LEU F 7 -66.35 -6.20 7.56
CA LEU F 7 -65.23 -5.28 7.75
C LEU F 7 -65.74 -3.87 8.04
N GLY F 8 -66.78 -3.44 7.33
CA GLY F 8 -67.38 -2.14 7.64
C GLY F 8 -67.94 -2.09 9.04
N LYS F 9 -68.62 -3.16 9.46
CA LYS F 9 -69.15 -3.19 10.82
C LYS F 9 -68.03 -3.11 11.85
N LEU F 10 -66.94 -3.85 11.62
CA LEU F 10 -65.80 -3.82 12.52
C LEU F 10 -65.21 -2.42 12.61
N LEU F 11 -65.04 -1.77 11.45
CA LEU F 11 -64.49 -0.42 11.44
C LEU F 11 -65.39 0.54 12.21
N ASP F 12 -66.70 0.44 12.01
CA ASP F 12 -67.62 1.32 12.72
C ASP F 12 -67.54 1.11 14.23
N LYS F 13 -67.47 -0.15 14.67
CA LYS F 13 -67.47 -0.41 16.10
C LYS F 13 -66.13 -0.02 16.73
N VAL F 14 -65.03 -0.09 15.98
CA VAL F 14 -63.74 0.28 16.54
C VAL F 14 -63.68 1.77 16.84
N GLN F 15 -64.22 2.59 15.95
CA GLN F 15 -64.11 4.05 16.04
C GLN F 15 -65.35 4.68 16.63
N ALA F 16 -66.00 4.02 17.59
CA ALA F 16 -67.24 4.55 18.15
C ALA F 16 -67.01 5.86 18.87
N TYR F 17 -65.94 5.97 19.65
CA TYR F 17 -65.74 7.11 20.55
C TYR F 17 -64.76 8.15 20.01
N SER F 18 -64.33 8.02 18.76
CA SER F 18 -63.36 8.95 18.20
C SER F 18 -64.05 10.12 17.51
N THR F 19 -63.31 11.22 17.40
CA THR F 19 -63.83 12.41 16.73
C THR F 19 -63.81 12.23 15.22
N ALA F 20 -64.53 13.12 14.53
CA ALA F 20 -64.64 13.02 13.08
C ALA F 20 -63.30 13.26 12.40
N GLY F 21 -62.55 14.28 12.84
CA GLY F 21 -61.31 14.63 12.17
C GLY F 21 -60.13 13.77 12.59
N GLY F 22 -60.16 13.25 13.81
CA GLY F 22 -59.04 12.47 14.30
C GLY F 22 -58.74 11.27 13.42
N LYS F 23 -59.78 10.59 12.96
CA LYS F 23 -59.59 9.43 12.09
C LYS F 23 -58.67 9.79 10.92
N VAL F 24 -59.10 10.74 10.11
CA VAL F 24 -58.37 11.08 8.89
C VAL F 24 -56.97 11.54 9.22
N TRP F 25 -56.86 12.51 10.14
CA TRP F 25 -55.55 13.11 10.38
C TRP F 25 -54.58 12.07 10.92
N LEU F 26 -55.01 11.25 11.88
CA LEU F 26 -54.12 10.28 12.49
C LEU F 26 -53.73 9.18 11.53
N SER F 27 -54.68 8.67 10.73
CA SER F 27 -54.34 7.62 9.77
C SER F 27 -53.38 8.13 8.71
N VAL F 28 -53.62 9.33 8.19
CA VAL F 28 -52.72 9.87 7.18
C VAL F 28 -51.35 10.15 7.79
N LEU F 29 -51.30 10.57 9.05
CA LEU F 29 -50.02 10.77 9.72
C LEU F 29 -49.27 9.45 9.85
N PHE F 30 -49.97 8.37 10.18
CA PHE F 30 -49.32 7.06 10.26
C PHE F 30 -48.74 6.65 8.92
N ILE F 31 -49.52 6.82 7.85
CA ILE F 31 -49.03 6.47 6.51
C ILE F 31 -47.81 7.31 6.14
N PHE F 32 -47.88 8.61 6.41
CA PHE F 32 -46.76 9.50 6.15
C PHE F 32 -45.52 9.05 6.91
N ARG F 33 -45.69 8.71 8.19
CA ARG F 33 -44.58 8.28 9.02
C ARG F 33 -43.92 7.04 8.43
N ILE F 34 -44.71 6.02 8.10
CA ILE F 34 -44.12 4.79 7.60
C ILE F 34 -43.43 5.02 6.26
N LEU F 35 -44.07 5.78 5.36
CA LEU F 35 -43.46 6.02 4.06
C LEU F 35 -42.14 6.77 4.20
N LEU F 36 -42.13 7.83 5.03
CA LEU F 36 -40.91 8.60 5.21
C LEU F 36 -39.80 7.75 5.80
N LEU F 37 -40.13 6.92 6.79
CA LEU F 37 -39.11 6.08 7.40
C LEU F 37 -38.58 5.04 6.43
N GLY F 38 -39.45 4.51 5.56
CA GLY F 38 -39.05 3.42 4.70
C GLY F 38 -38.33 3.83 3.43
N THR F 39 -38.69 4.97 2.86
CA THR F 39 -38.15 5.33 1.54
C THR F 39 -36.86 6.15 1.65
N ALA F 40 -36.92 7.31 2.29
CA ALA F 40 -35.82 8.26 2.28
C ALA F 40 -34.90 8.13 3.50
N VAL F 41 -35.49 8.00 4.69
CA VAL F 41 -34.69 8.05 5.92
C VAL F 41 -33.74 6.86 5.98
N GLU F 42 -34.23 5.67 5.67
CA GLU F 42 -33.43 4.46 5.88
C GLU F 42 -32.17 4.46 5.02
N SER F 43 -32.27 4.96 3.79
CA SER F 43 -31.13 4.91 2.88
C SER F 43 -30.02 5.87 3.29
N ALA F 44 -30.37 6.97 3.96
CA ALA F 44 -29.37 7.97 4.33
C ALA F 44 -28.43 7.48 5.43
N TRP F 45 -28.82 6.46 6.19
CA TRP F 45 -28.00 5.91 7.25
C TRP F 45 -27.23 4.66 6.81
N GLY F 46 -27.23 4.35 5.51
CA GLY F 46 -26.63 3.10 5.07
C GLY F 46 -25.15 3.01 5.40
N ASP F 47 -24.38 4.02 5.01
CA ASP F 47 -22.95 4.04 5.26
C ASP F 47 -22.61 4.79 6.55
N GLU F 48 -23.28 4.43 7.65
CA GLU F 48 -23.07 5.14 8.90
C GLU F 48 -21.74 4.78 9.54
N GLN F 49 -21.32 3.52 9.42
CA GLN F 49 -20.07 3.07 9.99
C GLN F 49 -18.96 2.92 8.96
N SER F 50 -19.29 2.58 7.72
CA SER F 50 -18.25 2.40 6.70
C SER F 50 -17.58 3.71 6.36
N ALA F 51 -18.31 4.83 6.36
CA ALA F 51 -17.75 6.14 6.06
C ALA F 51 -17.28 6.87 7.30
N PHE F 52 -17.42 6.28 8.48
CA PHE F 52 -16.91 6.88 9.71
C PHE F 52 -15.40 6.73 9.77
N ARG F 53 -14.71 7.83 10.03
CA ARG F 53 -13.26 7.86 10.00
C ARG F 53 -12.71 8.63 11.19
N CYS F 54 -11.50 8.24 11.61
CA CYS F 54 -10.80 8.89 12.71
C CYS F 54 -9.35 9.10 12.31
N ASN F 55 -8.72 10.10 12.91
CA ASN F 55 -7.33 10.44 12.62
C ASN F 55 -6.45 9.74 13.65
N THR F 56 -5.97 8.56 13.28
CA THR F 56 -5.11 7.78 14.18
C THR F 56 -4.62 6.55 13.43
N GLN F 57 -3.52 5.99 13.95
CA GLN F 57 -2.99 4.72 13.47
C GLN F 57 -3.22 3.58 14.46
N GLN F 58 -3.94 3.82 15.54
CA GLN F 58 -4.14 2.80 16.55
C GLN F 58 -5.20 1.80 16.09
N PRO F 59 -4.87 0.52 15.97
CA PRO F 59 -5.91 -0.46 15.59
C PRO F 59 -6.95 -0.61 16.69
N GLY F 60 -8.21 -0.68 16.28
CA GLY F 60 -9.31 -0.82 17.19
C GLY F 60 -9.92 0.48 17.69
N CYS F 61 -9.27 1.61 17.45
CA CYS F 61 -9.77 2.88 17.96
C CYS F 61 -11.06 3.30 17.26
N GLU F 62 -11.12 3.10 15.94
CA GLU F 62 -12.32 3.48 15.20
C GLU F 62 -13.55 2.73 15.71
N ASN F 63 -13.40 1.42 15.96
CA ASN F 63 -14.53 0.64 16.44
C ASN F 63 -15.09 1.21 17.74
N VAL F 64 -14.23 1.41 18.73
CA VAL F 64 -14.69 1.85 20.04
C VAL F 64 -15.22 3.27 19.97
N CYS F 65 -14.59 4.13 19.18
CA CYS F 65 -15.06 5.50 19.07
C CYS F 65 -16.42 5.58 18.40
N TYR F 66 -16.64 4.78 17.35
CA TYR F 66 -17.97 4.73 16.74
C TYR F 66 -19.00 4.19 17.73
N ASP F 67 -18.64 3.15 18.48
CA ASP F 67 -19.58 2.59 19.45
C ASP F 67 -19.95 3.63 20.50
N LYS F 68 -18.97 4.40 20.97
CA LYS F 68 -19.25 5.42 21.97
C LYS F 68 -20.10 6.54 21.40
N SER F 69 -19.81 6.97 20.17
CA SER F 69 -20.57 8.07 19.57
C SER F 69 -22.04 7.69 19.37
N PHE F 70 -22.30 6.46 18.93
CA PHE F 70 -23.65 6.03 18.56
C PHE F 70 -23.99 4.75 19.32
N PRO F 71 -24.48 4.86 20.55
CA PRO F 71 -24.92 3.64 21.25
C PRO F 71 -26.03 2.90 20.54
N ILE F 72 -26.91 3.61 19.84
CA ILE F 72 -27.94 2.99 19.02
C ILE F 72 -28.25 3.91 17.85
N SER F 73 -28.52 3.32 16.69
CA SER F 73 -28.80 4.09 15.49
C SER F 73 -30.16 4.77 15.60
N HIS F 74 -30.27 5.94 14.96
CA HIS F 74 -31.51 6.69 14.98
C HIS F 74 -32.64 5.91 14.31
N VAL F 75 -32.36 5.27 13.18
CA VAL F 75 -33.41 4.60 12.41
C VAL F 75 -34.01 3.45 13.21
N ARG F 76 -33.17 2.65 13.86
CA ARG F 76 -33.68 1.52 14.64
C ARG F 76 -34.42 2.02 15.88
N PHE F 77 -33.94 3.11 16.49
CA PHE F 77 -34.67 3.73 17.58
C PHE F 77 -36.07 4.15 17.14
N TRP F 78 -36.18 4.75 15.95
CA TRP F 78 -37.48 5.19 15.46
C TRP F 78 -38.37 4.00 15.12
N VAL F 79 -37.78 2.91 14.61
CA VAL F 79 -38.57 1.70 14.36
C VAL F 79 -39.15 1.16 15.65
N LEU F 80 -38.32 1.09 16.70
CA LEU F 80 -38.82 0.67 18.00
C LEU F 80 -39.94 1.60 18.48
N GLN F 81 -39.74 2.90 18.32
CA GLN F 81 -40.74 3.87 18.75
C GLN F 81 -42.07 3.64 18.06
N ILE F 82 -42.05 3.46 16.74
CA ILE F 82 -43.30 3.33 16.01
C ILE F 82 -43.99 2.01 16.35
N ILE F 83 -43.21 0.94 16.52
CA ILE F 83 -43.81 -0.34 16.90
C ILE F 83 -44.49 -0.23 18.27
N PHE F 84 -43.81 0.39 19.23
CA PHE F 84 -44.38 0.55 20.56
C PHE F 84 -45.63 1.43 20.53
N VAL F 85 -45.62 2.49 19.71
CA VAL F 85 -46.78 3.35 19.61
C VAL F 85 -47.93 2.65 18.91
N SER F 86 -47.65 1.66 18.06
CA SER F 86 -48.70 1.01 17.28
C SER F 86 -49.32 -0.20 17.97
N VAL F 87 -48.57 -0.89 18.84
CA VAL F 87 -49.08 -2.15 19.41
C VAL F 87 -50.43 -1.99 20.10
N PRO F 88 -50.68 -0.93 20.89
CA PRO F 88 -51.95 -0.88 21.64
C PRO F 88 -53.18 -0.92 20.76
N THR F 89 -53.13 -0.25 19.61
CA THR F 89 -54.28 -0.25 18.71
C THR F 89 -54.54 -1.65 18.17
N LEU F 90 -53.48 -2.40 17.86
CA LEU F 90 -53.65 -3.77 17.41
C LEU F 90 -54.29 -4.62 18.50
N LEU F 91 -53.85 -4.44 19.75
CA LEU F 91 -54.47 -5.17 20.85
C LEU F 91 -55.96 -4.83 20.95
N TYR F 92 -56.30 -3.54 20.85
CA TYR F 92 -57.69 -3.13 20.95
C TYR F 92 -58.52 -3.73 19.82
N LEU F 93 -57.97 -3.73 18.60
CA LEU F 93 -58.69 -4.32 17.46
C LEU F 93 -58.96 -5.80 17.69
N ALA F 94 -57.96 -6.54 18.17
CA ALA F 94 -58.17 -7.96 18.44
C ALA F 94 -59.25 -8.17 19.50
N HIS F 95 -59.20 -7.38 20.57
CA HIS F 95 -60.20 -7.50 21.61
C HIS F 95 -61.60 -7.23 21.08
N VAL F 96 -61.75 -6.19 20.26
CA VAL F 96 -63.05 -5.86 19.70
C VAL F 96 -63.54 -6.97 18.79
N PHE F 97 -62.65 -7.54 17.99
CA PHE F 97 -63.04 -8.63 17.10
C PHE F 97 -63.59 -9.80 17.88
N TYR F 98 -62.86 -10.23 18.92
CA TYR F 98 -63.34 -11.37 19.71
C TYR F 98 -64.63 -11.05 20.45
N VAL F 99 -64.78 -9.83 20.97
CA VAL F 99 -66.01 -9.45 21.63
C VAL F 99 -67.18 -9.50 20.66
N MET F 100 -66.97 -9.01 19.43
CA MET F 100 -68.05 -9.02 18.45
C MET F 100 -68.46 -10.46 18.11
N ARG F 101 -67.48 -11.36 17.99
CA ARG F 101 -67.83 -12.76 17.73
C ARG F 101 -68.67 -13.33 18.87
N LYS F 102 -68.26 -13.05 20.10
CA LYS F 102 -69.02 -13.56 21.26
C LYS F 102 -70.44 -13.00 21.27
N GLU F 103 -70.58 -11.70 20.97
CA GLU F 103 -71.91 -11.10 20.95
C GLU F 103 -72.77 -11.68 19.84
N GLU F 104 -72.18 -11.96 18.68
CA GLU F 104 -72.92 -12.63 17.62
C GLU F 104 -73.43 -13.98 18.09
N LYS F 105 -72.56 -14.76 18.74
CA LYS F 105 -73.01 -16.04 19.30
C LYS F 105 -74.19 -15.84 20.23
N LEU F 106 -74.06 -14.93 21.18
CA LEU F 106 -75.12 -14.71 22.16
C LEU F 106 -76.43 -14.34 21.48
N ASN F 107 -76.41 -13.32 20.62
CA ASN F 107 -77.64 -12.80 20.03
C ASN F 107 -78.18 -13.68 18.92
N LYS F 108 -77.43 -14.67 18.45
CA LYS F 108 -77.94 -15.60 17.47
C LYS F 108 -78.57 -16.83 18.12
N LYS F 109 -77.87 -17.42 19.10
CA LYS F 109 -78.39 -18.64 19.71
C LYS F 109 -79.63 -18.37 20.55
N GLU F 110 -79.81 -17.14 21.03
CA GLU F 110 -80.91 -16.78 21.92
C GLU F 110 -81.92 -15.87 21.23
N GLU F 111 -82.21 -16.15 19.96
CA GLU F 111 -83.21 -15.39 19.22
C GLU F 111 -84.56 -15.47 19.90
N ARG F 148 -72.35 1.86 29.48
CA ARG F 148 -71.00 2.00 28.93
C ARG F 148 -69.95 1.70 30.00
N GLY F 149 -68.74 1.34 29.55
CA GLY F 149 -67.65 1.04 30.46
C GLY F 149 -66.85 -0.17 30.05
N GLY F 150 -67.50 -1.13 29.40
CA GLY F 150 -66.79 -2.34 29.01
C GLY F 150 -65.69 -2.09 28.01
N LEU F 151 -66.01 -1.37 26.94
CA LEU F 151 -65.04 -1.08 25.89
C LEU F 151 -64.46 0.33 25.98
N LEU F 152 -65.16 1.27 26.61
CA LEU F 152 -64.65 2.63 26.75
C LEU F 152 -63.37 2.65 27.57
N ARG F 153 -63.33 1.88 28.66
CA ARG F 153 -62.18 1.90 29.55
C ARG F 153 -60.92 1.43 28.83
N THR F 154 -61.03 0.34 28.05
CA THR F 154 -59.88 -0.17 27.32
C THR F 154 -59.41 0.83 26.28
N TYR F 155 -60.34 1.49 25.59
CA TYR F 155 -59.97 2.49 24.61
C TYR F 155 -59.20 3.64 25.26
N ILE F 156 -59.69 4.12 26.40
CA ILE F 156 -59.01 5.20 27.10
C ILE F 156 -57.62 4.76 27.52
N ILE F 157 -57.49 3.53 28.03
CA ILE F 157 -56.19 3.02 28.45
C ILE F 157 -55.23 2.96 27.27
N SER F 158 -55.71 2.48 26.13
CA SER F 158 -54.86 2.39 24.95
C SER F 158 -54.36 3.76 24.51
N ILE F 159 -55.26 4.75 24.47
CA ILE F 159 -54.84 6.09 24.08
C ILE F 159 -53.81 6.65 25.05
N LEU F 160 -54.06 6.46 26.35
CA LEU F 160 -53.12 6.94 27.36
C LEU F 160 -51.74 6.31 27.16
N PHE F 161 -51.70 5.00 26.90
CA PHE F 161 -50.41 4.33 26.73
C PHE F 161 -49.70 4.79 25.46
N LYS F 162 -50.45 5.04 24.39
CA LYS F 162 -49.83 5.61 23.19
C LYS F 162 -49.11 6.91 23.53
N SER F 163 -49.80 7.82 24.21
CA SER F 163 -49.19 9.10 24.55
C SER F 163 -47.99 8.90 25.47
N ILE F 164 -48.12 8.00 26.44
CA ILE F 164 -47.03 7.76 27.39
C ILE F 164 -45.78 7.28 26.67
N PHE F 165 -45.95 6.31 25.77
CA PHE F 165 -44.80 5.80 25.02
C PHE F 165 -44.16 6.90 24.17
N GLU F 166 -44.99 7.72 23.52
CA GLU F 166 -44.43 8.80 22.70
C GLU F 166 -43.58 9.72 23.55
N VAL F 167 -44.11 10.16 24.70
CA VAL F 167 -43.38 11.09 25.55
C VAL F 167 -42.09 10.44 26.07
N ALA F 168 -42.16 9.17 26.48
CA ALA F 168 -40.98 8.50 26.99
C ALA F 168 -39.88 8.43 25.93
N PHE F 169 -40.24 8.06 24.71
CA PHE F 169 -39.24 7.99 23.65
C PHE F 169 -38.64 9.35 23.36
N LEU F 170 -39.47 10.40 23.33
CA LEU F 170 -38.93 11.73 23.11
C LEU F 170 -37.95 12.13 24.21
N LEU F 171 -38.30 11.87 25.46
CA LEU F 171 -37.41 12.22 26.57
C LEU F 171 -36.09 11.45 26.48
N ILE F 172 -36.15 10.16 26.17
CA ILE F 172 -34.94 9.37 26.06
C ILE F 172 -34.04 9.92 24.96
N GLN F 173 -34.63 10.22 23.80
CA GLN F 173 -33.83 10.76 22.71
C GLN F 173 -33.21 12.10 23.08
N TRP F 174 -33.97 12.96 23.76
CA TRP F 174 -33.42 14.24 24.17
C TRP F 174 -32.25 14.05 25.12
N TYR F 175 -32.37 13.12 26.07
CA TYR F 175 -31.29 12.89 27.02
C TYR F 175 -30.05 12.34 26.35
N ILE F 176 -30.22 11.41 25.40
CA ILE F 176 -29.06 10.72 24.83
C ILE F 176 -28.36 11.58 23.78
N TYR F 177 -29.10 12.03 22.78
CA TYR F 177 -28.51 12.67 21.61
C TYR F 177 -28.78 14.16 21.51
N GLY F 178 -29.94 14.63 21.97
CA GLY F 178 -30.38 15.95 21.62
C GLY F 178 -31.14 15.93 20.32
N PHE F 179 -31.06 17.00 19.53
CA PHE F 179 -31.76 17.08 18.25
C PHE F 179 -30.88 17.70 17.19
N SER F 180 -29.60 17.35 17.18
CA SER F 180 -28.68 17.78 16.14
C SER F 180 -27.43 16.94 16.23
N LEU F 181 -26.64 16.96 15.14
CA LEU F 181 -25.39 16.24 15.06
C LEU F 181 -24.29 17.15 14.54
N SER F 182 -23.12 17.07 15.16
CA SER F 182 -21.97 17.87 14.77
C SER F 182 -21.04 17.05 13.87
N ALA F 183 -20.26 17.77 13.07
CA ALA F 183 -19.40 17.12 12.08
C ALA F 183 -18.20 16.44 12.73
N VAL F 184 -17.67 17.00 13.81
CA VAL F 184 -16.45 16.52 14.45
C VAL F 184 -16.80 16.00 15.84
N TYR F 185 -16.25 14.83 16.17
CA TYR F 185 -16.46 14.19 17.45
C TYR F 185 -15.11 13.94 18.13
N THR F 186 -15.06 14.16 19.43
CA THR F 186 -13.85 13.96 20.22
C THR F 186 -13.99 12.67 21.02
N CYS F 187 -13.01 11.78 20.87
CA CYS F 187 -13.05 10.44 21.44
C CYS F 187 -11.93 10.28 22.46
N LYS F 188 -12.28 9.79 23.64
CA LYS F 188 -11.35 9.59 24.76
C LYS F 188 -11.55 8.21 25.38
N ARG F 189 -11.57 7.18 24.55
CA ARG F 189 -11.80 5.82 25.00
C ARG F 189 -10.62 4.93 24.63
N ASP F 190 -10.27 4.00 25.51
CA ASP F 190 -9.21 3.06 25.21
C ASP F 190 -9.62 2.16 24.04
N PRO F 191 -8.64 1.69 23.24
CA PRO F 191 -7.20 1.87 23.41
C PRO F 191 -6.64 3.13 22.76
N CYS F 192 -7.51 4.04 22.36
CA CYS F 192 -7.05 5.26 21.72
C CYS F 192 -6.17 6.05 22.70
N PRO F 193 -5.00 6.54 22.27
CA PRO F 193 -4.18 7.34 23.17
C PRO F 193 -4.63 8.79 23.23
N HIS F 194 -4.67 9.32 24.44
CA HIS F 194 -5.08 10.71 24.71
C HIS F 194 -6.46 10.90 24.11
N GLN F 195 -6.71 11.94 23.31
CA GLN F 195 -7.97 12.17 22.63
C GLN F 195 -7.73 12.18 21.12
N VAL F 196 -8.74 11.74 20.37
CA VAL F 196 -8.66 11.71 18.92
C VAL F 196 -9.88 12.38 18.33
N ASP F 197 -9.74 12.83 17.08
CA ASP F 197 -10.82 13.46 16.33
C ASP F 197 -11.37 12.49 15.30
N CYS F 198 -12.70 12.41 15.22
CA CYS F 198 -13.40 11.56 14.28
C CYS F 198 -14.43 12.39 13.54
N PHE F 199 -14.81 11.92 12.35
CA PHE F 199 -15.66 12.67 11.45
C PHE F 199 -16.85 11.82 11.03
N LEU F 200 -18.05 12.40 11.14
CA LEU F 200 -19.28 11.71 10.83
C LEU F 200 -19.59 11.74 9.34
N SER F 201 -20.65 11.02 8.97
CA SER F 201 -21.13 10.97 7.59
C SER F 201 -22.50 11.63 7.50
N ARG F 202 -22.61 12.60 6.59
CA ARG F 202 -23.87 13.28 6.29
C ARG F 202 -24.51 13.87 7.53
N PRO F 203 -23.81 14.70 8.30
CA PRO F 203 -24.43 15.27 9.52
C PRO F 203 -25.60 16.20 9.23
N THR F 204 -25.52 17.04 8.20
CA THR F 204 -26.57 18.04 7.96
C THR F 204 -27.87 17.38 7.53
N GLU F 205 -27.79 16.41 6.62
CA GLU F 205 -28.99 15.71 6.16
C GLU F 205 -29.66 14.98 7.32
N LYS F 206 -28.86 14.32 8.15
CA LYS F 206 -29.40 13.62 9.31
C LYS F 206 -30.05 14.59 10.29
N THR F 207 -29.45 15.77 10.48
CA THR F 207 -30.07 16.79 11.32
C THR F 207 -31.44 17.19 10.78
N ILE F 208 -31.52 17.41 9.47
CA ILE F 208 -32.79 17.80 8.85
C ILE F 208 -33.85 16.72 9.11
N PHE F 209 -33.48 15.46 8.88
CA PHE F 209 -34.45 14.38 9.08
C PHE F 209 -34.82 14.22 10.55
N ILE F 210 -33.87 14.45 11.46
CA ILE F 210 -34.18 14.40 12.89
C ILE F 210 -35.22 15.45 13.24
N ILE F 211 -35.07 16.66 12.72
CA ILE F 211 -36.06 17.70 12.98
C ILE F 211 -37.42 17.30 12.43
N PHE F 212 -37.44 16.73 11.22
CA PHE F 212 -38.71 16.28 10.65
C PHE F 212 -39.39 15.27 11.57
N MET F 213 -38.64 14.27 12.04
CA MET F 213 -39.22 13.24 12.89
C MET F 213 -39.73 13.82 14.20
N LEU F 214 -38.99 14.78 14.77
CA LEU F 214 -39.44 15.44 15.99
C LEU F 214 -40.78 16.12 15.76
N VAL F 215 -40.92 16.83 14.65
CA VAL F 215 -42.18 17.52 14.36
C VAL F 215 -43.31 16.51 14.24
N VAL F 216 -43.08 15.40 13.54
CA VAL F 216 -44.11 14.39 13.37
C VAL F 216 -44.55 13.84 14.72
N SER F 217 -43.59 13.52 15.58
CA SER F 217 -43.91 12.98 16.89
C SER F 217 -44.74 13.97 17.71
N LEU F 218 -44.36 15.25 17.68
CA LEU F 218 -45.12 16.25 18.42
C LEU F 218 -46.55 16.34 17.92
N VAL F 219 -46.74 16.31 16.60
CA VAL F 219 -48.09 16.38 16.04
C VAL F 219 -48.92 15.18 16.51
N SER F 220 -48.33 13.99 16.47
CA SER F 220 -49.06 12.80 16.91
C SER F 220 -49.47 12.92 18.37
N LEU F 221 -48.54 13.36 19.23
CA LEU F 221 -48.85 13.51 20.64
C LEU F 221 -49.99 14.51 20.85
N ALA F 222 -49.95 15.63 20.13
CA ALA F 222 -51.01 16.62 20.27
C ALA F 222 -52.36 16.05 19.87
N LEU F 223 -52.41 15.29 18.78
CA LEU F 223 -53.68 14.71 18.35
C LEU F 223 -54.22 13.74 19.39
N ASN F 224 -53.35 12.90 19.94
CA ASN F 224 -53.81 11.95 20.97
C ASN F 224 -54.34 12.68 22.20
N ILE F 225 -53.64 13.74 22.62
CA ILE F 225 -54.11 14.51 23.78
C ILE F 225 -55.47 15.14 23.48
N ILE F 226 -55.65 15.62 22.25
CA ILE F 226 -56.94 16.20 21.87
C ILE F 226 -58.04 15.15 21.96
N GLU F 227 -57.76 13.93 21.49
CA GLU F 227 -58.77 12.87 21.59
C GLU F 227 -59.12 12.58 23.04
N LEU F 228 -58.11 12.51 23.91
CA LEU F 228 -58.39 12.27 25.33
C LEU F 228 -59.27 13.36 25.91
N PHE F 229 -58.94 14.62 25.62
CA PHE F 229 -59.74 15.72 26.14
C PHE F 229 -61.18 15.66 25.61
N TYR F 230 -61.33 15.31 24.33
CA TYR F 230 -62.69 15.23 23.77
C TYR F 230 -63.51 14.17 24.48
N VAL F 231 -62.94 12.97 24.67
CA VAL F 231 -63.71 11.91 25.31
C VAL F 231 -64.06 12.31 26.75
N PHE F 232 -63.11 12.88 27.48
CA PHE F 232 -63.40 13.24 28.87
C PHE F 232 -64.40 14.39 28.96
N PHE F 233 -64.37 15.33 28.01
CA PHE F 233 -65.30 16.43 28.02
C PHE F 233 -66.70 16.03 27.56
N LYS F 234 -66.81 14.98 26.75
CA LYS F 234 -68.14 14.45 26.44
C LYS F 234 -68.66 13.55 27.54
N GLY F 235 -67.77 12.96 28.35
CA GLY F 235 -68.23 12.17 29.48
C GLY F 235 -68.69 12.97 30.66
N VAL F 236 -68.28 14.23 30.78
CA VAL F 236 -68.66 15.04 31.94
C VAL F 236 -70.14 15.39 31.87
N LYS F 237 -70.64 15.73 30.69
CA LYS F 237 -72.03 16.15 30.56
C LYS F 237 -73.01 15.01 30.77
N ASP F 238 -72.54 13.77 30.83
CA ASP F 238 -73.42 12.62 31.05
C ASP F 238 -74.49 12.52 29.97
N GLY G 2 68.74 13.03 1.44
CA GLY G 2 68.56 12.66 0.05
C GLY G 2 68.92 11.21 -0.21
N ASP G 3 67.90 10.39 -0.46
CA ASP G 3 68.07 8.96 -0.66
C ASP G 3 67.22 8.45 -1.81
N TRP G 4 67.17 9.21 -2.92
CA TRP G 4 66.36 8.85 -4.07
C TRP G 4 67.19 8.39 -5.26
N SER G 5 68.49 8.14 -5.06
CA SER G 5 69.37 7.81 -6.19
C SER G 5 69.14 6.39 -6.68
N ALA G 6 69.10 5.43 -5.77
CA ALA G 6 68.92 4.04 -6.18
C ALA G 6 67.60 3.86 -6.92
N LEU G 7 66.60 4.68 -6.61
CA LEU G 7 65.35 4.64 -7.37
C LEU G 7 65.59 5.03 -8.82
N GLY G 8 66.40 6.06 -9.05
CA GLY G 8 66.76 6.42 -10.41
C GLY G 8 67.48 5.29 -11.13
N LYS G 9 68.42 4.64 -10.45
CA LYS G 9 69.12 3.52 -11.07
C LYS G 9 68.14 2.40 -11.43
N LEU G 10 67.22 2.09 -10.52
CA LEU G 10 66.23 1.06 -10.77
C LEU G 10 65.38 1.40 -11.98
N LEU G 11 64.92 2.65 -12.05
CA LEU G 11 64.11 3.08 -13.18
C LEU G 11 64.87 2.95 -14.49
N ASP G 12 66.14 3.37 -14.49
CA ASP G 12 66.94 3.26 -15.71
C ASP G 12 67.10 1.82 -16.14
N LYS G 13 67.37 0.92 -15.19
CA LYS G 13 67.61 -0.47 -15.57
C LYS G 13 66.32 -1.17 -16.00
N VAL G 14 65.16 -0.75 -15.46
CA VAL G 14 63.91 -1.37 -15.85
C VAL G 14 63.58 -1.07 -17.31
N GLN G 15 63.81 0.17 -17.75
CA GLN G 15 63.41 0.63 -19.08
C GLN G 15 64.56 0.61 -20.07
N ALA G 16 65.45 -0.37 -19.96
CA ALA G 16 66.62 -0.41 -20.84
C ALA G 16 66.22 -0.58 -22.30
N TYR G 17 65.26 -1.46 -22.58
CA TYR G 17 64.95 -1.87 -23.94
C TYR G 17 63.71 -1.19 -24.52
N SER G 18 63.16 -0.21 -23.82
CA SER G 18 61.94 0.46 -24.28
C SER G 18 62.26 1.68 -25.12
N THR G 19 61.31 2.06 -25.97
CA THR G 19 61.46 3.23 -26.81
C THR G 19 61.29 4.51 -26.01
N ALA G 20 61.71 5.62 -26.61
CA ALA G 20 61.64 6.91 -25.94
C ALA G 20 60.20 7.33 -25.68
N GLY G 21 59.33 7.18 -26.68
CA GLY G 21 57.97 7.66 -26.54
C GLY G 21 57.05 6.71 -25.79
N GLY G 22 57.35 5.42 -25.84
CA GLY G 22 56.49 4.44 -25.19
C GLY G 22 56.34 4.69 -23.71
N LYS G 23 57.44 5.04 -23.04
CA LYS G 23 57.38 5.34 -21.61
C LYS G 23 56.26 6.33 -21.31
N VAL G 24 56.36 7.52 -21.88
CA VAL G 24 55.43 8.59 -21.57
C VAL G 24 54.01 8.20 -21.93
N TRP G 25 53.82 7.73 -23.18
CA TRP G 25 52.46 7.47 -23.63
C TRP G 25 51.81 6.38 -22.80
N LEU G 26 52.53 5.29 -22.53
CA LEU G 26 51.95 4.16 -21.80
C LEU G 26 51.68 4.53 -20.34
N SER G 27 52.60 5.24 -19.69
CA SER G 27 52.37 5.61 -18.30
C SER G 27 51.18 6.57 -18.17
N VAL G 28 51.09 7.55 -19.06
CA VAL G 28 49.97 8.48 -18.99
C VAL G 28 48.67 7.76 -19.31
N LEU G 29 48.71 6.78 -20.22
CA LEU G 29 47.51 6.00 -20.50
C LEU G 29 47.07 5.20 -19.27
N PHE G 30 48.02 4.62 -18.54
CA PHE G 30 47.68 3.91 -17.32
C PHE G 30 47.03 4.84 -16.30
N ILE G 31 47.60 6.02 -16.11
CA ILE G 31 47.03 6.97 -15.16
C ILE G 31 45.63 7.38 -15.59
N PHE G 32 45.45 7.67 -16.88
CA PHE G 32 44.14 8.02 -17.41
C PHE G 32 43.14 6.89 -17.17
N ARG G 33 43.55 5.66 -17.43
CA ARG G 33 42.67 4.51 -17.23
C ARG G 33 42.20 4.42 -15.79
N ILE G 34 43.15 4.47 -14.84
CA ILE G 34 42.77 4.31 -13.44
C ILE G 34 41.88 5.46 -12.99
N LEU G 35 42.21 6.69 -13.37
CA LEU G 35 41.39 7.83 -12.96
C LEU G 35 39.98 7.73 -13.52
N LEU G 36 39.86 7.40 -14.80
CA LEU G 36 38.54 7.29 -15.42
C LEU G 36 37.72 6.19 -14.75
N LEU G 37 38.35 5.05 -14.47
CA LEU G 37 37.62 3.96 -13.85
C LEU G 37 37.19 4.32 -12.43
N GLY G 38 38.03 5.06 -11.70
CA GLY G 38 37.76 5.32 -10.30
C GLY G 38 36.80 6.46 -10.03
N THR G 39 36.84 7.52 -10.86
CA THR G 39 36.06 8.71 -10.57
C THR G 39 34.66 8.68 -11.16
N ALA G 40 34.56 8.56 -12.48
CA ALA G 40 33.29 8.71 -13.17
C ALA G 40 32.60 7.38 -13.44
N VAL G 41 33.34 6.39 -13.93
CA VAL G 41 32.72 5.14 -14.38
C VAL G 41 32.05 4.42 -13.21
N GLU G 42 32.74 4.33 -12.06
CA GLU G 42 32.26 3.51 -10.98
C GLU G 42 30.92 4.01 -10.44
N SER G 43 30.74 5.34 -10.37
CA SER G 43 29.53 5.89 -9.78
C SER G 43 28.31 5.66 -10.68
N ALA G 44 28.52 5.56 -11.99
CA ALA G 44 27.39 5.42 -12.91
C ALA G 44 26.72 4.05 -12.81
N TRP G 45 27.41 3.05 -12.27
CA TRP G 45 26.87 1.71 -12.11
C TRP G 45 26.33 1.46 -10.70
N GLY G 46 26.23 2.50 -9.87
CA GLY G 46 25.85 2.28 -8.48
C GLY G 46 24.48 1.64 -8.34
N ASP G 47 23.47 2.22 -8.98
CA ASP G 47 22.11 1.71 -8.92
C ASP G 47 21.79 0.78 -10.08
N GLU G 48 22.67 -0.20 -10.31
CA GLU G 48 22.49 -1.09 -11.46
C GLU G 48 21.36 -2.09 -11.21
N GLN G 49 21.20 -2.56 -9.98
CA GLN G 49 20.15 -3.52 -9.65
C GLN G 49 18.96 -2.88 -8.93
N SER G 50 19.19 -1.84 -8.14
CA SER G 50 18.10 -1.20 -7.41
C SER G 50 17.11 -0.52 -8.35
N ALA G 51 17.60 0.07 -9.44
CA ALA G 51 16.74 0.73 -10.41
C ALA G 51 16.29 -0.19 -11.54
N PHE G 52 16.71 -1.45 -11.53
CA PHE G 52 16.26 -2.43 -12.51
C PHE G 52 14.83 -2.85 -12.19
N ARG G 53 13.96 -2.80 -13.21
CA ARG G 53 12.54 -3.06 -13.02
C ARG G 53 12.01 -3.94 -14.13
N CYS G 54 10.99 -4.72 -13.80
CA CYS G 54 10.32 -5.60 -14.75
C CYS G 54 8.82 -5.45 -14.57
N ASN G 55 8.07 -5.73 -15.64
CA ASN G 55 6.61 -5.63 -15.64
C ASN G 55 6.04 -7.01 -15.32
N THR G 56 5.78 -7.25 -14.05
CA THR G 56 5.24 -8.53 -13.61
C THR G 56 4.92 -8.46 -12.12
N GLN G 57 4.03 -9.36 -11.69
CA GLN G 57 3.72 -9.54 -10.28
C GLN G 57 4.33 -10.82 -9.71
N GLN G 58 5.12 -11.55 -10.48
CA GLN G 58 5.66 -12.82 -10.02
C GLN G 58 6.83 -12.57 -9.07
N PRO G 59 6.77 -13.03 -7.83
CA PRO G 59 7.92 -12.86 -6.93
C PRO G 59 9.10 -13.69 -7.40
N GLY G 60 10.29 -13.08 -7.34
CA GLY G 60 11.52 -13.73 -7.76
C GLY G 60 11.89 -13.54 -9.20
N CYS G 61 10.99 -13.01 -10.04
CA CYS G 61 11.28 -12.87 -11.46
C CYS G 61 12.34 -11.81 -11.71
N GLU G 62 12.28 -10.69 -10.98
CA GLU G 62 13.26 -9.63 -11.18
C GLU G 62 14.67 -10.12 -10.89
N ASN G 63 14.83 -10.89 -9.79
CA ASN G 63 16.16 -11.40 -9.44
C ASN G 63 16.75 -12.22 -10.58
N VAL G 64 16.01 -13.21 -11.07
CA VAL G 64 16.54 -14.11 -12.08
C VAL G 64 16.75 -13.39 -13.40
N CYS G 65 15.85 -12.46 -13.74
CA CYS G 65 16.00 -11.74 -14.99
C CYS G 65 17.22 -10.83 -14.96
N TYR G 66 17.46 -10.15 -13.84
CA TYR G 66 18.67 -9.35 -13.71
C TYR G 66 19.91 -10.23 -13.79
N ASP G 67 19.88 -11.38 -13.12
CA ASP G 67 21.04 -12.28 -13.16
C ASP G 67 21.32 -12.74 -14.58
N LYS G 68 20.27 -13.06 -15.35
CA LYS G 68 20.47 -13.50 -16.73
C LYS G 68 20.98 -12.36 -17.60
N SER G 69 20.44 -11.15 -17.42
CA SER G 69 20.86 -10.03 -18.25
C SER G 69 22.33 -9.69 -18.03
N PHE G 70 22.80 -9.72 -16.78
CA PHE G 70 24.15 -9.29 -16.42
C PHE G 70 24.84 -10.39 -15.63
N PRO G 71 25.46 -11.35 -16.32
CA PRO G 71 26.24 -12.38 -15.59
C PRO G 71 27.37 -11.78 -14.77
N ILE G 72 27.98 -10.70 -15.24
CA ILE G 72 29.00 -9.99 -14.47
C ILE G 72 28.94 -8.52 -14.85
N SER G 73 29.18 -7.66 -13.86
CA SER G 73 29.12 -6.23 -14.08
C SER G 73 30.32 -5.76 -14.92
N HIS G 74 30.09 -4.71 -15.71
CA HIS G 74 31.15 -4.18 -16.56
C HIS G 74 32.31 -3.64 -15.74
N VAL G 75 32.01 -2.94 -14.64
CA VAL G 75 33.07 -2.30 -13.87
C VAL G 75 34.00 -3.35 -13.25
N ARG G 76 33.44 -4.41 -12.69
CA ARG G 76 34.27 -5.46 -12.09
C ARG G 76 35.06 -6.21 -13.15
N PHE G 77 34.45 -6.42 -14.32
CA PHE G 77 35.17 -7.01 -15.44
C PHE G 77 36.38 -6.16 -15.83
N TRP G 78 36.20 -4.83 -15.87
CA TRP G 78 37.30 -3.95 -16.23
C TRP G 78 38.37 -3.93 -15.14
N VAL G 79 37.96 -4.02 -13.88
CA VAL G 79 38.94 -4.10 -12.79
C VAL G 79 39.79 -5.36 -12.93
N LEU G 80 39.14 -6.49 -13.21
CA LEU G 80 39.90 -7.72 -13.45
C LEU G 80 40.83 -7.56 -14.63
N GLN G 81 40.35 -6.94 -15.71
CA GLN G 81 41.18 -6.74 -16.89
C GLN G 81 42.43 -5.93 -16.57
N ILE G 82 42.26 -4.83 -15.85
CA ILE G 82 43.41 -3.96 -15.58
C ILE G 82 44.39 -4.64 -14.65
N ILE G 83 43.88 -5.38 -13.64
CA ILE G 83 44.79 -6.09 -12.75
C ILE G 83 45.60 -7.13 -13.52
N PHE G 84 44.94 -7.89 -14.39
CA PHE G 84 45.65 -8.90 -15.18
C PHE G 84 46.66 -8.27 -16.11
N VAL G 85 46.32 -7.13 -16.72
CA VAL G 85 47.24 -6.45 -17.61
C VAL G 85 48.42 -5.85 -16.85
N SER G 86 48.24 -5.55 -15.56
CA SER G 86 49.29 -4.89 -14.79
C SER G 86 50.23 -5.85 -14.07
N VAL G 87 49.77 -7.05 -13.72
CA VAL G 87 50.61 -7.95 -12.91
C VAL G 87 51.97 -8.22 -13.53
N PRO G 88 52.10 -8.47 -14.85
CA PRO G 88 53.42 -8.86 -15.38
C PRO G 88 54.50 -7.82 -15.15
N THR G 89 54.16 -6.54 -15.26
CA THR G 89 55.14 -5.50 -15.02
C THR G 89 55.62 -5.50 -13.58
N LEU G 90 54.71 -5.74 -12.64
CA LEU G 90 55.11 -5.84 -11.24
C LEU G 90 56.05 -7.02 -11.02
N LEU G 91 55.76 -8.16 -11.65
CA LEU G 91 56.65 -9.30 -11.55
C LEU G 91 58.04 -8.95 -12.10
N TYR G 92 58.09 -8.28 -13.25
CA TYR G 92 59.36 -7.92 -13.85
C TYR G 92 60.13 -6.96 -12.95
N LEU G 93 59.44 -6.00 -12.35
CA LEU G 93 60.10 -5.06 -11.44
C LEU G 93 60.71 -5.78 -10.26
N ALA G 94 59.97 -6.71 -9.67
CA ALA G 94 60.51 -7.47 -8.53
C ALA G 94 61.74 -8.27 -8.93
N HIS G 95 61.66 -8.93 -10.09
CA HIS G 95 62.80 -9.71 -10.57
C HIS G 95 64.02 -8.82 -10.76
N VAL G 96 63.84 -7.65 -11.37
CA VAL G 96 64.96 -6.75 -11.61
C VAL G 96 65.54 -6.28 -10.29
N PHE G 97 64.69 -5.96 -9.32
CA PHE G 97 65.17 -5.50 -8.03
C PHE G 97 66.07 -6.56 -7.37
N TYR G 98 65.59 -7.80 -7.34
CA TYR G 98 66.39 -8.86 -6.72
C TYR G 98 67.68 -9.13 -7.50
N VAL G 99 67.63 -9.09 -8.82
CA VAL G 99 68.83 -9.27 -9.62
C VAL G 99 69.85 -8.18 -9.32
N MET G 100 69.38 -6.94 -9.21
CA MET G 100 70.30 -5.83 -8.92
C MET G 100 70.94 -6.01 -7.55
N ARG G 101 70.17 -6.45 -6.56
CA ARG G 101 70.77 -6.69 -5.25
C ARG G 101 71.85 -7.76 -5.33
N LYS G 102 71.57 -8.86 -6.04
CA LYS G 102 72.56 -9.91 -6.18
C LYS G 102 73.82 -9.42 -6.89
N GLU G 103 73.64 -8.61 -7.93
CA GLU G 103 74.80 -8.08 -8.65
C GLU G 103 75.61 -7.13 -7.77
N GLU G 104 74.93 -6.33 -6.94
CA GLU G 104 75.66 -5.49 -6.01
C GLU G 104 76.50 -6.33 -5.05
N LYS G 105 75.91 -7.40 -4.52
CA LYS G 105 76.67 -8.31 -3.67
C LYS G 105 77.92 -8.82 -4.40
N LEU G 106 77.71 -9.34 -5.62
CA LEU G 106 78.84 -9.92 -6.37
C LEU G 106 79.93 -8.89 -6.58
N ASN G 107 79.58 -7.72 -7.13
CA ASN G 107 80.59 -6.74 -7.52
C ASN G 107 81.15 -5.97 -6.34
N LYS G 108 80.55 -6.09 -5.14
CA LYS G 108 81.13 -5.47 -3.96
C LYS G 108 82.07 -6.41 -3.23
N LYS G 109 81.66 -7.66 -3.01
CA LYS G 109 82.50 -8.57 -2.24
C LYS G 109 83.76 -8.97 -3.01
N GLU G 110 83.73 -8.87 -4.34
CA GLU G 110 84.84 -9.31 -5.18
C GLU G 110 85.53 -8.12 -5.85
N GLU G 111 85.71 -7.03 -5.10
CA GLU G 111 86.42 -5.86 -5.60
C GLU G 111 87.84 -6.23 -6.01
N ARG G 148 73.64 -10.55 -23.93
CA ARG G 148 72.23 -10.30 -23.64
C ARG G 148 71.42 -11.59 -23.68
N GLY G 149 70.27 -11.57 -23.01
CA GLY G 149 69.39 -12.73 -22.97
C GLY G 149 68.82 -13.01 -21.61
N GLY G 150 69.56 -12.66 -20.55
CA GLY G 150 69.09 -12.94 -19.21
C GLY G 150 67.82 -12.17 -18.86
N LEU G 151 67.84 -10.86 -19.10
CA LEU G 151 66.69 -10.01 -18.78
C LEU G 151 65.85 -9.66 -20.00
N LEU G 152 66.43 -9.71 -21.20
CA LEU G 152 65.66 -9.41 -22.41
C LEU G 152 64.52 -10.40 -22.60
N ARG G 153 64.79 -11.69 -22.37
CA ARG G 153 63.80 -12.72 -22.60
C ARG G 153 62.57 -12.51 -21.71
N THR G 154 62.81 -12.23 -20.43
CA THR G 154 61.71 -12.02 -19.50
C THR G 154 60.90 -10.79 -19.88
N TYR G 155 61.57 -9.72 -20.31
CA TYR G 155 60.87 -8.51 -20.75
C TYR G 155 59.97 -8.80 -21.94
N ILE G 156 60.50 -9.54 -22.93
CA ILE G 156 59.71 -9.90 -24.10
C ILE G 156 58.50 -10.73 -23.69
N ILE G 157 58.71 -11.70 -22.79
CA ILE G 157 57.61 -12.54 -22.35
C ILE G 157 56.54 -11.71 -21.65
N SER G 158 56.95 -10.77 -20.81
CA SER G 158 55.99 -9.93 -20.09
C SER G 158 55.16 -9.10 -21.08
N ILE G 159 55.81 -8.50 -22.07
CA ILE G 159 55.08 -7.70 -23.05
C ILE G 159 54.09 -8.58 -23.82
N LEU G 160 54.54 -9.76 -24.24
CA LEU G 160 53.66 -10.67 -24.96
C LEU G 160 52.44 -11.03 -24.13
N PHE G 161 52.63 -11.32 -22.85
CA PHE G 161 51.51 -11.69 -22.00
C PHE G 161 50.55 -10.52 -21.77
N LYS G 162 51.09 -9.30 -21.64
CA LYS G 162 50.20 -8.14 -21.57
C LYS G 162 49.28 -8.09 -22.77
N SER G 163 49.85 -8.19 -23.97
CA SER G 163 49.03 -8.12 -25.17
C SER G 163 48.04 -9.28 -25.23
N ILE G 164 48.47 -10.47 -24.85
CA ILE G 164 47.60 -11.64 -24.89
C ILE G 164 46.40 -11.45 -23.98
N PHE G 165 46.63 -10.99 -22.75
CA PHE G 165 45.53 -10.75 -21.83
C PHE G 165 44.58 -9.70 -22.36
N GLU G 166 45.12 -8.61 -22.93
CA GLU G 166 44.25 -7.57 -23.48
C GLU G 166 43.33 -8.15 -24.56
N VAL G 167 43.91 -8.90 -25.50
CA VAL G 167 43.12 -9.45 -26.59
C VAL G 167 42.07 -10.43 -26.05
N ALA G 168 42.47 -11.28 -25.10
CA ALA G 168 41.53 -12.25 -24.56
C ALA G 168 40.34 -11.57 -23.91
N PHE G 169 40.60 -10.53 -23.09
CA PHE G 169 39.50 -9.83 -22.45
C PHE G 169 38.59 -9.16 -23.46
N LEU G 170 39.18 -8.56 -24.50
CA LEU G 170 38.34 -7.94 -25.53
C LEU G 170 37.46 -8.97 -26.22
N LEU G 171 38.02 -10.13 -26.56
CA LEU G 171 37.23 -11.16 -27.22
C LEU G 171 36.11 -11.65 -26.32
N ILE G 172 36.40 -11.88 -25.03
CA ILE G 172 35.37 -12.35 -24.12
C ILE G 172 34.24 -11.33 -24.02
N GLN G 173 34.59 -10.04 -23.88
CA GLN G 173 33.56 -9.02 -23.79
C GLN G 173 32.73 -8.96 -25.06
N TRP G 174 33.37 -9.06 -26.23
CA TRP G 174 32.63 -9.05 -27.48
C TRP G 174 31.66 -10.23 -27.55
N TYR G 175 32.10 -11.42 -27.13
CA TYR G 175 31.23 -12.59 -27.19
C TYR G 175 30.05 -12.45 -26.23
N ILE G 176 30.28 -11.93 -25.02
CA ILE G 176 29.24 -11.94 -24.01
C ILE G 176 28.24 -10.81 -24.23
N TYR G 177 28.73 -9.58 -24.32
CA TYR G 177 27.86 -8.40 -24.32
C TYR G 177 27.79 -7.67 -25.64
N GLY G 178 28.88 -7.65 -26.41
CA GLY G 178 28.99 -6.73 -27.52
C GLY G 178 29.55 -5.41 -27.04
N PHE G 179 29.14 -4.30 -27.67
CA PHE G 179 29.64 -2.99 -27.28
C PHE G 179 28.51 -1.97 -27.28
N SER G 180 27.35 -2.37 -26.79
CA SER G 180 26.23 -1.45 -26.61
C SER G 180 25.19 -2.13 -25.71
N LEU G 181 24.29 -1.31 -25.17
CA LEU G 181 23.21 -1.79 -24.32
C LEU G 181 21.89 -1.18 -24.77
N SER G 182 20.86 -2.01 -24.80
CA SER G 182 19.52 -1.59 -25.18
C SER G 182 18.67 -1.30 -23.95
N ALA G 183 17.66 -0.46 -24.15
CA ALA G 183 16.83 -0.02 -23.03
C ALA G 183 15.90 -1.12 -22.52
N VAL G 184 15.42 -1.97 -23.43
CA VAL G 184 14.42 -2.99 -23.09
C VAL G 184 15.05 -4.37 -23.26
N TYR G 185 14.81 -5.24 -22.28
CA TYR G 185 15.31 -6.60 -22.28
C TYR G 185 14.15 -7.58 -22.15
N THR G 186 14.23 -8.67 -22.91
CA THR G 186 13.20 -9.70 -22.89
C THR G 186 13.72 -10.90 -22.10
N CYS G 187 12.94 -11.31 -21.10
CA CYS G 187 13.34 -12.34 -20.14
C CYS G 187 12.42 -13.55 -20.29
N LYS G 188 13.01 -14.73 -20.39
CA LYS G 188 12.30 -16.00 -20.56
C LYS G 188 12.88 -17.05 -19.62
N ARG G 189 13.00 -16.72 -18.35
CA ARG G 189 13.58 -17.61 -17.34
C ARG G 189 12.56 -17.86 -16.23
N ASP G 190 12.54 -19.09 -15.73
CA ASP G 190 11.67 -19.42 -14.61
C ASP G 190 12.09 -18.63 -13.37
N PRO G 191 11.15 -18.31 -12.47
CA PRO G 191 9.74 -18.69 -12.51
C PRO G 191 8.84 -17.72 -13.28
N CYS G 192 9.43 -16.82 -14.05
CA CYS G 192 8.64 -15.88 -14.82
C CYS G 192 7.76 -16.62 -15.81
N PRO G 193 6.47 -16.30 -15.91
CA PRO G 193 5.63 -16.96 -16.90
C PRO G 193 5.76 -16.34 -18.28
N HIS G 194 5.84 -17.22 -19.28
CA HIS G 194 5.99 -16.82 -20.69
C HIS G 194 7.21 -15.92 -20.79
N GLN G 195 7.12 -14.76 -21.42
CA GLN G 195 8.20 -13.79 -21.50
C GLN G 195 7.78 -12.49 -20.85
N VAL G 196 8.75 -11.77 -20.27
CA VAL G 196 8.47 -10.50 -19.61
C VAL G 196 9.45 -9.45 -20.13
N ASP G 197 9.04 -8.19 -19.99
CA ASP G 197 9.85 -7.05 -20.39
C ASP G 197 10.46 -6.39 -19.15
N CYS G 198 11.75 -6.07 -19.24
CA CYS G 198 12.47 -5.41 -18.16
C CYS G 198 13.21 -4.21 -18.73
N PHE G 199 13.52 -3.26 -17.86
CA PHE G 199 14.06 -1.97 -18.26
C PHE G 199 15.34 -1.68 -17.49
N LEU G 200 16.39 -1.30 -18.22
CA LEU G 200 17.69 -1.05 -17.63
C LEU G 200 17.78 0.37 -17.07
N SER G 201 18.91 0.65 -16.42
CA SER G 201 19.20 1.95 -15.85
C SER G 201 20.37 2.58 -16.59
N ARG G 202 20.16 3.80 -17.09
CA ARG G 202 21.19 4.60 -17.73
C ARG G 202 21.86 3.86 -18.89
N PRO G 203 21.11 3.35 -19.86
CA PRO G 203 21.74 2.61 -20.97
C PRO G 203 22.65 3.47 -21.84
N THR G 204 22.26 4.71 -22.14
CA THR G 204 23.03 5.53 -23.08
C THR G 204 24.37 5.93 -22.49
N GLU G 205 24.38 6.35 -21.22
CA GLU G 205 25.62 6.73 -20.56
C GLU G 205 26.58 5.55 -20.48
N LYS G 206 26.06 4.38 -20.14
CA LYS G 206 26.89 3.18 -20.08
C LYS G 206 27.44 2.82 -21.46
N THR G 207 26.64 2.99 -22.51
CA THR G 207 27.13 2.75 -23.86
C THR G 207 28.30 3.68 -24.18
N ILE G 208 28.17 4.96 -23.83
CA ILE G 208 29.23 5.94 -24.08
C ILE G 208 30.51 5.50 -23.38
N PHE G 209 30.40 5.14 -22.10
CA PHE G 209 31.59 4.74 -21.35
C PHE G 209 32.17 3.44 -21.88
N ILE G 210 31.32 2.51 -22.35
CA ILE G 210 31.81 1.28 -22.94
C ILE G 210 32.67 1.59 -24.17
N ILE G 211 32.19 2.50 -25.02
CA ILE G 211 32.97 2.88 -26.20
C ILE G 211 34.29 3.49 -25.79
N PHE G 212 34.27 4.36 -24.77
CA PHE G 212 35.52 4.96 -24.30
C PHE G 212 36.52 3.89 -23.87
N MET G 213 36.06 2.91 -23.08
CA MET G 213 36.96 1.87 -22.59
C MET G 213 37.50 1.03 -23.74
N LEU G 214 36.65 0.74 -24.73
CA LEU G 214 37.12 0.00 -25.90
C LEU G 214 38.25 0.74 -26.60
N VAL G 215 38.09 2.06 -26.79
CA VAL G 215 39.12 2.84 -27.45
C VAL G 215 40.41 2.79 -26.64
N VAL G 216 40.31 2.94 -25.32
CA VAL G 216 41.51 2.91 -24.49
C VAL G 216 42.24 1.57 -24.63
N SER G 217 41.48 0.48 -24.58
CA SER G 217 42.10 -0.85 -24.69
C SER G 217 42.79 -1.01 -26.04
N LEU G 218 42.14 -0.57 -27.12
CA LEU G 218 42.77 -0.68 -28.44
C LEU G 218 44.07 0.11 -28.49
N VAL G 219 44.08 1.31 -27.93
CA VAL G 219 45.31 2.12 -27.94
C VAL G 219 46.42 1.40 -27.18
N SER G 220 46.10 0.85 -26.02
CA SER G 220 47.12 0.15 -25.24
C SER G 220 47.68 -1.04 -26.01
N LEU G 221 46.80 -1.82 -26.65
CA LEU G 221 47.26 -2.96 -27.42
C LEU G 221 48.17 -2.52 -28.56
N ALA G 222 47.81 -1.44 -29.26
CA ALA G 222 48.64 -0.95 -30.35
C ALA G 222 50.02 -0.54 -29.85
N LEU G 223 50.08 0.15 -28.71
CA LEU G 223 51.38 0.58 -28.18
C LEU G 223 52.24 -0.63 -27.82
N ASN G 224 51.65 -1.65 -27.19
CA ASN G 224 52.43 -2.82 -26.84
C ASN G 224 52.95 -3.54 -28.09
N ILE G 225 52.11 -3.66 -29.12
CA ILE G 225 52.56 -4.28 -30.36
C ILE G 225 53.71 -3.48 -30.98
N ILE G 226 53.62 -2.16 -30.92
CA ILE G 226 54.69 -1.32 -31.45
C ILE G 226 55.99 -1.59 -30.70
N GLU G 227 55.92 -1.70 -29.37
CA GLU G 227 57.12 -1.99 -28.61
C GLU G 227 57.72 -3.33 -29.00
N LEU G 228 56.88 -4.35 -29.17
CA LEU G 228 57.38 -5.67 -29.59
C LEU G 228 58.08 -5.56 -30.94
N PHE G 229 57.47 -4.89 -31.90
CA PHE G 229 58.08 -4.76 -33.22
C PHE G 229 59.40 -4.00 -33.13
N TYR G 230 59.47 -2.96 -32.30
CA TYR G 230 60.71 -2.22 -32.17
C TYR G 230 61.83 -3.10 -31.62
N VAL G 231 61.55 -3.85 -30.56
CA VAL G 231 62.61 -4.68 -29.99
C VAL G 231 63.06 -5.73 -31.00
N PHE G 232 62.11 -6.37 -31.70
CA PHE G 232 62.50 -7.41 -32.64
C PHE G 232 63.24 -6.83 -33.85
N PHE G 233 62.89 -5.62 -34.28
CA PHE G 233 63.57 -5.00 -35.41
C PHE G 233 64.94 -4.45 -35.04
N LYS G 234 65.17 -4.11 -33.77
CA LYS G 234 66.51 -3.76 -33.35
C LYS G 234 67.36 -4.99 -33.06
N GLY G 235 66.73 -6.14 -32.76
CA GLY G 235 67.48 -7.36 -32.59
C GLY G 235 67.94 -8.02 -33.88
N VAL G 236 67.27 -7.72 -35.00
CA VAL G 236 67.62 -8.35 -36.27
C VAL G 236 68.98 -7.86 -36.76
N LYS G 237 69.24 -6.56 -36.63
CA LYS G 237 70.48 -5.99 -37.14
C LYS G 237 71.70 -6.42 -36.34
N ASP G 238 71.51 -7.05 -35.19
CA ASP G 238 72.63 -7.53 -34.38
C ASP G 238 73.53 -6.37 -33.97
N GLY H 2 69.14 10.03 4.32
CA GLY H 2 69.10 8.64 3.89
C GLY H 2 69.24 7.68 5.06
N ASP H 3 68.15 7.00 5.40
CA ASP H 3 68.11 6.10 6.54
C ASP H 3 67.34 4.83 6.21
N TRP H 4 67.57 4.27 5.01
CA TRP H 4 66.87 3.07 4.56
C TRP H 4 67.78 1.85 4.53
N SER H 5 68.97 1.93 5.11
CA SER H 5 69.93 0.82 5.01
C SER H 5 69.53 -0.35 5.91
N ALA H 6 69.22 -0.07 7.17
CA ALA H 6 68.86 -1.14 8.09
C ALA H 6 67.65 -1.91 7.59
N LEU H 7 66.76 -1.25 6.84
CA LEU H 7 65.64 -1.95 6.24
C LEU H 7 66.13 -2.99 5.23
N GLY H 8 67.13 -2.63 4.43
CA GLY H 8 67.71 -3.60 3.52
C GLY H 8 68.34 -4.77 4.25
N LYS H 9 69.05 -4.50 5.34
CA LYS H 9 69.63 -5.58 6.12
C LYS H 9 68.55 -6.50 6.67
N LEU H 10 67.47 -5.91 7.20
CA LEU H 10 66.37 -6.69 7.73
C LEU H 10 65.75 -7.57 6.65
N LEU H 11 65.53 -7.00 5.47
CA LEU H 11 64.95 -7.77 4.38
C LEU H 11 65.86 -8.93 3.98
N ASP H 12 67.16 -8.68 3.90
CA ASP H 12 68.09 -9.75 3.55
C ASP H 12 68.06 -10.86 4.58
N LYS H 13 68.06 -10.51 5.87
CA LYS H 13 68.11 -11.54 6.90
C LYS H 13 66.79 -12.31 6.99
N VAL H 14 65.66 -11.67 6.67
CA VAL H 14 64.39 -12.37 6.73
C VAL H 14 64.31 -13.47 5.68
N GLN H 15 64.80 -13.19 4.47
CA GLN H 15 64.66 -14.10 3.33
C GLN H 15 65.92 -14.92 3.09
N ALA H 16 66.61 -15.32 4.16
CA ALA H 16 67.86 -16.05 4.00
C ALA H 16 67.64 -17.40 3.33
N TYR H 17 66.59 -18.12 3.72
CA TYR H 17 66.40 -19.52 3.32
C TYR H 17 65.39 -19.68 2.20
N SER H 18 64.91 -18.60 1.61
CA SER H 18 63.90 -18.69 0.57
C SER H 18 64.53 -18.76 -0.82
N THR H 19 63.78 -19.31 -1.76
CA THR H 19 64.23 -19.44 -3.14
C THR H 19 64.16 -18.08 -3.85
N ALA H 20 64.84 -18.01 -4.99
CA ALA H 20 64.89 -16.77 -5.75
C ALA H 20 63.51 -16.37 -6.28
N GLY H 21 62.78 -17.33 -6.84
CA GLY H 21 61.50 -17.01 -7.45
C GLY H 21 60.35 -16.88 -6.47
N GLY H 22 60.44 -17.59 -5.35
CA GLY H 22 59.34 -17.57 -4.38
C GLY H 22 59.05 -16.18 -3.88
N LYS H 23 60.08 -15.38 -3.62
CA LYS H 23 59.88 -14.01 -3.16
C LYS H 23 58.91 -13.28 -4.07
N VAL H 24 59.28 -13.15 -5.35
CA VAL H 24 58.51 -12.35 -6.28
C VAL H 24 57.10 -12.92 -6.43
N TRP H 25 57.00 -14.22 -6.69
CA TRP H 25 55.70 -14.79 -6.99
C TRP H 25 54.77 -14.66 -5.80
N LEU H 26 55.26 -14.97 -4.60
CA LEU H 26 54.40 -14.95 -3.41
C LEU H 26 54.01 -13.52 -3.04
N SER H 27 54.93 -12.57 -3.11
CA SER H 27 54.59 -11.20 -2.78
C SER H 27 53.56 -10.63 -3.76
N VAL H 28 53.76 -10.88 -5.06
CA VAL H 28 52.81 -10.38 -6.04
C VAL H 28 51.46 -11.06 -5.86
N LEU H 29 51.46 -12.34 -5.49
CA LEU H 29 50.20 -13.03 -5.22
C LEU H 29 49.48 -12.40 -4.04
N PHE H 30 50.21 -12.05 -2.99
CA PHE H 30 49.60 -11.39 -1.84
C PHE H 30 48.96 -10.05 -2.25
N ILE H 31 49.70 -9.26 -3.03
CA ILE H 31 49.17 -7.97 -3.47
C ILE H 31 47.92 -8.17 -4.32
N PHE H 32 47.97 -9.14 -5.25
CA PHE H 32 46.82 -9.45 -6.09
C PHE H 32 45.62 -9.85 -5.23
N ARG H 33 45.85 -10.70 -4.23
CA ARG H 33 44.77 -11.15 -3.36
C ARG H 33 44.11 -9.98 -2.66
N ILE H 34 44.92 -9.11 -2.03
CA ILE H 34 44.34 -8.01 -1.27
C ILE H 34 43.59 -7.05 -2.20
N LEU H 35 44.17 -6.74 -3.36
CA LEU H 35 43.50 -5.82 -4.28
C LEU H 35 42.19 -6.39 -4.77
N LEU H 36 42.19 -7.66 -5.15
CA LEU H 36 40.96 -8.28 -5.65
C LEU H 36 39.90 -8.31 -4.57
N LEU H 37 40.28 -8.65 -3.34
CA LEU H 37 39.31 -8.70 -2.26
C LEU H 37 38.76 -7.32 -1.94
N GLY H 38 39.59 -6.28 -2.03
CA GLY H 38 39.18 -4.96 -1.59
C GLY H 38 38.40 -4.16 -2.63
N THR H 39 38.72 -4.34 -3.91
CA THR H 39 38.12 -3.48 -4.93
C THR H 39 36.82 -4.06 -5.50
N ALA H 40 36.88 -5.24 -6.09
CA ALA H 40 35.76 -5.81 -6.83
C ALA H 40 34.90 -6.74 -5.98
N VAL H 41 35.53 -7.65 -5.24
CA VAL H 41 34.79 -8.69 -4.54
C VAL H 41 33.85 -8.09 -3.50
N GLU H 42 34.36 -7.14 -2.71
CA GLU H 42 33.60 -6.64 -1.57
C GLU H 42 32.31 -5.97 -2.00
N SER H 43 32.34 -5.23 -3.12
CA SER H 43 31.16 -4.47 -3.54
C SER H 43 30.06 -5.39 -4.06
N ALA H 44 30.41 -6.56 -4.59
CA ALA H 44 29.42 -7.46 -5.17
C ALA H 44 28.52 -8.10 -4.11
N TRP H 45 28.96 -8.13 -2.85
CA TRP H 45 28.19 -8.71 -1.76
C TRP H 45 27.44 -7.65 -0.95
N GLY H 46 27.39 -6.41 -1.43
CA GLY H 46 26.80 -5.35 -0.63
C GLY H 46 25.34 -5.60 -0.32
N ASP H 47 24.53 -5.87 -1.35
CA ASP H 47 23.10 -6.13 -1.16
C ASP H 47 22.81 -7.62 -1.03
N GLU H 48 23.53 -8.29 -0.13
CA GLU H 48 23.36 -9.73 0.01
C GLU H 48 22.06 -10.08 0.71
N GLN H 49 21.66 -9.27 1.69
CA GLN H 49 20.44 -9.52 2.44
C GLN H 49 19.29 -8.61 2.03
N SER H 50 19.58 -7.38 1.59
CA SER H 50 18.51 -6.47 1.20
C SER H 50 17.79 -6.94 -0.05
N ALA H 51 18.50 -7.56 -0.99
CA ALA H 51 17.91 -8.08 -2.22
C ALA H 51 17.47 -9.54 -2.10
N PHE H 52 17.67 -10.16 -0.95
CA PHE H 52 17.20 -11.52 -0.72
C PHE H 52 15.70 -11.52 -0.51
N ARG H 53 14.98 -12.38 -1.24
CA ARG H 53 13.53 -12.39 -1.22
C ARG H 53 13.02 -13.82 -1.16
N CYS H 54 11.85 -13.98 -0.54
CA CYS H 54 11.17 -15.26 -0.43
C CYS H 54 9.71 -15.08 -0.77
N ASN H 55 9.08 -16.17 -1.22
CA ASN H 55 7.68 -16.15 -1.62
C ASN H 55 6.84 -16.61 -0.43
N THR H 56 6.37 -15.65 0.37
CA THR H 56 5.57 -15.96 1.54
C THR H 56 5.07 -14.66 2.16
N GLN H 57 4.00 -14.79 2.94
CA GLN H 57 3.48 -13.69 3.74
C GLN H 57 3.78 -13.84 5.22
N GLN H 58 4.53 -14.85 5.62
CA GLN H 58 4.81 -15.10 7.03
C GLN H 58 5.85 -14.13 7.54
N PRO H 59 5.56 -13.29 8.54
CA PRO H 59 6.59 -12.42 9.09
C PRO H 59 7.67 -13.21 9.80
N GLY H 60 8.93 -12.80 9.57
CA GLY H 60 10.07 -13.45 10.16
C GLY H 60 10.66 -14.58 9.35
N CYS H 61 9.98 -15.04 8.30
CA CYS H 61 10.48 -16.18 7.54
C CYS H 61 11.72 -15.81 6.74
N GLU H 62 11.75 -14.62 6.15
CA GLU H 62 12.90 -14.20 5.37
C GLU H 62 14.17 -14.15 6.23
N ASN H 63 14.06 -13.62 7.45
CA ASN H 63 15.21 -13.54 8.33
C ASN H 63 15.82 -14.93 8.57
N VAL H 64 14.99 -15.88 9.01
CA VAL H 64 15.50 -17.19 9.37
C VAL H 64 16.00 -17.94 8.15
N CYS H 65 15.31 -17.78 7.01
CA CYS H 65 15.75 -18.48 5.80
C CYS H 65 17.09 -17.94 5.31
N TYR H 66 17.28 -16.61 5.35
CA TYR H 66 18.58 -16.06 5.00
C TYR H 66 19.65 -16.53 5.96
N ASP H 67 19.35 -16.57 7.26
CA ASP H 67 20.33 -17.03 8.24
C ASP H 67 20.72 -18.48 7.97
N LYS H 68 19.76 -19.32 7.63
CA LYS H 68 20.05 -20.72 7.35
C LYS H 68 20.86 -20.87 6.07
N SER H 69 20.52 -20.11 5.03
CA SER H 69 21.23 -20.22 3.76
C SER H 69 22.68 -19.81 3.90
N PHE H 70 22.96 -18.74 4.64
CA PHE H 70 24.31 -18.17 4.74
C PHE H 70 24.70 -18.04 6.21
N PRO H 71 25.24 -19.12 6.81
CA PRO H 71 25.73 -19.00 8.19
C PRO H 71 26.83 -17.95 8.33
N ILE H 72 27.66 -17.77 7.32
CA ILE H 72 28.67 -16.72 7.32
C ILE H 72 28.90 -16.28 5.89
N SER H 73 29.14 -14.98 5.71
CA SER H 73 29.36 -14.43 4.39
C SER H 73 30.71 -14.87 3.83
N HIS H 74 30.76 -15.01 2.51
CA HIS H 74 32.00 -15.44 1.85
C HIS H 74 33.11 -14.41 2.05
N VAL H 75 32.80 -13.12 1.95
CA VAL H 75 33.83 -12.09 2.03
C VAL H 75 34.48 -12.08 3.41
N ARG H 76 33.69 -12.17 4.47
CA ARG H 76 34.25 -12.17 5.82
C ARG H 76 35.03 -13.45 6.09
N PHE H 77 34.56 -14.58 5.55
CA PHE H 77 35.31 -15.82 5.64
C PHE H 77 36.69 -15.67 4.99
N TRP H 78 36.73 -15.03 3.81
CA TRP H 78 38.01 -14.84 3.12
C TRP H 78 38.91 -13.86 3.87
N VAL H 79 38.33 -12.85 4.50
CA VAL H 79 39.12 -11.92 5.31
C VAL H 79 39.77 -12.67 6.47
N LEU H 80 38.99 -13.51 7.16
CA LEU H 80 39.55 -14.33 8.22
C LEU H 80 40.66 -15.22 7.69
N GLN H 81 40.43 -15.85 6.53
CA GLN H 81 41.43 -16.73 5.94
C GLN H 81 42.74 -16.01 5.69
N ILE H 82 42.66 -14.81 5.08
CA ILE H 82 43.90 -14.11 4.73
C ILE H 82 44.61 -13.62 5.99
N ILE H 83 43.86 -13.17 7.00
CA ILE H 83 44.51 -12.74 8.23
C ILE H 83 45.24 -13.92 8.89
N PHE H 84 44.58 -15.07 8.95
CA PHE H 84 45.21 -16.25 9.55
C PHE H 84 46.43 -16.70 8.77
N VAL H 85 46.36 -16.63 7.43
CA VAL H 85 47.50 -17.01 6.62
C VAL H 85 48.65 -16.01 6.74
N SER H 86 48.35 -14.76 7.09
CA SER H 86 49.38 -13.72 7.15
C SER H 86 50.05 -13.59 8.51
N VAL H 87 49.35 -13.92 9.60
CA VAL H 87 49.91 -13.67 10.94
C VAL H 87 51.28 -14.30 11.14
N PRO H 88 51.54 -15.55 10.71
CA PRO H 88 52.84 -16.15 11.06
C PRO H 88 54.04 -15.39 10.53
N THR H 89 53.93 -14.83 9.32
CA THR H 89 55.03 -14.06 8.77
C THR H 89 55.30 -12.81 9.60
N LEU H 90 54.25 -12.15 10.08
CA LEU H 90 54.43 -11.00 10.95
C LEU H 90 55.14 -11.40 12.24
N LEU H 91 54.74 -12.53 12.83
CA LEU H 91 55.42 -13.02 14.02
C LEU H 91 56.90 -13.25 13.74
N TYR H 92 57.20 -13.90 12.62
CA TYR H 92 58.60 -14.18 12.27
C TYR H 92 59.39 -12.89 12.09
N LEU H 93 58.79 -11.90 11.42
CA LEU H 93 59.47 -10.62 11.23
C LEU H 93 59.79 -9.97 12.56
N ALA H 94 58.82 -9.96 13.49
CA ALA H 94 59.07 -9.36 14.80
C ALA H 94 60.20 -10.09 15.53
N HIS H 95 60.17 -11.42 15.49
CA HIS H 95 61.22 -12.19 16.14
C HIS H 95 62.58 -11.87 15.56
N VAL H 96 62.68 -11.79 14.23
CA VAL H 96 63.95 -11.49 13.59
C VAL H 96 64.44 -10.10 13.97
N PHE H 97 63.51 -9.13 14.02
CA PHE H 97 63.89 -7.77 14.39
C PHE H 97 64.50 -7.74 15.79
N TYR H 98 63.83 -8.36 16.76
CA TYR H 98 64.36 -8.36 18.12
C TYR H 98 65.67 -9.12 18.23
N VAL H 99 65.80 -10.23 17.51
CA VAL H 99 67.05 -10.97 17.53
C VAL H 99 68.19 -10.12 16.97
N MET H 100 67.92 -9.39 15.88
CA MET H 100 68.95 -8.54 15.29
C MET H 100 69.38 -7.45 16.26
N ARG H 101 68.42 -6.86 16.96
CA ARG H 101 68.79 -5.84 17.96
C ARG H 101 69.68 -6.43 19.04
N LYS H 102 69.33 -7.62 19.53
CA LYS H 102 70.14 -8.25 20.57
C LYS H 102 71.54 -8.56 20.06
N GLU H 103 71.65 -9.04 18.82
CA GLU H 103 72.96 -9.35 18.26
C GLU H 103 73.78 -8.08 18.07
N GLU H 104 73.15 -6.98 17.68
CA GLU H 104 73.87 -5.71 17.59
C GLU H 104 74.42 -5.31 18.95
N LYS H 105 73.60 -5.44 19.99
CA LYS H 105 74.08 -5.15 21.34
C LYS H 105 75.31 -6.00 21.66
N LEU H 106 75.19 -7.32 21.45
CA LEU H 106 76.29 -8.22 21.78
C LEU H 106 77.57 -7.84 21.04
N ASN H 107 77.48 -7.71 19.73
CA ASN H 107 78.68 -7.50 18.91
C ASN H 107 79.19 -6.08 18.98
N LYS H 108 78.44 -5.15 19.56
CA LYS H 108 78.93 -3.79 19.74
C LYS H 108 79.60 -3.62 21.10
N LYS H 109 78.97 -4.10 22.18
CA LYS H 109 79.54 -3.89 23.50
C LYS H 109 80.81 -4.71 23.71
N GLU H 110 80.98 -5.80 22.97
CA GLU H 110 82.10 -6.72 23.13
C GLU H 110 83.06 -6.64 21.95
N GLU H 111 83.31 -5.43 21.45
CA GLU H 111 84.26 -5.24 20.36
C GLU H 111 85.65 -5.73 20.77
N ARG H 148 73.47 -23.72 12.44
CA ARG H 148 72.10 -23.39 12.07
C ARG H 148 71.10 -24.11 12.96
N GLY H 149 69.89 -23.57 13.05
CA GLY H 149 68.84 -24.16 13.85
C GLY H 149 68.05 -23.16 14.65
N GLY H 150 68.69 -22.06 15.04
CA GLY H 150 67.99 -21.06 15.86
C GLY H 150 66.84 -20.41 15.12
N LEU H 151 67.10 -19.93 13.90
CA LEU H 151 66.09 -19.26 13.11
C LEU H 151 65.48 -20.15 12.02
N LEU H 152 66.19 -21.18 11.59
CA LEU H 152 65.67 -22.08 10.56
C LEU H 152 64.41 -22.79 11.06
N ARG H 153 64.44 -23.26 12.31
CA ARG H 153 63.32 -24.02 12.85
C ARG H 153 62.04 -23.18 12.88
N THR H 154 62.15 -21.94 13.33
CA THR H 154 60.98 -21.06 13.38
C THR H 154 60.44 -20.78 11.98
N TYR H 155 61.33 -20.57 11.01
CA TYR H 155 60.90 -20.34 9.64
C TYR H 155 60.14 -21.54 9.10
N ILE H 156 60.66 -22.75 9.34
CA ILE H 156 59.99 -23.96 8.88
C ILE H 156 58.61 -24.08 9.54
N ILE H 157 58.54 -23.81 10.84
CA ILE H 157 57.26 -23.89 11.54
C ILE H 157 56.27 -22.91 10.96
N SER H 158 56.71 -21.68 10.67
CA SER H 158 55.81 -20.67 10.13
C SER H 158 55.27 -21.10 8.77
N ILE H 159 56.15 -21.63 7.90
CA ILE H 159 55.69 -22.07 6.59
C ILE H 159 54.68 -23.20 6.73
N LEU H 160 54.98 -24.16 7.61
CA LEU H 160 54.08 -25.28 7.83
C LEU H 160 52.71 -24.79 8.28
N PHE H 161 52.68 -23.84 9.21
CA PHE H 161 51.41 -23.34 9.71
C PHE H 161 50.64 -22.57 8.65
N LYS H 162 51.33 -21.81 7.80
CA LYS H 162 50.65 -21.17 6.67
C LYS H 162 49.91 -22.21 5.84
N SER H 163 50.63 -23.27 5.44
CA SER H 163 50.00 -24.29 4.61
C SER H 163 48.83 -24.96 5.34
N ILE H 164 49.01 -25.24 6.63
CA ILE H 164 47.98 -25.91 7.41
C ILE H 164 46.72 -25.06 7.45
N PHE H 165 46.85 -23.77 7.72
CA PHE H 165 45.69 -22.90 7.76
C PHE H 165 45.01 -22.84 6.40
N GLU H 166 45.78 -22.74 5.32
CA GLU H 166 45.17 -22.70 4.00
C GLU H 166 44.34 -23.94 3.74
N VAL H 167 44.91 -25.12 4.03
CA VAL H 167 44.18 -26.37 3.77
C VAL H 167 42.94 -26.45 4.64
N ALA H 168 43.05 -26.06 5.92
CA ALA H 168 41.91 -26.13 6.81
C ALA H 168 40.77 -25.25 6.31
N PHE H 169 41.08 -24.02 5.91
CA PHE H 169 40.03 -23.13 5.41
C PHE H 169 39.39 -23.68 4.14
N LEU H 170 40.21 -24.24 3.23
CA LEU H 170 39.63 -24.82 2.03
C LEU H 170 38.68 -25.97 2.37
N LEU H 171 39.10 -26.85 3.28
CA LEU H 171 38.23 -27.97 3.66
C LEU H 171 36.94 -27.50 4.29
N ILE H 172 37.02 -26.51 5.17
CA ILE H 172 35.81 -25.99 5.82
C ILE H 172 34.86 -25.42 4.77
N GLN H 173 35.39 -24.63 3.83
CA GLN H 173 34.54 -24.04 2.80
C GLN H 173 33.91 -25.13 1.94
N TRP H 174 34.68 -26.16 1.58
CA TRP H 174 34.12 -27.25 0.79
C TRP H 174 32.98 -27.94 1.53
N TYR H 175 33.17 -28.19 2.83
CA TYR H 175 32.13 -28.87 3.61
C TYR H 175 30.87 -28.02 3.73
N ILE H 176 31.02 -26.71 3.94
CA ILE H 176 29.87 -25.88 4.24
C ILE H 176 29.11 -25.51 2.97
N TYR H 177 29.80 -24.93 1.99
CA TYR H 177 29.15 -24.35 0.82
C TYR H 177 29.38 -25.11 -0.47
N GLY H 178 30.55 -25.73 -0.64
CA GLY H 178 30.95 -26.20 -1.95
C GLY H 178 31.65 -25.09 -2.70
N PHE H 179 31.51 -25.05 -4.02
CA PHE H 179 32.17 -24.03 -4.84
C PHE H 179 31.23 -23.54 -5.92
N SER H 180 29.96 -23.35 -5.59
CA SER H 180 29.00 -22.76 -6.50
C SER H 180 27.76 -22.38 -5.71
N LEU H 181 26.93 -21.52 -6.30
CA LEU H 181 25.69 -21.07 -5.71
C LEU H 181 24.56 -21.18 -6.71
N SER H 182 23.41 -21.67 -6.25
CA SER H 182 22.23 -21.82 -7.07
C SER H 182 21.28 -20.65 -6.88
N ALA H 183 20.45 -20.41 -7.91
CA ALA H 183 19.57 -19.25 -7.89
C ALA H 183 18.41 -19.41 -6.91
N VAL H 184 17.92 -20.64 -6.74
CA VAL H 184 16.74 -20.91 -5.93
C VAL H 184 17.14 -21.74 -4.73
N TYR H 185 16.63 -21.37 -3.55
CA TYR H 185 16.91 -22.06 -2.31
C TYR H 185 15.59 -22.49 -1.66
N THR H 186 15.59 -23.70 -1.11
CA THR H 186 14.41 -24.26 -0.45
C THR H 186 14.61 -24.17 1.06
N CYS H 187 13.65 -23.56 1.74
CA CYS H 187 13.75 -23.27 3.18
C CYS H 187 12.67 -24.04 3.92
N LYS H 188 13.07 -24.72 4.99
CA LYS H 188 12.19 -25.55 5.81
C LYS H 188 12.45 -25.28 7.30
N ARG H 189 12.45 -24.01 7.68
CA ARG H 189 12.72 -23.59 9.05
C ARG H 189 11.55 -22.80 9.61
N ASP H 190 11.26 -23.00 10.89
CA ASP H 190 10.21 -22.25 11.54
C ASP H 190 10.59 -20.77 11.59
N PRO H 191 9.59 -19.87 11.56
CA PRO H 191 8.15 -20.14 11.57
C PRO H 191 7.53 -20.32 10.18
N CYS H 192 8.37 -20.50 9.16
CA CYS H 192 7.86 -20.69 7.82
C CYS H 192 7.01 -21.95 7.77
N PRO H 193 5.81 -21.90 7.16
CA PRO H 193 5.00 -23.12 7.05
C PRO H 193 5.43 -23.98 5.87
N HIS H 194 5.51 -25.28 6.13
CA HIS H 194 5.90 -26.28 5.12
C HIS H 194 7.27 -25.87 4.57
N GLN H 195 7.44 -25.79 3.25
CA GLN H 195 8.68 -25.34 2.63
C GLN H 195 8.38 -24.12 1.77
N VAL H 196 9.36 -23.23 1.67
CA VAL H 196 9.22 -22.02 0.87
C VAL H 196 10.41 -21.88 -0.07
N ASP H 197 10.21 -21.12 -1.14
CA ASP H 197 11.24 -20.84 -2.13
C ASP H 197 11.78 -19.43 -1.93
N CYS H 198 13.09 -19.30 -1.97
CA CYS H 198 13.77 -18.02 -1.84
C CYS H 198 14.76 -17.86 -2.98
N PHE H 199 15.10 -16.60 -3.28
CA PHE H 199 15.90 -16.27 -4.45
C PHE H 199 17.09 -15.42 -4.03
N LEU H 200 18.27 -15.81 -4.49
CA LEU H 200 19.52 -15.14 -4.14
C LEU H 200 19.76 -13.93 -5.03
N SER H 201 20.82 -13.18 -4.69
CA SER H 201 21.24 -12.02 -5.45
C SER H 201 22.59 -12.29 -6.10
N ARG H 202 22.66 -12.09 -7.42
CA ARG H 202 23.88 -12.20 -8.19
C ARG H 202 24.57 -13.55 -8.02
N PRO H 203 23.88 -14.67 -8.23
CA PRO H 203 24.52 -15.97 -8.03
C PRO H 203 25.67 -16.25 -9.00
N THR H 204 25.53 -15.88 -10.27
CA THR H 204 26.54 -16.23 -11.26
C THR H 204 27.85 -15.47 -11.02
N GLU H 205 27.75 -14.18 -10.74
CA GLU H 205 28.94 -13.37 -10.48
C GLU H 205 29.67 -13.89 -9.24
N LYS H 206 28.92 -14.22 -8.20
CA LYS H 206 29.53 -14.76 -6.99
C LYS H 206 30.18 -16.11 -7.25
N THR H 207 29.58 -16.95 -8.10
CA THR H 207 30.21 -18.21 -8.47
C THR H 207 31.54 -17.96 -9.17
N ILE H 208 31.57 -17.01 -10.10
CA ILE H 208 32.81 -16.69 -10.81
C ILE H 208 33.89 -16.27 -9.82
N PHE H 209 33.54 -15.36 -8.90
CA PHE H 209 34.54 -14.90 -7.94
C PHE H 209 34.98 -16.01 -6.99
N ILE H 210 34.06 -16.91 -6.63
CA ILE H 210 34.41 -18.04 -5.78
C ILE H 210 35.46 -18.90 -6.48
N ILE H 211 35.26 -19.18 -7.77
CA ILE H 211 36.23 -19.96 -8.51
C ILE H 211 37.58 -19.25 -8.55
N PHE H 212 37.58 -17.94 -8.77
CA PHE H 212 38.82 -17.18 -8.77
C PHE H 212 39.56 -17.33 -7.45
N MET H 213 38.85 -17.18 -6.33
CA MET H 213 39.49 -17.27 -5.03
C MET H 213 40.03 -18.68 -4.78
N LEU H 214 39.29 -19.70 -5.21
CA LEU H 214 39.78 -21.08 -5.08
C LEU H 214 41.11 -21.25 -5.82
N VAL H 215 41.18 -20.73 -7.05
CA VAL H 215 42.41 -20.86 -7.82
C VAL H 215 43.57 -20.16 -7.11
N VAL H 216 43.31 -18.96 -6.58
CA VAL H 216 44.37 -18.22 -5.89
C VAL H 216 44.87 -19.01 -4.69
N SER H 217 43.95 -19.56 -3.90
CA SER H 217 44.34 -20.32 -2.72
C SER H 217 45.18 -21.54 -3.11
N LEU H 218 44.77 -22.25 -4.15
CA LEU H 218 45.54 -23.41 -4.59
C LEU H 218 46.94 -23.02 -5.01
N VAL H 219 47.08 -21.91 -5.75
CA VAL H 219 48.40 -21.46 -6.16
C VAL H 219 49.28 -21.15 -4.95
N SER H 220 48.71 -20.45 -3.97
CA SER H 220 49.49 -20.12 -2.78
C SER H 220 49.95 -21.38 -2.05
N LEU H 221 49.05 -22.36 -1.90
CA LEU H 221 49.41 -23.60 -1.23
C LEU H 221 50.54 -24.30 -1.97
N ALA H 222 50.44 -24.35 -3.31
CA ALA H 222 51.48 -25.01 -4.08
C ALA H 222 52.83 -24.33 -3.88
N LEU H 223 52.85 -22.99 -3.89
CA LEU H 223 54.12 -22.29 -3.71
C LEU H 223 54.72 -22.58 -2.34
N ASN H 224 53.88 -22.58 -1.29
CA ASN H 224 54.41 -22.87 0.04
C ASN H 224 54.97 -24.29 0.12
N ILE H 225 54.27 -25.25 -0.47
CA ILE H 225 54.77 -26.63 -0.47
C ILE H 225 56.10 -26.71 -1.21
N ILE H 226 56.23 -25.97 -2.31
CA ILE H 226 57.49 -25.96 -3.06
C ILE H 226 58.61 -25.42 -2.19
N GLU H 227 58.34 -24.34 -1.44
CA GLU H 227 59.37 -23.80 -0.56
C GLU H 227 59.79 -24.82 0.49
N LEU H 228 58.82 -25.52 1.09
CA LEU H 228 59.14 -26.53 2.08
C LEU H 228 60.03 -27.61 1.48
N PHE H 229 59.67 -28.10 0.29
CA PHE H 229 60.47 -29.15 -0.35
C PHE H 229 61.87 -28.64 -0.66
N TYR H 230 61.99 -27.39 -1.10
CA TYR H 230 63.32 -26.85 -1.40
C TYR H 230 64.19 -26.80 -0.16
N VAL H 231 63.66 -26.30 0.95
CA VAL H 231 64.47 -26.21 2.15
C VAL H 231 64.88 -27.60 2.63
N PHE H 232 63.94 -28.55 2.61
CA PHE H 232 64.28 -29.89 3.09
C PHE H 232 65.25 -30.60 2.16
N PHE H 233 65.17 -30.35 0.86
CA PHE H 233 66.09 -30.97 -0.09
C PHE H 233 67.46 -30.33 -0.07
N LYS H 234 67.57 -29.06 0.33
CA LYS H 234 68.89 -28.49 0.53
C LYS H 234 69.48 -28.85 1.88
N GLY H 235 68.64 -29.20 2.86
CA GLY H 235 69.14 -29.68 4.14
C GLY H 235 69.65 -31.09 4.13
N VAL H 236 69.21 -31.93 3.17
CA VAL H 236 69.61 -33.32 3.15
C VAL H 236 71.09 -33.45 2.77
N LYS H 237 71.54 -32.65 1.80
CA LYS H 237 72.91 -32.75 1.33
C LYS H 237 73.93 -32.26 2.35
N ASP H 238 73.49 -31.60 3.41
CA ASP H 238 74.39 -31.12 4.45
C ASP H 238 75.41 -30.15 3.88
N GLY I 2 68.59 10.57 8.51
CA GLY I 2 68.37 9.49 9.46
C GLY I 2 68.19 10.00 10.87
N ASP I 3 66.96 9.93 11.38
CA ASP I 3 66.61 10.45 12.70
C ASP I 3 65.70 9.48 13.44
N TRP I 4 65.98 8.18 13.37
CA TRP I 4 65.15 7.16 14.00
C TRP I 4 65.83 6.53 15.21
N SER I 5 66.93 7.10 15.69
CA SER I 5 67.69 6.47 16.77
C SER I 5 66.99 6.63 18.11
N ALA I 6 66.56 7.85 18.44
CA ALA I 6 65.91 8.08 19.71
C ALA I 6 64.66 7.23 19.85
N LEU I 7 64.01 6.90 18.74
CA LEU I 7 62.87 5.99 18.79
C LEU I 7 63.30 4.61 19.27
N GLY I 8 64.45 4.12 18.78
CA GLY I 8 64.98 2.87 19.27
C GLY I 8 65.28 2.91 20.75
N LYS I 9 65.88 4.00 21.21
CA LYS I 9 66.17 4.13 22.65
C LYS I 9 64.88 4.11 23.46
N LEU I 10 63.85 4.84 22.99
CA LEU I 10 62.57 4.86 23.67
C LEU I 10 61.96 3.47 23.75
N LEU I 11 61.99 2.74 22.64
CA LEU I 11 61.45 1.38 22.62
C LEU I 11 62.19 0.49 23.60
N ASP I 12 63.52 0.58 23.62
CA ASP I 12 64.28 -0.25 24.54
C ASP I 12 63.93 0.06 25.99
N LYS I 13 63.81 1.35 26.32
CA LYS I 13 63.54 1.70 27.72
C LYS I 13 62.11 1.36 28.13
N VAL I 14 61.17 1.37 27.19
CA VAL I 14 59.79 1.04 27.53
C VAL I 14 59.67 -0.43 27.92
N GLN I 15 60.35 -1.31 27.19
CA GLN I 15 60.22 -2.75 27.36
C GLN I 15 61.34 -3.35 28.20
N ALA I 16 61.80 -2.61 29.22
CA ALA I 16 62.92 -3.10 30.01
C ALA I 16 62.56 -4.37 30.77
N TYR I 17 61.37 -4.43 31.35
CA TYR I 17 61.00 -5.49 32.29
C TYR I 17 60.13 -6.57 31.66
N SER I 18 59.92 -6.54 30.34
CA SER I 18 59.05 -7.50 29.69
C SER I 18 59.84 -8.71 29.19
N THR I 19 59.13 -9.82 29.04
CA THR I 19 59.74 -11.05 28.55
C THR I 19 60.00 -10.97 27.05
N ALA I 20 60.83 -11.90 26.57
CA ALA I 20 61.19 -11.91 25.16
C ALA I 20 59.98 -12.20 24.26
N GLY I 21 59.17 -13.19 24.63
CA GLY I 21 58.06 -13.59 23.78
C GLY I 21 56.83 -12.72 23.92
N GLY I 22 56.65 -12.11 25.09
CA GLY I 22 55.46 -11.30 25.32
C GLY I 22 55.33 -10.16 24.33
N LYS I 23 56.45 -9.50 24.02
CA LYS I 23 56.42 -8.41 23.04
C LYS I 23 55.73 -8.84 21.76
N VAL I 24 56.28 -9.86 21.10
CA VAL I 24 55.79 -10.27 19.80
C VAL I 24 54.33 -10.73 19.91
N TRP I 25 54.05 -11.63 20.85
CA TRP I 25 52.72 -12.21 20.90
C TRP I 25 51.67 -11.14 21.18
N LEU I 26 51.94 -10.26 22.15
CA LEU I 26 50.96 -9.25 22.53
C LEU I 26 50.75 -8.22 21.43
N SER I 27 51.84 -7.77 20.79
CA SER I 27 51.69 -6.79 19.72
C SER I 27 50.92 -7.36 18.54
N VAL I 28 51.24 -8.60 18.15
CA VAL I 28 50.52 -9.21 17.04
C VAL I 28 49.07 -9.45 17.41
N LEU I 29 48.80 -9.78 18.68
CA LEU I 29 47.42 -9.94 19.11
C LEU I 29 46.66 -8.62 19.01
N PHE I 30 47.30 -7.52 19.39
CA PHE I 30 46.66 -6.21 19.28
C PHE I 30 46.33 -5.90 17.82
N ILE I 31 47.28 -6.14 16.92
CA ILE I 31 47.04 -5.87 15.51
C ILE I 31 45.90 -6.73 14.99
N PHE I 32 45.92 -8.02 15.34
CA PHE I 32 44.85 -8.93 14.95
C PHE I 32 43.49 -8.44 15.45
N ARG I 33 43.44 -8.00 16.71
CA ARG I 33 42.20 -7.52 17.29
C ARG I 33 41.66 -6.33 16.51
N ILE I 34 42.51 -5.33 16.26
CA ILE I 34 42.03 -4.13 15.59
C ILE I 34 41.59 -4.46 14.16
N LEU I 35 42.36 -5.27 13.44
CA LEU I 35 41.99 -5.61 12.07
C LEU I 35 40.67 -6.36 12.02
N LEU I 36 40.50 -7.35 12.91
CA LEU I 36 39.27 -8.12 12.93
C LEU I 36 38.07 -7.23 13.25
N LEU I 37 38.23 -6.33 14.23
CA LEU I 37 37.12 -5.46 14.60
C LEU I 37 36.79 -4.49 13.47
N GLY I 38 37.80 -4.02 12.74
CA GLY I 38 37.57 -2.98 11.75
C GLY I 38 37.08 -3.48 10.40
N THR I 39 37.52 -4.66 9.97
CA THR I 39 37.22 -5.11 8.62
C THR I 39 35.93 -5.93 8.54
N ALA I 40 35.86 -7.05 9.26
CA ALA I 40 34.77 -8.00 9.13
C ALA I 40 33.66 -7.77 10.15
N VAL I 41 34.01 -7.58 11.42
CA VAL I 41 33.01 -7.54 12.48
C VAL I 41 32.08 -6.35 12.30
N GLU I 42 32.63 -5.19 12.00
CA GLU I 42 31.82 -3.96 11.98
C GLU I 42 30.73 -4.03 10.92
N SER I 43 31.04 -4.60 9.75
CA SER I 43 30.08 -4.62 8.65
C SER I 43 28.91 -5.56 8.93
N ALA I 44 29.12 -6.61 9.73
CA ALA I 44 28.08 -7.58 9.98
C ALA I 44 26.96 -7.04 10.85
N TRP I 45 27.20 -5.96 11.60
CA TRP I 45 26.22 -5.34 12.46
C TRP I 45 25.55 -4.12 11.81
N GLY I 46 25.79 -3.90 10.52
CA GLY I 46 25.28 -2.69 9.89
C GLY I 46 23.77 -2.58 9.95
N ASP I 47 23.08 -3.62 9.50
CA ASP I 47 21.61 -3.63 9.49
C ASP I 47 21.04 -4.29 10.75
N GLU I 48 21.51 -3.85 11.91
CA GLU I 48 21.09 -4.48 13.16
C GLU I 48 19.67 -4.08 13.52
N GLN I 49 19.28 -2.83 13.25
CA GLN I 49 17.95 -2.34 13.56
C GLN I 49 17.04 -2.28 12.34
N SER I 50 17.58 -2.01 11.16
CA SER I 50 16.76 -1.91 9.97
C SER I 50 16.14 -3.25 9.59
N ALA I 51 16.85 -4.35 9.79
CA ALA I 51 16.34 -5.68 9.49
C ALA I 51 15.65 -6.34 10.68
N PHE I 52 15.58 -5.66 11.82
CA PHE I 52 14.87 -6.17 12.98
C PHE I 52 13.36 -6.04 12.76
N ARG I 53 12.63 -7.12 12.97
CA ARG I 53 11.20 -7.15 12.68
C ARG I 53 10.45 -7.84 13.80
N CYS I 54 9.20 -7.43 13.98
CA CYS I 54 8.30 -8.00 14.98
C CYS I 54 6.94 -8.24 14.34
N ASN I 55 6.20 -9.22 14.89
CA ASN I 55 4.89 -9.58 14.38
C ASN I 55 3.84 -8.81 15.18
N THR I 56 3.44 -7.65 14.67
CA THR I 56 2.45 -6.82 15.33
C THR I 56 2.11 -5.65 14.44
N GLN I 57 0.94 -5.06 14.71
CA GLN I 57 0.51 -3.82 14.07
C GLN I 57 0.58 -2.62 14.99
N GLN I 58 1.09 -2.79 16.20
CA GLN I 58 1.12 -1.69 17.17
C GLN I 58 2.25 -0.73 16.83
N PRO I 59 1.96 0.55 16.57
CA PRO I 59 3.05 1.49 16.32
C PRO I 59 3.88 1.73 17.56
N GLY I 60 5.20 1.78 17.37
CA GLY I 60 6.13 1.98 18.46
C GLY I 60 6.62 0.72 19.15
N CYS I 61 6.01 -0.43 18.87
CA CYS I 61 6.41 -1.66 19.55
C CYS I 61 7.79 -2.12 19.11
N GLU I 62 8.10 -2.01 17.82
CA GLU I 62 9.41 -2.44 17.33
C GLU I 62 10.52 -1.65 17.99
N ASN I 63 10.35 -0.34 18.12
CA ASN I 63 11.37 0.50 18.74
C ASN I 63 11.70 0.01 20.16
N VAL I 64 10.66 -0.12 20.99
CA VAL I 64 10.90 -0.47 22.39
C VAL I 64 11.42 -1.89 22.51
N CYS I 65 10.92 -2.81 21.68
CA CYS I 65 11.39 -4.18 21.75
C CYS I 65 12.86 -4.29 21.34
N TYR I 66 13.27 -3.58 20.29
CA TYR I 66 14.67 -3.55 19.93
C TYR I 66 15.52 -2.95 21.03
N ASP I 67 15.04 -1.86 21.64
CA ASP I 67 15.80 -1.23 22.72
C ASP I 67 15.97 -2.20 23.90
N LYS I 68 14.92 -2.94 24.23
CA LYS I 68 15.01 -3.89 25.34
C LYS I 68 15.93 -5.05 25.00
N SER I 69 15.86 -5.56 23.77
CA SER I 69 16.70 -6.68 23.39
C SER I 69 18.19 -6.32 23.42
N PHE I 70 18.54 -5.12 22.96
CA PHE I 70 19.93 -4.70 22.81
C PHE I 70 20.15 -3.37 23.52
N PRO I 71 20.41 -3.39 24.83
CA PRO I 71 20.73 -2.14 25.52
C PRO I 71 21.96 -1.45 24.96
N ILE I 72 22.94 -2.20 24.47
CA ILE I 72 24.11 -1.63 23.81
C ILE I 72 24.60 -2.63 22.77
N SER I 73 25.07 -2.11 21.65
CA SER I 73 25.56 -2.96 20.58
C SER I 73 26.87 -3.63 20.97
N HIS I 74 27.08 -4.84 20.43
CA HIS I 74 28.30 -5.58 20.73
C HIS I 74 29.53 -4.85 20.21
N VAL I 75 29.46 -4.28 19.00
CA VAL I 75 30.63 -3.66 18.40
C VAL I 75 31.10 -2.46 19.22
N ARG I 76 30.16 -1.62 19.65
CA ARG I 76 30.53 -0.44 20.43
C ARG I 76 31.04 -0.85 21.82
N PHE I 77 30.46 -1.90 22.40
CA PHE I 77 30.98 -2.45 23.64
C PHE I 77 32.42 -2.89 23.48
N TRP I 78 32.74 -3.56 22.38
CA TRP I 78 34.10 -4.03 22.15
C TRP I 78 35.05 -2.86 21.89
N VAL I 79 34.57 -1.81 21.23
CA VAL I 79 35.39 -0.62 21.03
C VAL I 79 35.74 0.01 22.37
N LEU I 80 34.75 0.15 23.25
CA LEU I 80 35.02 0.65 24.59
C LEU I 80 36.01 -0.24 25.31
N GLN I 81 35.85 -1.55 25.20
CA GLN I 81 36.74 -2.48 25.88
C GLN I 81 38.18 -2.30 25.42
N ILE I 82 38.39 -2.20 24.11
CA ILE I 82 39.75 -2.11 23.60
C ILE I 82 40.38 -0.77 23.97
N ILE I 83 39.59 0.31 23.93
CA ILE I 83 40.13 1.60 24.32
C ILE I 83 40.54 1.59 25.79
N PHE I 84 39.70 1.03 26.65
CA PHE I 84 40.03 0.97 28.07
C PHE I 84 41.25 0.10 28.32
N VAL I 85 41.37 -1.02 27.59
CA VAL I 85 42.53 -1.89 27.76
C VAL I 85 43.80 -1.23 27.22
N SER I 86 43.69 -0.30 26.27
CA SER I 86 44.85 0.29 25.65
C SER I 86 45.35 1.56 26.35
N VAL I 87 44.47 2.31 27.03
CA VAL I 87 44.88 3.60 27.60
C VAL I 87 46.09 3.48 28.52
N PRO I 88 46.19 2.48 29.42
CA PRO I 88 47.30 2.50 30.38
C PRO I 88 48.66 2.47 29.73
N THR I 89 48.82 1.73 28.64
CA THR I 89 50.10 1.67 27.95
C THR I 89 50.47 3.04 27.37
N LEU I 90 49.48 3.76 26.83
CA LEU I 90 49.75 5.10 26.33
C LEU I 90 50.20 6.02 27.46
N LEU I 91 49.54 5.93 28.61
CA LEU I 91 49.97 6.73 29.76
C LEU I 91 51.41 6.41 30.14
N TYR I 92 51.74 5.11 30.20
CA TYR I 92 53.10 4.72 30.56
C TYR I 92 54.12 5.23 29.55
N LEU I 93 53.79 5.16 28.26
CA LEU I 93 54.70 5.67 27.23
C LEU I 93 54.95 7.16 27.42
N ALA I 94 53.88 7.93 27.66
CA ALA I 94 54.05 9.36 27.85
C ALA I 94 54.93 9.65 29.08
N HIS I 95 54.68 8.93 30.17
CA HIS I 95 55.48 9.13 31.38
C HIS I 95 56.95 8.83 31.11
N VAL I 96 57.23 7.74 30.39
CA VAL I 96 58.61 7.37 30.10
C VAL I 96 59.27 8.42 29.22
N PHE I 97 58.53 8.93 28.24
CA PHE I 97 59.08 9.96 27.35
C PHE I 97 59.50 11.19 28.15
N TYR I 98 58.61 11.68 29.01
CA TYR I 98 58.94 12.87 29.79
C TYR I 98 60.08 12.61 30.77
N VAL I 99 60.12 11.42 31.38
CA VAL I 99 61.21 11.09 32.28
C VAL I 99 62.54 11.08 31.53
N MET I 100 62.55 10.51 30.32
CA MET I 100 63.78 10.47 29.54
C MET I 100 64.25 11.87 29.19
N ARG I 101 63.32 12.75 28.83
CA ARG I 101 63.72 14.14 28.55
C ARG I 101 64.34 14.79 29.78
N LYS I 102 63.73 14.59 30.94
CA LYS I 102 64.28 15.18 32.16
C LYS I 102 65.67 14.62 32.47
N GLU I 103 65.85 13.32 32.28
CA GLU I 103 67.15 12.71 32.54
C GLU I 103 68.20 13.22 31.57
N GLU I 104 67.82 13.43 30.30
CA GLU I 104 68.75 14.02 29.36
C GLU I 104 69.17 15.41 29.81
N LYS I 105 68.22 16.22 30.25
CA LYS I 105 68.57 17.54 30.78
C LYS I 105 69.57 17.41 31.92
N LEU I 106 69.26 16.56 32.90
CA LEU I 106 70.13 16.41 34.06
C LEU I 106 71.54 16.00 33.65
N ASN I 107 71.65 14.93 32.87
CA ASN I 107 72.97 14.37 32.54
C ASN I 107 73.71 15.18 31.49
N LYS I 108 73.05 16.12 30.83
CA LYS I 108 73.74 16.99 29.89
C LYS I 108 74.24 18.26 30.56
N LYS I 109 73.41 18.92 31.37
CA LYS I 109 73.82 20.19 31.96
C LYS I 109 74.88 19.97 33.03
N GLU I 110 74.96 18.78 33.62
CA GLU I 110 75.88 18.49 34.72
C GLU I 110 76.99 17.54 34.27
N GLU I 111 77.50 17.73 33.06
CA GLU I 111 78.61 16.92 32.56
C GLU I 111 79.83 17.06 33.47
N ARG I 148 65.97 0.37 41.87
CA ARG I 148 64.74 0.18 41.11
C ARG I 148 63.51 0.55 41.94
N GLY I 149 62.42 0.88 41.26
CA GLY I 149 61.18 1.23 41.95
C GLY I 149 60.47 2.41 41.32
N GLY I 150 61.23 3.33 40.72
CA GLY I 150 60.62 4.51 40.14
C GLY I 150 59.70 4.18 38.98
N LEU I 151 60.20 3.39 38.03
CA LEU I 151 59.43 3.03 36.86
C LEU I 151 58.82 1.63 36.93
N LEU I 152 59.40 0.74 37.74
CA LEU I 152 58.87 -0.60 37.88
C LEU I 152 57.46 -0.58 38.46
N ARG I 153 57.24 0.25 39.47
CA ARG I 153 55.95 0.30 40.14
C ARG I 153 54.84 0.71 39.18
N THR I 154 55.10 1.74 38.37
CA THR I 154 54.10 2.20 37.41
C THR I 154 53.80 1.13 36.36
N TYR I 155 54.83 0.43 35.90
CA TYR I 155 54.65 -0.64 34.93
C TYR I 155 53.76 -1.74 35.51
N ILE I 156 54.04 -2.14 36.75
CA ILE I 156 53.24 -3.18 37.40
C ILE I 156 51.79 -2.71 37.53
N ILE I 157 51.59 -1.46 37.93
CA ILE I 157 50.23 -0.92 38.08
C ILE I 157 49.50 -0.95 36.75
N SER I 158 50.18 -0.54 35.67
CA SER I 158 49.56 -0.53 34.36
C SER I 158 49.13 -1.93 33.93
N ILE I 159 50.01 -2.92 34.13
CA ILE I 159 49.66 -4.29 33.74
C ILE I 159 48.47 -4.77 34.56
N LEU I 160 48.48 -4.50 35.87
CA LEU I 160 47.36 -4.92 36.72
C LEU I 160 46.06 -4.30 36.24
N PHE I 161 46.07 -3.02 35.89
CA PHE I 161 44.85 -2.37 35.45
C PHE I 161 44.37 -2.92 34.11
N LYS I 162 45.28 -3.23 33.20
CA LYS I 162 44.89 -3.89 31.96
C LYS I 162 44.10 -5.15 32.26
N SER I 163 44.66 -6.02 33.10
CA SER I 163 43.99 -7.28 33.42
C SER I 163 42.64 -7.03 34.09
N ILE I 164 42.60 -6.05 35.01
CA ILE I 164 41.37 -5.75 35.74
C ILE I 164 40.27 -5.32 34.77
N PHE I 165 40.60 -4.42 33.85
CA PHE I 165 39.60 -3.97 32.88
C PHE I 165 39.13 -5.12 32.01
N GLU I 166 40.05 -5.98 31.57
CA GLU I 166 39.64 -7.12 30.74
C GLU I 166 38.63 -8.00 31.48
N VAL I 167 38.95 -8.34 32.73
CA VAL I 167 38.07 -9.21 33.51
C VAL I 167 36.72 -8.54 33.74
N ALA I 168 36.73 -7.24 34.07
CA ALA I 168 35.48 -6.55 34.32
C ALA I 168 34.58 -6.55 33.08
N PHE I 169 35.16 -6.26 31.91
CA PHE I 169 34.36 -6.26 30.70
C PHE I 169 33.80 -7.65 30.40
N LEU I 170 34.62 -8.69 30.59
CA LEU I 170 34.12 -10.05 30.36
C LEU I 170 32.96 -10.36 31.29
N LEU I 171 33.08 -10.01 32.57
CA LEU I 171 32.00 -10.29 33.52
C LEU I 171 30.73 -9.54 33.14
N ILE I 172 30.86 -8.27 32.77
CA ILE I 172 29.69 -7.49 32.39
C ILE I 172 29.00 -8.12 31.19
N GLN I 173 29.77 -8.50 30.18
CA GLN I 173 29.18 -9.11 29.00
C GLN I 173 28.49 -10.43 29.34
N TRP I 174 29.11 -11.23 30.19
CA TRP I 174 28.49 -12.49 30.60
C TRP I 174 27.17 -12.23 31.31
N TYR I 175 27.13 -11.24 32.19
CA TYR I 175 25.90 -10.96 32.93
C TYR I 175 24.80 -10.45 32.00
N ILE I 176 25.14 -9.59 31.05
CA ILE I 176 24.11 -8.94 30.24
C ILE I 176 23.61 -9.87 29.14
N TYR I 177 24.51 -10.39 28.31
CA TYR I 177 24.12 -11.11 27.11
C TYR I 177 24.39 -12.60 27.16
N GLY I 178 25.45 -13.03 27.85
CA GLY I 178 25.94 -14.38 27.67
C GLY I 178 26.92 -14.44 26.52
N PHE I 179 26.96 -15.57 25.81
CA PHE I 179 27.88 -15.73 24.68
C PHE I 179 27.20 -16.43 23.53
N SER I 180 25.94 -16.08 23.27
CA SER I 180 25.21 -16.58 22.11
C SER I 180 23.97 -15.74 21.91
N LEU I 181 23.39 -15.84 20.72
CA LEU I 181 22.17 -15.12 20.37
C LEU I 181 21.18 -16.08 19.72
N SER I 182 19.92 -15.96 20.11
CA SER I 182 18.84 -16.78 19.58
C SER I 182 18.10 -16.04 18.48
N ALA I 183 17.48 -16.82 17.60
CA ALA I 183 16.80 -16.23 16.44
C ALA I 183 15.51 -15.51 16.82
N VAL I 184 14.80 -16.00 17.82
CA VAL I 184 13.49 -15.48 18.20
C VAL I 184 13.59 -14.87 19.59
N TYR I 185 13.00 -13.68 19.74
CA TYR I 185 12.98 -12.95 21.00
C TYR I 185 11.54 -12.65 21.40
N THR I 186 11.25 -12.80 22.69
CA THR I 186 9.93 -12.54 23.23
C THR I 186 9.93 -11.21 23.96
N CYS I 187 9.01 -10.33 23.57
CA CYS I 187 8.96 -8.95 24.06
C CYS I 187 7.67 -8.73 24.84
N LYS I 188 7.81 -8.15 26.03
CA LYS I 188 6.70 -7.88 26.95
C LYS I 188 6.80 -6.47 27.51
N ARG I 189 6.98 -5.49 26.63
CA ARG I 189 7.13 -4.10 27.03
C ARG I 189 6.05 -3.25 26.38
N ASP I 190 5.56 -2.26 27.13
CA ASP I 190 4.58 -1.35 26.59
C ASP I 190 5.19 -0.53 25.44
N PRO I 191 4.37 -0.11 24.46
CA PRO I 191 2.92 -0.29 24.38
C PRO I 191 2.48 -1.60 23.72
N CYS I 192 3.39 -2.54 23.54
CA CYS I 192 3.04 -3.80 22.91
C CYS I 192 1.99 -4.51 23.77
N PRO I 193 0.92 -5.03 23.18
CA PRO I 193 -0.05 -5.78 23.97
C PRO I 193 0.37 -7.22 24.21
N HIS I 194 0.18 -7.67 25.45
CA HIS I 194 0.53 -9.04 25.87
C HIS I 194 2.00 -9.25 25.54
N GLN I 195 2.36 -10.35 24.87
CA GLN I 195 3.72 -10.61 24.44
C GLN I 195 3.76 -10.74 22.92
N VAL I 196 4.89 -10.34 22.33
CA VAL I 196 5.06 -10.41 20.88
C VAL I 196 6.38 -11.11 20.56
N ASP I 197 6.45 -11.65 19.35
CA ASP I 197 7.63 -12.32 18.84
C ASP I 197 8.38 -11.42 17.87
N CYS I 198 9.69 -11.34 18.02
CA CYS I 198 10.55 -10.56 17.15
C CYS I 198 11.70 -11.43 16.67
N PHE I 199 12.28 -11.04 15.54
CA PHE I 199 13.27 -11.85 14.85
C PHE I 199 14.53 -11.02 14.60
N LEU I 200 15.68 -11.58 14.95
CA LEU I 200 16.95 -10.91 14.83
C LEU I 200 17.52 -11.04 13.42
N SER I 201 18.63 -10.35 13.19
CA SER I 201 19.35 -10.38 11.92
C SER I 201 20.70 -11.06 12.12
N ARG I 202 20.97 -12.08 11.31
CA ARG I 202 22.26 -12.76 11.28
C ARG I 202 22.68 -13.29 12.65
N PRO I 203 21.83 -14.05 13.34
CA PRO I 203 22.22 -14.54 14.68
C PRO I 203 23.42 -15.48 14.69
N THR I 204 23.52 -16.39 13.70
CA THR I 204 24.58 -17.40 13.72
C THR I 204 25.95 -16.77 13.49
N GLU I 205 26.04 -15.86 12.51
CA GLU I 205 27.30 -15.19 12.23
C GLU I 205 27.76 -14.37 13.43
N LYS I 206 26.84 -13.67 14.06
CA LYS I 206 27.17 -12.89 15.25
C LYS I 206 27.62 -13.79 16.40
N THR I 207 26.99 -14.96 16.55
CA THR I 207 27.44 -15.91 17.56
C THR I 207 28.88 -16.35 17.30
N ILE I 208 29.19 -16.66 16.04
CA ILE I 208 30.55 -17.07 15.68
C ILE I 208 31.55 -15.98 16.05
N PHE I 209 31.25 -14.74 15.67
CA PHE I 209 32.18 -13.65 15.97
C PHE I 209 32.28 -13.39 17.47
N ILE I 210 31.18 -13.56 18.21
CA ILE I 210 31.22 -13.41 19.66
C ILE I 210 32.19 -14.42 20.27
N ILE I 211 32.12 -15.67 19.81
CA ILE I 211 33.03 -16.69 20.31
C ILE I 211 34.47 -16.32 19.98
N PHE I 212 34.72 -15.84 18.76
CA PHE I 212 36.07 -15.41 18.39
C PHE I 212 36.59 -14.34 19.34
N MET I 213 35.78 -13.32 19.61
CA MET I 213 36.21 -12.23 20.48
C MET I 213 36.47 -12.72 21.90
N LEU I 214 35.62 -13.64 22.38
CA LEU I 214 35.85 -14.22 23.72
C LEU I 214 37.21 -14.90 23.78
N VAL I 215 37.54 -15.69 22.75
CA VAL I 215 38.82 -16.38 22.74
C VAL I 215 39.97 -15.38 22.75
N VAL I 216 39.86 -14.32 21.94
CA VAL I 216 40.92 -13.33 21.89
C VAL I 216 41.12 -12.68 23.26
N SER I 217 40.02 -12.31 23.91
CA SER I 217 40.12 -11.69 25.23
C SER I 217 40.78 -12.61 26.24
N LEU I 218 40.39 -13.89 26.23
CA LEU I 218 41.00 -14.84 27.16
C LEU I 218 42.51 -14.96 26.92
N VAL I 219 42.92 -15.02 25.66
CA VAL I 219 44.35 -15.12 25.35
C VAL I 219 45.08 -13.89 25.89
N SER I 220 44.53 -12.70 25.66
CA SER I 220 45.19 -11.49 26.14
C SER I 220 45.32 -11.50 27.66
N LEU I 221 44.26 -11.89 28.36
CA LEU I 221 44.31 -11.94 29.81
C LEU I 221 45.38 -12.91 30.29
N ALA I 222 45.46 -14.09 29.64
CA ALA I 222 46.46 -15.07 30.03
C ALA I 222 47.87 -14.52 29.85
N LEU I 223 48.13 -13.84 28.73
CA LEU I 223 49.46 -13.28 28.50
C LEU I 223 49.81 -12.24 29.55
N ASN I 224 48.86 -11.36 29.89
CA ASN I 224 49.14 -10.35 30.90
C ASN I 224 49.44 -10.98 32.26
N ILE I 225 48.67 -12.02 32.62
CA ILE I 225 48.92 -12.71 33.89
C ILE I 225 50.31 -13.34 33.88
N ILE I 226 50.70 -13.91 32.74
CA ILE I 226 52.03 -14.51 32.63
C ILE I 226 53.10 -13.46 32.84
N GLU I 227 52.92 -12.27 32.25
CA GLU I 227 53.91 -11.21 32.45
C GLU I 227 54.00 -10.82 33.92
N LEU I 228 52.85 -10.69 34.60
CA LEU I 228 52.87 -10.35 36.03
C LEU I 228 53.64 -11.40 36.82
N PHE I 229 53.35 -12.68 36.57
CA PHE I 229 54.03 -13.74 37.29
C PHE I 229 55.54 -13.71 37.02
N TYR I 230 55.93 -13.44 35.78
CA TYR I 230 57.35 -13.39 35.45
C TYR I 230 58.05 -12.28 36.23
N VAL I 231 57.46 -11.08 36.23
CA VAL I 231 58.12 -9.97 36.93
C VAL I 231 58.21 -10.27 38.42
N PHE I 232 57.13 -10.80 39.01
CA PHE I 232 57.17 -11.06 40.45
C PHE I 232 58.13 -12.20 40.80
N PHE I 233 58.26 -13.20 39.91
CA PHE I 233 59.17 -14.30 40.16
C PHE I 233 60.63 -13.92 39.94
N LYS I 234 60.89 -12.93 39.08
CA LYS I 234 62.26 -12.42 38.99
C LYS I 234 62.59 -11.43 40.10
N GLY I 235 61.58 -10.80 40.70
CA GLY I 235 61.82 -9.93 41.82
C GLY I 235 62.07 -10.65 43.13
N VAL I 236 61.63 -11.90 43.26
CA VAL I 236 61.79 -12.63 44.51
C VAL I 236 63.25 -12.98 44.74
N LYS I 237 63.96 -13.40 43.69
CA LYS I 237 65.34 -13.82 43.84
C LYS I 237 66.28 -12.66 44.14
N ASP I 238 65.82 -11.43 44.03
CA ASP I 238 66.65 -10.26 44.33
C ASP I 238 67.89 -10.23 43.44
N GLY J 2 67.64 15.03 9.99
CA GLY J 2 67.11 15.27 11.33
C GLY J 2 66.83 16.74 11.58
N ASP J 3 65.54 17.08 11.64
CA ASP J 3 65.11 18.46 11.81
C ASP J 3 63.95 18.56 12.79
N TRP J 4 64.02 17.82 13.89
CA TRP J 4 62.96 17.80 14.89
C TRP J 4 63.34 18.52 16.19
N SER J 5 64.46 19.26 16.18
CA SER J 5 64.95 19.87 17.42
C SER J 5 64.10 21.08 17.82
N ALA J 6 63.84 21.98 16.87
CA ALA J 6 63.06 23.17 17.19
C ALA J 6 61.68 22.80 17.71
N LEU J 7 61.14 21.66 17.27
CA LEU J 7 59.87 21.19 17.82
C LEU J 7 60.01 20.89 19.31
N GLY J 8 61.11 20.26 19.70
CA GLY J 8 61.35 20.02 21.12
C GLY J 8 61.45 21.32 21.90
N LYS J 9 62.16 22.30 21.35
CA LYS J 9 62.25 23.60 22.03
C LYS J 9 60.88 24.23 22.18
N LEU J 10 60.06 24.18 21.12
CA LEU J 10 58.72 24.74 21.17
C LEU J 10 57.89 24.05 22.25
N LEU J 11 57.96 22.72 22.30
CA LEU J 11 57.20 21.98 23.30
C LEU J 11 57.64 22.36 24.70
N ASP J 12 58.95 22.48 24.93
CA ASP J 12 59.44 22.85 26.25
C ASP J 12 58.94 24.23 26.64
N LYS J 13 59.00 25.19 25.71
CA LYS J 13 58.60 26.55 26.07
C LYS J 13 57.09 26.67 26.27
N VAL J 14 56.30 25.86 25.57
CA VAL J 14 54.85 25.93 25.73
C VAL J 14 54.43 25.48 27.13
N GLN J 15 55.06 24.41 27.64
CA GLN J 15 54.67 23.80 28.91
C GLN J 15 55.55 24.25 30.07
N ALA J 16 55.98 25.50 30.07
CA ALA J 16 56.88 25.97 31.11
C ALA J 16 56.21 25.93 32.49
N TYR J 17 54.96 26.36 32.58
CA TYR J 17 54.30 26.58 33.86
C TYR J 17 53.35 25.45 34.26
N SER J 18 53.34 24.35 33.52
CA SER J 18 52.42 23.25 33.80
C SER J 18 53.07 22.23 34.73
N THR J 19 52.22 21.48 35.43
CA THR J 19 52.67 20.45 36.34
C THR J 19 53.15 19.22 35.57
N ALA J 20 53.87 18.35 36.28
CA ALA J 20 54.41 17.15 35.64
C ALA J 20 53.32 16.20 35.18
N GLY J 21 52.31 15.98 36.02
CA GLY J 21 51.28 15.00 35.68
C GLY J 21 50.20 15.55 34.76
N GLY J 22 49.96 16.85 34.81
CA GLY J 22 48.90 17.43 34.00
C GLY J 22 49.10 17.18 32.52
N LYS J 23 50.34 17.29 32.05
CA LYS J 23 50.64 17.04 30.64
C LYS J 23 50.05 15.70 30.20
N VAL J 24 50.52 14.63 30.84
CA VAL J 24 50.15 13.29 30.41
C VAL J 24 48.64 13.09 30.54
N TRP J 25 48.09 13.41 31.71
CA TRP J 25 46.69 13.10 31.95
C TRP J 25 45.80 13.87 30.97
N LEU J 26 46.07 15.16 30.78
CA LEU J 26 45.23 15.99 29.92
C LEU J 26 45.35 15.59 28.46
N SER J 27 46.57 15.31 27.98
CA SER J 27 46.73 14.92 26.59
C SER J 27 46.04 13.59 26.31
N VAL J 28 46.22 12.61 27.21
CA VAL J 28 45.57 11.32 27.01
C VAL J 28 44.06 11.47 27.08
N LEU J 29 43.56 12.36 27.95
CA LEU J 29 42.13 12.60 28.01
C LEU J 29 41.62 13.19 26.70
N PHE J 30 42.38 14.11 26.10
CA PHE J 30 41.98 14.67 24.81
C PHE J 30 41.91 13.59 23.75
N ILE J 31 42.92 12.73 23.69
CA ILE J 31 42.93 11.65 22.70
C ILE J 31 41.75 10.72 22.92
N PHE J 32 41.49 10.35 24.17
CA PHE J 32 40.35 9.50 24.50
C PHE J 32 39.05 10.14 24.06
N ARG J 33 38.90 11.44 24.33
CA ARG J 33 37.68 12.15 23.96
C ARG J 33 37.46 12.10 22.45
N ILE J 34 38.49 12.44 21.67
CA ILE J 34 38.30 12.48 20.23
C ILE J 34 38.02 11.07 19.68
N LEU J 35 38.74 10.06 20.17
CA LEU J 35 38.52 8.71 19.68
C LEU J 35 37.10 8.24 19.99
N LEU J 36 36.66 8.46 21.23
CA LEU J 36 35.32 8.03 21.62
C LEU J 36 34.26 8.73 20.79
N LEU J 37 34.43 10.04 20.58
CA LEU J 37 33.43 10.77 19.80
C LEU J 37 33.42 10.31 18.35
N GLY J 38 34.58 9.98 17.80
CA GLY J 38 34.66 9.67 16.37
C GLY J 38 34.29 8.25 16.01
N THR J 39 34.60 7.28 16.87
CA THR J 39 34.41 5.87 16.49
C THR J 39 33.02 5.34 16.86
N ALA J 40 32.68 5.37 18.15
CA ALA J 40 31.47 4.72 18.64
C ALA J 40 30.28 5.67 18.74
N VAL J 41 30.49 6.86 19.29
CA VAL J 41 29.38 7.76 19.59
C VAL J 41 28.68 8.19 18.30
N GLU J 42 29.45 8.56 17.29
CA GLU J 42 28.86 9.16 16.09
C GLU J 42 27.94 8.19 15.37
N SER J 43 28.30 6.90 15.34
CA SER J 43 27.51 5.93 14.58
C SER J 43 26.18 5.64 15.26
N ALA J 44 26.10 5.77 16.58
CA ALA J 44 24.88 5.44 17.31
C ALA J 44 23.76 6.44 17.05
N TRP J 45 24.08 7.64 16.58
CA TRP J 45 23.09 8.67 16.29
C TRP J 45 22.73 8.73 14.82
N GLY J 46 23.18 7.76 14.02
CA GLY J 46 22.98 7.84 12.57
C GLY J 46 21.50 7.90 12.19
N ASP J 47 20.72 6.94 12.69
CA ASP J 47 19.29 6.89 12.39
C ASP J 47 18.46 7.60 13.46
N GLU J 48 18.83 8.83 13.78
CA GLU J 48 18.13 9.55 14.85
C GLU J 48 16.76 10.03 14.39
N GLN J 49 16.62 10.43 13.13
CA GLN J 49 15.36 10.91 12.59
C GLN J 49 14.65 9.88 11.73
N SER J 50 15.40 9.03 11.03
CA SER J 50 14.76 8.03 10.16
C SER J 50 13.99 7.00 10.95
N ALA J 51 14.48 6.62 12.14
CA ALA J 51 13.80 5.65 12.97
C ALA J 51 12.85 6.29 13.99
N PHE J 52 12.74 7.61 13.99
CA PHE J 52 11.80 8.31 14.85
C PHE J 52 10.39 8.14 14.30
N ARG J 53 9.46 7.73 15.15
CA ARG J 53 8.10 7.41 14.73
C ARG J 53 7.10 7.98 15.72
N CYS J 54 5.92 8.32 15.20
CA CYS J 54 4.81 8.83 15.99
C CYS J 54 3.53 8.12 15.59
N ASN J 55 2.58 8.05 16.52
CA ASN J 55 1.31 7.39 16.28
C ASN J 55 0.29 8.44 15.83
N THR J 56 0.17 8.59 14.52
CA THR J 56 -0.76 9.57 13.95
C THR J 56 -0.78 9.41 12.43
N GLN J 57 -1.85 9.90 11.83
CA GLN J 57 -1.99 9.99 10.39
C GLN J 57 -1.84 11.42 9.86
N GLN J 58 -1.54 12.38 10.73
CA GLN J 58 -1.47 13.77 10.31
C GLN J 58 -0.16 14.02 9.57
N PRO J 59 -0.20 14.46 8.31
CA PRO J 59 1.06 14.79 7.62
C PRO J 59 1.73 15.99 8.24
N GLY J 60 3.05 15.90 8.38
CA GLY J 60 3.85 16.97 8.96
C GLY J 60 4.03 16.90 10.46
N CYS J 61 3.28 16.03 11.16
CA CYS J 61 3.37 15.99 12.61
C CYS J 61 4.71 15.42 13.08
N GLU J 62 5.20 14.38 12.38
CA GLU J 62 6.48 13.79 12.78
C GLU J 62 7.61 14.80 12.69
N ASN J 63 7.64 15.60 11.61
CA ASN J 63 8.69 16.60 11.46
C ASN J 63 8.73 17.55 12.65
N VAL J 64 7.58 18.16 12.97
CA VAL J 64 7.55 19.17 14.01
C VAL J 64 7.82 18.56 15.38
N CYS J 65 7.30 17.34 15.61
CA CYS J 65 7.52 16.70 16.90
C CYS J 65 8.99 16.34 17.09
N TYR J 66 9.65 15.83 16.04
CA TYR J 66 11.08 15.58 16.14
C TYR J 66 11.86 16.88 16.38
N ASP J 67 11.48 17.94 15.67
CA ASP J 67 12.17 19.22 15.86
C ASP J 67 12.02 19.71 17.29
N LYS J 68 10.82 19.58 17.86
CA LYS J 68 10.60 20.02 19.24
C LYS J 68 11.36 19.16 20.23
N SER J 69 11.39 17.84 20.02
CA SER J 69 12.08 16.95 20.94
C SER J 69 13.58 17.22 20.97
N PHE J 70 14.18 17.46 19.81
CA PHE J 70 15.63 17.61 19.68
C PHE J 70 15.96 18.91 18.98
N PRO J 71 16.03 20.02 19.71
CA PRO J 71 16.46 21.27 19.08
C PRO J 71 17.84 21.20 18.47
N ILE J 72 18.75 20.44 19.07
CA ILE J 72 20.08 20.20 18.51
C ILE J 72 20.53 18.81 18.92
N SER J 73 21.24 18.14 18.02
CA SER J 73 21.73 16.80 18.29
C SER J 73 22.85 16.82 19.32
N HIS J 74 22.92 15.75 20.11
CA HIS J 74 23.95 15.65 21.14
C HIS J 74 25.34 15.62 20.53
N VAL J 75 25.53 14.89 19.43
CA VAL J 75 26.86 14.75 18.84
C VAL J 75 27.39 16.09 18.36
N ARG J 76 26.56 16.87 17.67
CA ARG J 76 27.01 18.16 17.17
C ARG J 76 27.25 19.14 18.31
N PHE J 77 26.42 19.06 19.36
CA PHE J 77 26.67 19.85 20.56
C PHE J 77 28.03 19.54 21.16
N TRP J 78 28.38 18.25 21.23
CA TRP J 78 29.67 17.86 21.79
C TRP J 78 30.83 18.28 20.89
N VAL J 79 30.61 18.25 19.57
CA VAL J 79 31.65 18.72 18.64
C VAL J 79 31.91 20.21 18.88
N LEU J 80 30.84 21.00 18.99
CA LEU J 80 31.00 22.41 19.30
C LEU J 80 31.72 22.60 20.63
N GLN J 81 31.35 21.81 21.64
CA GLN J 81 31.99 21.93 22.95
C GLN J 81 33.48 21.68 22.86
N ILE J 82 33.88 20.62 22.16
CA ILE J 82 35.31 20.27 22.12
C ILE J 82 36.08 21.31 21.32
N ILE J 83 35.49 21.82 20.23
CA ILE J 83 36.18 22.85 19.46
C ILE J 83 36.38 24.10 20.30
N PHE J 84 35.35 24.52 21.03
CA PHE J 84 35.47 25.71 21.88
C PHE J 84 36.48 25.50 22.99
N VAL J 85 36.52 24.30 23.58
CA VAL J 85 37.48 24.02 24.63
C VAL J 85 38.90 23.95 24.08
N SER J 86 39.07 23.63 22.79
CA SER J 86 40.40 23.45 22.23
C SER J 86 40.99 24.73 21.64
N VAL J 87 40.17 25.67 21.16
CA VAL J 87 40.70 26.84 20.46
C VAL J 87 41.73 27.61 21.29
N PRO J 88 41.53 27.84 22.59
CA PRO J 88 42.49 28.71 23.31
C PRO J 88 43.92 28.19 23.29
N THR J 89 44.09 26.86 23.39
CA THR J 89 45.43 26.30 23.36
C THR J 89 46.10 26.53 22.01
N LEU J 90 45.33 26.42 20.93
CA LEU J 90 45.88 26.71 19.60
C LEU J 90 46.31 28.16 19.50
N LEU J 91 45.48 29.08 20.02
CA LEU J 91 45.88 30.49 20.03
C LEU J 91 47.17 30.70 20.80
N TYR J 92 47.29 30.07 21.97
CA TYR J 92 48.50 30.22 22.78
C TYR J 92 49.72 29.66 22.05
N LEU J 93 49.56 28.52 21.39
CA LEU J 93 50.67 27.94 20.64
C LEU J 93 51.13 28.88 19.54
N ALA J 94 50.19 29.46 18.79
CA ALA J 94 50.57 30.39 17.73
C ALA J 94 51.30 31.60 18.29
N HIS J 95 50.79 32.15 19.40
CA HIS J 95 51.43 33.29 20.01
C HIS J 95 52.86 32.96 20.43
N VAL J 96 53.05 31.79 21.05
CA VAL J 96 54.38 31.39 21.50
C VAL J 96 55.31 31.22 20.32
N PHE J 97 54.82 30.63 19.23
CA PHE J 97 55.64 30.43 18.04
C PHE J 97 56.15 31.77 17.50
N TYR J 98 55.23 32.73 17.34
CA TYR J 98 55.64 34.02 16.82
C TYR J 98 56.58 34.77 17.78
N VAL J 99 56.34 34.66 19.08
CA VAL J 99 57.22 35.28 20.05
C VAL J 99 58.62 34.68 19.96
N MET J 100 58.71 33.36 19.82
CA MET J 100 60.01 32.72 19.72
C MET J 100 60.75 33.16 18.47
N ARG J 101 60.04 33.29 17.35
CA ARG J 101 60.70 33.78 16.15
C ARG J 101 61.25 35.20 16.36
N LYS J 102 60.45 36.07 16.98
CA LYS J 102 60.91 37.44 17.23
C LYS J 102 62.13 37.44 18.13
N GLU J 103 62.12 36.60 19.17
CA GLU J 103 63.26 36.55 20.09
C GLU J 103 64.50 36.03 19.38
N GLU J 104 64.34 35.05 18.50
CA GLU J 104 65.47 34.58 17.71
C GLU J 104 66.06 35.70 16.88
N LYS J 105 65.19 36.47 16.21
CA LYS J 105 65.67 37.63 15.46
C LYS J 105 66.48 38.57 16.36
N LEU J 106 65.90 38.93 17.51
CA LEU J 106 66.57 39.88 18.40
C LEU J 106 67.93 39.36 18.83
N ASN J 107 67.98 38.14 19.36
CA ASN J 107 69.21 37.61 19.94
C ASN J 107 70.21 37.16 18.89
N LYS J 108 69.82 37.08 17.62
CA LYS J 108 70.76 36.75 16.56
C LYS J 108 71.37 38.01 15.96
N LYS J 109 70.54 39.00 15.63
CA LYS J 109 71.08 40.20 14.97
C LYS J 109 71.93 41.03 15.90
N GLU J 110 71.74 40.90 17.22
CA GLU J 110 72.43 41.71 18.21
C GLU J 110 73.42 40.88 19.02
N GLU J 111 74.13 39.97 18.35
CA GLU J 111 75.15 39.15 19.01
C GLU J 111 76.22 40.03 19.62
N ARG J 148 58.79 37.97 34.88
CA ARG J 148 57.66 37.19 34.38
C ARG J 148 56.41 38.06 34.24
N GLY J 149 55.48 37.61 33.39
CA GLY J 149 54.24 38.33 33.19
C GLY J 149 53.82 38.39 31.73
N GLY J 150 54.80 38.40 30.82
CA GLY J 150 54.48 38.51 29.41
C GLY J 150 53.70 37.31 28.89
N LEU J 151 54.18 36.10 29.19
CA LEU J 151 53.53 34.89 28.73
C LEU J 151 52.70 34.20 29.81
N LEU J 152 53.01 34.45 31.08
CA LEU J 152 52.25 33.83 32.16
C LEU J 152 50.79 34.29 32.13
N ARG J 153 50.57 35.59 31.91
CA ARG J 153 49.22 36.14 31.93
C ARG J 153 48.35 35.49 30.87
N THR J 154 48.88 35.36 29.65
CA THR J 154 48.11 34.76 28.56
C THR J 154 47.79 33.29 28.86
N TYR J 155 48.75 32.56 29.44
CA TYR J 155 48.52 31.18 29.80
C TYR J 155 47.40 31.06 30.83
N ILE J 156 47.44 31.92 31.85
CA ILE J 156 46.38 31.90 32.87
C ILE J 156 45.03 32.20 32.24
N ILE J 157 44.99 33.20 31.36
CA ILE J 157 43.73 33.56 30.70
C ILE J 157 43.20 32.39 29.88
N SER J 158 44.07 31.71 29.15
CA SER J 158 43.65 30.58 28.33
C SER J 158 43.06 29.46 29.20
N ILE J 159 43.73 29.14 30.31
CA ILE J 159 43.22 28.09 31.18
C ILE J 159 41.86 28.49 31.75
N LEU J 160 41.73 29.74 32.19
CA LEU J 160 40.46 30.21 32.73
C LEU J 160 39.35 30.09 31.70
N PHE J 161 39.62 30.47 30.45
CA PHE J 161 38.60 30.39 29.42
C PHE J 161 38.23 28.95 29.10
N LYS J 162 39.20 28.04 29.10
CA LYS J 162 38.87 26.63 28.93
C LYS J 162 37.85 26.19 29.98
N SER J 163 38.14 26.47 31.25
CA SER J 163 37.23 26.06 32.32
C SER J 163 35.87 26.73 32.16
N ILE J 164 35.85 28.01 31.80
CA ILE J 164 34.61 28.75 31.66
C ILE J 164 33.74 28.11 30.58
N PHE J 165 34.33 27.81 29.42
CA PHE J 165 33.57 27.19 28.34
C PHE J 165 33.03 25.83 28.77
N GLU J 166 33.85 25.04 29.45
CA GLU J 166 33.38 23.72 29.89
C GLU J 166 32.16 23.86 30.80
N VAL J 167 32.23 24.75 31.78
CA VAL J 167 31.12 24.92 32.72
C VAL J 167 29.89 25.43 31.99
N ALA J 168 30.06 26.38 31.07
CA ALA J 168 28.92 26.93 30.35
C ALA J 168 28.22 25.85 29.54
N PHE J 169 28.98 25.03 28.83
CA PHE J 169 28.37 23.97 28.04
C PHE J 169 27.64 22.96 28.93
N LEU J 170 28.25 22.61 30.07
CA LEU J 170 27.57 21.68 30.98
C LEU J 170 26.25 22.27 31.48
N LEU J 171 26.24 23.55 31.86
CA LEU J 171 25.02 24.17 32.34
C LEU J 171 23.95 24.21 31.26
N ILE J 172 24.34 24.56 30.03
CA ILE J 172 23.37 24.61 28.94
C ILE J 172 22.77 23.24 28.70
N GLN J 173 23.60 22.20 28.68
CA GLN J 173 23.09 20.85 28.46
C GLN J 173 22.15 20.43 29.59
N TRP J 174 22.50 20.76 30.83
CA TRP J 174 21.63 20.42 31.95
C TRP J 174 20.28 21.12 31.81
N TYR J 175 20.29 22.39 31.42
CA TYR J 175 19.03 23.13 31.30
C TYR J 175 18.16 22.57 30.18
N ILE J 176 18.77 22.21 29.04
CA ILE J 176 17.99 21.84 27.87
C ILE J 176 17.49 20.40 27.98
N TYR J 177 18.40 19.45 28.19
CA TYR J 177 18.08 18.04 28.10
C TYR J 177 18.09 17.30 29.43
N GLY J 178 18.95 17.70 30.36
CA GLY J 178 19.23 16.85 31.51
C GLY J 178 20.34 15.87 31.18
N PHE J 179 20.30 14.69 31.77
CA PHE J 179 21.32 13.68 31.53
C PHE J 179 20.71 12.30 31.38
N SER J 180 19.57 12.22 30.70
CA SER J 180 18.94 10.94 30.37
C SER J 180 17.88 11.18 29.31
N LEU J 181 17.48 10.09 28.65
CA LEU J 181 16.45 10.13 27.63
C LEU J 181 15.41 9.05 27.89
N SER J 182 14.14 9.41 27.71
CA SER J 182 13.04 8.48 27.90
C SER J 182 12.58 7.91 26.56
N ALA J 183 11.97 6.73 26.63
CA ALA J 183 11.56 6.03 25.41
C ALA J 183 10.37 6.70 24.73
N VAL J 184 9.45 7.27 25.49
CA VAL J 184 8.21 7.82 24.98
C VAL J 184 8.22 9.33 25.18
N TYR J 185 7.81 10.06 24.15
CA TYR J 185 7.74 11.51 24.17
C TYR J 185 6.32 11.96 23.82
N THR J 186 5.84 12.97 24.54
CA THR J 186 4.51 13.53 24.32
C THR J 186 4.64 14.84 23.57
N CYS J 187 3.93 14.95 22.44
CA CYS J 187 4.04 16.08 21.53
C CYS J 187 2.72 16.82 21.47
N LYS J 188 2.78 18.14 21.62
CA LYS J 188 1.62 19.03 21.63
C LYS J 188 1.87 20.24 20.76
N ARG J 189 2.32 20.02 19.53
CA ARG J 189 2.65 21.09 18.60
C ARG J 189 1.82 20.96 17.33
N ASP J 190 1.40 22.09 16.78
CA ASP J 190 0.66 22.07 15.53
C ASP J 190 1.54 21.55 14.40
N PRO J 191 0.95 20.91 13.38
CA PRO J 191 -0.47 20.70 13.18
C PRO J 191 -1.04 19.44 13.84
N CYS J 192 -0.26 18.83 14.73
CA CYS J 192 -0.73 17.62 15.39
C CYS J 192 -1.99 17.94 16.20
N PRO J 193 -3.03 17.13 16.11
CA PRO J 193 -4.23 17.38 16.93
C PRO J 193 -4.08 16.84 18.34
N HIS J 194 -4.51 17.65 19.31
CA HIS J 194 -4.45 17.30 20.73
C HIS J 194 -3.01 16.96 21.06
N GLN J 195 -2.74 15.82 21.71
CA GLN J 195 -1.39 15.36 22.00
C GLN J 195 -1.17 14.01 21.34
N VAL J 196 0.08 13.75 20.95
CA VAL J 196 0.44 12.49 20.31
C VAL J 196 1.65 11.89 21.02
N ASP J 197 1.80 10.58 20.86
CA ASP J 197 2.92 9.84 21.42
C ASP J 197 3.92 9.50 20.33
N CYS J 198 5.20 9.71 20.63
CA CYS J 198 6.29 9.41 19.72
C CYS J 198 7.34 8.58 20.44
N PHE J 199 8.12 7.85 19.66
CA PHE J 199 9.06 6.87 20.19
C PHE J 199 10.45 7.13 19.65
N LEU J 200 11.44 7.17 20.55
CA LEU J 200 12.81 7.46 20.19
C LEU J 200 13.53 6.21 19.69
N SER J 201 14.76 6.41 19.24
CA SER J 201 15.64 5.35 18.78
C SER J 201 16.82 5.20 19.73
N ARG J 202 17.03 3.99 20.23
CA ARG J 202 18.17 3.64 21.07
C ARG J 202 18.30 4.55 22.28
N PRO J 203 17.26 4.70 23.10
CA PRO J 203 17.38 5.60 24.26
C PRO J 203 18.39 5.15 25.31
N THR J 204 18.47 3.85 25.58
CA THR J 204 19.34 3.36 26.66
C THR J 204 20.82 3.55 26.30
N GLU J 205 21.19 3.18 25.07
CA GLU J 205 22.57 3.34 24.64
C GLU J 205 22.99 4.80 24.66
N LYS J 206 22.11 5.69 24.20
CA LYS J 206 22.41 7.11 24.23
C LYS J 206 22.53 7.63 25.65
N THR J 207 21.71 7.12 26.56
CA THR J 207 21.85 7.50 27.97
C THR J 207 23.22 7.09 28.51
N ILE J 208 23.65 5.87 28.19
CA ILE J 208 24.95 5.40 28.65
C ILE J 208 26.06 6.32 28.14
N PHE J 209 26.02 6.63 26.85
CA PHE J 209 27.07 7.49 26.29
C PHE J 209 27.00 8.91 26.84
N ILE J 210 25.80 9.41 27.13
CA ILE J 210 25.67 10.72 27.76
C ILE J 210 26.36 10.74 29.11
N ILE J 211 26.15 9.69 29.90
CA ILE J 211 26.80 9.61 31.21
C ILE J 211 28.32 9.58 31.04
N PHE J 212 28.81 8.80 30.07
CA PHE J 212 30.25 8.75 29.81
C PHE J 212 30.80 10.14 29.51
N MET J 213 30.13 10.88 28.61
CA MET J 213 30.61 12.20 28.24
C MET J 213 30.59 13.15 29.42
N LEU J 214 29.54 13.06 30.26
CA LEU J 214 29.49 13.89 31.46
C LEU J 214 30.70 13.63 32.36
N VAL J 215 31.03 12.36 32.57
CA VAL J 215 32.17 12.02 33.41
C VAL J 215 33.46 12.60 32.83
N VAL J 216 33.63 12.47 31.51
CA VAL J 216 34.84 12.98 30.88
C VAL J 216 34.95 14.49 31.07
N SER J 217 33.85 15.20 30.86
CA SER J 217 33.87 16.66 31.02
C SER J 217 34.21 17.05 32.45
N LEU J 218 33.64 16.36 33.44
CA LEU J 218 33.94 16.67 34.82
C LEU J 218 35.42 16.45 35.12
N VAL J 219 35.99 15.36 34.62
CA VAL J 219 37.41 15.10 34.85
C VAL J 219 38.27 16.21 34.25
N SER J 220 37.95 16.63 33.03
CA SER J 220 38.72 17.70 32.39
C SER J 220 38.64 18.99 33.20
N LEU J 221 37.44 19.34 33.66
CA LEU J 221 37.28 20.55 34.45
C LEU J 221 38.11 20.47 35.73
N ALA J 222 38.08 19.32 36.40
CA ALA J 222 38.85 19.18 37.63
C ALA J 222 40.34 19.35 37.37
N LEU J 223 40.85 18.76 36.29
CA LEU J 223 42.27 18.90 35.99
C LEU J 223 42.64 20.35 35.73
N ASN J 224 41.81 21.08 34.97
CA ASN J 224 42.11 22.47 34.70
C ASN J 224 42.11 23.30 35.98
N ILE J 225 41.14 23.05 36.86
CA ILE J 225 41.09 23.77 38.14
C ILE J 225 42.35 23.47 38.96
N ILE J 226 42.80 22.21 38.94
CA ILE J 226 44.01 21.86 39.67
C ILE J 226 45.21 22.63 39.12
N GLU J 227 45.30 22.74 37.80
CA GLU J 227 46.40 23.50 37.21
C GLU J 227 46.36 24.96 37.65
N LEU J 228 45.17 25.56 37.64
CA LEU J 228 45.04 26.95 38.09
C LEU J 228 45.50 27.10 39.53
N PHE J 229 45.05 26.20 40.41
CA PHE J 229 45.45 26.30 41.81
C PHE J 229 46.96 26.12 41.96
N TYR J 230 47.56 25.21 41.19
CA TYR J 230 49.00 25.01 41.29
C TYR J 230 49.76 26.28 40.90
N VAL J 231 49.38 26.89 39.78
CA VAL J 231 50.10 28.09 39.34
C VAL J 231 49.94 29.20 40.37
N PHE J 232 48.72 29.40 40.88
CA PHE J 232 48.52 30.48 41.84
C PHE J 232 49.22 30.21 43.16
N PHE J 233 49.31 28.94 43.58
CA PHE J 233 49.98 28.60 44.82
C PHE J 233 51.50 28.66 44.71
N LYS J 234 52.03 28.47 43.50
CA LYS J 234 53.46 28.68 43.31
C LYS J 234 53.79 30.16 43.12
N GLY J 235 52.82 30.97 42.68
CA GLY J 235 53.05 32.40 42.58
C GLY J 235 53.00 33.14 43.90
N VAL J 236 52.34 32.57 44.91
CA VAL J 236 52.21 33.27 46.18
C VAL J 236 53.54 33.32 46.91
N LYS J 237 54.31 32.24 46.87
CA LYS J 237 55.58 32.18 47.59
C LYS J 237 56.65 33.08 46.98
N ASP J 238 56.41 33.62 45.79
CA ASP J 238 57.37 34.52 45.15
C ASP J 238 58.71 33.82 44.93
N GLY K 2 67.14 18.57 6.98
CA GLY K 2 66.48 19.82 7.34
C GLY K 2 66.42 20.79 6.18
N ASP K 3 65.21 20.98 5.64
CA ASP K 3 65.00 21.83 4.47
C ASP K 3 63.74 22.68 4.64
N TRP K 4 63.54 23.24 5.83
CA TRP K 4 62.36 24.04 6.13
C TRP K 4 62.68 25.53 6.25
N SER K 5 63.89 25.95 5.87
CA SER K 5 64.29 27.34 6.08
C SER K 5 63.61 28.29 5.09
N ALA K 6 63.64 27.94 3.81
CA ALA K 6 63.04 28.80 2.80
C ALA K 6 61.56 29.02 3.07
N LEU K 7 60.90 28.03 3.70
CA LEU K 7 59.51 28.21 4.10
C LEU K 7 59.37 29.33 5.13
N GLY K 8 60.30 29.37 6.10
CA GLY K 8 60.30 30.46 7.05
C GLY K 8 60.51 31.81 6.38
N LYS K 9 61.43 31.87 5.43
CA LYS K 9 61.65 33.13 4.71
C LYS K 9 60.39 33.56 3.96
N LEU K 10 59.74 32.59 3.30
CA LEU K 10 58.51 32.89 2.57
C LEU K 10 57.44 33.42 3.51
N LEU K 11 57.27 32.77 4.66
CA LEU K 11 56.27 33.21 5.62
C LEU K 11 56.56 34.62 6.10
N ASP K 12 57.83 34.91 6.40
CA ASP K 12 58.19 36.25 6.86
C ASP K 12 57.89 37.29 5.79
N LYS K 13 58.21 37.00 4.53
CA LYS K 13 58.01 38.00 3.49
C LYS K 13 56.53 38.18 3.16
N VAL K 14 55.72 37.14 3.32
CA VAL K 14 54.29 37.27 3.04
C VAL K 14 53.63 38.21 4.03
N GLN K 15 53.98 38.12 5.30
CA GLN K 15 53.32 38.87 6.37
C GLN K 15 54.09 40.11 6.77
N ALA K 16 54.73 40.78 5.82
CA ALA K 16 55.54 41.95 6.15
C ALA K 16 54.70 43.07 6.74
N TYR K 17 53.52 43.34 6.15
CA TYR K 17 52.74 44.52 6.46
C TYR K 17 51.57 44.24 7.41
N SER K 18 51.48 43.03 7.96
CA SER K 18 50.36 42.68 8.82
C SER K 18 50.69 42.96 10.28
N THR K 19 49.63 43.13 11.08
CA THR K 19 49.78 43.38 12.50
C THR K 19 50.14 42.10 13.24
N ALA K 20 50.60 42.27 14.48
CA ALA K 20 51.03 41.13 15.27
C ALA K 20 49.86 40.20 15.60
N GLY K 21 48.72 40.77 16.00
CA GLY K 21 47.59 39.94 16.42
C GLY K 21 46.77 39.40 15.27
N GLY K 22 46.74 40.11 14.15
CA GLY K 22 45.92 39.69 13.04
C GLY K 22 46.28 38.31 12.54
N LYS K 23 47.58 38.01 12.47
CA LYS K 23 48.01 36.68 12.04
C LYS K 23 47.28 35.59 12.81
N VAL K 24 47.47 35.58 14.13
CA VAL K 24 46.94 34.51 14.96
C VAL K 24 45.42 34.46 14.86
N TRP K 25 44.78 35.61 15.07
CA TRP K 25 43.32 35.61 15.13
C TRP K 25 42.71 35.15 13.81
N LEU K 26 43.23 35.67 12.69
CA LEU K 26 42.65 35.35 11.40
C LEU K 26 42.92 33.89 11.02
N SER K 27 44.13 33.39 11.27
CA SER K 27 44.41 32.00 10.94
C SER K 27 43.56 31.04 11.77
N VAL K 28 43.43 31.31 13.07
CA VAL K 28 42.62 30.44 13.91
C VAL K 28 41.15 30.54 13.50
N LEU K 29 40.70 31.72 13.08
CA LEU K 29 39.33 31.85 12.60
C LEU K 29 39.11 31.02 11.34
N PHE K 30 40.09 31.03 10.43
CA PHE K 30 39.98 30.20 9.22
C PHE K 30 39.88 28.72 9.57
N ILE K 31 40.73 28.27 10.48
CA ILE K 31 40.69 26.86 10.89
C ILE K 31 39.35 26.51 11.52
N PHE K 32 38.87 27.39 12.41
CA PHE K 32 37.58 27.19 13.05
C PHE K 32 36.47 27.11 12.00
N ARG K 33 36.50 28.01 11.03
CA ARG K 33 35.48 28.02 9.97
C ARG K 33 35.46 26.70 9.22
N ILE K 34 36.63 26.25 8.76
CA ILE K 34 36.66 25.03 7.96
C ILE K 34 36.22 23.83 8.79
N LEU K 35 36.69 23.73 10.04
CA LEU K 35 36.32 22.60 10.87
C LEU K 35 34.81 22.58 11.13
N LEU K 36 34.25 23.74 11.46
CA LEU K 36 32.81 23.81 11.74
C LEU K 36 32.01 23.43 10.50
N LEU K 37 32.41 23.94 9.33
CA LEU K 37 31.68 23.63 8.12
C LEU K 37 31.80 22.14 7.77
N GLY K 38 32.95 21.53 8.03
CA GLY K 38 33.18 20.17 7.58
C GLY K 38 32.63 19.10 8.51
N THR K 39 32.63 19.33 9.82
CA THR K 39 32.27 18.28 10.77
C THR K 39 30.78 18.27 11.09
N ALA K 40 30.27 19.37 11.65
CA ALA K 40 28.92 19.42 12.18
C ALA K 40 27.90 19.96 11.18
N VAL K 41 28.22 21.07 10.51
CA VAL K 41 27.25 21.74 9.67
C VAL K 41 26.81 20.85 8.51
N GLU K 42 27.77 20.20 7.85
CA GLU K 42 27.47 19.48 6.62
C GLU K 42 26.50 18.32 6.87
N SER K 43 26.65 17.64 8.00
CA SER K 43 25.82 16.47 8.27
C SER K 43 24.37 16.85 8.57
N ALA K 44 24.14 18.05 9.11
CA ALA K 44 22.79 18.44 9.49
C ALA K 44 21.89 18.71 8.28
N TRP K 45 22.47 18.96 7.11
CA TRP K 45 21.72 19.21 5.89
C TRP K 45 21.59 17.97 5.02
N GLY K 46 21.97 16.79 5.52
CA GLY K 46 21.98 15.60 4.68
C GLY K 46 20.61 15.26 4.13
N ASP K 47 19.61 15.16 5.01
CA ASP K 47 18.25 14.83 4.59
C ASP K 47 17.41 16.08 4.36
N GLU K 48 17.93 17.02 3.57
CA GLU K 48 17.23 18.27 3.35
C GLU K 48 16.03 18.09 2.44
N GLN K 49 16.15 17.22 1.43
CA GLN K 49 15.06 16.98 0.49
C GLN K 49 14.31 15.68 0.75
N SER K 50 14.99 14.66 1.28
CA SER K 50 14.34 13.38 1.54
C SER K 50 13.30 13.49 2.64
N ALA K 51 13.55 14.32 3.66
CA ALA K 51 12.61 14.51 4.75
C ALA K 51 11.65 15.67 4.52
N PHE K 52 11.77 16.36 3.39
CA PHE K 52 10.84 17.43 3.04
C PHE K 52 9.51 16.82 2.60
N ARG K 53 8.41 17.31 3.17
CA ARG K 53 7.09 16.75 2.93
C ARG K 53 6.07 17.86 2.74
N CYS K 54 5.05 17.54 1.94
CA CYS K 54 3.95 18.46 1.67
C CYS K 54 2.64 17.70 1.79
N ASN K 55 1.56 18.43 2.10
CA ASN K 55 0.24 17.84 2.27
C ASN K 55 -0.51 17.96 0.95
N THR K 56 -0.42 16.92 0.12
CA THR K 56 -1.08 16.92 -1.17
C THR K 56 -0.92 15.54 -1.81
N GLN K 57 -1.81 15.26 -2.76
CA GLN K 57 -1.72 14.07 -3.58
C GLN K 57 -1.27 14.37 -5.01
N GLN K 58 -0.93 15.62 -5.31
CA GLN K 58 -0.57 15.99 -6.67
C GLN K 58 0.86 15.53 -6.99
N PRO K 59 1.06 14.69 -7.98
CA PRO K 59 2.44 14.31 -8.33
C PRO K 59 3.22 15.48 -8.89
N GLY K 60 4.47 15.60 -8.45
CA GLY K 60 5.34 16.67 -8.88
C GLY K 60 5.29 17.92 -8.03
N CYS K 61 4.33 18.04 -7.12
CA CYS K 61 4.21 19.26 -6.33
C CYS K 61 5.36 19.40 -5.33
N GLU K 62 5.76 18.29 -4.70
CA GLU K 62 6.85 18.35 -3.74
C GLU K 62 8.14 18.84 -4.39
N ASN K 63 8.45 18.35 -5.59
CA ASN K 63 9.66 18.77 -6.27
C ASN K 63 9.69 20.28 -6.47
N VAL K 64 8.63 20.83 -7.06
CA VAL K 64 8.63 22.25 -7.40
C VAL K 64 8.59 23.09 -6.12
N CYS K 65 7.85 22.64 -5.10
CA CYS K 65 7.78 23.42 -3.87
C CYS K 65 9.13 23.44 -3.16
N TYR K 66 9.84 22.31 -3.12
CA TYR K 66 11.17 22.30 -2.55
C TYR K 66 12.11 23.20 -3.35
N ASP K 67 12.02 23.14 -4.68
CA ASP K 67 12.88 24.00 -5.50
C ASP K 67 12.62 25.46 -5.23
N LYS K 68 11.35 25.84 -5.08
CA LYS K 68 11.02 27.24 -4.81
C LYS K 68 11.48 27.66 -3.42
N SER K 69 11.31 26.79 -2.42
CA SER K 69 11.70 27.14 -1.06
C SER K 69 13.21 27.36 -0.95
N PHE K 70 14.00 26.51 -1.61
CA PHE K 70 15.46 26.52 -1.48
C PHE K 70 16.10 26.61 -2.86
N PRO K 71 16.25 27.83 -3.40
CA PRO K 71 16.96 27.95 -4.68
C PRO K 71 18.39 27.44 -4.62
N ILE K 72 19.07 27.57 -3.49
CA ILE K 72 20.40 27.01 -3.29
C ILE K 72 20.56 26.66 -1.82
N SER K 73 21.26 25.56 -1.56
CA SER K 73 21.46 25.11 -0.20
C SER K 73 22.42 26.03 0.54
N HIS K 74 22.21 26.14 1.86
CA HIS K 74 23.06 27.00 2.68
C HIS K 74 24.50 26.51 2.69
N VAL K 75 24.71 25.20 2.78
CA VAL K 75 26.06 24.67 2.91
C VAL K 75 26.87 24.97 1.65
N ARG K 76 26.29 24.77 0.47
CA ARG K 76 27.01 25.03 -0.76
C ARG K 76 27.25 26.52 -0.96
N PHE K 77 26.29 27.35 -0.54
CA PHE K 77 26.49 28.80 -0.55
C PHE K 77 27.68 29.18 0.32
N TRP K 78 27.80 28.58 1.50
CA TRP K 78 28.92 28.89 2.39
C TRP K 78 30.24 28.38 1.82
N VAL K 79 30.22 27.23 1.15
CA VAL K 79 31.43 26.74 0.50
C VAL K 79 31.90 27.71 -0.57
N LEU K 80 30.96 28.19 -1.40
CA LEU K 80 31.32 29.20 -2.39
C LEU K 80 31.87 30.45 -1.73
N GLN K 81 31.24 30.88 -0.64
CA GLN K 81 31.69 32.08 0.07
C GLN K 81 33.13 31.92 0.55
N ILE K 82 33.45 30.79 1.17
CA ILE K 82 34.78 30.62 1.75
C ILE K 82 35.82 30.51 0.63
N ILE K 83 35.49 29.82 -0.46
CA ILE K 83 36.43 29.72 -1.57
C ILE K 83 36.72 31.10 -2.15
N PHE K 84 35.68 31.91 -2.35
CA PHE K 84 35.87 33.25 -2.88
C PHE K 84 36.68 34.12 -1.94
N VAL K 85 36.43 34.00 -0.63
CA VAL K 85 37.18 34.78 0.34
C VAL K 85 38.63 34.32 0.44
N SER K 86 38.91 33.07 0.08
CA SER K 86 40.26 32.54 0.23
C SER K 86 41.14 32.71 -1.00
N VAL K 87 40.56 32.77 -2.20
CA VAL K 87 41.37 32.80 -3.42
C VAL K 87 42.39 33.94 -3.43
N PRO K 88 42.06 35.17 -3.01
CA PRO K 88 43.03 36.26 -3.17
C PRO K 88 44.34 36.02 -2.44
N THR K 89 44.28 35.42 -1.25
CA THR K 89 45.50 35.15 -0.50
C THR K 89 46.37 34.13 -1.23
N LEU K 90 45.75 33.12 -1.85
CA LEU K 90 46.52 32.16 -2.64
C LEU K 90 47.20 32.85 -3.81
N LEU K 91 46.48 33.75 -4.49
CA LEU K 91 47.09 34.51 -5.58
C LEU K 91 48.29 35.31 -5.09
N TYR K 92 48.13 35.97 -3.95
CA TYR K 92 49.22 36.78 -3.41
C TYR K 92 50.42 35.92 -3.04
N LEU K 93 50.17 34.75 -2.45
CA LEU K 93 51.26 33.84 -2.11
C LEU K 93 52.03 33.41 -3.35
N ALA K 94 51.30 33.04 -4.41
CA ALA K 94 51.98 32.64 -5.64
C ALA K 94 52.81 33.77 -6.22
N HIS K 95 52.25 34.98 -6.23
CA HIS K 95 52.99 36.13 -6.74
C HIS K 95 54.27 36.35 -5.94
N VAL K 96 54.17 36.27 -4.62
CA VAL K 96 55.34 36.50 -3.77
C VAL K 96 56.39 35.42 -4.02
N PHE K 97 55.95 34.17 -4.17
CA PHE K 97 56.90 33.09 -4.43
C PHE K 97 57.68 33.34 -5.72
N TYR K 98 56.97 33.68 -6.79
CA TYR K 98 57.67 33.92 -8.06
C TYR K 98 58.57 35.15 -8.00
N VAL K 99 58.13 36.20 -7.30
CA VAL K 99 58.97 37.38 -7.15
C VAL K 99 60.24 37.03 -6.38
N MET K 100 60.13 36.23 -5.33
CA MET K 100 61.30 35.85 -4.56
C MET K 100 62.28 35.05 -5.41
N ARG K 101 61.76 34.13 -6.23
CA ARG K 101 62.65 33.38 -7.11
C ARG K 101 63.39 34.31 -8.07
N LYS K 102 62.67 35.27 -8.66
CA LYS K 102 63.32 36.21 -9.57
C LYS K 102 64.38 37.03 -8.86
N GLU K 103 64.09 37.48 -7.63
CA GLU K 103 65.07 38.27 -6.89
C GLU K 103 66.29 37.43 -6.53
N GLU K 104 66.09 36.16 -6.20
CA GLU K 104 67.23 35.28 -5.96
C GLU K 104 68.10 35.18 -7.20
N LYS K 105 67.48 34.99 -8.36
CA LYS K 105 68.24 34.96 -9.60
C LYS K 105 69.06 36.24 -9.75
N LEU K 106 68.40 37.40 -9.61
CA LEU K 106 69.09 38.67 -9.81
C LEU K 106 70.27 38.81 -8.87
N ASN K 107 70.04 38.61 -7.57
CA ASN K 107 71.07 38.88 -6.57
C ASN K 107 72.12 37.78 -6.50
N LYS K 108 71.90 36.64 -7.16
CA LYS K 108 72.92 35.60 -7.21
C LYS K 108 73.80 35.76 -8.44
N LYS K 109 73.21 35.97 -9.62
CA LYS K 109 74.01 36.05 -10.83
C LYS K 109 74.87 37.32 -10.87
N GLU K 110 74.47 38.36 -10.14
CA GLU K 110 75.14 39.65 -10.18
C GLU K 110 75.86 39.93 -8.85
N GLU K 111 76.48 38.91 -8.28
CA GLU K 111 77.25 39.08 -7.04
C GLU K 111 78.37 40.09 -7.24
N ARG K 148 58.88 51.47 -1.58
CA ARG K 148 57.72 50.61 -1.42
C ARG K 148 56.66 50.90 -2.48
N GLY K 149 55.80 49.92 -2.74
CA GLY K 149 54.74 50.07 -3.71
C GLY K 149 54.55 48.85 -4.59
N GLY K 150 55.63 48.11 -4.84
CA GLY K 150 55.54 46.95 -5.71
C GLY K 150 54.63 45.87 -5.14
N LEU K 151 54.86 45.50 -3.88
CA LEU K 151 54.09 44.45 -3.23
C LEU K 151 53.02 44.99 -2.29
N LEU K 152 53.19 46.21 -1.79
CA LEU K 152 52.18 46.79 -0.90
C LEU K 152 50.84 46.96 -1.61
N ARG K 153 50.89 47.44 -2.85
CA ARG K 153 49.65 47.70 -3.59
C ARG K 153 48.84 46.43 -3.78
N THR K 154 49.51 45.33 -4.17
CA THR K 154 48.80 44.07 -4.37
C THR K 154 48.21 43.55 -3.06
N TYR K 155 48.94 43.69 -1.97
CA TYR K 155 48.43 43.27 -0.67
C TYR K 155 47.17 44.05 -0.29
N ILE K 156 47.21 45.37 -0.49
CA ILE K 156 46.05 46.20 -0.18
C ILE K 156 44.86 45.78 -1.04
N ILE K 157 45.11 45.54 -2.33
CA ILE K 157 44.03 45.12 -3.24
C ILE K 157 43.43 43.81 -2.78
N SER K 158 44.27 42.85 -2.39
CA SER K 158 43.78 41.55 -1.95
C SER K 158 42.90 41.70 -0.71
N ILE K 159 43.35 42.49 0.27
CA ILE K 159 42.55 42.67 1.48
C ILE K 159 41.21 43.32 1.13
N LEU K 160 41.24 44.35 0.28
CA LEU K 160 40.01 45.02 -0.12
C LEU K 160 39.04 44.03 -0.76
N PHE K 161 39.54 43.18 -1.66
CA PHE K 161 38.67 42.22 -2.33
C PHE K 161 38.11 41.19 -1.37
N LYS K 162 38.91 40.74 -0.40
CA LYS K 162 38.37 39.85 0.63
C LYS K 162 37.16 40.48 1.31
N SER K 163 37.31 41.73 1.77
CA SER K 163 36.20 42.38 2.46
C SER K 163 35.00 42.56 1.53
N ILE K 164 35.27 42.92 0.27
CA ILE K 164 34.18 43.15 -0.68
C ILE K 164 33.38 41.87 -0.89
N PHE K 165 34.07 40.74 -1.09
CA PHE K 165 33.38 39.48 -1.28
C PHE K 165 32.56 39.12 -0.04
N GLU K 166 33.13 39.31 1.15
CA GLU K 166 32.39 38.98 2.37
C GLU K 166 31.10 39.79 2.43
N VAL K 167 31.18 41.09 2.21
CA VAL K 167 30.01 41.94 2.30
C VAL K 167 28.98 41.55 1.23
N ALA K 168 29.44 41.27 0.01
CA ALA K 168 28.51 40.91 -1.05
C ALA K 168 27.76 39.62 -0.71
N PHE K 169 28.47 38.61 -0.21
CA PHE K 169 27.80 37.37 0.15
C PHE K 169 26.81 37.59 1.27
N LEU K 170 27.17 38.39 2.28
CA LEU K 170 26.23 38.66 3.36
C LEU K 170 24.97 39.35 2.83
N LEU K 171 25.13 40.33 1.96
CA LEU K 171 23.97 41.04 1.42
C LEU K 171 23.09 40.09 0.62
N ILE K 172 23.69 39.24 -0.21
CA ILE K 172 22.91 38.31 -1.02
C ILE K 172 22.12 37.38 -0.11
N GLN K 173 22.77 36.84 0.92
CA GLN K 173 22.06 35.94 1.83
C GLN K 173 20.92 36.65 2.54
N TRP K 174 21.15 37.88 2.98
CA TRP K 174 20.09 38.64 3.64
C TRP K 174 18.90 38.85 2.70
N TYR K 175 19.17 39.18 1.43
CA TYR K 175 18.10 39.41 0.49
C TYR K 175 17.31 38.14 0.20
N ILE K 176 18.00 37.01 0.06
CA ILE K 176 17.34 35.79 -0.39
C ILE K 176 16.59 35.12 0.76
N TYR K 177 17.29 34.83 1.86
CA TYR K 177 16.75 34.00 2.93
C TYR K 177 16.46 34.75 4.21
N GLY K 178 17.23 35.77 4.53
CA GLY K 178 17.21 36.33 5.87
C GLY K 178 18.17 35.57 6.77
N PHE K 179 17.85 35.45 8.05
CA PHE K 179 18.72 34.75 9.00
C PHE K 179 17.90 33.89 9.94
N SER K 180 16.88 33.22 9.42
CA SER K 180 16.09 32.27 10.19
C SER K 180 15.26 31.44 9.23
N LEU K 181 14.76 30.31 9.71
CA LEU K 181 13.91 29.42 8.95
C LEU K 181 12.68 29.04 9.76
N SER K 182 11.53 29.04 9.10
CA SER K 182 10.26 28.69 9.73
C SER K 182 9.91 27.23 9.43
N ALA K 183 9.11 26.65 10.32
CA ALA K 183 8.76 25.24 10.21
C ALA K 183 7.81 24.96 9.06
N VAL K 184 6.89 25.90 8.77
CA VAL K 184 5.85 25.69 7.77
C VAL K 184 6.07 26.66 6.62
N TYR K 185 5.95 26.15 5.40
CA TYR K 185 6.11 26.92 4.18
C TYR K 185 4.86 26.81 3.33
N THR K 186 4.46 27.93 2.74
CA THR K 186 3.29 28.00 1.88
C THR K 186 3.73 28.05 0.42
N CYS K 187 3.22 27.12 -0.39
CA CYS K 187 3.65 26.93 -1.76
C CYS K 187 2.48 27.23 -2.70
N LYS K 188 2.74 28.04 -3.72
CA LYS K 188 1.75 28.48 -4.71
C LYS K 188 2.32 28.38 -6.11
N ARG K 189 2.89 27.23 -6.44
CA ARG K 189 3.53 27.00 -7.73
C ARG K 189 2.86 25.83 -8.44
N ASP K 190 2.72 25.93 -9.76
CA ASP K 190 2.17 24.84 -10.54
C ASP K 190 3.11 23.63 -10.48
N PRO K 191 2.57 22.40 -10.57
CA PRO K 191 1.16 22.07 -10.81
C PRO K 191 0.31 21.97 -9.55
N CYS K 192 0.84 22.43 -8.41
CA CYS K 192 0.09 22.35 -7.18
C CYS K 192 -1.19 23.17 -7.31
N PRO K 193 -2.34 22.64 -6.90
CA PRO K 193 -3.58 23.42 -6.95
C PRO K 193 -3.73 24.35 -5.76
N HIS K 194 -4.14 25.58 -6.05
CA HIS K 194 -4.34 26.62 -5.02
C HIS K 194 -3.03 26.76 -4.25
N GLN K 195 -3.05 26.73 -2.91
CA GLN K 195 -1.85 26.79 -2.10
C GLN K 195 -1.76 25.52 -1.25
N VAL K 196 -0.54 25.10 -0.96
CA VAL K 196 -0.31 23.91 -0.15
C VAL K 196 0.68 24.23 0.96
N ASP K 197 0.62 23.42 2.02
CA ASP K 197 1.51 23.54 3.16
C ASP K 197 2.59 22.47 3.10
N CYS K 198 3.82 22.88 3.35
CA CYS K 198 4.97 21.98 3.37
C CYS K 198 5.75 22.19 4.67
N PHE K 199 6.50 21.17 5.06
CA PHE K 199 7.18 21.15 6.35
C PHE K 199 8.66 20.85 6.15
N LEU K 200 9.50 21.67 6.78
CA LEU K 200 10.94 21.57 6.65
C LEU K 200 11.51 20.52 7.61
N SER K 201 12.81 20.28 7.47
CA SER K 201 13.54 19.35 8.32
C SER K 201 14.55 20.12 9.17
N ARG K 202 14.48 19.93 10.48
CA ARG K 202 15.42 20.49 11.45
C ARG K 202 15.53 22.02 11.32
N PRO K 203 14.42 22.75 11.38
CA PRO K 203 14.52 24.21 11.24
C PRO K 203 15.29 24.90 12.37
N THR K 204 15.11 24.46 13.62
CA THR K 204 15.74 25.16 14.75
C THR K 204 17.25 24.99 14.73
N GLU K 205 17.73 23.77 14.49
CA GLU K 205 19.17 23.52 14.44
C GLU K 205 19.81 24.32 13.32
N LYS K 206 19.17 24.36 12.16
CA LYS K 206 19.69 25.13 11.04
C LYS K 206 19.71 26.63 11.35
N THR K 207 18.68 27.12 12.06
CA THR K 207 18.70 28.51 12.48
C THR K 207 19.88 28.80 13.39
N ILE K 208 20.15 27.91 14.34
CA ILE K 208 21.28 28.10 15.25
C ILE K 208 22.58 28.17 14.46
N PHE K 209 22.78 27.24 13.54
CA PHE K 209 24.01 27.24 12.77
C PHE K 209 24.11 28.45 11.85
N ILE K 210 22.98 28.92 11.31
CA ILE K 210 22.99 30.13 10.50
C ILE K 210 23.48 31.32 11.31
N ILE K 211 22.99 31.44 12.55
CA ILE K 211 23.44 32.53 13.42
C ILE K 211 24.93 32.42 13.68
N PHE K 212 25.40 31.20 13.95
CA PHE K 212 26.84 31.00 14.17
C PHE K 212 27.66 31.49 12.98
N MET K 213 27.25 31.09 11.77
CA MET K 213 27.99 31.47 10.57
C MET K 213 27.96 32.97 10.37
N LEU K 214 26.82 33.61 10.64
CA LEU K 214 26.73 35.07 10.54
C LEU K 214 27.75 35.74 11.47
N VAL K 215 27.83 35.26 12.71
CA VAL K 215 28.77 35.84 13.66
C VAL K 215 30.20 35.69 13.16
N VAL K 216 30.53 34.49 12.65
CA VAL K 216 31.89 34.25 12.16
C VAL K 216 32.22 35.22 11.03
N SER K 217 31.29 35.38 10.07
CA SER K 217 31.53 36.27 8.94
C SER K 217 31.74 37.71 9.41
N LEU K 218 30.92 38.16 10.36
CA LEU K 218 31.08 39.53 10.87
C LEU K 218 32.45 39.71 11.52
N VAL K 219 32.89 38.73 12.30
CA VAL K 219 34.20 38.84 12.94
C VAL K 219 35.31 38.94 11.89
N SER K 220 35.23 38.10 10.85
CA SER K 220 36.25 38.14 9.81
C SER K 220 36.28 39.50 9.12
N LEU K 221 35.10 40.03 8.80
CA LEU K 221 35.04 41.34 8.15
C LEU K 221 35.66 42.42 9.04
N ALA K 222 35.34 42.38 10.33
CA ALA K 222 35.90 43.38 11.24
C ALA K 222 37.42 43.30 11.28
N LEU K 223 37.96 42.08 11.34
CA LEU K 223 39.41 41.95 11.38
C LEU K 223 40.06 42.49 10.11
N ASN K 224 39.47 42.19 8.95
CA ASN K 224 40.04 42.70 7.71
C ASN K 224 39.99 44.23 7.66
N ILE K 225 38.89 44.82 8.11
CA ILE K 225 38.79 46.28 8.13
C ILE K 225 39.84 46.86 9.07
N ILE K 226 40.08 46.20 10.20
CA ILE K 226 41.10 46.67 11.13
C ILE K 226 42.47 46.66 10.46
N GLU K 227 42.77 45.58 9.73
CA GLU K 227 44.06 45.52 9.04
C GLU K 227 44.20 46.65 8.03
N LEU K 228 43.13 46.92 7.27
CA LEU K 228 43.18 48.02 6.30
C LEU K 228 43.46 49.35 7.00
N PHE K 229 42.75 49.61 8.10
CA PHE K 229 42.95 50.86 8.81
C PHE K 229 44.37 50.95 9.35
N TYR K 230 44.91 49.84 9.86
CA TYR K 230 46.28 49.87 10.39
C TYR K 230 47.28 50.22 9.30
N VAL K 231 47.17 49.57 8.14
CA VAL K 231 48.13 49.85 7.06
C VAL K 231 48.02 51.30 6.62
N PHE K 232 46.79 51.80 6.46
CA PHE K 232 46.64 53.17 5.98
C PHE K 232 47.09 54.18 7.03
N PHE K 233 46.91 53.89 8.32
CA PHE K 233 47.34 54.79 9.37
C PHE K 233 48.84 54.76 9.59
N LYS K 234 49.51 53.65 9.26
CA LYS K 234 50.96 53.64 9.29
C LYS K 234 51.56 54.26 8.03
N GLY K 235 50.81 54.29 6.93
CA GLY K 235 51.29 54.95 5.72
C GLY K 235 51.18 56.46 5.76
N VAL K 236 50.30 57.00 6.60
CA VAL K 236 50.11 58.45 6.64
C VAL K 236 51.32 59.14 7.25
N LYS K 237 51.89 58.56 8.29
CA LYS K 237 53.02 59.19 8.98
C LYS K 237 54.29 59.17 8.15
N ASP K 238 54.32 58.43 7.05
CA ASP K 238 55.50 58.38 6.18
C ASP K 238 56.72 57.88 6.95
N GLY L 2 67.67 17.52 2.68
CA GLY L 2 67.20 18.46 1.67
C GLY L 2 67.46 17.98 0.25
N ASP L 3 66.39 17.58 -0.43
CA ASP L 3 66.48 17.03 -1.78
C ASP L 3 65.39 17.57 -2.68
N TRP L 4 65.12 18.88 -2.59
CA TRP L 4 64.07 19.51 -3.38
C TRP L 4 64.62 20.40 -4.48
N SER L 5 65.92 20.34 -4.77
CA SER L 5 66.52 21.24 -5.73
C SER L 5 66.16 20.87 -7.17
N ALA L 6 66.31 19.60 -7.52
CA ALA L 6 66.00 19.18 -8.88
C ALA L 6 64.56 19.47 -9.24
N LEU L 7 63.67 19.47 -8.25
CA LEU L 7 62.28 19.87 -8.51
C LEU L 7 62.20 21.33 -8.95
N GLY L 8 62.98 22.20 -8.29
CA GLY L 8 63.03 23.58 -8.73
C GLY L 8 63.56 23.72 -10.15
N LYS L 9 64.61 22.97 -10.48
CA LYS L 9 65.13 23.01 -11.84
C LYS L 9 64.09 22.56 -12.84
N LEU L 10 63.37 21.47 -12.53
CA LEU L 10 62.32 20.97 -13.40
C LEU L 10 61.24 22.01 -13.62
N LEU L 11 60.80 22.65 -12.53
CA LEU L 11 59.77 23.67 -12.63
C LEU L 11 60.24 24.84 -13.50
N ASP L 12 61.49 25.27 -13.32
CA ASP L 12 62.00 26.36 -14.13
C ASP L 12 62.03 26.00 -15.61
N LYS L 13 62.47 24.78 -15.92
CA LYS L 13 62.59 24.41 -17.32
C LYS L 13 61.23 24.18 -17.97
N VAL L 14 60.23 23.75 -17.19
CA VAL L 14 58.91 23.54 -17.75
C VAL L 14 58.28 24.85 -18.19
N GLN L 15 58.44 25.90 -17.39
CA GLN L 15 57.77 27.18 -17.62
C GLN L 15 58.68 28.20 -18.29
N ALA L 16 59.54 27.74 -19.20
CA ALA L 16 60.50 28.66 -19.83
C ALA L 16 59.78 29.71 -20.67
N TYR L 17 58.77 29.31 -21.43
CA TYR L 17 58.16 30.18 -22.43
C TYR L 17 56.85 30.81 -21.98
N SER L 18 56.48 30.65 -20.72
CA SER L 18 55.20 31.16 -20.23
C SER L 18 55.37 32.57 -19.65
N THR L 19 54.27 33.31 -19.64
CA THR L 19 54.26 34.66 -19.10
C THR L 19 54.28 34.63 -17.57
N ALA L 20 54.59 35.79 -16.99
CA ALA L 20 54.69 35.89 -15.54
C ALA L 20 53.36 35.65 -14.85
N GLY L 21 52.28 36.25 -15.38
CA GLY L 21 50.99 36.15 -14.73
C GLY L 21 50.24 34.87 -15.03
N GLY L 22 50.50 34.28 -16.20
CA GLY L 22 49.77 33.08 -16.59
C GLY L 22 49.95 31.95 -15.60
N LYS L 23 51.17 31.77 -15.10
CA LYS L 23 51.43 30.72 -14.11
C LYS L 23 50.43 30.80 -12.97
N VAL L 24 50.43 31.92 -12.25
CA VAL L 24 49.61 32.06 -11.06
C VAL L 24 48.13 31.91 -11.41
N TRP L 25 47.68 32.66 -12.41
CA TRP L 25 46.24 32.68 -12.68
C TRP L 25 45.76 31.30 -13.10
N LEU L 26 46.50 30.62 -13.99
CA LEU L 26 46.07 29.33 -14.49
C LEU L 26 46.12 28.26 -13.41
N SER L 27 47.18 28.24 -12.59
CA SER L 27 47.27 27.25 -11.54
C SER L 27 46.16 27.43 -10.51
N VAL L 28 45.90 28.67 -10.10
CA VAL L 28 44.84 28.92 -9.14
C VAL L 28 43.49 28.57 -9.74
N LEU L 29 43.31 28.82 -11.03
CA LEU L 29 42.06 28.44 -11.70
C LEU L 29 41.88 26.93 -11.69
N PHE L 30 42.96 26.18 -11.93
CA PHE L 30 42.87 24.71 -11.87
C PHE L 30 42.47 24.24 -10.48
N ILE L 31 43.10 24.81 -9.44
CA ILE L 31 42.76 24.41 -8.08
C ILE L 31 41.30 24.75 -7.77
N PHE L 32 40.86 25.94 -8.16
CA PHE L 32 39.48 26.34 -7.95
C PHE L 32 38.53 25.38 -8.66
N ARG L 33 38.84 25.01 -9.89
CA ARG L 33 38.01 24.10 -10.65
C ARG L 33 37.86 22.76 -9.93
N ILE L 34 38.98 22.17 -9.53
CA ILE L 34 38.92 20.85 -8.90
C ILE L 34 38.17 20.92 -7.58
N LEU L 35 38.44 21.95 -6.76
CA LEU L 35 37.76 22.06 -5.48
C LEU L 35 36.26 22.23 -5.67
N LEU L 36 35.85 23.10 -6.59
CA LEU L 36 34.43 23.33 -6.82
C LEU L 36 33.75 22.06 -7.31
N LEU L 37 34.40 21.33 -8.22
CA LEU L 37 33.80 20.11 -8.74
C LEU L 37 33.70 19.04 -7.65
N GLY L 38 34.69 18.98 -6.76
CA GLY L 38 34.73 17.90 -5.79
C GLY L 38 33.89 18.11 -4.55
N THR L 39 33.75 19.35 -4.09
CA THR L 39 33.09 19.61 -2.82
C THR L 39 31.59 19.84 -2.97
N ALA L 40 31.20 20.87 -3.72
CA ALA L 40 29.82 21.30 -3.79
C ALA L 40 29.05 20.70 -4.96
N VAL L 41 29.65 20.72 -6.16
CA VAL L 41 28.93 20.32 -7.35
C VAL L 41 28.51 18.86 -7.28
N GLU L 42 29.43 17.98 -6.87
CA GLU L 42 29.18 16.56 -6.95
C GLU L 42 28.01 16.14 -6.07
N SER L 43 27.87 16.76 -4.89
CA SER L 43 26.82 16.34 -3.96
C SER L 43 25.44 16.76 -4.44
N ALA L 44 25.34 17.84 -5.23
CA ALA L 44 24.04 18.33 -5.66
C ALA L 44 23.39 17.41 -6.69
N TRP L 45 24.15 16.55 -7.35
CA TRP L 45 23.63 15.62 -8.35
C TRP L 45 23.40 14.22 -7.78
N GLY L 46 23.50 14.06 -6.46
CA GLY L 46 23.43 12.73 -5.89
C GLY L 46 22.11 12.04 -6.17
N ASP L 47 21.00 12.70 -5.87
CA ASP L 47 19.67 12.14 -6.09
C ASP L 47 19.10 12.56 -7.44
N GLU L 48 19.88 12.39 -8.51
CA GLU L 48 19.43 12.85 -9.82
C GLU L 48 18.35 11.94 -10.40
N GLN L 49 18.46 10.63 -10.14
CA GLN L 49 17.49 9.67 -10.65
C GLN L 49 16.50 9.20 -9.59
N SER L 50 16.92 9.13 -8.32
CA SER L 50 16.02 8.67 -7.28
C SER L 50 14.87 9.64 -7.04
N ALA L 51 15.12 10.93 -7.17
CA ALA L 51 14.08 11.95 -6.98
C ALA L 51 13.39 12.32 -8.28
N PHE L 52 13.78 11.73 -9.40
CA PHE L 52 13.10 11.95 -10.68
C PHE L 52 11.76 11.22 -10.69
N ARG L 53 10.70 11.94 -11.04
CA ARG L 53 9.35 11.40 -10.98
C ARG L 53 8.57 11.78 -12.23
N CYS L 54 7.63 10.92 -12.60
CA CYS L 54 6.74 11.13 -13.72
C CYS L 54 5.32 10.80 -13.32
N ASN L 55 4.36 11.41 -14.00
CA ASN L 55 2.94 11.21 -13.73
C ASN L 55 2.42 10.12 -14.66
N THR L 56 2.43 8.88 -14.18
CA THR L 56 1.97 7.76 -14.97
C THR L 56 1.97 6.50 -14.11
N GLN L 57 1.20 5.51 -14.54
CA GLN L 57 1.19 4.19 -13.94
C GLN L 57 1.88 3.15 -14.81
N GLN L 58 2.46 3.54 -15.93
CA GLN L 58 3.06 2.58 -16.85
C GLN L 58 4.42 2.13 -16.31
N PRO L 59 4.61 0.84 -16.06
CA PRO L 59 5.94 0.38 -15.62
C PRO L 59 6.98 0.54 -16.71
N GLY L 60 8.16 1.01 -16.33
CA GLY L 60 9.25 1.22 -17.24
C GLY L 60 9.31 2.61 -17.87
N CYS L 61 8.26 3.42 -17.72
CA CYS L 61 8.25 4.73 -18.37
C CYS L 61 9.25 5.68 -17.73
N GLU L 62 9.37 5.65 -16.40
CA GLU L 62 10.31 6.54 -15.73
C GLU L 62 11.73 6.28 -16.18
N ASN L 63 12.12 5.00 -16.30
CA ASN L 63 13.46 4.66 -16.73
C ASN L 63 13.78 5.29 -18.08
N VAL L 64 12.93 5.04 -19.08
CA VAL L 64 13.21 5.50 -20.44
C VAL L 64 13.15 7.02 -20.51
N CYS L 65 12.20 7.64 -19.79
CA CYS L 65 12.10 9.09 -19.82
C CYS L 65 13.32 9.75 -19.20
N TYR L 66 13.82 9.21 -18.07
CA TYR L 66 15.04 9.74 -17.49
C TYR L 66 16.21 9.54 -18.44
N ASP L 67 16.30 8.38 -19.07
CA ASP L 67 17.40 8.15 -20.01
C ASP L 67 17.36 9.13 -21.17
N LYS L 68 16.17 9.42 -21.69
CA LYS L 68 16.05 10.37 -22.79
C LYS L 68 16.38 11.79 -22.34
N SER L 69 15.93 12.18 -21.15
CA SER L 69 16.19 13.54 -20.67
C SER L 69 17.68 13.79 -20.46
N PHE L 70 18.39 12.81 -19.92
CA PHE L 70 19.80 12.96 -19.53
C PHE L 70 20.63 11.85 -20.17
N PRO L 71 21.07 12.02 -21.41
CA PRO L 71 21.96 11.03 -22.02
C PRO L 71 23.25 10.85 -21.24
N ILE L 72 23.77 11.90 -20.64
CA ILE L 72 24.95 11.82 -19.78
C ILE L 72 24.83 12.89 -18.71
N SER L 73 25.30 12.55 -17.51
CA SER L 73 25.24 13.49 -16.39
C SER L 73 26.22 14.64 -16.59
N HIS L 74 25.85 15.81 -16.07
CA HIS L 74 26.72 16.98 -16.19
C HIS L 74 28.04 16.78 -15.46
N VAL L 75 28.01 16.18 -14.27
CA VAL L 75 29.22 16.05 -13.46
C VAL L 75 30.24 15.16 -14.17
N ARG L 76 29.79 14.03 -14.71
CA ARG L 76 30.71 13.12 -15.41
C ARG L 76 31.22 13.75 -16.70
N PHE L 77 30.37 14.50 -17.39
CA PHE L 77 30.83 15.26 -18.56
C PHE L 77 31.93 16.23 -18.18
N TRP L 78 31.78 16.94 -17.06
CA TRP L 78 32.81 17.88 -16.63
C TRP L 78 34.07 17.18 -16.20
N VAL L 79 33.95 16.00 -15.59
CA VAL L 79 35.14 15.23 -15.22
C VAL L 79 35.91 14.83 -16.48
N LEU L 80 35.20 14.35 -17.50
CA LEU L 80 35.85 14.04 -18.77
C LEU L 80 36.51 15.27 -19.35
N GLN L 81 35.83 16.41 -19.31
CA GLN L 81 36.38 17.64 -19.86
C GLN L 81 37.69 18.02 -19.17
N ILE L 82 37.71 17.97 -17.83
CA ILE L 82 38.90 18.41 -17.11
C ILE L 82 40.05 17.42 -17.35
N ILE L 83 39.75 16.13 -17.40
CA ILE L 83 40.82 15.16 -17.67
C ILE L 83 41.41 15.39 -19.05
N PHE L 84 40.57 15.61 -20.05
CA PHE L 84 41.06 15.85 -21.41
C PHE L 84 41.86 17.14 -21.48
N VAL L 85 41.43 18.18 -20.77
CA VAL L 85 42.16 19.44 -20.77
C VAL L 85 43.48 19.32 -20.03
N SER L 86 43.59 18.38 -19.09
CA SER L 86 44.79 18.27 -18.27
C SER L 86 45.85 17.33 -18.86
N VAL L 87 45.45 16.32 -19.64
CA VAL L 87 46.42 15.32 -20.10
C VAL L 87 47.61 15.94 -20.82
N PRO L 88 47.44 16.93 -21.72
CA PRO L 88 48.61 17.39 -22.49
C PRO L 88 49.74 17.93 -21.64
N THR L 89 49.41 18.63 -20.55
CA THR L 89 50.45 19.16 -19.68
C THR L 89 51.22 18.03 -19.01
N LEU L 90 50.53 16.95 -18.62
CA LEU L 90 51.22 15.81 -18.04
C LEU L 90 52.17 15.18 -19.05
N LEU L 91 51.71 15.05 -20.31
CA LEU L 91 52.59 14.53 -21.35
C LEU L 91 53.83 15.40 -21.51
N TYR L 92 53.64 16.72 -21.54
CA TYR L 92 54.76 17.63 -21.70
C TYR L 92 55.73 17.53 -20.53
N LEU L 93 55.21 17.41 -19.31
CA LEU L 93 56.06 17.27 -18.14
C LEU L 93 56.91 16.00 -18.24
N ALA L 94 56.28 14.88 -18.62
CA ALA L 94 57.04 13.64 -18.75
C ALA L 94 58.13 13.77 -19.80
N HIS L 95 57.79 14.37 -20.95
CA HIS L 95 58.78 14.55 -22.00
C HIS L 95 59.96 15.39 -21.51
N VAL L 96 59.67 16.48 -20.80
CA VAL L 96 60.73 17.35 -20.30
C VAL L 96 61.61 16.61 -19.30
N PHE L 97 60.98 15.81 -18.43
CA PHE L 97 61.75 15.05 -17.45
C PHE L 97 62.74 14.12 -18.13
N TYR L 98 62.26 13.35 -19.11
CA TYR L 98 63.15 12.41 -19.80
C TYR L 98 64.23 13.14 -20.59
N VAL L 99 63.89 14.26 -21.22
CA VAL L 99 64.89 15.03 -21.94
C VAL L 99 65.96 15.54 -21.00
N MET L 100 65.56 16.01 -19.81
CA MET L 100 66.55 16.51 -18.85
C MET L 100 67.47 15.40 -18.39
N ARG L 101 66.92 14.20 -18.16
CA ARG L 101 67.78 13.08 -17.78
C ARG L 101 68.80 12.77 -18.88
N LYS L 102 68.35 12.75 -20.13
CA LYS L 102 69.27 12.48 -21.24
C LYS L 102 70.34 13.55 -21.33
N GLU L 103 69.97 14.82 -21.15
CA GLU L 103 70.95 15.89 -21.22
C GLU L 103 71.95 15.80 -20.08
N GLU L 104 71.49 15.41 -18.88
CA GLU L 104 72.42 15.20 -17.78
C GLU L 104 73.43 14.11 -18.13
N LYS L 105 72.95 12.99 -18.69
CA LYS L 105 73.86 11.94 -19.13
C LYS L 105 74.90 12.50 -20.10
N LEU L 106 74.43 13.21 -21.13
CA LEU L 106 75.34 13.72 -22.15
C LEU L 106 76.39 14.63 -21.54
N ASN L 107 75.96 15.64 -20.77
CA ASN L 107 76.87 16.65 -20.26
C ASN L 107 77.70 16.16 -19.08
N LYS L 108 77.37 15.00 -18.51
CA LYS L 108 78.20 14.45 -17.44
C LYS L 108 79.26 13.51 -18.00
N LYS L 109 78.88 12.60 -18.90
CA LYS L 109 79.85 11.63 -19.39
C LYS L 109 80.89 12.27 -20.28
N GLU L 110 80.59 13.42 -20.88
CA GLU L 110 81.48 14.09 -21.83
C GLU L 110 82.03 15.39 -21.25
N GLU L 111 82.39 15.37 -19.96
CA GLU L 111 83.00 16.53 -19.31
C GLU L 111 84.29 16.91 -20.01
N ARG L 148 66.46 27.12 -30.95
CA ARG L 148 65.15 26.77 -30.41
C ARG L 148 64.33 25.98 -31.41
N GLY L 149 63.36 25.22 -30.90
CA GLY L 149 62.48 24.45 -31.76
C GLY L 149 62.20 23.06 -31.22
N GLY L 150 63.16 22.49 -30.49
CA GLY L 150 62.98 21.14 -29.98
C GLY L 150 61.85 21.04 -28.98
N LEU L 151 61.84 21.92 -27.99
CA LEU L 151 60.81 21.92 -26.96
C LEU L 151 59.73 22.97 -27.17
N LEU L 152 60.03 24.04 -27.91
CA LEU L 152 59.03 25.07 -28.15
C LEU L 152 57.85 24.52 -28.95
N ARG L 153 58.14 23.70 -29.97
CA ARG L 153 57.10 23.17 -30.83
C ARG L 153 56.10 22.32 -30.04
N THR L 154 56.61 21.45 -29.16
CA THR L 154 55.74 20.60 -28.37
C THR L 154 54.89 21.42 -27.41
N TYR L 155 55.48 22.46 -26.81
CA TYR L 155 54.73 23.33 -25.92
C TYR L 155 53.58 24.02 -26.66
N ILE L 156 53.88 24.54 -27.85
CA ILE L 156 52.84 25.19 -28.65
C ILE L 156 51.74 24.20 -28.99
N ILE L 157 52.11 22.99 -29.38
CA ILE L 157 51.12 21.97 -29.73
C ILE L 157 50.23 21.66 -28.53
N SER L 158 50.84 21.51 -27.34
CA SER L 158 50.07 21.21 -26.15
C SER L 158 49.08 22.31 -25.83
N ILE L 159 49.51 23.57 -25.92
CA ILE L 159 48.60 24.68 -25.63
C ILE L 159 47.45 24.68 -26.63
N LEU L 160 47.77 24.48 -27.92
CA LEU L 160 46.73 24.45 -28.94
C LEU L 160 45.72 23.37 -28.66
N PHE L 161 46.18 22.18 -28.28
CA PHE L 161 45.26 21.08 -28.03
C PHE L 161 44.40 21.34 -26.79
N LYS L 162 44.97 21.97 -25.76
CA LYS L 162 44.15 22.36 -24.61
C LYS L 162 42.98 23.24 -25.06
N SER L 163 43.29 24.28 -25.83
CA SER L 163 42.22 25.18 -26.28
C SER L 163 41.21 24.44 -27.16
N ILE L 164 41.70 23.56 -28.04
CA ILE L 164 40.82 22.84 -28.94
C ILE L 164 39.84 21.97 -28.15
N PHE L 165 40.35 21.24 -27.16
CA PHE L 165 39.48 20.39 -26.35
C PHE L 165 38.45 21.23 -25.60
N GLU L 166 38.88 22.36 -25.04
CA GLU L 166 37.93 23.22 -24.32
C GLU L 166 36.80 23.66 -25.23
N VAL L 167 37.14 24.15 -26.43
CA VAL L 167 36.12 24.63 -27.35
C VAL L 167 35.20 23.49 -27.77
N ALA L 168 35.77 22.32 -28.07
CA ALA L 168 34.95 21.19 -28.50
C ALA L 168 33.94 20.80 -27.42
N PHE L 169 34.39 20.72 -26.17
CA PHE L 169 33.48 20.35 -25.08
C PHE L 169 32.38 21.41 -24.92
N LEU L 170 32.75 22.69 -25.00
CA LEU L 170 31.72 23.72 -24.90
C LEU L 170 30.69 23.60 -26.01
N LEU L 171 31.14 23.38 -27.24
CA LEU L 171 30.20 23.25 -28.35
C LEU L 171 29.29 22.03 -28.17
N ILE L 172 29.85 20.91 -27.74
CA ILE L 172 29.03 19.71 -27.53
C ILE L 172 27.97 19.97 -26.47
N GLN L 173 28.37 20.59 -25.36
CA GLN L 173 27.41 20.88 -24.30
C GLN L 173 26.32 21.83 -24.79
N TRP L 174 26.69 22.85 -25.56
CA TRP L 174 25.69 23.77 -26.09
C TRP L 174 24.71 23.04 -27.00
N TYR L 175 25.20 22.15 -27.84
CA TYR L 175 24.32 21.43 -28.76
C TYR L 175 23.38 20.50 -28.00
N ILE L 176 23.88 19.81 -26.98
CA ILE L 176 23.08 18.78 -26.33
C ILE L 176 22.08 19.39 -25.35
N TYR L 177 22.56 20.19 -24.41
CA TYR L 177 21.74 20.66 -23.29
C TYR L 177 21.40 22.13 -23.34
N GLY L 178 22.30 22.97 -23.87
CA GLY L 178 22.19 24.40 -23.65
C GLY L 178 22.87 24.79 -22.36
N PHE L 179 22.35 25.82 -21.68
CA PHE L 179 22.95 26.28 -20.43
C PHE L 179 21.88 26.62 -19.42
N SER L 180 20.83 25.79 -19.35
CA SER L 180 19.80 25.93 -18.33
C SER L 180 18.97 24.65 -18.32
N LEU L 181 18.22 24.47 -17.23
CA LEU L 181 17.35 23.32 -17.05
C LEU L 181 15.97 23.79 -16.60
N SER L 182 14.94 23.20 -17.18
CA SER L 182 13.55 23.51 -16.85
C SER L 182 13.01 22.50 -15.86
N ALA L 183 11.99 22.92 -15.10
CA ALA L 183 11.44 22.09 -14.05
C ALA L 183 10.62 20.93 -14.61
N VAL L 184 9.93 21.14 -15.73
CA VAL L 184 9.01 20.15 -16.29
C VAL L 184 9.55 19.68 -17.63
N TYR L 185 9.51 18.37 -17.85
CA TYR L 185 9.98 17.74 -19.07
C TYR L 185 8.85 16.92 -19.68
N THR L 186 8.73 16.98 -21.01
CA THR L 186 7.72 16.25 -21.75
C THR L 186 8.36 15.04 -22.43
N CYS L 187 7.81 13.86 -22.17
CA CYS L 187 8.38 12.60 -22.61
C CYS L 187 7.43 11.92 -23.59
N LYS L 188 7.96 11.49 -24.72
CA LYS L 188 7.20 10.84 -25.80
C LYS L 188 7.94 9.60 -26.30
N ARG L 189 8.35 8.74 -25.37
CA ARG L 189 9.10 7.53 -25.70
C ARG L 189 8.36 6.31 -25.21
N ASP L 190 8.42 5.23 -25.99
CA ASP L 190 7.80 3.98 -25.59
C ASP L 190 8.50 3.42 -24.35
N PRO L 191 7.77 2.69 -23.49
CA PRO L 191 6.37 2.28 -23.65
C PRO L 191 5.35 3.27 -23.11
N CYS L 192 5.79 4.49 -22.80
CA CYS L 192 4.87 5.49 -22.28
C CYS L 192 3.78 5.77 -23.30
N PRO L 193 2.51 5.81 -22.91
CA PRO L 193 1.45 6.13 -23.87
C PRO L 193 1.30 7.63 -24.07
N HIS L 194 1.15 8.02 -25.33
CA HIS L 194 1.00 9.43 -25.73
C HIS L 194 2.18 10.20 -25.18
N GLN L 195 1.99 11.31 -24.49
CA GLN L 195 3.04 12.08 -23.85
C GLN L 195 2.80 12.14 -22.36
N VAL L 196 3.88 12.21 -21.59
CA VAL L 196 3.78 12.28 -20.14
C VAL L 196 4.65 13.43 -19.63
N ASP L 197 4.31 13.91 -18.44
CA ASP L 197 5.05 14.97 -17.77
C ASP L 197 5.92 14.40 -16.66
N CYS L 198 7.16 14.85 -16.61
CA CYS L 198 8.11 14.44 -15.60
C CYS L 198 8.74 15.68 -14.96
N PHE L 199 9.24 15.50 -13.74
CA PHE L 199 9.72 16.60 -12.92
C PHE L 199 11.13 16.33 -12.46
N LEU L 200 12.01 17.31 -12.64
CA LEU L 200 13.42 17.20 -12.30
C LEU L 200 13.66 17.48 -10.82
N SER L 201 14.90 17.28 -10.40
CA SER L 201 15.34 17.54 -9.04
C SER L 201 16.33 18.69 -9.04
N ARG L 202 16.05 19.72 -8.22
CA ARG L 202 16.94 20.85 -8.01
C ARG L 202 17.33 21.54 -9.32
N PRO L 203 16.36 21.94 -10.15
CA PRO L 203 16.73 22.60 -11.42
C PRO L 203 17.45 23.93 -11.26
N THR L 204 17.03 24.76 -10.30
CA THR L 204 17.59 26.11 -10.17
C THR L 204 19.05 26.05 -9.71
N GLU L 205 19.33 25.23 -8.70
CA GLU L 205 20.70 25.10 -8.22
C GLU L 205 21.63 24.57 -9.30
N LYS L 206 21.16 23.58 -10.06
CA LYS L 206 21.95 23.05 -11.15
C LYS L 206 22.18 24.09 -12.24
N THR L 207 21.18 24.93 -12.52
CA THR L 207 21.37 26.01 -13.47
C THR L 207 22.45 26.97 -13.00
N ILE L 208 22.43 27.33 -11.72
CA ILE L 208 23.44 28.23 -11.17
C ILE L 208 24.83 27.64 -11.34
N PHE L 209 24.99 26.36 -10.98
CA PHE L 209 26.30 25.73 -11.09
C PHE L 209 26.73 25.59 -12.56
N ILE L 210 25.78 25.34 -13.47
CA ILE L 210 26.11 25.28 -14.88
C ILE L 210 26.68 26.61 -15.36
N ILE L 211 26.05 27.71 -14.95
CA ILE L 211 26.56 29.03 -15.33
C ILE L 211 27.96 29.24 -14.77
N PHE L 212 28.18 28.86 -13.51
CA PHE L 212 29.51 28.98 -12.92
C PHE L 212 30.55 28.23 -13.75
N MET L 213 30.25 26.98 -14.12
CA MET L 213 31.22 26.19 -14.87
C MET L 213 31.47 26.79 -16.25
N LEU L 214 30.43 27.32 -16.89
CA LEU L 214 30.61 27.99 -18.17
C LEU L 214 31.58 29.16 -18.04
N VAL L 215 31.41 29.97 -17.00
CA VAL L 215 32.29 31.12 -16.81
C VAL L 215 33.73 30.65 -16.61
N VAL L 216 33.92 29.60 -15.80
CA VAL L 216 35.28 29.10 -15.56
C VAL L 216 35.92 28.64 -16.85
N SER L 217 35.17 27.90 -17.67
CA SER L 217 35.71 27.40 -18.92
C SER L 217 36.10 28.55 -19.85
N LEU L 218 35.25 29.58 -19.94
CA LEU L 218 35.56 30.72 -20.79
C LEU L 218 36.85 31.40 -20.32
N VAL L 219 37.00 31.58 -19.00
CA VAL L 219 38.21 32.23 -18.49
C VAL L 219 39.44 31.41 -18.86
N SER L 220 39.38 30.09 -18.69
CA SER L 220 40.52 29.24 -19.03
C SER L 220 40.88 29.36 -20.50
N LEU L 221 39.87 29.33 -21.37
CA LEU L 221 40.12 29.46 -22.80
C LEU L 221 40.78 30.80 -23.12
N ALA L 222 40.29 31.87 -22.52
CA ALA L 222 40.88 33.19 -22.76
C ALA L 222 42.34 33.23 -22.35
N LEU L 223 42.66 32.65 -21.17
CA LEU L 223 44.05 32.67 -20.72
C LEU L 223 44.95 31.88 -21.67
N ASN L 224 44.48 30.72 -22.14
CA ASN L 224 45.29 29.93 -23.07
C ASN L 224 45.52 30.69 -24.37
N ILE L 225 44.48 31.34 -24.89
CA ILE L 225 44.63 32.13 -26.11
C ILE L 225 45.63 33.26 -25.91
N ILE L 226 45.59 33.89 -24.73
CA ILE L 226 46.54 34.96 -24.44
C ILE L 226 47.97 34.42 -24.45
N GLU L 227 48.17 33.24 -23.86
CA GLU L 227 49.51 32.65 -23.87
C GLU L 227 49.99 32.39 -25.30
N LEU L 228 49.10 31.84 -26.14
CA LEU L 228 49.46 31.59 -27.54
C LEU L 228 49.87 32.88 -28.23
N PHE L 229 49.07 33.94 -28.06
CA PHE L 229 49.39 35.21 -28.70
C PHE L 229 50.72 35.76 -28.19
N TYR L 230 50.98 35.62 -26.89
CA TYR L 230 52.24 36.13 -26.35
C TYR L 230 53.43 35.41 -26.97
N VAL L 231 53.37 34.07 -27.04
CA VAL L 231 54.51 33.34 -27.60
C VAL L 231 54.71 33.71 -29.06
N PHE L 232 53.62 33.79 -29.83
CA PHE L 232 53.78 34.10 -31.25
C PHE L 232 54.24 35.53 -31.46
N PHE L 233 53.83 36.47 -30.61
CA PHE L 233 54.26 37.86 -30.74
C PHE L 233 55.70 38.07 -30.27
N LYS L 234 56.20 37.23 -29.37
CA LYS L 234 57.62 37.30 -29.03
C LYS L 234 58.48 36.55 -30.05
N GLY L 235 57.90 35.61 -30.78
CA GLY L 235 58.65 34.94 -31.84
C GLY L 235 58.79 35.75 -33.12
N VAL L 236 57.92 36.73 -33.33
CA VAL L 236 57.97 37.51 -34.57
C VAL L 236 59.20 38.42 -34.58
N LYS L 237 59.51 39.04 -33.44
CA LYS L 237 60.62 39.97 -33.37
C LYS L 237 61.98 39.30 -33.50
N ASP L 238 62.02 37.97 -33.42
CA ASP L 238 63.28 37.23 -33.56
C ASP L 238 64.27 37.67 -32.49
C02 C14 M . -16.83 -25.69 20.42
C03 C14 M . -17.98 -24.69 20.31
C04 C14 M . -19.27 -25.33 20.82
C05 C14 M . -20.45 -24.39 20.56
C06 C14 M . -21.67 -25.22 20.14
C07 C14 M . -22.89 -24.32 20.00
C08 C14 M . -24.10 -25.18 19.66
C09 C14 M . -25.26 -24.27 19.24
C10 C14 M . -26.51 -25.13 18.99
C11 C14 M . -27.58 -24.26 18.32
C12 C14 M . -28.84 -25.10 18.07
C13 C14 M . -29.60 -25.30 19.37
H022 C14 M . -16.73 -25.97 21.34
H031 C14 M . -17.77 -23.91 20.85
H032 C14 M . -18.09 -24.43 19.39
H041 C14 M . -19.42 -26.16 20.37
H042 C14 M . -19.19 -25.49 21.79
H051 C14 M . -20.67 -23.90 21.37
H052 C14 M . -20.22 -23.77 19.86
H061 C14 M . -21.83 -25.90 20.81
H062 C14 M . -21.48 -25.63 19.28
H071 C14 M . -23.05 -23.86 20.84
H072 C14 M . -22.74 -23.66 19.31
H081 C14 M . -24.37 -25.70 20.43
H082 C14 M . -23.88 -25.77 18.92
H091 C14 M . -25.03 -23.80 18.42
H092 C14 M . -25.44 -23.64 19.94
H101 C14 M . -26.28 -25.88 18.41
H102 C14 M . -26.84 -25.46 19.84
H111 C14 M . -27.23 -23.95 17.46
H112 C14 M . -27.79 -23.52 18.89
H121 C14 M . -29.40 -24.64 17.43
H122 C14 M . -28.59 -25.97 17.71
H131 C14 M . -30.43 -25.77 19.20
H132 C14 M . -29.06 -25.81 19.99
C01 C14 N . -17.47 -28.32 17.40
C02 C14 N . -18.83 -28.34 18.12
C03 C14 N . -19.89 -28.86 17.15
C04 C14 N . -21.26 -28.86 17.84
C05 C14 N . -22.33 -29.37 16.88
C06 C14 N . -23.70 -29.35 17.56
C07 C14 N . -24.79 -29.45 16.50
C08 C14 N . -26.09 -29.94 17.14
C09 C14 N . -27.21 -29.92 16.11
C10 C14 N . -28.50 -30.49 16.72
C11 C14 N . -29.40 -31.01 15.62
C12 C14 N . -30.81 -31.25 16.16
C13 C14 N . -31.67 -31.94 15.11
C14 C14 N . -32.97 -31.17 14.88
H021 C14 N . -18.79 -28.91 18.90
H022 C14 N . -19.06 -27.43 18.40
H031 C14 N . -19.93 -28.29 16.37
H032 C14 N . -19.67 -29.76 16.90
H041 C14 N . -21.47 -27.95 18.12
H042 C14 N . -21.23 -29.42 18.63
H051 C14 N . -22.35 -28.80 16.10
H052 C14 N . -22.12 -30.28 16.61
H061 C14 N . -23.80 -28.51 18.05
H062 C14 N . -23.77 -30.09 18.17
H071 C14 N . -24.52 -30.09 15.81
H072 C14 N . -24.94 -28.58 16.10
H081 C14 N . -25.96 -30.84 17.48
H082 C14 N . -26.33 -29.35 17.88
H091 C14 N . -27.38 -29.01 15.82
H092 C14 N . -26.95 -30.47 15.34
H101 C14 N . -28.27 -31.21 17.33
H102 C14 N . -28.96 -29.79 17.21
H111 C14 N . -29.05 -31.85 15.28
H112 C14 N . -29.45 -30.37 14.89
H121 C14 N . -30.76 -31.81 16.95
H122 C14 N . -31.21 -30.39 16.38
H131 C14 N . -31.87 -32.84 15.40
H132 C14 N . -31.17 -31.98 14.27
H141 C14 N . -33.52 -31.65 14.25
H142 C14 N . -32.77 -30.29 14.52
H143 C14 N . -33.44 -31.09 15.72
C01 C14 O . -19.14 -29.14 24.29
C02 C14 O . -20.27 -28.18 24.62
C03 C14 O . -21.58 -28.70 24.04
C04 C14 O . -22.74 -27.80 24.48
C05 C14 O . -24.08 -28.42 24.11
C06 C14 O . -24.16 -28.61 22.60
C07 C14 O . -25.55 -28.21 22.08
C08 C14 O . -26.58 -29.27 22.42
C09 C14 O . -27.55 -29.45 21.24
C10 C14 O . -28.99 -29.65 21.70
C11 C14 O . -29.91 -28.82 20.82
C12 C14 O . -31.34 -28.88 21.34
C13 C14 O . -32.22 -27.91 20.56
C14 C14 O . -33.65 -27.96 21.11
H021 C14 O . -20.07 -27.30 24.23
H022 C14 O . -20.36 -28.10 25.58
H031 C14 O . -21.73 -29.60 24.35
H032 C14 O . -21.52 -28.70 23.07
H041 C14 O . -22.68 -27.68 25.44
H042 C14 O . -22.64 -26.93 24.05
H051 C14 O . -24.18 -29.27 24.56
H052 C14 O . -24.79 -27.82 24.40
H061 C14 O . -23.99 -29.54 22.39
H062 C14 O . -23.49 -28.07 22.17
H071 C14 O . -25.81 -27.37 22.47
H072 C14 O . -25.49 -28.11 21.11
H081 C14 O . -27.08 -28.98 23.21
H082 C14 O . -26.15 -30.12 22.61
H091 C14 O . -27.27 -30.24 20.73
H092 C14 O . -27.51 -28.68 20.67
H101 C14 O . -29.22 -30.60 21.63
H102 C14 O . -29.08 -29.37 22.62
H111 C14 O . -29.61 -27.90 20.82
H112 C14 O . -29.88 -29.16 19.91
H121 C14 O . -31.34 -28.65 22.28
H122 C14 O . -31.68 -29.78 21.24
H131 C14 O . -32.23 -28.16 19.63
H132 C14 O . -31.87 -27.01 20.65
H141 C14 O . -33.99 -28.86 21.02
H142 C14 O . -33.63 -27.71 22.05
H143 C14 O . -34.20 -27.35 20.62
C01 C14 P . -18.82 -31.65 22.20
C02 C14 P . -18.94 -32.85 21.25
C03 C14 P . -19.61 -32.40 19.95
C04 C14 P . -19.53 -33.52 18.92
C05 C14 P . -20.72 -33.42 17.97
C06 C14 P . -21.91 -34.17 18.54
C07 C14 P . -23.22 -33.60 17.99
C08 C14 P . -24.23 -34.72 17.81
C09 C14 P . -25.65 -34.15 17.79
C10 C14 P . -26.65 -35.30 17.68
C11 C14 P . -28.06 -34.74 17.53
C12 C14 P . -29.03 -35.90 17.27
C13 C14 P . -30.48 -35.40 17.35
C14 C14 P . -31.43 -36.52 16.96
H021 C14 P . -19.48 -33.54 21.67
H022 C14 P . -18.06 -33.20 21.06
H031 C14 P . -20.53 -32.18 20.12
H032 C14 P . -19.15 -31.61 19.61
H041 C14 P . -19.55 -34.37 19.38
H042 C14 P . -18.71 -33.43 18.42
H051 C14 P . -20.48 -33.81 17.12
H052 C14 P . -20.96 -32.48 17.85
H061 C14 P . -21.91 -34.08 19.51
H062 C14 P . -21.85 -35.11 18.31
H071 C14 P . -23.57 -32.95 18.61
H072 C14 P . -23.04 -33.18 17.13
H081 C14 P . -24.06 -35.18 16.97
H082 C14 P . -24.15 -35.35 18.54
H091 C14 P . -25.81 -33.66 18.61
H092 C14 P . -25.75 -33.56 17.04
H101 C14 P . -26.60 -35.85 18.47
H102 C14 P . -26.43 -35.83 16.90
H111 C14 P . -28.09 -34.12 16.78
H112 C14 P . -28.32 -34.28 18.33
H121 C14 P . -28.89 -36.59 17.93
H122 C14 P . -28.87 -36.26 16.38
H131 C14 P . -30.59 -34.65 16.76
H132 C14 P . -30.66 -35.11 18.26
H141 C14 P . -31.24 -36.80 16.04
H142 C14 P . -31.32 -37.27 17.56
H143 C14 P . -32.35 -36.19 17.02
C01 C14 Q . -15.69 -32.15 14.31
C02 C14 Q . -16.90 -32.31 15.23
C03 C14 Q . -17.41 -33.76 15.18
C04 C14 Q . -18.54 -33.86 14.16
C05 C14 Q . -18.94 -35.33 13.99
C06 C14 Q . -20.34 -35.42 13.37
C07 C14 Q . -20.71 -36.89 13.18
C08 C14 Q . -22.17 -37.00 12.72
C09 C14 Q . -23.09 -37.09 13.92
C10 C14 Q . -24.52 -37.38 13.46
C11 C14 Q . -25.39 -37.69 14.67
C12 C14 Q . -26.86 -37.73 14.26
C13 C14 Q . -27.36 -39.17 14.18
C14 C14 Q . -28.89 -39.18 14.13
H021 C14 Q . -16.64 -32.10 16.14
H022 C14 Q . -17.61 -31.72 14.94
H031 C14 Q . -16.68 -34.35 14.91
H032 C14 Q . -17.73 -34.02 16.05
H041 C14 Q . -19.31 -33.36 14.47
H042 C14 Q . -18.25 -33.50 13.31
H051 C14 Q . -18.31 -35.77 13.41
H052 C14 Q . -18.95 -35.77 14.85
H061 C14 Q . -20.98 -35.00 13.95
H062 C14 Q . -20.34 -34.97 12.50
H071 C14 Q . -20.60 -37.36 14.02
H072 C14 Q . -20.13 -37.28 12.50
H081 C14 Q . -22.40 -36.23 12.19
H082 C14 Q . -22.26 -37.80 12.17
H091 C14 Q . -23.07 -36.25 14.41
H092 C14 Q . -22.79 -37.80 14.51
H101 C14 Q . -24.87 -36.60 13.01
H102 C14 Q . -24.51 -38.13 12.86
H111 C14 Q . -25.14 -38.56 15.04
H112 C14 Q . -25.26 -37.01 15.35
H121 C14 Q . -26.96 -37.31 13.40
H122 C14 Q . -27.39 -37.24 14.91
H131 C14 Q . -27.06 -39.66 14.96
H132 C14 Q . -27.01 -39.58 13.38
H141 C14 Q . -29.18 -38.69 13.35
H142 C14 Q . -29.21 -40.10 14.08
H143 C14 Q . -29.24 -38.76 14.94
C01 C14 R . -39.32 -30.79 15.56
C02 C14 R . -40.48 -31.49 16.28
C03 C14 R . -40.37 -31.24 17.78
C04 C14 R . -41.50 -31.97 18.50
C05 C14 R . -42.82 -31.20 18.33
C06 C14 R . -43.91 -31.89 19.13
C07 C14 R . -45.28 -31.47 18.60
C08 C14 R . -46.36 -32.15 19.44
C09 C14 R . -47.75 -31.77 18.92
C10 C14 R . -48.02 -32.48 17.59
C11 C14 R . -49.52 -32.69 17.44
C12 C14 R . -49.83 -33.35 16.10
C13 C14 R . -50.34 -34.76 16.34
C14 C14 R . -50.69 -35.41 15.00
H021 C14 R . -40.43 -32.44 16.11
H022 C14 R . -41.32 -31.14 15.95
H031 C14 R . -39.51 -31.57 18.10
H032 C14 R . -40.43 -30.29 17.96
H041 C14 R . -41.29 -32.02 19.45
H042 C14 R . -41.59 -32.86 18.15
H051 C14 R . -42.70 -30.29 18.63
H052 C14 R . -43.06 -31.19 17.38
H061 C14 R . -43.81 -32.85 19.04
H062 C14 R . -43.83 -31.64 20.06
H071 C14 R . -45.38 -30.51 18.67
H072 C14 R . -45.37 -31.73 17.67
H081 C14 R . -46.28 -31.86 20.36
H082 C14 R . -46.24 -33.11 19.39
H091 C14 R . -47.79 -30.82 18.79
H092 C14 R . -48.41 -32.05 19.57
H101 C14 R . -47.56 -33.34 17.57
H102 C14 R . -47.70 -31.92 16.86
H111 C14 R . -49.97 -31.83 17.48
H112 C14 R . -49.84 -33.25 18.16
H121 C14 R . -49.02 -33.39 15.56
H122 C14 R . -50.50 -32.83 15.63
H131 C14 R . -49.66 -35.30 16.78
H132 C14 R . -51.14 -34.73 16.89
H141 C14 R . -51.38 -34.89 14.55
H142 C14 R . -49.90 -35.45 14.44
H143 C14 R . -51.02 -36.31 15.14
C01 C14 S . -38.47 -33.74 20.05
C02 C14 S . -38.19 -35.23 19.91
C03 C14 S . -39.37 -36.04 20.43
C04 C14 S . -40.55 -35.95 19.46
C05 C14 S . -41.79 -36.57 20.08
C06 C14 S . -42.94 -36.51 19.07
C07 C14 S . -44.29 -36.41 19.78
C08 C14 S . -44.85 -37.82 19.99
C09 C14 S . -46.30 -37.73 20.48
C10 C14 S . -47.23 -37.32 19.32
C11 C14 S . -48.68 -37.46 19.75
C12 C14 S . -49.43 -38.40 18.80
C13 C14 S . -50.92 -38.31 19.06
C14 C14 S . -51.69 -38.97 17.91
H021 C14 S . -38.05 -35.44 18.97
H022 C14 S . -37.40 -35.45 20.40
H031 C14 S . -39.64 -35.69 21.29
H032 C14 S . -39.11 -36.97 20.53
H041 C14 S . -40.72 -35.02 19.26
H042 C14 S . -40.32 -36.42 18.64
H051 C14 S . -42.03 -36.09 20.88
H052 C14 S . -41.61 -37.50 20.31
H061 C14 S . -42.92 -37.31 18.52
H062 C14 S . -42.82 -35.73 18.51
H071 C14 S . -44.18 -35.98 20.64
H072 C14 S . -44.90 -35.90 19.23
H081 C14 S . -44.33 -38.29 20.66
H082 C14 S . -44.83 -38.31 19.17
H091 C14 S . -46.38 -37.08 21.18
H092 C14 S . -46.58 -38.60 20.81
H101 C14 S . -47.06 -37.90 18.56
H102 C14 S . -47.05 -36.41 19.08
H111 C14 S . -49.11 -36.58 19.74
H112 C14 S . -48.72 -37.82 20.65
H121 C14 S . -49.25 -38.13 17.89
H122 C14 S . -49.12 -39.31 18.95
H131 C14 S . -51.20 -37.38 19.14
H132 C14 S . -51.13 -38.77 19.90
H141 C14 S . -51.49 -38.51 17.09
H142 C14 S . -52.64 -38.92 18.08
H143 C14 S . -51.42 -39.91 17.84
C02 C14 T . -36.39 -33.20 13.69
C03 C14 T . -36.99 -33.66 15.02
C04 C14 T . -37.34 -35.14 14.96
C05 C14 T . -38.58 -35.35 14.08
C06 C14 T . -38.97 -36.83 14.06
C07 C14 T . -40.42 -37.00 14.48
C08 C14 T . -40.97 -38.31 13.92
C09 C14 T . -42.13 -38.78 14.79
C10 C14 T . -43.18 -39.50 13.95
C11 C14 T . -44.48 -39.61 14.75
C12 C14 T . -45.32 -40.79 14.27
C13 C14 T . -45.63 -40.67 12.79
C14 C14 T . -46.77 -41.63 12.43
H022 C14 T . -37.10 -33.11 13.03
H031 C14 T . -36.34 -33.51 15.73
H032 C14 T . -37.79 -33.14 15.20
H041 C14 T . -36.59 -35.64 14.59
H042 C14 T . -37.53 -35.46 15.85
H051 C14 T . -38.37 -35.06 13.17
H052 C14 T . -39.31 -34.82 14.42
H061 C14 T . -38.84 -37.18 13.17
H062 C14 T . -38.39 -37.32 14.67
H071 C14 T . -40.48 -37.00 15.45
H072 C14 T . -40.95 -36.26 14.14
H081 C14 T . -40.28 -38.98 13.93
H082 C14 T . -41.28 -38.17 13.01
H091 C14 T . -41.81 -39.38 15.47
H092 C14 T . -42.54 -38.02 15.22
H101 C14 T . -42.87 -40.39 13.71
H102 C14 T . -43.36 -39.00 13.13
H111 C14 T . -44.25 -39.74 15.69
H112 C14 T . -44.99 -38.79 14.66
H121 C14 T . -44.83 -41.62 14.43
H122 C14 T . -46.16 -40.81 14.78
H131 C14 T . -44.85 -40.90 12.27
H132 C14 T . -45.91 -39.76 12.59
H141 C14 T . -46.96 -41.56 11.48
H142 C14 T . -47.55 -41.40 12.94
H143 C14 T . -46.49 -42.54 12.63
C01 C14 U . -33.35 -39.91 13.51
C02 C14 U . -33.93 -41.08 12.73
C03 C14 U . -35.41 -40.82 12.41
C04 C14 U . -36.25 -41.03 13.66
C05 C14 U . -37.74 -40.85 13.32
C06 C14 U . -38.39 -42.23 13.16
C07 C14 U . -38.74 -42.80 14.52
C08 C14 U . -38.89 -44.32 14.45
C09 C14 U . -40.19 -44.69 13.74
C10 C14 U . -41.39 -44.53 14.67
C11 C14 U . -42.55 -43.88 13.93
C12 C14 U . -43.87 -44.49 14.40
C13 C14 U . -44.09 -45.85 13.72
C14 C14 U . -45.07 -46.68 14.54
H021 C14 U . -33.86 -41.89 13.26
H022 C14 U . -33.44 -41.19 11.90
H031 C14 U . -35.51 -39.90 12.11
H032 C14 U . -35.69 -41.42 11.72
H041 C14 U . -36.11 -41.92 14.00
H042 C14 U . -36.00 -40.38 14.34
H051 C14 U . -38.17 -40.37 14.03
H052 C14 U . -37.82 -40.36 12.49
H061 C14 U . -39.21 -42.13 12.63
H062 C14 U . -37.79 -42.83 12.70
H071 C14 U . -39.59 -42.41 14.82
H072 C14 U . -38.04 -42.57 15.15
H081 C14 U . -38.14 -44.69 13.97
H082 C14 U . -38.90 -44.68 15.35
H091 C14 U . -40.13 -45.62 13.44
H092 C14 U . -40.30 -44.12 12.96
H101 C14 U . -41.65 -45.41 15.00
H102 C14 U . -41.12 -43.98 15.43
H111 C14 U . -42.56 -42.93 14.12
H112 C14 U . -42.45 -44.02 12.98
H121 C14 U . -43.85 -44.61 15.36
H122 C14 U . -44.60 -43.89 14.17
H131 C14 U . -44.45 -45.70 12.83
H132 C14 U . -43.24 -46.31 13.65
H141 C14 U . -45.91 -46.20 14.61
H142 C14 U . -45.21 -47.54 14.11
H143 C14 U . -44.70 -46.82 15.42
C01 C14 V . -37.70 -18.76 -0.03
C02 C14 V . -38.54 -18.60 1.22
C03 C14 V . -37.70 -17.97 2.34
C04 C14 V . -37.48 -16.48 2.07
C05 C14 V . -38.71 -15.66 2.45
C06 C14 V . -38.89 -15.61 3.97
C07 C14 V . -39.89 -14.52 4.31
C08 C14 V . -40.31 -14.63 5.78
C09 C14 V . -41.61 -15.42 5.90
C10 C14 V . -42.27 -15.09 7.24
C11 C14 V . -43.69 -15.68 7.28
C12 C14 V . -44.57 -14.80 8.16
C13 C14 V . -45.87 -15.54 8.49
C14 C14 V . -46.90 -14.55 9.04
H021 C14 V . -38.86 -19.47 1.51
H022 C14 V . -39.30 -18.03 1.02
H031 C14 V . -36.85 -18.42 2.38
H032 C14 V . -38.17 -18.08 3.18
H041 C14 V . -36.72 -16.17 2.60
H042 C14 V . -37.28 -16.35 1.13
H051 C14 V . -38.62 -14.77 2.11
H052 C14 V . -39.50 -16.07 2.06
H061 C14 V . -39.21 -16.46 4.29
H062 C14 V . -38.03 -15.41 4.38
H071 C14 V . -40.67 -14.60 3.75
H072 C14 V . -39.48 -13.65 4.16
H081 C14 V . -39.61 -15.09 6.28
H082 C14 V . -40.43 -13.74 6.15
H091 C14 V . -42.21 -15.17 5.18
H092 C14 V . -41.42 -16.37 5.86
H101 C14 V . -42.31 -14.14 7.36
H102 C14 V . -41.75 -15.48 7.96
H111 C14 V . -43.66 -16.57 7.63
H112 C14 V . -44.05 -15.69 6.38
H121 C14 V . -44.77 -13.97 7.70
H122 C14 V . -44.10 -14.59 8.98
H131 C14 V . -46.21 -15.95 7.70
H132 C14 V . -45.69 -16.22 9.16
H141 C14 V . -46.56 -14.13 9.84
H142 C14 V . -47.08 -13.87 8.37
H143 C14 V . -47.71 -15.03 9.24
C01 C14 W . -35.14 -13.61 7.74
C02 C14 W . -35.62 -12.69 8.86
C03 C14 W . -36.37 -13.49 9.92
C04 C14 W . -37.78 -13.78 9.43
C05 C14 W . -38.52 -14.65 10.47
C06 C14 W . -38.03 -16.10 10.37
C07 C14 W . -39.15 -16.98 9.81
C08 C14 W . -40.21 -17.24 10.87
C09 C14 W . -41.05 -18.46 10.46
C10 C14 W . -42.29 -18.55 11.33
C11 C14 W . -42.39 -19.95 11.97
C12 C14 W . -42.62 -21.01 10.90
C13 C14 W . -42.91 -22.34 11.58
C14 C14 W . -42.57 -23.51 10.64
H021 C14 W . -36.20 -12.01 8.49
H022 C14 W . -34.84 -12.26 9.27
H031 C14 W . -36.41 -12.98 10.74
H032 C14 W . -35.89 -14.32 10.08
H041 C14 W . -38.25 -12.95 9.31
H042 C14 W . -37.74 -14.26 8.59
H051 C14 W . -39.46 -14.61 10.29
H052 C14 W . -38.34 -14.30 11.35
H061 C14 W . -37.26 -16.13 9.80
H062 C14 W . -37.80 -16.40 11.26
H071 C14 W . -39.55 -16.55 9.04
H072 C14 W . -38.76 -17.83 9.52
H081 C14 W . -39.78 -17.43 11.72
H082 C14 W . -40.78 -16.46 10.95
H091 C14 W . -41.32 -18.35 9.53
H092 C14 W . -40.52 -19.26 10.56
H101 C14 W . -42.25 -17.88 12.04
H102 C14 W . -43.09 -18.38 10.80
H111 C14 W . -41.58 -20.13 12.46
H112 C14 W . -43.14 -19.95 12.59
H121 C14 W . -41.82 -21.10 10.37
H122 C14 W . -43.36 -20.76 10.33
H131 C14 W . -42.38 -22.43 12.39
H132 C14 W . -43.85 -22.39 11.81
H141 C14 W . -42.76 -24.35 11.08
H142 C14 W . -41.61 -23.47 10.42
H143 C14 W . -43.09 -23.43 9.83
C1 PTY X . -62.74 -14.60 9.13
C2 PTY X . -67.78 -18.26 12.18
C3 PTY X . -67.69 -17.10 11.20
O4 PTY X . -61.78 -14.92 10.09
C5 PTY X . -65.18 -14.26 9.70
C6 PTY X . -63.77 -13.68 9.78
O7 PTY X . -63.77 -12.46 9.11
C8 PTY X . -64.47 -11.43 9.75
O10 PTY X . -65.31 -11.69 10.55
C11 PTY X . -64.16 -9.97 9.43
C12 PTY X . -62.67 -9.65 9.59
C13 PTY X . -62.00 -9.34 8.26
C14 PTY X . -61.02 -10.43 7.84
C30 PTY X . -60.53 -14.32 9.87
C31 PTY X . -59.29 -15.18 9.68
O30 PTY X . -60.44 -13.14 9.82
C32 PTY X . -58.22 -14.49 8.82
C33 PTY X . -56.86 -15.16 8.93
C34 PTY X . -55.76 -14.47 8.12
C35 PTY X . -55.87 -12.94 8.08
C36 PTY X . -54.65 -12.26 8.68
C37 PTY X . -53.43 -12.31 7.76
C38 PTY X . -52.14 -12.02 8.53
C39 PTY X . -52.01 -12.89 9.78
C40 PTY X . -50.56 -12.99 10.27
C41 PTY X . -50.37 -14.15 11.26
C42 PTY X . -51.14 -13.92 12.55
P1 PTY X . -67.37 -14.49 11.10
O11 PTY X . -67.59 -15.90 11.93
O12 PTY X . -67.98 -14.61 9.73
O13 PTY X . -68.03 -13.37 11.85
O14 PTY X . -65.76 -14.20 10.97
N1 PTY X . -68.38 -19.42 11.55
HC11 PTY X . -63.14 -15.41 8.79
HC12 PTY X . -62.30 -14.12 8.39
HC21 PTY X . -68.30 -18.00 12.96
HC22 PTY X . -66.88 -18.50 12.46
HC31 PTY X . -66.92 -17.20 10.63
HC32 PTY X . -68.51 -17.07 10.66
HC51 PTY X . -65.71 -13.74 9.07
HC52 PTY X . -65.16 -15.18 9.40
HC6 PTY X . -63.54 -13.54 10.71
H111 PTY X . -64.44 -9.79 8.52
H112 PTY X . -64.66 -9.41 10.03
H121 PTY X . -62.23 -10.40 10.01
H122 PTY X . -62.58 -8.87 10.17
H131 PTY X . -61.51 -8.50 8.34
H132 PTY X . -62.67 -9.24 7.57
H141 PTY X . -60.47 -10.69 8.60
H142 PTY X . -61.52 -11.21 7.52
H311 PTY X . -58.91 -15.38 10.55
H312 PTY X . -59.54 -16.01 9.26
H321 PTY X . -58.19 -13.58 9.15
H322 PTY X . -58.52 -14.48 7.89
H331 PTY X . -56.60 -15.18 9.86
H332 PTY X . -56.94 -16.08 8.61
H341 PTY X . -55.80 -14.80 7.21
H342 PTY X . -54.90 -14.70 8.50
H351 PTY X . -55.95 -12.66 7.15
H352 PTY X . -56.63 -12.61 8.56
H361 PTY X . -54.86 -11.33 8.87
H362 PTY X . -54.46 -12.70 9.52
H371 PTY X . -53.54 -11.64 7.07
H372 PTY X . -53.38 -13.19 7.36
H381 PTY X . -51.39 -12.20 7.94
H382 PTY X . -52.12 -11.09 8.79
H391 PTY X . -52.54 -12.50 10.49
H392 PTY X . -52.34 -13.78 9.59
H401 PTY X . -49.98 -13.14 9.50
H402 PTY X . -50.32 -12.17 10.69
H411 PTY X . -50.68 -14.97 10.84
H412 PTY X . -49.43 -14.23 11.46
H421 PTY X . -51.09 -14.73 13.09
H422 PTY X . -50.75 -13.18 13.04
HN12 PTY X . -68.05 -20.16 11.92
CAA Y01 Y . -60.12 -1.81 10.30
CBA Y01 Y . -58.84 -2.67 10.19
CAB Y01 Y . -57.65 -1.75 9.81
CAN Y01 Y . -59.04 -3.76 9.13
CAJ Y01 Y . -57.74 -4.61 8.92
CAO Y01 Y . -57.42 -5.45 10.23
CBB Y01 Y . -58.39 -6.62 10.54
CAC Y01 Y . -58.49 -7.53 9.29
CBE Y01 Y . -57.91 -7.31 11.83
CAP Y01 Y . -58.59 -6.75 13.12
CAQ Y01 Y . -58.47 -7.89 14.16
CBG Y01 Y . -57.64 -8.99 13.50
CBI Y01 Y . -58.05 -8.85 12.02
CAE Y01 Y . -59.49 -9.29 11.81
CAU Y01 Y . -57.10 -9.73 11.20
CAS Y01 Y . -57.07 -11.16 11.69
CBF Y01 Y . -56.73 -11.28 13.18
CBD Y01 Y . -57.68 -10.43 14.03
CAK Y01 Y . -57.27 -10.49 15.50
CAI Y01 Y . -56.68 -11.81 15.92
CAZ Y01 Y . -56.31 -12.79 15.12
CAV Y01 Y . -55.06 -13.55 15.53
CBH Y01 Y . -56.64 -12.76 13.65
CAD Y01 Y . -57.99 -13.47 13.42
CAT Y01 Y . -55.55 -13.47 12.90
CAR Y01 Y . -55.31 -14.88 13.40
CBC Y01 Y . -54.86 -14.87 14.81
OAW Y01 Y . -55.53 -15.94 15.54
CAY Y01 Y . -55.11 -17.16 15.21
OAG Y01 Y . -55.72 -17.90 14.53
CAM Y01 Y . -53.77 -17.50 15.80
CAL Y01 Y . -53.41 -18.98 15.57
CAX Y01 Y . -54.12 -19.93 16.48
OAH Y01 Y . -53.56 -21.02 16.80
OAF Y01 Y . -55.27 -19.63 16.90
HAA1 Y01 Y . -60.06 -1.25 11.08
HAA2 Y01 Y . -60.22 -1.27 9.50
HAA3 Y01 Y . -60.89 -2.40 10.38
HBA Y01 Y . -58.66 -3.08 11.05
HAB1 Y01 Y . -57.75 -0.89 10.25
HAB2 Y01 Y . -56.82 -2.16 10.10
HAB3 Y01 Y . -57.64 -1.62 8.85
HAN1 Y01 Y . -59.75 -4.34 9.40
HAN2 Y01 Y . -59.28 -3.33 8.29
HAJ1 Y01 Y . -57.86 -5.20 8.17
HAJ2 Y01 Y . -57.00 -4.01 8.73
HAO1 Y01 Y . -56.52 -5.83 10.12
HAO2 Y01 Y . -57.40 -4.85 10.99
HBB Y01 Y . -59.26 -6.23 10.71
HAC1 Y01 Y . -58.92 -7.05 8.57
HAC2 Y01 Y . -57.61 -7.80 9.01
HAC3 Y01 Y . -59.02 -8.32 9.50
HBE Y01 Y . -56.96 -7.11 11.92
HAP1 Y01 Y . -58.12 -5.96 13.44
HAP2 Y01 Y . -59.52 -6.55 12.96
HAQ1 Y01 Y . -59.35 -8.23 14.38
HAQ2 Y01 Y . -58.02 -7.57 14.95
HBG Y01 Y . -56.71 -8.71 13.56
HBD Y01 Y . -58.59 -10.79 13.94
HAE1 Y01 Y . -60.02 -8.52 11.53
HAE2 Y01 Y . -59.53 -9.97 11.12
HAE3 Y01 Y . -59.86 -9.65 12.63
HAU1 Y01 Y . -56.20 -9.35 11.26
HAU2 Y01 Y . -57.37 -9.72 10.28
HAS1 Y01 Y . -57.94 -11.54 11.53
HAS2 Y01 Y . -56.41 -11.63 11.17
HBF Y01 Y . -55.84 -10.91 13.30
HAK1 Y01 Y . -56.62 -9.80 15.65
HAK2 Y01 Y . -58.06 -10.31 16.03
HAI Y01 Y . -55.90 -11.58 16.44
HAV1 Y01 Y . -54.29 -12.98 15.35
HAV2 Y01 Y . -55.10 -13.72 16.48
HBC Y01 Y . -53.91 -15.06 14.82
HAD1 Y01 Y . -58.17 -13.52 12.47
HAD2 Y01 Y . -57.96 -14.37 13.79
HAD3 Y01 Y . -58.70 -12.97 13.86
HAT1 Y01 Y . -54.72 -12.96 12.97
HAT2 Y01 Y . -55.80 -13.53 11.96
HAR1 Y01 Y . -54.62 -15.30 12.86
HAR2 Y01 Y . -56.13 -15.40 13.32
HAM1 Y01 Y . -53.79 -17.32 16.76
HAM2 Y01 Y . -53.11 -16.95 15.38
HAL1 Y01 Y . -53.62 -19.20 14.64
HAL2 Y01 Y . -52.45 -19.08 15.70
CAA Y01 Z . -45.48 -21.05 4.44
CBA Y01 Z . -46.57 -20.65 5.45
CAB Y01 Z . -47.70 -19.89 4.70
CAN Y01 Z . -45.96 -19.75 6.54
CAJ Y01 Z . -47.05 -19.02 7.40
CAO Y01 Z . -47.99 -20.07 8.14
CBB Y01 Z . -47.65 -20.36 9.62
CAC Y01 Z . -46.11 -20.42 9.82
CBE Y01 Z . -48.34 -19.35 10.58
CAP Y01 Z . -49.85 -19.14 10.27
CAQ Y01 Z . -50.48 -18.74 11.61
CBG Y01 Z . -49.32 -18.55 12.59
CBI Y01 Z . -48.31 -19.61 12.12
CAE Y01 Z . -48.79 -21.03 12.41
CAU Y01 Z . -47.00 -19.34 12.87
CAS Y01 Z . -47.20 -19.40 14.38
CBF Y01 Z . -48.30 -18.46 14.90
CBD Y01 Z . -49.60 -18.57 14.09
CAK Y01 Z . -50.48 -17.38 14.43
CAI Y01 Z . -50.35 -16.99 15.87
CAZ Y01 Z . -49.73 -17.69 16.79
CAV Y01 Z . -49.67 -17.09 18.17
CBH Y01 Z . -48.59 -18.62 16.42
CAD Y01 Z . -48.92 -20.09 16.72
CAT Y01 Z . -47.40 -18.22 17.26
CAR Y01 Z . -47.63 -18.42 18.75
CBC Y01 Z . -49.01 -18.02 19.17
OAW Y01 Z . -49.82 -19.21 19.34
CAY Y01 Z . -50.91 -19.08 20.11
OAG Y01 Z . -51.40 -18.05 20.39
CAM Y01 Z . -51.44 -20.41 20.55
CAL Y01 Z . -52.61 -20.22 21.53
CAX Y01 Z . -53.82 -19.58 20.93
OAH Y01 Z . -54.91 -19.50 21.61
OAF Y01 Z . -53.79 -19.13 19.76
HAA1 Y01 Z . -45.23 -20.28 3.92
HAA2 Y01 Z . -45.82 -21.75 3.86
HAA3 Y01 Z . -44.70 -21.38 4.93
HBA Y01 Z . -46.94 -21.44 5.85
HAB1 Y01 Z . -48.51 -19.93 5.22
HAB2 Y01 Z . -47.43 -18.96 4.57
HAB3 Y01 Z . -47.84 -20.32 3.83
HAN1 Y01 Z . -45.40 -19.09 6.12
HAN2 Y01 Z . -45.41 -20.30 7.12
HAJ1 Y01 Z . -47.59 -18.46 6.83
HAJ2 Y01 Z . -46.61 -18.47 8.06
HAO1 Y01 Z . -47.93 -20.92 7.67
HAO2 Y01 Z . -48.89 -19.77 8.06
HBB Y01 Z . -48.01 -21.24 9.84
HAC1 Y01 Z . -45.91 -20.84 10.67
HAC2 Y01 Z . -45.72 -20.94 9.11
HAC3 Y01 Z . -45.75 -19.53 9.81
HBE Y01 Z . -47.90 -18.50 10.43
HAP1 Y01 Z . -50.25 -19.97 9.95
HAP2 Y01 Z . -49.98 -18.44 9.62
HAQ1 Y01 Z . -50.97 -17.90 11.52
HAQ2 Y01 Z . -51.07 -19.44 11.93
HBG Y01 Z . -48.93 -17.69 12.40
HBD Y01 Z . -50.06 -19.38 14.32
HAE1 Y01 Z . -49.52 -21.26 11.81
HAE2 Y01 Z . -48.06 -21.65 12.28
HAE3 Y01 Z . -49.09 -21.09 13.33
HAU1 Y01 Z . -46.68 -18.45 12.63
HAU2 Y01 Z . -46.35 -20.01 12.62
HAS1 Y01 Z . -46.36 -19.15 14.80
HAS2 Y01 Z . -47.40 -20.31 14.62
HBF Y01 Z . -47.97 -17.56 14.78
HAK1 Y01 Z . -50.21 -16.63 13.88
HAK2 Y01 Z . -51.40 -17.61 14.24
HAI Y01 Z . -49.91 -16.13 15.86
HAV1 Y01 Z . -49.16 -16.26 18.13
HAV2 Y01 Z . -50.58 -16.89 18.47
HBC Y01 Z . -48.95 -17.56 20.02
HAD1 Y01 Z . -49.16 -20.54 15.90
HAD2 Y01 Z . -49.67 -20.17 17.34
HAD3 Y01 Z . -48.15 -20.53 17.10
HAT1 Y01 Z . -47.21 -17.28 17.09
HAT2 Y01 Z . -46.63 -18.75 16.98
HAR1 Y01 Z . -46.99 -17.87 19.23
HAR2 Y01 Z . -47.49 -19.35 18.97
HAM1 Y01 Z . -51.74 -20.90 19.78
HAM2 Y01 Z . -50.73 -20.91 20.99
HAL1 Y01 Z . -52.31 -19.66 22.27
HAL2 Y01 Z . -52.86 -21.09 21.87
C02 C14 AA . -12.82 -33.35 -9.36
C03 C14 AA . -13.93 -32.94 -8.39
C04 C14 AA . -15.10 -33.92 -8.50
C05 C14 AA . -16.28 -33.40 -7.67
C06 C14 AA . -17.58 -33.68 -8.43
C07 C14 AA . -18.78 -33.32 -7.55
C08 C14 AA . -20.07 -33.67 -8.30
C09 C14 AA . -21.26 -33.05 -7.59
C10 C14 AA . -22.56 -33.50 -8.26
C11 C14 AA . -23.72 -32.66 -7.73
C12 C14 AA . -25.02 -33.11 -8.39
C13 C14 AA . -25.49 -34.43 -7.79
H022 C14 AA . -12.53 -34.26 -9.13
H031 C14 AA . -13.60 -32.94 -7.49
H032 C14 AA . -14.23 -32.04 -8.62
H041 C14 AA . -15.37 -34.00 -9.42
H042 C14 AA . -14.83 -34.78 -8.16
H051 C14 AA . -16.31 -33.85 -6.82
H052 C14 AA . -16.19 -32.45 -7.53
H061 C14 AA . -17.62 -34.64 -8.65
H062 C14 AA . -17.60 -33.17 -9.25
H071 C14 AA . -18.74 -33.81 -6.72
H072 C14 AA . -18.77 -32.36 -7.38
H081 C14 AA . -20.17 -34.64 -8.31
H082 C14 AA . -20.02 -33.34 -9.21
H091 C14 AA . -21.19 -32.08 -7.63
H092 C14 AA . -21.27 -33.33 -6.66
H101 C14 AA . -22.48 -33.37 -9.23
H102 C14 AA . -22.71 -34.43 -8.08
H111 C14 AA . -23.57 -31.73 -7.93
H112 C14 AA . -23.79 -32.79 -6.78
H121 C14 AA . -25.70 -32.43 -8.25
H122 C14 AA . -24.88 -33.23 -9.35
H131 C14 AA . -26.36 -34.68 -8.17
H132 C14 AA . -24.85 -35.13 -7.99
C01 C14 BA . -14.18 -32.34 -13.03
C02 C14 BA . -15.34 -33.17 -12.49
C03 C14 BA . -16.61 -32.82 -13.28
C04 C14 BA . -17.79 -33.61 -12.74
C05 C14 BA . -19.05 -33.26 -13.52
C06 C14 BA . -20.24 -34.04 -12.96
C07 C14 BA . -21.54 -33.41 -13.45
C08 C14 BA . -22.68 -34.41 -13.36
C09 C14 BA . -24.00 -33.73 -13.72
C10 C14 BA . -25.13 -34.76 -13.71
C11 C14 BA . -26.28 -34.27 -14.59
C12 C14 BA . -27.55 -35.08 -14.32
C13 C14 BA . -28.63 -34.71 -15.33
C14 C14 BA . -29.92 -34.34 -14.61
H021 C14 BA . -15.15 -34.11 -12.59
H022 C14 BA . -15.48 -32.96 -11.55
H031 C14 BA . -16.79 -31.87 -13.19
H032 C14 BA . -16.46 -33.03 -14.22
H041 C14 BA . -17.92 -33.41 -11.80
H042 C14 BA . -17.60 -34.57 -12.83
H051 C14 BA . -19.22 -32.31 -13.43
H052 C14 BA . -18.92 -33.48 -14.45
H061 C14 BA . -20.21 -34.04 -11.99
H062 C14 BA . -20.20 -34.96 -13.28
H071 C14 BA . -21.45 -33.12 -14.37
H072 C14 BA . -21.75 -32.64 -12.89
H081 C14 BA . -22.52 -35.15 -13.97
H082 C14 BA . -22.74 -34.76 -12.45
H091 C14 BA . -24.19 -33.04 -13.06
H092 C14 BA . -23.93 -33.34 -14.60
H101 C14 BA . -24.81 -35.61 -14.04
H102 C14 BA . -25.46 -34.88 -12.80
H111 C14 BA . -26.03 -34.37 -15.52
H112 C14 BA . -26.45 -33.33 -14.40
H121 C14 BA . -27.35 -36.03 -14.39
H122 C14 BA . -27.86 -34.89 -13.43
H131 C14 BA . -28.78 -35.46 -15.92
H132 C14 BA . -28.32 -33.95 -15.85
H141 C14 BA . -30.66 -34.36 -15.24
H142 C14 BA . -29.84 -33.45 -14.24
H143 C14 BA . -30.09 -34.98 -13.90
C01 C14 CA . -14.34 -38.78 -10.01
C02 C14 CA . -15.35 -38.74 -8.85
C03 C14 CA . -16.76 -38.75 -9.42
C04 C14 CA . -17.76 -38.85 -8.27
C05 C14 CA . -19.17 -39.09 -8.80
C06 C14 CA . -19.59 -37.95 -9.72
C07 C14 CA . -21.03 -37.53 -9.46
C08 C14 CA . -22.01 -38.55 -10.04
C09 C14 CA . -23.20 -37.82 -10.66
C10 C14 CA . -24.51 -38.56 -10.40
C11 C14 CA . -25.59 -37.54 -10.01
C12 C14 CA . -26.87 -38.26 -9.61
C13 C14 CA . -27.87 -37.24 -9.06
C14 C14 CA . -29.15 -37.96 -8.62
H021 C14 CA . -15.21 -37.93 -8.34
H022 C14 CA . -15.21 -39.52 -8.28
H031 C14 CA . -16.87 -39.52 -10.00
H032 C14 CA . -16.91 -37.93 -9.92
H041 C14 CA . -17.51 -39.58 -7.68
H042 C14 CA . -17.75 -38.02 -7.76
H051 C14 CA . -19.19 -39.93 -9.29
H052 C14 CA . -19.80 -39.14 -8.05
H061 C14 CA . -19.50 -38.23 -10.65
H062 C14 CA . -19.01 -37.19 -9.56
H071 C14 CA . -21.18 -37.46 -8.49
H072 C14 CA . -21.19 -36.67 -9.87
H081 C14 CA . -22.32 -39.14 -9.33
H082 C14 CA . -21.56 -39.08 -10.72
H091 C14 CA . -23.06 -37.76 -11.63
H092 C14 CA . -23.27 -36.93 -10.30
H101 C14 CA . -24.79 -39.03 -11.21
H102 C14 CA . -24.41 -39.20 -9.68
H111 C14 CA . -25.27 -37.01 -9.27
H112 C14 CA . -25.77 -36.95 -10.77
H121 C14 CA . -26.67 -38.91 -8.92
H122 C14 CA . -27.25 -38.70 -10.38
H131 C14 CA . -28.09 -36.59 -9.74
H132 C14 CA . -27.48 -36.78 -8.29
H141 C14 CA . -29.53 -38.42 -9.39
H142 C14 CA . -28.93 -38.61 -7.94
H143 C14 CA . -29.78 -37.31 -8.27
C01 C14 DA . -14.55 -38.31 -13.25
C02 C14 DA . -14.90 -38.16 -14.72
C03 C14 DA . -15.83 -36.96 -14.90
C04 C14 DA . -16.00 -36.67 -16.40
C05 C14 DA . -17.36 -36.03 -16.64
C06 C14 DA . -18.43 -37.11 -16.81
C07 C14 DA . -19.80 -36.56 -16.43
C08 C14 DA . -20.87 -37.17 -17.34
C09 C14 DA . -22.23 -37.10 -16.67
C10 C14 DA . -23.27 -37.77 -17.57
C11 C14 DA . -24.67 -37.59 -16.97
C12 C14 DA . -25.70 -38.15 -17.95
C13 C14 DA . -27.08 -38.19 -17.29
C14 C14 DA . -28.13 -38.62 -18.31
H021 C14 DA . -15.36 -38.96 -15.03
H022 C14 DA . -14.10 -38.04 -15.24
H031 C14 DA . -16.68 -37.15 -14.50
H032 C14 DA . -15.43 -36.18 -14.48
H041 C14 DA . -15.95 -37.51 -16.89
H042 C14 DA . -15.30 -36.07 -16.70
H051 C14 DA . -17.33 -35.48 -17.43
H052 C14 DA . -17.59 -35.47 -15.87
H061 C14 DA . -18.21 -37.87 -16.25
H062 C14 DA . -18.44 -37.39 -17.74
H071 C14 DA . -19.99 -36.80 -15.51
H072 C14 DA . -19.81 -35.59 -16.53
H081 C14 DA . -20.89 -36.68 -18.18
H082 C14 DA . -20.64 -38.10 -17.52
H091 C14 DA . -22.20 -37.55 -15.81
H092 C14 DA . -22.48 -36.17 -16.53
H101 C14 DA . -23.07 -38.71 -17.64
H102 C14 DA . -23.24 -37.36 -18.44
H111 C14 DA . -24.83 -36.65 -16.82
H112 C14 DA . -24.73 -38.07 -16.14
H121 C14 DA . -25.44 -39.04 -18.22
H122 C14 DA . -25.74 -37.57 -18.74
H131 C14 DA . -27.30 -37.32 -16.94
H132 C14 DA . -27.05 -38.84 -16.56
H141 C14 DA . -28.15 -37.98 -19.03
H142 C14 DA . -27.91 -39.49 -18.67
H143 C14 DA . -29.00 -38.65 -17.89
C01 C14 EA . -13.21 -31.47 -18.10
C02 C14 EA . -14.19 -32.52 -17.61
C03 C14 EA . -14.74 -33.31 -18.79
C04 C14 EA . -16.08 -32.72 -19.25
C05 C14 EA . -16.54 -33.41 -20.52
C06 C14 EA . -18.04 -33.18 -20.72
C07 C14 EA . -18.49 -33.85 -22.02
C08 C14 EA . -20.00 -33.77 -22.15
C09 C14 EA . -20.65 -34.98 -21.48
C10 C14 EA . -22.15 -34.99 -21.77
C11 C14 EA . -22.75 -36.32 -21.30
C12 C14 EA . -24.28 -36.24 -21.34
C13 C14 EA . -24.83 -37.00 -22.53
C14 C14 EA . -26.33 -37.23 -22.36
H021 C14 EA . -13.75 -33.12 -16.99
H022 C14 EA . -14.92 -32.09 -17.15
H031 C14 EA . -14.11 -33.28 -19.52
H032 C14 EA . -14.88 -34.24 -18.52
H041 C14 EA . -16.73 -32.84 -18.55
H042 C14 EA . -15.96 -31.77 -19.41
H051 C14 EA . -16.05 -33.05 -21.28
H052 C14 EA . -16.38 -34.36 -20.45
H061 C14 EA . -18.53 -33.54 -19.98
H062 C14 EA . -18.21 -32.22 -20.78
H071 C14 EA . -18.22 -34.78 -22.01
H072 C14 EA . -18.07 -33.41 -22.77
H081 C14 EA . -20.32 -32.96 -21.72
H082 C14 EA . -20.25 -33.76 -23.09
H091 C14 EA . -20.51 -34.93 -20.52
H092 C14 EA . -20.25 -35.79 -21.84
H101 C14 EA . -22.58 -34.25 -21.29
H102 C14 EA . -22.30 -34.88 -22.72
H111 C14 EA . -22.45 -37.02 -21.89
H112 C14 EA . -22.46 -36.50 -20.39
H121 C14 EA . -24.55 -35.30 -21.40
H122 C14 EA . -24.64 -36.62 -20.52
H131 C14 EA . -24.38 -37.87 -22.60
H132 C14 EA . -24.67 -36.50 -23.35
H141 C14 EA . -26.78 -36.37 -22.29
H142 C14 EA . -26.67 -37.72 -23.12
H143 C14 EA . -26.49 -37.74 -21.55
C01 C14 FA . -35.97 -35.78 -13.06
C02 C14 FA . -36.95 -36.93 -13.14
C03 C14 FA . -36.52 -38.03 -12.18
C04 C14 FA . -37.49 -39.21 -12.27
C05 C14 FA . -38.79 -38.88 -11.54
C06 C14 FA . -39.70 -40.10 -11.57
C07 C14 FA . -41.15 -39.67 -11.29
C08 C14 FA . -42.04 -40.91 -11.29
C09 C14 FA . -43.49 -40.52 -11.04
C10 C14 FA . -44.07 -39.82 -12.28
C11 C14 FA . -45.57 -40.06 -12.32
C12 C14 FA . -46.18 -39.34 -13.54
C13 C14 FA . -46.68 -40.37 -14.55
C14 C14 FA . -47.31 -39.65 -15.72
H021 C14 FA . -36.98 -37.28 -14.05
H022 C14 FA . -37.84 -36.62 -12.90
H031 C14 FA . -35.62 -38.33 -12.41
H032 C14 FA . -36.52 -37.69 -11.27
H041 C14 FA . -37.09 -40.00 -11.87
H042 C14 FA . -37.69 -39.39 -13.20
H051 C14 FA . -38.59 -38.65 -10.61
H052 C14 FA . -39.23 -38.14 -11.97
H061 C14 FA . -39.66 -40.51 -12.44
H062 C14 FA . -39.42 -40.74 -10.89
H071 C14 FA . -41.19 -39.25 -10.41
H072 C14 FA . -41.44 -39.05 -11.97
H081 C14 FA . -41.75 -41.52 -10.59
H082 C14 FA . -41.95 -41.36 -12.15
H091 C14 FA . -43.53 -39.92 -10.29
H092 C14 FA . -44.01 -41.31 -10.86
H101 C14 FA . -43.65 -40.18 -13.08
H102 C14 FA . -43.89 -38.87 -12.23
H111 C14 FA . -45.98 -39.72 -11.51
H112 C14 FA . -45.75 -41.01 -12.40
H121 C14 FA . -45.50 -38.78 -13.94
H122 C14 FA . -46.92 -38.79 -13.23
H131 C14 FA . -45.92 -40.91 -14.86
H132 C14 FA . -47.33 -40.95 -14.13
H141 C14 FA . -48.07 -39.12 -15.41
H142 C14 FA . -46.66 -39.07 -16.15
H143 C14 FA . -47.64 -40.30 -16.37
C01 C14 GA . -34.25 -40.93 -13.40
C02 C14 GA . -34.05 -41.54 -14.79
C03 C14 GA . -35.11 -42.61 -15.06
C04 C14 GA . -36.47 -41.95 -15.31
C05 C14 GA . -37.57 -43.00 -15.35
C06 C14 GA . -38.91 -42.31 -15.65
C07 C14 GA . -40.07 -43.09 -15.03
C08 C14 GA . -40.61 -44.10 -16.04
C09 C14 GA . -41.92 -44.70 -15.51
C10 C14 GA . -43.06 -43.68 -15.63
C11 C14 GA . -44.39 -44.36 -15.33
C12 C14 GA . -45.34 -44.18 -16.51
C13 C14 GA . -46.75 -44.61 -16.10
C14 C14 GA . -47.76 -44.12 -17.14
H021 C14 GA . -34.12 -40.84 -15.46
H022 C14 GA . -33.18 -41.94 -14.84
H031 C14 GA . -35.19 -43.19 -14.28
H032 C14 GA . -34.86 -43.13 -15.83
H041 C14 GA . -36.66 -41.31 -14.59
H042 C14 GA . -36.44 -41.47 -16.15
H051 C14 GA . -37.61 -43.46 -14.50
H052 C14 GA . -37.38 -43.64 -16.05
H061 C14 GA . -39.03 -42.27 -16.61
H062 C14 GA . -38.89 -41.42 -15.30
H071 C14 GA . -39.77 -43.56 -14.24
H072 C14 GA . -40.76 -42.46 -14.79
H081 C14 GA . -39.96 -44.81 -16.16
H082 C14 GA . -40.78 -43.65 -16.88
H091 C14 GA . -41.81 -44.95 -14.60
H092 C14 GA . -42.15 -45.48 -16.04
H101 C14 GA . -43.07 -43.31 -16.54
H102 C14 GA . -42.91 -42.95 -15.00
H111 C14 GA . -44.78 -43.95 -14.53
H112 C14 GA . -44.25 -45.30 -15.17
H121 C14 GA . -45.36 -43.25 -16.77
H122 C14 GA . -45.05 -44.73 -17.24
H131 C14 GA . -46.97 -44.23 -15.23
H132 C14 GA . -46.79 -45.57 -16.04
H141 C14 GA . -47.73 -43.16 -17.20
H142 C14 GA . -48.66 -44.40 -16.87
H143 C14 GA . -47.55 -44.51 -18.00
C02 C14 HA . -33.58 -34.98 -16.47
C03 C14 HA . -33.88 -36.43 -16.11
C04 C14 HA . -34.29 -37.23 -17.35
C05 C14 HA . -35.69 -36.80 -17.80
C06 C14 HA . -36.11 -37.63 -19.02
C07 C14 HA . -37.44 -38.32 -18.75
C08 C14 HA . -38.14 -38.64 -20.07
C09 C14 HA . -39.11 -39.80 -19.87
C10 C14 HA . -40.34 -39.66 -20.76
C11 C14 HA . -41.42 -40.60 -20.28
C12 C14 HA . -42.38 -40.97 -21.40
C13 C14 HA . -43.01 -39.71 -22.01
C14 C14 HA . -44.21 -40.11 -22.85
H022 C14 HA . -34.41 -34.51 -16.63
H031 C14 HA . -33.09 -36.84 -15.70
H032 C14 HA . -34.62 -36.45 -15.46
H041 C14 HA . -33.66 -37.05 -18.05
H042 C14 HA . -34.29 -38.17 -17.14
H051 C14 HA . -35.68 -35.86 -18.05
H052 C14 HA . -36.31 -36.94 -17.08
H061 C14 HA . -36.20 -37.05 -19.79
H062 C14 HA . -35.43 -38.31 -19.19
H071 C14 HA . -37.29 -39.14 -18.25
H072 C14 HA . -38.02 -37.73 -18.22
H081 C14 HA . -37.48 -38.88 -20.73
H082 C14 HA . -38.64 -37.85 -20.37
H091 C14 HA . -38.66 -40.64 -20.08
H092 C14 HA . -39.40 -39.82 -18.94
H101 C14 HA . -40.10 -39.87 -21.68
H102 C14 HA . -40.67 -38.75 -20.73
H111 C14 HA . -41.00 -41.41 -19.94
H112 C14 HA . -41.92 -40.18 -19.56
H121 C14 HA . -41.91 -41.45 -22.09
H122 C14 HA . -43.09 -41.53 -21.05
H131 C14 HA . -42.35 -39.27 -22.57
H132 C14 HA . -43.29 -39.12 -21.30
H141 C14 HA . -44.61 -39.31 -23.25
H142 C14 HA . -44.87 -40.56 -22.30
H143 C14 HA . -43.94 -40.71 -23.56
C01 C14 IA . -30.84 -37.85 -22.68
C02 C14 IA . -31.61 -37.91 -24.00
C03 C14 IA . -33.10 -37.75 -23.73
C04 C14 IA . -33.68 -39.05 -23.16
C05 C14 IA . -35.19 -38.92 -22.98
C06 C14 IA . -35.91 -39.62 -24.14
C07 C14 IA . -35.98 -41.12 -23.88
C08 C14 IA . -36.17 -41.88 -25.20
C09 C14 IA . -37.60 -41.70 -25.71
C10 C14 IA . -38.56 -42.60 -24.92
C11 C14 IA . -39.84 -41.84 -24.59
C12 C14 IA . -41.05 -42.77 -24.69
C13 C14 IA . -41.45 -42.95 -26.15
C14 C14 IA . -42.25 -44.24 -26.30
H021 C14 IA . -31.45 -38.76 -24.42
H022 C14 IA . -31.32 -37.20 -24.58
H031 C14 IA . -33.25 -37.04 -23.09
H032 C14 IA . -33.56 -37.54 -24.57
H041 C14 IA . -33.49 -39.77 -23.77
H042 C14 IA . -33.27 -39.23 -22.30
H051 C14 IA . -35.46 -39.34 -22.15
H052 C14 IA . -35.44 -37.98 -22.97
H061 C14 IA . -36.81 -39.27 -24.22
H062 C14 IA . -35.43 -39.45 -24.96
H071 C14 IA . -36.71 -41.32 -23.29
H072 C14 IA . -35.14 -41.41 -23.47
H081 C14 IA . -35.55 -41.54 -25.86
H082 C14 IA . -36.00 -42.83 -25.04
H091 C14 IA . -37.64 -41.93 -26.65
H092 C14 IA . -37.87 -40.78 -25.59
H101 C14 IA . -38.78 -43.38 -25.47
H102 C14 IA . -38.14 -42.90 -24.10
H111 C14 IA . -39.78 -41.49 -23.68
H112 C14 IA . -39.96 -41.10 -25.20
H121 C14 IA . -40.83 -43.63 -24.30
H122 C14 IA . -41.80 -42.39 -24.20
H131 C14 IA . -41.99 -42.19 -26.43
H132 C14 IA . -40.65 -43.00 -26.70
H141 C14 IA . -43.04 -44.19 -25.76
H142 C14 IA . -42.51 -44.34 -27.24
H143 C14 IA . -41.71 -44.99 -26.04
C01 C14 JA . -37.39 -16.17 -10.99
C02 C14 JA . -37.94 -17.28 -10.09
C03 C14 JA . -36.87 -17.74 -9.10
C04 C14 JA . -36.65 -16.70 -8.00
C05 C14 JA . -37.77 -16.79 -6.95
C06 C14 JA . -37.60 -18.05 -6.10
C07 C14 JA . -38.48 -17.95 -4.86
C08 C14 JA . -38.57 -19.30 -4.16
C09 C14 JA . -39.84 -20.03 -4.59
C10 C14 JA . -40.19 -21.09 -3.54
C11 C14 JA . -41.57 -21.66 -3.82
C12 C14 JA . -42.21 -22.09 -2.51
C13 C14 JA . -43.43 -22.97 -2.78
C14 C14 JA . -44.30 -23.09 -1.53
H021 C14 JA . -38.21 -18.02 -10.64
H022 C14 JA . -38.71 -16.94 -9.60
H031 C14 JA . -36.04 -17.86 -9.58
H032 C14 JA . -37.14 -18.57 -8.70
H041 C14 JA . -35.80 -16.84 -7.58
H042 C14 JA . -36.66 -15.81 -8.39
H051 C14 JA . -37.72 -16.02 -6.37
H052 C14 JA . -38.63 -16.81 -7.38
H061 C14 JA . -37.87 -18.83 -6.62
H062 C14 JA . -36.67 -18.16 -5.84
H071 C14 JA . -39.36 -17.64 -5.12
H072 C14 JA . -38.08 -17.29 -4.25
H081 C14 JA . -37.79 -19.84 -4.39
H082 C14 JA . -38.59 -19.16 -3.20
H091 C14 JA . -40.57 -19.40 -4.66
H092 C14 JA . -39.69 -20.46 -5.44
H101 C14 JA . -40.18 -20.69 -2.66
H102 C14 JA . -39.53 -21.80 -3.58
H111 C14 JA . -41.49 -22.43 -4.41
H112 C14 JA . -42.13 -20.98 -4.24
H121 C14 JA . -42.50 -21.30 -2.01
H122 C14 JA . -41.58 -22.58 -1.97
H131 C14 JA . -43.96 -22.58 -3.50
H132 C14 JA . -43.13 -23.86 -3.05
H141 C14 JA . -43.77 -23.48 -0.81
H142 C14 JA . -44.60 -22.20 -1.27
H143 C14 JA . -45.07 -23.64 -1.72
C01 C14 KA . -33.07 -19.53 -3.00
C02 C14 KA . -33.27 -20.05 -1.59
C03 C14 KA . -33.79 -21.48 -1.62
C04 C14 KA . -35.29 -21.47 -1.93
C05 C14 KA . -35.81 -22.90 -2.04
C06 C14 KA . -35.40 -23.52 -3.38
C07 C14 KA . -36.63 -23.69 -4.27
C08 C14 KA . -37.45 -24.89 -3.81
C09 C14 KA . -38.40 -25.33 -4.93
C10 C14 KA . -39.42 -26.32 -4.39
C11 C14 KA . -39.43 -27.60 -5.24
C12 C14 KA . -39.90 -27.31 -6.67
C13 C14 KA . -40.08 -28.63 -7.42
C14 C14 KA . -39.98 -28.40 -8.92
H021 C14 KA . -33.90 -19.48 -1.12
H022 C14 KA . -32.42 -20.03 -1.12
H031 C14 KA . -33.64 -21.90 -0.77
H032 C14 KA . -33.33 -21.98 -2.31
H041 C14 KA . -35.76 -21.01 -1.22
H042 C14 KA . -35.45 -21.01 -2.77
H051 C14 KA . -36.78 -22.90 -1.96
H052 C14 KA . -35.44 -23.43 -1.31
H061 C14 KA . -34.77 -22.92 -3.81
H062 C14 KA . -34.99 -24.38 -3.23
H071 C14 KA . -37.18 -22.90 -4.23
H072 C14 KA . -36.34 -23.84 -5.19
H081 C14 KA . -36.86 -25.63 -3.59
H082 C14 KA . -37.97 -24.65 -3.03
H091 C14 KA . -38.86 -24.55 -5.28
H092 C14 KA . -37.88 -25.74 -5.64
H101 C14 KA . -39.20 -26.55 -3.48
H102 C14 KA . -40.30 -25.92 -4.42
H111 C14 KA . -38.53 -27.97 -5.27
H112 C14 KA . -40.02 -28.25 -4.84
H121 C14 KA . -39.24 -26.78 -7.12
H122 C14 KA . -40.74 -26.83 -6.64
H131 C14 KA . -39.40 -29.25 -7.15
H132 C14 KA . -40.95 -28.99 -7.21
H141 C14 KA . -40.10 -29.23 -9.39
H142 C14 KA . -39.11 -28.03 -9.14
H143 C14 KA . -40.66 -27.77 -9.20
C1 PTY LA . -59.74 -25.85 0.65
C2 PTY LA . -64.11 -31.18 -0.22
C3 PTY LA . -64.21 -29.73 0.25
O4 PTY LA . -58.60 -26.67 0.73
C5 PTY LA . -62.00 -26.56 1.56
C6 PTY LA . -60.59 -26.09 1.90
O7 PTY LA . -60.69 -24.89 2.61
C8 PTY LA . -61.20 -25.01 3.90
O10 PTY LA . -61.87 -25.94 4.20
C11 PTY LA . -60.92 -23.92 4.93
C12 PTY LA . -59.44 -23.62 5.09
C13 PTY LA . -59.06 -22.24 4.58
C14 PTY LA . -58.22 -22.30 3.30
C30 PTY LA . -57.42 -25.95 0.96
C31 PTY LA . -56.27 -26.03 -0.04
O30 PTY LA . -57.32 -25.28 1.92
C32 PTY LA . -55.40 -24.78 -0.03
C33 PTY LA . -54.07 -24.99 -0.74
C34 PTY LA . -53.15 -23.76 -0.71
C35 PTY LA . -53.21 -22.95 0.58
C36 PTY LA . -51.87 -22.89 1.30
C37 PTY LA . -50.88 -21.94 0.63
C38 PTY LA . -49.45 -22.21 1.07
C39 PTY LA . -49.08 -23.68 0.96
C40 PTY LA . -47.57 -23.91 0.91
C41 PTY LA . -47.19 -25.30 0.42
C42 PTY LA . -47.66 -26.39 1.37
P1 PTY LA . -63.83 -28.23 2.38
O11 PTY LA . -63.91 -29.70 1.63
O12 PTY LA . -64.72 -27.24 1.66
O13 PTY LA . -64.29 -28.37 3.81
O14 PTY LA . -62.28 -27.69 2.34
N1 PTY LA . -64.86 -31.36 -1.45
HC11 PTY LA . -60.24 -26.06 -0.15
HC12 PTY LA . -59.47 -24.91 0.62
HC21 PTY LA . -64.45 -31.77 0.47
HC22 PTY LA . -63.18 -31.39 -0.40
HC31 PTY LA . -63.57 -29.18 -0.23
HC32 PTY LA . -65.11 -29.40 0.11
HC51 PTY LA . -62.63 -25.85 1.76
HC52 PTY LA . -62.06 -26.79 0.63
HC6 PTY LA . -60.15 -26.75 2.46
H111 PTY LA . -61.40 -23.11 4.67
H112 PTY LA . -61.28 -24.20 5.78
H121 PTY LA . -58.93 -24.30 4.59
H122 PTY LA . -59.20 -23.69 6.02
H131 PTY LA . -58.54 -21.79 5.26
H132 PTY LA . -59.86 -21.72 4.40
H141 PTY LA . -57.54 -22.98 3.40
H142 PTY LA . -58.80 -22.53 2.55
H311 PTY LA . -55.72 -26.80 0.18
H312 PTY LA . -56.63 -26.16 -0.93
H321 PTY LA . -55.26 -24.57 0.90
H322 PTY LA . -55.89 -24.05 -0.45
H331 PTY LA . -53.60 -25.73 -0.32
H332 PTY LA . -54.24 -25.22 -1.66
H341 PTY LA . -53.40 -23.19 -1.45
H342 PTY LA . -52.24 -24.07 -0.84
H351 PTY LA . -53.48 -22.04 0.36
H352 PTY LA . -53.84 -23.31 1.21
H361 PTY LA . -52.02 -22.59 2.20
H362 PTY LA . -51.52 -23.79 1.33
H371 PTY LA . -51.11 -21.03 0.85
H372 PTY LA . -50.93 -22.06 -0.34
H381 PTY LA . -48.85 -21.69 0.53
H382 PTY LA . -49.35 -21.93 2.00
H391 PTY LA . -49.44 -24.17 1.73
H392 PTY LA . -49.47 -24.05 0.15
H401 PTY LA . -47.17 -23.25 0.32
H402 PTY LA . -47.20 -23.79 1.81
H411 PTY LA . -47.61 -25.44 -0.46
H412 PTY LA . -46.23 -25.35 0.32
H421 PTY LA . -47.53 -27.26 0.96
H422 PTY LA . -47.15 -26.35 2.19
HN12 PTY LA . -64.49 -32.01 -1.93
CAA Y01 MA . -56.57 -19.67 11.75
CBA Y01 MA . -55.36 -19.81 10.79
CAB Y01 MA . -54.26 -18.82 11.22
CAN Y01 MA . -55.81 -19.53 9.35
CAJ Y01 MA . -54.62 -19.59 8.35
CAO Y01 MA . -54.04 -21.06 8.26
CBB Y01 MA . -54.96 -22.10 7.56
CAC Y01 MA . -55.36 -21.56 6.17
CBE Y01 MA . -54.24 -23.46 7.56
CAP Y01 MA . -54.61 -24.36 8.79
CAQ Y01 MA . -54.30 -25.80 8.33
CBG Y01 MA . -53.66 -25.69 6.93
CBI Y01 MA . -54.38 -24.45 6.36
CAE Y01 MA . -55.84 -24.75 6.08
CAU Y01 MA . -53.65 -24.07 5.07
CAS Y01 MA . -53.56 -25.23 4.10
CBF Y01 MA . -52.91 -26.48 4.70
CBD Y01 MA . -53.63 -26.89 5.98
CAK Y01 MA . -52.92 -28.08 6.62
CAI Y01 MA . -52.29 -29.03 5.64
CAZ Y01 MA . -52.12 -28.82 4.35
CAV Y01 MA . -50.84 -29.34 3.74
CBH Y01 MA . -52.77 -27.64 3.68
CAD Y01 MA . -54.15 -28.04 3.14
CAT Y01 MA . -51.88 -27.18 2.53
CAR Y01 MA . -51.58 -28.31 1.56
CBC Y01 MA . -50.83 -29.41 2.22
OAW Y01 MA . -51.37 -30.68 1.78
CAY Y01 MA . -51.06 -30.99 0.51
OAG Y01 MA . -51.82 -30.91 -0.39
CAM Y01 MA . -49.63 -31.43 0.33
CAL Y01 MA . -49.38 -31.95 -1.08
CAX Y01 MA . -49.90 -33.32 -1.34
OAH Y01 MA . -49.32 -34.09 -2.17
OAF Y01 MA . -50.92 -33.72 -0.71
HAA1 Y01 MA . -56.32 -20.01 12.62
HAA2 Y01 MA . -56.81 -18.74 11.83
HAA3 Y01 MA . -57.31 -20.18 11.40
HBA Y01 MA . -55.02 -20.72 10.86
HAB1 Y01 MA . -54.45 -17.95 10.84
HAB2 Y01 MA . -53.40 -19.13 10.91
HAB3 Y01 MA . -54.24 -18.75 12.19
HAN1 Y01 MA . -56.22 -18.65 9.32
HAN2 Y01 MA . -56.47 -20.19 9.10
HAJ1 Y01 MA . -54.92 -19.29 7.49
HAJ2 Y01 MA . -53.91 -18.99 8.66
HAO1 Y01 MA . -53.21 -21.03 7.77
HAO2 Y01 MA . -53.85 -21.39 9.15
HBB Y01 MA . -55.77 -22.19 8.09
HAC1 Y01 MA . -54.56 -21.32 5.66
HAC2 Y01 MA . -55.86 -22.23 5.67
HAC3 Y01 MA . -55.93 -20.78 6.27
HBE Y01 MA . -53.29 -23.27 7.64
HAP1 Y01 MA . -55.54 -24.27 9.00
HAP2 Y01 MA . -54.05 -24.13 9.55
HAQ1 Y01 MA . -55.12 -26.32 8.27
HAQ2 Y01 MA . -53.68 -26.22 8.94
HBG Y01 MA . -52.74 -25.44 7.08
HBD Y01 MA . -54.54 -27.16 5.76
HAE1 Y01 MA . -56.03 -25.68 6.25
HAE2 Y01 MA . -56.40 -24.21 6.66
HAE3 Y01 MA . -56.04 -24.54 5.16
HAU1 Y01 MA . -52.75 -23.78 5.30
HAU2 Y01 MA . -54.12 -23.34 4.65
HAS1 Y01 MA . -54.45 -25.45 3.81
HAS2 Y01 MA . -53.05 -24.93 3.34
HBF Y01 MA . -52.01 -26.23 4.96
HAK1 Y01 MA . -52.23 -27.73 7.21
HAK2 Y01 MA . -53.56 -28.57 7.16
HAI Y01 MA . -51.40 -29.21 5.99
HAV1 Y01 MA . -50.68 -30.23 4.09
HAV2 Y01 MA . -50.11 -28.77 4.02
HBC Y01 MA . -49.91 -29.35 1.94
HAD1 Y01 MA . -54.73 -28.27 3.88
HAD2 Y01 MA . -54.07 -28.82 2.55
HAD3 Y01 MA . -54.53 -27.31 2.64
HAT1 Y01 MA . -51.05 -26.85 2.89
HAT2 Y01 MA . -52.33 -26.49 2.05
HAR1 Y01 MA . -51.04 -27.96 0.84
HAR2 Y01 MA . -52.41 -28.65 1.19
HAM1 Y01 MA . -49.06 -30.67 0.51
HAM2 Y01 MA . -49.43 -32.14 0.98
HAL1 Y01 MA . -49.78 -31.34 -1.71
HAL2 Y01 MA . -48.42 -31.95 -1.24
CAA Y01 NA . -44.09 -22.43 -9.58
CBA Y01 NA . -44.93 -23.23 -8.58
CAB Y01 NA . -46.17 -22.40 -8.17
CAN Y01 NA . -44.07 -23.58 -7.35
CAJ Y01 NA . -44.93 -24.10 -6.15
CAO Y01 NA . -45.71 -25.41 -6.54
CBB Y01 NA . -45.08 -26.75 -6.07
CAC Y01 NA . -43.54 -26.69 -6.23
CBE Y01 NA . -45.51 -27.13 -4.64
CAP Y01 NA . -47.06 -27.02 -4.40
CAQ Y01 NA . -47.37 -28.03 -3.29
CBG Y01 NA . -46.01 -28.55 -2.80
CBI Y01 NA . -45.15 -28.55 -4.08
CAE Y01 NA . -45.61 -29.62 -5.06
CAU Y01 NA . -43.71 -28.81 -3.64
CAS Y01 NA . -43.58 -30.13 -2.90
CBF Y01 NA . -44.51 -30.26 -1.68
CBD Y01 NA . -45.96 -29.86 -2.02
CAK Y01 NA . -46.71 -29.67 -0.71
CAI Y01 NA . -46.26 -30.64 0.34
CAZ Y01 NA . -45.48 -31.68 0.13
CAV Y01 NA . -45.10 -32.50 1.33
CBH Y01 NA . -44.48 -31.67 -1.01
CAD Y01 NA . -44.78 -32.75 -2.06
CAT Y01 NA . -43.12 -31.95 -0.41
CAR Y01 NA . -43.03 -33.34 0.22
CBC Y01 NA . -44.28 -33.71 0.95
OAW Y01 NA . -45.06 -34.62 0.14
CAY Y01 NA . -45.96 -35.36 0.78
OAG Y01 NA . -46.35 -35.15 1.87
CAM Y01 NA . -46.42 -36.52 -0.04
CAL Y01 NA . -47.35 -37.44 0.78
CAX Y01 NA . -48.65 -36.81 1.18
OAH Y01 NA . -49.55 -37.51 1.74
OAF Y01 NA . -48.84 -35.60 0.96
HAA1 Y01 NA . -43.24 -22.88 -9.73
HAA2 Y01 NA . -43.94 -21.53 -9.23
HAA3 Y01 NA . -44.57 -22.37 -10.43
HBA Y01 NA . -45.23 -24.05 -9.01
HAB1 Y01 NA . -46.85 -23.00 -7.82
HAB2 Y01 NA . -46.50 -21.93 -8.95
HAB3 Y01 NA . -45.91 -21.76 -7.48
HAN1 Y01 NA . -43.42 -24.25 -7.60
HAN2 Y01 NA . -43.60 -22.77 -7.07
HAJ1 Y01 NA . -45.56 -23.41 -5.88
HAJ2 Y01 NA . -44.34 -24.28 -5.40
HAO1 Y01 NA . -45.78 -25.46 -7.50
HAO2 Y01 NA . -46.61 -25.34 -6.19
HBB Y01 NA . -45.40 -27.45 -6.66
HAC1 Y01 NA . -43.17 -27.59 -6.18
HAC2 Y01 NA . -43.31 -26.30 -7.10
HAC3 Y01 NA . -43.15 -26.15 -5.52
HBE Y01 NA . -45.10 -26.49 -4.04
HAP1 Y01 NA . -47.53 -27.26 -5.21
HAP2 Y01 NA . -47.29 -26.13 -4.12
HAQ1 Y01 NA . -47.83 -27.60 -2.56
HAQ2 Y01 NA . -47.89 -28.77 -3.65
HBG Y01 NA . -45.64 -27.88 -2.22
HBD Y01 NA . -46.39 -30.56 -2.53
HAE1 Y01 NA . -46.45 -29.36 -5.47
HAE2 Y01 NA . -44.94 -29.70 -5.76
HAE3 Y01 NA . -45.70 -30.47 -4.61
HAU1 Y01 NA . -43.43 -28.09 -3.06
HAU2 Y01 NA . -43.15 -28.84 -4.43
HAS1 Y01 NA . -43.76 -30.85 -3.52
HAS2 Y01 NA . -42.67 -30.21 -2.59
HBF Y01 NA . -44.20 -29.63 -1.03
HAK1 Y01 NA . -46.55 -28.77 -0.38
HAK2 Y01 NA . -47.66 -29.79 -0.87
HAI Y01 NA . -47.06 -31.00 0.76
HAV1 Y01 NA . -45.92 -32.79 1.78
HAV2 Y01 NA . -44.59 -31.95 1.95
HBC Y01 NA . -44.02 -34.16 1.76
HAD1 Y01 NA . -45.38 -33.42 -1.72
HAD2 Y01 NA . -43.96 -33.15 -2.35
HAD3 Y01 NA . -45.21 -32.34 -2.83
HAT1 Y01 NA . -42.45 -31.87 -1.10
HAT2 Y01 NA . -42.94 -31.28 0.28
HAR1 Y01 NA . -42.28 -33.35 0.83
HAR2 Y01 NA . -42.88 -33.99 -0.49
HAM1 Y01 NA . -45.65 -37.04 -0.34
HAM2 Y01 NA . -46.90 -36.20 -0.81
HAL1 Y01 NA . -46.87 -37.72 1.58
HAL2 Y01 NA . -47.54 -38.23 0.25
C02 C14 OA . -15.61 -11.58 -31.42
C03 C14 OA . -16.47 -12.37 -30.43
C04 C14 OA . -17.66 -12.98 -31.16
C05 C14 OA . -18.62 -13.61 -30.15
C06 C14 OA . -20.05 -13.35 -30.59
C07 C14 OA . -21.02 -14.11 -29.69
C08 C14 OA . -22.45 -13.89 -30.18
C09 C14 OA . -23.44 -14.39 -29.13
C10 C14 OA . -24.87 -14.26 -29.67
C11 C14 OA . -25.86 -14.49 -28.54
C12 C14 OA . -27.29 -14.39 -29.07
C13 C14 OA . -27.66 -15.66 -29.84
H022 C14 OA . -15.29 -12.17 -32.12
H031 C14 OA . -15.93 -13.07 -30.03
H032 C14 OA . -16.78 -11.77 -29.73
H041 C14 OA . -18.13 -12.29 -31.65
H042 C14 OA . -17.34 -13.66 -31.77
H051 C14 OA . -18.46 -14.57 -30.11
H052 C14 OA . -18.47 -13.23 -29.27
H061 C14 OA . -20.17 -13.66 -31.51
H062 C14 OA . -20.23 -12.40 -30.55
H071 C14 OA . -20.82 -15.05 -29.69
H072 C14 OA . -20.94 -13.77 -28.78
H081 C14 OA . -22.58 -14.40 -31.00
H082 C14 OA . -22.59 -12.95 -30.35
H091 C14 OA . -23.35 -13.84 -28.33
H092 C14 OA . -23.25 -15.31 -28.91
H101 C14 OA . -24.99 -13.38 -30.04
H102 C14 OA . -25.00 -14.93 -30.36
H111 C14 OA . -25.72 -13.82 -27.84
H112 C14 OA . -25.71 -15.37 -28.16
H121 C14 OA . -27.90 -14.29 -28.32
H122 C14 OA . -27.36 -13.62 -29.65
H131 C14 OA . -28.58 -15.61 -30.12
H132 C14 OA . -27.09 -15.73 -30.62
C01 C14 PA . -17.70 -8.20 -32.16
C02 C14 PA . -18.75 -9.27 -32.45
C03 C14 PA . -20.14 -8.65 -32.37
C04 C14 PA . -21.19 -9.73 -32.62
C05 C14 PA . -22.59 -9.11 -32.53
C06 C14 PA . -23.65 -10.18 -32.77
C07 C14 PA . -25.01 -9.67 -32.28
C08 C14 PA . -26.14 -10.47 -32.95
C09 C14 PA . -27.48 -10.05 -32.36
C10 C14 PA . -28.61 -10.78 -33.08
C11 C14 PA . -29.91 -9.98 -32.94
C12 C14 PA . -31.10 -10.84 -33.33
C13 C14 PA . -32.37 -9.99 -33.36
C14 C14 PA . -33.46 -10.63 -32.51
H021 C14 PA . -18.60 -9.64 -33.33
H022 C14 PA . -18.67 -9.98 -31.79
H031 C14 PA . -20.28 -8.27 -31.49
H032 C14 PA . -20.22 -7.96 -33.04
H041 C14 PA . -21.11 -10.43 -31.97
H042 C14 PA . -21.07 -10.09 -33.51
H051 C14 PA . -22.71 -8.72 -31.65
H052 C14 PA . -22.68 -8.41 -33.20
H061 C14 PA . -23.42 -10.99 -32.29
H062 C14 PA . -23.71 -10.37 -33.72
H071 C14 PA . -25.10 -8.74 -32.50
H072 C14 PA . -25.07 -9.79 -31.32
H081 C14 PA . -26.12 -10.29 -33.91
H082 C14 PA . -25.99 -11.41 -32.80
H091 C14 PA . -27.50 -10.27 -31.42
H092 C14 PA . -27.59 -9.10 -32.47
H101 C14 PA . -28.39 -10.87 -34.02
H102 C14 PA . -28.73 -11.66 -32.68
H111 C14 PA . -29.87 -9.20 -33.51
H112 C14 PA . -30.00 -9.69 -32.02
H121 C14 PA . -30.95 -11.22 -34.21
H122 C14 PA . -31.21 -11.56 -32.68
H131 C14 PA . -32.68 -9.90 -34.28
H132 C14 PA . -32.16 -9.11 -33.01
H141 C14 PA . -34.31 -10.17 -32.67
H142 C14 PA . -33.23 -10.57 -31.57
H143 C14 PA . -33.56 -11.56 -32.76
C01 C14 QA . -17.38 -14.06 -36.19
C02 C14 QA . -18.11 -15.18 -35.45
C03 C14 QA . -19.62 -14.96 -35.55
C04 C14 QA . -20.34 -16.16 -34.93
C05 C14 QA . -21.85 -16.08 -35.20
C06 C14 QA . -22.42 -14.79 -34.62
C07 C14 QA . -23.76 -15.05 -33.93
C08 C14 QA . -24.87 -15.25 -34.97
C09 C14 QA . -26.15 -14.56 -34.48
C10 C14 QA . -27.40 -15.39 -34.81
C11 C14 QA . -28.32 -15.38 -33.60
C12 C14 QA . -29.51 -16.31 -33.84
C13 C14 QA . -30.33 -16.43 -32.55
C14 C14 QA . -31.50 -17.40 -32.79
H021 C14 QA . -17.84 -15.18 -34.52
H022 C14 QA . -17.88 -16.03 -35.86
H031 C14 QA . -19.87 -14.88 -36.47
H032 C14 QA . -19.86 -14.15 -35.07
H041 C14 QA . -20.00 -16.97 -35.30
H042 C14 QA . -20.19 -16.15 -33.97
H051 C14 QA . -21.99 -16.10 -36.16
H052 C14 QA . -22.29 -16.84 -34.79
H061 C14 QA . -22.54 -14.14 -35.33
H062 C14 QA . -21.80 -14.43 -33.97
H071 C14 QA . -23.69 -15.84 -33.38
H072 C14 QA . -23.97 -14.29 -33.37
H081 C14 QA . -25.02 -16.20 -35.08
H082 C14 QA . -24.59 -14.87 -35.81
H091 C14 QA . -26.22 -13.69 -34.92
H092 C14 QA . -26.10 -14.43 -33.53
H101 C14 QA . -27.85 -15.00 -35.57
H102 C14 QA . -27.14 -16.30 -35.02
H111 C14 QA . -27.83 -15.68 -32.81
H112 C14 QA . -28.64 -14.48 -33.45
H121 C14 QA . -29.18 -17.19 -34.09
H122 C14 QA . -30.06 -15.95 -34.54
H131 C14 QA . -30.67 -15.56 -32.30
H132 C14 QA . -29.77 -16.78 -31.84
H141 C14 QA . -32.06 -17.05 -33.50
H142 C14 QA . -31.15 -18.27 -33.04
H143 C14 QA . -32.02 -17.47 -31.98
C01 C14 RA . -18.29 -11.12 -37.34
C02 C14 RA . -18.96 -9.87 -37.91
C03 C14 RA . -19.86 -9.25 -36.83
C04 C14 RA . -20.35 -7.89 -37.30
C05 C14 RA . -21.71 -7.60 -36.67
C06 C14 RA . -22.82 -8.19 -37.55
C07 C14 RA . -24.06 -8.47 -36.71
C08 C14 RA . -25.31 -8.20 -37.53
C09 C14 RA . -26.50 -8.97 -36.95
C10 C14 RA . -27.73 -8.73 -37.83
C11 C14 RA . -28.96 -9.38 -37.19
C12 C14 RA . -30.19 -9.02 -38.00
C13 C14 RA . -31.39 -9.86 -37.54
C14 C14 RA . -32.65 -9.39 -38.26
H021 C14 RA . -19.49 -10.10 -38.67
H022 C14 RA . -18.27 -9.23 -38.16
H031 C14 RA . -20.61 -9.84 -36.68
H032 C14 RA . -19.35 -9.16 -36.01
H041 C14 RA . -20.43 -7.89 -38.26
H042 C14 RA . -19.72 -7.21 -37.02
H051 C14 RA . -21.84 -6.65 -36.60
H052 C14 RA . -21.75 -8.00 -35.79
H061 C14 RA . -22.50 -9.01 -37.95
H062 C14 RA . -23.04 -7.55 -38.24
H071 C14 RA . -24.05 -9.40 -36.42
H072 C14 RA . -24.06 -7.89 -35.92
H081 C14 RA . -25.51 -7.25 -37.52
H082 C14 RA . -25.16 -8.49 -38.44
H091 C14 RA . -26.29 -9.91 -36.92
H092 C14 RA . -26.68 -8.65 -36.05
H101 C14 RA . -27.57 -9.12 -38.70
H102 C14 RA . -27.88 -7.78 -37.91
H111 C14 RA . -29.05 -9.06 -36.28
H112 C14 RA . -28.85 -10.35 -37.18
H121 C14 RA . -30.03 -9.20 -38.94
H122 C14 RA . -30.39 -8.08 -37.89
H131 C14 RA . -31.50 -9.73 -36.58
H132 C14 RA . -31.23 -10.79 -37.73
H141 C14 RA . -32.82 -8.45 -38.06
H142 C14 RA . -32.54 -9.50 -39.22
H143 C14 RA . -33.40 -9.91 -37.96
C01 C14 SA . -17.85 -3.31 -34.04
C02 C14 SA . -18.73 -4.44 -34.57
C03 C14 SA . -19.55 -3.95 -35.76
C04 C14 SA . -20.93 -3.49 -35.28
C05 C14 SA . -21.69 -2.85 -36.44
C06 C14 SA . -23.19 -2.81 -36.14
C07 C14 SA . -23.93 -2.15 -37.30
C08 C14 SA . -25.44 -2.26 -37.09
C09 C14 SA . -25.96 -3.55 -37.72
C10 C14 SA . -27.48 -3.58 -37.65
C11 C14 SA . -28.00 -4.75 -38.48
C12 C14 SA . -29.50 -4.95 -38.23
C13 C14 SA . -30.32 -4.43 -39.40
C14 C14 SA . -31.74 -4.95 -39.31
H021 C14 SA . -18.18 -5.18 -34.84
H022 C14 SA . -19.33 -4.73 -33.87
H031 C14 SA . -19.09 -3.19 -36.17
H032 C14 SA . -19.64 -4.66 -36.40
H041 C14 SA . -21.42 -4.26 -34.96
H042 C14 SA . -20.83 -2.85 -34.57
H051 C14 SA . -21.37 -1.94 -36.58
H052 C14 SA . -21.53 -3.36 -37.25
H061 C14 SA . -23.52 -3.73 -36.03
H062 C14 SA . -23.34 -2.31 -35.32
H071 C14 SA . -23.69 -2.58 -38.13
H072 C14 SA . -23.68 -1.21 -37.33
H081 C14 SA . -25.63 -2.26 -36.14
H082 C14 SA . -25.88 -1.51 -37.51
H091 C14 SA . -25.59 -4.32 -37.22
H092 C14 SA . -25.66 -3.60 -38.64
H101 C14 SA . -27.76 -3.69 -36.73
H102 C14 SA . -27.83 -2.75 -38.01
H111 C14 SA . -27.86 -4.57 -39.43
H112 C14 SA . -27.52 -5.56 -38.23
H121 C14 SA . -29.75 -4.47 -37.42
H122 C14 SA . -29.68 -5.89 -38.10
H131 C14 SA . -29.92 -4.74 -40.23
H132 C14 SA . -30.33 -3.46 -39.39
H141 C14 SA . -32.14 -4.65 -38.47
H142 C14 SA . -32.26 -4.62 -40.05
H143 C14 SA . -31.74 -5.92 -39.32
C01 C14 TA . -39.06 -13.73 -32.16
C02 C14 TA . -40.08 -14.42 -33.06
C03 C14 TA . -39.47 -15.72 -33.60
C04 C14 TA . -40.47 -16.41 -34.52
C05 C14 TA . -41.56 -17.09 -33.70
C06 C14 TA . -42.51 -17.85 -34.64
C07 C14 TA . -43.83 -18.11 -33.93
C08 C14 TA . -44.74 -18.89 -34.88
C09 C14 TA . -46.09 -19.15 -34.22
C10 C14 TA . -46.90 -17.85 -34.15
C11 C14 TA . -48.39 -18.21 -34.17
C12 C14 TA . -49.22 -16.92 -34.07
C13 C14 TA . -49.96 -16.69 -35.38
C14 C14 TA . -50.83 -15.44 -35.26
H021 C14 TA . -40.30 -13.85 -33.81
H022 C14 TA . -40.88 -14.63 -32.56
H031 C14 TA . -38.66 -15.52 -34.09
H032 C14 TA . -39.25 -16.31 -32.85
H041 C14 TA . -40.01 -17.08 -35.05
H042 C14 TA . -40.88 -15.75 -35.11
H051 C14 TA . -41.17 -17.71 -33.07
H052 C14 TA . -42.07 -16.42 -33.21
H061 C14 TA . -42.66 -17.32 -35.43
H062 C14 TA . -42.09 -18.69 -34.89
H071 C14 TA . -43.67 -18.64 -33.13
H072 C14 TA . -44.25 -17.28 -33.70
H081 C14 TA . -44.32 -19.75 -35.09
H082 C14 TA . -44.87 -18.39 -35.70
H091 C14 TA . -45.96 -19.49 -33.33
H092 C14 TA . -46.58 -19.81 -34.74
H101 C14 TA . -46.69 -17.30 -34.92
H102 C14 TA . -46.69 -17.39 -33.33
H111 C14 TA . -48.60 -18.79 -33.43
H112 C14 TA . -48.60 -18.66 -35.00
H121 C14 TA . -48.65 -16.17 -33.88
H122 C14 TA . -49.86 -17.03 -33.35
H131 C14 TA . -49.31 -16.56 -36.10
H132 C14 TA . -50.52 -17.45 -35.59
H141 C14 TA . -51.47 -15.56 -34.54
H142 C14 TA . -50.26 -14.68 -35.06
H143 C14 TA . -51.29 -15.29 -36.09
C01 C14 UA . -37.61 -15.77 -37.00
C02 C14 UA . -37.74 -14.87 -38.23
C03 C14 UA . -38.86 -15.39 -39.13
C04 C14 UA . -40.22 -15.07 -38.50
C05 C14 UA . -41.33 -15.76 -39.28
C06 C14 UA . -42.68 -15.39 -38.67
C07 C14 UA . -43.70 -16.51 -38.86
C08 C14 UA . -44.49 -16.28 -40.15
C09 C14 UA . -45.67 -17.24 -40.23
C10 C14 UA . -46.77 -16.83 -39.25
C11 C14 UA . -48.02 -17.66 -39.50
C12 C14 UA . -49.21 -16.74 -39.80
C13 C14 UA . -50.51 -17.56 -39.78
C14 C14 UA . -51.70 -16.61 -39.73
H021 C14 UA . -37.94 -13.96 -37.95
H022 C14 UA . -36.91 -14.88 -38.72
H031 C14 UA . -38.78 -16.34 -39.25
H032 C14 UA . -38.79 -14.96 -40.00
H041 C14 UA . -40.23 -15.38 -37.59
H042 C14 UA . -40.36 -14.11 -38.52
H051 C14 UA . -41.20 -16.72 -39.25
H052 C14 UA . -41.31 -15.47 -40.21
H061 C14 UA . -43.02 -14.58 -39.08
H062 C14 UA . -42.56 -15.24 -37.71
H071 C14 UA . -43.25 -17.37 -38.91
H072 C14 UA . -44.31 -16.52 -38.10
H081 C14 UA . -43.91 -16.42 -40.90
H082 C14 UA . -44.81 -15.37 -40.16
H091 C14 UA . -45.36 -18.14 -40.01
H092 C14 UA . -46.02 -17.24 -41.13
H101 C14 UA . -46.97 -15.89 -39.38
H102 C14 UA . -46.46 -16.97 -38.35
H111 C14 UA . -48.22 -18.19 -38.72
H112 C14 UA . -47.87 -18.25 -40.26
H121 C14 UA . -49.25 -16.05 -39.13
H122 C14 UA . -49.10 -16.35 -40.68
H131 C14 UA . -50.51 -18.13 -38.99
H132 C14 UA . -50.55 -18.10 -40.58
H141 C14 UA . -51.66 -16.06 -38.94
H142 C14 UA . -52.53 -17.12 -39.72
H143 C14 UA . -51.69 -16.04 -40.52
C02 C14 VA . -37.46 -10.03 -33.48
C03 C14 VA . -37.71 -11.14 -34.51
C04 C14 VA . -38.41 -10.56 -35.74
C05 C14 VA . -39.86 -10.21 -35.42
C06 C14 VA . -40.56 -9.68 -36.67
C07 C14 VA . -41.83 -10.49 -36.95
C08 C14 VA . -42.81 -9.66 -37.77
C09 C14 VA . -43.74 -10.60 -38.55
C10 C14 VA . -45.12 -9.97 -38.70
C11 C14 VA . -46.10 -11.07 -39.13
C12 C14 VA . -47.30 -10.46 -39.86
C13 C14 VA . -48.00 -9.43 -39.00
C14 C14 VA . -49.38 -9.13 -39.59
H022 C14 VA . -38.29 -9.80 -33.04
H031 C14 VA . -36.87 -11.54 -34.77
H032 C14 VA . -38.28 -11.82 -34.11
H041 C14 VA . -37.94 -9.76 -36.03
H042 C14 VA . -38.39 -11.22 -36.46
H051 C14 VA . -39.88 -9.52 -34.73
H052 C14 VA . -40.31 -11.00 -35.09
H061 C14 VA . -40.80 -8.76 -36.53
H062 C14 VA . -39.96 -9.76 -37.43
H071 C14 VA . -41.59 -11.30 -37.44
H072 C14 VA . -42.25 -10.74 -36.11
H081 C14 VA . -42.32 -9.11 -38.40
H082 C14 VA . -43.33 -9.10 -37.18
H091 C14 VA . -43.36 -10.76 -39.43
H092 C14 VA . -43.82 -11.43 -38.07
H101 C14 VA . -45.10 -9.28 -39.37
H102 C14 VA . -45.41 -9.60 -37.84
H111 C14 VA . -45.65 -11.69 -39.71
H112 C14 VA . -46.42 -11.54 -38.34
H121 C14 VA . -47.00 -10.05 -40.68
H122 C14 VA . -47.93 -11.18 -40.07
H131 C14 VA . -47.48 -8.61 -38.98
H132 C14 VA . -48.11 -9.77 -38.09
H141 C14 VA . -49.83 -8.46 -39.03
H142 C14 VA . -49.91 -9.94 -39.61
H143 C14 VA . -49.27 -8.78 -40.48
C01 C14 WA . -36.24 -5.79 -39.38
C02 C14 WA . -37.28 -4.85 -39.97
C03 C14 WA . -38.67 -5.25 -39.50
C04 C14 WA . -39.14 -6.49 -40.26
C05 C14 WA . -40.57 -6.84 -39.86
C06 C14 WA . -41.55 -6.35 -40.93
C07 C14 WA . -41.59 -7.33 -42.08
C08 C14 WA . -42.10 -6.65 -43.36
C09 C14 WA . -43.60 -6.38 -43.26
C10 C14 WA . -44.39 -7.66 -43.52
C11 C14 WA . -45.54 -7.79 -42.51
C12 C14 WA . -46.78 -8.39 -43.20
C13 C14 WA . -47.48 -7.32 -44.03
C14 C14 WA . -48.35 -7.98 -45.10
H021 C14 WA . -37.24 -4.89 -40.94
H022 C14 WA . -37.09 -3.94 -39.68
H031 C14 WA . -38.65 -5.44 -38.55
H032 C14 WA . -39.29 -4.52 -39.67
H041 C14 WA . -39.11 -6.31 -41.21
H042 C14 WA . -38.55 -7.24 -40.05
H051 C14 WA . -40.65 -7.80 -39.76
H052 C14 WA . -40.78 -6.41 -39.01
H061 C14 WA . -42.44 -6.26 -40.54
H062 C14 WA . -41.25 -5.48 -41.26
H071 C14 WA . -42.19 -8.07 -41.85
H072 C14 WA . -40.71 -7.70 -42.25
H081 C14 WA . -41.63 -5.81 -43.48
H082 C14 WA . -41.93 -7.22 -44.12
H091 C14 WA . -43.85 -5.72 -43.91
H092 C14 WA . -43.81 -6.05 -42.37
H101 C14 WA . -44.75 -7.64 -44.42
H102 C14 WA . -43.81 -8.43 -43.42
H111 C14 WA . -45.28 -8.36 -41.79
H112 C14 WA . -45.77 -6.91 -42.17
H121 C14 WA . -46.50 -9.11 -43.79
H122 C14 WA . -47.37 -8.74 -42.53
H131 C14 WA . -48.05 -6.79 -43.44
H132 C14 WA . -46.83 -6.73 -44.45
H141 C14 WA . -48.99 -8.57 -44.68
H142 C14 WA . -48.80 -7.30 -45.61
H143 C14 WA . -47.78 -8.50 -45.69
C01 C14 XA . -39.42 -5.73 -14.09
C02 C14 XA . -39.80 -7.15 -14.53
C03 C14 XA . -38.55 -8.03 -14.58
C04 C14 XA . -38.07 -8.39 -13.18
C05 C14 XA . -38.92 -9.51 -12.59
C06 C14 XA . -38.61 -10.84 -13.29
C07 C14 XA . -39.19 -11.98 -12.45
C08 C14 XA . -39.17 -13.28 -13.26
C09 C14 XA . -40.52 -13.51 -13.93
C10 C14 XA . -40.67 -14.99 -14.27
C11 C14 XA . -42.09 -15.29 -14.71
C12 C14 XA . -42.45 -16.73 -14.34
C13 C14 XA . -43.72 -17.15 -15.08
C14 C14 XA . -44.29 -18.43 -14.44
H021 C14 XA . -40.21 -7.11 -15.40
H022 C14 XA . -40.43 -7.52 -13.89
H031 C14 XA . -37.84 -7.54 -15.04
H032 C14 XA . -38.75 -8.83 -15.07
H041 C14 XA . -37.15 -8.67 -13.22
H042 C14 XA . -38.14 -7.60 -12.60
H051 C14 XA . -38.73 -9.60 -11.64
H052 C14 XA . -39.86 -9.31 -12.70
H061 C14 XA . -39.02 -10.84 -14.17
H062 C14 XA . -37.66 -10.94 -13.36
H071 C14 XA . -40.10 -11.76 -12.21
H072 C14 XA . -38.66 -12.09 -11.65
H081 C14 XA . -38.48 -13.22 -13.94
H082 C14 XA . -38.97 -14.02 -12.67
H091 C14 XA . -41.23 -13.25 -13.33
H092 C14 XA . -40.57 -12.98 -14.74
H101 C14 XA . -40.44 -15.53 -13.50
H102 C14 XA . -40.05 -15.21 -15.00
H111 C14 XA . -42.16 -15.18 -15.67
H112 C14 XA . -42.70 -14.69 -14.27
H121 C14 XA . -42.59 -16.80 -13.39
H122 C14 XA . -41.72 -17.32 -14.60
H131 C14 XA . -44.37 -16.45 -15.02
H132 C14 XA . -43.51 -17.33 -16.01
H141 C14 XA . -43.64 -19.14 -14.49
H142 C14 XA . -44.50 -18.25 -13.51
H143 C14 XA . -45.09 -18.69 -14.91
C01 C14 YA . -33.57 -13.41 -13.63
C02 C14 YA . -33.45 -14.90 -13.36
C03 C14 YA . -34.02 -15.69 -14.53
C04 C14 YA . -35.54 -15.69 -14.48
C05 C14 YA . -36.12 -16.43 -15.69
C06 C14 YA . -36.03 -15.53 -16.93
C07 C14 YA . -37.43 -15.09 -17.36
C08 C14 YA . -38.16 -16.23 -18.05
C09 C14 YA . -39.35 -15.67 -18.85
C10 C14 YA . -40.25 -16.82 -19.30
C11 C14 YA . -40.48 -16.75 -20.81
C12 C14 YA . -41.24 -15.48 -21.20
C13 C14 YA . -41.63 -15.55 -22.67
C14 C14 YA . -41.85 -14.15 -23.24
H021 C14 YA . -33.95 -15.12 -12.56
H022 C14 YA . -32.52 -15.14 -13.23
H031 C14 YA . -33.70 -16.60 -14.50
H032 C14 YA . -33.73 -15.28 -15.37
H041 C14 YA . -35.83 -16.14 -13.67
H042 C14 YA . -35.87 -14.77 -14.47
H051 C14 YA . -37.04 -16.65 -15.52
H052 C14 YA . -35.61 -17.24 -15.85
H061 C14 YA . -35.49 -14.76 -16.73
H062 C14 YA . -35.61 -16.03 -17.65
H071 C14 YA . -37.93 -14.81 -16.58
H072 C14 YA . -37.35 -14.34 -17.97
H081 C14 YA . -37.55 -16.69 -18.66
H082 C14 YA . -38.48 -16.86 -17.39
H091 C14 YA . -39.85 -15.06 -18.29
H092 C14 YA . -39.00 -15.19 -19.62
H101 C14 YA . -39.85 -17.66 -19.08
H102 C14 YA . -41.11 -16.74 -18.85
H111 C14 YA . -39.62 -16.75 -21.26
H112 C14 YA . -40.99 -17.52 -21.09
H121 C14 YA . -40.68 -14.71 -21.06
H122 C14 YA . -42.05 -15.41 -20.65
H131 C14 YA . -40.92 -15.98 -23.18
H132 C14 YA . -42.45 -16.07 -22.78
H141 C14 YA . -42.10 -14.21 -24.17
H142 C14 YA . -41.04 -13.63 -23.14
H143 C14 YA . -42.56 -13.71 -22.74
C1 PTY ZA . -58.94 -24.36 -13.64
C2 PTY ZA . -63.55 -27.11 -18.05
C3 PTY ZA . -63.50 -26.79 -16.56
O4 PTY ZA . -57.84 -24.65 -14.45
C5 PTY ZA . -60.97 -25.89 -13.49
C6 PTY ZA . -59.50 -25.68 -13.12
O7 PTY ZA . -59.42 -25.68 -11.73
C8 PTY ZA . -59.64 -26.92 -11.12
O10 PTY ZA . -60.25 -27.77 -11.69
C11 PTY ZA . -59.11 -27.19 -9.71
C12 PTY ZA . -57.61 -26.91 -9.59
C13 PTY ZA . -57.31 -25.72 -8.70
C14 PTY ZA . -56.78 -24.53 -9.50
C30 PTY ZA . -56.61 -24.27 -13.89
C31 PTY ZA . -55.72 -23.27 -14.62
O30 PTY ZA . -56.29 -24.72 -12.85
C32 PTY ZA . -54.83 -22.49 -13.64
C33 PTY ZA . -53.70 -21.77 -14.36
C34 PTY ZA . -52.75 -21.00 -13.42
C35 PTY ZA . -52.52 -21.69 -12.07
C36 PTY ZA . -51.04 -22.04 -11.85
C37 PTY ZA . -50.20 -20.80 -11.50
C38 PTY ZA . -48.71 -21.07 -11.70
C39 PTY ZA . -48.42 -21.66 -13.09
C40 PTY ZA . -46.96 -21.47 -13.50
C41 PTY ZA . -46.75 -21.70 -14.99
C42 PTY ZA . -47.02 -23.14 -15.41
P1 PTY ZA . -62.63 -27.74 -14.28
O11 PTY ZA . -62.91 -27.87 -15.90
O12 PTY ZA . -63.63 -26.80 -13.66
O13 PTY ZA . -62.76 -29.11 -13.64
O14 PTY ZA . -61.10 -27.17 -14.04
N1 PTY ZA . -64.56 -26.30 -18.72
HC11 PTY ZA . -59.61 -23.88 -14.15
HC12 PTY ZA . -58.66 -23.82 -12.89
HC21 PTY ZA . -63.74 -28.05 -18.18
HC22 PTY ZA . -62.69 -26.91 -18.45
HC31 PTY ZA . -62.98 -25.99 -16.41
HC32 PTY ZA . -64.40 -26.66 -16.23
HC51 PTY ZA . -61.53 -25.80 -12.70
HC52 PTY ZA . -61.24 -25.23 -14.15
HC6 PTY ZA . -58.98 -26.42 -13.47
H111 PTY ZA . -59.59 -26.64 -9.08
H112 PTY ZA . -59.27 -28.12 -9.49
H121 PTY ZA . -57.25 -26.76 -10.48
H122 PTY ZA . -57.18 -27.70 -9.22
H131 PTY ZA . -56.65 -25.97 -8.05
H132 PTY ZA . -58.12 -25.44 -8.23
H141 PTY ZA . -56.11 -24.83 -10.12
H142 PTY ZA . -57.51 -24.11 -9.98
H311 PTY ZA . -55.16 -23.75 -15.24
H312 PTY ZA . -56.28 -22.66 -15.11
H321 PTY ZA . -54.49 -23.14 -13.03
H322 PTY ZA . -55.38 -21.84 -13.17
H331 PTY ZA . -53.17 -22.42 -14.86
H332 PTY ZA . -54.07 -21.13 -14.99
H341 PTY ZA . -53.14 -20.12 -13.25
H342 PTY ZA . -51.90 -20.89 -13.87
H351 PTY ZA . -52.80 -21.08 -11.36
H352 PTY ZA . -53.00 -22.51 -11.98
H361 PTY ZA . -50.98 -22.67 -11.11
H362 PTY ZA . -50.72 -22.45 -12.66
H371 PTY ZA . -50.35 -20.57 -10.58
H372 PTY ZA . -50.47 -20.07 -12.07
H381 PTY ZA . -48.22 -20.24 -11.61
H382 PTY ZA . -48.41 -21.70 -11.03
H391 PTY ZA . -48.61 -22.62 -13.07
H392 PTY ZA . -48.99 -21.23 -13.74
H401 PTY ZA . -46.69 -20.58 -13.27
H402 PTY ZA . -46.41 -22.10 -13.01
H411 PTY ZA . -47.35 -21.11 -15.48
H412 PTY ZA . -45.84 -21.47 -15.21
H421 PTY ZA . -47.01 -23.21 -16.37
H422 PTY ZA . -46.35 -23.72 -15.02
HN12 PTY ZA . -64.32 -26.16 -19.55
CAA Y01 AB . -53.24 -30.01 -3.30
CBA Y01 AB . -52.28 -29.07 -4.05
CAB Y01 AB . -51.08 -28.73 -3.14
CAN Y01 AB . -53.03 -27.79 -4.46
CAJ Y01 AB . -52.08 -26.77 -5.16
CAO Y01 AB . -51.59 -27.34 -6.55
CBB Y01 AB . -52.66 -27.44 -7.67
CAC Y01 AB . -53.35 -26.06 -7.84
CBE Y01 AB . -52.00 -28.01 -8.95
CAP Y01 AB . -52.12 -29.56 -9.06
CAQ Y01 AB . -51.95 -29.86 -10.57
CBG Y01 AB . -51.64 -28.52 -11.25
CBI Y01 AB . -52.42 -27.52 -10.36
CAE Y01 AB . -53.92 -27.70 -10.56
CAU Y01 AB . -51.98 -26.13 -10.76
CAS Y01 AB . -52.14 -25.88 -12.25
CBF Y01 AB . -51.41 -26.91 -13.12
CBD Y01 AB . -51.86 -28.33 -12.76
CAK Y01 AB . -51.05 -29.35 -13.54
CAI Y01 AB . -50.68 -28.89 -14.93
CAZ Y01 AB . -50.79 -27.67 -15.41
CAV Y01 AB . -49.69 -27.20 -16.33
CBH Y01 AB . -51.54 -26.60 -14.64
CAD Y01 AB . -53.01 -26.60 -15.06
CAT Y01 AB . -50.91 -25.27 -14.94
CAR Y01 AB . -50.86 -24.96 -16.42
CBC Y01 AB . -50.01 -25.95 -17.15
OAW Y01 AB . -50.67 -26.32 -18.38
CAY Y01 AB . -50.66 -25.35 -19.31
OAG Y01 AB . -51.59 -24.69 -19.58
CAM Y01 AB . -49.32 -25.18 -19.98
CAL Y01 AB . -49.39 -24.20 -21.15
CAX Y01 AB . -50.01 -24.78 -22.38
OAH Y01 AB . -49.64 -24.36 -23.53
OAF Y01 AB . -50.87 -25.70 -22.29
HAA1 Y01 AB . -54.05 -30.11 -3.80
HAA2 Y01 AB . -53.43 -29.64 -2.43
HAA3 Y01 AB . -52.81 -30.89 -3.20
HBA Y01 AB . -51.96 -29.53 -4.85
HAB1 Y01 AB . -50.31 -28.48 -3.69
HAB2 Y01 AB . -50.86 -29.51 -2.60
HAB3 Y01 AB . -51.32 -27.99 -2.56
HAN1 Y01 AB . -53.75 -28.03 -5.07
HAN2 Y01 AB . -53.40 -27.39 -3.66
HAJ1 Y01 AB . -51.31 -26.60 -4.60
HAJ2 Y01 AB . -52.56 -25.93 -5.30
HAO1 Y01 AB . -50.87 -26.76 -6.88
HAO2 Y01 AB . -51.21 -28.22 -6.42
HBB Y01 AB . -53.33 -28.07 -7.38
HAC1 Y01 AB . -53.85 -25.84 -7.03
HAC2 Y01 AB . -53.96 -26.07 -8.59
HAC3 Y01 AB . -52.67 -25.38 -7.98
HBE Y01 AB . -51.05 -27.81 -8.86
HAP1 Y01 AB . -51.40 -29.99 -8.56
HAP2 Y01 AB . -52.98 -29.86 -8.75
HAQ1 Y01 AB . -52.78 -30.22 -10.91
HAQ2 Y01 AB . -51.23 -30.48 -10.70
HBG Y01 AB . -50.70 -28.35 -11.08
HBD Y01 AB . -52.79 -28.43 -12.96
HAE1 Y01 AB . -54.32 -28.01 -9.73
HAE2 Y01 AB . -54.10 -28.35 -11.26
HAE3 Y01 AB . -54.31 -26.85 -10.80
HAU1 Y01 AB . -51.05 -26.01 -10.53
HAU2 Y01 AB . -52.51 -25.47 -10.29
HAS1 Y01 AB . -53.09 -25.90 -12.46
HAS2 Y01 AB . -51.80 -24.99 -12.45
HBF Y01 AB . -50.47 -26.85 -12.90
HAK1 Y01 AB . -51.57 -30.16 -13.62
HAK2 Y01 AB . -50.23 -29.54 -13.06
HAI Y01 AB . -51.18 -29.46 -15.53
HAV1 Y01 AB . -48.90 -27.02 -15.80
HAV2 Y01 AB . -49.48 -27.92 -16.96
HBC Y01 AB . -49.17 -25.52 -17.35
HAD1 Y01 AB . -53.47 -25.87 -14.63
HAD2 Y01 AB . -53.43 -27.44 -14.81
HAD3 Y01 AB . -53.09 -26.49 -16.03
HAT1 Y01 AB . -51.44 -24.57 -14.51
HAT2 Y01 AB . -50.01 -25.24 -14.58
HAR1 Y01 AB . -50.48 -24.07 -16.55
HAR2 Y01 AB . -51.76 -24.97 -16.79
HAM1 Y01 AB . -48.70 -24.84 -19.32
HAM2 Y01 AB . -49.01 -26.05 -20.29
HAL1 Y01 AB . -49.91 -23.43 -20.88
HAL2 Y01 AB . -48.49 -23.91 -21.36
CAA Y01 BB . -45.83 -11.27 -17.87
CBA Y01 BB . -46.45 -12.68 -17.96
CAB Y01 BB . -47.55 -12.81 -16.86
CAN Y01 BB . -45.36 -13.73 -17.75
CAJ Y01 BB . -45.94 -15.16 -17.49
CAO Y01 BB . -46.84 -15.64 -18.72
CBB Y01 BB . -46.14 -16.61 -19.73
CAC Y01 BB . -44.68 -16.17 -19.95
CBE Y01 BB . -46.27 -18.08 -19.28
CAP Y01 BB . -47.72 -18.49 -18.86
CAQ Y01 BB . -47.80 -20.00 -19.15
CBG Y01 BB . -46.39 -20.44 -19.53
CBI Y01 BB . -45.84 -19.21 -20.27
CAE Y01 BB . -46.52 -19.00 -21.62
CAU Y01 BB . -44.35 -19.46 -20.48
CAS Y01 BB . -44.09 -20.74 -21.27
CBF Y01 BB . -44.74 -21.99 -20.65
CBD Y01 BB . -46.21 -21.76 -20.28
CAK Y01 BB . -46.64 -22.90 -19.37
CAI Y01 BB . -46.01 -24.20 -19.74
CAZ Y01 BB . -45.32 -24.41 -20.85
CAV Y01 BB . -44.72 -25.78 -21.01
CBH Y01 BB . -44.59 -23.27 -21.54
CAD Y01 BB . -45.15 -22.99 -22.94
CAT Y01 BB . -43.16 -23.68 -21.67
CAR Y01 BB . -42.96 -24.90 -22.57
CBC Y01 BB . -44.03 -25.93 -22.35
OAW Y01 BB . -44.99 -25.85 -23.43
CAY Y01 BB . -45.75 -26.93 -23.64
OAG Y01 BB . -45.89 -27.80 -22.86
CAM Y01 BB . -46.41 -26.90 -24.97
CAL Y01 BB . -47.16 -28.22 -25.23
CAX Y01 BB . -48.32 -28.47 -24.32
OAH Y01 BB . -49.11 -29.45 -24.52
OAF Y01 BB . -48.53 -27.70 -23.34
HAA1 Y01 BB . -45.04 -11.23 -18.43
HAA2 Y01 BB . -46.48 -10.61 -18.16
HAA3 Y01 BB . -45.57 -11.08 -16.95
HBA Y01 BB . -46.86 -12.78 -18.82
HAB1 Y01 BB . -48.03 -11.98 -16.80
HAB2 Y01 BB . -48.16 -13.52 -17.11
HAB3 Y01 BB . -47.13 -13.02 -16.02
HAN1 Y01 BB . -44.82 -13.47 -17.00
HAN2 Y01 BB . -44.80 -13.75 -18.54
HAJ1 Y01 BB . -46.48 -15.15 -16.69
HAJ2 Y01 BB . -45.21 -15.78 -17.37
HAO1 Y01 BB . -47.11 -14.86 -19.22
HAO2 Y01 BB . -47.63 -16.05 -18.36
HBB Y01 BB . -46.61 -16.52 -20.57
HAC1 Y01 BB . -44.34 -16.60 -20.75
HAC2 Y01 BB . -44.13 -16.42 -19.19
HAC3 Y01 BB . -44.64 -15.21 -20.08
HBE Y01 BB . -45.71 -18.18 -18.49
HAP1 Y01 BB . -47.85 -18.32 -17.91
HAP2 Y01 BB . -48.37 -18.01 -19.39
HAQ1 Y01 BB . -48.42 -20.16 -19.88
HAQ2 Y01 BB . -48.09 -20.47 -18.35
HBG Y01 BB . -45.89 -20.53 -18.71
HBD Y01 BB . -46.76 -21.76 -21.08
HAE1 Y01 BB . -47.43 -18.68 -21.48
HAE2 Y01 BB . -46.03 -18.34 -22.13
HAE3 Y01 BB . -46.55 -19.84 -22.11
HAU1 Y01 BB . -43.92 -19.54 -19.62
HAU2 Y01 BB . -43.96 -18.71 -20.97
HAS1 Y01 BB . -44.42 -20.61 -22.18
HAS2 Y01 BB . -43.13 -20.88 -21.31
HBF Y01 BB . -44.27 -22.17 -19.84
HAK1 Y01 BB . -46.40 -22.68 -18.46
HAK2 Y01 BB . -47.62 -22.98 -19.42
HAI Y01 BB . -46.70 -24.87 -19.74
HAV1 Y01 BB . -45.43 -26.45 -20.95
HAV2 Y01 BB . -44.07 -25.92 -20.31
HBC Y01 BB . -43.61 -26.81 -22.38
HAD1 Y01 BB . -44.42 -22.81 -23.55
HAD2 Y01 BB . -45.73 -22.20 -22.91
HAD3 Y01 BB . -45.68 -23.73 -23.28
HAT1 Y01 BB . -42.64 -22.95 -22.03
HAT2 Y01 BB . -42.80 -23.89 -20.78
HAR1 Y01 BB . -42.98 -24.61 -23.49
HAR2 Y01 BB . -42.10 -25.30 -22.38
HAM1 Y01 BB . -45.75 -26.78 -25.66
HAM2 Y01 BB . -47.05 -26.16 -25.00
HAL1 Y01 BB . -47.49 -28.21 -26.15
HAL2 Y01 BB . -46.54 -28.95 -25.14
C02 C14 CB . -22.42 17.54 -23.39
C03 C14 CB . -23.07 16.16 -23.45
C04 C14 CB . -24.41 16.24 -24.17
C05 C14 CB . -25.14 14.90 -24.08
C06 C14 CB . -26.63 15.16 -23.86
C07 C14 CB . -27.40 13.84 -23.91
C08 C14 CB . -28.89 14.12 -23.78
C09 C14 CB . -29.64 12.82 -23.53
C10 C14 CB . -31.15 13.08 -23.50
C11 C14 CB . -31.87 11.84 -22.98
C12 C14 CB . -33.37 12.08 -22.96
C13 C14 CB . -33.95 12.02 -24.38
H022 C14 CB . -22.29 17.88 -24.29
H031 C14 CB . -22.48 15.55 -23.93
H032 C14 CB . -23.21 15.82 -22.55
H041 C14 CB . -24.95 16.93 -23.75
H042 C14 CB . -24.26 16.47 -25.10
H051 C14 CB . -25.02 14.41 -24.90
H052 C14 CB . -24.79 14.39 -23.34
H061 C14 CB . -26.96 15.75 -24.56
H062 C14 CB . -26.77 15.58 -23.00
H071 C14 CB . -27.22 13.40 -24.76
H072 C14 CB . -27.11 13.26 -23.19
H081 C14 CB . -29.22 14.53 -24.59
H082 C14 CB . -29.03 14.72 -23.03
H091 C14 CB . -29.36 12.44 -22.69
H092 C14 CB . -29.44 12.19 -24.25
H101 C14 CB . -31.32 13.83 -22.91
H102 C14 CB . -31.45 13.29 -24.39
H111 C14 CB . -31.55 11.64 -22.09
H112 C14 CB . -31.68 11.09 -23.58
H121 C14 CB . -33.80 11.41 -22.41
H122 C14 CB . -33.54 12.96 -22.58
H131 C14 CB . -34.91 12.11 -24.34
H132 C14 CB . -33.57 12.74 -24.90
C01 C14 DB . -24.51 19.54 -20.56
C02 C14 DB . -25.64 19.05 -21.47
C03 C14 DB . -26.95 19.05 -20.71
C04 C14 DB . -28.07 18.54 -21.60
C05 C14 DB . -29.38 18.53 -20.82
C06 C14 DB . -30.51 18.00 -21.70
C07 C14 DB . -31.71 17.60 -20.84
C08 C14 DB . -32.98 17.57 -21.69
C09 C14 DB . -34.15 17.05 -20.85
C10 C14 DB . -35.44 17.09 -21.67
C11 C14 DB . -36.64 17.15 -20.73
C12 C14 DB . -37.92 16.83 -21.49
C13 C14 DB . -39.13 17.07 -20.58
C14 C14 DB . -40.03 15.84 -20.56
H021 C14 DB . -25.70 19.63 -22.25
H022 C14 DB . -25.43 18.14 -21.77
H031 C14 DB . -26.87 18.48 -19.92
H032 C14 DB . -27.15 19.96 -20.42
H041 C14 DB . -27.87 17.63 -21.88
H042 C14 DB . -28.16 19.11 -22.38
H051 C14 DB . -29.30 17.97 -20.03
H052 C14 DB . -29.60 19.44 -20.55
H061 C14 DB . -30.20 17.22 -22.19
H062 C14 DB . -30.79 18.69 -22.34
H071 C14 DB . -31.82 18.25 -20.13
H072 C14 DB . -31.55 16.74 -20.45
H081 C14 DB . -33.18 18.46 -22.01
H082 C14 DB . -32.84 16.97 -22.44
H091 C14 DB . -33.95 16.15 -20.56
H092 C14 DB . -34.25 17.62 -20.06
H101 C14 DB . -35.43 17.86 -22.24
H102 C14 DB . -35.50 16.29 -22.21
H111 C14 DB . -36.70 18.05 -20.35
H112 C14 DB . -36.52 16.51 -20.00
H121 C14 DB . -37.98 17.40 -22.27
H122 C14 DB . -37.90 15.90 -21.76
H131 C14 DB . -39.63 17.83 -20.93
H132 C14 DB . -38.83 17.27 -19.69
H141 C14 DB . -40.90 16.09 -20.23
H142 C14 DB . -39.65 15.17 -19.99
H143 C14 DB . -40.11 15.49 -21.46
C01 C14 EB . -25.30 19.96 -27.63
C02 C14 EB . -25.88 18.64 -28.12
C03 C14 EB . -27.37 18.57 -27.76
C04 C14 EB . -27.98 17.31 -28.36
C05 C14 EB . -29.50 17.31 -28.22
C06 C14 EB . -29.88 17.39 -26.75
C07 C14 EB . -31.04 16.45 -26.44
C08 C14 EB . -32.36 17.02 -26.97
C09 C14 EB . -33.48 16.74 -25.95
C10 C14 EB . -34.79 16.38 -26.65
C11 C14 EB . -35.42 15.20 -25.90
C12 C14 EB . -36.66 14.72 -26.65
C13 C14 EB . -37.18 13.44 -26.00
C14 C14 EB . -38.41 12.94 -26.77
H021 C14 EB . -25.41 17.90 -27.69
H022 C14 EB . -25.78 18.58 -29.08
H031 C14 EB . -27.82 19.35 -28.11
H032 C14 EB . -27.45 18.54 -26.79
H041 C14 EB . -27.74 17.26 -29.31
H042 C14 EB . -27.62 16.53 -27.91
H051 C14 EB . -29.85 18.08 -28.69
H052 C14 EB . -29.86 16.51 -28.61
H061 C14 EB . -30.14 18.30 -26.53
H062 C14 EB . -29.12 17.13 -26.21
H071 C14 EB . -30.88 15.59 -26.86
H072 C14 EB . -31.10 16.32 -25.48
H081 C14 EB . -32.57 16.59 -27.82
H082 C14 EB . -32.27 17.97 -27.10
H091 C14 EB . -33.62 17.54 -25.43
H092 C14 EB . -33.21 16.02 -25.37
H101 C14 EB . -35.39 17.13 -26.62
H102 C14 EB . -34.62 16.12 -27.57
H111 C14 EB . -34.78 14.47 -25.84
H112 C14 EB . -35.67 15.49 -25.01
H121 C14 EB . -36.43 14.54 -27.58
H122 C14 EB . -37.35 15.40 -26.62
H131 C14 EB . -37.44 13.61 -25.09
H132 C14 EB . -36.49 12.75 -26.02
H141 C14 EB . -39.09 13.61 -26.76
H142 C14 EB . -38.15 12.75 -27.69
H143 C14 EB . -38.73 12.12 -26.36
C01 C14 FB . -26.34 22.29 -25.55
C02 C14 FB . -27.07 23.29 -24.66
C03 C14 FB . -27.69 22.54 -23.47
C04 C14 FB . -28.23 23.55 -22.46
C05 C14 FB . -29.40 22.94 -21.71
C06 C14 FB . -30.70 23.18 -22.48
C07 C14 FB . -31.72 22.11 -22.13
C08 C14 FB . -33.12 22.72 -22.14
C09 C14 FB . -34.17 21.63 -22.33
C10 C14 FB . -35.56 22.28 -22.39
C11 C14 FB . -36.63 21.20 -22.46
C12 C14 FB . -38.02 21.86 -22.37
C13 C14 FB . -39.10 20.83 -22.68
C14 C14 FB . -40.47 21.44 -22.46
H021 C14 FB . -27.77 23.72 -25.17
H022 C14 FB . -26.44 23.94 -24.33
H031 C14 FB . -28.41 21.97 -23.79
H032 C14 FB . -27.01 21.99 -23.05
H041 C14 FB . -28.52 24.35 -22.93
H042 C14 FB . -27.53 23.78 -21.84
H051 C14 FB . -29.48 23.35 -20.84
H052 C14 FB . -29.26 21.98 -21.61
H061 C14 FB . -30.51 23.15 -23.44
H062 C14 FB . -31.05 24.05 -22.26
H071 C14 FB . -31.69 21.39 -22.78
H072 C14 FB . -31.53 21.75 -21.25
H081 C14 FB . -33.27 23.16 -21.28
H082 C14 FB . -33.19 23.37 -22.85
H091 C14 FB . -34.00 21.16 -23.16
H092 C14 FB . -34.14 21.00 -21.59
H101 C14 FB . -35.61 22.84 -23.17
H102 C14 FB . -35.70 22.82 -21.59
H111 C14 FB . -36.52 20.58 -21.71
H112 C14 FB . -36.55 20.72 -23.30
H121 C14 FB . -38.06 22.57 -23.01
H122 C14 FB . -38.15 22.21 -21.48
H131 C14 FB . -39.00 20.06 -22.09
H132 C14 FB . -39.02 20.53 -23.60
H141 C14 FB . -40.56 21.73 -21.54
H142 C14 FB . -40.59 22.21 -23.05
H143 C14 FB . -41.16 20.79 -22.65
C01 C14 GB . -24.91 23.61 -17.28
C02 C14 GB . -25.93 23.32 -18.38
C03 C14 GB . -26.97 24.43 -18.43
C04 C14 GB . -28.20 24.03 -17.61
C05 C14 GB . -29.17 25.20 -17.53
C06 C14 GB . -30.56 24.70 -17.14
C07 C14 GB . -31.52 25.88 -17.03
C08 C14 GB . -32.95 25.38 -16.81
C09 C14 GB . -33.63 25.16 -18.16
C10 C14 GB . -35.11 24.82 -17.93
C11 C14 GB . -35.84 24.83 -19.27
C12 C14 GB . -37.25 24.25 -19.10
C13 C14 GB . -38.29 25.37 -19.11
C14 C14 GB . -39.67 24.76 -19.31
H021 C14 GB . -25.47 23.26 -19.24
H022 C14 GB . -26.37 22.47 -18.20
H031 C14 GB . -26.59 25.24 -18.07
H032 C14 GB . -27.23 24.59 -19.35
H041 C14 GB . -28.63 23.27 -18.04
H042 C14 GB . -27.92 23.78 -16.72
H051 C14 GB . -28.86 25.83 -16.87
H052 C14 GB . -29.22 25.64 -18.39
H061 C14 GB . -30.88 24.08 -17.81
H062 C14 GB . -30.51 24.24 -16.27
H071 C14 GB . -31.47 26.40 -17.85
H072 C14 GB . -31.26 26.45 -16.29
H081 C14 GB . -32.92 24.55 -16.31
H082 C14 GB . -33.44 26.05 -16.31
H091 C14 GB . -33.20 24.41 -18.61
H092 C14 GB . -33.56 25.96 -18.70
H101 C14 GB . -35.18 23.95 -17.52
H102 C14 GB . -35.50 25.49 -17.34
H111 C14 GB . -35.90 25.74 -19.60
H112 C14 GB . -35.34 24.29 -19.91
H121 C14 GB . -37.30 23.77 -18.25
H122 C14 GB . -37.43 23.63 -19.82
H131 C14 GB . -38.10 25.97 -19.85
H132 C14 GB . -38.26 25.85 -18.27
H141 C14 GB . -39.87 24.16 -18.58
H142 C14 GB . -40.34 25.47 -19.32
H143 C14 GB . -39.71 24.28 -20.15
C01 C14 HB . -45.51 12.98 -22.24
C02 C14 HB . -46.72 13.20 -23.14
C03 C14 HB . -46.29 13.09 -24.60
C04 C14 HB . -47.50 13.33 -25.51
C05 C14 HB . -48.41 12.10 -25.52
C06 C14 HB . -49.56 12.33 -26.50
C07 C14 HB . -50.71 11.38 -26.19
C08 C14 HB . -51.82 11.61 -27.20
C09 C14 HB . -53.01 10.70 -26.90
C10 C14 HB . -53.74 11.16 -25.65
C11 C14 HB . -55.20 10.74 -25.73
C12 C14 HB . -55.95 11.16 -24.48
C13 C14 HB . -56.95 12.26 -24.82
C14 C14 HB . -57.73 12.65 -23.55
H021 C14 HB . -47.10 14.09 -22.97
H022 C14 HB . -47.40 12.53 -22.94
H031 C14 HB . -45.62 13.74 -24.79
H032 C14 HB . -45.94 12.20 -24.77
H041 C14 HB . -47.20 13.51 -26.41
H042 C14 HB . -48.00 14.09 -25.18
H051 C14 HB . -47.90 11.33 -25.80
H052 C14 HB . -48.77 11.95 -24.63
H061 C14 HB . -49.87 13.25 -26.42
H062 C14 HB . -49.24 12.18 -27.40
H071 C14 HB . -50.38 10.46 -26.26
H072 C14 HB . -51.03 11.54 -25.30
H081 C14 HB . -51.49 11.42 -28.09
H082 C14 HB . -52.11 12.53 -27.15
H091 C14 HB . -52.68 9.78 -26.77
H092 C14 HB . -53.62 10.70 -27.66
H101 C14 HB . -53.68 12.12 -25.57
H102 C14 HB . -53.33 10.74 -24.86
H111 C14 HB . -55.26 9.78 -25.83
H112 C14 HB . -55.61 11.17 -26.51
H121 C14 HB . -55.31 11.49 -23.82
H122 C14 HB . -56.42 10.40 -24.11
H131 C14 HB . -56.48 13.04 -25.15
H132 C14 HB . -57.56 11.94 -25.49
H141 C14 HB . -58.20 11.87 -23.22
H142 C14 HB . -57.11 12.98 -22.88
H143 C14 HB . -58.36 13.35 -23.77
C01 C14 IB . -45.24 16.24 -26.59
C02 C14 IB . -45.61 17.71 -26.42
C03 C14 IB . -46.93 18.01 -27.14
C04 C14 IB . -48.10 17.42 -26.37
C05 C14 IB . -49.38 17.51 -27.19
C06 C14 IB . -50.54 16.95 -26.37
C07 C14 IB . -51.61 16.36 -27.28
C08 C14 IB . -52.66 17.43 -27.61
C09 C14 IB . -53.86 16.79 -28.30
C10 C14 IB . -54.70 16.00 -27.31
C11 C14 IB . -56.01 15.56 -27.97
C12 C14 IB . -57.20 16.07 -27.17
C13 C14 IB . -58.49 15.41 -27.66
C14 C14 IB . -59.61 15.65 -26.65
H021 C14 IB . -45.72 17.91 -25.48
H022 C14 IB . -44.91 18.26 -26.79
H031 C14 IB . -46.90 17.63 -28.03
H032 C14 IB . -47.04 18.97 -27.21
H041 C14 IB . -47.92 16.47 -26.18
H042 C14 IB . -48.21 17.89 -25.54
H051 C14 IB . -49.28 17.01 -28.01
H052 C14 IB . -49.56 18.45 -27.39
H061 C14 IB . -50.93 17.66 -25.83
H062 C14 IB . -50.21 16.25 -25.78
H071 C14 IB . -51.21 16.05 -28.10
H072 C14 IB . -52.04 15.62 -26.83
H081 C14 IB . -52.27 18.10 -28.19
H082 C14 IB . -52.96 17.85 -26.78
H091 C14 IB . -53.55 16.19 -29.00
H092 C14 IB . -54.41 17.49 -28.69
H101 C14 IB . -54.90 16.55 -26.54
H102 C14 IB . -54.21 15.21 -27.02
H111 C14 IB . -56.04 14.59 -28.01
H112 C14 IB . -56.05 15.92 -28.87
H121 C14 IB . -57.07 15.86 -26.23
H122 C14 IB . -57.27 17.03 -27.27
H131 C14 IB . -58.34 14.45 -27.76
H132 C14 IB . -58.73 15.79 -28.52
H141 C14 IB . -59.36 15.28 -25.80
H142 C14 IB . -60.42 15.23 -26.97
H143 C14 IB . -59.76 16.61 -26.56
C02 C14 JB . -44.12 16.27 -19.97
C03 C14 JB . -44.64 16.51 -21.37
C04 C14 JB . -45.57 17.72 -21.40
C05 C14 JB . -46.89 17.39 -20.73
C06 C14 JB . -47.85 18.59 -20.80
C07 C14 JB . -49.16 18.18 -21.45
C08 C14 JB . -50.27 19.13 -21.01
C09 C14 JB . -51.38 19.13 -22.06
C10 C14 JB . -52.75 19.34 -21.39
C11 C14 JB . -53.83 18.96 -22.40
C12 C14 JB . -55.14 19.68 -22.09
C13 C14 JB . -55.60 19.37 -20.67
C14 C14 JB . -57.07 19.79 -20.50
H022 C14 JB . -44.82 15.87 -19.43
H031 C14 JB . -43.89 16.68 -21.97
H032 C14 JB . -45.13 15.74 -21.68
H041 C14 JB . -45.14 18.46 -20.92
H042 C14 JB . -45.73 17.99 -22.31
H051 C14 JB . -46.74 17.15 -19.80
H052 C14 JB . -47.29 16.62 -21.18
H061 C14 JB . -48.01 18.92 -19.90
H062 C14 JB . -47.42 19.28 -21.33
H071 C14 JB . -49.07 18.22 -22.41
H072 C14 JB . -49.39 17.27 -21.18
H081 C14 JB . -49.91 20.03 -20.91
H082 C14 JB . -50.63 18.84 -20.15
H091 C14 JB . -51.22 19.86 -22.68
H092 C14 JB . -51.38 18.29 -22.53
H101 C14 JB . -52.85 20.26 -21.13
H102 C14 JB . -52.82 18.76 -20.61
H111 C14 JB . -53.54 19.22 -23.29
H112 C14 JB . -53.98 18.02 -22.38
H121 C14 JB . -55.01 20.64 -22.18
H122 C14 JB . -55.83 19.39 -22.71
H131 C14 JB . -55.06 19.86 -20.03
H132 C14 JB . -55.51 18.42 -20.49
H141 C14 JB . -57.36 19.59 -19.59
H142 C14 JB . -57.61 19.28 -21.13
H143 C14 JB . -57.16 20.73 -20.67
C01 C14 KB . -44.10 23.62 -19.42
C02 C14 KB . -45.21 24.42 -18.76
C03 C14 KB . -46.48 23.58 -18.67
C04 C14 KB . -47.15 23.49 -20.04
C05 C14 KB . -48.46 22.72 -19.94
C06 C14 KB . -49.64 23.70 -19.91
C07 C14 KB . -49.98 24.16 -21.32
C08 C14 KB . -50.73 25.49 -21.29
C09 C14 KB . -52.16 25.28 -20.80
C10 C14 KB . -53.02 24.70 -21.91
C11 C14 KB . -53.94 23.60 -21.36
C12 C14 KB . -55.30 23.66 -22.04
C13 C14 KB . -56.14 24.78 -21.42
C14 C14 KB . -57.24 25.19 -22.41
H021 C14 KB . -45.38 25.21 -19.28
H022 C14 KB . -44.94 24.67 -17.87
H031 C14 KB . -46.25 22.68 -18.37
H032 C14 KB . -47.09 23.98 -18.04
H041 C14 KB . -47.33 24.38 -20.38
H042 C14 KB . -46.56 23.03 -20.66
H051 C14 KB . -48.56 22.13 -20.70
H052 C14 KB . -48.47 22.19 -19.13
H061 C14 KB . -50.41 23.27 -19.52
H062 C14 KB . -49.40 24.48 -19.37
H071 C14 KB . -50.53 23.49 -21.75
H072 C14 KB . -49.16 24.26 -21.83
H081 C14 KB . -50.27 26.10 -20.71
H082 C14 KB . -50.74 25.87 -22.19
H091 C14 KB . -52.53 26.13 -20.50
H092 C14 KB . -52.13 24.66 -20.06
H101 C14 KB . -53.57 25.41 -22.29
H102 C14 KB . -52.46 24.34 -22.61
H111 C14 KB . -53.53 22.74 -21.53
H112 C14 KB . -54.04 23.72 -20.40
H121 C14 KB . -55.18 23.82 -22.98
H122 C14 KB . -55.75 22.80 -21.91
H131 C14 KB . -56.55 24.46 -20.60
H132 C14 KB . -55.58 25.54 -21.23
H141 C14 KB . -57.80 24.42 -22.60
H142 C14 KB . -57.77 25.89 -22.01
H143 C14 KB . -56.84 25.51 -23.22
C01 C14 LB . -41.57 1.86 -6.38
C02 C14 LB . -42.07 1.44 -7.75
C03 C14 LB . -40.90 1.25 -8.72
C04 C14 LB . -40.14 -0.03 -8.39
C05 C14 LB . -40.87 -1.26 -8.94
C06 C14 LB . -40.78 -1.30 -10.47
C07 C14 LB . -41.19 -2.69 -10.96
C08 C14 LB . -41.39 -2.68 -12.47
C09 C14 LB . -42.86 -2.46 -12.81
C10 C14 LB . -43.13 -2.96 -14.22
C11 C14 LB . -44.63 -3.00 -14.49
C12 C14 LB . -44.94 -4.11 -15.50
C13 C14 LB . -46.36 -3.94 -16.05
C14 C14 LB . -46.82 -5.22 -16.73
H021 C14 LB . -42.67 2.12 -8.10
H022 C14 LB . -42.56 0.60 -7.66
H031 C14 LB . -40.30 2.00 -8.62
H032 C14 LB . -41.24 1.21 -9.62
H041 C14 LB . -39.25 0.01 -8.78
H042 C14 LB . -40.05 -0.13 -7.43
H051 C14 LB . -40.47 -2.06 -8.58
H052 C14 LB . -41.80 -1.22 -8.69
H061 C14 LB . -41.37 -0.64 -10.85
H062 C14 LB . -39.86 -1.13 -10.74
H071 C14 LB . -42.01 -2.95 -10.52
H072 C14 LB . -40.50 -3.33 -10.73
H081 C14 LB . -40.87 -1.95 -12.85
H082 C14 LB . -41.09 -3.52 -12.84
H091 C14 LB . -43.42 -2.96 -12.19
H092 C14 LB . -43.09 -1.52 -12.75
H101 C14 LB . -42.77 -3.86 -14.34
H102 C14 LB . -42.71 -2.36 -14.86
H111 C14 LB . -44.91 -2.15 -14.86
H112 C14 LB . -45.11 -3.17 -13.66
H121 C14 LB . -44.87 -4.98 -15.06
H122 C14 LB . -44.31 -4.08 -16.23
H131 C14 LB . -46.96 -3.73 -15.31
H132 C14 LB . -46.37 -3.21 -16.69
H141 C14 LB . -46.22 -5.43 -17.46
H142 C14 LB . -46.81 -5.95 -16.08
H143 C14 LB . -47.71 -5.10 -17.07
C01 C14 MB . -36.01 -1.45 -13.57
C02 C14 MB . -35.90 -2.43 -14.72
C03 C14 MB . -36.74 -1.95 -15.91
C04 C14 MB . -38.21 -2.27 -15.66
C05 C14 MB . -39.06 -1.72 -16.80
C06 C14 MB . -39.22 -0.21 -16.67
C07 C14 MB . -40.67 0.13 -16.30
C08 C14 MB . -41.58 0.01 -17.52
C09 C14 MB . -42.89 0.75 -17.27
C10 C14 MB . -43.92 0.39 -18.34
C11 C14 MB . -44.47 1.65 -19.00
C12 C14 MB . -45.25 2.49 -17.99
C13 C14 MB . -45.96 3.63 -18.74
C14 C14 MB . -46.25 4.79 -17.78
H021 C14 MB . -36.22 -3.31 -14.44
H022 C14 MB . -34.97 -2.50 -15.00
H031 C14 MB . -36.45 -2.40 -16.71
H032 C14 MB . -36.63 -0.99 -16.02
H041 C14 MB . -38.33 -3.23 -15.59
H042 C14 MB . -38.49 -1.85 -14.83
H051 C14 MB . -39.94 -2.14 -16.78
H052 C14 MB . -38.63 -1.93 -17.65
H061 C14 MB . -38.63 0.12 -15.97
H062 C14 MB . -39.00 0.21 -17.50
H071 C14 MB . -40.98 -0.46 -15.61
H072 C14 MB . -40.70 1.05 -15.98
H081 C14 MB . -41.14 0.38 -18.30
H082 C14 MB . -41.77 -0.93 -17.68
H091 C14 MB . -43.23 0.51 -16.39
H092 C14 MB . -42.72 1.70 -17.30
H101 C14 MB . -43.50 -0.16 -19.01
H102 C14 MB . -44.65 -0.11 -17.92
H111 C14 MB . -43.73 2.17 -19.35
H112 C14 MB . -45.06 1.39 -19.73
H121 C14 MB . -44.65 2.87 -17.36
H122 C14 MB . -45.91 1.94 -17.54
H131 C14 MB . -45.40 3.95 -19.44
H132 C14 MB . -46.80 3.30 -19.10
H141 C14 MB . -46.72 5.49 -18.25
H142 C14 MB . -45.42 5.12 -17.42
H143 C14 MB . -46.82 4.46 -17.04
C1 PTY NB . -61.11 -11.50 -19.33
C2 PTY NB . -66.68 -10.01 -23.21
C3 PTY NB . -66.29 -11.09 -22.20
O4 PTY NB . -60.24 -10.78 -20.13
C5 PTY NB . -63.11 -12.76 -20.26
C6 PTY NB . -61.59 -12.73 -20.12
O7 PTY NB . -61.19 -13.88 -19.43
C8 PTY NB . -61.32 -15.06 -20.17
O10 PTY NB . -62.07 -15.12 -21.09
C11 PTY NB . -60.50 -16.29 -19.78
C12 PTY NB . -59.00 -15.99 -19.69
C13 PTY NB . -58.48 -16.06 -18.26
C14 PTY NB . -58.09 -14.69 -17.71
C30 PTY NB . -58.91 -10.84 -19.70
C31 PTY NB . -58.16 -9.56 -19.33
O30 PTY NB . -58.37 -11.89 -19.62
C32 PTY NB . -57.05 -9.81 -18.31
C33 PTY NB . -56.07 -8.64 -18.20
C34 PTY NB . -54.93 -8.88 -17.22
C35 PTY NB . -54.41 -10.33 -17.17
C36 PTY NB . -52.95 -10.44 -17.56
C37 PTY NB . -52.00 -9.95 -16.47
C38 PTY NB . -50.60 -9.65 -17.00
C39 PTY NB . -50.65 -8.75 -18.24
C40 PTY NB . -49.32 -8.05 -18.49
C41 PTY NB . -49.45 -6.87 -19.45
C42 PTY NB . -49.86 -7.32 -20.86
P1 PTY NB . -64.97 -13.35 -22.01
O11 PTY NB . -65.60 -12.11 -22.88
O12 PTY NB . -65.77 -13.55 -20.75
O13 PTY NB . -64.99 -14.62 -22.83
O14 PTY NB . -63.41 -12.99 -21.61
N1 PTY NB . -67.78 -9.23 -22.69
HC11 PTY NB . -61.87 -10.95 -19.08
HC12 PTY NB . -60.66 -11.80 -18.52
HC21 PTY NB . -66.94 -10.43 -24.04
HC22 PTY NB . -65.92 -9.43 -23.34
HC31 PTY NB . -65.72 -10.71 -21.51
HC32 PTY NB . -67.09 -11.46 -21.78
HC51 PTY NB . -63.48 -13.49 -19.73
HC52 PTY NB . -63.50 -11.93 -19.99
HC6 PTY NB . -61.19 -12.71 -21.00
H111 PTY NB . -60.81 -16.61 -18.92
H112 PTY NB . -60.64 -16.98 -20.44
H121 PTY NB . -58.84 -15.10 -20.05
H122 PTY NB . -58.52 -16.64 -20.24
H131 PTY NB . -57.68 -16.63 -18.25
H132 PTY NB . -59.15 -16.46 -17.68
H141 PTY NB . -57.60 -14.20 -18.38
H142 PTY NB . -58.90 -14.20 -17.49
H311 PTY NB . -57.76 -9.19 -20.14
H312 PTY NB . -58.79 -8.93 -18.97
H321 PTY NB . -56.59 -10.61 -18.61
H322 PTY NB . -57.46 -9.99 -17.44
H331 PTY NB . -55.70 -8.48 -19.08
H332 PTY NB . -56.57 -7.86 -17.93
H341 PTY NB . -55.23 -8.64 -16.33
H342 PTY NB . -54.19 -8.31 -17.46
H351 PTY NB . -54.51 -10.66 -16.27
H352 PTY NB . -54.90 -10.92 -17.76
H361 PTY NB . -52.75 -11.36 -17.76
H362 PTY NB . -52.82 -9.91 -18.37
H371 PTY NB . -51.93 -10.63 -15.79
H372 PTY NB . -52.36 -9.14 -16.08
H381 PTY NB . -50.08 -9.22 -16.31
H382 PTY NB . -50.18 -10.49 -17.25
H391 PTY NB . -50.86 -9.29 -19.01
H392 PTY NB . -51.34 -8.08 -18.11
H401 PTY NB . -48.96 -7.73 -17.65
H402 PTY NB . -48.69 -8.69 -18.86
H411 PTY NB . -50.12 -6.26 -19.11
H412 PTY NB . -48.60 -6.41 -19.51
H421 PTY NB . -50.06 -6.54 -21.40
H422 PTY NB . -49.13 -7.82 -21.26
HN12 PTY NB . -67.74 -8.40 -23.03
CAA Y01 OB . -53.44 -22.10 -19.85
CBA Y01 OB . -52.65 -20.82 -19.56
CAB Y01 OB . -51.26 -21.20 -18.98
CAN Y01 OB . -53.42 -19.95 -18.55
CAJ Y01 OB . -52.63 -18.67 -18.16
CAO Y01 OB . -52.47 -17.70 -19.41
CBB Y01 OB . -53.77 -17.00 -19.90
CAC Y01 OB . -54.43 -16.27 -18.70
CBE Y01 OB . -53.43 -16.12 -21.11
CAP Y01 OB . -53.61 -16.84 -22.48
CAQ Y01 OB . -53.81 -15.69 -23.50
CBG Y01 OB . -53.61 -14.39 -22.74
CBI Y01 OB . -54.14 -14.75 -21.34
CAE Y01 OB . -55.65 -14.94 -21.37
CAU Y01 OB . -53.75 -13.61 -20.40
CAS Y01 OB . -54.24 -12.27 -20.90
CBF Y01 OB . -53.75 -11.94 -22.32
CBD Y01 OB . -54.14 -13.06 -23.29
CAK Y01 OB . -53.57 -12.78 -24.68
CAI Y01 OB . -53.50 -11.32 -25.02
CAZ Y01 OB . -53.68 -10.29 -24.20
CAV Y01 OB . -52.80 -9.08 -24.41
CBH Y01 OB . -54.20 -10.53 -22.80
CAD Y01 OB . -55.73 -10.43 -22.80
CAT Y01 OB . -53.61 -9.48 -21.88
CAR Y01 OB . -53.88 -8.07 -22.36
CBC Y01 OB . -53.25 -7.82 -23.69
OAW Y01 OB . -54.18 -7.09 -24.53
CAY Y01 OB . -54.34 -5.81 -24.17
OAG Y01 OB . -55.29 -5.41 -23.59
CAM Y01 OB . -53.18 -4.94 -24.55
CAL Y01 OB . -53.48 -3.46 -24.27
CAX Y01 OB . -54.37 -2.82 -25.30
OAH Y01 OB . -54.26 -1.58 -25.56
OAF Y01 OB . -55.23 -3.53 -25.91
HAA1 Y01 OB . -53.43 -22.67 -19.07
HAA2 Y01 OB . -53.05 -22.57 -20.61
HAA3 Y01 OB . -54.36 -21.86 -20.06
HBA Y01 OB . -52.53 -20.32 -20.39
HAB1 Y01 OB . -51.34 -21.35 -18.02
HAB2 Y01 OB . -50.64 -20.48 -19.15
HAB3 Y01 OB . -50.96 -22.01 -19.41
HAN1 Y01 OB . -53.61 -20.47 -17.76
HAN2 Y01 OB . -54.28 -19.68 -18.95
HAJ1 Y01 OB . -53.09 -18.21 -17.45
HAJ2 Y01 OB . -51.74 -18.91 -17.84
HAO1 Y01 OB . -52.11 -18.21 -20.15
HAO2 Y01 OB . -51.83 -17.01 -19.18
HBB Y01 OB . -54.38 -17.70 -20.19
HAC1 Y01 OB . -53.78 -15.69 -18.29
HAC2 Y01 OB . -54.73 -16.93 -18.05
HAC3 Y01 OB . -55.19 -15.75 -19.00
HBE Y01 OB . -52.48 -15.92 -21.03
HAP1 Y01 OB . -54.40 -17.40 -22.46
HAP2 Y01 OB . -52.83 -17.36 -22.70
HAQ1 Y01 OB . -53.15 -15.77 -24.21
HAQ2 Y01 OB . -54.70 -15.73 -23.87
HBG Y01 OB . -52.65 -14.26 -22.65
HBD Y01 OB . -55.11 -13.11 -23.35
HAE1 Y01 OB . -56.00 -14.72 -22.25
HAE2 Y01 OB . -56.06 -14.36 -20.70
HAE3 Y01 OB . -55.86 -15.86 -21.17
HAU1 Y01 OB . -54.14 -13.77 -19.52
HAU2 Y01 OB . -52.79 -13.59 -20.31
HAS1 Y01 OB . -53.91 -11.59 -20.29
HAS2 Y01 OB . -55.20 -12.27 -20.89
HBF Y01 OB . -52.78 -11.92 -22.29
HAK1 Y01 OB . -54.12 -13.22 -25.33
HAK2 Y01 OB . -52.67 -13.14 -24.72
HAI Y01 OB . -54.15 -11.19 -25.74
HAV1 Y01 OB . -51.91 -9.31 -24.10
HAV2 Y01 OB . -52.76 -8.90 -25.36
HBC Y01 OB . -52.46 -7.28 -23.55
HAD1 Y01 OB . -56.11 -11.14 -23.33
HAD2 Y01 OB . -56.01 -9.58 -23.17
HAD3 Y01 OB . -56.06 -10.50 -21.89
HAT1 Y01 OB . -52.65 -9.62 -21.82
HAT2 Y01 OB . -54.00 -9.58 -21.01
HAR1 Y01 OB . -53.51 -7.44 -21.73
HAR2 Y01 OB . -54.84 -7.92 -22.43
HAM1 Y01 OB . -52.97 -5.06 -25.48
HAM2 Y01 OB . -52.42 -5.21 -24.01
HAL1 Y01 OB . -53.91 -3.38 -23.41
HAL2 Y01 OB . -52.64 -2.97 -24.25
CAA Y01 PB . -48.85 1.07 -12.08
CBA Y01 PB . -49.51 0.30 -13.24
CAB Y01 PB . -50.34 -0.86 -12.66
CAN Y01 PB . -48.44 -0.20 -14.20
CAJ Y01 PB . -48.99 -1.27 -15.20
CAO Y01 PB . -50.16 -0.65 -16.10
CBB Y01 PB . -49.75 -0.18 -17.52
CAC Y01 PB . -48.35 0.50 -17.48
CBE Y01 PB . -49.81 -1.33 -18.56
CAP Y01 PB . -51.14 -2.14 -18.49
CAQ Y01 PB . -51.34 -2.70 -19.91
CBG Y01 PB . -50.07 -2.35 -20.68
CBI Y01 PB . -49.65 -1.00 -20.07
CAE Y01 PB . -50.61 0.11 -20.46
CAU Y01 PB . -48.26 -0.70 -20.61
CAS Y01 PB . -48.23 -0.65 -22.13
CBF Y01 PB . -48.77 -1.92 -22.80
CBD Y01 PB . -50.10 -2.38 -22.21
CAK Y01 PB . -50.36 -3.80 -22.66
CAI Y01 PB . -49.87 -4.04 -24.06
CAZ Y01 PB . -49.46 -3.10 -24.88
CAV Y01 PB . -48.95 -3.57 -26.22
CBH Y01 PB . -48.85 -1.81 -24.36
CAD Y01 PB . -49.70 -0.59 -24.73
CAT Y01 PB . -47.49 -1.67 -24.98
CAR Y01 PB . -47.55 -1.51 -26.50
CBC Y01 PB . -48.59 -2.40 -27.12
OAW Y01 PB . -49.76 -1.62 -27.44
CAY Y01 PB . -50.58 -2.13 -28.36
OAG Y01 PB . -50.56 -3.26 -28.70
CAM Y01 PB . -51.53 -1.12 -28.91
CAL Y01 PB . -52.35 -1.70 -30.06
CAX Y01 PB . -53.29 -2.81 -29.65
OAH Y01 PB . -54.13 -3.28 -30.48
OAF Y01 PB . -53.25 -3.26 -28.48
HAA1 Y01 PB . -48.38 0.44 -11.50
HAA2 Y01 PB . -49.52 1.55 -11.57
HAA3 Y01 PB . -48.20 1.70 -12.43
HBA Y01 PB . -50.11 0.92 -13.70
HAB1 Y01 PB . -50.77 -0.57 -11.84
HAB2 Y01 PB . -51.01 -1.13 -13.30
HAB3 Y01 PB . -49.75 -1.61 -12.46
HAN1 Y01 PB . -47.73 -0.63 -13.68
HAN2 Y01 PB . -48.07 0.54 -14.69
HAJ1 Y01 PB . -49.35 -2.03 -14.72
HAJ2 Y01 PB . -48.28 -1.57 -15.79
HAO1 Y01 PB . -50.87 -1.30 -16.16
HAO2 Y01 PB . -50.51 0.14 -15.65
HBB Y01 PB . -50.38 0.50 -17.81
HAC1 Y01 PB . -48.21 1.01 -18.29
HAC2 Y01 PB . -47.66 -0.17 -17.40
HAC3 Y01 PB . -48.32 1.10 -16.72
HBE Y01 PB . -49.10 -1.95 -18.33
HAP1 Y01 PB . -51.07 -2.87 -17.85
HAP2 Y01 PB . -51.88 -1.56 -18.25
HAQ1 Y01 PB . -52.11 -2.28 -20.32
HAQ2 Y01 PB . -51.46 -3.65 -19.87
HBG Y01 PB . -49.40 -3.00 -20.41
HBD Y01 PB . -50.82 -1.81 -22.53
HAE1 Y01 PB . -51.46 0.01 -19.99
HAE2 Y01 PB . -50.22 0.96 -20.22
HAE3 Y01 PB . -50.77 0.09 -21.42
HAU1 Y01 PB . -47.96 0.16 -20.26
HAU2 Y01 PB . -47.65 -1.39 -20.30
HAS1 Y01 PB . -47.30 -0.52 -22.40
HAS2 Y01 PB . -48.74 0.12 -22.42
HBF Y01 PB . -48.12 -2.63 -22.62
HAK1 Y01 PB . -51.31 -3.97 -22.63
HAK2 Y01 PB . -49.91 -4.41 -22.06
HAI Y01 PB . -49.12 -4.66 -23.96
HAV1 Y01 PB . -48.17 -4.12 -26.10
HAV2 Y01 PB . -49.64 -4.10 -26.66
HBC Y01 PB . -48.21 -2.76 -27.94
HAD1 Y01 PB . -49.12 0.14 -24.98
HAD2 Y01 PB . -50.31 -0.78 -25.45
HAD3 Y01 PB . -50.23 -0.31 -23.96
HAT1 Y01 PB . -47.06 -0.89 -24.60
HAT2 Y01 PB . -46.98 -2.45 -24.77
HAR1 Y01 PB . -47.77 -0.59 -26.71
HAR2 Y01 PB . -46.69 -1.72 -26.87
HAM1 Y01 PB . -51.02 -0.35 -29.24
HAM2 Y01 PB . -52.12 -0.82 -28.20
HAL1 Y01 PB . -52.88 -1.00 -30.45
HAL2 Y01 PB . -51.74 -2.06 -30.73
C02 C14 QB . -26.39 25.09 6.19
C03 C14 QB . -27.08 24.31 5.07
C04 C14 QB . -28.54 24.73 4.96
C05 C14 QB . -29.28 23.83 3.97
C06 C14 QB . -30.68 23.55 4.50
C07 C14 QB . -31.49 22.77 3.45
C08 C14 QB . -32.90 22.56 3.98
C09 C14 QB . -33.62 21.54 3.09
C10 C14 QB . -35.07 21.41 3.55
C11 C14 QB . -35.71 20.21 2.85
C12 C14 QB . -37.17 20.07 3.28
C13 C14 QB . -38.03 21.12 2.58
H022 C14 QB . -26.45 26.04 6.00
H031 C14 QB . -26.63 24.49 4.23
H032 C14 QB . -27.03 23.36 5.27
H041 C14 QB . -28.96 24.67 5.84
H042 C14 QB . -28.59 25.65 4.65
H051 C14 QB . -29.34 24.29 3.11
H052 C14 QB . -28.79 23.00 3.87
H061 C14 QB . -31.14 24.39 4.69
H062 C14 QB . -30.62 23.03 5.31
H071 C14 QB . -31.51 23.27 2.63
H072 C14 QB . -31.06 21.91 3.31
H081 C14 QB . -33.38 23.40 3.96
H082 C14 QB . -32.87 22.23 4.88
H091 C14 QB . -33.18 20.68 3.16
H092 C14 QB . -33.59 21.83 2.17
H101 C14 QB . -35.10 21.28 4.50
H102 C14 QB . -35.56 22.21 3.31
H111 C14 QB . -35.22 19.41 3.09
H112 C14 QB . -35.67 20.34 1.89
H121 C14 QB . -37.49 19.18 3.05
H122 C14 QB . -37.23 20.19 4.24
H131 C14 QB . -38.96 20.98 2.82
H132 C14 QB . -37.75 22.00 2.87
C01 C14 RB . -27.78 23.46 9.62
C02 C14 RB . -29.08 23.77 8.88
C03 C14 RB . -30.21 22.92 9.46
C04 C14 RB . -31.51 23.21 8.72
C05 C14 RB . -32.63 22.35 9.29
C06 C14 RB . -33.93 22.61 8.55
C07 C14 RB . -34.93 21.49 8.82
C08 C14 RB . -36.35 21.97 8.53
C09 C14 RB . -37.33 20.80 8.68
C10 C14 RB . -38.76 21.30 8.47
C11 C14 RB . -39.73 20.35 9.17
C12 C14 RB . -41.16 20.60 8.68
C13 C14 RB . -42.14 19.79 9.51
C14 C14 RB . -43.06 18.97 8.60
H021 C14 RB . -29.29 24.71 8.99
H022 C14 RB . -28.98 23.57 7.94
H031 C14 RB . -29.98 21.98 9.37
H032 C14 RB . -30.32 23.13 10.41
H041 C14 RB . -31.39 23.00 7.78
H042 C14 RB . -31.74 24.14 8.83
H051 C14 RB . -32.39 21.41 9.20
H052 C14 RB . -32.75 22.56 10.24
H061 C14 RB . -33.75 22.66 7.59
H062 C14 RB . -34.31 23.46 8.84
H071 C14 RB . -34.87 21.23 9.75
H072 C14 RB . -34.72 20.73 8.26
H081 C14 RB . -36.59 22.68 9.14
H082 C14 RB . -36.39 22.30 7.62
H091 C14 RB . -37.12 20.12 8.02
H092 C14 RB . -37.24 20.43 9.57
H101 C14 RB . -38.86 22.19 8.83
H102 C14 RB . -38.95 21.31 7.52
H111 C14 RB . -39.69 20.50 10.13
H112 C14 RB . -39.48 19.43 8.98
H121 C14 RB . -41.36 21.55 8.77
H122 C14 RB . -41.23 20.35 7.75
H131 C14 RB . -42.68 20.39 10.05
H132 C14 RB . -41.66 19.19 10.10
H141 C14 RB . -43.74 18.54 9.13
H142 C14 RB . -42.53 18.30 8.14
H143 C14 RB . -43.47 19.56 7.95
C01 C14 SB . -30.03 29.44 6.47
C02 C14 SB . -30.74 29.05 5.17
C03 C14 SB . -32.11 28.47 5.50
C04 C14 SB . -32.88 28.21 4.20
C05 C14 SB . -34.33 27.86 4.50
C06 C14 SB . -34.40 26.60 5.37
C07 C14 SB . -35.49 25.65 4.88
C08 C14 SB . -36.88 26.18 5.28
C09 C14 SB . -37.76 25.01 5.72
C10 C14 SB . -39.19 25.17 5.23
C11 C14 SB . -39.70 23.84 4.70
C12 C14 SB . -41.08 24.00 4.07
C13 C14 SB . -41.50 22.70 3.38
C14 C14 SB . -42.86 22.87 2.74
H021 C14 SB . -30.21 28.39 4.70
H022 C14 SB . -30.84 29.84 4.62
H031 C14 SB . -32.61 29.10 6.05
H032 C14 SB . -32.00 27.65 5.99
H041 C14 SB . -32.85 29.02 3.65
H042 C14 SB . -32.45 27.48 3.73
H051 C14 SB . -34.76 28.58 4.96
H052 C14 SB . -34.79 27.69 3.66
H061 C14 SB . -34.57 26.85 6.28
H062 C14 SB . -33.54 26.13 5.32
H071 C14 SB . -35.45 25.57 3.91
H072 C14 SB . -35.35 24.78 5.28
H081 C14 SB . -37.28 26.63 4.51
H082 C14 SB . -36.78 26.81 6.01
H091 C14 SB . -37.76 24.97 6.68
H092 C14 SB . -37.40 24.18 5.36
H101 C14 SB . -39.75 25.46 5.97
H102 C14 SB . -39.24 25.84 4.52
H111 C14 SB . -39.07 23.50 4.03
H112 C14 SB . -39.74 23.20 5.43
H121 C14 SB . -41.06 24.71 3.42
H122 C14 SB . -41.72 24.22 4.76
H131 C14 SB . -41.54 21.98 4.05
H132 C14 SB . -40.84 22.47 2.71
H141 C14 SB . -43.52 23.10 3.42
H142 C14 SB . -42.82 23.58 2.08
H143 C14 SB . -43.13 22.05 2.31
C01 C14 TB . -30.53 28.76 9.64
C02 C14 TB . -31.02 28.43 11.04
C03 C14 TB . -31.40 26.95 11.11
C04 C14 TB . -31.69 26.56 12.56
C05 C14 TB . -32.69 25.41 12.59
C06 C14 TB . -34.11 25.97 12.57
C07 C14 TB . -35.08 24.94 11.98
C08 C14 TB . -36.43 25.04 12.69
C09 C14 TB . -37.52 24.46 11.81
C10 C14 TB . -38.88 24.62 12.52
C11 C14 TB . -39.97 23.93 11.71
C12 C14 TB . -41.29 23.98 12.50
C13 C14 TB . -42.44 23.51 11.62
C14 C14 TB . -43.72 23.44 12.45
H021 C14 TB . -31.81 28.97 11.25
H022 C14 TB . -30.33 28.61 11.69
H031 C14 TB . -32.19 26.80 10.57
H032 C14 TB . -30.67 26.42 10.77
H041 C14 TB . -32.05 27.31 13.03
H042 C14 TB . -30.86 26.26 12.98
H051 C14 TB . -32.57 24.88 13.39
H052 C14 TB . -32.56 24.85 11.80
H061 C14 TB . -34.13 26.78 12.02
H062 C14 TB . -34.38 26.18 13.48
H071 C14 TB . -35.20 25.12 11.03
H072 C14 TB . -34.72 24.05 12.10
H081 C14 TB . -36.38 24.54 13.52
H082 C14 TB . -36.63 25.96 12.88
H091 C14 TB . -37.54 24.93 10.97
H092 C14 TB . -37.36 23.52 11.66
H101 C14 TB . -39.08 25.57 12.60
H102 C14 TB . -38.83 24.22 13.39
H111 C14 TB . -39.72 23.00 11.56
H112 C14 TB . -40.09 24.38 10.86
H121 C14 TB . -41.45 24.89 12.79
H122 C14 TB . -41.22 23.40 13.28
H131 C14 TB . -42.23 22.64 11.26
H132 C14 TB . -42.56 24.15 10.89
H141 C14 TB . -43.60 22.81 13.18
H142 C14 TB . -43.92 24.32 12.81
H143 C14 TB . -44.45 23.14 11.89
C01 C14 UB . -27.35 22.80 14.80
C02 C14 UB . -28.58 23.41 14.13
C03 C14 UB . -29.58 23.87 15.19
C04 C14 UB . -30.62 22.77 15.43
C05 C14 UB . -31.52 23.16 16.60
C06 C14 UB . -32.80 22.34 16.57
C07 C14 UB . -33.69 22.72 17.76
C08 C14 UB . -35.04 22.04 17.65
C09 C14 UB . -36.00 22.93 16.86
C10 C14 UB . -37.41 22.33 16.90
C11 C14 UB . -38.41 23.32 16.32
C12 C14 UB . -39.76 22.64 16.11
C13 C14 UB . -40.75 23.08 17.19
C14 C14 UB . -42.17 22.70 16.77
H021 C14 UB . -28.33 24.17 13.59
H022 C14 UB . -29.00 22.74 13.56
H031 C14 UB . -29.11 24.06 16.02
H032 C14 UB . -30.02 24.67 14.89
H041 C14 UB . -31.16 22.65 14.64
H042 C14 UB . -30.16 21.94 15.64
H051 C14 UB . -31.05 22.99 17.44
H052 C14 UB . -31.73 24.11 16.54
H061 C14 UB . -33.29 22.52 15.75
H062 C14 UB . -32.59 21.39 16.62
H071 C14 UB . -33.80 23.69 17.78
H072 C14 UB . -33.25 22.45 18.59
H081 C14 UB . -34.94 21.19 17.19
H082 C14 UB . -35.40 21.89 18.54
H091 C14 UB . -35.70 22.99 15.94
H092 C14 UB . -36.03 23.82 17.25
H101 C14 UB . -37.42 21.51 16.38
H102 C14 UB . -37.65 22.13 17.82
H111 C14 UB . -38.51 24.06 16.93
H112 C14 UB . -38.07 23.64 15.46
H121 C14 UB . -39.65 21.68 16.14
H122 C14 UB . -40.11 22.89 15.24
H131 C14 UB . -40.70 24.04 17.30
H132 C14 UB . -40.53 22.64 18.02
H141 C14 UB . -42.22 21.73 16.65
H142 C14 UB . -42.79 22.97 17.46
H143 C14 UB . -42.38 23.14 15.93
C01 C14 VB . -48.85 17.96 6.07
C02 C14 VB . -50.22 18.63 5.96
C03 C14 VB . -50.11 19.85 5.06
C04 C14 VB . -51.48 20.54 4.97
C05 C14 VB . -52.40 19.76 4.04
C06 C14 VB . -53.72 20.51 3.90
C07 C14 VB . -54.80 19.56 3.40
C08 C14 VB . -56.11 20.34 3.24
C09 C14 VB . -57.23 19.41 2.77
C10 C14 VB . -57.65 18.49 3.91
C11 C14 VB . -59.13 18.11 3.71
C12 C14 VB . -59.57 17.15 4.82
C13 C14 VB . -60.59 17.86 5.72
C14 C14 VB . -61.07 16.89 6.79
H021 C14 VB . -50.52 18.90 6.85
H022 C14 VB . -50.85 17.99 5.58
H031 C14 VB . -49.46 20.47 5.44
H032 C14 VB . -49.83 19.58 4.18
H041 C14 VB . -51.36 21.44 4.62
H042 C14 VB . -51.87 20.60 5.86
H051 C14 VB . -51.98 19.66 3.18
H052 C14 VB . -52.57 18.88 4.41
H061 C14 VB . -53.98 20.87 4.77
H062 C14 VB . -53.61 21.24 3.27
H071 C14 VB . -54.54 19.19 2.55
H072 C14 VB . -54.93 18.84 4.04
H081 C14 VB . -55.98 21.05 2.58
H082 C14 VB . -56.34 20.74 4.09
H091 C14 VB . -56.91 18.87 2.03
H092 C14 VB . -57.98 19.94 2.49
H101 C14 VB . -57.55 18.94 4.76
H102 C14 VB . -57.11 17.69 3.91
H111 C14 VB . -59.23 17.67 2.85
H112 C14 VB . -59.67 18.91 3.74
H121 C14 VB . -58.80 16.89 5.34
H122 C14 VB . -59.98 16.38 4.42
H131 C14 VB . -60.17 18.62 6.13
H132 C14 VB . -61.35 18.15 5.18
H141 C14 VB . -61.48 16.12 6.37
H142 C14 VB . -60.32 16.60 7.33
H143 C14 VB . -61.71 17.33 7.37
C01 C14 WB . -49.41 23.35 6.58
C02 C14 WB . -49.69 23.92 7.97
C03 C14 WB . -51.11 24.48 8.03
C04 C14 WB . -52.12 23.32 8.08
C05 C14 WB . -53.54 23.84 7.92
C06 C14 WB . -54.51 22.68 8.02
C07 C14 WB . -55.78 22.95 7.20
C08 C14 WB . -56.83 23.61 8.08
C09 C14 WB . -58.18 23.66 7.35
C10 C14 WB . -58.80 22.27 7.30
C11 C14 WB . -60.24 22.38 6.77
C12 C14 WB . -61.21 21.79 7.78
C13 C14 WB . -62.59 21.64 7.14
C14 C14 WB . -63.47 20.75 8.02
H021 C14 WB . -49.58 23.23 8.63
H022 C14 WB . -49.06 24.64 8.15
H031 C14 WB . -51.28 25.01 7.25
H032 C14 WB . -51.21 25.01 8.82
H041 C14 WB . -51.92 22.69 7.36
H042 C14 WB . -52.03 22.86 8.93
H051 C14 WB . -53.63 24.28 7.06
H052 C14 WB . -53.73 24.49 8.63
H061 C14 WB . -54.76 22.53 8.95
H062 C14 WB . -54.09 21.88 7.68
H071 C14 WB . -55.56 23.54 6.46
H072 C14 WB . -56.12 22.11 6.86
H081 C14 WB . -56.55 24.51 8.29
H082 C14 WB . -56.94 23.11 8.90
H091 C14 WB . -58.04 23.99 6.45
H092 C14 WB . -58.77 24.27 7.82
H101 C14 WB . -58.82 21.89 8.19
H102 C14 WB . -58.29 21.70 6.71
H111 C14 WB . -60.30 21.90 5.93
H112 C14 WB . -60.45 23.32 6.62
H121 C14 WB . -60.90 20.92 8.07
H122 C14 WB . -61.28 22.38 8.56
H131 C14 WB . -62.50 21.24 6.26
H132 C14 WB . -63.01 22.52 7.06
H141 C14 WB . -63.06 19.87 8.10
H142 C14 WB . -64.35 20.66 7.61
H143 C14 WB . -63.57 21.14 8.89
C02 C14 XB . -46.91 18.03 9.83
C03 C14 XB . -47.71 19.26 9.39
C04 C14 XB . -48.58 19.75 10.54
C05 C14 XB . -49.75 18.80 10.77
C06 C14 XB . -50.65 19.34 11.88
C07 C14 XB . -52.08 19.45 11.39
C08 C14 XB . -53.05 19.40 12.57
C09 C14 XB . -54.36 20.10 12.20
C10 C14 XB . -55.54 19.43 12.89
C11 C14 XB . -56.83 19.90 12.21
C12 C14 XB . -58.02 19.79 13.16
C13 C14 XB . -58.18 18.37 13.69
C14 C14 XB . -59.56 18.22 14.32
H022 C14 XB . -47.49 17.25 9.86
H031 C14 XB . -47.09 19.95 9.12
H032 C14 XB . -48.27 19.01 8.64
H041 C14 XB . -48.05 19.82 11.35
H042 C14 XB . -48.92 20.64 10.32
H051 C14 XB . -49.40 17.93 11.03
H052 C14 XB . -50.25 18.70 9.95
H061 C14 XB . -50.62 18.74 12.64
H062 C14 XB . -50.33 20.22 12.15
H071 C14 XB . -52.20 20.29 10.91
H072 C14 XB . -52.28 18.71 10.80
H081 C14 XB . -52.65 19.85 13.33
H082 C14 XB . -53.23 18.47 12.81
H091 C14 XB . -54.31 21.03 12.46
H092 C14 XB . -54.48 20.05 11.24
H101 C14 XB . -55.56 19.69 13.82
H102 C14 XB . -55.47 18.47 12.81
H111 C14 XB . -56.73 20.82 11.93
H112 C14 XB . -57.00 19.35 11.43
H121 C14 XB . -57.88 20.41 13.90
H122 C14 XB . -58.84 20.06 12.68
H131 C14 XB . -57.50 18.20 14.35
H132 C14 XB . -58.09 17.75 12.94
H141 C14 XB . -59.66 17.32 14.66
H142 C14 XB . -60.24 18.39 13.65
H143 C14 XB . -59.66 18.85 15.05
C01 C14 YB . -46.55 21.46 16.34
C02 C14 YB . -47.47 21.15 17.51
C03 C14 YB . -48.71 20.42 17.02
C04 C14 YB . -49.66 21.41 16.34
C05 C14 YB . -50.95 20.71 15.92
C06 C14 YB . -52.06 21.00 16.93
C07 C14 YB . -52.68 22.38 16.64
C08 C14 YB . -53.36 22.93 17.88
C09 C14 YB . -54.66 22.17 18.16
C10 C14 YB . -55.76 22.65 17.21
C11 C14 YB . -56.57 21.47 16.69
C12 C14 YB . -58.04 21.83 16.58
C13 C14 YB . -58.70 21.77 17.95
C14 C14 YB . -59.97 22.63 17.96
H021 C14 YB . -47.73 21.98 17.95
H022 C14 YB . -47.01 20.59 18.15
H031 C14 YB . -48.46 19.74 16.38
H032 C14 YB . -49.17 20.01 17.77
H041 C14 YB . -49.87 22.13 16.95
H042 C14 YB . -49.23 21.78 15.55
H051 C14 YB . -51.22 21.02 15.05
H052 C14 YB . -50.80 19.75 15.88
H061 C14 YB . -52.75 20.33 16.87
H062 C14 YB . -51.69 21.01 17.83
H071 C14 YB . -53.33 22.28 15.93
H072 C14 YB . -51.98 22.98 16.35
H081 C14 YB . -52.77 22.84 18.65
H082 C14 YB . -53.56 23.87 17.74
H091 C14 YB . -54.93 22.33 19.07
H092 C14 YB . -54.51 21.22 18.03
H101 C14 YB . -56.36 23.25 17.70
H102 C14 YB . -55.37 23.13 16.47
H111 C14 YB . -56.23 21.22 15.82
H112 C14 YB . -56.47 20.71 17.30
H121 C14 YB . -58.12 22.72 16.22
H122 C14 YB . -58.49 21.20 15.98
H131 C14 YB . -58.94 20.85 18.16
H132 C14 YB . -58.09 22.11 18.62
H141 C14 YB . -60.58 22.30 17.28
H142 C14 YB . -60.39 22.58 18.83
H143 C14 YB . -59.73 23.55 17.75
C01 C14 ZB . -42.00 -0.49 4.21
C02 C14 ZB . -42.79 0.36 3.21
C03 C14 ZB . -41.85 1.24 2.40
C04 C14 ZB . -41.08 0.43 1.37
C05 C14 ZB . -41.95 0.11 0.15
C06 C14 ZB . -42.18 1.38 -0.68
C07 C14 ZB . -42.73 0.99 -2.04
C08 C14 ZB . -43.24 2.22 -2.79
C09 C14 ZB . -44.74 2.37 -2.58
C10 C14 ZB . -45.33 3.25 -3.70
C11 C14 ZB . -46.85 3.21 -3.66
C12 C14 ZB . -47.40 3.40 -5.06
C13 C14 ZB . -48.89 3.72 -5.00
C14 C14 ZB . -49.52 3.54 -6.38
H021 C14 ZB . -43.43 0.91 3.69
H022 C14 ZB . -43.27 -0.24 2.61
H031 C14 ZB . -41.22 1.67 3.01
H032 C14 ZB . -42.37 1.93 1.95
H041 C14 ZB . -40.29 0.92 1.09
H042 C14 ZB . -40.79 -0.41 1.77
H051 C14 ZB . -41.51 -0.55 -0.40
H052 C14 ZB . -42.81 -0.23 0.44
H061 C14 ZB . -42.81 1.95 -0.23
H062 C14 ZB . -41.34 1.85 -0.79
H071 C14 ZB . -43.45 0.35 -1.93
H072 C14 ZB . -42.02 0.57 -2.57
H081 C14 ZB . -42.80 3.01 -2.44
H082 C14 ZB . -43.05 2.13 -3.73
H091 C14 ZB . -45.17 1.50 -2.61
H092 C14 ZB . -44.92 2.78 -1.72
H101 C14 ZB . -45.01 2.93 -4.55
H102 C14 ZB . -45.03 4.16 -3.56
H111 C14 ZB . -47.18 3.92 -3.08
H112 C14 ZB . -47.14 2.35 -3.31
H121 C14 ZB . -47.26 2.60 -5.57
H122 C14 ZB . -46.93 4.15 -5.49
H131 C14 ZB . -49.32 3.12 -4.37
H132 C14 ZB . -49.02 4.64 -4.71
H141 C14 ZB . -49.09 4.13 -7.01
H142 C14 ZB . -49.40 2.62 -6.67
H143 C14 ZB . -50.47 3.74 -6.33
C01 C14 AC . -38.19 4.66 -3.05
C02 C14 AC . -38.35 5.13 -4.48
C03 C14 AC . -39.40 6.23 -4.56
C04 C14 AC . -40.80 5.62 -4.50
C05 C14 AC . -41.86 6.72 -4.52
C06 C14 AC . -41.94 7.37 -3.13
C07 C14 AC . -43.26 7.02 -2.46
C08 C14 AC . -44.41 7.81 -3.07
C09 C14 AC . -45.61 7.78 -2.12
C10 C14 AC . -46.85 8.32 -2.84
C11 C14 AC . -47.50 9.44 -2.02
C12 C14 AC . -48.03 8.92 -0.69
C13 C14 AC . -48.84 10.03 0.00
C14 C14 AC . -48.89 9.79 1.50
H021 C14 AC . -38.63 4.38 -5.04
H022 C14 AC . -37.50 5.47 -4.81
H031 C14 AC . -39.30 6.71 -5.39
H032 C14 AC . -39.29 6.83 -3.82
H041 C14 AC . -40.93 5.04 -5.27
H042 C14 AC . -40.88 5.10 -3.69
H051 C14 AC . -42.72 6.34 -4.73
H052 C14 AC . -41.62 7.39 -5.17
H061 C14 AC . -41.20 7.06 -2.58
H062 C14 AC . -41.88 8.34 -3.24
H071 C14 AC . -43.44 6.07 -2.56
H072 C14 AC . -43.20 7.22 -1.51
H081 C14 AC . -44.13 8.73 -3.20
H082 C14 AC . -44.66 7.42 -3.91
H091 C14 AC . -45.77 6.88 -1.83
H092 C14 AC . -45.42 8.34 -1.35
H101 C14 AC . -46.61 8.65 -3.71
H102 C14 AC . -47.49 7.59 -2.95
H111 C14 AC . -46.84 10.14 -1.87
H112 C14 AC . -48.24 9.82 -2.54
H121 C14 AC . -47.28 8.68 -0.12
H122 C14 AC . -48.60 8.15 -0.85
H131 C14 AC . -48.43 10.89 -0.18
H132 C14 AC . -49.74 10.03 -0.36
H141 C14 AC . -49.41 10.49 1.93
H142 C14 AC . -47.99 9.79 1.86
H143 C14 AC . -49.30 8.93 1.68
C1 PTY BC . -64.24 0.04 -11.07
C2 PTY BC . -70.45 3.16 -11.03
C3 PTY BC . -69.88 1.82 -11.49
O4 PTY BC . -63.52 1.24 -10.99
C5 PTY BC . -66.42 -0.16 -12.35
C6 PTY BC . -64.91 -0.01 -12.44
O7 PTY BC . -64.41 -1.13 -13.13
C8 PTY BC . -64.72 -1.17 -14.49
O10 PTY BC . -65.66 -0.55 -14.91
C11 PTY BC . -63.87 -2.00 -15.45
C12 PTY BC . -62.38 -1.66 -15.36
C13 PTY BC . -61.58 -2.81 -14.76
C14 PTY BC . -61.05 -2.48 -13.36
C30 PTY BC . -62.13 1.07 -11.01
C31 PTY BC . -61.29 1.57 -9.84
O30 PTY BC . -61.62 0.55 -11.93
C32 PTY BC . -60.00 0.76 -9.69
C33 PTY BC . -58.98 1.45 -8.77
C34 PTY BC . -57.67 0.69 -8.63
C35 PTY BC . -57.20 -0.02 -9.89
C36 PTY BC . -55.85 0.48 -10.39
C37 PTY BC . -54.68 -0.02 -9.54
C38 PTY BC . -53.42 0.82 -9.76
C39 PTY BC . -53.69 2.31 -9.61
C40 PTY BC . -52.43 3.11 -9.34
C41 PTY BC . -52.72 4.51 -8.81
C42 PTY BC . -53.43 5.37 -9.85
P1 PTY BC . -68.62 0.68 -13.48
O11 PTY BC . -69.40 1.96 -12.79
O12 PTY BC . -69.15 -0.61 -12.91
O13 PTY BC . -68.86 0.70 -14.98
O14 PTY BC . -67.00 0.79 -13.19
N1 PTY BC . -71.39 2.97 -9.95
HC11 PTY BC . -64.90 0.01 -10.37
HC12 PTY BC . -63.62 -0.70 -10.98
HC21 PTY BC . -70.85 3.65 -11.77
HC22 PTY BC . -69.76 3.67 -10.61
HC31 PTY BC . -69.17 1.54 -10.89
HC32 PTY BC . -70.60 1.15 -11.48
HC51 PTY BC . -66.68 -1.05 -12.63
HC52 PTY BC . -66.72 -0.01 -11.44
HC6 PTY BC . -64.69 0.79 -12.94
H111 PTY BC . -64.01 -2.94 -15.25
H112 PTY BC . -64.17 -1.83 -16.36
H121 PTY BC . -62.28 -0.88 -14.80
H122 PTY BC . -62.05 -1.48 -16.25
H131 PTY BC . -60.82 -3.00 -15.35
H132 PTY BC . -62.12 -3.62 -14.71
H141 PTY BC . -60.68 -1.59 -13.36
H142 PTY BC . -61.76 -2.54 -12.73
H311 PTY BC . -61.06 2.49 -9.99
H312 PTY BC . -61.80 1.50 -9.02
H321 PTY BC . -59.64 0.66 -10.58
H322 PTY BC . -60.21 -0.12 -9.32
H331 PTY BC . -58.80 2.33 -9.13
H332 PTY BC . -59.38 1.55 -7.90
H341 PTY BC . -57.76 0.03 -7.92
H342 PTY BC . -56.98 1.32 -8.36
H351 PTY BC . -57.11 -0.97 -9.70
H352 PTY BC . -57.81 0.08 -10.62
H361 PTY BC . -55.72 0.19 -11.30
H362 PTY BC . -55.88 1.45 -10.38
H371 PTY BC . -54.50 -0.95 -9.78
H372 PTY BC . -54.93 0.02 -8.61
H381 PTY BC . -52.75 0.55 -9.11
H382 PTY BC . -53.08 0.64 -10.65
H391 PTY BC . -54.08 2.64 -10.45
H392 PTY BC . -54.32 2.44 -8.89
H401 PTY BC . -51.89 2.63 -8.68
H402 PTY BC . -51.91 3.18 -10.16
H411 PTY BC . -53.28 4.44 -8.02
H412 PTY BC . -51.89 4.93 -8.56
H421 PTY BC . -53.71 6.21 -9.44
H422 PTY BC . -52.82 5.57 -10.59
HN12 PTY BC . -71.39 3.69 -9.43
CAA Y01 CC . -57.18 -3.86 -21.38
CBA Y01 CC . -56.30 -3.29 -20.25
CAB Y01 CC . -54.84 -3.75 -20.48
CAN Y01 CC . -56.82 -3.79 -18.90
CAJ Y01 CC . -55.91 -3.32 -17.72
CAO Y01 CC . -56.00 -1.74 -17.56
CBB Y01 CC . -57.36 -1.18 -17.04
CAC Y01 CC . -57.71 -1.90 -15.72
CBE Y01 CC . -57.24 0.35 -16.96
CAP Y01 CC . -57.74 1.08 -18.24
CAQ Y01 CC . -58.11 2.51 -17.77
CBG Y01 CC . -57.71 2.60 -16.29
CBI Y01 CC . -57.94 1.15 -15.82
CAE Y01 CC . -59.44 0.84 -15.78
CAU Y01 CC . -57.32 1.03 -14.42
CAS Y01 CC . -57.87 2.08 -13.48
CBF Y01 CC . -57.68 3.52 -13.99
CBD Y01 CC . -58.31 3.67 -15.37
CAK Y01 CC . -58.03 5.06 -15.92
CAI Y01 CC . -57.99 6.14 -14.87
CAZ Y01 CC . -57.96 5.97 -13.56
CAV Y01 CC . -57.10 6.93 -12.77
CBH Y01 CC . -58.18 4.58 -12.97
CAD Y01 CC . -59.67 4.39 -12.68
CAT Y01 CC . -57.38 4.48 -11.70
CAR Y01 CC . -57.71 5.58 -10.71
CBC Y01 CC . -57.37 6.92 -11.27
OAW Y01 CC . -58.43 7.85 -10.94
CAY Y01 CC . -58.46 8.20 -9.65
OAG Y01 CC . -59.26 7.78 -8.89
CAM Y01 CC . -57.38 9.16 -9.26
CAL Y01 CC . -57.57 9.67 -7.82
CAX Y01 CC . -58.64 10.71 -7.69
OAH Y01 CC . -58.55 11.61 -6.79
OAF Y01 CC . -59.63 10.71 -8.48
HAA1 Y01 CC . -56.96 -3.41 -22.22
HAA2 Y01 CC . -57.01 -4.81 -21.48
HAA3 Y01 CC . -58.11 -3.71 -21.17
HBA Y01 CC . -56.34 -2.33 -20.28
HAB1 Y01 CC . -54.67 -3.87 -21.42
HAB2 Y01 CC . -54.24 -3.08 -20.12
HAB3 Y01 CC . -54.69 -4.60 -20.02
HAN1 Y01 CC . -56.84 -4.77 -18.91
HAN2 Y01 CC . -57.72 -3.46 -18.77
HAJ1 Y01 CC . -55.00 -3.57 -17.89
HAJ2 Y01 CC . -56.21 -3.75 -16.90
HAO1 Y01 CC . -55.31 -1.46 -16.95
HAO2 Y01 CC . -55.82 -1.33 -18.42
HBB Y01 CC . -58.04 -1.40 -17.69
HAC1 Y01 CC . -56.97 -1.82 -15.10
HAC2 Y01 CC . -57.89 -2.84 -15.89
HAC3 Y01 CC . -58.51 -1.50 -15.33
HBE Y01 CC . -56.30 0.56 -16.87
HAP1 Y01 CC . -58.52 0.64 -18.61
HAP2 Y01 CC . -57.02 1.11 -18.88
HAQ1 Y01 CC . -57.62 3.16 -18.29
HAQ2 Y01 CC . -59.06 2.65 -17.86
HBG Y01 CC . -56.75 2.75 -16.28
HBD Y01 CC . -59.27 3.54 -15.32
HAE1 Y01 CC . -59.95 1.63 -16.00
HAE2 Y01 CC . -59.63 0.14 -16.44
HAE3 Y01 CC . -59.68 0.52 -14.90
HAU1 Y01 CC . -57.53 0.16 -14.06
HAU2 Y01 CC . -56.37 1.13 -14.49
HAS1 Y01 CC . -58.81 1.92 -13.34
HAS2 Y01 CC . -57.40 1.98 -12.63
HBF Y01 CC . -56.73 3.65 -14.09
HAK1 Y01 CC . -58.74 5.29 -16.54
HAK2 Y01 CC . -57.18 5.06 -16.39
HAI Y01 CC . -57.21 6.67 -15.08
HAV1 Y01 CC . -56.17 6.70 -12.92
HAV2 Y01 CC . -57.26 7.82 -13.10
HBC Y01 CC . -56.54 7.21 -10.84
HAD1 Y01 CC . -60.17 4.40 -13.50
HAD2 Y01 CC . -60.00 5.10 -12.11
HAD3 Y01 CC . -59.80 3.54 -12.23
HAT1 Y01 CC . -57.58 3.62 -11.28
HAT2 Y01 CC . -56.43 4.51 -11.91
HAR1 Y01 CC . -58.65 5.56 -10.48
HAR2 Y01 CC . -57.18 5.44 -9.90
HAM1 Y01 CC . -57.39 9.91 -9.87
HAM2 Y01 CC . -56.54 8.71 -9.32
HAL1 Y01 CC . -56.73 10.05 -7.52
HAL2 Y01 CC . -57.80 8.92 -7.26
CAA Y01 DC . -50.32 2.66 1.62
CBA Y01 DC . -51.25 3.10 0.47
CAB Y01 DC . -51.97 1.87 -0.12
CAN Y01 DC . -50.42 3.81 -0.61
CAJ Y01 DC . -51.21 4.01 -1.95
CAO Y01 DC . -52.51 4.88 -1.72
CBB Y01 DC . -52.39 6.39 -2.11
CAC Y01 DC . -51.00 6.93 -1.69
CBE Y01 DC . -52.71 6.63 -3.59
CAP Y01 DC . -54.03 5.92 -4.07
CAQ Y01 DC . -54.54 6.78 -5.24
CBG Y01 DC . -53.45 7.82 -5.52
CBI Y01 DC . -52.87 8.09 -4.12
CAE Y01 DC . -53.86 8.84 -3.24
CAU Y01 DC . -51.60 8.93 -4.32
CAS Y01 DC . -51.89 10.23 -5.06
CBF Y01 DC . -52.60 10.03 -6.42
CBD Y01 DC . -53.80 9.07 -6.32
CAK Y01 DC . -54.20 8.65 -7.72
CAI Y01 DC . -54.02 9.77 -8.70
CAZ Y01 DC . -53.76 11.02 -8.39
CAV Y01 DC . -53.56 11.97 -9.53
CBH Y01 DC . -53.02 11.36 -7.11
CAD Y01 DC . -53.89 12.18 -6.14
CAT Y01 DC . -51.82 12.18 -7.48
CAR Y01 DC . -52.20 13.52 -8.12
CBC Y01 DC . -53.36 13.40 -9.05
OAW Y01 DC . -54.54 13.88 -8.39
CAY Y01 DC . -55.55 14.25 -9.19
OAG Y01 DC . -55.65 13.95 -10.33
CAM Y01 DC . -56.56 15.09 -8.48
CAL Y01 DC . -57.64 15.60 -9.45
CAX Y01 DC . -58.50 14.52 -10.05
OAH Y01 DC . -59.51 14.84 -10.76
OAF Y01 DC . -58.22 13.31 -9.83
HAA1 Y01 DC . -50.87 2.37 2.37
HAA2 Y01 DC . -49.78 1.92 1.32
HAA3 Y01 DC . -49.76 3.39 1.88
HBA Y01 DC . -51.91 3.72 0.83
HAB1 Y01 DC . -51.39 1.42 -0.73
HAB2 Y01 DC . -52.77 2.15 -0.58
HAB3 Y01 DC . -52.22 1.27 0.61
HAN1 Y01 DC . -49.63 3.29 -0.79
HAN2 Y01 DC . -50.14 4.67 -0.28
HAJ1 Y01 DC . -51.48 3.14 -2.30
HAJ2 Y01 DC . -50.64 4.45 -2.59
HAO1 Y01 DC . -52.74 4.86 -0.77
HAO2 Y01 DC . -53.24 4.48 -2.20
HBB Y01 DC . -53.06 6.88 -1.59
HAC1 Y01 DC . -50.33 6.62 -2.32
HAC2 Y01 DC . -51.02 7.90 -1.70
HAC3 Y01 DC . -50.79 6.62 -0.80
HBE Y01 DC . -51.99 6.23 -4.10
HAP1 Y01 DC . -54.68 5.91 -3.35
HAP2 Y01 DC . -53.84 5.02 -4.37
HAQ1 Y01 DC . -54.68 6.22 -6.03
HAQ2 Y01 DC . -55.36 7.23 -4.99
HBG Y01 DC . -52.76 7.37 -6.03
HBD Y01 DC . -54.55 9.52 -5.89
HAE1 Y01 DC . -54.22 9.60 -3.73
HAE2 Y01 DC . -53.39 9.16 -2.45
HAE3 Y01 DC . -54.59 8.26 -2.98
HAU1 Y01 DC . -51.23 9.14 -3.45
HAU2 Y01 DC . -50.97 8.40 -4.83
HAS1 Y01 DC . -52.44 10.79 -4.49
HAS2 Y01 DC . -51.05 10.67 -5.22
HBF Y01 DC . -51.96 9.61 -7.00
HAK1 Y01 DC . -55.13 8.38 -7.71
HAK2 Y01 DC . -53.64 7.91 -7.99
HAI Y01 DC . -53.29 9.50 -9.28
HAV1 Y01 DC . -52.79 11.70 -10.05
HAV2 Y01 DC . -54.34 11.95 -10.11
HBC Y01 DC . -53.18 13.96 -9.83
HAD1 Y01 DC . -53.35 12.87 -5.73
HAD2 Y01 DC . -54.65 12.58 -6.59
HAD3 Y01 DC . -54.23 11.60 -5.44
HAT1 Y01 DC . -51.29 11.68 -8.12
HAT2 Y01 DC . -51.29 12.35 -6.70
HAR1 Y01 DC . -51.43 13.85 -8.61
HAR2 Y01 DC . -52.42 14.15 -7.41
HAM1 Y01 DC . -56.99 14.56 -7.79
HAM2 Y01 DC . -56.12 15.85 -8.07
HAL1 Y01 DC . -58.21 16.22 -8.97
HAL2 Y01 DC . -57.20 16.07 -10.17
C02 C14 EC . -23.64 3.58 28.11
C03 C14 EC . -24.57 3.98 26.98
C04 C14 EC . -26.00 4.06 27.49
C05 C14 EC . -26.97 4.28 26.32
C06 C14 EC . -28.23 3.46 26.54
C07 C14 EC . -29.25 3.78 25.46
C08 C14 EC . -30.54 3.00 25.73
C09 C14 EC . -31.46 3.08 24.52
C10 C14 EC . -32.79 2.39 24.83
C11 C14 EC . -33.59 2.23 23.56
C12 C14 EC . -34.93 1.55 23.85
C13 C14 EC . -35.89 2.54 24.51
H022 C14 EC . -23.70 4.23 28.83
H031 C14 EC . -24.31 4.85 26.64
H032 C14 EC . -24.51 3.33 26.27
H041 C14 EC . -26.23 3.21 27.93
H042 C14 EC . -26.10 4.79 28.12
H051 C14 EC . -27.20 5.22 26.27
H052 C14 EC . -26.54 4.01 25.49
H061 C14 EC . -28.60 3.66 27.41
H062 C14 EC . -28.01 2.51 26.50
H071 C14 EC . -29.45 4.73 25.46
H072 C14 EC . -28.91 3.53 24.59
H081 C14 EC . -30.99 3.38 26.51
H082 C14 EC . -30.33 2.07 25.91
H091 C14 EC . -31.04 2.64 23.77
H092 C14 EC . -31.63 4.02 24.30
H101 C14 EC . -32.61 1.51 25.22
H102 C14 EC . -33.29 2.93 25.47
H111 C14 EC . -33.10 1.69 22.92
H112 C14 EC . -33.76 3.10 23.16
H121 C14 EC . -35.32 1.23 23.02
H122 C14 EC . -34.78 0.81 24.44
H131 C14 EC . -36.75 2.12 24.64
H132 C14 EC . -35.53 2.82 25.37
C01 C14 FC . -24.30 -0.38 28.65
C02 C14 FC . -25.72 0.19 28.74
C03 C14 FC . -26.71 -0.94 28.46
C04 C14 FC . -28.14 -0.39 28.51
C05 C14 FC . -29.14 -1.51 28.21
C06 C14 FC . -30.57 -0.96 28.24
C07 C14 FC . -31.51 -1.95 27.57
C08 C14 FC . -32.95 -1.69 28.02
C09 C14 FC . -33.90 -2.59 27.24
C10 C14 FC . -35.33 -2.39 27.74
C11 C14 FC . -36.16 -3.64 27.43
C12 C14 FC . -37.64 -3.34 27.60
C13 C14 FC . -38.46 -4.64 27.46
C14 C14 FC . -39.57 -4.45 26.43
H021 C14 FC . -25.88 0.55 29.61
H022 C14 FC . -25.83 0.88 28.07
H031 C14 FC . -26.54 -1.32 27.58
H032 C14 FC . -26.61 -1.63 29.13
H041 C14 FC . -28.24 0.31 27.84
H042 C14 FC . -28.31 -0.02 29.39
H051 C14 FC . -28.96 -1.88 27.34
H052 C14 FC . -29.05 -2.20 28.89
H061 C14 FC . -30.59 -0.11 27.77
H062 C14 FC . -30.84 -0.83 29.16
H071 C14 FC . -31.25 -2.85 27.81
H072 C14 FC . -31.46 -1.83 26.60
H081 C14 FC . -33.02 -1.87 28.96
H082 C14 FC . -33.18 -0.76 27.86
H091 C14 FC . -33.85 -2.37 26.29
H092 C14 FC . -33.64 -3.52 27.37
H101 C14 FC . -35.31 -2.25 28.70
H102 C14 FC . -35.73 -1.63 27.31
H111 C14 FC . -35.91 -4.36 28.04
H112 C14 FC . -35.98 -3.93 26.52
H121 C14 FC . -37.80 -2.95 28.47
H122 C14 FC . -37.92 -2.71 26.91
H131 C14 FC . -38.85 -4.85 28.32
H132 C14 FC . -37.86 -5.35 27.18
H141 C14 FC . -40.13 -5.24 26.42
H142 C14 FC . -39.17 -4.33 25.55
H143 C14 FC . -40.10 -3.67 26.65
C01 C14 GC . -27.00 5.01 32.46
C02 C14 GC . -27.98 5.77 31.57
C03 C14 GC . -29.26 4.96 31.43
C04 C14 GC . -30.30 5.78 30.66
C05 C14 GC . -31.67 5.10 30.70
C06 C14 GC . -31.58 3.71 30.08
C07 C14 GC . -32.79 3.43 29.19
C08 C14 GC . -34.03 3.15 30.02
C09 C14 GC . -34.84 2.02 29.37
C10 C14 GC . -36.34 2.27 29.47
C11 C14 GC . -36.98 1.92 28.12
C12 C14 GC . -38.46 2.30 28.13
C13 C14 GC . -39.06 2.12 26.73
C14 C14 GC . -40.52 2.52 26.75
H021 C14 GC . -27.59 5.90 30.70
H022 C14 GC . -28.18 6.63 31.97
H031 C14 GC . -29.61 4.76 32.31
H032 C14 GC . -29.07 4.13 30.96
H041 C14 GC . -30.37 6.67 31.06
H042 C14 GC . -30.01 5.87 29.74
H051 C14 GC . -31.97 5.03 31.62
H052 C14 GC . -32.31 5.64 30.20
H061 C14 GC . -31.55 3.05 30.79
H062 C14 GC . -30.77 3.64 29.55
H071 C14 GC . -32.95 4.20 28.62
H072 C14 GC . -32.59 2.67 28.63
H081 C14 GC . -34.57 3.95 30.07
H082 C14 GC . -33.77 2.89 30.92
H091 C14 GC . -34.63 1.18 29.83
H092 C14 GC . -34.59 1.94 28.44
H101 C14 GC . -36.72 1.71 30.16
H102 C14 GC . -36.51 3.21 29.68
H111 C14 GC . -36.53 2.41 27.42
H112 C14 GC . -36.89 0.97 27.95
H121 C14 GC . -38.55 3.23 28.40
H122 C14 GC . -38.94 1.73 28.76
H131 C14 GC . -38.97 1.18 26.48
H132 C14 GC . -38.57 2.67 26.10
H141 C14 GC . -41.00 1.97 27.37
H142 C14 GC . -40.60 3.45 27.01
H143 C14 GC . -40.90 2.41 25.86
C01 C14 HC . -26.83 1.93 33.56
C02 C14 HC . -27.02 0.49 34.06
C03 C14 HC . -27.42 -0.39 32.89
C04 C14 HC . -27.39 -1.86 33.32
C05 C14 HC . -28.41 -2.65 32.49
C06 C14 HC . -29.78 -2.59 33.17
C07 C14 HC . -30.87 -2.79 32.12
C08 C14 HC . -32.03 -3.56 32.75
C09 C14 HC . -33.32 -3.32 31.97
C10 C14 HC . -34.48 -4.05 32.65
C11 C14 HC . -35.74 -3.92 31.80
C12 C14 HC . -36.85 -4.77 32.43
C13 C14 HC . -38.17 -4.48 31.74
C14 C14 HC . -39.25 -5.42 32.28
H021 C14 HC . -27.72 0.47 34.74
H022 C14 HC . -26.19 0.17 34.44
H031 C14 HC . -28.31 -0.16 32.59
H032 C14 HC . -26.79 -0.27 32.15
H041 C14 HC . -27.62 -1.92 34.26
H042 C14 HC . -26.51 -2.22 33.18
H051 C14 HC . -28.12 -3.58 32.44
H052 C14 HC . -28.47 -2.27 31.60
H061 C14 HC . -29.89 -1.72 33.59
H062 C14 HC . -29.84 -3.27 33.84
H071 C14 HC . -31.19 -1.94 31.81
H072 C14 HC . -30.52 -3.31 31.38
H081 C14 HC . -31.82 -4.51 32.75
H082 C14 HC . -32.16 -3.27 33.67
H091 C14 HC . -33.51 -2.37 31.94
H092 C14 HC . -33.21 -3.65 31.06
H101 C14 HC . -34.63 -3.66 33.52
H102 C14 HC . -34.25 -4.99 32.75
H111 C14 HC . -35.56 -4.24 30.90
H112 C14 HC . -36.02 -3.00 31.77
H121 C14 HC . -36.92 -4.57 33.37
H122 C14 HC . -36.63 -5.71 32.31
H131 C14 HC . -38.08 -4.60 30.78
H132 C14 HC . -38.44 -3.57 31.92
H141 C14 HC . -38.99 -6.35 32.09
H142 C14 HC . -39.34 -5.30 33.23
H143 C14 HC . -40.09 -5.24 31.84
C01 C14 IC . -22.79 -4.96 30.67
C02 C14 IC . -24.12 -4.30 31.01
C03 C14 IC . -24.85 -5.12 32.09
C04 C14 IC . -25.85 -6.07 31.41
C05 C14 IC . -26.46 -6.99 32.46
C06 C14 IC . -27.75 -7.61 31.93
C07 C14 IC . -28.34 -8.55 32.98
C08 C14 IC . -29.70 -9.04 32.53
C09 C14 IC . -30.79 -8.08 33.02
C10 C14 IC . -32.17 -8.66 32.72
C11 C14 IC . -33.24 -7.82 33.40
C12 C14 IC . -34.63 -8.23 32.90
C13 C14 IC . -35.35 -9.07 33.97
C14 C14 IC . -36.83 -9.16 33.61
H021 C14 IC . -23.96 -3.41 31.35
H022 C14 IC . -24.67 -4.25 30.22
H031 C14 IC . -24.20 -5.63 32.60
H032 C14 IC . -25.33 -4.52 32.68
H041 C14 IC . -26.54 -5.55 30.98
H042 C14 IC . -25.38 -6.60 30.75
H051 C14 IC . -25.83 -7.70 32.68
H052 C14 IC . -26.65 -6.48 33.26
H061 C14 IC . -28.38 -6.90 31.73
H062 C14 IC . -27.55 -8.11 31.12
H071 C14 IC . -28.42 -8.08 33.82
H072 C14 IC . -27.75 -9.31 33.09
H081 C14 IC . -29.73 -9.09 31.56
H082 C14 IC . -29.87 -9.92 32.90
H091 C14 IC . -30.69 -7.23 32.56
H092 C14 IC . -30.70 -7.95 33.97
H101 C14 IC . -32.31 -8.66 31.75
H102 C14 IC . -32.22 -9.58 33.04
H111 C14 IC . -33.19 -7.96 34.36
H112 C14 IC . -33.09 -6.88 33.20
H121 C14 IC . -34.54 -8.75 32.09
H122 C14 IC . -35.15 -7.43 32.72
H131 C14 IC . -35.24 -8.65 34.83
H132 C14 IC . -34.97 -9.96 33.99
H141 C14 IC . -36.94 -9.58 32.75
H142 C14 IC . -37.29 -9.69 34.29
H143 C14 IC . -37.21 -8.27 33.59
C01 C14 JC . -45.79 -3.84 25.08
C02 C14 JC . -47.13 -3.63 25.78
C03 C14 JC . -47.19 -2.22 26.36
C04 C14 JC . -48.51 -2.01 27.08
C05 C14 JC . -49.64 -1.80 26.07
C06 C14 JC . -50.94 -1.51 26.82
C07 C14 JC . -52.14 -1.77 25.91
C08 C14 JC . -53.41 -1.45 26.67
C09 C14 JC . -54.63 -1.74 25.79
C10 C14 JC . -54.84 -3.24 25.65
C11 C14 JC . -56.32 -3.51 25.42
C12 C14 JC . -56.56 -5.02 25.23
C13 C14 JC . -57.33 -5.57 26.42
C14 C14 JC . -57.60 -7.06 26.21
H021 C14 JC . -47.22 -4.27 26.50
H022 C14 JC . -47.86 -3.75 25.14
H031 C14 JC . -46.46 -2.09 26.98
H032 C14 JC . -47.11 -1.58 25.63
H041 C14 JC . -48.45 -1.23 27.65
H042 C14 JC . -48.71 -2.79 27.63
H051 C14 JC . -49.42 -1.05 25.49
H052 C14 JC . -49.75 -2.60 25.54
H061 C14 JC . -51.00 -2.09 27.59
H062 C14 JC . -50.94 -0.58 27.10
H071 C14 JC . -52.07 -1.21 25.12
H072 C14 JC . -52.14 -2.70 25.63
H081 C14 JC . -53.41 -0.51 26.91
H082 C14 JC . -53.46 -1.98 27.47
H091 C14 JC . -54.50 -1.34 24.92
H092 C14 JC . -55.43 -1.34 26.20
H101 C14 JC . -54.55 -3.69 26.45
H102 C14 JC . -54.33 -3.56 24.89
H111 C14 JC . -56.62 -3.05 24.63
H112 C14 JC . -56.83 -3.21 26.19
H121 C14 JC . -55.70 -5.47 25.17
H122 C14 JC . -57.06 -5.17 24.42
H131 C14 JC . -56.82 -5.45 27.23
H132 C14 JC . -58.18 -5.10 26.51
H141 C14 JC . -58.12 -7.18 25.40
H142 C14 JC . -56.75 -7.53 26.13
H143 C14 JC . -58.10 -7.41 26.97
C01 C14 KC . -46.06 -1.53 30.00
C02 C14 KC . -46.03 -2.43 31.24
C03 C14 KC . -47.39 -2.43 31.92
C04 C14 KC . -48.39 -3.25 31.10
C05 C14 KC . -49.79 -3.09 31.67
C06 C14 KC . -50.77 -3.95 30.86
C07 C14 KC . -52.16 -3.33 30.85
C08 C14 KC . -52.98 -3.89 32.00
C09 C14 KC . -54.45 -3.48 31.87
C10 C14 KC . -55.13 -4.28 30.75
C11 C14 KC . -56.63 -4.02 30.76
C12 C14 KC . -57.38 -5.34 30.91
C13 C14 KC . -58.87 -5.11 30.65
C14 C14 KC . -59.57 -6.46 30.45
H021 C14 KC . -45.80 -3.33 30.96
H022 C14 KC . -45.36 -2.10 31.84
H031 C14 KC . -47.72 -1.53 32.01
H032 C14 KC . -47.30 -2.83 32.80
H041 C14 KC . -48.38 -2.94 30.19
H042 C14 KC . -48.14 -4.19 31.14
H051 C14 KC . -50.05 -2.16 31.62
H052 C14 KC . -49.81 -3.37 32.59
H061 C14 KC . -50.81 -4.83 31.24
H062 C14 KC . -50.44 -4.01 29.94
H071 C14 KC . -52.11 -2.36 30.94
H072 C14 KC . -52.60 -3.54 30.01
H081 C14 KC . -52.64 -3.55 32.85
H082 C14 KC . -52.92 -4.86 32.00
H091 C14 KC . -54.50 -2.53 31.65
H092 C14 KC . -54.91 -3.65 32.70
H101 C14 KC . -54.96 -5.22 30.87
H102 C14 KC . -54.76 -4.00 29.89
H111 C14 KC . -56.89 -3.59 29.94
H112 C14 KC . -56.85 -3.44 31.51
H121 C14 KC . -57.04 -5.98 30.27
H122 C14 KC . -57.26 -5.68 31.80
H131 C14 KC . -58.99 -4.57 29.84
H132 C14 KC . -59.26 -4.65 31.40
H141 C14 KC . -59.18 -6.92 29.69
H142 C14 KC . -60.52 -6.31 30.29
H143 C14 KC . -59.46 -7.00 31.25
C02 C14 LC . -43.09 -6.63 26.78
C03 C14 LC . -43.92 -5.74 27.71
C04 C14 LC . -44.52 -6.58 28.84
C05 C14 LC . -45.63 -7.47 28.30
C06 C14 LC . -46.26 -8.27 29.45
C07 C14 LC . -47.77 -8.04 29.49
C08 C14 LC . -48.45 -9.22 30.18
C09 C14 LC . -49.79 -8.75 30.77
C10 C14 LC . -50.82 -9.88 30.71
C11 C14 LC . -52.21 -9.28 30.94
C12 C14 LC . -53.17 -10.33 31.51
C13 C14 LC . -53.25 -11.54 30.58
C14 C14 LC . -54.47 -12.39 30.96
H022 C14 LC . -43.67 -7.15 26.22
H031 C14 LC . -43.37 -5.04 28.08
H032 C14 LC . -44.64 -5.33 27.20
H041 C14 LC . -43.82 -7.13 29.23
H042 C14 LC . -44.88 -5.99 29.52
H051 C14 LC . -45.26 -8.09 27.65
H052 C14 LC . -46.31 -6.92 27.88
H061 C14 LC . -46.08 -9.22 29.32
H062 C14 LC . -45.87 -7.98 30.28
H071 C14 LC . -47.96 -7.22 29.97
H072 C14 LC . -48.11 -7.96 28.59
H081 C14 LC . -47.89 -9.54 30.90
H082 C14 LC . -48.60 -9.93 29.55
H091 C14 LC . -49.66 -8.48 31.69
H092 C14 LC . -50.12 -8.00 30.25
H101 C14 LC . -50.63 -10.53 31.41
H102 C14 LC . -50.79 -10.31 29.85
H111 C14 LC . -52.14 -8.54 31.57
H112 C14 LC . -52.55 -8.95 30.09
H121 C14 LC . -52.85 -10.62 32.38
H122 C14 LC . -54.06 -9.94 31.59
H131 C14 LC . -52.45 -12.08 30.68
H132 C14 LC . -53.34 -11.25 29.66
H141 C14 LC . -54.51 -13.16 30.37
H142 C14 LC . -55.28 -11.86 30.86
H143 C14 LC . -54.39 -12.68 31.87
C01 C14 MC . -41.23 -10.19 32.95
C02 C14 MC . -41.89 -11.48 33.41
C03 C14 MC . -43.23 -11.66 32.71
C04 C14 MC . -44.28 -10.73 33.34
C05 C14 MC . -45.64 -10.97 32.71
C06 C14 MC . -46.50 -11.84 33.62
C07 C14 MC . -47.13 -10.99 34.72
C08 C14 MC . -47.51 -11.84 35.92
C09 C14 MC . -48.74 -12.69 35.59
C10 C14 MC . -50.01 -11.85 35.68
C11 C14 MC . -50.94 -12.16 34.51
C12 C14 MC . -52.39 -12.12 34.97
C13 C14 MC . -52.75 -13.42 35.71
C14 C14 MC . -53.96 -13.18 36.61
H021 C14 MC . -42.03 -11.45 34.37
H022 C14 MC . -41.32 -12.23 33.19
H031 C14 MC . -43.14 -11.45 31.77
H032 C14 MC . -43.53 -12.58 32.81
H041 C14 MC . -44.33 -10.90 34.29
H042 C14 MC . -44.02 -9.81 33.19
H051 C14 MC . -46.09 -10.12 32.57
H052 C14 MC . -45.53 -11.42 31.85
H061 C14 MC . -47.20 -12.26 33.10
H062 C14 MC . -45.95 -12.53 34.02
H071 C14 MC . -47.92 -10.55 34.37
H072 C14 MC . -46.49 -10.31 35.00
H081 C14 MC . -46.77 -12.43 36.15
H082 C14 MC . -47.71 -11.27 36.68
H091 C14 MC . -48.80 -13.42 36.23
H092 C14 MC . -48.65 -13.05 34.70
H101 C14 MC . -50.47 -12.02 36.52
H102 C14 MC . -49.77 -10.90 35.65
H111 C14 MC . -50.81 -11.50 33.81
H112 C14 MC . -50.74 -13.05 34.17
H121 C14 MC . -52.53 -11.37 35.56
H122 C14 MC . -52.97 -12.03 34.20
H131 C14 MC . -52.95 -14.10 35.07
H132 C14 MC . -51.99 -13.69 36.25
H141 C14 MC . -54.71 -12.89 36.07
H142 C14 MC . -54.18 -13.99 37.08
H143 C14 MC . -53.74 -12.49 37.26
C01 C14 NC . -40.06 -10.81 7.50
C02 C14 NC . -41.02 -9.68 7.81
C03 C14 NC . -40.25 -8.38 8.03
C04 C14 NC . -39.73 -7.82 6.70
C05 C14 NC . -40.86 -7.11 5.95
C06 C14 NC . -41.23 -5.79 6.63
C07 C14 NC . -42.06 -4.95 5.68
C08 C14 NC . -42.69 -3.77 6.43
C09 C14 NC . -44.12 -4.12 6.86
C10 C14 NC . -44.89 -2.82 7.13
C11 C14 NC . -46.37 -3.13 7.32
C12 C14 NC . -47.20 -1.95 6.85
C13 C14 NC . -48.64 -2.08 7.36
C14 C14 NC . -49.55 -1.14 6.58
H021 C14 NC . -41.52 -9.89 8.62
H022 C14 NC . -41.63 -9.57 7.08
H031 C14 NC . -39.49 -8.55 8.62
H032 C14 NC . -40.83 -7.73 8.45
H041 C14 NC . -39.02 -7.19 6.88
H042 C14 NC . -39.40 -8.55 6.16
H051 C14 NC . -40.56 -6.92 5.04
H052 C14 NC . -41.65 -7.67 5.92
H061 C14 NC . -41.73 -5.96 7.44
H062 C14 NC . -40.41 -5.31 6.86
H071 C14 NC . -42.77 -5.50 5.29
H072 C14 NC . -41.50 -4.61 4.97
H081 C14 NC . -42.16 -3.56 7.21
H082 C14 NC . -42.71 -2.99 5.85
H091 C14 NC . -44.56 -4.62 6.17
H092 C14 NC . -44.08 -4.65 7.68
H101 C14 NC . -44.78 -2.23 6.37
H102 C14 NC . -44.54 -2.40 7.93
H111 C14 NC . -46.54 -3.29 8.27
H112 C14 NC . -46.60 -3.92 6.82
H121 C14 NC . -47.20 -1.92 5.88
H122 C14 NC . -46.82 -1.12 7.20
H131 C14 NC . -48.94 -3.00 7.22
H132 C14 NC . -48.67 -1.87 8.30
H141 C14 NC . -49.26 -0.23 6.72
H142 C14 NC . -49.52 -1.35 5.64
H143 C14 NC . -50.46 -1.23 6.92
C01 C14 OC . -37.74 -1.43 7.67
C02 C14 OC . -38.20 0.00 7.36
C03 C14 OC . -39.21 0.46 8.41
C04 C14 OC . -40.58 -0.15 8.11
C05 C14 OC . -41.58 0.26 9.19
C06 C14 OC . -41.34 -0.55 10.46
C07 C14 OC . -42.50 -1.54 10.68
C08 C14 OC . -43.73 -0.80 11.20
C09 C14 OC . -44.70 -1.80 11.82
C10 C14 OC . -46.05 -1.13 12.08
C11 C14 OC . -46.47 -1.33 13.54
C12 C14 OC . -46.72 -2.80 13.85
C13 C14 OC . -47.33 -2.93 15.24
C14 C14 OC . -47.05 -4.33 15.81
H021 C14 OC . -38.60 0.02 6.48
H022 C14 OC . -37.43 0.59 7.38
H031 C14 OC . -39.27 1.43 8.38
H032 C14 OC . -38.92 0.18 9.28
H041 C14 OC . -40.88 0.17 7.25
H042 C14 OC . -40.50 -1.11 8.09
H051 C14 OC . -42.47 0.10 8.86
H052 C14 OC . -41.47 1.21 9.38
H061 C14 OC . -40.51 -1.05 10.38
H062 C14 OC . -41.28 0.04 11.21
H071 C14 OC . -42.72 -1.96 9.84
H072 C14 OC . -42.23 -2.21 11.32
H081 C14 OC . -43.46 -0.15 11.88
H082 C14 OC . -44.17 -0.33 10.47
H091 C14 OC . -44.82 -2.55 11.21
H092 C14 OC . -44.33 -2.13 12.66
H101 C14 OC . -45.98 -0.19 11.89
H102 C14 OC . -46.72 -1.53 11.50
H111 C14 OC . -45.77 -0.99 14.12
H112 C14 OC . -47.29 -0.83 13.70
H121 C14 OC . -45.88 -3.28 13.82
H122 C14 OC . -47.32 -3.17 13.19
H131 C14 OC . -46.93 -2.26 15.83
H132 C14 OC . -48.28 -2.79 15.19
H141 C14 OC . -47.45 -4.39 16.70
H142 C14 OC . -46.09 -4.47 15.87
H143 C14 OC . -47.45 -4.99 15.23
C1 PTY PC . -65.03 -1.52 3.26
C2 PTY PC . -70.99 -0.96 6.78
C3 PTY PC . -70.58 -1.20 5.33
O4 PTY PC . -64.28 -0.84 4.22
C5 PTY PC . -67.44 -0.93 2.74
C6 PTY PC . -65.97 -0.52 2.61
O7 PTY PC . -65.67 -0.45 1.24
C8 PTY PC . -66.28 0.62 0.56
O10 PTY PC . -67.25 1.13 1.00
C11 PTY PC . -65.68 1.11 -0.75
C12 PTY PC . -64.20 1.47 -0.63
C13 PTY PC . -63.31 0.51 -1.42
C14 PTY PC . -62.49 -0.39 -0.50
C30 PTY PC . -62.93 -0.69 3.88
C31 PTY PC . -61.84 -1.26 4.78
O30 PTY PC . -62.64 -0.11 2.89
C32 PTY PC . -60.58 -1.60 3.99
C33 PTY PC . -59.37 -1.82 4.89
C34 PTY PC . -58.07 -2.12 4.14
C35 PTY PC . -57.91 -1.36 2.83
C36 PTY PC . -56.68 -0.45 2.82
C37 PTY PC . -55.38 -1.23 2.66
C38 PTY PC . -54.16 -0.39 3.09
C39 PTY PC . -54.35 0.22 4.47
C40 PTY PC . -53.03 0.62 5.12
C41 PTY PC . -53.17 0.87 6.62
C42 PTY PC . -54.06 2.07 6.93
P1 PTY PC . -69.81 0.09 3.18
O11 PTY PC . -70.38 0.05 4.73
O12 PTY PC . -70.23 -1.16 2.45
O13 PTY PC . -70.36 1.30 2.47
O14 PTY PC . -68.17 0.17 3.21
N1 PTY PC . -71.68 -2.12 7.30
HC11 PTY PC . -65.53 -2.25 3.68
HC12 PTY PC . -64.44 -1.88 2.58
HC21 PTY PC . -71.54 -0.18 6.86
HC22 PTY PC . -70.19 -0.88 7.32
HC31 PTY PC . -69.76 -1.72 5.30
HC32 PTY PC . -71.29 -1.67 4.87
HC51 PTY PC . -67.78 -1.20 1.87
HC52 PTY PC . -67.53 -1.66 3.37
HC6 PTY PC . -65.85 0.36 3.01
H111 PTY PC . -65.80 0.43 -1.43
H112 PTY PC . -66.16 1.91 -1.03
H121 PTY PC . -63.94 1.44 0.31
H122 PTY PC . -64.06 2.37 -0.96
H131 PTY PC . -62.70 1.03 -1.97
H132 PTY PC . -63.85 -0.06 -1.99
H141 PTY PC . -62.10 0.13 0.22
H142 PTY PC . -63.05 -1.09 -0.12
H311 PTY PC . -61.62 -0.60 5.46
H312 PTY PC . -62.18 -2.06 5.20
H321 PTY PC . -60.42 -0.85 3.40
H322 PTY PC . -60.73 -2.39 3.45
H331 PTY PC . -59.23 -1.03 5.43
H332 PTY PC . -59.56 -2.58 5.48
H341 PTY PC . -58.03 -3.08 3.95
H342 PTY PC . -57.32 -1.90 4.73
H351 PTY PC . -57.81 -2.01 2.11
H352 PTY PC . -58.66 -0.80 2.62
H361 PTY PC . -56.76 0.17 2.09
H362 PTY PC . -56.69 0.04 3.65
H371 PTY PC . -55.27 -1.48 1.73
H372 PTY PC . -55.41 -2.03 3.20
H381 PTY PC . -53.38 -0.96 3.10
H382 PTY PC . -54.03 0.32 2.44
H391 PTY PC . -54.91 1.01 4.38
H392 PTY PC . -54.81 -0.42 5.04
H401 PTY PC . -52.38 -0.09 4.97
H402 PTY PC . -52.71 1.43 4.70
H411 PTY PC . -53.56 0.08 7.03
H412 PTY PC . -52.29 1.02 6.99
H421 PTY PC . -54.23 2.11 7.88
H422 PTY PC . -53.62 2.88 6.63
HN12 PTY PC . -71.55 -2.18 8.18
CAA Y01 QC . -60.47 6.22 -6.26
CBA Y01 QC . -59.36 5.72 -5.33
CAB Y01 QC . -57.99 5.91 -6.03
CAN Y01 QC . -59.59 4.24 -5.00
CAJ Y01 QC . -58.43 3.66 -4.12
CAO Y01 QC . -58.44 4.34 -2.69
CBB Y01 QC . -59.62 3.97 -1.76
CAC Y01 QC . -59.72 2.43 -1.65
CBE Y01 QC . -59.46 4.72 -0.42
CAP Y01 QC . -60.20 6.09 -0.38
CAQ Y01 QC . -60.42 6.39 1.11
CBG Y01 QC . -59.70 5.27 1.88
CBI Y01 QC . -59.88 4.07 0.93
CAE Y01 QC . -61.33 3.62 0.88
CAU Y01 QC . -58.98 2.95 1.44
CAS Y01 QC . -59.27 2.62 2.90
CBF Y01 QC . -59.15 3.83 3.83
CBD Y01 QC . -60.06 4.97 3.35
CAK Y01 QC . -59.86 6.20 4.22
CAI Y01 QC . -59.57 5.90 5.66
CAZ Y01 QC . -59.26 4.71 6.16
CAV Y01 QC . -58.23 4.70 7.26
CBH Y01 QC . -59.40 3.47 5.33
CAD Y01 QC . -60.79 2.86 5.51
CAT Y01 QC . -58.34 2.47 5.77
CAR Y01 QC . -58.41 2.17 7.25
CBC Y01 QC . -58.16 3.40 8.06
OAW Y01 QC . -59.10 3.44 9.17
CAY Y01 QC . -58.85 2.54 10.12
OAG Y01 QC . -59.47 1.55 10.26
CAM Y01 QC . -57.68 2.90 10.99
CAL Y01 QC . -57.54 1.94 12.17
CAX Y01 QC . -58.52 2.19 13.28
OAH Y01 QC . -58.21 1.93 14.48
OAF Y01 QC . -59.65 2.68 13.01
HAA1 Y01 QC . -61.33 5.97 -5.91
HAA2 Y01 QC . -60.36 5.82 -7.14
HAA3 Y01 QC . -60.42 7.19 -6.34
HBA Y01 QC . -59.37 6.24 -4.52
HAB1 Y01 QC . -57.28 5.96 -5.36
HAB2 Y01 QC . -58.00 6.73 -6.55
HAB3 Y01 QC . -57.82 5.16 -6.63
HAN1 Y01 QC . -59.64 3.74 -5.83
HAN2 Y01 QC . -60.43 4.15 -4.53
HAJ1 Y01 QC . -58.56 2.70 -4.03
HAJ2 Y01 QC . -57.58 3.82 -4.55
HAO1 Y01 QC . -57.62 4.08 -2.23
HAO2 Y01 QC . -58.42 5.31 -2.80
HBB Y01 QC . -60.44 4.29 -2.18
HAC1 Y01 QC . -58.86 2.07 -1.37
HAC2 Y01 QC . -59.96 2.05 -2.51
HAC3 Y01 QC . -60.40 2.17 -1.01
HBE Y01 QC . -58.52 4.93 -0.35
HAP1 Y01 QC . -61.05 6.03 -0.85
HAP2 Y01 QC . -59.65 6.78 -0.78
HAQ1 Y01 QC . -61.36 6.38 1.32
HAQ2 Y01 QC . -60.03 7.25 1.34
HBG Y01 QC . -58.76 5.49 1.88
HBD Y01 QC . -60.99 4.68 3.40
HAE1 Y01 QC . -61.68 3.77 -0.02
HAE2 Y01 QC . -61.85 4.13 1.51
HAE3 Y01 QC . -61.38 2.68 1.09
HAU1 Y01 QC . -59.13 2.15 0.91
HAU2 Y01 QC . -58.05 3.22 1.36
HAS1 Y01 QC . -60.17 2.25 2.96
HAS2 Y01 QC . -58.63 1.94 3.17
HBF Y01 QC . -58.24 4.16 3.76
HAK1 Y01 QC . -60.68 6.73 4.18
HAK2 Y01 QC . -59.13 6.71 3.85
HAI Y01 QC . -60.35 6.21 6.15
HAV1 Y01 QC . -58.42 5.42 7.89
HAV2 Y01 QC . -57.36 4.85 6.87
HBC Y01 QC . -57.26 3.33 8.41
HAD1 Y01 QC . -60.85 2.02 5.03
HAD2 Y01 QC . -60.97 2.70 6.45
HAD3 Y01 QC . -61.46 3.47 5.17
HAT1 Y01 QC . -58.47 1.64 5.29
HAT2 Y01 QC . -57.46 2.82 5.56
HAR1 Y01 QC . -57.74 1.51 7.48
HAR2 Y01 QC . -59.29 1.82 7.47
HAM1 Y01 QC . -57.79 3.80 11.32
HAM2 Y01 QC . -56.88 2.85 10.45
HAL1 Y01 QC . -57.66 1.03 11.86
HAL2 Y01 QC . -56.64 2.02 12.53
CAA Y01 RC . -48.65 -8.41 10.01
CBA Y01 RC . -49.78 -7.36 9.94
CAB Y01 RC . -50.65 -7.65 8.69
CAN Y01 RC . -49.19 -5.95 9.87
CAJ Y01 RC . -50.24 -4.87 9.46
CAO Y01 RC . -51.43 -4.82 10.52
CBB Y01 RC . -51.36 -3.69 11.58
CAC Y01 RC . -49.89 -3.51 12.05
CBE Y01 RC . -51.98 -2.37 11.07
CAP Y01 RC . -53.39 -2.56 10.41
CAQ Y01 RC . -54.11 -1.23 10.62
CBG Y01 RC . -53.08 -0.26 11.21
CBI Y01 RC . -52.20 -1.19 12.07
CAE Y01 RC . -52.96 -1.69 13.29
CAU Y01 RC . -50.99 -0.37 12.50
CAS Y01 RC . -51.39 0.88 13.27
CBF Y01 RC . -52.38 1.79 12.52
CBD Y01 RC . -53.55 1.00 11.92
CAK Y01 RC . -54.26 1.89 10.90
CAI Y01 RC . -54.26 3.32 11.33
CAZ Y01 RC . -53.90 3.76 12.52
CAV Y01 RC . -53.93 5.25 12.72
CBH Y01 RC . -52.89 2.98 13.35
CAD Y01 RC . -53.52 2.46 14.66
CAT Y01 RC . -51.78 3.94 13.69
CAR Y01 RC . -52.24 5.11 14.57
CBC Y01 RC . -53.58 5.63 14.14
OAW Y01 RC . -54.58 5.14 15.06
CAY Y01 RC . -55.73 5.82 15.11
OAG Y01 RC . -56.08 6.59 14.28
CAM Y01 RC . -56.54 5.49 16.32
CAL Y01 RC . -57.78 6.39 16.41
CAX Y01 RC . -58.78 6.18 15.31
OAH Y01 RC . -59.91 6.77 15.35
OAF Y01 RC . -58.50 5.42 14.35
HAA1 Y01 RC . -49.02 -9.27 10.22
HAA2 Y01 RC . -48.01 -8.14 10.69
HAA3 Y01 RC . -48.20 -8.45 9.15
HBA Y01 RC . -50.33 -7.45 10.73
HAB1 Y01 RC . -51.52 -7.25 8.81
HAB2 Y01 RC . -50.22 -7.27 7.90
HAB3 Y01 RC . -50.74 -8.61 8.57
HAN1 Y01 RC . -48.47 -5.94 9.22
HAN2 Y01 RC . -48.81 -5.73 10.74
HAJ1 Y01 RC . -49.80 -4.01 9.43
HAJ2 Y01 RC . -50.60 -5.08 8.58
HAO1 Y01 RC . -51.45 -5.66 10.99
HAO2 Y01 RC . -52.26 -4.75 10.02
HBB Y01 RC . -51.87 -3.98 12.34
HAC1 Y01 RC . -49.88 -3.01 12.89
HAC2 Y01 RC . -49.38 -3.04 11.38
HAC3 Y01 RC . -49.50 -4.39 12.22
HBE Y01 RC . -51.40 -2.03 10.37
HAP1 Y01 RC . -53.29 -2.75 9.46
HAP2 Y01 RC . -53.87 -3.28 10.86
HAQ1 Y01 RC . -54.85 -1.34 11.23
HAQ2 Y01 RC . -54.43 -0.89 9.77
HBG Y01 RC . -52.52 0.03 10.47
HBD Y01 RC . -54.18 0.75 12.62
HAE1 Y01 RC . -52.33 -2.11 13.90
HAE2 Y01 RC . -53.62 -2.35 13.03
HAE3 Y01 RC . -53.39 -0.95 13.74
HAU1 Y01 RC . -50.43 -0.91 13.07
HAU2 Y01 RC . -50.48 -0.11 11.71
HAS1 Y01 RC . -50.58 1.39 13.45
HAS2 Y01 RC . -51.78 0.60 14.11
HBF Y01 RC . -51.88 2.16 11.77
HAK1 Y01 RC . -55.17 1.58 10.80
HAK2 Y01 RC . -53.79 1.81 10.06
HAI Y01 RC . -53.68 3.78 10.70
HAV1 Y01 RC . -53.29 5.66 12.13
HAV2 Y01 RC . -54.81 5.58 12.51
HBC Y01 RC . -53.55 6.59 14.20
HAD1 Y01 RC . -54.33 2.93 14.88
HAD2 Y01 RC . -52.88 2.58 15.38
HAD3 Y01 RC . -53.71 1.52 14.57
HAT1 Y01 RC . -51.08 3.46 14.17
HAT2 Y01 RC . -51.41 4.29 12.87
HAR1 Y01 RC . -52.29 4.80 15.48
HAR2 Y01 RC . -51.59 5.82 14.49
HAM1 Y01 RC . -55.99 5.63 17.11
HAM2 Y01 RC . -56.81 4.57 16.28
HAL1 Y01 RC . -57.49 7.32 16.38
HAL2 Y01 RC . -58.21 6.22 17.25
C02 C14 SC . 25.92 -18.80 -18.27
C03 C14 SC . 26.59 -17.43 -18.28
C04 C14 SC . 28.03 -17.57 -18.75
C05 C14 SC . 28.76 -16.23 -18.59
C06 C14 SC . 30.18 -16.49 -18.12
C07 C14 SC . 30.97 -15.18 -18.09
C08 C14 SC . 32.41 -15.46 -17.68
C09 C14 SC . 33.13 -14.15 -17.36
C10 C14 SC . 34.59 -14.43 -17.06
C11 C14 SC . 35.24 -13.17 -16.48
C12 C14 SC . 36.71 -13.42 -16.18
C13 C14 SC . 37.53 -13.43 -17.48
H022 C14 SC . 25.94 -19.19 -19.16
H031 C14 SC . 26.11 -16.85 -18.87
H032 C14 SC . 26.57 -17.07 -17.38
H041 C14 SC . 28.48 -18.24 -18.22
H042 C14 SC . 28.05 -17.83 -19.68
H051 C14 SC . 28.78 -15.77 -19.45
H052 C14 SC . 28.29 -15.69 -17.93
H061 C14 SC . 30.62 -17.11 -18.72
H062 C14 SC . 30.17 -16.87 -17.22
H071 C14 SC . 30.95 -14.77 -18.96
H072 C14 SC . 30.57 -14.57 -17.44
H081 C14 SC . 32.87 -15.91 -18.41
H082 C14 SC . 32.42 -16.03 -16.90
H091 C14 SC . 32.71 -13.74 -16.59
H092 C14 SC . 33.06 -13.55 -18.12
H101 C14 SC . 34.66 -15.15 -16.41
H102 C14 SC . 35.05 -14.68 -17.88
H111 C14 SC . 34.78 -12.92 -15.67
H112 C14 SC . 35.16 -12.45 -17.12
H121 C14 SC . 37.05 -12.73 -15.60
H122 C14 SC . 36.81 -14.28 -15.75
H131 C14 SC . 38.46 -13.53 -17.27
H132 C14 SC . 37.23 -14.16 -18.04
C01 C14 TC . 27.47 -20.71 -15.04
C02 C14 TC . 28.73 -20.26 -15.77
C03 C14 TC . 29.90 -20.25 -14.79
C04 C14 TC . 31.16 -19.78 -15.49
C05 C14 TC . 32.33 -19.75 -14.50
C06 C14 TC . 33.59 -19.26 -15.20
C07 C14 TC . 34.63 -18.84 -14.16
C08 C14 TC . 36.02 -18.85 -14.78
C09 C14 TC . 37.04 -18.31 -13.76
C10 C14 TC . 38.45 -18.38 -14.35
C11 C14 TC . 39.47 -18.41 -13.21
C12 C14 TC . 40.87 -18.13 -13.76
C13 C14 TC . 41.91 -18.35 -12.65
C14 C14 TC . 42.81 -17.13 -12.52
H021 C14 TC . 28.92 -20.88 -16.49
H022 C14 TC . 28.60 -19.36 -16.13
H031 C14 TC . 29.70 -19.64 -14.06
H032 C14 TC . 30.04 -21.14 -14.44
H041 C14 TC . 31.03 -18.88 -15.84
H042 C14 TC . 31.38 -20.38 -16.22
H051 C14 TC . 32.11 -19.14 -13.77
H052 C14 TC . 32.47 -20.64 -14.15
H061 C14 TC . 33.39 -18.50 -15.76
H062 C14 TC . 33.96 -19.97 -15.75
H071 C14 TC . 34.61 -19.46 -13.41
H072 C14 TC . 34.43 -17.94 -13.83
H081 C14 TC . 36.26 -19.75 -15.02
H082 C14 TC . 36.03 -18.28 -15.56
H091 C14 TC . 36.83 -17.38 -13.56
H092 C14 TC . 37.00 -18.84 -12.96
H101 C14 TC . 38.53 -19.19 -14.89
H102 C14 TC . 38.61 -17.60 -14.90
H111 C14 TC . 39.46 -19.29 -12.79
H112 C14 TC . 39.24 -17.74 -12.55
H121 C14 TC . 41.06 -18.73 -14.49
H122 C14 TC . 40.92 -17.22 -14.07
H131 C14 TC . 42.44 -19.13 -12.87
H132 C14 TC . 41.45 -18.51 -11.81
H141 C14 TC . 43.56 -17.34 -11.95
H142 C14 TC . 42.31 -16.39 -12.14
H143 C14 TC . 43.12 -16.87 -13.40
C01 C14 UC . 29.45 -21.44 -21.84
C02 C14 UC . 30.13 -20.14 -22.28
C03 C14 UC . 31.53 -20.06 -21.68
C04 C14 UC . 32.25 -18.84 -22.22
C05 C14 UC . 33.72 -18.85 -21.82
C06 C14 UC . 33.85 -18.87 -20.29
C07 C14 UC . 34.95 -17.92 -19.83
C08 C14 UC . 36.33 -18.52 -20.10
C09 C14 UC . 37.26 -18.22 -18.92
C10 C14 UC . 38.68 -17.88 -19.39
C11 C14 UC . 39.19 -16.68 -18.61
C12 C14 UC . 40.54 -16.24 -19.14
C13 C14 UC . 40.97 -14.93 -18.47
C14 C14 UC . 42.31 -14.48 -19.03
H021 C14 UC . 29.61 -19.39 -21.98
H022 C14 UC . 30.19 -20.12 -23.25
H031 C14 UC . 32.02 -20.87 -21.91
H032 C14 UC . 31.46 -20.00 -20.72
H041 C14 UC . 32.18 -18.83 -23.20
H042 C14 UC . 31.83 -18.04 -21.87
H051 C14 UC . 34.15 -19.65 -22.18
H052 C14 UC . 34.16 -18.06 -22.17
H061 C14 UC . 34.05 -19.76 -20.00
H062 C14 UC . 33.01 -18.58 -19.91
H071 C14 UC . 34.88 -17.07 -20.31
H072 C14 UC . 34.84 -17.76 -18.88
H081 C14 UC . 36.69 -18.14 -20.92
H082 C14 UC . 36.25 -19.48 -20.21
H091 C14 UC . 37.30 -18.98 -18.34
H092 C14 UC . 36.92 -17.46 -18.43
H101 C14 UC . 39.26 -18.65 -19.23
H102 C14 UC . 38.67 -17.66 -20.34
H111 C14 UC . 38.56 -15.95 -18.69
H112 C14 UC . 39.28 -16.92 -17.67
H121 C14 UC . 40.48 -16.10 -20.10
H122 C14 UC . 41.20 -16.92 -18.96
H131 C14 UC . 41.06 -15.08 -17.51
H132 C14 UC . 40.30 -14.25 -18.63
H141 C14 UC . 42.98 -15.16 -18.88
H142 C14 UC . 42.22 -14.33 -20.00
H143 C14 UC . 42.58 -13.65 -18.61
C01 C14 VC . 30.08 -23.67 -19.52
C02 C14 VC . 30.63 -24.64 -18.48
C03 C14 VC . 31.05 -23.85 -17.24
C04 C14 VC . 31.39 -24.82 -16.11
C05 C14 VC . 32.43 -24.19 -15.18
C06 C14 VC . 33.83 -24.47 -15.72
C07 C14 VC . 34.81 -23.40 -15.24
C08 C14 VC . 36.18 -24.02 -14.97
C09 C14 VC . 37.26 -22.94 -15.03
C10 C14 VC . 38.62 -23.60 -14.83
C11 C14 VC . 39.71 -22.53 -14.76
C12 C14 VC . 41.04 -23.20 -14.41
C13 C14 VC . 42.18 -22.19 -14.56
C14 C14 VC . 43.49 -22.81 -14.08
H021 C14 VC . 31.40 -25.11 -18.84
H022 C14 VC . 29.94 -25.28 -18.24
H031 C14 VC . 31.82 -23.31 -17.45
H032 C14 VC . 30.32 -23.27 -16.96
H041 C14 VC . 31.75 -25.64 -16.48
H042 C14 VC . 30.60 -25.02 -15.61
H051 C14 VC . 32.34 -24.55 -14.30
H052 C14 VC . 32.28 -23.22 -15.15
H061 C14 VC . 33.82 -24.48 -16.69
H062 C14 VC . 34.13 -25.33 -15.40
H071 C14 VC . 34.88 -22.71 -15.92
H072 C14 VC . 34.46 -23.00 -14.43
H081 C14 VC . 36.17 -24.43 -14.09
H082 C14 VC . 36.35 -24.69 -15.65
H091 C14 VC . 37.24 -22.51 -15.90
H092 C14 VC . 37.10 -22.28 -14.33
H101 C14 VC . 38.80 -24.19 -15.57
H102 C14 VC . 38.61 -24.11 -14.00
H111 C14 VC . 39.48 -21.89 -14.07
H112 C14 VC . 39.78 -22.08 -15.61
H121 C14 VC . 41.19 -23.95 -15.00
H122 C14 VC . 41.02 -23.51 -13.49
H131 C14 VC . 41.99 -21.39 -14.03
H132 C14 VC . 42.26 -21.94 -15.50
H141 C14 VC . 43.41 -23.06 -13.15
H142 C14 VC . 43.68 -23.59 -14.61
H143 C14 VC . 44.21 -22.17 -14.19
C01 C14 WC . 27.23 -24.63 -11.58
C02 C14 WC . 28.43 -24.39 -12.50
C03 C14 WC . 29.45 -25.52 -12.32
C04 C14 WC . 30.52 -25.09 -11.32
C05 C14 WC . 31.45 -26.27 -11.02
C06 C14 WC . 32.76 -25.75 -10.42
C07 C14 WC . 33.67 -26.94 -10.10
C08 C14 WC . 35.04 -26.45 -9.65
C09 C14 WC . 35.95 -26.28 -10.88
C10 C14 WC . 37.37 -25.95 -10.41
C11 C14 WC . 38.32 -26.02 -11.60
C12 C14 WC . 39.69 -25.44 -11.22
C13 C14 WC . 40.69 -26.56 -11.00
C14 C14 WC . 42.11 -25.98 -10.98
H021 C14 WC . 28.13 -24.37 -13.42
H022 C14 WC . 28.85 -23.55 -12.29
H031 C14 WC . 29.00 -26.32 -11.99
H032 C14 WC . 29.86 -25.71 -13.18
H041 C14 WC . 31.04 -24.35 -11.70
H042 C14 WC . 30.10 -24.80 -10.50
H051 C14 WC . 31.02 -26.87 -10.40
H052 C14 WC . 31.64 -26.74 -11.85
H061 C14 WC . 33.20 -25.17 -11.05
H062 C14 WC . 32.57 -25.27 -9.60
H071 C14 WC . 33.76 -27.49 -10.89
H072 C14 WC . 33.27 -27.46 -9.39
H081 C14 WC . 34.94 -25.59 -9.21
H082 C14 WC . 35.43 -27.09 -9.05
H091 C14 WC . 35.62 -25.56 -11.43
H092 C14 WC . 35.96 -27.10 -11.38
H101 C14 WC . 37.38 -25.06 -10.02
H102 C14 WC . 37.64 -26.59 -9.73
H111 C14 WC . 38.42 -26.94 -11.87
H112 C14 WC . 37.95 -25.50 -12.33
H121 C14 WC . 39.60 -24.93 -10.39
H122 C14 WC . 39.99 -24.85 -11.92
H131 C14 WC . 40.63 -27.20 -11.73
H132 C14 WC . 40.51 -27.01 -10.17
H141 C14 WC . 42.18 -25.35 -10.26
H142 C14 WC . 42.75 -26.70 -10.85
H143 C14 WC . 42.29 -25.54 -11.82
C01 C14 XC . 48.53 -14.38 -13.34
C02 C14 XC . 49.89 -14.65 -14.01
C03 C14 XC . 49.71 -14.59 -15.53
C04 C14 XC . 51.05 -14.89 -16.21
C05 C14 XC . 51.96 -13.67 -16.11
C06 C14 XC . 53.26 -13.95 -16.87
C07 C14 XC . 54.35 -12.99 -16.41
C08 C14 XC . 55.62 -13.28 -17.20
C09 C14 XC . 56.75 -12.35 -16.74
C10 C14 XC . 57.25 -12.77 -15.35
C11 C14 XC . 58.71 -12.37 -15.22
C12 C14 XC . 59.23 -12.74 -13.82
C13 C14 XC . 60.25 -13.86 -13.94
C14 C14 XC . 60.79 -14.20 -12.56
H021 C14 XC . 50.20 -15.53 -13.75
H022 C14 XC . 50.52 -13.97 -13.73
H031 C14 XC . 49.06 -15.26 -15.81
H032 C14 XC . 49.41 -13.71 -15.79
H041 C14 XC . 50.90 -15.10 -17.14
H042 C14 XC . 51.47 -15.64 -15.77
H051 C14 XC . 51.52 -12.90 -16.51
H052 C14 XC . 52.17 -13.48 -15.18
H061 C14 XC . 53.54 -14.86 -16.69
H062 C14 XC . 53.10 -13.83 -17.82
H071 C14 XC . 54.07 -12.07 -16.57
H072 C14 XC . 54.52 -13.11 -15.47
H081 C14 XC . 55.46 -13.12 -18.15
H082 C14 XC . 55.88 -14.19 -17.06
H091 C14 XC . 56.43 -11.44 -16.70
H092 C14 XC . 57.48 -12.41 -17.37
H101 C14 XC . 57.16 -13.73 -15.26
H102 C14 XC . 56.72 -12.32 -14.67
H111 C14 XC . 58.80 -11.41 -15.34
H112 C14 XC . 59.24 -12.83 -15.89
H121 C14 XC . 58.49 -13.04 -13.27
H122 C14 XC . 59.64 -11.96 -13.42
H131 C14 XC . 59.83 -14.64 -14.32
H132 C14 XC . 60.98 -13.57 -14.51
H141 C14 XC . 61.21 -13.41 -12.16
H142 C14 XC . 60.06 -14.48 -11.99
H143 C14 XC . 61.45 -14.91 -12.62
C01 C14 YC . 48.97 -17.82 -17.54
C02 C14 YC . 49.28 -19.29 -17.25
C03 C14 YC . 50.69 -19.63 -17.72
C04 C14 YC . 51.73 -19.00 -16.78
C05 C14 YC . 53.13 -19.15 -17.36
C06 C14 YC . 54.14 -18.56 -16.38
C07 C14 YC . 55.36 -18.02 -17.12
C08 C14 YC . 56.44 -19.11 -17.22
C09 C14 YC . 57.75 -18.51 -17.72
C10 C14 YC . 58.42 -17.68 -16.63
C11 C14 YC . 59.82 -17.28 -17.07
C12 C14 YC . 60.85 -17.77 -16.05
C13 C14 YC . 62.21 -17.13 -16.35
C14 C14 YC . 63.14 -17.34 -15.15
H021 C14 YC . 49.22 -19.44 -16.30
H022 C14 YC . 48.65 -19.85 -17.72
H031 C14 YC . 50.83 -19.28 -18.62
H032 C14 YC . 50.81 -20.59 -17.73
H041 C14 YC . 51.53 -18.06 -16.66
H042 C14 YC . 51.69 -19.45 -15.92
H051 C14 YC . 53.17 -18.69 -18.21
H052 C14 YC . 53.33 -20.10 -17.50
H061 C14 YC . 54.42 -19.25 -15.76
H062 C14 YC . 53.73 -17.84 -15.88
H071 C14 YC . 55.11 -17.74 -18.01
H072 C14 YC . 55.72 -17.27 -16.63
H081 C14 YC . 56.14 -19.79 -17.83
H082 C14 YC . 56.58 -19.49 -16.34
H091 C14 YC . 57.57 -17.95 -18.49
H092 C14 YC . 58.34 -19.23 -17.99
H101 C14 YC . 58.47 -18.20 -15.81
H102 C14 YC . 57.89 -16.88 -16.47
H111 C14 YC . 59.88 -16.32 -17.15
H112 C14 YC . 60.01 -17.68 -17.94
H121 C14 YC . 60.56 -17.52 -15.16
H122 C14 YC . 60.92 -18.74 -16.11
H131 C14 YC . 62.09 -16.19 -16.51
H132 C14 YC . 62.59 -17.56 -17.13
H141 C14 YC . 62.76 -16.93 -14.36
H142 C14 YC . 64.00 -16.95 -15.34
H143 C14 YC . 63.26 -18.29 -14.99
C02 C14 ZC . 46.72 -17.55 -11.21
C03 C14 ZC . 47.47 -17.87 -12.51
C04 C14 ZC . 48.38 -19.09 -12.31
C05 C14 ZC . 49.57 -18.73 -11.44
C06 C14 ZC . 50.50 -19.93 -11.29
C07 C14 ZC . 51.92 -19.56 -11.72
C08 C14 ZC . 52.92 -20.51 -11.06
C09 C14 ZC . 54.19 -20.57 -11.90
C10 C14 ZC . 55.42 -20.75 -11.01
C11 C14 ZC . 56.67 -20.43 -11.83
C12 C14 ZC . 57.90 -21.14 -11.26
C13 C14 ZC . 58.11 -20.77 -9.79
C14 C14 ZC . 59.51 -21.19 -9.36
H022 C14 ZC . 47.32 -17.14 -10.58
H031 C14 ZC . 46.84 -18.05 -13.21
H032 C14 ZC . 48.02 -17.10 -12.75
H041 C14 ZC . 47.86 -19.80 -11.89
H042 C14 ZC . 48.68 -19.39 -13.18
H051 C14 ZC . 49.26 -18.46 -10.56
H052 C14 ZC . 50.05 -17.99 -11.84
H061 C14 ZC . 50.51 -20.22 -10.37
H062 C14 ZC . 50.17 -20.66 -11.86
H071 C14 ZC . 51.99 -19.64 -12.68
H072 C14 ZC . 52.11 -18.65 -11.45
H081 C14 ZC . 52.54 -21.40 -10.99
H082 C14 ZC . 53.13 -20.18 -10.17
H091 C14 ZC . 54.13 -21.31 -12.52
H092 C14 ZC . 54.29 -19.74 -12.40
H101 C14 ZC . 55.46 -21.67 -10.69
H102 C14 ZC . 55.37 -20.15 -10.25
H111 C14 ZC . 56.53 -20.72 -12.75
H112 C14 ZC . 56.83 -19.47 -11.82
H121 C14 ZC . 57.77 -22.10 -11.34
H122 C14 ZC . 58.68 -20.88 -11.77
H131 C14 ZC . 57.46 -21.24 -9.25
H132 C14 ZC . 58.01 -19.82 -9.69
H141 C14 ZC . 59.65 -20.96 -8.43
H142 C14 ZC . 60.17 -20.72 -9.92
H143 C14 ZC . 59.62 -22.14 -9.48
C01 C14 AD . 46.50 -24.87 -10.38
C02 C14 AD . 47.47 -25.66 -9.50
C03 C14 AD . 48.72 -24.82 -9.23
C04 C14 AD . 49.62 -24.80 -10.47
C05 C14 AD . 50.90 -24.03 -10.17
C06 C14 AD . 52.04 -25.02 -9.90
C07 C14 AD . 52.61 -25.54 -11.22
C08 C14 AD . 53.32 -26.88 -11.01
C09 C14 AD . 54.65 -26.65 -10.28
C10 C14 AD . 55.71 -26.13 -11.25
C11 C14 AD . 56.52 -25.02 -10.59
C12 C14 AD . 57.99 -25.11 -11.01
C13 C14 AD . 58.70 -26.21 -10.22
C14 C14 AD . 59.94 -26.66 -10.98
H021 C14 AD . 47.72 -26.47 -9.95
H022 C14 AD . 47.04 -25.87 -8.66
H031 C14 AD . 48.45 -23.91 -9.01
H032 C14 AD . 49.21 -25.20 -8.49
H041 C14 AD . 49.83 -25.71 -10.73
H042 C14 AD . 49.15 -24.37 -11.20
H051 C14 AD . 51.13 -23.48 -10.93
H052 C14 AD . 50.77 -23.47 -9.39
H061 C14 AD . 52.73 -24.58 -9.39
H062 C14 AD . 51.70 -25.77 -9.38
H071 C14 AD . 53.24 -24.89 -11.56
H072 C14 AD . 51.89 -25.66 -11.85
H081 C14 AD . 52.77 -27.46 -10.48
H082 C14 AD . 53.49 -27.29 -11.86
H091 C14 AD . 54.95 -27.49 -9.90
H092 C14 AD . 54.52 -26.02 -9.56
H101 C14 AD . 56.30 -26.86 -11.50
H102 C14 AD . 55.27 -25.79 -12.05
H111 C14 AD . 56.16 -24.16 -10.86
H112 C14 AD . 56.47 -25.10 -9.62
H121 C14 AD . 58.04 -25.31 -11.97
H122 C14 AD . 58.42 -24.26 -10.85
H131 C14 AD . 58.96 -25.86 -9.36
H132 C14 AD . 58.09 -26.96 -10.11
H141 C14 AD . 60.53 -25.92 -11.10
H142 C14 AD . 60.39 -27.36 -10.47
H143 C14 AD . 59.67 -27.02 -11.84
C01 C14 BD . 42.09 -2.56 1.12
C02 C14 BD . 42.83 -2.19 -0.16
C03 C14 BD . 41.85 -2.04 -1.32
C04 C14 BD . 41.05 -0.74 -1.18
C05 C14 BD . 41.89 0.45 -1.66
C06 C14 BD . 42.06 0.43 -3.17
C07 C14 BD . 42.57 1.79 -3.64
C08 C14 BD . 43.03 1.71 -5.09
C09 C14 BD . 44.53 1.48 -5.16
C10 C14 BD . 45.05 1.92 -6.53
C11 C14 BD . 46.57 1.92 -6.54
C12 C14 BD . 47.07 2.99 -7.52
C13 C14 BD . 48.55 2.78 -7.80
C14 C14 BD . 49.14 4.04 -8.45
H021 C14 BD . 43.47 -2.90 -0.37
H022 C14 BD . 43.31 -1.36 -0.03
H031 C14 BD . 41.22 -2.78 -1.30
H032 C14 BD . 42.33 -2.05 -2.15
H041 C14 BD . 40.25 -0.79 -1.72
H042 C14 BD . 40.81 -0.61 -0.25
H051 C14 BD . 41.45 1.28 -1.40
H052 C14 BD . 42.76 0.42 -1.24
H061 C14 BD . 42.69 -0.25 -3.42
H062 C14 BD . 41.20 0.25 -3.59
H071 C14 BD . 43.31 2.06 -3.08
H072 C14 BD . 41.85 2.45 -3.56
H081 C14 BD . 42.57 0.98 -5.54
H082 C14 BD . 42.81 2.55 -5.54
H091 C14 BD . 44.97 2.00 -4.48
H092 C14 BD . 44.72 0.54 -5.03
H101 C14 BD . 44.72 2.80 -6.74
H102 C14 BD . 44.73 1.29 -7.20
H111 C14 BD . 46.90 1.06 -6.82
H112 C14 BD . 46.90 2.13 -5.65
H121 C14 BD . 46.93 3.87 -7.14
H122 C14 BD . 46.57 2.92 -8.35
H131 C14 BD . 49.02 2.60 -6.97
H132 C14 BD . 48.66 2.03 -8.39
H141 C14 BD . 48.68 4.22 -9.29
H142 C14 BD . 49.04 4.79 -7.86
H143 C14 BD . 50.09 3.89 -8.62
C01 C14 CD . 37.91 0.49 -7.05
C02 C14 CD . 38.01 1.42 -8.25
C03 C14 CD . 39.03 0.87 -9.24
C04 C14 CD . 40.44 1.19 -8.76
C05 C14 CD . 41.47 0.60 -9.72
C06 C14 CD . 41.58 -0.91 -9.50
C07 C14 CD . 42.94 -1.25 -8.87
C08 C14 CD . 44.05 -1.19 -9.92
C09 C14 CD . 45.28 -1.93 -9.41
C10 C14 CD . 46.48 -1.63 -10.30
C11 C14 CD . 47.12 -2.91 -10.81
C12 C14 CD . 47.71 -3.72 -9.65
C13 C14 CD . 48.51 -4.89 -10.21
C14 C14 CD . 48.62 -6.01 -9.16
H021 C14 CD . 38.28 2.29 -7.95
H022 C14 CD . 37.14 1.48 -8.68
H031 C14 CD . 38.88 1.29 -10.11
H032 C14 CD . 38.92 -0.08 -9.32
H041 C14 CD . 40.56 2.15 -8.72
H042 C14 CD . 40.57 0.81 -7.87
H051 C14 CD . 42.33 1.01 -9.56
H052 C14 CD . 41.19 0.77 -10.63
H061 C14 CD . 40.87 -1.20 -8.90
H062 C14 CD . 41.50 -1.37 -10.35
H071 C14 CD . 43.13 -0.63 -8.15
H072 C14 CD . 42.90 -2.15 -8.50
H081 C14 CD . 43.74 -1.59 -10.75
H082 C14 CD . 44.28 -0.25 -10.09
H091 C14 CD . 45.47 -1.65 -8.50
H092 C14 CD . 45.10 -2.88 -9.43
H101 C14 CD . 46.19 -1.09 -11.06
H102 C14 CD . 47.13 -1.11 -9.79
H111 C14 CD . 46.45 -3.45 -11.25
H112 C14 CD . 47.82 -2.69 -11.43
H121 C14 CD . 47.00 -4.05 -9.09
H122 C14 CD . 48.29 -3.15 -9.12
H131 C14 CD . 48.07 -5.23 -10.99
H132 C14 CD . 49.40 -4.59 -10.44
H141 C14 CD . 49.14 -6.74 -9.53
H142 C14 CD . 47.73 -6.32 -8.93
H143 C14 CD . 49.07 -5.67 -8.37
C1 PTY DD . 63.77 10.09 -8.80
C2 PTY DD . 69.89 8.39 -11.60
C3 PTY DD . 69.36 9.51 -10.72
O4 PTY DD . 63.03 9.33 -9.71
C5 PTY DD . 65.91 11.29 -9.44
C6 PTY DD . 64.39 11.27 -9.55
O7 PTY DD . 63.90 12.46 -8.99
C8 PTY DD . 64.17 13.61 -9.74
O10 PTY DD . 65.06 13.63 -10.52
C11 PTY DD . 63.30 14.85 -9.55
C12 PTY DD . 61.82 14.57 -9.72
C13 PTY DD . 61.05 14.71 -8.40
C14 PTY DD . 60.56 13.37 -7.87
C30 PTY DD . 61.64 9.43 -9.52
C31 PTY DD . 60.83 8.17 -9.24
O30 PTY DD . 61.11 10.49 -9.58
C32 PTY DD . 59.57 8.48 -8.43
C33 PTY DD . 58.57 7.33 -8.45
C34 PTY DD . 57.27 7.61 -7.69
C35 PTY DD . 56.78 9.05 -7.79
C36 PTY DD . 55.40 9.15 -8.44
C37 PTY DD . 54.27 8.73 -7.50
C38 PTY DD . 52.99 8.42 -8.26
C39 PTY DD . 53.23 7.46 -9.43
C40 PTY DD . 51.95 6.76 -9.87
C41 PTY DD . 52.23 5.55 -10.75
C42 PTY DD . 52.88 5.93 -12.08
P1 PTY DD . 68.04 11.79 -10.86
O11 PTY DD . 68.81 10.50 -11.55
O12 PTY DD . 68.63 12.04 -9.48
O13 PTY DD . 68.24 13.02 -11.72
O14 PTY DD . 66.44 11.46 -10.72
N1 PTY DD . 70.88 7.62 -10.88
HC11 PTY DD . 64.46 9.54 -8.40
HC12 PTY DD . 63.18 10.43 -8.11
HC21 PTY DD . 70.30 8.77 -12.39
HC22 PTY DD . 69.16 7.81 -11.86
HC31 PTY DD . 68.66 9.17 -10.13
HC32 PTY DD . 70.08 9.89 -10.19
HC51 PTY DD . 66.18 12.03 -8.87
HC52 PTY DD . 66.24 10.46 -9.06
HC6 PTY DD . 64.13 11.22 -10.49
H111 PTY DD . 63.48 15.22 -8.67
H112 PTY DD . 63.56 15.52 -10.21
H121 PTY DD . 61.70 13.67 -10.06
H122 PTY DD . 61.44 15.20 -10.36
H131 PTY DD . 60.28 15.28 -8.55
H132 PTY DD . 61.62 15.13 -7.73
H141 PTY DD . 60.18 12.85 -8.60
H142 PTY DD . 61.31 12.88 -7.49
H311 PTY DD . 60.57 7.77 -10.09
H312 PTY DD . 61.38 7.55 -8.75
H321 PTY DD . 59.18 9.27 -8.85
H322 PTY DD . 59.81 8.68 -7.52
H331 PTY DD . 58.35 7.13 -9.37
H332 PTY DD . 59.00 6.54 -8.06
H341 PTY DD . 57.41 7.40 -6.76
H342 PTY DD . 56.58 7.02 -8.04
H351 PTY DD . 56.72 9.42 -6.89
H352 PTY DD . 57.36 9.61 -8.31
H361 PTY DD . 55.25 10.07 -8.70
H362 PTY DD . 55.42 8.60 -9.23
H371 PTY DD . 54.10 9.44 -6.86
H372 PTY DD . 54.55 7.94 -7.01
H381 PTY DD . 52.35 8.03 -7.65
H382 PTY DD . 52.62 9.25 -8.60
H391 PTY DD . 53.59 7.96 -10.17
H392 PTY DD . 53.88 6.79 -9.15
H401 PTY DD . 51.45 6.48 -9.09
H402 PTY DD . 51.41 7.39 -10.38
H411 PTY DD . 52.82 4.95 -10.27
H412 PTY DD . 51.40 5.09 -10.93
H421 PTY DD . 53.15 5.12 -12.54
H422 PTY DD . 52.24 6.42 -12.62
HN12 PTY DD . 70.88 6.78 -11.17
CAA Y01 ED . 56.46 20.71 -11.08
CBA Y01 ED . 55.61 19.44 -10.87
CAB Y01 ED . 54.15 19.86 -10.56
CAN Y01 ED . 56.19 18.62 -9.72
CAJ Y01 ED . 55.31 17.36 -9.41
CAO Y01 ED . 55.36 16.34 -10.63
CBB Y01 ED . 56.71 15.62 -10.86
CAC Y01 ED . 57.14 14.93 -9.54
CBE Y01 ED . 56.57 14.68 -12.08
CAP Y01 ED . 57.00 15.34 -13.42
CAQ Y01 ED . 57.35 14.16 -14.35
CBG Y01 ED . 57.00 12.87 -13.57
CBI Y01 ED . 57.29 13.30 -12.12
CAE Y01 ED . 58.78 13.48 -11.90
CAU Y01 ED . 56.72 12.21 -11.21
CAS Y01 ED . 57.27 10.84 -11.57
CBF Y01 ED . 57.04 10.45 -13.04
CBD Y01 ED . 57.60 11.52 -13.96
CAK Y01 ED . 57.27 11.18 -15.42
CAI Y01 ED . 57.25 9.71 -15.72
CAZ Y01 ED . 57.27 8.72 -14.83
CAV Y01 ED . 56.40 7.52 -15.14
CBH Y01 ED . 57.54 9.01 -13.38
CAD Y01 ED . 59.04 8.91 -13.10
CAT Y01 ED . 56.78 8.01 -12.53
CAR Y01 ED . 57.11 6.58 -12.90
CBC Y01 ED . 56.72 6.28 -14.31
OAW Y01 ED . 57.76 5.51 -14.94
CAY Y01 ED . 57.84 4.24 -14.50
OAG Y01 ED . 58.67 3.86 -13.76
CAM Y01 ED . 56.75 3.37 -15.03
CAL Y01 ED . 56.97 1.89 -14.66
CAX Y01 ED . 58.02 1.22 -15.49
OAH Y01 ED . 57.93 -0.04 -15.72
OAF Y01 ED . 58.98 1.88 -15.96
HAA1 Y01 ED . 56.20 21.14 -11.91
HAA2 Y01 ED . 57.39 20.46 -11.12
HAA3 Y01 ED . 56.32 21.33 -10.34
HBA Y01 ED . 55.62 18.92 -11.69
HAB1 Y01 ED . 53.92 20.66 -11.08
HAB2 Y01 ED . 54.06 20.06 -9.62
HAB3 Y01 ED . 53.54 19.14 -10.79
HAN1 Y01 ED . 57.08 18.33 -9.96
HAN2 Y01 ED . 56.23 19.17 -8.92
HAJ1 Y01 ED . 54.39 17.62 -9.27
HAJ2 Y01 ED . 55.64 16.93 -8.62
HAO1 Y01 ED . 55.14 16.82 -11.45
HAO2 Y01 ED . 54.68 15.67 -10.49
HBB Y01 ED . 57.38 16.29 -11.08
HAC1 Y01 ED . 57.34 15.61 -8.86
HAC2 Y01 ED . 56.43 14.37 -9.22
HAC3 Y01 ED . 57.93 14.39 -9.67
HBE Y01 ED . 55.62 14.49 -12.16
HAP1 Y01 ED . 56.27 15.85 -13.79
HAP2 Y01 ED . 57.79 15.90 -13.29
HAQ1 Y01 ED . 58.30 14.17 -14.56
HAQ2 Y01 ED . 56.83 14.20 -15.16
HBG Y01 ED . 56.04 12.77 -13.64
HBD Y01 ED . 58.56 11.56 -13.87
HAE1 Y01 ED . 58.97 14.40 -11.70
HAE2 Y01 ED . 59.27 13.21 -12.69
HAE3 Y01 ED . 59.07 12.92 -11.15
HAU1 Y01 ED . 56.97 12.41 -10.30
HAU2 Y01 ED . 55.76 12.20 -11.30
HAS1 Y01 ED . 58.22 10.83 -11.39
HAS2 Y01 ED . 56.84 10.19 -10.99
HBF Y01 ED . 56.07 10.44 -13.17
HAK1 Y01 ED . 57.94 11.60 -15.99
HAK2 Y01 ED . 56.40 11.56 -15.63
HAI Y01 ED . 57.99 9.55 -16.31
HAV1 Y01 ED . 55.48 7.76 -15.00
HAV2 Y01 ED . 56.53 7.28 -16.08
HBC Y01 ED . 55.91 5.76 -14.28
HAD1 Y01 ED . 59.51 9.60 -13.59
HAD2 Y01 ED . 59.38 8.04 -13.38
HAD3 Y01 ED . 59.21 9.02 -12.16
HAT1 Y01 ED . 57.02 8.14 -11.60
HAT2 Y01 ED . 55.83 8.16 -12.64
HAR1 Y01 ED . 58.07 6.42 -12.79
HAR2 Y01 ED . 56.63 5.98 -12.31
HAM1 Y01 ED . 56.71 3.45 -16.00
HAM2 Y01 ED . 55.91 3.66 -14.66
HAL1 Y01 ED . 57.24 1.85 -13.73
HAL2 Y01 ED . 56.14 1.42 -14.76
CAA Y01 FD . 50.24 -2.07 -3.26
CBA Y01 FD . 51.12 -1.37 -4.32
CAB Y01 FD . 51.85 -0.17 -3.65
CAN Y01 FD . 50.23 -0.87 -5.48
CAJ Y01 FD . 50.98 0.14 -6.42
CAO Y01 FD . 52.26 -0.54 -7.07
CBB Y01 FD . 52.08 -1.06 -8.53
CAC Y01 FD . 50.70 -1.72 -8.69
CBE Y01 FD . 52.35 0.04 -9.57
CAP Y01 FD . 53.67 0.85 -9.31
CAQ Y01 FD . 54.11 1.34 -10.70
CBG Y01 FD . 52.98 0.97 -11.66
CBI Y01 FD . 52.45 -0.34 -11.07
CAE Y01 FD . 53.44 -1.48 -11.25
CAU Y01 FD . 51.16 -0.66 -11.83
CAS Y01 FD . 51.39 -0.78 -13.33
CBF Y01 FD . 52.05 0.45 -13.96
CBD Y01 FD . 53.28 0.93 -13.16
CAK Y01 FD . 53.64 2.33 -13.63
CAI Y01 FD . 53.40 2.51 -15.09
CAZ Y01 FD . 53.11 1.55 -15.94
CAV Y01 FD . 52.85 1.95 -17.37
CBH Y01 FD . 52.42 0.28 -15.46
CAD Y01 FD . 53.30 -0.96 -15.63
CAT Y01 FD . 51.18 0.12 -16.30
CAR Y01 FD . 51.50 -0.10 -17.78
CBC Y01 FD . 52.63 0.75 -18.26
OAW Y01 FD . 53.83 -0.04 -18.34
CAY Y01 FD . 54.80 0.42 -19.12
OAG Y01 FD . 54.86 1.53 -19.51
CAM Y01 FD . 55.81 -0.63 -19.46
CAL Y01 FD . 56.84 -0.09 -20.47
CAX Y01 FD . 57.70 1.01 -19.95
OAH Y01 FD . 58.69 1.44 -20.66
OAF Y01 FD . 57.47 1.52 -18.82
HAA1 Y01 FD . 50.82 -2.52 -2.63
HAA2 Y01 FD . 49.71 -1.41 -2.80
HAA3 Y01 FD . 49.66 -2.71 -3.71
HBA Y01 FD . 51.78 -2.00 -4.65
HAB1 Y01 FD . 52.13 -0.42 -2.76
HAB2 Y01 FD . 51.25 0.60 -3.60
HAB3 Y01 FD . 52.63 0.07 -4.18
HAN1 Y01 FD . 49.94 -1.64 -5.99
HAN2 Y01 FD . 49.45 -0.44 -5.10
HAJ1 Y01 FD . 51.24 0.91 -5.91
HAJ2 Y01 FD . 50.36 0.42 -7.12
HAO1 Y01 FD . 52.98 0.11 -7.03
HAO2 Y01 FD . 52.51 -1.29 -6.53
HBB Y01 FD . 52.75 -1.75 -8.66
HAC1 Y01 FD . 50.01 -1.04 -8.75
HAC2 Y01 FD . 50.69 -2.27 -9.49
HAC3 Y01 FD . 50.52 -2.30 -7.92
HBE Y01 FD . 51.62 0.67 -9.49
HAP1 Y01 FD . 54.34 0.27 -8.92
HAP2 Y01 FD . 53.48 1.60 -8.73
HAQ1 Y01 FD . 54.93 0.90 -10.96
HAQ2 Y01 FD . 54.24 2.30 -10.68
HBG Y01 FD . 52.29 1.64 -11.54
HBD Y01 FD . 54.03 0.34 -13.32
HAE1 Y01 FD . 54.20 -1.36 -10.65
HAE2 Y01 FD . 53.77 -1.51 -12.17
HAE3 Y01 FD . 53.01 -2.32 -11.05
HAU1 Y01 FD . 50.80 -1.50 -11.51
HAU2 Y01 FD . 50.51 0.04 -11.66
HAS1 Y01 FD . 51.93 -1.56 -13.50
HAS2 Y01 FD . 50.52 -0.90 -13.76
HBF Y01 FD . 51.40 1.17 -13.91
HAK1 Y01 FD . 54.57 2.50 -13.43
HAK2 Y01 FD . 53.09 2.97 -13.14
HAI Y01 FD . 52.66 3.14 -15.15
HAV1 Y01 FD . 52.06 2.52 -17.39
HAV2 Y01 FD . 53.61 2.46 -17.69
HBC Y01 FD . 52.41 1.08 -19.14
HAD1 Y01 FD . 54.02 -0.81 -16.25
HAD2 Y01 FD . 53.68 -1.22 -14.78
HAD3 Y01 FD . 52.76 -1.70 -15.96
HAT1 Y01 FD . 50.64 0.92 -16.23
HAT2 Y01 FD . 50.67 -0.64 -15.98
HAR1 Y01 FD . 51.74 -1.04 -17.92
HAR2 Y01 FD . 50.71 0.09 -18.31
HAM1 Y01 FD . 55.36 -1.40 -19.84
HAM2 Y01 FD . 56.27 -0.90 -18.65
HAL1 Y01 FD . 57.41 -0.83 -20.74
HAL2 Y01 FD . 56.36 0.23 -21.26
C02 C14 GD . 24.72 -24.63 12.19
C03 C14 GD . 25.60 -23.90 11.16
C04 C14 GD . 27.06 -24.33 11.35
C05 C14 GD . 27.96 -23.48 10.46
C06 C14 GD . 29.25 -23.16 11.21
C07 C14 GD . 30.22 -22.43 10.29
C08 C14 GD . 31.54 -22.19 11.03
C09 C14 GD . 32.40 -21.22 10.24
C10 C14 GD . 33.76 -21.05 10.94
C11 C14 GD . 34.52 -19.89 10.30
C12 C14 GD . 35.87 -19.73 10.97
C13 C14 GD . 36.84 -20.81 10.50
H022 C14 GD . 24.80 -25.59 12.06
H031 C14 GD . 25.31 -24.13 10.28
H032 C14 GD . 25.52 -22.95 11.30
H041 C14 GD . 27.31 -24.21 12.27
H042 C14 GD . 27.15 -25.27 11.10
H051 C14 GD . 28.18 -23.97 9.65
H052 C14 GD . 27.51 -22.65 10.22
H061 C14 GD . 29.66 -23.98 11.52
H062 C14 GD . 29.05 -22.59 11.97
H071 C14 GD . 30.40 -22.97 9.50
H072 C14 GD . 29.84 -21.59 10.01
H081 C14 GD . 32.01 -23.03 11.14
H082 C14 GD . 31.35 -21.81 11.90
H091 C14 GD . 31.97 -20.35 10.19
H092 C14 GD . 32.55 -21.56 9.35
H101 C14 GD . 33.61 -20.88 11.87
H102 C14 GD . 34.27 -21.87 10.83
H111 C14 GD . 34.00 -19.08 10.41
H112 C14 GD . 34.64 -20.07 9.36
H121 C14 GD . 36.23 -18.86 10.75
H122 C14 GD . 35.77 -19.79 11.94
H131 C14 GD . 37.72 -20.66 10.88
H132 C14 GD . 36.51 -21.68 10.78
C01 C14 HD . 25.49 -22.81 15.72
C02 C14 HD . 26.90 -23.15 15.24
C03 C14 HD . 27.91 -22.27 15.97
C04 C14 HD . 29.32 -22.59 15.48
C05 C14 HD . 30.32 -21.70 16.20
C06 C14 HD . 31.74 -22.00 15.71
C07 C14 HD . 32.68 -20.86 16.10
C08 C14 HD . 34.12 -21.35 16.09
C09 C14 HD . 35.07 -20.18 16.35
C10 C14 HD . 36.51 -20.67 16.42
C11 C14 HD . 37.35 -19.69 17.23
C12 C14 HD . 38.84 -19.96 17.02
C13 C14 HD . 39.67 -19.10 17.97
C14 C14 HD . 40.73 -18.32 17.19
H021 C14 HD . 27.09 -24.08 15.44
H022 C14 HD . 26.97 -23.00 14.29
H031 C14 HD . 27.71 -21.34 15.79
H032 C14 HD . 27.84 -22.43 16.92
H041 C14 HD . 29.37 -22.44 14.53
H042 C14 HD . 29.52 -23.52 15.68
H051 C14 HD . 30.11 -20.77 16.02
H052 C14 HD . 30.28 -21.86 17.15
H061 C14 HD . 31.73 -22.10 14.74
H062 C14 HD . 32.05 -22.82 16.11
H071 C14 HD . 32.45 -20.54 16.99
H072 C14 HD . 32.58 -20.13 15.46
H081 C14 HD . 34.25 -22.02 16.77
H082 C14 HD . 34.32 -21.74 15.22
H091 C14 HD . 34.98 -19.53 15.63
H092 C14 HD . 34.83 -19.75 17.20
H101 C14 HD . 36.54 -21.54 16.84
H102 C14 HD . 36.87 -20.74 15.52
H111 C14 HD . 37.14 -19.78 18.18
H112 C14 HD . 37.15 -18.77 16.95
H121 C14 HD . 39.02 -20.89 17.19
H122 C14 HD . 39.08 -19.76 16.10
H131 C14 HD . 40.10 -19.67 18.62
H132 C14 HD . 39.08 -18.47 18.42
H141 C14 HD . 41.34 -17.90 17.82
H142 C14 HD . 40.31 -17.65 16.64
H143 C14 HD . 41.23 -18.93 16.63
C01 C14 ID . 28.22 -28.93 13.34
C02 C14 ID . 29.15 -28.62 12.18
C03 C14 ID . 30.45 -28.02 12.72
C04 C14 ID . 31.44 -27.83 11.55
C05 C14 ID . 32.82 -27.44 12.08
C06 C14 ID . 32.73 -26.15 12.88
C07 C14 ID . 33.91 -25.23 12.55
C08 C14 ID . 35.19 -25.73 13.21
C09 C14 ID . 35.99 -24.53 13.74
C10 C14 ID . 37.49 -24.72 13.53
C11 C14 ID . 38.08 -23.40 13.02
C12 C14 ID . 39.55 -23.59 12.66
C13 C14 ID . 40.09 -22.33 11.99
C14 C14 ID . 41.56 -22.53 11.61
H021 C14 ID . 28.72 -27.98 11.58
H022 C14 ID . 29.35 -29.44 11.68
H031 C14 ID . 30.84 -28.62 13.37
H032 C14 ID . 30.26 -27.16 13.12
H041 C14 ID . 31.51 -28.66 11.05
H042 C14 ID . 31.11 -27.13 10.97
H051 C14 ID . 33.16 -28.15 12.65
H052 C14 ID . 33.42 -27.33 11.33
H061 C14 ID . 32.75 -26.35 13.83
H062 C14 ID . 31.91 -25.69 12.66
H071 C14 ID . 34.03 -25.19 11.59
H072 C14 ID . 33.71 -24.33 12.87
H081 C14 ID . 35.72 -26.21 12.56
H082 C14 ID . 34.97 -26.31 13.95
H091 C14 ID . 35.82 -24.43 14.69
H092 C14 ID . 35.71 -23.73 13.28
H101 C14 ID . 37.92 -24.96 14.36
H102 C14 ID . 37.65 -25.41 12.86
H111 C14 ID . 37.60 -23.12 12.23
H112 C14 ID . 38.01 -22.73 13.71
H121 C14 ID . 39.65 -24.34 12.04
H122 C14 ID . 40.07 -23.77 13.46
H131 C14 ID . 40.03 -21.58 12.61
H132 C14 ID . 39.58 -22.14 11.19
H141 C14 ID . 42.08 -22.73 12.41
H142 C14 ID . 41.62 -23.28 10.99
H143 C14 ID . 41.90 -21.73 11.18
C01 C14 JD . 28.16 -28.09 16.51
C02 C14 JD . 28.40 -27.68 17.97
C03 C14 JD . 28.77 -26.20 18.00
C04 C14 JD . 28.79 -25.72 19.46
C05 C14 JD . 29.79 -24.57 19.60
C06 C14 JD . 31.19 -25.13 19.87
C07 C14 JD . 32.25 -24.14 19.41
C08 C14 JD . 33.44 -24.19 20.36
C09 C14 JD . 34.69 -23.65 19.65
C10 C14 JD . 35.89 -23.78 20.60
C11 C14 JD . 37.11 -23.12 19.96
C12 C14 JD . 38.26 -23.13 20.97
C13 C14 JD . 39.56 -22.71 20.29
C14 C14 JD . 40.67 -22.58 21.34
H021 C14 JD . 29.12 -28.20 18.33
H022 C14 JD . 27.60 -27.83 18.48
H031 C14 JD . 29.64 -26.08 17.61
H032 C14 JD . 28.11 -25.68 17.51
H041 C14 JD . 29.06 -26.46 20.04
H042 C14 JD . 27.91 -25.42 19.72
H051 C14 JD . 29.52 -24.01 20.35
H052 C14 JD . 29.80 -24.06 18.79
H061 C14 JD . 31.30 -25.97 19.39
H062 C14 JD . 31.29 -25.30 20.83
H071 C14 JD . 32.53 -24.36 18.51
H072 C14 JD . 31.87 -23.25 19.41
H081 C14 JD . 33.26 -23.65 21.14
H082 C14 JD . 33.60 -25.11 20.63
H091 C14 JD . 34.85 -24.17 18.85
H092 C14 JD . 34.55 -22.72 19.42
H101 C14 JD . 36.07 -24.71 20.77
H102 C14 JD . 35.68 -23.33 21.44
H111 C14 JD . 36.90 -22.21 19.72
H112 C14 JD . 37.38 -23.63 19.17
H121 C14 JD . 38.37 -24.02 21.34
H122 C14 JD . 38.06 -22.51 21.70
H131 C14 JD . 39.43 -21.85 19.85
H132 C14 JD . 39.81 -23.38 19.63
H141 C14 JD . 40.42 -21.91 21.99
H142 C14 JD . 40.80 -23.43 21.77
H143 C14 JD . 41.49 -22.31 20.89
C01 C14 KD . 24.16 -21.88 20.70
C02 C14 KD . 25.48 -22.51 20.29
C03 C14 KD . 26.27 -22.91 21.54
C04 C14 KD . 27.25 -21.80 21.90
C05 C14 KD . 27.93 -22.13 23.23
C06 C14 KD . 29.21 -21.30 23.38
C07 C14 KD . 29.86 -21.62 24.73
C08 C14 KD . 31.23 -20.93 24.82
C09 C14 KD . 32.30 -21.86 24.27
C10 C14 KD . 33.68 -21.25 24.52
C11 C14 KD . 34.76 -22.27 24.18
C12 C14 KD . 36.13 -21.60 24.18
C13 C14 KD . 36.92 -21.98 25.44
C14 C14 KD . 38.38 -21.61 25.25
H021 C14 KD . 25.31 -23.30 19.75
H022 C14 KD . 25.99 -21.87 19.78
H031 C14 KD . 25.66 -23.05 22.27
H032 C14 KD . 26.76 -23.73 21.36
H041 C14 KD . 27.93 -21.72 21.20
H042 C14 KD . 26.77 -20.96 21.98
H051 C14 KD . 27.32 -21.92 23.96
H052 C14 KD . 28.15 -23.06 23.26
H061 C14 KD . 29.82 -21.52 22.67
H062 C14 KD . 28.99 -20.35 23.34
H071 C14 KD . 29.97 -22.57 24.82
H072 C14 KD . 29.28 -21.30 25.45
H081 C14 KD . 31.21 -20.11 24.31
H082 C14 KD . 31.42 -20.73 25.75
H091 C14 KD . 32.17 -21.97 23.31
H092 C14 KD . 32.24 -22.72 24.71
H101 C14 KD . 33.79 -20.47 23.97
H102 C14 KD . 33.76 -21.00 25.45
H111 C14 KD . 34.75 -22.99 24.84
H112 C14 KD . 34.58 -22.65 23.30
H121 C14 KD . 36.03 -20.64 24.15
H122 C14 KD . 36.63 -21.90 23.39
H131 C14 KD . 36.84 -22.93 25.59
H132 C14 KD . 36.55 -21.50 26.20
H141 C14 KD . 38.46 -20.66 25.09
H142 C14 KD . 38.88 -21.85 26.06
H143 C14 KD . 38.75 -22.09 24.50
C01 C14 LD . 46.89 -17.43 15.68
C02 C14 LD . 48.25 -18.10 15.85
C03 C14 LD . 48.30 -19.38 15.02
C04 C14 LD . 49.65 -20.07 15.20
C05 C14 LD . 50.73 -19.33 14.41
C06 C14 LD . 52.05 -20.07 14.54
C07 C14 LD . 53.21 -19.16 14.20
C08 C14 LD . 54.52 -19.94 14.31
C09 C14 LD . 55.71 -19.03 14.00
C10 C14 LD . 55.93 -18.04 15.15
C11 C14 LD . 57.42 -17.67 15.19
C12 C14 LD . 57.67 -16.66 16.31
C13 C14 LD . 58.50 -17.31 17.41
C14 C14 LD . 58.79 -16.28 18.50
H021 C14 LD . 48.39 -18.32 16.79
H022 C14 LD . 48.95 -17.49 15.56
H031 C14 LD . 47.59 -19.98 15.30
H032 C14 LD . 48.18 -19.15 14.08
H041 C14 LD . 49.59 -20.98 14.89
H042 C14 LD . 49.89 -20.06 16.14
H051 C14 LD . 50.47 -19.28 13.48
H052 C14 LD . 50.83 -18.43 14.76
H061 C14 LD . 52.15 -20.39 15.46
H062 C14 LD . 52.05 -20.83 13.95
H071 C14 LD . 53.10 -18.82 13.29
H072 C14 LD . 53.23 -18.40 14.81
H081 C14 LD . 54.50 -20.67 13.68
H082 C14 LD . 54.60 -20.29 15.21
H091 C14 LD . 55.53 -18.54 13.18
H092 C14 LD . 56.50 -19.57 13.88
H101 C14 LD . 55.68 -18.45 15.99
H102 C14 LD . 55.40 -17.25 15.00
H111 C14 LD . 57.67 -17.28 14.34
H112 C14 LD . 57.94 -18.47 15.35
H121 C14 LD . 56.82 -16.37 16.68
H122 C14 LD . 58.14 -15.90 15.95
H131 C14 LD . 58.01 -18.06 17.79
H132 C14 LD . 59.34 -17.63 17.04
H141 C14 LD . 59.27 -15.53 18.12
H142 C14 LD . 57.95 -15.97 18.87
H143 C14 LD . 59.32 -16.68 19.20
C01 C14 MD . 47.31 -22.78 16.56
C02 C14 MD . 47.34 -23.28 18.01
C03 C14 MD . 48.73 -23.82 18.35
C04 C14 MD . 49.71 -22.66 18.51
C05 C14 MD . 51.13 -23.19 18.64
C06 C14 MD . 52.09 -22.01 18.85
C07 C14 MD . 53.47 -22.33 18.28
C08 C14 MD . 54.35 -22.95 19.37
C09 C14 MD . 55.80 -23.03 18.89
C10 C14 MD . 56.45 -21.64 18.89
C11 C14 MD . 57.94 -21.77 18.62
C12 C14 MD . 58.72 -21.11 19.76
C13 C14 MD . 60.20 -21.00 19.37
C14 C14 MD . 60.92 -20.06 20.34
H021 C14 MD . 47.12 -22.56 18.60
H022 C14 MD . 46.69 -23.99 18.11
H031 C14 MD . 49.04 -24.40 17.63
H032 C14 MD . 48.68 -24.32 19.18
H041 C14 MD . 49.65 -22.08 17.74
H042 C14 MD . 49.48 -22.16 19.32
H051 C14 MD . 51.37 -23.68 17.84
H052 C14 MD . 51.18 -23.79 19.40
H061 C14 MD . 52.17 -21.83 19.80
H062 C14 MD . 51.73 -21.24 18.40
H071 C14 MD . 53.40 -22.96 17.54
H072 C14 MD . 53.88 -21.50 17.96
H081 C14 MD . 54.03 -23.83 19.58
H082 C14 MD . 54.31 -22.39 20.16
H091 C14 MD . 55.82 -23.40 18.00
H092 C14 MD . 56.30 -23.61 19.50
H101 C14 MD . 56.30 -21.21 19.74
H102 C14 MD . 56.04 -21.10 18.18
H111 C14 MD . 58.16 -21.34 17.79
H112 C14 MD . 58.18 -22.71 18.56
H121 C14 MD . 58.37 -20.24 19.93
H122 C14 MD . 58.65 -21.66 20.56
H131 C14 MD . 60.27 -20.65 18.47
H132 C14 MD . 60.62 -21.88 19.40
H141 C14 MD . 60.50 -19.19 20.30
H142 C14 MD . 61.86 -19.99 20.08
H143 C14 MD . 60.86 -20.42 21.23
C02 C14 ND . 44.31 -17.31 19.04
C03 C14 ND . 45.17 -18.54 18.81
C04 C14 ND . 45.82 -18.99 20.12
C05 C14 ND . 46.93 -18.02 20.50
C06 C14 ND . 47.62 -18.49 21.78
C07 C14 ND . 49.12 -18.62 21.56
C08 C14 ND . 49.86 -18.51 22.89
C09 C14 ND . 51.21 -19.22 22.79
C10 C14 ND . 52.26 -18.52 23.65
C11 C14 ND . 53.65 -19.01 23.23
C12 C14 ND . 54.65 -18.85 24.37
C13 C14 ND . 54.72 -17.41 24.84
C14 C14 ND . 55.96 -17.21 25.70
H022 C14 ND . 44.88 -16.53 19.13
H031 C14 ND . 44.61 -19.26 18.47
H032 C14 ND . 45.86 -18.34 18.16
H041 C14 ND . 45.15 -19.01 20.82
H042 C14 ND . 46.19 -19.88 20.01
H051 C14 ND . 46.55 -17.14 20.65
H052 C14 ND . 47.57 -17.96 19.78
H061 C14 ND . 47.46 -17.85 22.49
H062 C14 ND . 47.26 -19.35 22.03
H071 C14 ND . 49.31 -19.48 21.15
H072 C14 ND . 49.43 -17.92 20.97
H081 C14 ND . 49.33 -18.92 23.59
H082 C14 ND . 50.00 -17.57 23.10
H091 C14 ND . 51.10 -20.14 23.09
H092 C14 ND . 51.50 -19.22 21.87
H101 C14 ND . 52.11 -18.73 24.58
H102 C14 ND . 52.20 -17.56 23.51
H111 C14 ND . 53.59 -19.95 22.98
H112 C14 ND . 53.95 -18.50 22.47
H121 C14 ND . 54.38 -19.42 25.12
H122 C14 ND . 55.52 -19.14 24.06
H131 C14 ND . 53.92 -17.20 25.36
H132 C14 ND . 54.76 -16.82 24.07
H141 C14 ND . 56.01 -16.29 26.00
H142 C14 ND . 56.75 -17.42 25.17
H143 C14 ND . 55.93 -17.81 26.46
C01 C14 OD . 42.78 -20.39 25.55
C02 C14 OD . 43.48 -20.01 26.85
C03 C14 OD . 44.80 -19.31 26.54
C04 C14 OD . 45.84 -20.33 26.10
C05 C14 OD . 47.20 -19.64 25.87
C06 C14 OD . 48.10 -19.88 27.08
C07 C14 OD . 48.76 -21.27 26.97
C08 C14 OD . 49.20 -21.74 28.35
C09 C14 OD . 50.44 -20.97 28.81
C10 C14 OD . 51.68 -21.51 28.11
C11 C14 OD . 52.57 -20.34 27.67
C12 C14 OD . 54.05 -20.70 27.84
C13 C14 OD . 54.46 -20.57 29.31
C14 C14 OD . 55.70 -21.42 29.58
H021 C14 OD . 43.66 -20.82 27.37
H022 C14 OD . 42.91 -19.42 27.36
H031 C14 OD . 44.66 -18.66 25.84
H032 C14 OD . 45.12 -18.85 27.34
H041 C14 OD . 45.94 -21.01 26.78
H042 C14 OD . 45.56 -20.74 25.26
H051 C14 OD . 47.61 -20.00 25.08
H052 C14 OD . 47.05 -18.68 25.77
H061 C14 OD . 48.79 -19.20 27.11
H062 C14 OD . 47.57 -19.84 27.90
H071 C14 OD . 49.52 -21.21 26.38
H072 C14 OD . 48.12 -21.89 26.61
H081 C14 OD . 48.49 -21.61 28.99
H082 C14 OD . 49.42 -22.69 28.30
H091 C14 OD . 50.54 -21.08 29.76
H092 C14 OD . 50.32 -20.03 28.61
H101 C14 OD . 52.18 -22.07 28.72
H102 C14 OD . 51.42 -22.02 27.33
H111 C14 OD . 52.40 -20.13 26.74
H112 C14 OD . 52.39 -19.55 28.21
H121 C14 OD . 54.18 -21.62 27.55
H122 C14 OD . 54.60 -20.11 27.30
H131 C14 OD . 54.64 -19.64 29.50
H132 C14 OD . 53.72 -20.87 29.88
H141 C14 OD . 56.42 -21.12 29.01
H142 C14 OD . 55.95 -21.33 30.51
H143 C14 OD . 55.50 -22.35 29.38
C01 C14 PD . 40.59 0.87 11.65
C02 C14 PD . 41.54 -0.02 10.86
C03 C14 PD . 40.76 -0.95 9.94
C04 C14 PD . 40.18 -0.19 8.75
C05 C14 PD . 41.26 0.04 7.68
C06 C14 PD . 41.62 -1.26 6.98
C07 C14 PD . 42.40 -0.94 5.71
C08 C14 PD . 43.03 -2.21 5.15
C09 C14 PD . 44.48 -2.35 5.62
C10 C14 PD . 45.24 -3.27 4.68
C11 C14 PD . 46.73 -3.23 4.98
C12 C14 PD . 47.52 -3.50 3.70
C13 C14 PD . 48.98 -3.80 4.05
C14 C14 PD . 49.85 -3.69 2.80
H021 C14 PD . 42.07 -0.55 11.48
H022 C14 PD . 42.13 0.54 10.32
H031 C14 PD . 40.03 -1.35 10.44
H032 C14 PD . 41.34 -1.67 9.63
H041 C14 PD . 39.46 -0.71 8.37
H042 C14 PD . 39.84 0.65 9.05
H051 C14 PD . 40.92 0.68 7.03
H052 C14 PD . 42.05 0.41 8.11
H061 C14 PD . 42.16 -1.81 7.57
H062 C14 PD . 40.81 -1.75 6.74
H071 C14 PD . 43.10 -0.29 5.92
H072 C14 PD . 41.80 -0.56 5.05
H081 C14 PD . 42.53 -2.98 5.45
H082 C14 PD . 43.02 -2.16 4.18
H091 C14 PD . 44.91 -1.47 5.63
H092 C14 PD . 44.49 -2.71 6.52
H101 C14 PD . 45.09 -3.00 3.76
H102 C14 PD . 44.92 -4.19 4.79
H111 C14 PD . 46.95 -3.91 5.65
H112 C14 PD . 46.97 -2.36 5.33
H121 C14 PD . 47.48 -2.72 3.13
H122 C14 PD . 47.13 -4.26 3.24
H131 C14 PD . 49.29 -3.17 4.72
H132 C14 PD . 49.04 -4.70 4.40
H141 C14 PD . 49.53 -4.33 2.13
H142 C14 PD . 49.78 -2.79 2.44
H143 C14 PD . 50.77 -3.88 3.02
C01 C14 QD . 38.10 -4.67 4.12
C02 C14 QD . 38.51 -5.22 2.76
C03 C14 QD . 39.55 -6.32 2.94
C04 C14 QD . 40.91 -5.69 3.21
C05 C14 QD . 41.96 -6.80 3.44
C06 C14 QD . 41.79 -7.38 4.84
C07 C14 QD . 42.96 -6.98 5.73
C08 C14 QD . 44.20 -7.80 5.37
C09 C14 QD . 45.22 -7.72 6.52
C10 C14 QD . 46.56 -8.29 6.06
C11 C14 QD . 47.04 -9.36 7.03
C12 C14 QD . 47.34 -8.77 8.41
C13 C14 QD . 48.00 -9.83 9.29
C14 C14 QD . 47.78 -9.51 10.76
H021 C14 QD . 38.88 -4.50 2.23
H022 C14 QD . 37.73 -5.58 2.31
H031 C14 QD . 39.60 -6.84 2.11
H032 C14 QD . 39.30 -6.89 3.67
H041 C14 QD . 41.18 -5.16 2.45
H042 C14 QD . 40.87 -5.13 3.99
H051 C14 QD . 42.85 -6.42 3.34
H052 C14 QD . 41.83 -7.50 2.78
H061 C14 QD . 40.97 -7.04 5.24
H062 C14 QD . 41.74 -8.35 4.79
H071 C14 QD . 43.17 -6.04 5.60
H072 C14 QD . 42.74 -7.14 6.66
H081 C14 QD . 43.95 -8.72 5.23
H082 C14 QD . 44.60 -7.45 4.55
H091 C14 QD . 45.33 -6.79 6.77
H092 C14 QD . 44.89 -8.23 7.27
H101 C14 QD . 46.47 -8.67 5.17
H102 C14 QD . 47.21 -7.57 6.03
H111 C14 QD . 46.37 -10.04 7.10
H112 C14 QD . 47.86 -9.77 6.68
H121 C14 QD . 46.51 -8.49 8.82
H122 C14 QD . 47.93 -8.01 8.31
H131 C14 QD . 47.62 -10.70 9.08
H132 C14 QD . 48.95 -9.86 9.09
H141 C14 QD . 48.22 -10.20 11.31
H142 C14 QD . 46.83 -9.50 10.95
H143 C14 QD . 48.17 -8.65 10.96
C1 PTY RD . 65.18 -0.41 0.61
C2 PTY RD . 71.26 -3.49 1.92
C3 PTY RD . 70.80 -2.17 1.30
O4 PTY RD . 64.46 -1.60 0.63
C5 PTY RD . 67.55 -0.26 -0.27
C6 PTY RD . 66.08 -0.42 -0.62
O7 PTY RD . 65.73 0.66 -1.44
C8 PTY RD . 66.27 0.62 -2.73
O10 PTY RD . 67.26 -0.01 -2.95
C11 PTY RD . 65.61 1.41 -3.86
C12 PTY RD . 64.13 1.07 -4.03
C13 PTY RD . 63.23 2.24 -3.64
C14 PTY RD . 62.46 1.98 -2.35
C30 PTY RD . 63.10 -1.44 0.36
C31 PTY RD . 62.05 -1.86 1.39
O30 PTY RD . 62.75 -0.96 -0.67
C32 PTY RD . 60.76 -1.06 1.26
C33 PTY RD . 59.60 -1.70 2.01
C34 PTY RD . 58.27 -0.94 1.89
C35 PTY RD . 58.05 -0.29 0.52
C36 PTY RD . 56.80 -0.83 -0.19
C37 PTY RD . 55.50 -0.29 0.41
C38 PTY RD . 54.30 -1.14 0.01
C39 PTY RD . 54.53 -2.62 0.28
C40 PTY RD . 53.22 -3.41 0.39
C41 PTY RD . 53.43 -4.78 1.03
C42 PTY RD . 54.29 -5.70 0.17
P1 PTY RD . 69.92 -1.15 -0.95
O11 PTY RD . 70.55 -2.39 -0.06
O12 PTY RD . 70.34 0.17 -0.35
O13 PTY RD . 70.42 -1.25 -2.37
O14 PTY RD . 68.28 -1.26 -0.93
N1 PTY RD . 72.00 -3.24 3.14
HC11 PTY RD . 65.71 -0.33 1.42
HC12 PTY RD . 64.56 0.34 0.55
HC21 PTY RD . 71.83 -3.96 1.29
HC22 PTY RD . 70.49 -4.04 2.13
HC31 PTY RD . 70.00 -1.87 1.74
HC32 PTY RD . 71.50 -1.50 1.40
HC51 PTY RD . 67.88 0.62 -0.55
HC52 PTY RD . 67.69 -0.36 0.68
HC6 PTY RD . 65.95 -1.25 -1.11
H111 PTY RD . 65.72 2.35 -3.69
H112 PTY RD . 66.07 1.19 -4.69
H121 PTY RD . 63.91 0.31 -3.46
H122 PTY RD . 63.96 0.84 -4.94
H131 PTY RD . 62.59 2.39 -4.36
H132 PTY RD . 63.76 3.05 -3.53
H141 PTY RD . 62.10 1.09 -2.36
H142 PTY RD . 63.06 2.09 -1.59
H311 PTY RD . 61.84 -2.80 1.24
H312 PTY RD . 62.42 -1.75 2.28
H321 PTY RD . 60.57 -1.00 0.32
H322 PTY RD . 60.91 -0.16 1.60
H331 PTY RD . 59.47 -2.60 1.68
H332 PTY RD . 59.83 -1.75 2.95
H341 PTY RD . 58.26 -0.24 2.56
H342 PTY RD . 57.55 -1.56 2.05
H351 PTY RD . 57.93 0.66 0.65
H352 PTY RD . 58.78 -0.43 -0.09
H361 PTY RD . 56.84 -0.59 -1.12
H362 PTY RD . 56.83 -1.80 -0.11
H371 PTY RD . 55.37 0.62 0.10
H372 PTY RD . 55.58 -0.28 1.37
H381 PTY RD . 53.53 -0.84 0.53
H382 PTY RD . 54.12 -1.02 -0.92
H391 PTY RD . 55.06 -3.00 -0.44
H392 PTY RD . 55.02 -2.72 1.13
H401 PTY RD . 52.59 -2.90 0.91
H402 PTY RD . 52.87 -3.53 -0.51
H411 PTY RD . 53.84 -4.67 1.90
H412 PTY RD . 52.55 -5.19 1.15
H421 PTY RD . 54.50 -6.51 0.68
H422 PTY RD . 53.83 -5.94 -0.64
HN12 PTY RD . 71.90 -3.93 3.69
CAA Y01 SD . 60.09 2.92 -10.99
CBA Y01 SD . 59.01 2.42 -10.00
CAB Y01 SD . 57.62 2.85 -10.50
CAN Y01 SD . 59.29 2.99 -8.61
CAJ Y01 SD . 58.19 2.57 -7.58
CAO Y01 SD . 58.24 1.00 -7.32
CBB Y01 SD . 59.47 0.48 -6.54
CAC Y01 SD . 59.60 1.27 -5.22
CBE Y01 SD . 59.34 -1.06 -6.39
CAP Y01 SD . 60.06 -1.85 -7.54
CAQ Y01 SD . 60.32 -3.24 -6.93
CBG Y01 SD . 59.67 -3.26 -5.54
CBI Y01 SD . 59.82 -1.79 -5.11
CAE Y01 SD . 61.28 -1.46 -4.83
CAU Y01 SD . 58.97 -1.59 -3.86
CAS Y01 SD . 59.33 -2.59 -2.77
CBF Y01 SD . 59.23 -4.05 -3.23
CBD Y01 SD . 60.09 -4.27 -4.48
CAK Y01 SD . 59.90 -5.70 -4.99
CAI Y01 SD . 59.68 -6.71 -3.91
CAZ Y01 SD . 59.41 -6.47 -2.63
CAV Y01 SD . 58.42 -7.39 -1.95
CBH Y01 SD . 59.52 -5.07 -2.09
CAD Y01 SD . 60.95 -4.84 -1.54
CAT Y01 SD . 58.51 -4.88 -0.98
CAR Y01 SD . 58.65 -5.93 0.11
CBC Y01 SD . 58.41 -7.31 -0.43
OAW Y01 SD . 59.39 -8.21 0.13
CAY Y01 SD . 59.20 -8.49 1.42
OAG Y01 SD . 59.85 -8.03 2.28
CAM Y01 SD . 58.06 -9.44 1.66
CAL Y01 SD . 57.98 -9.87 3.13
CAX Y01 SD . 59.01 -10.89 3.51
OAH Y01 SD . 58.75 -11.74 4.43
OAF Y01 SD . 60.11 -10.93 2.91
HAA1 Y01 SD . 59.94 3.86 -11.15
HAA2 Y01 SD . 60.96 2.79 -10.60
HAA3 Y01 SD . 60.02 2.43 -11.82
HBA Y01 SD . 59.06 1.45 -9.96
HAB1 Y01 SD . 57.60 2.81 -11.47
HAB2 Y01 SD . 57.45 3.76 -10.21
HAB3 Y01 SD . 56.95 2.26 -10.13
HAN1 Y01 SD . 59.32 3.96 -8.66
HAN2 Y01 SD . 60.15 2.66 -8.30
HAJ1 Y01 SD . 58.34 3.04 -6.74
HAJ2 Y01 SD . 57.31 2.81 -7.93
HAO1 Y01 SD . 57.44 0.76 -6.83
HAO2 Y01 SD . 58.21 0.55 -8.18
HBB Y01 SD . 60.26 0.66 -7.07
HAC1 Y01 SD . 58.76 1.22 -4.74
HAC2 Y01 SD . 59.81 2.20 -5.41
HAC3 Y01 SD . 60.31 0.90 -4.66
HBE Y01 SD . 58.39 -1.25 -6.48
HAP1 Y01 SD . 59.47 -1.93 -8.30
HAP2 Y01 SD . 60.89 -1.42 -7.77
HAQ1 Y01 SD . 59.92 -3.93 -7.49
HAQ2 Y01 SD . 61.27 -3.39 -6.85
HBG Y01 SD . 58.72 -3.40 -5.69
HBD Y01 SD . 61.02 -4.14 -4.25
HAE1 Y01 SD . 61.82 -2.26 -4.91
HAE2 Y01 SD . 61.60 -0.80 -5.47
HAE3 Y01 SD . 61.37 -1.10 -3.93
HAU1 Y01 SD . 58.04 -1.69 -4.09
HAU2 Y01 SD . 59.12 -0.69 -3.51
HAS1 Y01 SD . 58.72 -2.45 -2.03
HAS2 Y01 SD . 60.23 -2.41 -2.48
HBF Y01 SD . 58.31 -4.20 -3.50
HAK1 Y01 SD . 59.15 -5.71 -5.59
HAK2 Y01 SD . 60.69 -5.96 -5.48
HAI Y01 SD . 60.46 -7.28 -3.91
HAV1 Y01 SD . 57.53 -7.17 -2.28
HAV2 Y01 SD . 58.63 -8.30 -2.21
HBC Y01 SD . 57.53 -7.58 -0.14
HAD1 Y01 SD . 61.59 -4.89 -2.27
HAD2 Y01 SD . 61.17 -5.52 -0.89
HAD3 Y01 SD . 61.00 -3.98 -1.13
HAT1 Y01 SD . 58.65 -4.02 -0.58
HAT2 Y01 SD . 57.62 -4.93 -1.36
HAR1 Y01 SD . 58.00 -5.75 0.80
HAR2 Y01 SD . 59.54 -5.89 0.49
HAM1 Y01 SD . 58.16 -10.22 1.10
HAM2 Y01 SD . 57.24 -8.98 1.43
HAL1 Y01 SD . 58.11 -9.09 3.69
HAL2 Y01 SD . 57.10 -10.23 3.30
CAA Y01 TD . 49.23 -2.39 10.75
CBA Y01 TD . 50.33 -2.89 9.81
CAB Y01 TD . 51.16 -1.69 9.30
CAN Y01 TD . 49.71 -3.66 8.64
CAJ Y01 TD . 50.72 -3.91 7.48
CAO Y01 TD . 51.95 -4.78 7.99
CBB Y01 TD . 51.90 -6.30 7.66
CAC Y01 TD . 50.45 -6.83 7.85
CBE Y01 TD . 52.48 -6.62 6.26
CAP Y01 TD . 53.86 -5.94 5.99
CAQ Y01 TD . 54.56 -6.86 4.98
CBG Y01 TD . 53.53 -7.91 4.57
CBI Y01 TD . 52.71 -8.11 5.85
CAE Y01 TD . 53.53 -8.82 6.94
CAU Y01 TD . 51.50 -8.96 5.48
CAS Y01 TD . 51.90 -10.29 4.86
CBF Y01 TD . 52.85 -10.17 3.65
CBD Y01 TD . 54.01 -9.20 3.91
CAK Y01 TD . 54.65 -8.86 2.58
CAI Y01 TD . 54.64 -10.03 1.64
CAZ Y01 TD . 54.32 -11.26 1.97
CAV Y01 TD . 54.33 -12.28 0.86
CBH Y01 TD . 53.37 -11.53 3.12
CAD Y01 TD . 54.05 -12.29 4.27
CAT Y01 TD . 52.25 -12.37 2.58
CAR Y01 TD . 52.72 -13.75 2.09
CBC Y01 TD . 54.03 -13.68 1.37
OAW Y01 TD . 55.09 -14.12 2.26
CAY Y01 TD . 56.21 -14.52 1.68
OAG Y01 TD . 56.52 -14.27 0.56
CAM Y01 TD . 57.08 -15.31 2.60
CAL Y01 TD . 58.30 -15.87 1.86
CAX Y01 TD . 59.26 -14.83 1.37
OAH Y01 TD . 60.38 -15.17 0.86
OAF Y01 TD . 58.96 -13.61 1.46
HAA1 Y01 TD . 48.74 -1.66 10.32
HAA2 Y01 TD . 49.63 -2.06 11.57
HAA3 Y01 TD . 48.61 -3.11 10.95
HBA Y01 TD . 50.92 -3.49 10.31
HAB1 Y01 TD . 51.26 -1.04 10.02
HAB2 Y01 TD . 52.03 -1.99 9.00
HAB3 Y01 TD . 50.69 -1.27 8.56
HAN1 Y01 TD . 49.37 -4.50 8.97
HAN2 Y01 TD . 48.96 -3.14 8.29
HAJ1 Y01 TD . 50.26 -4.39 6.76
HAJ2 Y01 TD . 51.04 -3.07 7.12
HAO1 Y01 TD . 52.01 -4.69 8.95
HAO2 Y01 TD . 52.76 -4.40 7.61
HBB Y01 TD . 52.45 -6.75 8.32
HAC1 Y01 TD . 49.91 -6.56 7.10
HAC2 Y01 TD . 50.47 -7.79 7.89
HAC3 Y01 TD . 50.09 -6.47 8.67
HBE Y01 TD . 51.85 -6.25 5.62
HAP1 Y01 TD . 53.72 -5.06 5.61
HAP2 Y01 TD . 54.37 -5.88 6.81
HAQ1 Y01 TD . 54.84 -6.34 4.21
HAQ2 Y01 TD . 55.32 -7.29 5.40
HBG Y01 TD . 52.94 -7.48 3.93
HBD Y01 TD . 54.67 -9.62 4.49
HAE1 Y01 TD . 53.95 -9.59 6.56
HAE2 Y01 TD . 52.93 -9.09 7.65
HAE3 Y01 TD . 54.20 -8.21 7.29
HAU1 Y01 TD . 50.96 -8.46 4.83
HAU2 Y01 TD . 50.97 -9.13 6.27
HAS1 Y01 TD . 51.10 -10.75 4.59
HAS2 Y01 TD . 52.34 -10.82 5.56
HBF Y01 TD . 52.31 -9.78 2.94
HAK1 Y01 TD . 54.16 -8.13 2.17
HAK2 Y01 TD . 55.56 -8.58 2.73
HAI Y01 TD . 54.04 -9.78 0.93
HAV1 Y01 TD . 55.20 -12.27 0.43
HAV2 Y01 TD . 53.65 -12.03 0.21
HBC Y01 TD . 53.99 -14.27 0.62
HAD1 Y01 TD . 54.87 -12.72 3.98
HAD2 Y01 TD . 53.45 -12.97 4.61
HAD3 Y01 TD . 54.26 -11.68 4.99
HAT1 Y01 TD . 51.58 -12.50 3.27
HAT2 Y01 TD . 51.84 -11.91 1.83
HAR1 Y01 TD . 52.05 -14.11 1.50
HAR2 Y01 TD . 52.82 -14.33 2.86
HAM1 Y01 TD . 56.56 -16.05 2.96
HAM2 Y01 TD . 57.37 -14.75 3.33
HAL1 Y01 TD . 57.99 -16.38 1.10
HAL2 Y01 TD . 58.78 -16.46 2.46
C02 C14 UD . 18.26 -1.61 32.02
C03 C14 UD . 19.36 -2.09 31.10
C04 C14 UD . 20.69 -2.12 31.86
C05 C14 UD . 21.84 -2.43 30.89
C06 C14 UD . 23.06 -1.58 31.27
C07 C14 UD . 24.25 -1.98 30.42
C08 C14 UD . 25.47 -1.17 30.86
C09 C14 UD . 26.60 -1.34 29.84
C10 C14 UD . 27.85 -0.62 30.34
C11 C14 UD . 28.87 -0.55 29.21
C12 C14 UD . 30.14 0.15 29.69
C13 C14 UD . 30.96 -0.78 30.58
H022 C14 UD . 18.19 -2.21 32.78
H031 C14 UD . 19.16 -2.99 30.78
H032 C14 UD . 19.44 -1.48 30.35
H041 C14 UD . 20.85 -1.27 32.27
H042 C14 UD . 20.66 -2.82 32.54
H051 C14 UD . 22.07 -3.37 30.95
H052 C14 UD . 21.57 -2.21 29.99
H061 C14 UD . 23.27 -1.73 32.21
H062 C14 UD . 22.85 -0.65 31.13
H071 C14 UD . 24.43 -2.92 30.53
H072 C14 UD . 24.07 -1.79 29.49
H081 C14 UD . 25.78 -1.50 31.73
H082 C14 UD . 25.23 -0.24 30.94
H091 C14 UD . 26.32 -0.95 29.00
H092 C14 UD . 26.79 -2.28 29.72
H101 C14 UD . 27.62 0.28 30.62
H102 C14 UD . 28.22 -1.11 31.09
H111 C14 UD . 28.49 -0.06 28.47
H112 C14 UD . 29.09 -1.45 28.92
H121 C14 UD . 30.67 0.42 28.93
H122 C14 UD . 29.89 0.95 30.20
H131 C14 UD . 31.78 -0.35 30.83
H132 C14 UD . 30.45 -1.01 31.38
C01 C14 VD . 18.84 2.37 32.41
C02 C14 VD . 20.23 1.82 32.77
C03 C14 VD . 21.26 2.92 32.60
C04 C14 VD . 22.65 2.38 32.93
C05 C14 VD . 23.69 3.49 32.75
C06 C14 VD . 25.08 2.94 33.07
C07 C14 VD . 26.14 3.88 32.50
C08 C14 VD . 27.48 3.66 33.23
C09 C14 VD . 28.55 4.52 32.57
C10 C14 VD . 29.88 4.36 33.32
C11 C14 VD . 30.76 5.59 33.08
C12 C14 VD . 32.19 5.30 33.53
C13 C14 VD . 33.02 6.58 33.45
C14 C14 VD . 34.30 6.34 32.64
H021 C14 VD . 20.21 1.51 33.69
H022 C14 VD . 20.44 1.07 32.18
H031 C14 VD . 21.25 3.24 31.68
H032 C14 VD . 21.05 3.65 33.20
H041 C14 VD . 22.86 1.64 32.35
H042 C14 VD . 22.67 2.07 33.86
H051 C14 VD . 23.67 3.80 31.84
H052 C14 VD . 23.49 4.23 33.35
H061 C14 VD . 25.18 2.06 32.66
H062 C14 VD . 25.19 2.87 34.03
H071 C14 VD . 25.87 4.80 32.63
H072 C14 VD . 26.25 3.71 31.55
H081 C14 VD . 27.38 3.91 34.15
H082 C14 VD . 27.72 2.73 33.16
H091 C14 VD . 28.68 4.23 31.65
H092 C14 VD . 28.29 5.45 32.58
H101 C14 VD . 29.69 4.28 34.27
H102 C14 VD . 30.33 3.57 33.01
H111 C14 VD . 30.41 6.34 33.58
H112 C14 VD . 30.75 5.80 32.13
H121 C14 VD . 32.18 4.97 34.44
H122 C14 VD . 32.58 4.62 32.95
H131 C14 VD . 33.26 6.86 34.35
H132 C14 VD . 32.49 7.27 33.02
H141 C14 VD . 34.93 7.05 32.83
H142 C14 VD . 34.08 6.33 31.70
H143 C14 VD . 34.68 5.48 32.89
C01 C14 WD . 20.78 -2.74 36.97
C02 C14 WD . 21.89 -3.56 36.33
C03 C14 WD . 23.20 -2.76 36.37
C04 C14 WD . 24.33 -3.62 35.85
C05 C14 WD . 25.69 -2.94 36.08
C06 C14 WD . 25.72 -1.59 35.37
C07 C14 WD . 27.07 -1.37 34.68
C08 C14 WD . 28.15 -1.03 35.70
C09 C14 WD . 29.06 0.07 35.13
C10 C14 WD . 30.53 -0.18 35.51
C11 C14 WD . 31.40 0.08 34.28
C12 C14 WD . 32.85 -0.29 34.58
C13 C14 WD . 33.68 -0.20 33.30
C14 C14 WD . 35.12 -0.60 33.60
H021 C14 WD . 21.66 -3.75 35.40
H022 C14 WD . 22.02 -4.39 36.81
H031 C14 WD . 23.39 -2.49 37.28
H032 C14 WD . 23.10 -1.96 35.81
H041 C14 WD . 24.33 -4.47 36.31
H042 C14 WD . 24.22 -3.77 34.89
H051 C14 WD . 25.82 -2.80 37.03
H052 C14 WD . 26.40 -3.51 35.74
H061 C14 WD . 25.57 -0.88 36.01
H062 C14 WD . 25.02 -1.56 34.69
H071 C14 WD . 27.32 -2.17 34.20
H072 C14 WD . 26.98 -0.64 34.05
H081 C14 WD . 28.67 -1.82 35.91
H082 C14 WD . 27.73 -0.69 36.52
H091 C14 WD . 28.78 0.93 35.49
H092 C14 WD . 28.99 0.08 34.17
H101 C14 WD . 30.79 0.43 36.22
H102 C14 WD . 30.66 -1.09 35.80
H111 C14 WD . 31.08 -0.46 33.54
H112 C14 WD . 31.35 1.02 34.04
H121 C14 WD . 32.89 -1.19 34.92
H122 C14 WD . 33.20 0.33 35.24
H131 C14 WD . 33.66 0.71 32.96
H132 C14 WD . 33.32 -0.80 32.63
H141 C14 WD . 35.49 0.00 34.26
H142 C14 WD . 35.15 -1.50 33.94
H143 C14 WD . 35.65 -0.54 32.78
C01 C14 XD . 20.44 0.41 37.82
C02 C14 XD . 20.55 1.87 38.25
C03 C14 XD . 21.16 2.68 37.10
C04 C14 XD . 21.07 4.18 37.43
C05 C14 XD . 22.23 4.91 36.75
C06 C14 XD . 23.46 4.90 37.65
C07 C14 XD . 24.72 5.04 36.81
C08 C14 XD . 25.75 5.85 37.58
C09 C14 XD . 27.16 5.56 37.05
C10 C14 XD . 28.18 6.34 37.88
C11 C14 XD . 29.58 6.17 37.28
C12 C14 XD . 30.56 7.06 38.03
C13 C14 XD . 31.98 6.72 37.61
C14 C14 XD . 32.97 7.70 38.26
H021 C14 XD . 21.12 1.94 39.03
H022 C14 XD . 19.67 2.22 38.46
H031 C14 XD . 22.09 2.43 36.99
H032 C14 XD . 20.67 2.51 36.28
H041 C14 XD . 21.13 4.30 38.39
H042 C14 XD . 20.23 4.52 37.11
H051 C14 XD . 21.96 5.83 36.58
H052 C14 XD . 22.44 4.48 35.91
H061 C14 XD . 23.49 4.06 38.14
H062 C14 XD . 23.40 5.63 38.29
H071 C14 XD . 25.08 4.16 36.61
H072 C14 XD . 24.50 5.49 35.98
H081 C14 XD . 25.56 6.80 37.47
H082 C14 XD . 25.71 5.62 38.52
H091 C14 XD . 27.34 4.61 37.12
H092 C14 XD . 27.21 5.83 36.12
H101 C14 XD . 28.17 6.00 38.79
H102 C14 XD . 27.94 7.27 37.88
H111 C14 XD . 29.56 6.41 36.35
H112 C14 XD . 29.85 5.23 37.36
H121 C14 XD . 30.46 6.91 38.98
H122 C14 XD . 30.37 7.99 37.83
H131 C14 XD . 32.06 6.78 36.65
H132 C14 XD . 32.21 5.82 37.90
H141 C14 XD . 32.75 8.61 37.97
H142 C14 XD . 32.89 7.65 39.23
H143 C14 XD . 33.86 7.49 38.00
C01 C14 YD . 17.03 7.08 33.81
C02 C14 YD . 18.29 6.44 34.42
C03 C14 YD . 18.82 7.33 35.55
C04 C14 YD . 19.92 8.24 35.00
C05 C14 YD . 20.34 9.23 36.08
C06 C14 YD . 21.72 9.81 35.74
C07 C14 YD . 22.12 10.82 36.81
C08 C14 YD . 23.55 11.29 36.58
C09 C14 YD . 24.53 10.37 37.31
C10 C14 YD . 25.94 10.94 37.23
C11 C14 YD . 26.86 10.15 38.14
C12 C14 YD . 28.32 10.53 37.87
C13 C14 YD . 28.85 11.44 38.99
C14 C14 YD . 30.37 11.51 38.90
H021 C14 YD . 18.05 5.57 34.79
H022 C14 YD . 18.97 6.34 33.75
H031 C14 YD . 18.09 7.87 35.90
H032 C14 YD . 19.17 6.77 36.25
H041 C14 YD . 20.68 7.70 34.74
H042 C14 YD . 19.59 8.72 34.23
H051 C14 YD . 19.70 9.95 36.14
H052 C14 YD . 20.40 8.78 36.94
H061 C14 YD . 22.37 9.11 35.70
H062 C14 YD . 21.67 10.26 34.88
H071 C14 YD . 22.05 10.42 37.68
H072 C14 YD . 21.52 11.59 36.77
H081 C14 YD . 23.75 11.27 35.63
H082 C14 YD . 23.66 12.20 36.91
H091 C14 YD . 24.51 9.49 36.91
H092 C14 YD . 24.27 10.30 38.25
H101 C14 YD . 26.26 10.87 36.31
H102 C14 YD . 25.93 11.87 37.50
H111 C14 YD . 26.64 10.35 39.07
H112 C14 YD . 26.74 9.20 37.99
H121 C14 YD . 28.39 10.99 37.03
H122 C14 YD . 28.86 9.72 37.84
H131 C14 YD . 28.59 11.08 39.85
H132 C14 YD . 28.48 12.33 38.87
H141 C14 YD . 30.63 11.86 38.04
H142 C14 YD . 30.70 12.09 39.61
H143 C14 YD . 30.75 10.62 39.02
C01 C14 ZD . 40.66 5.66 32.47
C02 C14 ZD . 41.85 5.50 33.41
C03 C14 ZD . 41.79 4.13 34.07
C04 C14 ZD . 42.96 3.98 35.04
C05 C14 ZD . 44.25 3.71 34.26
C06 C14 ZD . 45.40 3.47 35.24
C07 C14 ZD . 46.74 3.68 34.54
C08 C14 ZD . 47.86 3.40 35.54
C09 C14 ZD . 49.22 3.64 34.88
C10 C14 ZD . 49.46 5.13 34.67
C11 C14 ZD . 50.96 5.40 34.69
C12 C14 ZD . 51.23 6.88 34.44
C13 C14 ZD . 51.79 7.52 35.72
C14 C14 ZD . 52.10 8.98 35.45
H021 C14 ZD . 41.82 6.19 34.09
H022 C14 ZD . 42.67 5.58 32.90
H031 C14 ZD . 40.96 4.05 34.56
H032 C14 ZD . 41.84 3.44 33.39
H041 C14 ZD . 42.79 3.24 35.64
H042 C14 ZD . 43.07 4.79 35.55
H051 C14 ZD . 44.13 2.92 33.70
H052 C14 ZD . 44.46 4.47 33.70
H061 C14 ZD . 45.32 4.10 35.97
H062 C14 ZD . 45.35 2.56 35.58
H071 C14 ZD . 46.81 3.06 33.79
H072 C14 ZD . 46.80 4.58 34.22
H081 C14 ZD . 47.80 2.48 35.83
H082 C14 ZD . 47.77 4.00 36.29
H091 C14 ZD . 49.24 3.19 34.02
H092 C14 ZD . 49.91 3.28 35.44
H101 C14 ZD . 49.03 5.63 35.38
H102 C14 ZD . 49.09 5.40 33.81
H111 C14 ZD . 51.39 4.87 33.99
H112 C14 ZD . 51.32 5.14 35.55
H121 C14 ZD . 50.40 7.33 34.19
H122 C14 ZD . 51.87 6.98 33.73
H131 C14 ZD . 51.14 7.44 36.42
H132 C14 ZD . 52.61 7.06 35.98
H141 C14 ZD . 52.76 9.06 34.75
H142 C14 ZD . 51.29 9.44 35.19
H143 C14 ZD . 52.46 9.39 36.26
C01 C14 AE . 40.04 3.69 37.50
C02 C14 AE . 39.79 4.67 38.64
C03 C14 AE . 41.01 4.73 39.57
C04 C14 AE . 42.14 5.49 38.88
C05 C14 AE . 43.43 5.36 39.70
C06 C14 AE . 44.53 6.17 39.01
C07 C14 AE . 45.90 5.56 39.30
C08 C14 AE . 46.52 6.20 40.53
C09 C14 AE . 47.98 5.78 40.68
C10 C14 AE . 48.84 6.51 39.65
C11 C14 AE . 50.31 6.26 39.95
C12 C14 AE . 51.05 7.59 40.13
C13 C14 AE . 52.56 7.35 40.16
C14 C14 AE . 53.29 8.68 40.01
H021 C14 AE . 39.62 5.55 38.28
H022 C14 AE . 39.02 4.37 39.15
H031 C14 AE . 41.31 3.83 39.76
H032 C14 AE . 40.77 5.18 40.38
H041 C14 AE . 42.29 5.12 38.00
H042 C14 AE . 41.90 6.42 38.80
H051 C14 AE . 43.68 4.43 39.75
H052 C14 AE . 43.27 5.72 40.59
H061 C14 AE . 44.51 7.08 39.34
H062 C14 AE . 44.37 6.18 38.06
H071 C14 AE . 45.82 4.61 39.44
H072 C14 AE . 46.48 5.72 38.53
H081 C14 AE . 46.02 5.92 41.32
H082 C14 AE . 46.47 7.17 40.45
H091 C14 AE . 48.05 4.83 40.55
H092 C14 AE . 48.29 6.01 41.57
H101 C14 AE . 48.66 7.47 39.68
H102 C14 AE . 48.64 6.17 38.77
H111 C14 AE . 50.72 5.77 39.21
H112 C14 AE . 50.40 5.73 40.76
H121 C14 AE . 50.82 8.18 39.40
H122 C14 AE . 50.77 7.99 40.97
H131 C14 AE . 52.81 6.75 39.43
H132 C14 AE . 52.80 6.95 41.01
H141 C14 AE . 53.04 9.09 39.15
H142 C14 AE . 54.24 8.52 40.02
H143 C14 AE . 53.04 9.28 40.73
C02 C14 BE . 37.72 8.54 33.46
C03 C14 BE . 38.37 7.73 34.59
C04 C14 BE . 38.76 8.64 35.74
C05 C14 BE . 39.96 9.50 35.36
C06 C14 BE . 40.38 10.38 36.53
C07 C14 BE . 41.86 10.15 36.86
C08 C14 BE . 42.42 11.38 37.59
C09 C14 BE . 43.63 10.96 38.42
C10 C14 BE . 44.66 12.09 38.48
C11 C14 BE . 45.98 11.51 38.99
C12 C14 BE . 46.84 12.60 39.64
C13 C14 BE . 47.09 13.74 38.67
C14 C14 BE . 48.23 14.61 39.19
H022 C14 BE . 38.39 9.03 32.98
H031 C14 BE . 37.74 7.05 34.91
H032 C14 BE . 39.16 7.29 34.24
H041 C14 BE . 38.01 9.22 35.97
H042 C14 BE . 38.99 8.11 36.51
H051 C14 BE . 39.72 10.07 34.60
H052 C14 BE . 40.70 8.93 35.09
H061 C14 BE . 40.24 11.30 36.31
H062 C14 BE . 39.84 10.15 37.31
H071 C14 BE . 41.95 9.37 37.43
H072 C14 BE . 42.35 10.01 36.04
H081 C14 BE . 41.74 11.75 38.17
H082 C14 BE . 42.69 12.04 36.94
H091 C14 BE . 43.33 10.74 39.32
H092 C14 BE . 44.03 10.17 38.03
H101 C14 BE . 44.35 12.78 39.09
H102 C14 BE . 44.79 12.46 37.60
H111 C14 BE . 45.79 10.82 39.64
H112 C14 BE . 46.47 11.12 38.25
H121 C14 BE . 46.37 12.94 40.43
H122 C14 BE . 47.68 12.21 39.91
H131 C14 BE . 46.29 14.28 38.58
H132 C14 BE . 47.34 13.38 37.80
H141 C14 BE . 48.39 15.35 38.58
H142 C14 BE . 49.03 14.08 39.28
H143 C14 BE . 47.99 14.97 40.06
C01 C14 CE . 34.83 12.51 38.97
C02 C14 CE . 35.41 13.83 39.44
C03 C14 CE . 36.86 13.97 38.99
C04 C14 CE . 37.76 13.09 39.85
C05 C14 CE . 39.23 13.29 39.45
C06 C14 CE . 39.91 14.23 40.44
C07 C14 CE . 40.32 13.44 41.68
C08 C14 CE . 40.50 14.39 42.88
C09 C14 CE . 41.78 15.21 42.71
C10 C14 CE . 43.00 14.37 43.08
C11 C14 CE . 44.13 14.61 42.08
C12 C14 CE . 45.48 14.62 42.78
C13 C14 CE . 45.70 15.95 43.49
C14 C14 CE . 46.73 15.78 44.60
H021 C14 CE . 35.38 13.86 40.41
H022 C14 CE . 34.88 14.56 39.08
H031 C14 CE . 36.93 13.69 38.05
H032 C14 CE . 37.14 14.89 39.06
H041 C14 CE . 37.64 13.32 40.77
H042 C14 CE . 37.53 12.15 39.72
H051 C14 CE . 39.68 12.43 39.44
H052 C14 CE . 39.26 13.68 38.56
H061 C14 CE . 40.70 14.61 40.03
H062 C14 CE . 39.29 14.93 40.69
H071 C14 CE . 41.16 12.99 41.52
H072 C14 CE . 39.64 12.79 41.90
H081 C14 CE . 39.74 14.98 42.93
H082 C14 CE . 40.55 13.86 43.69
H091 C14 CE . 41.73 15.98 43.30
H092 C14 CE . 41.85 15.52 41.80
H101 C14 CE . 43.30 14.62 43.97
H102 C14 CE . 42.76 13.43 43.07
H111 C14 CE . 44.11 13.91 41.41
H112 C14 CE . 43.99 15.47 41.65
H121 C14 CE . 45.49 13.89 43.45
H122 C14 CE . 46.18 14.47 42.14
H131 C14 CE . 46.02 16.60 42.85
H132 C14 CE . 44.86 16.27 43.87
H141 C14 CE . 47.56 15.47 44.23
H142 C14 CE . 46.87 16.63 45.05
H143 C14 CE . 46.40 15.13 45.25
C01 C14 DE . 38.18 11.41 13.71
C02 C14 DE . 39.06 10.30 14.27
C03 C14 DE . 38.25 9.01 14.44
C04 C14 DE . 37.98 8.37 13.09
C05 C14 DE . 39.22 7.61 12.58
C06 C14 DE . 39.44 6.34 13.41
C07 C14 DE . 40.43 5.43 12.68
C08 C14 DE . 40.91 4.31 13.61
C09 C14 DE . 42.23 4.70 14.27
C10 C14 DE . 42.93 3.42 14.75
C11 C14 DE . 44.36 3.75 15.18
C12 C14 DE . 45.25 2.54 14.94
C13 C14 DE . 46.58 2.72 15.68
C14 C14 DE . 47.61 1.72 15.16
H021 C14 DE . 39.40 10.57 15.14
H022 C14 DE . 39.80 10.14 13.66
H031 C14 DE . 37.41 9.23 14.87
H032 C14 DE . 38.75 8.40 15.01
H041 C14 DE . 37.24 7.74 13.17
H042 C14 DE . 37.75 9.05 12.44
H051 C14 DE . 39.08 7.36 11.66
H052 C14 DE . 39.99 8.17 12.66
H061 C14 DE . 39.79 6.57 14.28
H062 C14 DE . 38.60 5.87 13.52
H071 C14 DE . 41.19 5.96 12.39
H072 C14 DE . 40.00 5.06 11.91
H081 C14 DE . 40.23 4.16 14.30
H082 C14 DE . 41.02 3.51 13.09
H091 C14 DE . 42.79 5.15 13.62
H092 C14 DE . 42.05 5.28 15.02
H101 C14 DE . 42.95 2.78 14.03
H102 C14 DE . 42.45 3.05 15.50
H111 C14 DE . 44.36 3.98 16.12
H112 C14 DE . 44.69 4.51 14.67
H121 C14 DE . 45.42 2.44 13.99
H122 C14 DE . 44.81 1.74 15.27
H131 C14 DE . 46.91 3.62 15.55
H132 C14 DE . 46.44 2.57 16.63
H141 C14 DE . 47.28 0.82 15.29
H142 C14 DE . 47.75 1.87 14.21
H143 C14 DE . 48.45 1.84 15.63
C01 C14 EE . 35.79 2.04 14.11
C02 C14 EE . 36.28 0.61 13.98
C03 C14 EE . 37.09 0.21 15.22
C04 C14 EE . 38.49 0.80 15.13
C05 C14 EE . 39.28 0.47 16.39
C06 C14 EE . 38.84 1.38 17.54
C07 C14 EE . 39.94 2.37 17.89
C08 C14 EE . 41.06 1.68 18.68
C09 C14 EE . 41.91 2.72 19.39
C10 C14 EE . 43.19 2.08 19.93
C11 C14 EE . 43.34 2.37 21.42
C12 C14 EE . 43.54 3.87 21.66
C13 C14 EE . 43.90 4.09 23.14
C14 C14 EE . 43.55 5.52 23.56
H021 C14 EE . 36.84 0.52 13.20
H022 C14 EE . 35.52 0.02 13.90
H031 C14 EE . 37.15 -0.76 15.27
H032 C14 EE . 36.64 0.56 16.01
H041 C14 EE . 38.95 0.43 14.35
H042 C14 EE . 38.43 1.77 15.02
H051 C14 EE . 40.23 0.61 16.22
H052 C14 EE . 39.14 -0.45 16.63
H061 C14 EE . 38.04 1.86 17.28
H062 C14 EE . 38.63 0.82 18.32
H071 C14 EE . 40.31 2.75 17.08
H072 C14 EE . 39.57 3.08 18.44
H081 C14 EE . 40.67 1.08 19.34
H082 C14 EE . 41.62 1.16 18.07
H091 C14 EE . 42.14 3.43 18.76
H092 C14 EE . 41.40 3.10 20.12
H101 C14 EE . 43.14 1.13 19.79
H102 C14 EE . 43.95 2.44 19.46
H111 C14 EE . 42.55 2.08 21.89
H112 C14 EE . 44.11 1.89 21.76
H121 C14 EE . 42.73 4.34 21.46
H122 C14 EE . 44.27 4.20 21.11
H131 C14 EE . 43.40 3.46 23.69
H132 C14 EE . 44.85 3.95 23.27
H141 C14 EE . 43.77 5.65 24.49
H142 C14 EE . 42.59 5.66 23.44
H143 C14 EE . 44.03 6.15 23.01
C1 PTY FE . 63.43 1.94 14.59
C2 PTY FE . 68.66 1.64 19.16
C3 PTY FE . 68.53 1.78 17.64
O4 PTY FE . 62.52 1.32 15.46
C5 PTY FE . 65.89 1.32 14.55
C6 PTY FE . 64.47 0.90 14.19
O7 PTY FE . 64.42 0.74 12.81
C8 PTY FE . 65.12 -0.37 12.31
O10 PTY FE . 66.00 -0.86 12.95
C11 PTY FE . 64.76 -0.96 10.95
C12 PTY FE . 63.27 -1.31 10.83
C13 PTY FE . 62.55 -0.40 9.85
C14 PTY FE . 61.58 0.56 10.53
C30 PTY FE . 61.25 1.14 14.89
C31 PTY FE . 60.02 1.77 15.54
O30 PTY FE . 61.14 0.50 13.90
C32 PTY FE . 58.92 2.04 14.52
C33 PTY FE . 57.57 2.33 15.18
C34 PTY FE . 56.43 2.57 14.20
C35 PTY FE . 56.49 1.72 12.92
C36 PTY FE . 55.28 0.81 12.77
C37 PTY FE . 54.03 1.57 12.33
C38 PTY FE . 52.77 0.76 12.59
C39 PTY FE . 52.69 0.25 14.02
C40 PTY FE . 51.28 -0.12 14.45
C41 PTY FE . 51.14 -0.26 15.96
C42 PTY FE . 51.96 -1.43 16.50
P1 PTY FE . 68.13 0.34 15.48
O11 PTY FE . 68.42 0.50 17.09
O12 PTY FE . 68.70 1.55 14.75
O13 PTY FE . 68.79 -0.91 14.96
O14 PTY FE . 66.51 0.26 15.21
N1 PTY FE . 69.27 2.84 19.71
HC11 PTY FE . 63.86 2.68 15.05
HC12 PTY FE . 62.97 2.26 13.81
HC21 PTY FE . 69.20 0.86 19.38
HC22 PTY FE . 67.79 1.58 19.54
HC31 PTY FE . 67.73 2.29 17.43
HC32 PTY FE . 69.30 2.22 17.28
HC51 PTY FE . 66.39 1.53 13.75
HC52 PTY FE . 65.88 2.10 15.14
HC6 PTY FE . 64.26 0.06 14.63
H111 PTY FE . 65.00 -0.32 10.27
H112 PTY FE . 65.28 -1.77 10.82
H121 PTY FE . 62.86 -1.22 11.72
H122 PTY FE . 63.19 -2.23 10.54
H131 PTY FE . 62.04 -0.96 9.23
H132 PTY FE . 63.19 0.11 9.33
H141 PTY FE . 61.07 0.07 11.20
H142 PTY FE . 62.08 1.27 10.96
H311 PTY FE . 59.68 1.17 16.21
H312 PTY FE . 60.28 2.60 15.97
H321 PTY FE . 58.86 1.26 13.97
H322 PTY FE . 59.17 2.81 13.97
H331 PTY FE . 57.34 1.58 15.75
H332 PTY FE . 57.66 3.12 15.74
H341 PTY FE . 56.44 3.51 13.95
H342 PTY FE . 55.59 2.39 14.65
H351 PTY FE . 56.54 2.32 12.16
H352 PTY FE . 57.27 1.16 12.90
H361 PTY FE . 55.49 0.14 12.11
H362 PTY FE . 55.14 0.38 13.62
H371 PTY FE . 54.09 1.76 11.38
H372 PTY FE . 53.98 2.42 12.81
H381 PTY FE . 51.99 1.33 12.43
H382 PTY FE . 52.74 0.01 11.98
H391 PTY FE . 53.25 -0.56 14.09
H392 PTY FE . 53.05 0.92 14.62
H401 PTY FE . 50.67 0.58 14.14
H402 PTY FE . 51.03 -0.96 14.03
H411 PTY FE . 51.46 0.56 16.39
H412 PTY FE . 50.21 -0.39 16.18
H421 PTY FE . 51.95 -1.42 17.47
H422 PTY FE . 51.57 -2.27 16.19
HN12 PTY FE . 68.98 2.96 20.54
CAA Y01 GE . 60.56 -6.44 4.96
CBA Y01 GE . 59.30 -5.88 5.64
CAB Y01 GE . 58.09 -6.13 4.73
CAN Y01 GE . 59.48 -4.39 5.91
CAJ Y01 GE . 58.20 -3.76 6.54
CAO Y01 GE . 57.95 -4.33 7.99
CBB Y01 GE . 58.96 -3.90 9.09
CAC Y01 GE . 59.04 -2.35 9.10
CBE Y01 GE . 58.54 -4.56 10.42
CAP Y01 GE . 59.26 -5.92 10.68
CAQ Y01 GE . 59.20 -6.12 12.21
CBG Y01 GE . 58.38 -4.95 12.76
CBI Y01 GE . 58.73 -3.81 11.78
CAE Y01 GE . 60.17 -3.37 11.95
CAU Y01 GE . 57.76 -2.67 12.05
CAS Y01 GE . 57.79 -2.24 13.51
CBF Y01 GE . 57.50 -3.38 14.48
CBD Y01 GE . 58.47 -4.54 14.24
CAK Y01 GE . 58.12 -5.72 15.14
CAI Y01 GE . 57.58 -5.31 16.49
CAZ Y01 GE . 57.19 -4.10 16.85
CAV Y01 GE . 55.97 -4.02 17.75
CBH Y01 GE . 57.48 -2.91 15.97
CAD Y01 GE . 58.82 -2.30 16.36
CAT Y01 GE . 56.37 -1.90 16.15
CAR Y01 GE . 56.18 -1.50 17.61
CBC Y01 GE . 55.78 -2.67 18.43
OAW Y01 GE . 56.51 -2.63 19.68
CAY Y01 GE . 56.10 -1.67 20.52
OAG Y01 GE . 56.69 -0.67 20.70
CAM Y01 GE . 54.79 -1.98 21.19
CAL Y01 GE . 54.46 -0.94 22.26
CAX Y01 GE . 55.22 -1.11 23.54
OAH Y01 GE . 54.71 -0.76 24.64
OAF Y01 GE . 56.37 -1.62 23.50
HAA1 Y01 GE . 60.52 -7.42 4.95
HAA2 Y01 GE . 61.35 -6.16 5.46
HAA3 Y01 GE . 60.62 -6.11 4.05
HBA Y01 GE . 59.17 -6.35 6.49
HAB1 Y01 GE . 57.28 -6.17 5.26
HAB2 Y01 GE . 58.20 -6.97 4.25
HAB3 Y01 GE . 58.01 -5.41 4.09
HAN1 Y01 GE . 60.23 -4.26 6.52
HAN2 Y01 GE . 59.68 -3.94 5.08
HAJ1 Y01 GE . 58.31 -2.79 6.58
HAJ2 Y01 GE . 57.44 -3.95 5.98
HAO1 Y01 GE . 57.06 -4.05 8.28
HAO2 Y01 GE . 57.95 -5.30 7.95
HBB Y01 GE . 59.83 -4.24 8.83
HAC1 Y01 GE . 58.15 -1.98 9.20
HAC2 Y01 GE . 59.43 -2.04 8.28
HAC3 Y01 GE . 59.59 -2.05 9.84
HBE Y01 GE . 57.60 -4.76 10.34
HAP1 Y01 GE . 58.78 -6.64 10.24
HAP2 Y01 GE . 60.18 -5.89 10.38
HAQ1 Y01 GE . 58.78 -6.96 12.42
HAQ2 Y01 GE . 60.10 -6.09 12.57
HBG Y01 GE . 57.45 -5.18 12.61
HBD Y01 GE . 59.38 -4.26 14.44
HAE1 Y01 GE . 60.19 -2.41 12.10
HAE2 Y01 GE . 60.57 -3.83 12.70
HAE3 Y01 GE . 60.67 -3.58 11.15
HAU1 Y01 GE . 56.86 -2.95 11.82
HAU2 Y01 GE . 58.00 -1.91 11.50
HAS1 Y01 GE . 58.67 -1.87 13.69
HAS2 Y01 GE . 57.13 -1.55 13.62
HBF Y01 GE . 56.61 -3.71 14.28
HAK1 Y01 GE . 58.91 -6.25 15.28
HAK2 Y01 GE . 57.45 -6.27 14.70
HAI Y01 GE . 56.80 -5.88 16.63
HAV1 Y01 GE . 55.19 -4.22 17.22
HAV2 Y01 GE . 56.06 -4.70 18.44
HBC Y01 GE . 54.83 -2.59 18.61
HAD1 Y01 GE . 58.97 -1.49 15.84
HAD2 Y01 GE . 58.83 -2.07 17.30
HAD3 Y01 GE . 59.54 -2.93 16.17
HAT1 Y01 GE . 56.59 -1.11 15.65
HAT2 Y01 GE . 55.54 -2.27 15.81
HAR1 Y01 GE . 57.00 -1.13 17.95
HAR2 Y01 GE . 55.48 -0.83 17.65
HAM1 Y01 GE . 54.10 -1.97 20.51
HAM2 Y01 GE . 54.84 -2.85 21.59
HAL1 Y01 GE . 53.51 -1.00 22.47
HAL2 Y01 GE . 54.64 -0.06 21.91
CAA Y01 HE . 46.17 9.20 17.86
CBA Y01 HE . 47.29 8.17 18.06
CAB Y01 HE . 48.37 8.37 16.98
CAN Y01 HE . 46.70 6.75 17.99
CAJ Y01 HE . 47.80 5.65 17.85
CAO Y01 HE . 48.79 5.67 19.09
CBB Y01 HE . 48.52 4.61 20.20
CAC Y01 HE . 47.00 4.46 20.43
CBE Y01 HE . 49.21 3.26 19.90
CAP Y01 HE . 50.71 3.42 19.49
CAQ Y01 HE . 51.38 2.11 19.91
CBG Y01 HE . 50.25 1.18 20.37
CBI Y01 HE . 49.25 2.17 21.00
CAE Y01 HE . 49.77 2.75 22.30
CAU Y01 HE . 47.97 1.37 21.27
CAS Y01 HE . 48.22 0.17 22.18
CBF Y01 HE . 49.32 -0.78 21.67
CBD Y01 HE . 50.58 -0.03 21.24
CAK Y01 HE . 51.45 -0.98 20.43
CAI Y01 HE . 51.36 -2.38 20.94
CAZ Y01 HE . 50.79 -2.74 22.08
CAV Y01 HE . 50.78 -4.22 22.39
CBH Y01 HE . 49.67 -1.92 22.67
CAD Y01 HE . 50.05 -1.31 24.02
CAT Y01 HE . 48.49 -2.85 22.87
CAR Y01 HE . 48.78 -3.96 23.88
CBC Y01 HE . 50.17 -4.50 23.75
OAW Y01 HE . 51.00 -3.94 24.78
CAY Y01 HE . 52.12 -4.62 25.08
OAG Y01 HE . 52.61 -5.44 24.38
CAM Y01 HE . 52.70 -4.21 26.39
CAL Y01 HE . 53.91 -5.09 26.76
CAX Y01 HE . 55.08 -4.96 25.83
OAH Y01 HE . 56.18 -5.54 26.12
OAF Y01 HE . 54.99 -4.26 24.80
HAA1 Y01 HE . 45.43 8.99 18.43
HAA2 Y01 HE . 45.88 9.19 16.94
HAA3 Y01 HE . 46.51 10.09 18.08
HBA Y01 HE . 47.69 8.30 18.94
HAB1 Y01 HE . 48.08 7.93 16.16
HAB2 Y01 HE . 48.49 9.31 16.81
HAB3 Y01 HE . 49.21 7.98 17.27
HAN1 Y01 HE . 46.12 6.70 17.22
HAN2 Y01 HE . 46.17 6.59 18.79
HAJ1 Y01 HE . 47.37 4.78 17.80
HAJ2 Y01 HE . 48.31 5.79 17.04
HAO1 Y01 HE . 48.73 6.54 19.51
HAO2 Y01 HE . 49.69 5.57 18.76
HBB Y01 HE . 48.89 4.95 21.02
HAC1 Y01 HE . 46.60 3.95 19.71
HAC2 Y01 HE . 46.58 5.34 20.45
HAC3 Y01 HE . 46.84 4.01 21.27
HBE Y01 HE . 48.75 2.88 19.13
HAP1 Y01 HE . 50.80 3.54 18.54
HAP2 Y01 HE . 51.12 4.17 19.96
HAQ1 Y01 HE . 51.84 1.71 19.15
HAQ2 Y01 HE . 52.00 2.25 20.64
HBG Y01 HE . 49.83 0.83 19.57
HBD Y01 HE . 51.08 0.26 22.02
HAE1 Y01 HE . 50.12 2.04 22.87
HAE2 Y01 HE . 49.05 3.21 22.76
HAE3 Y01 HE . 50.48 3.38 22.13
HAU1 Y01 HE . 47.31 1.94 21.69
HAU2 Y01 HE . 47.61 1.05 20.42
HAS1 Y01 HE . 48.45 0.51 23.06
HAS2 Y01 HE . 47.38 -0.33 22.25
HBF Y01 HE . 48.96 -1.20 20.88
HAK1 Y01 HE . 51.14 -0.97 19.51
HAK2 Y01 HE . 52.37 -0.69 20.47
HAI Y01 HE . 52.26 -2.73 20.99
HAV1 Y01 HE . 50.24 -4.67 21.71
HAV2 Y01 HE . 51.68 -4.56 22.35
HBC Y01 HE . 50.13 -5.46 23.86
HAD1 Y01 HE . 50.27 -0.37 23.91
HAD2 Y01 HE . 50.81 -1.75 24.42
HAD3 Y01 HE . 49.29 -1.38 24.64
HAT1 Y01 HE . 47.74 -2.34 23.18
HAT2 Y01 HE . 48.28 -3.26 22.01
HAR1 Y01 HE . 48.16 -4.68 23.75
HAR2 Y01 HE . 48.68 -3.60 24.77
HAM1 Y01 HE . 52.02 -4.29 27.08
HAM2 Y01 HE . 52.99 -3.29 26.34
HAL1 Y01 HE . 53.62 -6.02 26.74
HAL2 Y01 HE . 54.19 -4.87 27.66
C02 C14 IE . 13.22 27.01 21.42
C03 C14 IE . 14.36 26.01 21.58
C04 C14 IE . 15.55 26.68 22.28
C05 C14 IE . 16.75 25.74 22.29
C06 C14 IE . 18.01 26.54 22.03
C07 C14 IE . 19.25 25.65 22.18
C08 C14 IE . 20.51 26.49 22.00
C09 C14 IE . 21.72 25.57 21.85
C10 C14 IE . 22.99 26.41 21.77
C11 C14 IE . 24.15 25.53 21.35
C12 C14 IE . 25.45 26.34 21.28
C13 C14 IE . 25.97 26.63 22.69
H022 C14 IE . 12.95 27.34 22.29
H031 C14 IE . 14.05 25.25 22.12
H032 C14 IE . 14.64 25.68 20.71
H041 C14 IE . 15.78 27.49 21.79
H042 C14 IE . 15.30 26.90 23.19
H051 C14 IE . 16.81 25.30 23.15
H052 C14 IE . 16.65 25.07 21.59
H061 C14 IE . 18.07 27.27 22.67
H062 C14 IE . 17.99 26.91 21.14
H071 C14 IE . 19.25 25.24 23.06
H072 C14 IE . 19.22 24.94 21.51
H081 C14 IE . 20.63 27.06 22.77
H082 C14 IE . 20.42 27.04 21.20
H091 C14 IE . 21.63 25.05 21.03
H092 C14 IE . 21.77 24.97 22.61
H101 C14 IE . 22.87 27.12 21.11
H102 C14 IE . 23.17 26.81 22.63
H111 C14 IE . 23.97 25.14 20.48
H112 C14 IE . 24.26 24.81 22.00
H121 C14 IE . 26.11 25.84 20.78
H122 C14 IE . 25.27 27.18 20.83
H131 C14 IE . 26.82 27.09 22.63
H132 C14 IE . 25.32 27.17 23.17
C01 C14 JE . 14.40 29.44 18.41
C02 C14 JE . 15.61 29.51 19.34
C03 C14 JE . 16.83 29.98 18.55
C04 C14 JE . 18.04 30.02 19.47
C05 C14 JE . 19.26 30.48 18.68
C06 C14 JE . 20.49 30.51 19.59
C07 C14 JE . 21.76 30.56 18.74
C08 C14 JE . 22.92 31.09 19.57
C09 C14 JE . 24.22 31.02 18.76
C10 C14 JE . 25.38 31.63 19.55
C11 C14 JE . 26.47 32.09 18.59
C12 C14 JE . 27.76 32.36 19.36
C13 C14 JE . 28.79 33.00 18.42
C14 C14 JE . 30.10 32.23 18.49
H021 C14 JE . 15.42 30.12 20.06
H022 C14 JE . 15.77 28.62 19.71
H031 C14 JE . 17.00 29.35 17.82
H032 C14 JE . 16.66 30.86 18.20
H041 C14 JE . 18.21 29.14 19.83
H042 C14 JE . 17.88 30.64 20.20
H051 C14 JE . 19.42 29.86 17.95
H052 C14 JE . 19.11 31.37 18.33
H061 C14 JE . 20.51 29.71 20.15
H062 C14 JE . 20.46 31.29 20.16
H071 C14 JE . 21.62 31.14 17.97
H072 C14 JE . 21.97 29.66 18.43
H081 C14 JE . 22.75 32.02 19.82
H082 C14 JE . 23.02 30.56 20.38
H091 C14 JE . 24.42 30.09 18.56
H092 C14 JE . 24.10 31.51 17.93
H101 C14 JE . 25.05 32.39 20.06
H102 C14 JE . 25.73 30.96 20.15
H111 C14 JE . 26.18 32.90 18.13
H112 C14 JE . 26.64 31.40 17.93
H121 C14 JE . 27.57 32.97 20.09
H122 C14 JE . 28.11 31.53 19.72
H131 C14 JE . 28.95 33.92 18.70
H132 C14 JE . 28.45 32.98 17.51
H141 C14 JE . 30.81 32.77 18.12
H142 C14 JE . 30.03 31.40 17.98
H143 C14 JE . 30.32 32.02 19.42
C01 C14 KE . 14.82 30.72 25.40
C02 C14 KE . 15.87 29.77 25.99
C03 C14 KE . 17.26 30.26 25.62
C04 C14 KE . 18.31 29.40 26.32
C05 C14 KE . 19.70 30.00 26.15
C06 C14 KE . 20.06 30.11 24.67
C07 C14 KE . 21.51 29.68 24.43
C08 C14 KE . 22.47 30.78 24.89
C09 C14 KE . 23.63 30.88 23.88
C10 C14 KE . 24.97 31.13 24.59
C11 C14 KE . 26.02 30.24 23.93
C12 C14 KE . 27.34 30.35 24.70
C13 C14 KE . 28.35 29.33 24.15
C14 C14 KE . 29.65 29.42 24.94
H021 C14 KE . 15.74 28.87 25.64
H022 C14 KE . 15.77 29.76 26.96
H031 C14 KE . 17.36 31.19 25.90
H032 C14 KE . 17.37 30.21 24.65
H041 C14 KE . 18.10 29.35 27.26
H042 C14 KE . 18.30 28.51 25.94
H051 C14 KE . 19.72 30.89 26.55
H052 C14 KE . 20.36 29.43 26.60
H061 C14 KE . 19.93 31.03 24.38
H062 C14 KE . 19.47 29.53 24.16
H071 C14 KE . 21.69 28.86 24.91
H072 C14 KE . 21.62 29.52 23.48
H081 C14 KE . 22.82 30.54 25.76
H082 C14 KE . 22.01 31.62 24.94
H091 C14 KE . 23.45 31.63 23.28
H092 C14 KE . 23.69 30.06 23.36
H101 C14 KE . 25.22 32.06 24.49
H102 C14 KE . 24.89 30.90 25.52
H111 C14 KE . 25.72 29.32 23.94
H112 C14 KE . 26.16 30.52 23.02
H121 C14 KE . 27.18 30.16 25.63
H122 C14 KE . 27.70 31.25 24.60
H131 C14 KE . 28.52 29.53 23.22
H132 C14 KE . 27.98 28.44 24.23
H141 C14 KE . 30.01 30.32 24.86
H142 C14 KE . 29.48 29.24 25.88
H143 C14 KE . 30.28 28.78 24.60
C01 C14 LE . 14.88 33.07 23.13
C02 C14 LE . 15.18 34.21 22.14
C03 C14 LE . 16.07 33.68 21.01
C04 C14 LE . 16.17 34.73 19.92
C05 C14 LE . 17.51 34.58 19.20
C06 C14 LE . 18.59 35.38 19.94
C07 C14 LE . 19.97 34.78 19.65
C08 C14 LE . 21.01 35.90 19.59
C09 C14 LE . 22.40 35.33 19.86
C10 C14 LE . 23.41 36.48 19.85
C11 C14 LE . 24.83 35.92 19.99
C12 C14 LE . 25.83 37.07 19.83
C13 C14 LE . 27.23 36.58 20.21
C14 C14 LE . 28.26 37.68 19.91
H021 C14 LE . 15.64 34.93 22.60
H022 C14 LE . 14.34 34.54 21.77
H031 C14 LE . 16.94 33.48 21.37
H032 C14 LE . 15.67 32.88 20.65
H041 C14 LE . 16.12 35.62 20.31
H042 C14 LE . 15.45 34.61 19.28
H051 C14 LE . 17.43 34.91 18.29
H052 C14 LE . 17.76 33.65 19.19
H061 C14 LE . 18.41 35.36 20.89
H062 C14 LE . 18.58 36.31 19.63
H071 C14 LE . 20.20 34.17 20.37
H072 C14 LE . 19.95 34.31 18.81
H081 C14 LE . 20.99 36.30 18.71
H082 C14 LE . 20.79 36.57 20.25
H091 C14 LE . 22.41 34.90 20.73
H092 C14 LE . 22.63 34.69 19.17
H101 C14 LE . 23.22 37.08 20.58
H102 C14 LE . 23.34 36.97 19.01
H111 C14 LE . 24.98 35.26 19.29
H112 C14 LE . 24.93 35.52 20.86
H121 C14 LE . 25.58 37.80 20.41
H122 C14 LE . 25.83 37.37 18.91
H131 C14 LE . 27.45 35.80 19.69
H132 C14 LE . 27.25 36.36 21.14
H141 C14 LE . 28.23 37.90 18.97
H142 C14 LE . 28.03 38.46 20.43
H143 C14 LE . 29.14 37.37 20.16
C01 C14 ME . 13.21 33.05 14.80
C02 C14 ME . 14.24 33.28 15.90
C03 C14 ME . 14.75 34.72 15.85
C04 C14 ME . 16.06 34.76 15.05
C05 C14 ME . 16.49 36.22 14.85
C06 C14 ME . 17.97 36.28 14.48
C07 C14 ME . 18.37 37.74 14.27
C08 C14 ME . 19.88 37.83 14.06
C09 C14 ME . 20.58 38.00 15.42
C10 C14 ME . 22.07 38.27 15.20
C11 C14 ME . 22.71 38.67 16.52
C12 C14 ME . 24.24 38.68 16.38
C13 C14 ME . 24.75 40.12 16.29
C14 C14 ME . 26.26 40.14 16.51
H021 C14 ME . 13.83 33.12 16.77
H022 C14 ME . 14.99 32.67 15.79
H031 C14 ME . 14.08 35.27 15.42
H032 C14 ME . 14.92 35.04 16.75
H041 C14 ME . 16.74 34.28 15.53
H042 C14 ME . 15.92 34.35 14.19
H051 C14 ME . 15.96 36.62 14.15
H052 C14 ME . 16.34 36.70 15.68
H061 C14 ME . 18.49 35.90 15.20
H062 C14 ME . 18.11 35.77 13.67
H071 C14 ME . 18.11 38.26 15.05
H072 C14 ME . 17.92 38.08 13.48
H081 C14 ME . 20.20 37.02 13.64
H082 C14 ME . 20.09 38.59 13.51
H091 C14 ME . 20.47 37.19 15.94
H092 C14 ME . 20.19 38.75 15.89
H101 C14 ME . 22.49 37.46 14.86
H102 C14 ME . 22.18 38.98 14.55
H111 C14 ME . 22.41 39.55 16.77
H112 C14 ME . 22.46 38.03 17.20
H121 C14 ME . 24.49 38.21 15.57
H122 C14 ME . 24.64 38.25 17.15
H131 C14 ME . 24.32 40.67 16.97
H132 C14 ME . 24.55 40.49 15.41
H141 C14 ME . 26.70 39.60 15.83
H142 C14 ME . 26.59 41.06 16.46
H143 C14 ME . 26.46 39.78 17.39
C01 C14 NE . 36.24 31.92 20.32
C02 C14 NE . 37.25 32.69 21.18
C03 C14 NE . 36.87 32.53 22.65
C04 C14 NE . 37.86 33.30 23.52
C05 C14 NE . 39.18 32.55 23.62
C06 C14 NE . 40.12 33.29 24.56
C07 C14 NE . 41.56 32.84 24.32
C08 C14 NE . 42.47 33.58 25.28
C09 C14 NE . 43.93 33.20 25.04
C10 C14 NE . 44.44 33.81 23.75
C11 C14 NE . 45.95 34.01 23.85
C12 C14 NE . 46.49 34.60 22.55
C13 C14 NE . 46.97 36.02 22.78
C14 C14 NE . 47.55 36.59 21.49
H021 C14 NE . 37.24 33.62 20.94
H022 C14 NE . 38.14 32.32 21.03
H031 C14 NE . 35.98 32.87 22.79
H032 C14 NE . 36.90 31.59 22.89
H041 C14 NE . 37.49 33.42 24.41
H042 C14 NE . 38.02 34.17 23.12
H051 C14 NE . 39.01 31.65 23.96
H052 C14 NE . 39.58 32.48 22.74
H061 C14 NE . 40.05 34.24 24.39
H062 C14 NE . 39.87 33.10 25.47
H071 C14 NE . 41.63 31.89 24.47
H072 C14 NE . 41.82 33.04 23.40
H081 C14 NE . 42.23 33.36 26.19
H082 C14 NE . 42.38 34.54 25.15
H091 C14 NE . 44.00 32.23 24.99
H092 C14 NE . 44.48 33.51 25.78
H101 C14 NE . 44.01 34.66 23.59
H102 C14 NE . 44.25 33.21 23.00
H111 C14 NE . 46.38 33.16 24.03
H112 C14 NE . 46.14 34.63 24.57
H121 C14 NE . 45.79 34.59 21.88
H122 C14 NE . 47.24 34.06 22.24
H131 C14 NE . 46.21 36.58 23.06
H132 C14 NE . 47.65 36.03 23.47
H141 C14 NE . 48.29 36.04 21.20
H142 C14 NE . 46.86 36.58 20.79
H143 C14 NE . 47.85 37.50 21.63
C01 C14 OE . 34.60 35.16 24.39
C02 C14 OE . 34.37 36.63 24.09
C03 C14 OE . 35.44 37.48 24.77
C04 C14 OE . 36.77 37.34 24.03
C05 C14 OE . 37.89 38.01 24.81
C06 C14 OE . 39.20 37.89 24.03
C07 C14 OE . 40.40 37.86 24.97
C08 C14 OE . 40.93 39.27 25.19
C09 C14 OE . 42.27 39.22 25.93
C10 C14 OE . 43.38 38.75 24.99
C11 C14 OE . 44.73 38.91 25.66
C12 C14 OE . 45.63 39.80 24.81
C13 C14 OE . 47.07 39.75 25.33
C14 C14 OE . 48.03 40.33 24.29
H021 C14 OE . 34.40 36.78 23.13
H022 C14 OE . 33.50 36.89 24.43
H031 C14 OE . 35.55 37.19 25.68
H032 C14 OE . 35.17 38.42 24.75
H041 C14 OE . 36.98 36.40 23.92
H042 C14 OE . 36.69 37.76 23.15
H051 C14 OE . 37.98 37.58 25.68
H052 C14 OE . 37.67 38.95 24.94
H061 C14 OE . 39.28 38.65 23.44
H062 C14 OE . 39.18 37.07 23.52
H071 C14 OE . 40.14 37.47 25.83
H072 C14 OE . 41.09 37.31 24.57
H081 C14 OE . 40.29 39.77 25.73
H082 C14 OE . 41.05 39.71 24.34
H091 C14 OE . 42.20 38.61 26.67
H092 C14 OE . 42.49 40.11 26.25
H101 C14 OE . 43.35 39.27 24.17
H102 C14 OE . 43.24 37.81 24.78
H111 C14 OE . 45.15 38.05 25.78
H112 C14 OE . 44.61 39.34 26.53
H121 C14 OE . 45.62 39.48 23.89
H122 C14 OE . 45.32 40.72 24.83
H131 C14 OE . 47.32 38.82 25.51
H132 C14 OE . 47.13 40.25 26.15
H141 C14 OE . 47.96 39.82 23.47
H142 C14 OE . 48.94 40.30 24.64
H143 C14 OE . 47.79 41.26 24.11
C02 C14 PE . 33.70 34.20 17.80
C03 C14 PE . 34.05 34.74 19.18
C04 C14 PE . 34.42 36.22 19.09
C05 C14 PE . 35.78 36.38 18.42
C06 C14 PE . 36.18 37.86 18.38
C07 C14 PE . 37.53 38.06 19.04
C08 C14 PE . 38.18 39.34 18.51
C09 C14 PE . 39.18 39.87 19.54
C10 C14 PE . 40.36 40.54 18.85
C11 C14 PE . 41.49 40.72 19.87
C12 C14 PE . 42.41 41.86 19.47
C13 C14 PE . 42.98 41.65 18.08
C14 C14 PE . 44.17 42.59 17.86
H022 C14 PE . 34.50 34.06 17.29
H031 C14 PE . 33.29 34.63 19.77
H032 C14 PE . 34.80 34.25 19.54
H041 C14 PE . 33.75 36.68 18.56
H042 C14 PE . 34.44 36.60 19.98
H051 C14 PE . 35.75 36.03 17.52
H052 C14 PE . 36.44 35.87 18.93
H061 C14 PE . 36.22 38.15 17.46
H062 C14 PE . 35.51 38.37 18.85
H071 C14 PE . 37.42 38.14 20.01
H072 C14 PE . 38.11 37.31 18.85
H081 C14 PE . 37.50 40.01 18.35
H082 C14 PE . 38.65 39.14 17.68
H091 C14 PE . 38.74 40.52 20.11
H092 C14 PE . 39.50 39.14 20.08
H101 C14 PE . 40.10 41.41 18.51
H102 C14 PE . 40.68 39.99 18.11
H111 C14 PE . 41.11 40.91 20.74
H112 C14 PE . 42.01 39.90 19.91
H121 C14 PE . 41.91 42.69 19.49
H122 C14 PE . 43.15 41.92 20.11
H131 C14 PE . 42.30 41.83 17.41
H132 C14 PE . 43.28 40.73 17.99
H141 C14 PE . 44.52 42.46 16.97
H142 C14 PE . 44.85 42.41 18.51
H143 C14 PE . 43.87 43.52 17.95
C01 C14 QE . 30.76 40.86 16.65
C02 C14 QE . 31.48 41.98 15.91
C03 C14 QE . 32.99 41.71 15.88
C04 C14 QE . 33.61 42.01 17.24
C05 C14 QE . 35.12 41.82 17.18
C06 C14 QE . 35.81 43.18 17.04
C07 C14 QE . 35.91 43.85 18.42
C08 C14 QE . 36.07 45.35 18.28
C09 C14 QE . 37.47 45.69 17.77
C10 C14 QE . 38.48 45.60 18.92
C11 C14 QE . 39.76 44.91 18.45
C12 C14 QE . 40.98 45.56 19.09
C13 C14 QE . 41.33 46.86 18.38
C14 C14 QE . 42.14 47.76 19.31
H021 C14 QE . 31.32 42.82 16.37
H022 C14 QE . 31.15 42.03 15.01
H031 C14 QE . 33.14 40.77 15.65
H032 C14 QE . 33.40 42.26 15.20
H041 C14 QE . 33.40 42.92 17.49
H042 C14 QE . 33.23 41.40 17.91
H051 C14 QE . 35.42 41.38 17.99
H052 C14 QE . 35.35 41.27 16.42
H061 C14 QE . 36.70 43.06 16.68
H062 C14 QE . 35.29 43.75 16.45
H071 C14 QE . 36.68 43.48 18.89
H072 C14 QE . 35.11 43.66 18.93
H081 C14 QE . 35.41 45.69 17.64
H082 C14 QE . 35.93 45.78 19.13
H091 C14 QE . 37.48 46.60 17.41
H092 C14 QE . 37.72 45.07 17.07
H101 C14 QE . 38.70 46.50 19.23
H102 C14 QE . 38.10 45.09 19.65
H111 C14 QE . 39.72 43.98 18.69
H112 C14 QE . 39.84 44.99 17.48
H121 C14 QE . 40.79 45.74 20.02
H122 C14 QE . 41.73 44.96 19.03
H131 C14 QE . 41.83 46.68 17.58
H132 C14 QE . 40.51 47.32 18.13
H141 C14 QE . 42.96 47.30 19.56
H142 C14 QE . 42.37 48.59 18.84
H143 C14 QE . 41.64 47.95 20.10
C01 C14 RE . 37.35 18.92 5.48
C02 C14 RE . 37.95 18.83 6.88
C03 C14 RE . 36.93 18.28 7.86
C04 C14 RE . 36.75 16.77 7.66
C05 C14 RE . 37.89 15.99 8.31
C06 C14 RE . 37.80 16.03 9.83
C07 C14 RE . 38.72 14.97 10.42
C08 C14 RE . 38.87 15.18 11.93
C09 C14 RE . 40.13 15.99 12.22
C10 C14 RE . 40.54 15.76 13.68
C11 C14 RE . 41.93 16.34 13.93
C12 C14 RE . 42.63 15.53 15.01
C13 C14 RE . 43.86 16.29 15.51
C14 C14 RE . 44.78 15.36 16.30
H021 C14 RE . 38.22 19.72 7.16
H022 C14 RE . 38.74 18.26 6.86
H031 C14 RE . 36.08 18.72 7.72
H032 C14 RE . 37.24 18.44 8.77
H041 C14 RE . 35.91 16.50 8.07
H042 C14 RE . 36.72 16.57 6.71
H051 C14 RE . 37.85 15.07 8.01
H052 C14 RE . 38.75 16.37 8.03
H061 C14 RE . 38.06 16.91 10.15
H062 C14 RE . 36.88 15.86 10.10
H071 C14 RE . 39.58 15.02 9.99
H072 C14 RE . 38.33 14.09 10.26
H081 C14 RE . 38.09 15.67 12.26
H082 C14 RE . 38.92 14.32 12.37
H091 C14 RE . 40.85 15.70 11.64
H092 C14 RE . 39.96 16.93 12.09
H101 C14 RE . 40.56 14.81 13.86
H102 C14 RE . 39.90 16.19 14.27
H111 C14 RE . 41.85 17.26 14.22
H112 C14 RE . 42.45 16.31 13.11
H121 C14 RE . 42.92 14.67 14.65
H122 C14 RE . 42.03 15.37 15.76
H131 C14 RE . 44.34 16.67 14.77
H132 C14 RE . 43.57 17.02 16.09
H141 C14 RE . 44.29 15.00 17.06
H142 C14 RE . 45.07 14.64 15.73
H143 C14 RE . 45.55 15.85 16.62
C01 C14 SE . 33.43 14.26 13.00
C02 C14 SE . 33.69 13.41 14.23
C03 C14 SE . 34.25 14.28 15.36
C04 C14 SE . 35.72 14.56 15.12
C05 C14 SE . 36.27 15.48 16.21
C06 C14 SE . 35.82 16.92 15.94
C07 C14 SE . 37.02 17.78 15.53
C08 C14 SE . 37.88 18.12 16.74
C09 C14 SE . 38.78 19.30 16.40
C10 C14 SE . 39.86 19.46 17.48
C11 C14 SE . 39.85 20.90 18.03
C12 C14 SE . 40.26 21.90 16.95
C13 C14 SE . 40.44 23.28 17.58
C14 C14 SE . 40.27 24.37 16.53
H021 C14 SE . 34.34 12.71 14.02
H022 C14 SE . 32.86 13.00 14.53
H031 C14 SE . 34.14 13.82 16.21
H032 C14 SE . 33.76 15.12 15.39
H041 C14 SE . 36.22 13.72 15.13
H042 C14 SE . 35.83 14.97 14.25
H051 C14 SE . 37.24 15.44 16.21
H052 C14 SE . 35.94 15.20 17.07
H061 C14 SE . 35.16 16.92 15.23
H062 C14 SE . 35.43 17.29 16.75
H071 C14 SE . 37.55 17.29 14.87
H072 C14 SE . 36.69 18.61 15.13
H081 C14 SE . 37.31 18.35 17.49
H082 C14 SE . 38.42 17.35 16.97
H091 C14 SE . 39.21 19.14 15.55
H092 C14 SE . 38.25 20.11 16.35
H101 C14 SE . 39.67 18.84 18.21
H102 C14 SE . 40.73 19.27 17.11
H111 C14 SE . 38.96 21.11 18.36
H112 C14 SE . 40.48 20.95 18.78
H121 C14 SE . 39.56 21.94 16.28
H122 C14 SE . 41.09 21.62 16.55
H131 C14 SE . 39.77 23.40 18.28
H132 C14 SE . 41.33 23.34 17.97
H141 C14 SE . 40.38 25.23 16.94
H142 C14 SE . 39.38 24.31 16.15
H143 C14 SE . 40.92 24.25 15.83
C1 PTY TE . 60.34 15.51 19.20
C2 PTY TE . 64.78 19.41 22.87
C3 PTY TE . 64.86 18.18 21.96
O4 PTY TE . 59.22 15.89 19.95
C5 PTY TE . 62.65 15.23 20.22
C6 PTY TE . 61.24 14.66 20.08
O7 PTY TE . 61.35 13.39 19.51
C8 PTY TE . 61.93 12.42 20.33
O10 PTY TE . 62.62 12.73 21.24
C11 PTY TE . 61.66 10.93 20.06
C12 PTY TE . 60.17 10.61 19.97
C13 PTY TE . 59.75 10.21 18.56
C14 PTY TE . 58.87 11.27 17.90
C30 PTY TE . 58.04 15.28 19.56
C31 PTY TE . 56.85 16.11 19.09
O30 PTY TE . 57.96 14.09 19.56
C32 PTY TE . 55.96 15.36 18.11
C33 PTY TE . 54.61 16.03 17.93
C34 PTY TE . 53.66 15.28 16.98
C35 PTY TE . 53.76 13.75 17.06
C36 PTY TE . 52.45 13.10 17.47
C37 PTY TE . 51.42 13.08 16.35
C38 PTY TE . 50.01 12.84 16.89
C39 PTY TE . 49.66 13.79 18.04
C40 PTY TE . 48.16 13.91 18.26
C41 PTY TE . 47.79 15.12 19.12
C42 PTY TE . 48.32 14.99 20.55
P1 PTY TE . 64.56 15.58 21.97
O11 PTY TE . 64.63 17.04 22.73
O12 PTY TE . 65.40 15.61 20.72
O13 PTY TE . 65.06 14.50 22.89
O14 PTY TE . 62.98 15.26 21.57
N1 PTY TE . 65.49 20.52 22.27
HC11 PTY TE . 60.81 16.30 18.90
HC12 PTY TE . 60.05 14.99 18.44
HC21 PTY TE . 65.15 19.19 23.74
HC22 PTY TE . 63.85 19.65 22.97
HC31 PTY TE . 64.20 18.25 21.26
HC32 PTY TE . 65.76 18.13 21.56
HC51 PTY TE . 63.28 14.67 19.73
HC52 PTY TE . 62.68 16.13 19.86
HC6 PTY TE . 60.85 14.57 20.96
H111 PTY TE . 62.10 10.69 19.22
H112 PTY TE . 62.05 10.41 20.77
H121 PTY TE . 59.67 11.38 20.24
H122 PTY TE . 59.98 9.87 20.57
H131 PTY TE . 59.26 9.38 18.60
H132 PTY TE . 60.54 10.07 18.00
H141 PTY TE . 58.20 11.58 18.54
H142 PTY TE . 59.41 12.02 17.62
H311 PTY TE . 56.33 16.36 19.86
H312 PTY TE . 57.18 16.92 18.66
H321 PTY TE . 55.86 14.47 18.48
H322 PTY TE . 56.41 15.30 17.26
H331 PTY TE . 54.17 16.10 18.79
H332 PTY TE . 54.75 16.93 17.57
H341 PTY TE . 53.86 15.55 16.07
H342 PTY TE . 52.75 15.54 17.18
H351 PTY TE . 54.00 13.42 16.18
H352 PTY TE . 54.43 13.45 17.69
H361 PTY TE . 52.64 12.19 17.75
H362 PTY TE . 52.12 13.59 18.25
H371 PTY TE . 51.63 12.38 15.73
H372 PTY TE . 51.43 13.93 15.89
H381 PTY TE . 49.36 12.97 16.18
H382 PTY TE . 49.94 11.92 17.21
H391 PTY TE . 50.06 13.44 18.86
H392 PTY TE . 50.03 14.66 17.86
H401 PTY TE . 47.73 14.00 17.39
H402 PTY TE . 47.83 13.11 18.69
H411 PTY TE . 48.17 15.92 18.72
H412 PTY TE . 46.83 15.21 19.14
H421 PTY TE . 48.18 15.82 21.02
H422 PTY TE . 47.84 14.28 21.00
HN12 PTY TE . 65.10 21.28 22.54
CAA Y01 UE . 57.50 2.83 20.71
CBA Y01 UE . 56.26 3.66 20.32
CAB Y01 UE . 55.16 2.71 19.80
CAN Y01 UE . 56.65 4.67 19.24
CAJ Y01 UE . 55.41 5.50 18.75
CAO Y01 UE . 54.87 6.42 19.92
CBB Y01 UE . 55.78 7.61 20.32
CAC Y01 UE . 56.11 8.45 19.07
CBE Y01 UE . 55.08 8.39 21.47
CAP Y01 UE . 55.52 7.92 22.90
CAQ Y01 UE . 55.23 9.11 23.82
CBG Y01 UE . 54.53 10.17 22.95
CBI Y01 UE . 55.19 9.94 21.57
CAE Y01 UE . 56.65 10.37 21.60
CAU Y01 UE . 54.40 10.74 20.55
CAS Y01 UE . 54.30 12.21 20.93
CBF Y01 UE . 53.69 12.43 22.33
CBD Y01 UE . 54.48 11.65 23.38
CAK Y01 UE . 53.81 11.79 24.74
CAI Y01 UE . 53.17 13.12 24.97
CAZ Y01 UE . 52.95 14.06 24.06
CAV Y01 UE . 51.65 14.82 24.19
CBH Y01 UE . 53.54 13.94 22.69
CAD Y01 UE . 54.91 14.64 22.65
CAT Y01 UE . 52.60 14.59 21.70
CAR Y01 UE . 52.28 16.03 22.06
CBC Y01 UE . 51.58 16.11 23.37
OAW Y01 UE . 52.12 17.21 24.12
CAY Y01 UE . 51.76 18.42 23.65
OAG Y01 UE . 52.49 19.11 23.04
CAM Y01 UE . 50.35 18.78 23.97
CAL Y01 UE . 50.04 20.23 23.58
CAX Y01 UE . 50.59 21.25 24.54
OAH Y01 UE . 49.98 22.36 24.70
OAF Y01 UE . 51.63 20.99 25.19
HAA1 Y01 UE . 57.73 2.22 19.98
HAA2 Y01 UE . 57.30 2.30 21.50
HAA3 Y01 UE . 58.24 3.42 20.88
HBA Y01 UE . 55.95 4.13 21.11
HAB1 Y01 UE . 54.29 3.13 19.91
HAB2 Y01 UE . 55.32 2.52 18.86
HAB3 Y01 UE . 55.18 1.88 20.30
HAN1 Y01 UE . 57.04 4.21 18.48
HAN2 Y01 UE . 57.31 5.28 19.61
HAJ1 Y01 UE . 54.71 4.90 18.47
HAJ2 Y01 UE . 55.68 6.05 18.00
HAO1 Y01 UE . 54.02 6.78 19.64
HAO2 Y01 UE . 54.72 5.87 20.71
HBB Y01 UE . 56.61 7.26 20.67
HAC1 Y01 UE . 56.65 7.92 18.46
HAC2 Y01 UE . 55.29 8.70 18.61
HAC3 Y01 UE . 56.59 9.24 19.31
HBE Y01 UE . 54.13 8.19 21.40
HAP1 Y01 UE . 54.99 7.14 23.17
HAP2 Y01 UE . 56.47 7.71 22.90
HAQ1 Y01 UE . 56.04 9.47 24.17
HAQ2 Y01 UE . 54.63 8.84 24.54
HBG Y01 UE . 53.61 9.89 22.86
HBD Y01 UE . 55.39 11.99 23.44
HAE1 Y01 UE . 56.81 11.01 20.89
HAE2 Y01 UE . 57.21 9.60 21.47
HAE3 Y01 UE . 56.87 10.78 22.46
HAU1 Y01 UE . 54.84 10.68 19.69
HAU2 Y01 UE . 53.51 10.37 20.47
HAS1 Y01 UE . 55.19 12.59 20.90
HAS2 Y01 UE . 53.75 12.64 20.27
HBF Y01 UE . 52.80 12.05 22.31
HAK1 Y01 UE . 54.49 11.65 25.43
HAK2 Y01 UE . 53.14 11.10 24.83
HAI Y01 UE . 53.69 13.55 25.67
HAV1 Y01 UE . 51.51 15.06 25.13
HAV2 Y01 UE . 50.92 14.25 23.91
HBC Y01 UE . 50.65 16.28 23.19
HAD1 Y01 UE . 55.25 14.62 21.74
HAD2 Y01 UE . 54.82 15.55 22.94
HAD3 Y01 UE . 55.52 14.18 23.23
HAT1 Y01 UE . 53.01 14.58 20.82
HAT2 Y01 UE . 51.78 14.08 21.66
HAR1 Y01 UE . 51.70 16.40 21.37
HAR2 Y01 UE . 53.10 16.55 22.09
HAM1 Y01 UE . 50.19 18.67 24.93
HAM2 Y01 UE . 49.77 18.19 23.48
HAL1 Y01 UE . 50.41 20.41 22.70
HAL2 Y01 UE . 49.08 20.34 23.53
CAA Y01 VE . 44.22 21.54 11.13
CBA Y01 VE . 45.12 21.21 12.33
CAB Y01 VE . 46.35 20.41 11.84
CAN Y01 VE . 44.32 20.38 13.35
CAJ Y01 VE . 45.23 19.72 14.43
CAO Y01 VE . 46.03 20.82 15.25
CBB Y01 VE . 45.44 21.20 16.65
CAC Y01 VE . 43.89 21.26 16.56
CBE Y01 VE . 45.94 20.26 17.76
CAP Y01 VE . 47.48 20.04 17.74
CAQ Y01 VE . 47.86 19.72 19.20
CBG Y01 VE . 46.54 19.60 19.96
CBI Y01 VE . 45.64 20.62 19.24
CAE Y01 VE . 46.07 22.05 19.53
CAU Y01 VE . 44.22 20.38 19.77
CAS Y01 VE . 44.14 20.54 21.29
CBF Y01 VE . 45.13 19.65 22.06
CBD Y01 VE . 46.55 19.71 21.48
CAK Y01 VE . 47.35 18.55 22.05
CAI Y01 VE . 46.97 18.25 23.47
CAZ Y01 VE . 46.19 19.00 24.22
CAV Y01 VE . 45.89 18.49 25.60
CBH Y01 VE . 45.15 19.90 23.60
CAD Y01 VE . 45.43 21.40 23.85
CAT Y01 VE . 43.83 19.55 24.22
CAR Y01 VE . 43.78 19.84 25.72
CBC Y01 VE . 45.07 19.49 26.40
OAW Y01 VE . 45.83 20.68 26.64
CAY Y01 VE . 46.77 20.62 27.59
OAG Y01 VE . 47.20 19.61 28.03
CAM Y01 VE . 47.22 21.97 28.03
CAL Y01 VE . 48.20 21.86 29.22
CAX Y01 VE . 49.51 21.19 28.89
OAH Y01 VE . 50.45 21.16 29.75
OAF Y01 VE . 49.67 20.66 27.76
HAA1 Y01 VE . 44.66 22.20 10.56
HAA2 Y01 VE . 43.37 21.89 11.43
HAA3 Y01 VE . 44.06 20.73 10.61
HBA Y01 VE . 45.41 22.03 12.74
HAB1 Y01 VE . 47.06 20.49 12.49
HAB2 Y01 VE . 46.12 19.48 11.71
HAB3 Y01 VE . 46.66 20.78 10.99
HAN1 Y01 VE . 43.84 19.68 12.88
HAN2 Y01 VE . 43.67 20.96 13.78
HAJ1 Y01 VE . 44.68 19.21 15.04
HAJ2 Y01 VE . 45.86 19.12 14.01
HAO1 Y01 VE . 46.06 21.63 14.73
HAO2 Y01 VE . 46.94 20.51 15.36
HBB Y01 VE . 45.76 22.10 16.85
HAC1 Y01 VE . 43.55 21.73 17.33
HAC2 Y01 VE . 43.64 21.73 15.75
HAC3 Y01 VE . 43.53 20.36 16.53
HBE Y01 VE . 45.53 19.39 17.60
HAP1 Y01 VE . 47.93 20.85 17.45
HAP2 Y01 VE . 47.72 19.29 17.17
HAQ1 Y01 VE . 48.35 18.89 19.24
HAQ2 Y01 VE . 48.39 20.45 19.56
HBG Y01 VE . 46.19 18.72 19.75
HBD Y01 VE . 46.98 20.55 21.74
HAE1 Y01 VE . 46.21 22.17 20.48
HAE2 Y01 VE . 45.37 22.65 19.23
HAE3 Y01 VE . 46.89 22.25 19.06
HAU1 Y01 VE . 43.62 21.02 19.37
HAU2 Y01 VE . 43.94 19.49 19.53
HAS1 Y01 VE . 43.24 20.31 21.56
HAS2 Y01 VE . 44.30 21.47 21.50
HBF Y01 VE . 44.82 18.73 21.94
HAK1 Y01 VE . 48.29 18.77 22.01
HAK2 Y01 VE . 47.19 17.77 21.51
HAI Y01 VE . 46.52 17.38 23.43
HAV1 Y01 VE . 46.73 18.32 26.06
HAV2 Y01 VE . 45.39 17.67 25.52
HBC Y01 VE . 44.86 19.08 27.25
HAD1 Y01 VE . 46.05 21.52 24.58
HAD2 Y01 VE . 45.81 21.79 23.05
HAD3 Y01 VE . 44.60 21.85 24.06
HAT1 Y01 VE . 43.12 20.06 23.79
HAT2 Y01 VE . 43.66 18.60 24.10
HAR1 Y01 VE . 43.62 20.79 25.85
HAR2 Y01 VE . 43.07 19.33 26.12
HAM1 Y01 VE . 47.67 22.42 27.30
HAM2 Y01 VE . 46.45 22.49 28.32
HAL1 Y01 VE . 47.77 21.36 29.92
HAL2 Y01 VE . 48.39 22.75 29.54
C02 C14 WE . 14.44 32.82 -8.99
C03 C14 WE . 15.37 32.49 -7.83
C04 C14 WE . 16.53 33.46 -7.79
C05 C14 WE . 17.55 33.02 -6.74
C06 C14 WE . 18.96 33.27 -7.26
C07 C14 WE . 19.99 32.96 -6.18
C08 C14 WE . 21.39 33.28 -6.70
C09 C14 WE . 22.44 32.71 -5.75
C10 C14 WE . 23.83 33.13 -6.21
C11 C14 WE . 24.87 32.34 -5.43
C12 C14 WE . 26.28 32.75 -5.87
C13 C14 WE . 26.64 34.12 -5.29
H022 C14 WE . 14.12 33.74 -8.88
H031 C14 WE . 14.87 32.54 -6.99
H032 C14 WE . 15.70 31.58 -7.94
H041 C14 WE . 16.96 33.48 -8.65
H042 C14 WE . 16.21 34.35 -7.57
H051 C14 WE . 17.42 33.52 -5.92
H052 C14 WE . 17.44 32.07 -6.55
H061 C14 WE . 19.05 34.19 -7.54
H062 C14 WE . 19.12 32.69 -8.03
H071 C14 WE . 19.80 33.50 -5.39
H072 C14 WE . 19.94 32.02 -5.93
H081 C14 WE . 21.49 34.24 -6.76
H082 C14 WE . 21.50 32.88 -7.58
H091 C14 WE . 22.37 31.75 -5.73
H092 C14 WE . 22.28 33.06 -4.85
H101 C14 WE . 23.92 32.94 -7.16
H102 C14 WE . 23.95 34.08 -6.07
H111 C14 WE . 24.76 31.40 -5.58
H112 C14 WE . 24.78 32.53 -4.48
H121 C14 WE . 26.92 32.09 -5.57
H122 C14 WE . 26.31 32.80 -6.85
H131 C14 WE . 27.56 34.34 -5.53
H132 C14 WE . 26.04 34.79 -5.65
C01 C14 XE . 16.42 31.57 -12.29
C02 C14 XE . 17.47 32.44 -11.61
C03 C14 XE . 18.86 32.05 -12.14
C04 C14 XE . 19.93 32.89 -11.46
C05 C14 XE . 21.30 32.50 -11.98
C06 C14 XE . 22.38 33.32 -11.28
C07 C14 XE . 23.75 32.66 -11.47
C08 C14 XE . 24.85 33.70 -11.25
C09 C14 XE . 26.22 33.00 -11.32
C10 C14 XE . 27.34 34.03 -11.18
C11 C14 XE . 28.61 33.49 -11.82
C12 C14 XE . 29.82 34.33 -11.39
C13 C14 XE . 31.06 33.90 -12.16
C14 C14 XE . 32.20 33.59 -11.20
H021 C14 XE . 17.30 33.37 -11.82
H022 C14 XE . 17.44 32.30 -10.65
H031 C14 XE . 19.02 31.11 -11.96
H032 C14 XE . 18.89 32.20 -13.10
H041 C14 XE . 19.89 32.75 -10.50
H042 C14 XE . 19.77 33.83 -11.65
H051 C14 XE . 21.45 31.56 -11.79
H052 C14 XE . 21.35 32.65 -12.93
H061 C14 XE . 22.18 33.39 -10.33
H062 C14 XE . 22.40 34.22 -11.66
H071 C14 XE . 23.81 32.32 -12.37
H072 C14 XE . 23.85 31.94 -10.83
H081 C14 XE . 24.81 34.38 -11.94
H082 C14 XE . 24.75 34.10 -10.38
H091 C14 XE . 26.29 32.35 -10.61
H092 C14 XE . 26.31 32.55 -12.18
H101 C14 XE . 27.07 34.85 -11.64
H102 C14 XE . 27.49 34.22 -10.25
H111 C14 XE . 28.53 33.52 -12.79
H112 C14 XE . 28.75 32.57 -11.54
H121 C14 XE . 29.63 35.27 -11.56
H122 C14 XE . 29.97 34.20 -10.44
H131 C14 XE . 31.33 34.61 -12.77
H132 C14 XE . 30.84 33.10 -12.68
H141 C14 XE . 33.02 33.42 -11.71
H142 C14 XE . 31.98 32.81 -10.67
H143 C14 XE . 32.34 34.36 -10.62
C01 C14 YE . 16.06 38.21 -9.73
C02 C14 YE . 16.85 38.25 -8.43
C03 C14 YE . 18.35 38.24 -8.73
C04 C14 YE . 19.13 38.42 -7.43
C05 C14 YE . 20.61 38.64 -7.71
C06 C14 YE . 21.18 37.44 -8.47
C07 C14 YE . 22.56 37.06 -7.93
C08 C14 YE . 23.62 38.05 -8.40
C09 C14 YE . 24.91 37.28 -8.76
C10 C14 YE . 26.15 38.05 -8.31
C11 C14 YE . 27.14 37.07 -7.68
C12 C14 YE . 28.33 37.82 -7.10
C13 C14 YE . 29.21 36.85 -6.31
C14 C14 YE . 30.39 37.62 -5.71
H021 C14 YE . 16.63 37.48 -7.89
H022 C14 YE . 16.63 39.07 -7.95
H031 C14 YE . 18.56 38.97 -9.34
H032 C14 YE . 18.58 37.40 -9.14
H041 C14 YE . 18.79 39.19 -6.96
H042 C14 YE . 19.02 37.63 -6.88
H051 C14 YE . 20.73 39.43 -8.25
H052 C14 YE . 21.09 38.74 -6.88
H061 C14 YE . 21.25 37.66 -9.41
H062 C14 YE . 20.58 36.68 -8.37
H071 C14 YE . 22.53 37.04 -6.96
H072 C14 YE . 22.78 36.17 -8.24
H081 C14 YE . 23.80 38.68 -7.69
H082 C14 YE . 23.30 38.52 -9.19
H091 C14 YE . 24.94 37.15 -9.72
H092 C14 YE . 24.90 36.42 -8.32
H101 C14 YE . 26.57 38.47 -9.09
H102 C14 YE . 25.92 38.73 -7.67
H111 C14 YE . 26.69 36.58 -6.96
H112 C14 YE . 27.45 36.44 -8.35
H121 C14 YE . 28.01 38.52 -6.51
H122 C14 YE . 28.85 38.21 -7.82
H131 C14 YE . 29.55 36.16 -6.90
H132 C14 YE . 28.70 36.44 -5.60
H141 C14 YE . 30.91 38.02 -6.42
H142 C14 YE . 30.06 38.31 -5.12
H143 C14 YE . 30.96 37.01 -5.22
C01 C14 ZE . 16.84 37.50 -12.84
C02 C14 ZE . 17.46 37.27 -14.23
C03 C14 ZE . 18.39 36.06 -14.16
C04 C14 ZE . 18.82 35.67 -15.57
C05 C14 ZE . 20.20 35.03 -15.52
C06 C14 ZE . 21.29 36.11 -15.58
C07 C14 ZE . 22.57 35.60 -14.93
C08 C14 ZE . 23.78 36.16 -15.67
C09 C14 ZE . 25.00 36.14 -14.77
C10 C14 ZE . 26.19 36.75 -15.52
C11 C14 ZE . 27.46 36.63 -14.68
C12 C14 ZE . 28.66 37.13 -15.49
C13 C14 ZE . 29.89 37.24 -14.60
C14 C14 ZE . 31.11 37.60 -15.45
H021 C14 ZE . 17.96 38.05 -14.50
H022 C14 ZE . 16.75 37.10 -14.87
H031 C14 ZE . 19.17 36.28 -13.63
H032 C14 ZE . 17.92 35.32 -13.75
H041 C14 ZE . 18.87 36.47 -16.13
H042 C14 ZE . 18.20 35.05 -15.95
H051 C14 ZE . 20.31 34.43 -16.27
H052 C14 ZE . 20.30 34.54 -14.69
H061 C14 ZE . 20.98 36.90 -15.12
H062 C14 ZE . 21.47 36.32 -16.51
H071 C14 ZE . 22.59 35.89 -14.01
H072 C14 ZE . 22.59 34.63 -14.96
H081 C14 ZE . 23.95 35.61 -16.46
H082 C14 ZE . 23.60 37.07 -15.95
H091 C14 ZE . 24.83 36.66 -13.97
H092 C14 ZE . 25.22 35.22 -14.53
H101 C14 ZE . 26.00 37.70 -15.69
H102 C14 ZE . 26.31 36.29 -16.36
H111 C14 ZE . 27.60 35.70 -14.44
H112 C14 ZE . 27.37 37.17 -13.87
H121 C14 ZE . 28.45 37.99 -15.87
H122 C14 ZE . 28.83 36.49 -16.21
H131 C14 ZE . 30.05 36.38 -14.16
H132 C14 ZE . 29.75 37.92 -13.93
H141 C14 ZE . 31.26 36.90 -16.11
H142 C14 ZE . 30.96 38.44 -15.89
H143 C14 ZE . 31.89 37.66 -14.87
C01 C14 AF . 16.36 30.34 -17.38
C02 C14 AF . 17.24 31.44 -16.79
C03 C14 AF . 18.00 32.15 -17.92
C04 C14 AF . 19.39 31.54 -18.08
C05 C14 AF . 20.08 32.14 -19.30
C06 C14 AF . 21.59 31.91 -19.22
C07 C14 AF . 22.25 32.50 -20.46
C08 C14 AF . 23.78 32.42 -20.32
C09 C14 AF . 24.29 33.69 -19.63
C10 C14 AF . 25.82 33.68 -19.65
C11 C14 AF . 26.34 35.04 -19.17
C12 C14 AF . 27.84 34.97 -18.93
C13 C14 AF . 28.60 35.67 -20.07
C14 C14 AF . 30.05 35.92 -19.64
H021 C14 AF . 16.69 32.07 -16.32
H022 C14 AF . 17.89 31.04 -16.19
H031 C14 AF . 17.50 32.05 -18.74
H032 C14 AF . 18.08 33.09 -17.69
H041 C14 AF . 19.92 31.72 -17.28
H042 C14 AF . 19.30 30.58 -18.21
H051 C14 AF . 19.73 31.73 -20.11
H052 C14 AF . 19.91 33.09 -19.33
H061 C14 AF . 21.94 32.33 -18.43
H062 C14 AF . 21.76 30.95 -19.18
H071 C14 AF . 21.99 33.42 -20.56
H072 C14 AF . 21.98 31.99 -21.24
H081 C14 AF . 24.02 31.65 -19.78
H082 C14 AF . 24.18 32.34 -21.20
H091 C14 AF . 23.98 33.70 -18.71
H092 C14 AF . 23.97 34.46 -20.10
H101 C14 AF . 26.15 32.98 -19.04
H102 C14 AF . 26.14 33.51 -20.55
H111 C14 AF . 26.15 35.71 -19.85
H112 C14 AF . 25.89 35.28 -18.35
H121 C14 AF . 28.13 34.04 -18.89
H122 C14 AF . 28.05 35.41 -18.10
H131 C14 AF . 28.17 36.52 -20.27
H132 C14 AF . 28.59 35.10 -20.86
H141 C14 AF . 30.48 35.07 -19.44
H142 C14 AF . 30.52 36.35 -20.36
H143 C14 AF . 30.06 36.48 -18.85
C01 C14 BF . 37.88 35.19 -8.71
C02 C14 BF . 38.88 36.35 -8.69
C03 C14 BF . 38.28 37.50 -7.91
C04 C14 BF . 39.26 38.69 -7.90
C05 C14 BF . 40.40 38.42 -6.93
C06 C14 BF . 41.31 39.64 -6.88
C07 C14 BF . 42.68 39.24 -6.32
C08 C14 BF . 43.57 40.49 -6.25
C09 C14 BF . 44.95 40.12 -5.74
C10 C14 BF . 45.73 39.35 -6.79
C11 C14 BF . 47.22 39.60 -6.60
C12 C14 BF . 48.03 38.81 -7.62
C13 C14 BF . 48.70 39.77 -8.60
C14 C14 BF . 49.54 38.98 -9.59
H021 C14 BF . 39.06 36.63 -9.60
H022 C14 BF . 39.70 36.06 -8.27
H031 C14 BF . 37.44 37.78 -8.31
H032 C14 BF . 38.12 37.23 -6.99
H041 C14 BF . 38.78 39.49 -7.64
H042 C14 BF . 39.62 38.81 -8.79
H051 C14 BF . 40.04 38.25 -6.05
H052 C14 BF . 40.91 37.65 -7.22
H061 C14 BF . 41.42 40.00 -7.78
H062 C14 BF . 40.91 40.31 -6.31
H071 C14 BF . 42.57 38.88 -5.42
H072 C14 BF . 43.08 38.58 -6.90
H081 C14 BF . 43.16 41.13 -5.66
H082 C14 BF . 43.64 40.87 -7.14
H091 C14 BF . 44.86 39.57 -4.94
H092 C14 BF . 45.43 40.93 -5.52
H101 C14 BF . 45.47 39.65 -7.67
H102 C14 BF . 45.54 38.40 -6.70
H111 C14 BF . 47.47 39.32 -5.70
H112 C14 BF . 47.40 40.54 -6.70
H121 C14 BF . 47.44 38.21 -8.10
H122 C14 BF . 48.71 38.29 -7.16
H131 C14 BF . 48.02 40.27 -9.07
H132 C14 BF . 49.27 40.38 -8.11
H141 C14 BF . 50.22 38.47 -9.11
H142 C14 BF . 48.97 38.36 -10.08
H143 C14 BF . 49.97 39.58 -10.21
C01 C14 CF . 36.27 40.29 -9.71
C02 C14 CF . 36.33 40.80 -11.14
C03 C14 CF . 37.42 41.86 -11.29
C04 C14 CF . 38.80 41.19 -11.26
C05 C14 CF . 39.89 42.25 -11.18
C06 C14 CF . 41.26 41.56 -11.19
C07 C14 CF . 42.29 42.38 -10.43
C08 C14 CF . 43.02 43.33 -11.39
C09 C14 CF . 44.21 43.97 -10.70
C10 C14 CF . 45.34 42.95 -10.53
C11 C14 CF . 46.61 43.67 -10.04
C12 C14 CF . 47.75 43.41 -11.01
C13 C14 CF . 49.07 43.89 -10.40
C14 C14 CF . 50.24 43.34 -11.21
H021 C14 CF . 36.51 40.06 -11.75
H022 C14 CF . 35.47 41.20 -11.38
H031 C14 CF . 37.35 42.49 -10.56
H032 C14 CF . 37.31 42.33 -12.14
H041 C14 CF . 38.85 40.62 -10.47
H042 C14 CF . 38.91 40.67 -12.06
H051 C14 CF . 39.78 42.77 -10.36
H052 C14 CF . 39.82 42.84 -11.94
H061 C14 CF . 41.55 41.45 -12.11
H062 C14 CF . 41.17 40.69 -10.77
H071 C14 CF . 41.85 42.91 -9.74
H072 C14 CF . 42.93 41.78 -10.02
H081 C14 CF . 42.40 44.02 -11.68
H082 C14 CF . 43.32 42.83 -12.16
H091 C14 CF . 43.95 44.30 -9.82
H092 C14 CF . 44.53 44.72 -11.22
H101 C14 CF . 45.52 42.54 -11.39
H102 C14 CF . 45.09 42.28 -9.89
H111 C14 CF . 46.84 43.32 -9.17
H112 C14 CF . 46.43 44.62 -9.98
H121 C14 CF . 47.81 42.47 -11.21
H122 C14 CF . 47.59 43.91 -11.84
H131 C14 CF . 49.12 43.56 -9.48
H132 C14 CF . 49.09 44.85 -10.40
H141 C14 CF . 50.22 42.38 -11.20
H142 C14 CF . 51.08 43.64 -10.81
H143 C14 CF . 50.19 43.66 -12.12
C02 C14 DF . 36.13 34.15 -12.42
C03 C14 DF . 36.38 35.62 -12.11
C04 C14 DF . 37.00 36.32 -13.32
C05 C14 DF . 38.45 35.88 -13.49
C06 C14 DF . 39.08 36.63 -14.65
C07 C14 DF . 40.35 37.35 -14.21
C08 C14 DF . 41.28 37.58 -15.41
C09 C14 DF . 42.19 38.76 -15.12
C10 C14 DF . 43.56 38.56 -15.77
C11 C14 DF . 44.54 39.56 -15.16
C12 C14 DF . 45.70 39.85 -16.13
C13 C14 DF . 46.41 38.57 -16.52
C14 C14 DF . 47.75 38.91 -17.17
H022 C14 DF . 36.98 33.66 -12.40
H031 C14 DF . 35.54 36.05 -11.89
H032 C14 DF . 36.98 35.69 -11.36
H041 C14 DF . 36.50 36.09 -14.11
H042 C14 DF . 36.96 37.28 -13.19
H051 C14 DF . 38.49 34.93 -13.66
H052 C14 DF . 38.94 36.08 -12.67
H061 C14 DF . 39.31 36.00 -15.37
H062 C14 DF . 38.45 37.29 -15.00
H071 C14 DF . 40.12 38.20 -13.82
H072 C14 DF . 40.81 36.80 -13.55
H081 C14 DF . 40.75 37.77 -16.20
H082 C14 DF . 41.81 36.78 -15.56
H091 C14 DF . 41.79 39.58 -15.47
H092 C14 DF . 42.31 38.86 -14.16
H101 C14 DF . 43.49 38.72 -16.73
H102 C14 DF . 43.87 37.66 -15.61
H111 C14 DF . 44.08 40.39 -14.96
H112 C14 DF . 44.90 39.19 -14.35
H121 C14 DF . 45.35 40.28 -16.92
H122 C14 DF . 46.33 40.45 -15.69
H131 C14 DF . 45.87 38.08 -17.16
H132 C14 DF . 46.56 38.02 -15.74
H141 C14 DF . 48.20 38.09 -17.43
H142 C14 DF . 48.30 39.40 -16.54
H143 C14 DF . 47.60 39.46 -17.95
C01 C14 EF . 34.55 36.55 -19.21
C02 C14 EF . 35.54 36.53 -20.36
C03 C14 EF . 36.97 36.40 -19.83
C04 C14 EF . 37.43 37.74 -19.26
C05 C14 EF . 38.89 37.64 -18.81
C06 C14 EF . 39.80 38.26 -19.87
C07 C14 EF . 39.82 39.78 -19.71
C08 C14 EF . 40.25 40.44 -21.01
C09 C14 EF . 41.74 40.24 -21.24
C10 C14 EF . 42.56 41.20 -20.37
C11 C14 EF . 43.75 40.48 -19.76
C12 C14 EF . 44.97 41.41 -19.71
C13 C14 EF . 45.62 41.49 -21.09
C14 C14 EF . 46.44 42.78 -21.19
H021 C14 EF . 35.46 37.35 -20.87
H022 C14 EF . 35.34 35.77 -20.93
H031 C14 EF . 36.99 35.73 -19.13
H032 C14 EF . 37.55 36.13 -20.55
H041 C14 EF . 37.35 38.43 -19.94
H042 C14 EF . 36.88 37.98 -18.50
H051 C14 EF . 39.00 38.11 -17.97
H052 C14 EF . 39.12 36.71 -18.69
H061 C14 EF . 40.70 37.92 -19.76
H062 C14 EF . 39.47 38.03 -20.75
H071 C14 EF . 40.45 40.02 -19.01
H072 C14 EF . 38.93 40.09 -19.46
H081 C14 EF . 39.75 40.06 -21.75
H082 C14 EF . 40.06 41.40 -20.96
H091 C14 EF . 41.95 40.41 -22.18
H092 C14 EF . 41.99 39.33 -21.02
H101 C14 EF . 42.87 41.95 -20.92
H102 C14 EF . 42.00 41.55 -19.67
H111 C14 EF . 43.53 40.20 -18.86
H112 C14 EF . 43.98 39.70 -20.29
H121 C14 EF . 44.68 42.30 -19.44
H122 C14 EF . 45.62 41.07 -19.07
H131 C14 EF . 46.20 40.73 -21.22
H132 C14 EF . 44.93 41.50 -21.77
H141 C14 EF . 47.13 42.78 -20.51
H142 C14 EF . 46.86 42.83 -22.07
H143 C14 EF . 45.86 43.54 -21.07
C01 C14 FF . 38.85 15.79 -5.06
C02 C14 FF . 39.24 16.96 -4.16
C03 C14 FF . 38.00 17.47 -3.41
C04 C14 FF . 37.61 16.51 -2.30
C05 C14 FF . 38.51 16.69 -1.07
C06 C14 FF . 38.20 18.01 -0.36
C07 C14 FF . 38.85 17.98 1.02
C08 C14 FF . 38.81 19.39 1.64
C09 C14 FF . 40.14 20.10 1.38
C10 C14 FF . 40.30 21.23 2.40
C11 C14 FF . 41.72 21.79 2.33
C12 C14 FF . 42.13 22.31 3.71
C13 C14 FF . 43.37 23.19 3.59
C14 C14 FF . 44.00 23.40 4.96
H021 C14 FF . 39.61 17.67 -4.71
H022 C14 FF . 39.90 16.66 -3.52
H031 C14 FF . 37.27 17.56 -4.04
H032 C14 FF . 38.21 18.35 -3.04
H041 C14 FF . 36.68 16.68 -2.05
H042 C14 FF . 37.68 15.60 -2.62
H051 C14 FF . 38.35 15.95 -0.46
H052 C14 FF . 39.43 16.68 -1.35
H061 C14 FF . 38.57 18.74 -0.88
H062 C14 FF . 37.24 18.12 -0.29
H071 C14 FF . 39.75 17.68 0.94
H072 C14 FF . 38.35 17.38 1.59
H081 C14 FF . 38.09 19.90 1.23
H082 C14 FF . 38.66 19.31 2.59
H091 C14 FF . 40.87 19.48 1.48
H092 C14 FF . 40.14 20.46 0.49
H101 C14 FF . 40.13 20.89 3.29
H102 C14 FF . 39.67 21.94 2.19
H111 C14 FF . 41.75 22.52 1.69
H112 C14 FF . 42.33 21.10 2.05
H121 C14 FF . 42.31 21.57 4.30
H122 C14 FF . 41.40 22.84 4.08
H131 C14 FF . 44.01 22.75 3.00
H132 C14 FF . 43.13 24.05 3.21
H141 C14 FF . 43.36 23.83 5.55
H142 C14 FF . 44.24 22.53 5.33
H143 C14 FF . 44.80 23.95 4.87
C01 C14 GF . 33.20 19.64 1.78
C02 C14 GF . 33.14 20.26 3.17
C03 C14 GF . 33.68 21.69 3.12
C04 C14 GF . 35.20 21.68 3.09
C05 C14 GF . 35.74 23.11 2.97
C06 C14 GF . 35.58 23.61 1.55
C07 C14 GF . 36.94 23.75 0.87
C08 C14 GF . 37.67 24.99 1.39
C09 C14 GF . 38.80 25.34 0.43
C10 C14 GF . 39.72 26.39 1.06
C11 C14 GF . 39.88 27.60 0.15
C12 C14 GF . 40.59 27.22 -1.15
C13 C14 GF . 40.91 28.48 -1.95
C14 C14 GF . 41.08 28.15 -3.43
H021 C14 GF . 33.68 19.74 3.78
H022 C14 GF . 32.22 20.27 3.48
H031 C14 GF . 33.38 22.17 3.91
H032 C14 GF . 33.34 22.14 2.33
H041 C14 GF . 35.53 21.27 3.90
H042 C14 GF . 35.50 21.16 2.33
H051 C14 GF . 36.68 23.12 3.22
H052 C14 GF . 35.24 23.68 3.59
H061 C14 GF . 35.03 23.00 1.04
H062 C14 GF . 35.14 24.48 1.57
H071 C14 GF . 37.48 22.96 1.07
H072 C14 GF . 36.82 23.83 -0.08
H081 C14 GF . 37.05 25.72 1.45
H082 C14 GF . 38.04 24.79 2.26
H091 C14 GF . 39.31 24.56 0.22
H092 C14 GF . 38.42 25.71 -0.39
H101 C14 GF . 39.35 26.68 1.90
H102 C14 GF . 40.59 26.00 1.22
H111 C14 GF . 39.01 27.96 -0.07
H112 C14 GF . 40.40 28.28 0.60
H121 C14 GF . 40.03 26.64 -1.67
H122 C14 GF . 41.42 26.75 -0.94
H131 C14 GF . 40.19 29.12 -1.84
H132 C14 GF . 41.73 28.87 -1.62
H141 C14 GF . 41.28 28.96 -3.92
H142 C14 GF . 40.26 27.75 -3.77
H143 C14 GF . 41.80 27.50 -3.54
C1 PTY HF . 58.82 26.44 9.64
C2 PTY HF . 63.29 31.73 9.19
C3 PTY HF . 63.30 30.32 9.77
O4 PTY HF . 57.69 27.24 9.46
C5 PTY HF . 60.89 27.23 10.88
C6 PTY HF . 59.43 26.78 10.99
O7 PTY HF . 59.42 25.62 11.79
C8 PTY HF . 59.69 25.83 13.15
O10 PTY HF . 60.29 26.80 13.49
C11 PTY HF . 59.22 24.82 14.18
C12 PTY HF . 57.73 24.53 14.09
C13 PTY HF . 57.44 23.10 13.62
C14 PTY HF . 56.86 23.07 12.22
C30 PTY HF . 56.49 26.54 9.52
C31 PTY HF . 55.53 26.55 8.33
O30 PTY HF . 56.21 25.93 10.50
C32 PTY HF . 54.67 25.29 8.28
C33 PTY HF . 53.49 25.44 7.33
C34 PTY HF . 52.57 24.21 7.28
C35 PTY HF . 52.40 23.49 8.62
C36 PTY HF . 50.96 23.46 9.09
C37 PTY HF . 50.10 22.47 8.32
C38 PTY HF . 48.60 22.75 8.49
C39 PTY HF . 48.27 24.21 8.21
C40 PTY HF . 46.79 24.41 7.88
C41 PTY HF . 46.52 25.77 7.23
C42 PTY HF . 46.81 26.93 8.17
P1 PTY HF . 62.55 28.97 11.89
O11 PTY HF . 62.78 30.38 11.07
O12 PTY HF . 63.56 27.95 11.42
O13 PTY HF . 62.75 29.21 13.37
O14 PTY HF . 61.03 28.41 11.61
N1 PTY HF . 64.25 31.84 8.11
HC11 PTY HF . 59.46 26.60 8.92
HC12 PTY HF . 58.55 25.51 9.62
HC21 PTY HF . 63.50 32.38 9.88
HC22 PTY HF . 62.43 31.92 8.81
HC31 PTY HF . 62.77 29.74 9.22
HC32 PTY HF . 64.22 30.00 9.81
HC51 PTY HF . 61.47 26.55 11.24
HC52 PTY HF . 61.11 27.40 9.95
HC6 PTY HF . 58.92 27.47 11.43
H111 PTY HF . 59.73 24.00 14.05
H112 PTY HF . 59.42 25.17 15.07
H121 PTY HF . 57.32 25.15 13.48
H122 PTY HF . 57.34 24.66 14.97
H131 PTY HF . 56.81 22.69 14.23
H132 PTY HF . 58.27 22.58 13.63
H141 PTY HF . 56.16 23.76 12.14
H142 PTY HF . 57.55 23.25 11.56
H311 PTY HF . 54.95 27.32 8.40
H312 PTY HF . 56.05 26.62 7.52
H321 PTY HF . 54.37 25.14 9.18
H322 PTY HF . 55.22 24.54 8.00
H331 PTY HF . 52.96 26.20 7.61
H332 PTY HF . 53.82 25.61 6.43
H341 PTY HF . 52.94 23.58 6.63
H342 PTY HF . 51.69 24.49 6.97
H351 PTY HF . 52.71 22.57 8.51
H352 PTY HF . 52.92 23.89 9.32
H361 PTY HF . 50.94 23.23 10.03
H362 PTY HF . 50.61 24.36 8.99
H371 PTY HF . 50.28 21.57 8.65
H372 PTY HF . 50.32 22.52 7.38
H381 PTY HF . 48.10 22.19 7.88
H382 PTY HF . 48.35 22.53 9.40
H391 PTY HF . 48.48 24.74 8.99
H392 PTY HF . 48.80 24.52 7.46
H401 PTY HF . 46.50 23.71 7.28
H402 PTY HF . 46.28 24.36 8.70
H411 PTY HF . 47.08 25.85 6.44
H412 PTY HF . 45.59 25.80 6.96
H421 PTY HF . 46.75 27.76 7.69
H422 PTY HF . 46.17 26.93 8.90
HN12 PTY HF . 63.97 32.45 7.52
CAA Y01 IF . 53.71 21.01 20.40
CBA Y01 IF . 52.70 21.08 19.25
CAB Y01 IF . 51.54 20.10 19.53
CAN Y01 IF . 53.41 20.70 17.94
CAJ Y01 IF . 52.40 20.68 16.73
CAO Y01 IF . 51.86 22.14 16.43
CBB Y01 IF . 52.89 23.13 15.83
CAC Y01 IF . 53.52 22.51 14.57
CBE Y01 IF . 52.18 24.50 15.61
CAP Y01 IF . 52.33 25.47 16.82
CAQ Y01 IF . 52.11 26.87 16.22
CBG Y01 IF . 51.73 26.66 14.74
CBI Y01 IF . 52.53 25.39 14.39
CAE Y01 IF . 54.03 25.69 14.36
CAU Y01 IF . 52.03 24.92 13.03
CAS Y01 IF . 52.13 26.00 11.97
CBF Y01 IF . 51.39 27.29 12.36
CBD Y01 IF . 51.88 27.80 13.71
CAK Y01 IF . 51.06 29.01 14.15
CAI Y01 IF . 50.62 29.88 13.00
CAZ Y01 IF . 50.68 29.60 11.71
CAV Y01 IF . 49.53 30.07 10.86
CBH Y01 IF . 51.43 28.37 11.25
CAD Y01 IF . 52.89 28.76 10.94
CAT Y01 IF . 50.76 27.83 10.01
CAR Y01 IF . 50.64 28.88 8.91
CBC Y01 IF . 49.79 30.03 9.36
OAW Y01 IF . 50.40 31.26 8.93
CAY Y01 IF . 50.32 31.49 7.61
OAG Y01 IF . 51.23 31.34 6.88
CAM Y01 IF . 48.96 31.90 7.17
CAL Y01 IF . 48.94 32.31 5.68
CAX Y01 IF . 49.52 33.67 5.43
OAH Y01 IF . 49.09 34.37 4.46
OAF Y01 IF . 50.41 34.13 6.20
HAA1 Y01 IF . 54.51 21.50 20.16
HAA2 Y01 IF . 53.33 21.42 21.19
HAA3 Y01 IF . 53.94 20.09 20.59
HBA Y01 IF . 52.35 21.98 19.18
HAB1 Y01 IF . 50.75 20.39 19.05
HAB2 Y01 IF . 51.79 19.21 19.25
HAB3 Y01 IF . 51.35 20.10 20.49
HAN1 Y01 IF . 53.81 19.83 18.02
HAN2 Y01 IF . 54.10 21.35 17.75
HAJ1 Y01 IF . 51.65 20.10 16.95
HAJ2 Y01 IF . 52.85 20.33 15.95
HAO1 Y01 IF . 51.51 22.52 17.26
HAO2 Y01 IF . 51.12 22.07 15.81
HBB Y01 IF . 53.59 23.27 16.49
HAC1 Y01 IF . 52.82 22.22 13.96
HAC2 Y01 IF . 54.10 23.14 14.13
HAC3 Y01 IF . 54.05 21.73 14.83
HBE Y01 IF . 51.24 24.29 15.54
HAP1 Y01 IF . 53.22 25.40 17.20
HAP2 Y01 IF . 51.65 25.29 17.49
HAQ1 Y01 IF . 52.93 27.39 16.28
HAQ2 Y01 IF . 51.39 27.33 16.68
HBG Y01 IF . 50.80 26.42 14.73
HBD Y01 IF . 52.81 28.06 13.65
HAE1 Y01 IF . 54.46 25.19 15.06
HAE2 Y01 IF . 54.19 26.63 14.49
HAE3 Y01 IF . 54.39 25.42 13.50
HAU1 Y01 IF . 52.57 24.15 12.74
HAU2 Y01 IF . 51.11 24.64 13.11
HAS1 Y01 IF . 51.75 25.65 11.16
HAS2 Y01 IF . 53.07 26.22 11.84
HBF Y01 IF . 50.45 27.05 12.48
HAK1 Y01 IF . 50.27 28.70 14.62
HAK2 Y01 IF . 51.60 29.56 14.75
HAI Y01 IF . 49.68 30.08 13.18
HAV1 Y01 IF . 48.76 29.50 11.04
HAV2 Y01 IF . 49.31 30.97 11.10
HBC Y01 IF . 48.93 29.93 8.92
HAD1 Y01 IF . 53.34 29.03 11.75
HAD2 Y01 IF . 52.92 29.48 10.30
HAD3 Y01 IF . 53.36 27.99 10.57
HAT1 Y01 IF . 51.29 27.11 9.65
HAT2 Y01 IF . 49.87 27.51 10.24
HAR1 Y01 IF . 51.52 29.22 8.68
HAR2 Y01 IF . 50.23 28.48 8.13
HAM1 Y01 IF . 48.35 31.15 7.29
HAM2 Y01 IF . 48.64 32.64 7.70
HAL1 Y01 IF . 49.46 31.66 5.18
HAL2 Y01 IF . 48.03 32.30 5.37
CAA Y01 JF . 45.22 22.19 -2.94
CBA Y01 JF . 45.87 23.06 -1.86
CAB Y01 JF . 47.02 22.27 -1.18
CAN Y01 JF . 44.81 23.48 -0.83
CAJ Y01 JF . 45.44 24.09 0.47
CAO Y01 JF . 46.29 25.39 0.14
CBB Y01 JF . 45.58 26.76 0.39
CAC Y01 JF . 44.09 26.66 -0.04
CBE Y01 JF . 45.75 27.24 1.85
CAP Y01 JF . 47.24 27.15 2.36
CAQ Y01 JF . 47.35 28.24 3.42
CBG Y01 JF . 45.93 28.78 3.64
CBI Y01 JF . 45.32 28.68 2.23
CAE Y01 JF . 45.94 29.68 1.27
CAU Y01 JF . 43.82 28.96 2.39
CAS Y01 JF . 43.56 30.32 3.00
CBF Y01 JF . 44.26 30.55 4.35
CBD Y01 JF . 45.74 30.14 4.31
CAK Y01 JF . 46.25 30.04 5.74
CAI Y01 JF . 45.63 31.08 6.62
CAZ Y01 JF . 44.91 32.09 6.21
CAV Y01 JF . 44.32 33.00 7.26
CBH Y01 JF . 44.11 31.99 4.91
CAD Y01 JF . 44.61 33.00 3.86
CAT Y01 JF . 42.68 32.30 5.24
CAR Y01 JF . 42.48 33.73 5.74
CBC Y01 JF . 43.57 34.17 6.67
OAW Y01 JF . 44.49 35.03 5.94
CAY Y01 JF . 45.27 35.82 6.67
OAG Y01 JF . 45.46 35.69 7.83
CAM Y01 JF . 45.87 36.93 5.87
CAL Y01 JF . 46.64 37.90 6.77
CAX Y01 JF . 47.85 37.31 7.44
OAH Y01 JF . 48.64 38.07 8.10
OAF Y01 JF . 48.08 36.09 7.35
HAA1 Y01 JF . 45.00 21.32 -2.56
HAA2 Y01 JF . 45.84 22.07 -3.68
HAA3 Y01 JF . 44.41 22.61 -3.26
HBA Y01 JF . 46.23 23.85 -2.28
HAB1 Y01 JF . 47.63 22.89 -0.76
HAB2 Y01 JF . 47.48 21.76 -1.85
HAB3 Y01 JF . 46.64 21.68 -0.51
HAN1 Y01 JF . 44.22 24.13 -1.23
HAN2 Y01 JF . 44.30 22.70 -0.58
HAJ1 Y01 JF . 46.01 23.44 0.90
HAJ2 Y01 JF . 44.73 24.32 1.08
HAO1 Y01 JF . 46.52 25.37 -0.81
HAO2 Y01 JF . 47.11 25.34 0.64
HBB Y01 JF . 46.01 27.41 -0.19
HAC1 Y01 JF . 43.73 27.55 -0.12
HAC2 Y01 JF . 44.03 26.21 -0.89
HAC3 Y01 JF . 43.59 26.17 0.63
HBE Y01 JF . 45.24 26.63 2.40
HAP1 Y01 JF . 47.85 27.34 1.63
HAP2 Y01 JF . 47.41 26.28 2.74
HAQ1 Y01 JF . 47.94 28.95 3.12
HAQ2 Y01 JF . 47.68 27.86 4.26
HBG Y01 JF . 45.47 28.13 4.19
HBD Y01 JF . 46.26 30.80 3.84
HAE1 Y01 JF . 45.96 30.55 1.67
HAE2 Y01 JF . 46.84 29.41 1.04
HAE3 Y01 JF . 45.40 29.72 0.46
HAU1 Y01 JF . 43.44 28.28 2.96
HAU2 Y01 JF . 43.40 28.93 1.52
HAS1 Y01 JF . 42.61 30.41 3.14
HAS2 Y01 JF . 43.85 31.00 2.37
HBF Y01 JF . 43.83 29.96 4.99
HAK1 Y01 JF . 47.21 30.15 5.74
HAK2 Y01 JF . 46.04 29.16 6.09
HAI Y01 JF . 46.34 31.47 7.15
HAV1 Y01 JF . 45.05 33.33 7.82
HAV2 Y01 JF . 43.71 32.48 7.82
HBC Y01 JF . 43.18 34.68 7.38
HAD1 Y01 JF . 45.16 32.54 3.20
HAD2 Y01 JF . 45.13 33.71 4.26
HAD3 Y01 JF . 43.84 33.39 3.40
HAT1 Y01 JF . 42.38 31.69 5.93
HAT2 Y01 JF . 42.13 32.18 4.45
HAR1 Y01 JF . 41.64 33.78 6.22
HAR2 Y01 JF . 42.46 34.33 4.98
HAM1 Y01 JF . 45.17 37.40 5.40
HAM2 Y01 JF . 46.48 36.55 5.22
HAL1 Y01 JF . 46.93 38.66 6.23
HAL2 Y01 JF . 46.04 38.23 7.45
C02 C14 KF . 20.93 9.81 -28.81
C03 C14 KF . 21.60 10.66 -27.73
C04 C14 KF . 22.91 11.23 -28.28
C05 C14 KF . 23.68 11.92 -27.15
C06 C14 KF . 25.18 11.64 -27.31
C07 C14 KF . 25.97 12.44 -26.29
C08 C14 KF . 27.47 12.20 -26.52
C09 C14 KF . 28.26 12.75 -25.33
C10 C14 KF . 29.76 12.60 -25.61
C11 C14 KF . 30.53 12.90 -24.34
C12 C14 KF . 32.04 12.77 -24.60
C13 C14 KF . 32.54 13.99 -25.36
H022 C14 KF . 20.75 10.36 -29.59
H031 C14 KF . 21.02 11.38 -27.48
H032 C14 KF . 21.79 10.10 -26.97
H041 C14 KF . 23.45 10.51 -28.64
H042 C14 KF . 22.71 11.87 -28.98
H051 C14 KF . 23.53 12.87 -27.20
H052 C14 KF . 23.38 11.59 -26.30
H061 C14 KF . 25.45 11.89 -28.21
H062 C14 KF . 25.34 10.69 -27.18
H071 C14 KF . 25.77 13.38 -26.40
H072 C14 KF . 25.73 12.15 -25.40
H081 C14 KF . 27.74 12.65 -27.33
H082 C14 KF . 27.63 11.25 -26.61
H091 C14 KF . 28.03 12.25 -24.53
H092 C14 KF . 28.04 13.69 -25.20
H101 C14 KF . 29.94 11.69 -25.90
H102 C14 KF . 30.01 13.23 -26.31
H111 C14 KF . 30.27 12.27 -23.65
H112 C14 KF . 30.33 13.79 -24.03
H121 C14 KF . 32.50 12.71 -23.74
H122 C14 KF . 32.20 11.97 -25.12
H131 C14 KF . 33.51 13.92 -25.46
H132 C14 KF . 32.13 14.01 -26.24
C01 C14 LF . 23.10 6.40 -28.99
C02 C14 LF . 24.18 7.45 -29.14
C03 C14 LF . 25.54 6.85 -28.79
C04 C14 LF . 26.63 7.90 -28.91
C05 C14 LF . 27.98 7.29 -28.53
C06 C14 LF . 29.08 8.34 -28.64
C07 C14 LF . 30.32 7.87 -27.88
C08 C14 LF . 31.55 8.63 -28.39
C09 C14 LF . 32.77 8.25 -27.55
C10 C14 LF . 34.02 8.93 -28.10
C11 C14 LF . 35.26 8.15 -27.68
C12 C14 LF . 36.52 8.99 -27.92
C13 C14 LF . 37.75 8.14 -27.66
C14 C14 LF . 38.69 8.84 -26.68
H021 C14 LF . 24.20 7.77 -30.06
H022 C14 LF . 24.00 8.20 -28.55
H031 C14 LF . 25.50 6.51 -27.87
H032 C14 LF . 25.72 6.10 -29.39
H041 C14 LF . 26.44 8.64 -28.31
H042 C14 LF . 26.66 8.22 -29.82
H051 C14 LF . 27.94 6.96 -27.62
H052 C14 LF . 28.18 6.55 -29.13
H061 C14 LF . 28.76 9.18 -28.25
H062 C14 LF . 29.30 8.49 -29.58
H071 C14 LF . 30.44 6.93 -28.04
H072 C14 LF . 30.21 8.05 -26.94
H081 C14 LF . 31.71 8.40 -29.33
H082 C14 LF . 31.40 9.58 -28.32
H091 C14 LF . 32.63 8.53 -26.63
H092 C14 LF . 32.89 7.29 -27.58
H101 C14 LF . 33.96 8.97 -29.07
H102 C14 LF . 34.07 9.83 -27.74
H111 C14 LF . 35.32 7.34 -28.21
H112 C14 LF . 35.19 7.91 -26.74
H121 C14 LF . 36.52 9.32 -28.82
H122 C14 LF . 36.50 9.74 -27.29
H131 C14 LF . 38.22 8.00 -28.51
H132 C14 LF . 37.49 7.28 -27.30
H141 C14 LF . 39.53 8.34 -26.62
H142 C14 LF . 38.28 8.86 -25.80
H143 C14 LF . 38.87 9.74 -26.97
C01 C14 MF . 23.54 12.02 -33.33
C02 C14 MF . 24.14 13.19 -32.54
C03 C14 MF . 25.63 12.96 -32.36
C04 C14 MF . 26.25 14.19 -31.68
C05 C14 MF . 27.78 14.10 -31.68
C06 C14 MF . 28.23 12.84 -30.93
C07 C14 MF . 29.43 13.14 -30.04
C08 C14 MF . 30.70 13.29 -30.87
C09 C14 MF . 31.87 12.63 -30.13
C10 C14 MF . 33.16 13.45 -30.27
C11 C14 MF . 33.86 13.50 -28.91
C12 C14 MF . 35.08 14.42 -28.99
C13 C14 MF . 35.66 14.62 -27.60
C14 C14 MF . 36.86 15.56 -27.67
H021 C14 MF . 23.71 13.24 -31.67
H022 C14 MF . 23.99 14.01 -33.03
H031 C14 MF . 26.05 12.82 -33.21
H032 C14 MF . 25.77 12.18 -31.80
H041 C14 MF . 25.98 14.98 -32.16
H042 C14 MF . 25.93 14.24 -30.77
H051 C14 MF . 28.10 14.06 -32.59
H052 C14 MF . 28.14 14.88 -31.25
H061 C14 MF . 28.47 12.15 -31.57
H062 C14 MF . 27.50 12.52 -30.38
H071 C14 MF . 29.27 13.97 -29.55
H072 C14 MF . 29.53 12.41 -29.40
H081 C14 MF . 30.88 14.23 -31.00
H082 C14 MF . 30.58 12.86 -31.72
H091 C14 MF . 32.02 11.74 -30.49
H092 C14 MF . 31.66 12.55 -29.19
H101 C14 MF . 33.75 13.01 -30.92
H102 C14 MF . 32.96 14.34 -30.57
H111 C14 MF . 33.24 13.84 -28.25
H112 C14 MF . 34.14 12.61 -28.66
H121 C14 MF . 34.80 15.28 -29.35
H122 C14 MF . 35.74 14.02 -29.57
H131 C14 MF . 35.95 13.76 -27.25
H132 C14 MF . 34.99 14.99 -27.01
H141 C14 MF . 37.53 15.18 -28.26
H142 C14 MF . 36.57 16.42 -28.02
H143 C14 MF . 37.23 15.69 -26.79
C01 C14 NF . 24.61 9.03 -34.14
C02 C14 NF . 25.36 7.74 -34.50
C03 C14 NF . 26.05 7.19 -33.25
C04 C14 NF . 26.61 5.80 -33.55
C05 C14 NF . 27.83 5.55 -32.67
C06 C14 NF . 29.08 6.09 -33.37
C07 C14 NF . 30.15 6.42 -32.33
C08 C14 NF . 31.54 6.10 -32.91
C09 C14 NF . 32.60 6.91 -32.17
C10 C14 NF . 33.96 6.62 -32.80
C11 C14 NF . 35.06 7.31 -32.00
C12 C14 NF . 36.43 6.91 -32.56
C13 C14 NF . 37.52 7.76 -31.93
C14 C14 NF . 38.90 7.26 -32.40
H021 C14 NF . 26.02 7.93 -35.18
H022 C14 NF . 24.73 7.08 -34.83
H031 C14 NF . 26.78 7.78 -33.00
H032 C14 NF . 25.41 7.13 -32.52
H041 C14 NF . 26.85 5.74 -34.48
H042 C14 NF . 25.93 5.13 -33.35
H051 C14 NF . 27.93 4.59 -32.52
H052 C14 NF . 27.73 6.00 -31.82
H061 C14 NF . 28.86 6.88 -33.87
H062 C14 NF . 29.42 5.41 -33.98
H071 C14 NF . 30.10 7.36 -32.11
H072 C14 NF . 30.01 5.89 -31.54
H081 C14 NF . 31.71 5.16 -32.82
H082 C14 NF . 31.55 6.34 -33.85
H091 C14 NF . 32.41 7.85 -32.24
H092 C14 NF . 32.62 6.64 -31.24
H101 C14 NF . 33.97 6.96 -33.71
H102 C14 NF . 34.12 5.67 -32.81
H111 C14 NF . 35.01 7.04 -31.07
H112 C14 NF . 34.96 8.27 -32.07
H121 C14 NF . 36.43 7.03 -33.52
H122 C14 NF . 36.59 5.97 -32.36
H131 C14 NF . 37.47 7.70 -30.97
H132 C14 NF . 37.42 8.68 -32.21
H141 C14 NF . 39.02 6.33 -32.12
H142 C14 NF . 38.95 7.32 -33.36
H143 C14 NF . 39.59 7.81 -32.00
C01 C14 OF . 23.54 1.41 -30.52
C02 C14 OF . 24.50 2.50 -30.96
C03 C14 OF . 25.51 1.94 -31.95
C04 C14 OF . 26.79 1.52 -31.22
C05 C14 OF . 27.73 0.81 -32.19
C06 C14 OF . 29.15 0.80 -31.62
C07 C14 OF . 30.08 0.07 -32.60
C08 C14 OF . 31.52 0.21 -32.12
C09 C14 OF . 32.16 1.46 -32.71
C10 C14 OF . 33.64 1.49 -32.39
C11 C14 OF . 34.31 2.61 -33.17
C12 C14 OF . 35.74 2.83 -32.67
C13 C14 OF . 36.76 2.25 -33.66
C14 C14 OF . 38.15 2.77 -33.33
H021 C14 OF . 24.01 3.23 -31.37
H022 C14 OF . 24.97 2.84 -30.18
H031 C14 OF . 25.13 1.17 -32.40
H032 C14 OF . 25.73 2.62 -32.61
H041 C14 OF . 27.22 2.30 -30.86
H042 C14 OF . 26.56 0.92 -30.50
H051 C14 OF . 27.43 -0.09 -32.32
H052 C14 OF . 27.73 1.29 -33.04
H061 C14 OF . 29.46 1.71 -31.51
H062 C14 OF . 29.15 0.35 -30.76
H071 C14 OF . 29.99 0.46 -33.47
H072 C14 OF . 29.83 -0.86 -32.62
H081 C14 OF . 31.54 0.26 -31.15
H082 C14 OF . 32.03 -0.57 -32.41
H091 C14 OF . 31.73 2.25 -32.34
H092 C14 OF . 32.04 1.45 -33.68
H101 C14 OF . 33.76 1.64 -31.44
H102 C14 OF . 34.05 0.64 -32.63
H111 C14 OF . 34.34 2.38 -34.12
H112 C14 OF . 33.81 3.43 -33.07
H121 C14 OF . 35.85 2.40 -31.81
H122 C14 OF . 35.91 3.78 -32.58
H131 C14 OF . 36.51 2.50 -34.56
H132 C14 OF . 36.76 1.28 -33.58
H141 C14 OF . 38.39 2.52 -32.42
H142 C14 OF . 38.79 2.40 -33.96
H143 C14 OF . 38.16 3.74 -33.41
C01 C14 PF . 44.16 11.95 -25.51
C02 C14 PF . 45.33 12.60 -26.26
C03 C14 PF . 44.83 13.86 -26.96
C04 C14 PF . 45.99 14.50 -27.73
C05 C14 PF . 46.93 15.22 -26.77
C06 C14 PF . 48.02 15.93 -27.57
C07 C14 PF . 49.21 16.24 -26.65
C08 C14 PF . 50.27 16.97 -27.47
C09 C14 PF . 51.49 17.27 -26.60
C10 C14 PF . 52.27 15.98 -26.31
C11 C14 PF . 53.74 16.32 -26.09
C12 C14 PF . 54.53 15.06 -25.77
C13 C14 PF . 55.49 14.74 -26.91
C14 C14 PF . 56.30 13.50 -26.57
H021 C14 PF . 45.67 11.98 -26.92
H022 C14 PF . 46.02 12.83 -25.63
H031 C14 PF . 44.12 13.63 -27.58
H032 C14 PF . 44.51 14.48 -26.31
H041 C14 PF . 45.64 15.14 -28.37
H042 C14 PF . 46.48 13.81 -28.21
H051 C14 PF . 46.42 15.88 -26.26
H052 C14 PF . 47.33 14.58 -26.17
H061 C14 PF . 48.31 15.35 -28.29
H062 C14 PF . 47.67 16.76 -27.93
H071 C14 PF . 48.91 16.81 -25.93
H072 C14 PF . 49.57 15.42 -26.30
H081 C14 PF . 49.91 17.81 -27.80
H082 C14 PF . 50.54 16.41 -28.21
H091 C14 PF . 51.20 17.65 -25.76
H092 C14 PF . 52.08 17.89 -27.06
H101 C14 PF . 52.18 15.38 -27.07
H102 C14 PF . 51.91 15.56 -25.52
H111 C14 PF . 53.81 16.95 -25.35
H112 C14 PF . 54.10 16.73 -26.90
H121 C14 PF . 53.91 14.32 -25.65
H122 C14 PF . 55.04 15.19 -24.96
H131 C14 PF . 54.97 14.58 -27.73
H132 C14 PF . 56.08 15.49 -27.06
H141 C14 PF . 56.81 13.67 -25.76
H142 C14 PF . 55.71 12.76 -26.43
H143 C14 PF . 56.92 13.30 -27.30
C01 C14 QF . 43.61 13.71 -30.63
C02 C14 QF . 43.94 12.75 -31.78
C03 C14 QF . 45.22 13.21 -32.49
C04 C14 QF . 46.43 12.93 -31.61
C05 C14 QF . 47.68 13.58 -32.23
C06 C14 QF . 48.89 13.25 -31.35
C07 C14 QF . 49.93 14.36 -31.43
C08 C14 QF . 50.94 14.05 -32.54
C09 C14 QF . 52.12 15.02 -32.46
C10 C14 QF . 53.03 14.66 -31.29
C11 C14 QF . 54.32 15.48 -31.37
C12 C14 QF . 55.53 14.56 -31.39
C13 C14 QF . 56.81 15.36 -31.19
C14 C14 QF . 57.97 14.42 -30.88
H021 C14 QF . 44.09 11.87 -31.42
H022 C14 QF . 43.21 12.73 -32.41
H031 C14 QF . 45.16 14.16 -32.68
H032 C14 QF . 45.30 12.73 -33.33
H041 C14 QF . 46.28 13.29 -30.72
H042 C14 QF . 46.57 11.97 -31.55
H051 C14 QF . 47.54 14.54 -32.27
H052 C14 QF . 47.82 13.23 -33.12
H061 C14 QF . 49.28 12.42 -31.66
H062 C14 QF . 48.60 13.14 -30.43
H071 C14 QF . 49.50 15.21 -31.61
H072 C14 QF . 50.41 14.41 -30.58
H081 C14 QF . 50.50 14.15 -33.40
H082 C14 QF . 51.25 13.14 -32.45
H091 C14 QF . 51.79 15.93 -32.35
H092 C14 QF . 52.63 14.95 -33.30
H101 C14 QF . 53.25 13.71 -31.33
H102 C14 QF . 52.57 14.85 -30.45
H111 C14 QF . 54.37 16.05 -30.59
H112 C14 QF . 54.30 16.02 -32.17
H121 C14 QF . 55.44 13.89 -30.69
H122 C14 QF . 55.57 14.10 -32.25
H131 C14 QF . 56.68 15.97 -30.45
H132 C14 QF . 57.00 15.86 -31.99
H141 C14 QF . 57.77 13.92 -30.08
H142 C14 QF . 58.78 14.94 -30.75
H143 C14 QF . 58.09 13.81 -31.62
C02 C14 RF . 42.78 8.19 -26.89
C03 C14 RF . 43.23 9.23 -27.91
C04 C14 RF . 44.13 8.59 -28.97
C05 C14 RF . 45.49 8.25 -28.37
C06 C14 RF . 46.40 7.66 -29.45
C07 C14 RF . 47.70 8.45 -29.54
C08 C14 RF . 48.81 7.58 -30.13
C09 C14 RF . 49.87 8.47 -30.79
C10 C14 RF . 51.26 7.84 -30.64
C11 C14 RF . 52.30 8.91 -30.96
C12 C14 RF . 53.61 8.27 -31.44
C13 C14 RF . 54.14 7.29 -30.40
C14 C14 RF . 55.59 6.95 -30.72
H022 C14 RF . 43.52 7.98 -26.30
H031 C14 RF . 42.45 9.62 -28.34
H032 C14 RF . 43.73 9.93 -27.46
H041 C14 RF . 43.71 7.77 -29.29
H042 C14 RF . 44.24 9.20 -29.71
H051 C14 RF . 45.38 7.61 -27.65
H052 C14 RF . 45.89 9.06 -28.01
H061 C14 RF . 46.60 6.74 -29.23
H062 C14 RF . 45.94 7.69 -30.31
H071 C14 RF . 47.56 9.23 -30.11
H072 C14 RF . 47.96 8.75 -28.66
H081 C14 RF . 48.43 6.99 -30.81
H082 C14 RF . 49.21 7.05 -29.43
H091 C14 RF . 49.65 8.58 -31.72
H092 C14 RF . 49.87 9.34 -30.35
H101 C14 RF . 51.34 7.11 -31.27
H102 C14 RF . 51.38 7.52 -29.74
H111 C14 RF . 51.96 9.50 -31.65
H112 C14 RF . 52.47 9.43 -30.16
H121 C14 RF . 53.45 7.81 -32.27
H122 C14 RF . 54.27 8.97 -31.57
H131 C14 RF . 53.61 6.47 -30.43
H132 C14 RF . 54.08 7.68 -29.52
H141 C14 RF . 55.93 6.32 -30.07
H142 C14 RF . 56.12 7.76 -30.69
H143 C14 RF . 55.65 6.56 -31.61
C01 C14 SF . 42.59 3.61 -32.66
C02 C14 SF . 43.71 2.64 -33.01
C03 C14 SF . 45.00 3.07 -32.32
C04 C14 SF . 45.61 4.27 -33.05
C05 C14 SF . 46.96 4.64 -32.43
C06 C14 SF . 48.10 4.09 -33.28
C07 C14 SF . 48.36 5.02 -34.46
C08 C14 SF . 49.08 4.26 -35.58
C09 C14 SF . 50.53 4.00 -35.19
C10 C14 SF . 51.36 5.27 -35.39
C11 C14 SF . 52.33 5.44 -34.21
C12 C14 SF . 53.65 6.01 -34.70
C13 C14 SF . 54.50 4.89 -35.33
C14 C14 SF . 55.54 5.49 -36.26
H021 C14 SF . 43.84 2.63 -33.97
H022 C14 SF . 43.47 1.75 -32.71
H031 C14 SF . 44.81 3.31 -31.40
H032 C14 SF . 45.64 2.33 -32.33
H041 C14 SF . 45.75 4.03 -33.99
H042 C14 SF . 45.01 5.02 -32.99
H051 C14 SF . 47.03 5.61 -32.38
H052 C14 SF . 47.00 4.27 -31.53
H061 C14 SF . 48.90 4.02 -32.73
H062 C14 SF . 47.86 3.20 -33.60
H071 C14 SF . 48.91 5.75 -34.17
H072 C14 SF . 47.51 5.36 -34.79
H081 C14 SF . 48.62 3.41 -35.74
H082 C14 SF . 49.05 4.79 -36.39
H091 C14 SF . 50.88 3.29 -35.76
H092 C14 SF . 50.57 3.72 -34.27
H101 C14 SF . 51.88 5.19 -36.21
H102 C14 SF . 50.78 6.04 -35.45
H111 C14 SF . 51.93 6.06 -33.57
H112 C14 SF . 52.48 4.59 -33.79
H121 C14 SF . 53.49 6.69 -35.37
H122 C14 SF . 54.14 6.39 -33.95
H131 C14 SF . 54.95 4.40 -34.62
H132 C14 SF . 53.92 4.29 -35.82
H141 C14 SF . 56.11 6.10 -35.76
H142 C14 SF . 56.08 4.78 -36.65
H143 C14 SF . 55.09 5.98 -36.97
C01 C14 TF . 41.26 4.99 -7.24
C02 C14 TF . 41.71 6.38 -7.69
C03 C14 TF . 40.50 7.25 -8.01
C04 C14 TF . 39.78 7.69 -6.73
C05 C14 TF . 40.52 8.85 -6.07
C06 C14 TF . 40.36 10.13 -6.88
C07 C14 TF . 40.79 11.32 -6.02
C08 C14 TF . 40.92 12.58 -6.90
C09 C14 TF . 42.37 12.78 -7.33
C10 C14 TF . 42.58 14.23 -7.73
C11 C14 TF . 44.08 14.51 -7.92
C12 C14 TF . 44.37 15.96 -7.58
C13 C14 TF . 45.76 16.35 -8.09
C14 C14 TF . 46.21 17.65 -7.44
H021 C14 TF . 42.27 6.30 -8.48
H022 C14 TF . 42.22 6.79 -6.98
H031 C14 TF . 39.89 6.74 -8.56
H032 C14 TF . 40.79 8.03 -8.51
H041 C14 TF . 38.88 7.97 -6.95
H042 C14 TF . 39.74 6.94 -6.11
H051 C14 TF . 40.16 8.99 -5.17
H052 C14 TF . 41.47 8.64 -6.01
H061 C14 TF . 40.91 10.09 -7.67
H062 C14 TF . 39.43 10.24 -7.13
H071 C14 TF . 41.64 11.12 -5.60
H072 C14 TF . 40.12 11.48 -5.34
H081 C14 TF . 40.36 12.48 -7.69
H082 C14 TF . 40.62 13.35 -6.39
H091 C14 TF . 42.96 12.55 -6.60
H092 C14 TF . 42.56 12.20 -8.08
H101 C14 TF . 42.24 14.81 -7.03
H102 C14 TF . 42.11 14.41 -8.56
H111 C14 TF . 44.31 14.34 -8.85
H112 C14 TF . 44.59 13.93 -7.34
H121 C14 TF . 44.33 16.09 -6.61
H122 C14 TF . 43.70 16.54 -7.99
H131 C14 TF . 46.38 15.64 -7.89
H132 C14 TF . 45.72 16.48 -9.05
H141 C14 TF . 45.59 18.36 -7.65
H142 C14 TF . 46.25 17.53 -6.48
H143 C14 TF . 47.09 17.88 -7.77
C01 C14 UF . 35.47 12.67 -8.26
C02 C14 UF . 35.32 14.18 -8.09
C03 C14 UF . 36.09 14.90 -9.20
C04 C14 UF . 37.59 14.91 -8.87
C05 C14 UF . 38.38 15.58 -10.01
C06 C14 UF . 38.50 14.62 -11.18
C07 C14 UF . 39.94 14.14 -11.33
C08 C14 UF . 40.81 15.25 -11.95
C09 C14 UF . 42.11 14.65 -12.49
C10 C14 UF . 43.09 15.76 -12.84
C11 C14 UF . 43.58 15.61 -14.28
C12 C14 UF . 44.39 14.33 -14.45
C13 C14 UF . 45.02 14.31 -15.85
C14 C14 UF . 45.34 12.88 -16.27
H021 C14 UF . 35.68 14.44 -7.23
H022 C14 UF . 34.39 14.42 -8.15
H031 C14 UF . 35.78 15.82 -9.27
H032 C14 UF . 35.95 14.45 -10.04
H041 C14 UF . 37.73 15.40 -8.05
H042 C14 UF . 37.90 13.99 -8.75
H051 C14 UF . 39.25 15.81 -9.68
H052 C14 UF . 37.91 16.38 -10.29
H061 C14 UF . 37.93 13.84 -11.04
H062 C14 UF . 38.23 15.07 -11.99
H071 C14 UF . 40.30 13.91 -10.46
H072 C14 UF . 39.98 13.36 -11.91
H081 C14 UF . 40.32 15.67 -12.68
H082 C14 UF . 41.01 15.91 -11.27
H091 C14 UF . 42.49 14.07 -11.82
H092 C14 UF . 41.90 14.13 -13.29
H101 C14 UF . 42.66 16.62 -12.73
H102 C14 UF . 43.85 15.72 -12.23
H111 C14 UF . 42.81 15.59 -14.88
H112 C14 UF . 44.14 16.37 -14.50
H121 C14 UF . 43.81 13.56 -14.36
H122 C14 UF . 45.08 14.29 -13.78
H131 C14 UF . 44.42 14.71 -16.48
H132 C14 UF . 45.85 14.83 -15.82
H141 C14 UF . 45.74 12.88 -17.15
H142 C14 UF . 44.51 12.37 -16.30
H143 C14 UF . 45.94 12.48 -15.63
C1 PTY VF . 60.54 23.65 -4.38
C2 PTY VF . 65.88 26.16 -8.07
C3 PTY VF . 65.57 25.91 -6.59
O4 PTY VF . 59.61 23.88 -5.40
C5 PTY VF . 62.52 25.19 -3.98
C6 PTY VF . 61.01 25.01 -3.85
O7 PTY VF . 60.68 25.08 -2.50
C8 PTY VF . 60.80 26.35 -1.93
O10 PTY VF . 61.51 27.16 -2.43
C11 PTY VF . 60.03 26.70 -0.66
C12 PTY VF . 58.54 26.43 -0.79
C13 PTY VF . 58.08 25.28 0.10
C14 PTY VF . 57.69 24.05 -0.71
C30 PTY VF . 58.30 23.54 -5.05
C31 PTY VF . 57.54 22.50 -5.86
O30 PTY VF . 57.79 24.05 -4.11
C32 PTY VF . 56.49 21.77 -5.02
C33 PTY VF . 55.49 21.01 -5.88
C34 PTY VF . 54.39 20.30 -5.08
C35 PTY VF . 53.91 21.06 -3.84
C36 PTY VF . 52.43 21.41 -3.90
C37 PTY VF . 51.53 20.21 -3.63
C38 PTY VF . 50.11 20.46 -4.11
C39 PTY VF . 50.07 20.97 -5.56
C40 PTY VF . 48.70 20.75 -6.21
C41 PTY VF . 48.76 20.90 -7.73
C42 PTY VF . 49.12 22.31 -8.17
P1 PTY VF . 64.32 27.00 -4.56
O11 PTY VF . 64.88 27.04 -6.10
O12 PTY VF . 65.17 26.09 -3.72
O13 PTY VF . 64.33 28.39 -3.97
O14 PTY VF . 62.76 26.43 -4.56
N1 PTY VF . 66.99 25.31 -8.49
HC11 PTY VF . 61.29 23.15 -4.75
HC12 PTY VF . 60.13 23.15 -3.67
HC21 PTY VF . 66.11 27.08 -8.20
HC22 PTY VF . 65.09 25.93 -8.60
HC31 PTY VF . 65.02 25.13 -6.50
HC32 PTY VF . 66.39 25.80 -6.09
HC51 PTY VF . 62.93 25.15 -3.10
HC52 PTY VF . 62.90 24.49 -4.53
HC6 PTY VF . 60.57 25.72 -4.34
H111 PTY VF . 60.39 26.18 0.08
H112 PTY VF . 60.15 27.65 -0.47
H121 PTY VF . 58.33 26.22 -1.72
H122 PTY VF . 58.05 27.24 -0.54
H131 PTY VF . 57.31 25.57 0.61
H132 PTY VF . 58.79 25.03 0.72
H141 PTY VF . 57.14 24.31 -1.46
H142 PTY VF . 58.48 23.60 -1.03
H311 PTY VF . 57.09 22.95 -6.60
H312 PTY VF . 58.16 21.86 -6.21
H321 PTY VF . 56.04 22.45 -4.51
H322 PTY VF . 56.93 21.16 -4.42
H331 PTY VF . 55.06 21.63 -6.49
H332 PTY VF . 55.96 20.34 -6.40
H341 PTY VF . 54.72 19.43 -4.80
H342 PTY VF . 53.63 20.16 -5.66
H351 PTY VF . 54.07 20.49 -3.06
H352 PTY VF . 54.39 21.89 -3.71
H361 PTY VF . 52.24 22.09 -3.22
H362 PTY VF . 52.26 21.78 -4.77
H371 PTY VF . 51.51 20.03 -2.68
H372 PTY VF . 51.89 19.43 -4.10
H381 PTY VF . 49.60 19.63 -4.07
H382 PTY VF . 49.69 21.12 -3.53
H391 PTY VF . 50.26 21.92 -5.56
H392 PTY VF . 50.74 20.51 -6.08
H401 PTY VF . 48.38 19.87 -5.98
H402 PTY VF . 48.08 21.42 -5.86
H411 PTY VF . 49.43 20.29 -8.07
H412 PTY VF . 47.90 20.66 -8.10
H421 PTY VF . 49.27 22.33 -9.13
H422 PTY VF . 48.38 22.91 -7.94
HN12 PTY VF . 66.89 25.11 -9.35
CAA Y01 WF . 53.14 29.87 4.44
CBA Y01 WF . 52.33 28.89 3.58
CAB Y01 WF . 50.98 28.60 4.29
CAN Y01 WF . 53.13 27.59 3.39
CAJ Y01 WF . 52.31 26.52 2.59
CAO Y01 WF . 52.07 27.01 1.10
CBB Y01 WF . 53.33 27.05 0.19
CAC Y01 WF . 54.02 25.66 0.22
CBE Y01 WF . 52.91 27.55 -1.20
CAP Y01 WF . 53.05 29.09 -1.40
CAQ Y01 WF . 53.17 29.30 -2.92
CBG Y01 WF . 52.96 27.93 -3.56
CBI Y01 WF . 53.57 26.99 -2.50
CAE Y01 WF . 55.08 27.15 -2.43
CAU Y01 WF . 53.19 25.56 -2.89
CAS Y01 WF . 53.62 25.23 -4.30
CBF Y01 WF . 53.06 26.20 -5.36
CBD Y01 WF . 53.44 27.65 -5.00
CAK Y01 WF . 52.79 28.62 -5.98
CAI Y01 WF . 52.67 28.09 -7.37
CAZ Y01 WF . 52.86 26.83 -7.77
CAV Y01 WF . 51.93 26.32 -8.84
CBH Y01 WF . 53.44 25.82 -6.82
CAD Y01 WF . 54.98 25.79 -6.97
CAT Y01 WF . 52.87 24.46 -7.14
CAR Y01 WF . 53.09 24.08 -8.59
CBC Y01 WF . 52.40 25.02 -9.50
OAW Y01 WF . 53.26 25.32 -10.63
CAY Y01 WF . 53.40 24.30 -11.49
OAG Y01 WF . 54.37 23.64 -11.54
CAM Y01 WF . 52.20 24.10 -12.37
CAL Y01 WF . 52.47 23.05 -13.45
CAX Y01 WF . 53.29 23.56 -14.59
OAH Y01 WF . 53.14 23.08 -15.75
OAF Y01 WF . 54.14 24.48 -14.39
HAA1 Y01 WF . 53.18 29.55 5.36
HAA2 Y01 WF . 54.05 29.94 4.09
HAA3 Y01 WF . 52.72 30.74 4.42
HBA Y01 WF . 52.15 29.29 2.73
HAB1 Y01 WF . 50.67 29.40 4.73
HAB2 Y01 WF . 50.32 28.30 3.64
HAB3 Y01 WF . 51.11 27.89 4.95
HAN1 Y01 WF . 53.94 27.80 2.90
HAN2 Y01 WF . 53.36 27.23 4.26
HAJ1 Y01 WF . 51.45 26.38 3.02
HAJ2 Y01 WF . 52.80 25.69 2.59
HAO1 Y01 WF . 51.69 27.90 1.12
HAO2 Y01 WF . 51.43 26.41 0.68
HBB Y01 WF . 53.95 27.70 0.57
HAC1 Y01 WF . 53.38 24.97 0.00
HAC2 Y01 WF . 54.76 25.64 -0.40
HAC3 Y01 WF . 54.38 25.49 1.12
HBE Y01 WF . 51.96 27.36 -1.29
HAP1 Y01 WF . 52.27 29.55 -1.04
HAP2 Y01 WF . 53.85 29.41 -0.95
HAQ1 Y01 WF . 54.04 29.64 -3.14
HAQ2 Y01 WF . 52.48 29.91 -3.22
HBG Y01 WF . 52.01 27.76 -3.57
HBD Y01 WF . 54.40 27.74 -5.04
HAE1 Y01 WF . 55.38 27.76 -3.13
HAE2 Y01 WF . 55.33 27.51 -1.57
HAE3 Y01 WF . 55.51 26.29 -2.56
HAU1 Y01 WF . 53.63 24.94 -2.29
HAU2 Y01 WF . 52.24 25.46 -2.82
HAS1 Y01 WF . 54.59 25.24 -4.35
HAS2 Y01 WF . 53.31 24.34 -4.51
HBF Y01 WF . 52.09 26.15 -5.30
HAK1 Y01 WF . 53.33 29.43 -6.01
HAK2 Y01 WF . 51.91 28.83 -5.65
HAI Y01 WF . 53.28 28.62 -7.91
HAV1 Y01 WF . 51.84 26.99 -9.52
HAV2 Y01 WF . 51.06 26.16 -8.45
HBC Y01 WF . 51.59 24.58 -9.83
HAD1 Y01 WF . 55.22 25.63 -7.89
HAD2 Y01 WF . 55.34 26.65 -6.69
HAD3 Y01 WF . 55.34 25.09 -6.41
HAT1 Y01 WF . 51.92 24.46 -6.94
HAT2 Y01 WF . 53.31 23.80 -6.58
HAR1 Y01 WF . 54.03 24.07 -8.79
HAR2 Y01 WF . 52.73 23.18 -8.73
HAM1 Y01 WF . 51.48 23.80 -11.81
HAM2 Y01 WF . 51.95 24.94 -12.78
HAL1 Y01 WF . 51.61 22.74 -13.80
HAL2 Y01 WF . 52.93 22.30 -13.05
CAA Y01 XF . 48.28 10.32 -10.13
CBA Y01 XF . 48.91 11.71 -10.18
CAB Y01 XF . 49.80 11.92 -8.93
CAN Y01 XF . 47.81 12.78 -10.25
CAJ Y01 XF . 48.35 14.22 -9.96
CAO Y01 XF . 49.45 14.63 -11.03
CBB Y01 XF . 48.96 15.54 -12.20
CAC Y01 XF . 47.55 15.08 -12.66
CBE Y01 XF . 49.01 17.04 -11.83
CAP Y01 XF . 50.37 17.48 -11.18
CAQ Y01 XF . 50.51 18.96 -11.53
CBG Y01 XF . 49.20 19.39 -12.19
CBI Y01 XF . 48.78 18.11 -12.94
CAE Y01 XF . 49.69 17.83 -14.13
CAU Y01 XF . 47.35 18.34 -13.43
CAS Y01 XF . 47.24 19.58 -14.31
CBF Y01 XF . 47.78 20.86 -13.67
CBD Y01 XF . 49.16 20.65 -13.02
CAK Y01 XF . 49.44 21.84 -12.12
CAI Y01 XF . 48.89 23.12 -12.67
CAZ Y01 XF . 48.42 23.27 -13.89
CAV Y01 XF . 47.86 24.63 -14.24
CBH Y01 XF . 47.81 22.09 -14.63
CAD Y01 XF . 48.61 21.72 -15.89
CAT Y01 XF . 46.42 22.49 -15.04
CAR Y01 XF . 46.40 23.65 -16.02
CBC Y01 XF . 47.42 24.70 -15.69
OAW Y01 XF . 48.55 24.55 -16.56
CAY Y01 XF . 49.35 25.62 -16.69
OAG Y01 XF . 49.35 26.54 -15.96
CAM Y01 XF . 50.24 25.53 -17.89
CAL Y01 XF . 51.03 26.82 -18.08
CAX Y01 XF . 52.02 27.13 -16.99
OAH Y01 XF . 52.83 28.10 -17.11
OAF Y01 XF . 52.04 26.41 -15.96
HAA1 Y01 XF . 47.60 10.24 -10.82
HAA2 Y01 XF . 48.96 9.64 -10.27
HAA3 Y01 XF . 47.86 10.19 -9.26
HBA Y01 XF . 49.47 11.78 -10.98
HAB1 Y01 XF . 50.26 11.09 -8.73
HAB2 Y01 XF . 50.45 12.61 -9.10
HAB3 Y01 XF . 49.25 12.17 -8.18
HAN1 Y01 XF . 47.14 12.57 -9.58
HAN2 Y01 XF . 47.40 12.76 -11.12
HAJ1 Y01 XF . 48.74 14.26 -9.08
HAJ2 Y01 XF . 47.62 14.85 -10.00
HAO1 Y01 XF . 50.17 15.07 -10.57
HAO2 Y01 XF . 49.80 13.83 -11.43
HBB Y01 XF . 49.57 15.41 -12.94
HAC1 Y01 XF . 47.53 14.12 -12.73
HAC2 Y01 XF . 46.88 15.38 -12.02
HAC3 Y01 XF . 47.37 15.47 -13.53
HBE Y01 XF . 48.32 17.18 -11.15
HAP1 Y01 XF . 51.10 16.97 -11.56
HAP2 Y01 XF . 50.34 17.36 -10.22
HAQ1 Y01 XF . 50.66 19.48 -10.72
HAQ2 Y01 XF . 51.25 19.10 -12.15
HBG Y01 XF . 48.56 19.51 -11.47
HBD Y01 XF . 49.85 20.62 -13.70
HAE1 Y01 XF . 50.55 17.52 -13.82
HAE2 Y01 XF . 49.29 17.15 -14.68
HAE3 Y01 XF . 49.80 18.63 -14.65
HAU1 Y01 XF . 47.04 17.58 -13.92
HAU2 Y01 XF . 46.78 18.47 -12.65
HAS1 Y01 XF . 47.73 19.40 -15.14
HAS2 Y01 XF . 46.31 19.71 -14.53
HBF Y01 XF . 47.18 21.09 -12.95
HAK1 Y01 XF . 49.04 21.67 -11.25
HAK2 Y01 XF . 50.41 21.93 -12.00
HAI Y01 XF . 49.58 23.79 -12.58
HAV1 Y01 XF . 47.10 24.80 -13.67
HAV2 Y01 XF . 48.54 25.30 -14.07
HBC Y01 XF . 47.02 25.57 -15.83
HAD1 Y01 XF . 49.19 22.45 -16.17
HAD2 Y01 XF . 47.99 21.52 -16.62
HAD3 Y01 XF . 49.15 20.95 -15.72
HAT1 Y01 XF . 45.93 22.75 -14.24
HAT2 Y01 XF . 45.98 21.73 -15.45
HAR1 Y01 XF . 45.53 24.06 -16.01
HAR2 Y01 XF . 46.58 23.32 -16.91
HAM1 Y01 XF . 49.70 25.36 -18.68
HAM2 Y01 XF . 50.86 24.79 -17.77
HAL1 Y01 XF . 50.40 27.56 -18.14
HAL2 Y01 XF . 51.52 26.76 -18.92
#